data_7KHW
#
_entry.id   7KHW
#
_entity_poly.entity_id   1
_entity_poly.type   'polypeptide(L)'
_entity_poly.pdbx_seq_one_letter_code
;MDTSTTASVASANASTSTSMAYDLGSMSKDDVIDLFNKLGVFQAAILMFAYMYQAQSDLSIAKFADMNEASKESTTAQKM
ANLVDAKIADVQSSSDKNAKAQLPDEVISYINDPRNDITISGIDNINAQLGAGDLQTVKAAISAKANNLTTTVNNSQLEI
QQMSNTLNLLTSARSDMQSLQYRTISGISLGK
;
_entity_poly.pdbx_strand_id   A,B,C,D,E,F,G,H,I,J,K,L,M,N,O,P,Q,R,S,T,U,V,W,X,Y,Z,a,b,c,d,e,f,g,h,i,j,k,l,m,n,o,p,q,r,s,t,u,v,w,x
#
# COMPACT_ATOMS: atom_id res chain seq x y z
N SER A 19 -15.51 -104.75 65.25
CA SER A 19 -16.91 -104.39 65.45
C SER A 19 -17.84 -105.57 65.24
N MET A 20 -17.28 -106.65 64.70
CA MET A 20 -18.02 -107.88 64.45
C MET A 20 -17.30 -109.06 65.07
N ALA A 21 -17.86 -110.25 64.87
CA ALA A 21 -17.36 -111.45 65.52
C ALA A 21 -16.08 -111.95 64.87
N TYR A 22 -16.10 -112.14 63.55
CA TYR A 22 -14.99 -112.78 62.86
C TYR A 22 -14.13 -111.70 62.19
N ASP A 23 -12.82 -111.78 62.40
CA ASP A 23 -11.87 -110.81 61.88
C ASP A 23 -11.28 -111.31 60.57
N LEU A 24 -12.06 -111.21 59.50
CA LEU A 24 -11.68 -111.70 58.19
C LEU A 24 -10.50 -110.96 57.57
N GLY A 25 -9.93 -109.97 58.28
CA GLY A 25 -8.84 -109.21 57.73
C GLY A 25 -7.50 -109.94 57.74
N SER A 26 -7.39 -111.01 58.53
CA SER A 26 -6.17 -111.78 58.61
C SER A 26 -6.28 -113.16 58.01
N MET A 27 -7.44 -113.79 58.10
CA MET A 27 -7.62 -115.16 57.61
C MET A 27 -7.38 -115.24 56.11
N SER A 28 -6.64 -116.26 55.70
CA SER A 28 -6.35 -116.46 54.29
C SER A 28 -7.62 -116.91 53.57
N LYS A 29 -7.50 -117.20 52.28
CA LYS A 29 -8.68 -117.59 51.52
C LYS A 29 -9.16 -118.98 51.89
N ASP A 30 -8.24 -119.91 52.05
CA ASP A 30 -8.63 -121.29 52.37
C ASP A 30 -9.12 -121.44 53.80
N ASP A 31 -8.96 -120.41 54.63
CA ASP A 31 -9.61 -120.37 55.94
C ASP A 31 -10.93 -119.63 55.90
N VAL A 32 -11.05 -118.61 55.05
CA VAL A 32 -12.34 -117.95 54.87
C VAL A 32 -13.37 -118.91 54.28
N ILE A 33 -12.94 -119.74 53.33
CA ILE A 33 -13.89 -120.68 52.72
C ILE A 33 -14.37 -121.69 53.75
N ASP A 34 -13.46 -122.21 54.58
CA ASP A 34 -13.88 -123.16 55.62
C ASP A 34 -14.75 -122.48 56.67
N LEU A 35 -14.48 -121.22 56.97
CA LEU A 35 -15.35 -120.46 57.86
C LEU A 35 -16.76 -120.34 57.28
N PHE A 36 -16.86 -119.94 56.01
CA PHE A 36 -18.16 -119.80 55.38
C PHE A 36 -18.88 -121.13 55.26
N ASN A 37 -18.15 -122.23 55.14
CA ASN A 37 -18.79 -123.53 55.18
C ASN A 37 -19.31 -123.86 56.57
N LYS A 38 -18.61 -123.44 57.61
CA LYS A 38 -19.13 -123.64 58.97
C LYS A 38 -20.45 -122.90 59.16
N LEU A 39 -20.54 -121.66 58.67
CA LEU A 39 -21.80 -120.93 58.67
C LEU A 39 -22.67 -121.47 57.54
N GLY A 40 -23.77 -120.80 57.26
CA GLY A 40 -24.66 -121.21 56.19
C GLY A 40 -24.21 -120.68 54.86
N VAL A 41 -25.18 -120.57 53.94
CA VAL A 41 -24.96 -119.89 52.67
C VAL A 41 -25.49 -118.46 52.70
N PHE A 42 -26.54 -118.18 53.46
CA PHE A 42 -27.07 -116.83 53.59
C PHE A 42 -26.28 -115.99 54.56
N GLN A 43 -25.78 -116.59 55.64
CA GLN A 43 -24.98 -115.80 56.57
C GLN A 43 -23.54 -115.64 56.15
N ALA A 44 -23.04 -116.49 55.25
CA ALA A 44 -21.80 -116.14 54.57
C ALA A 44 -21.98 -114.84 53.79
N ALA A 45 -23.10 -114.72 53.08
CA ALA A 45 -23.39 -113.48 52.37
C ALA A 45 -23.54 -112.32 53.31
N ILE A 46 -24.18 -112.51 54.46
CA ILE A 46 -24.31 -111.39 55.39
C ILE A 46 -22.97 -110.96 55.98
N LEU A 47 -22.08 -111.91 56.32
CA LEU A 47 -20.74 -111.48 56.74
C LEU A 47 -19.99 -110.78 55.61
N MET A 48 -20.07 -111.28 54.39
CA MET A 48 -19.34 -110.65 53.31
C MET A 48 -19.81 -109.22 53.11
N PHE A 49 -21.13 -109.00 53.15
CA PHE A 49 -21.65 -107.65 52.99
C PHE A 49 -21.35 -106.78 54.21
N ALA A 50 -21.34 -107.35 55.41
CA ALA A 50 -21.05 -106.54 56.59
C ALA A 50 -19.59 -106.11 56.62
N TYR A 51 -18.67 -106.99 56.22
CA TYR A 51 -17.28 -106.58 56.15
C TYR A 51 -17.04 -105.58 55.03
N MET A 52 -17.69 -105.75 53.88
CA MET A 52 -17.56 -104.73 52.85
C MET A 52 -18.12 -103.40 53.31
N TYR A 53 -19.21 -103.40 54.07
CA TYR A 53 -19.74 -102.16 54.64
C TYR A 53 -18.77 -101.53 55.62
N GLN A 54 -18.12 -102.33 56.47
CA GLN A 54 -17.13 -101.76 57.38
C GLN A 54 -15.97 -101.15 56.62
N ALA A 55 -15.47 -101.83 55.59
CA ALA A 55 -14.35 -101.27 54.84
C ALA A 55 -14.73 -99.95 54.18
N GLN A 56 -15.91 -99.90 53.55
CA GLN A 56 -16.35 -98.67 52.91
C GLN A 56 -16.59 -97.56 53.92
N SER A 57 -17.19 -97.87 55.07
CA SER A 57 -17.42 -96.83 56.06
C SER A 57 -16.12 -96.32 56.64
N ASP A 58 -15.12 -97.18 56.81
CA ASP A 58 -13.82 -96.73 57.28
C ASP A 58 -13.16 -95.81 56.28
N LEU A 59 -13.20 -96.14 54.98
CA LEU A 59 -12.68 -95.21 53.98
C LEU A 59 -13.38 -93.87 54.08
N SER A 60 -14.71 -93.87 54.08
CA SER A 60 -15.44 -92.61 54.05
C SER A 60 -15.20 -91.79 55.31
N ILE A 61 -15.16 -92.42 56.48
CA ILE A 61 -14.94 -91.65 57.70
C ILE A 61 -13.51 -91.12 57.78
N ALA A 62 -12.53 -91.90 57.34
CA ALA A 62 -11.18 -91.35 57.28
C ALA A 62 -11.07 -90.22 56.27
N LYS A 63 -11.98 -90.18 55.29
CA LYS A 63 -12.08 -89.00 54.42
C LYS A 63 -12.72 -87.82 55.13
N PHE A 64 -13.76 -88.07 55.94
CA PHE A 64 -14.48 -87.00 56.61
C PHE A 64 -13.65 -86.34 57.70
N ALA A 65 -12.61 -87.00 58.20
CA ALA A 65 -11.76 -86.40 59.21
C ALA A 65 -10.59 -85.64 58.61
N ASP A 66 -10.45 -85.63 57.29
CA ASP A 66 -9.52 -84.75 56.61
C ASP A 66 -10.14 -83.43 56.21
N MET A 67 -11.44 -83.27 56.44
CA MET A 67 -12.12 -82.00 56.19
C MET A 67 -12.42 -81.24 57.46
N ASN A 68 -12.66 -81.95 58.57
CA ASN A 68 -12.64 -81.29 59.86
C ASN A 68 -11.30 -80.67 60.17
N GLU A 69 -10.21 -81.13 59.56
CA GLU A 69 -8.95 -80.41 59.70
C GLU A 69 -9.05 -79.01 59.11
N ALA A 70 -9.65 -78.89 57.92
CA ALA A 70 -9.82 -77.58 57.30
C ALA A 70 -10.74 -76.70 58.11
N SER A 71 -11.85 -77.24 58.59
CA SER A 71 -12.75 -76.40 59.39
C SER A 71 -12.15 -76.03 60.73
N LYS A 72 -11.36 -76.92 61.35
CA LYS A 72 -10.67 -76.56 62.59
C LYS A 72 -9.68 -75.43 62.36
N GLU A 73 -8.91 -75.50 61.28
CA GLU A 73 -7.98 -74.42 60.96
C GLU A 73 -8.73 -73.11 60.75
N SER A 74 -9.86 -73.16 60.06
CA SER A 74 -10.61 -71.94 59.82
C SER A 74 -11.12 -71.33 61.12
N THR A 75 -11.66 -72.15 62.02
CA THR A 75 -12.18 -71.58 63.25
C THR A 75 -11.07 -71.03 64.15
N THR A 76 -9.92 -71.71 64.25
CA THR A 76 -8.85 -71.15 65.06
C THR A 76 -8.31 -69.86 64.46
N ALA A 77 -8.16 -69.80 63.14
CA ALA A 77 -7.69 -68.57 62.51
C ALA A 77 -8.68 -67.44 62.74
N GLN A 78 -9.98 -67.72 62.65
CA GLN A 78 -10.97 -66.67 62.90
C GLN A 78 -10.92 -66.20 64.34
N LYS A 79 -10.72 -67.11 65.30
CA LYS A 79 -10.61 -66.68 66.69
C LYS A 79 -9.40 -65.77 66.90
N MET A 80 -8.26 -66.12 66.31
CA MET A 80 -7.08 -65.27 66.44
C MET A 80 -7.31 -63.91 65.81
N ALA A 81 -7.91 -63.87 64.62
CA ALA A 81 -8.20 -62.60 63.98
C ALA A 81 -9.13 -61.75 64.81
N ASN A 82 -10.12 -62.36 65.47
CA ASN A 82 -11.00 -61.60 66.34
C ASN A 82 -10.29 -61.08 67.58
N LEU A 83 -9.31 -61.81 68.11
CA LEU A 83 -8.52 -61.25 69.20
C LEU A 83 -7.73 -60.03 68.74
N VAL A 84 -7.15 -60.10 67.54
CA VAL A 84 -6.42 -58.94 67.02
C VAL A 84 -7.36 -57.76 66.77
N ASP A 85 -8.59 -58.02 66.31
CA ASP A 85 -9.57 -56.94 66.19
C ASP A 85 -9.94 -56.35 67.55
N ALA A 86 -10.14 -57.17 68.57
CA ALA A 86 -10.38 -56.64 69.89
C ALA A 86 -9.23 -55.77 70.38
N LYS A 87 -8.00 -56.14 70.04
CA LYS A 87 -6.84 -55.30 70.37
C LYS A 87 -6.82 -53.98 69.60
N ILE A 88 -7.18 -53.99 68.32
CA ILE A 88 -7.19 -52.75 67.55
C ILE A 88 -8.26 -51.79 68.07
N ALA A 89 -9.39 -52.31 68.53
CA ALA A 89 -10.49 -51.46 68.98
C ALA A 89 -10.17 -50.67 70.25
N ASP A 90 -8.93 -50.75 70.72
CA ASP A 90 -8.47 -49.93 71.84
C ASP A 90 -7.29 -49.05 71.48
N VAL A 91 -6.68 -49.25 70.31
CA VAL A 91 -5.57 -48.43 69.88
C VAL A 91 -6.08 -47.50 68.77
N GLN A 92 -7.25 -47.83 68.24
CA GLN A 92 -7.93 -46.88 67.36
C GLN A 92 -8.60 -45.77 68.16
N SER A 93 -9.17 -46.11 69.31
CA SER A 93 -9.76 -45.13 70.21
C SER A 93 -8.73 -44.46 71.10
N SER A 94 -7.45 -44.68 70.84
CA SER A 94 -6.39 -44.10 71.65
C SER A 94 -6.21 -42.63 71.30
N SER A 95 -6.25 -41.77 72.31
CA SER A 95 -6.15 -40.33 72.09
C SER A 95 -4.78 -39.95 71.53
N ASP A 96 -3.74 -40.71 71.89
CA ASP A 96 -2.37 -40.40 71.51
C ASP A 96 -2.14 -40.82 70.06
N LYS A 97 -0.88 -40.84 69.63
CA LYS A 97 -0.55 -41.48 68.37
C LYS A 97 -0.82 -42.97 68.46
N ASN A 98 -1.30 -43.55 67.37
CA ASN A 98 -1.77 -44.94 67.41
C ASN A 98 -0.63 -45.94 67.27
N ALA A 99 0.43 -45.80 68.09
CA ALA A 99 1.43 -46.84 68.22
C ALA A 99 1.65 -47.09 69.70
N LYS A 100 0.73 -47.84 70.31
CA LYS A 100 0.89 -48.46 71.62
C LYS A 100 0.00 -49.70 71.58
N ALA A 101 0.59 -50.83 71.19
CA ALA A 101 -0.21 -52.03 70.97
C ALA A 101 0.69 -53.25 70.94
N GLN A 102 0.16 -54.34 71.48
CA GLN A 102 0.80 -55.65 71.40
C GLN A 102 -0.28 -56.69 71.21
N LEU A 103 0.07 -57.75 70.51
CA LEU A 103 -0.88 -58.83 70.35
C LEU A 103 -1.07 -59.55 71.68
N PRO A 104 -2.27 -60.06 71.95
CA PRO A 104 -2.47 -60.84 73.17
C PRO A 104 -1.66 -62.13 73.13
N ASP A 105 -1.26 -62.58 74.33
CA ASP A 105 -0.18 -63.56 74.44
C ASP A 105 -0.48 -64.86 73.69
N GLU A 106 -1.75 -65.15 73.42
CA GLU A 106 -2.09 -66.37 72.70
C GLU A 106 -1.87 -66.22 71.20
N VAL A 107 -2.07 -65.02 70.65
CA VAL A 107 -1.83 -64.83 69.22
C VAL A 107 -0.36 -64.95 68.90
N ILE A 108 0.53 -64.51 69.80
CA ILE A 108 1.96 -64.67 69.56
C ILE A 108 2.32 -66.15 69.42
N SER A 109 1.80 -66.99 70.33
CA SER A 109 2.04 -68.41 70.20
C SER A 109 1.35 -69.00 68.99
N TYR A 110 0.27 -68.39 68.50
CA TYR A 110 -0.31 -68.85 67.24
C TYR A 110 0.64 -68.63 66.06
N ILE A 111 1.15 -67.40 65.91
CA ILE A 111 2.07 -67.15 64.79
C ILE A 111 3.37 -67.93 64.95
N ASN A 112 3.96 -67.93 66.14
CA ASN A 112 5.27 -68.55 66.31
C ASN A 112 5.26 -70.06 66.21
N ASP A 113 4.09 -70.69 66.22
CA ASP A 113 4.03 -72.14 66.10
C ASP A 113 4.42 -72.56 64.69
N PRO A 114 5.14 -73.68 64.52
CA PRO A 114 5.69 -74.00 63.19
C PRO A 114 4.71 -74.62 62.21
N ARG A 115 3.62 -75.24 62.67
CA ARG A 115 2.78 -76.03 61.80
C ARG A 115 1.68 -75.21 61.13
N ASN A 116 1.89 -73.90 60.96
CA ASN A 116 0.88 -73.04 60.36
C ASN A 116 1.34 -72.27 59.13
N ASP A 117 2.64 -72.02 58.98
CA ASP A 117 3.18 -71.26 57.84
C ASP A 117 2.43 -69.93 57.67
N ILE A 118 2.58 -69.09 58.68
CA ILE A 118 1.75 -67.90 58.85
C ILE A 118 2.61 -66.64 58.78
N THR A 119 3.62 -66.65 57.90
CA THR A 119 4.41 -65.45 57.63
C THR A 119 3.52 -64.25 57.37
N ILE A 120 3.62 -63.22 58.21
CA ILE A 120 2.64 -62.13 58.26
C ILE A 120 3.26 -60.77 57.95
N SER A 121 4.17 -60.32 58.80
CA SER A 121 4.52 -58.90 58.85
C SER A 121 5.75 -58.55 57.99
N GLY A 122 6.80 -59.34 58.12
CA GLY A 122 8.08 -58.91 57.58
C GLY A 122 8.69 -57.77 58.36
N ILE A 123 8.32 -57.62 59.63
CA ILE A 123 8.78 -56.51 60.45
C ILE A 123 9.41 -57.08 61.72
N ASP A 124 10.31 -56.32 62.30
CA ASP A 124 11.15 -56.81 63.40
C ASP A 124 10.40 -56.80 64.72
N ASN A 125 10.76 -57.75 65.58
CA ASN A 125 10.49 -57.68 67.02
C ASN A 125 9.00 -57.50 67.31
N ILE A 126 8.25 -58.56 66.98
CA ILE A 126 6.90 -58.66 67.50
C ILE A 126 6.98 -58.71 69.04
N ASN A 127 5.87 -58.36 69.68
CA ASN A 127 5.66 -58.10 71.10
C ASN A 127 6.14 -56.70 71.52
N ALA A 128 6.90 -55.99 70.69
CA ALA A 128 7.27 -54.61 71.01
C ALA A 128 7.74 -53.91 69.73
N GLN A 129 6.87 -53.12 69.10
CA GLN A 129 5.43 -53.13 69.28
C GLN A 129 4.93 -52.69 67.90
N LEU A 130 3.68 -52.99 67.55
CA LEU A 130 3.22 -52.77 66.17
C LEU A 130 1.99 -51.86 66.16
N GLY A 131 2.22 -50.55 66.29
CA GLY A 131 1.31 -49.51 65.84
C GLY A 131 -0.18 -49.73 66.06
N ALA A 132 -0.99 -49.18 65.15
CA ALA A 132 -2.36 -49.63 64.96
C ALA A 132 -2.77 -49.66 63.50
N GLY A 133 -1.90 -49.26 62.57
CA GLY A 133 -2.21 -49.27 61.17
C GLY A 133 -1.45 -50.35 60.44
N ASP A 134 -0.44 -50.88 61.12
CA ASP A 134 0.25 -52.09 60.66
C ASP A 134 -0.23 -53.34 61.38
N LEU A 135 -1.04 -53.19 62.42
CA LEU A 135 -1.74 -54.31 63.02
C LEU A 135 -2.85 -54.81 62.11
N GLN A 136 -3.32 -53.96 61.20
CA GLN A 136 -4.27 -54.39 60.19
C GLN A 136 -3.66 -55.43 59.27
N THR A 137 -2.35 -55.32 59.00
CA THR A 137 -1.68 -56.34 58.19
C THR A 137 -1.70 -57.69 58.90
N VAL A 138 -1.44 -57.71 60.20
CA VAL A 138 -1.48 -58.96 60.95
C VAL A 138 -2.89 -59.54 60.93
N LYS A 139 -3.89 -58.70 61.16
CA LYS A 139 -5.27 -59.20 61.15
C LYS A 139 -5.63 -59.76 59.77
N ALA A 140 -5.26 -59.07 58.70
CA ALA A 140 -5.56 -59.56 57.36
C ALA A 140 -4.81 -60.84 57.02
N ALA A 141 -3.55 -60.96 57.40
CA ALA A 141 -2.80 -62.17 57.11
C ALA A 141 -3.20 -63.35 57.98
N ILE A 142 -3.83 -63.11 59.14
CA ILE A 142 -4.38 -64.21 59.92
C ILE A 142 -5.74 -64.62 59.38
N SER A 143 -6.61 -63.66 59.11
CA SER A 143 -7.95 -63.97 58.61
C SER A 143 -7.99 -64.23 57.12
N ALA A 144 -6.84 -64.28 56.44
CA ALA A 144 -6.81 -64.76 55.08
C ALA A 144 -6.55 -66.25 54.98
N LYS A 145 -6.03 -66.87 56.03
CA LYS A 145 -5.87 -68.32 56.07
C LYS A 145 -7.09 -69.00 56.66
N ALA A 146 -8.09 -68.23 57.08
CA ALA A 146 -9.36 -68.77 57.52
C ALA A 146 -10.32 -69.03 56.36
N ASN A 147 -9.96 -68.64 55.15
CA ASN A 147 -10.86 -68.75 53.99
C ASN A 147 -10.54 -69.99 53.17
N ASN A 148 -10.58 -71.16 53.79
CA ASN A 148 -10.21 -72.41 53.13
C ASN A 148 -11.31 -73.46 53.17
N LEU A 149 -12.56 -73.06 53.02
CA LEU A 149 -13.65 -74.03 52.96
C LEU A 149 -14.18 -74.25 51.56
N THR A 150 -13.52 -73.71 50.54
CA THR A 150 -13.89 -74.04 49.17
C THR A 150 -12.88 -74.95 48.49
N THR A 151 -11.62 -74.93 48.93
CA THR A 151 -10.68 -75.90 48.41
C THR A 151 -11.00 -77.31 48.86
N THR A 152 -11.76 -77.47 49.95
CA THR A 152 -12.17 -78.78 50.44
C THR A 152 -13.60 -79.12 50.07
N VAL A 153 -14.27 -78.27 49.30
CA VAL A 153 -15.52 -78.62 48.64
C VAL A 153 -15.32 -78.86 47.16
N ASN A 154 -14.34 -78.19 46.55
CA ASN A 154 -14.02 -78.50 45.17
C ASN A 154 -13.33 -79.85 45.05
N ASN A 155 -12.51 -80.21 46.03
CA ASN A 155 -11.72 -81.43 45.98
C ASN A 155 -12.48 -82.68 46.40
N SER A 156 -13.65 -82.54 47.03
CA SER A 156 -14.30 -83.65 47.69
C SER A 156 -15.79 -83.68 47.40
N GLN A 157 -16.18 -83.54 46.14
CA GLN A 157 -17.58 -83.69 45.77
C GLN A 157 -17.83 -84.82 44.79
N LEU A 158 -16.83 -85.24 44.02
CA LEU A 158 -16.98 -86.40 43.16
C LEU A 158 -16.57 -87.68 43.86
N GLU A 159 -16.01 -87.57 45.06
CA GLU A 159 -15.76 -88.75 45.89
C GLU A 159 -16.92 -89.05 46.80
N ILE A 160 -17.46 -88.04 47.48
CA ILE A 160 -18.62 -88.25 48.32
C ILE A 160 -19.80 -88.74 47.51
N GLN A 161 -19.91 -88.32 46.25
CA GLN A 161 -20.81 -88.92 45.27
C GLN A 161 -20.75 -90.44 45.37
N GLN A 162 -19.58 -91.01 45.11
CA GLN A 162 -19.45 -92.46 45.01
C GLN A 162 -19.51 -93.16 46.35
N MET A 163 -18.90 -92.57 47.38
CA MET A 163 -19.00 -93.16 48.71
C MET A 163 -20.44 -93.23 49.19
N SER A 164 -21.19 -92.14 49.05
CA SER A 164 -22.58 -92.13 49.46
C SER A 164 -23.43 -93.07 48.62
N ASN A 165 -23.19 -93.15 47.31
CA ASN A 165 -23.98 -94.08 46.53
C ASN A 165 -23.68 -95.53 46.91
N THR A 166 -22.40 -95.91 46.98
CA THR A 166 -22.04 -97.29 47.29
C THR A 166 -22.52 -97.70 48.66
N LEU A 167 -22.40 -96.83 49.65
CA LEU A 167 -22.67 -97.22 51.01
C LEU A 167 -24.15 -97.53 51.20
N ASN A 168 -25.02 -96.72 50.59
CA ASN A 168 -26.44 -97.03 50.50
C ASN A 168 -26.68 -98.31 49.71
N LEU A 169 -26.00 -98.44 48.57
CA LEU A 169 -26.23 -99.56 47.67
C LEU A 169 -25.85 -100.88 48.31
N LEU A 170 -25.10 -100.82 49.40
CA LEU A 170 -24.60 -101.98 50.12
C LEU A 170 -25.40 -102.26 51.40
N THR A 171 -25.86 -101.22 52.09
CA THR A 171 -26.86 -101.41 53.14
C THR A 171 -28.12 -102.08 52.59
N SER A 172 -28.62 -101.57 51.47
CA SER A 172 -29.85 -102.11 50.90
C SER A 172 -29.67 -103.47 50.24
N ALA A 173 -28.42 -103.94 50.10
CA ALA A 173 -28.16 -105.29 49.63
C ALA A 173 -27.96 -106.28 50.76
N ARG A 174 -27.48 -105.78 51.90
CA ARG A 174 -27.29 -106.61 53.08
C ARG A 174 -28.68 -107.00 53.60
N SER A 175 -29.57 -106.00 53.58
CA SER A 175 -30.95 -106.14 54.05
C SER A 175 -31.77 -107.14 53.23
N ASP A 176 -31.58 -107.12 51.92
CA ASP A 176 -32.31 -108.02 51.04
C ASP A 176 -31.94 -109.44 51.44
N MET A 177 -30.67 -109.63 51.75
CA MET A 177 -30.16 -110.93 52.17
C MET A 177 -30.83 -111.39 53.47
N GLN A 178 -31.03 -110.45 54.39
CA GLN A 178 -31.65 -110.81 55.67
C GLN A 178 -33.12 -111.19 55.51
N SER A 179 -33.86 -110.45 54.68
CA SER A 179 -35.25 -110.80 54.44
C SER A 179 -35.39 -112.17 53.78
N LEU A 180 -34.54 -112.44 52.79
CA LEU A 180 -34.56 -113.76 52.14
C LEU A 180 -34.22 -114.87 53.11
N GLN A 181 -33.23 -114.65 53.97
CA GLN A 181 -32.86 -115.64 54.97
C GLN A 181 -34.02 -115.94 55.89
N TYR A 182 -34.80 -114.92 56.25
CA TYR A 182 -35.99 -115.17 57.07
C TYR A 182 -37.03 -115.96 56.30
N ARG A 183 -37.36 -115.54 55.08
CA ARG A 183 -38.46 -116.17 54.37
C ARG A 183 -38.14 -117.58 53.91
N THR A 184 -36.86 -117.94 53.80
CA THR A 184 -36.51 -119.30 53.40
C THR A 184 -36.78 -120.30 54.51
N ILE A 185 -36.49 -119.92 55.75
CA ILE A 185 -36.63 -120.85 56.88
C ILE A 185 -38.06 -120.88 57.42
N SER A 186 -38.86 -119.87 57.10
CA SER A 186 -40.24 -119.85 57.56
C SER A 186 -41.09 -120.93 56.90
N GLY A 187 -40.65 -121.47 55.77
CA GLY A 187 -41.40 -122.45 55.03
C GLY A 187 -41.21 -123.89 55.45
N ILE A 188 -40.46 -124.14 56.52
CA ILE A 188 -40.24 -125.49 57.02
C ILE A 188 -41.18 -125.72 58.20
N SER A 189 -42.11 -126.64 58.03
CA SER A 189 -43.10 -126.97 59.05
C SER A 189 -42.72 -128.28 59.72
N LEU A 190 -42.60 -128.25 61.04
CA LEU A 190 -42.14 -129.40 61.80
C LEU A 190 -43.32 -130.30 62.13
N GLY A 191 -43.17 -131.60 61.87
CA GLY A 191 -44.21 -132.54 62.23
C GLY A 191 -45.47 -132.47 61.41
N LYS A 192 -45.40 -131.97 60.18
CA LYS A 192 -46.58 -131.88 59.34
C LYS A 192 -46.28 -132.40 57.93
N SER B 19 -23.46 -73.86 68.72
CA SER B 19 -24.77 -73.90 68.10
C SER B 19 -25.20 -75.34 67.83
N MET B 20 -24.27 -76.27 67.97
CA MET B 20 -24.53 -77.69 67.77
C MET B 20 -24.09 -78.48 69.00
N ALA B 21 -24.25 -79.80 68.90
CA ALA B 21 -24.00 -80.67 70.04
C ALA B 21 -22.50 -80.85 70.29
N TYR B 22 -21.76 -81.26 69.28
CA TYR B 22 -20.35 -81.62 69.44
C TYR B 22 -19.46 -80.48 69.00
N ASP B 23 -18.52 -80.11 69.86
CA ASP B 23 -17.61 -79.00 69.60
C ASP B 23 -16.31 -79.49 68.98
N LEU B 24 -16.38 -79.81 67.68
CA LEU B 24 -15.24 -80.38 66.96
C LEU B 24 -14.08 -79.41 66.83
N GLY B 25 -14.17 -78.21 67.38
CA GLY B 25 -13.09 -77.25 67.24
C GLY B 25 -11.90 -77.53 68.13
N SER B 26 -12.06 -78.36 69.15
CA SER B 26 -10.98 -78.71 70.06
C SER B 26 -10.51 -80.14 69.94
N MET B 27 -11.40 -81.07 69.62
CA MET B 27 -11.05 -82.49 69.54
C MET B 27 -10.00 -82.72 68.46
N SER B 28 -9.01 -83.53 68.79
CA SER B 28 -7.95 -83.87 67.86
C SER B 28 -8.51 -84.79 66.77
N LYS B 29 -7.65 -85.23 65.87
CA LYS B 29 -8.12 -86.06 64.78
C LYS B 29 -8.48 -87.46 65.26
N ASP B 30 -7.66 -88.05 66.13
CA ASP B 30 -7.94 -89.39 66.61
C ASP B 30 -9.11 -89.44 67.58
N ASP B 31 -9.61 -88.30 68.03
CA ASP B 31 -10.87 -88.24 68.75
C ASP B 31 -12.05 -87.96 67.84
N VAL B 32 -11.85 -87.18 66.78
CA VAL B 32 -12.91 -86.98 65.80
C VAL B 32 -13.24 -88.28 65.10
N ILE B 33 -12.23 -89.09 64.78
CA ILE B 33 -12.51 -90.36 64.11
C ILE B 33 -13.32 -91.29 65.01
N ASP B 34 -12.95 -91.37 66.29
CA ASP B 34 -13.70 -92.21 67.21
C ASP B 34 -15.11 -91.67 67.44
N LEU B 35 -15.27 -90.35 67.43
CA LEU B 35 -16.60 -89.77 67.50
C LEU B 35 -17.44 -90.17 66.30
N PHE B 36 -16.89 -90.03 65.10
CA PHE B 36 -17.62 -90.39 63.89
C PHE B 36 -17.92 -91.87 63.83
N ASN B 37 -17.06 -92.71 64.42
CA ASN B 37 -17.40 -94.12 64.52
C ASN B 37 -18.53 -94.38 65.50
N LYS B 38 -18.62 -93.59 66.58
CA LYS B 38 -19.77 -93.72 67.47
C LYS B 38 -21.06 -93.38 66.77
N LEU B 39 -21.08 -92.34 65.96
CA LEU B 39 -22.22 -92.02 65.10
C LEU B 39 -22.21 -92.97 63.92
N GLY B 40 -23.07 -92.73 62.93
CA GLY B 40 -23.12 -93.55 61.75
C GLY B 40 -22.11 -93.13 60.72
N VAL B 41 -22.40 -93.47 59.46
CA VAL B 41 -21.64 -92.97 58.34
C VAL B 41 -22.31 -91.78 57.67
N PHE B 42 -23.65 -91.72 57.68
CA PHE B 42 -24.37 -90.59 57.12
C PHE B 42 -24.40 -89.40 58.06
N GLN B 43 -24.50 -89.64 59.36
CA GLN B 43 -24.51 -88.51 60.28
C GLN B 43 -23.11 -87.99 60.60
N ALA B 44 -22.06 -88.78 60.36
CA ALA B 44 -20.74 -88.19 60.32
C ALA B 44 -20.67 -87.15 59.20
N ALA B 45 -21.21 -87.49 58.04
CA ALA B 45 -21.25 -86.54 56.94
C ALA B 45 -22.09 -85.32 57.29
N ILE B 46 -23.22 -85.51 57.97
CA ILE B 46 -24.03 -84.35 58.32
C ILE B 46 -23.33 -83.45 59.34
N LEU B 47 -22.65 -84.01 60.35
CA LEU B 47 -21.85 -83.13 61.22
C LEU B 47 -20.74 -82.43 60.46
N MET B 48 -20.04 -83.13 59.57
CA MET B 48 -18.94 -82.49 58.87
C MET B 48 -19.45 -81.32 58.04
N PHE B 49 -20.57 -81.51 57.36
CA PHE B 49 -21.14 -80.42 56.57
C PHE B 49 -21.73 -79.31 57.45
N ALA B 50 -22.30 -79.66 58.60
CA ALA B 50 -22.84 -78.62 59.47
C ALA B 50 -21.74 -77.77 60.07
N TYR B 51 -20.63 -78.38 60.47
CA TYR B 51 -19.52 -77.59 60.99
C TYR B 51 -18.87 -76.75 59.90
N MET B 52 -18.73 -77.29 58.68
CA MET B 52 -18.23 -76.47 57.59
C MET B 52 -19.16 -75.30 57.31
N TYR B 53 -20.47 -75.52 57.38
CA TYR B 53 -21.41 -74.42 57.21
C TYR B 53 -21.28 -73.38 58.30
N GLN B 54 -21.09 -73.80 59.56
CA GLN B 54 -20.88 -72.82 60.62
C GLN B 54 -19.62 -72.01 60.39
N ALA B 55 -18.53 -72.66 60.01
CA ALA B 55 -17.29 -71.93 59.78
C ALA B 55 -17.45 -70.91 58.65
N GLN B 56 -18.08 -71.32 57.55
CA GLN B 56 -18.28 -70.40 56.43
C GLN B 56 -19.22 -69.26 56.80
N SER B 57 -20.30 -69.55 57.53
CA SER B 57 -21.21 -68.49 57.91
C SER B 57 -20.55 -67.52 58.89
N ASP B 58 -19.69 -68.01 59.77
CA ASP B 58 -18.98 -67.10 60.66
C ASP B 58 -18.03 -66.19 59.90
N LEU B 59 -17.29 -66.74 58.93
CA LEU B 59 -16.47 -65.86 58.09
C LEU B 59 -17.31 -64.79 57.42
N SER B 60 -18.39 -65.20 56.76
CA SER B 60 -19.18 -64.24 55.99
C SER B 60 -19.82 -63.19 56.89
N ILE B 61 -20.33 -63.58 58.06
CA ILE B 61 -20.97 -62.60 58.94
C ILE B 61 -19.94 -61.66 59.55
N ALA B 62 -18.77 -62.17 59.92
CA ALA B 62 -17.72 -61.26 60.37
C ALA B 62 -17.26 -60.33 59.25
N LYS B 63 -17.45 -60.71 57.99
CA LYS B 63 -17.25 -59.78 56.88
C LYS B 63 -18.37 -58.76 56.79
N PHE B 64 -19.62 -59.17 57.01
CA PHE B 64 -20.75 -58.26 56.87
C PHE B 64 -20.80 -57.23 57.98
N ALA B 65 -20.13 -57.45 59.09
CA ALA B 65 -20.09 -56.47 60.17
C ALA B 65 -18.93 -55.49 60.03
N ASP B 66 -18.08 -55.66 59.02
CA ASP B 66 -17.08 -54.66 58.66
C ASP B 66 -17.60 -53.67 57.63
N MET B 67 -18.81 -53.87 57.13
CA MET B 67 -19.43 -52.93 56.20
C MET B 67 -20.51 -52.10 56.86
N ASN B 68 -21.20 -52.66 57.86
CA ASN B 68 -22.01 -51.82 58.72
C ASN B 68 -21.19 -50.78 59.46
N GLU B 69 -19.89 -50.99 59.64
CA GLU B 69 -19.06 -49.90 60.16
C GLU B 69 -19.06 -48.72 59.21
N ALA B 70 -18.90 -48.98 57.91
CA ALA B 70 -18.91 -47.91 56.93
C ALA B 70 -20.26 -47.22 56.87
N SER B 71 -21.35 -47.99 56.87
CA SER B 71 -22.65 -47.34 56.81
C SER B 71 -22.98 -46.59 58.10
N LYS B 72 -22.53 -47.08 59.26
CA LYS B 72 -22.72 -46.34 60.50
C LYS B 72 -21.97 -45.02 60.47
N GLU B 73 -20.72 -45.03 60.00
CA GLU B 73 -19.98 -43.79 59.87
C GLU B 73 -20.68 -42.82 58.94
N SER B 74 -21.21 -43.32 57.82
CA SER B 74 -21.90 -42.43 56.89
C SER B 74 -23.13 -41.81 57.52
N THR B 75 -23.94 -42.60 58.23
CA THR B 75 -25.15 -42.01 58.80
C THR B 75 -24.83 -41.02 59.92
N THR B 76 -23.84 -41.30 60.76
CA THR B 76 -23.50 -40.32 61.80
C THR B 76 -22.95 -39.04 61.18
N ALA B 77 -22.10 -39.15 60.17
CA ALA B 77 -21.58 -37.95 59.52
C ALA B 77 -22.69 -37.15 58.87
N GLN B 78 -23.65 -37.82 58.24
CA GLN B 78 -24.78 -37.10 57.65
C GLN B 78 -25.61 -36.40 58.70
N LYS B 79 -25.84 -37.04 59.85
CA LYS B 79 -26.59 -36.38 60.91
C LYS B 79 -25.88 -35.13 61.41
N MET B 80 -24.55 -35.21 61.60
CA MET B 80 -23.81 -34.03 62.04
C MET B 80 -23.88 -32.92 61.00
N ALA B 81 -23.72 -33.27 59.72
CA ALA B 81 -23.80 -32.26 58.67
C ALA B 81 -25.17 -31.60 58.64
N ASN B 82 -26.22 -32.38 58.87
CA ASN B 82 -27.56 -31.79 58.91
C ASN B 82 -27.76 -30.88 60.12
N LEU B 83 -27.13 -31.19 61.25
CA LEU B 83 -27.19 -30.24 62.37
C LEU B 83 -26.49 -28.93 62.02
N VAL B 84 -25.35 -29.02 61.35
CA VAL B 84 -24.65 -27.79 60.94
C VAL B 84 -25.47 -27.01 59.91
N ASP B 85 -26.18 -27.70 59.01
CA ASP B 85 -27.08 -27.00 58.10
C ASP B 85 -28.24 -26.33 58.85
N ALA B 86 -28.82 -27.01 59.83
CA ALA B 86 -29.86 -26.36 60.63
C ALA B 86 -29.33 -25.12 61.33
N LYS B 87 -28.08 -25.15 61.77
CA LYS B 87 -27.47 -23.96 62.36
C LYS B 87 -27.23 -22.84 61.36
N ILE B 88 -26.81 -23.16 60.14
CA ILE B 88 -26.60 -22.13 59.12
C ILE B 88 -27.92 -21.46 58.74
N ALA B 89 -29.02 -22.22 58.70
CA ALA B 89 -30.30 -21.68 58.27
C ALA B 89 -30.87 -20.64 59.22
N ASP B 90 -30.12 -20.25 60.25
CA ASP B 90 -30.50 -19.17 61.14
C ASP B 90 -29.48 -18.05 61.18
N VAL B 91 -28.31 -18.23 60.58
CA VAL B 91 -27.29 -17.19 60.54
C VAL B 91 -27.25 -16.66 59.10
N GLN B 92 -27.85 -17.41 58.18
CA GLN B 92 -28.08 -16.86 56.84
C GLN B 92 -29.25 -15.90 56.83
N SER B 93 -30.29 -16.20 57.60
CA SER B 93 -31.45 -15.31 57.74
C SER B 93 -31.21 -14.22 58.78
N SER B 94 -29.98 -14.09 59.27
CA SER B 94 -29.68 -13.09 60.27
C SER B 94 -29.57 -11.71 59.63
N SER B 95 -30.31 -10.75 60.18
CA SER B 95 -30.34 -9.41 59.62
C SER B 95 -28.98 -8.73 59.73
N ASP B 96 -28.20 -9.07 60.76
CA ASP B 96 -26.93 -8.42 61.04
C ASP B 96 -25.87 -8.98 60.10
N LYS B 97 -24.60 -8.68 60.38
CA LYS B 97 -23.52 -9.39 59.70
C LYS B 97 -23.55 -10.87 60.10
N ASN B 98 -23.23 -11.73 59.14
CA ASN B 98 -23.41 -13.17 59.36
C ASN B 98 -22.24 -13.79 60.11
N ALA B 99 -21.86 -13.20 61.26
CA ALA B 99 -20.93 -13.86 62.18
C ALA B 99 -21.54 -13.79 63.57
N LYS B 100 -22.50 -14.67 63.83
CA LYS B 100 -23.01 -15.00 65.16
C LYS B 100 -23.50 -16.44 65.06
N ALA B 101 -22.61 -17.39 65.38
CA ALA B 101 -22.94 -18.78 65.16
C ALA B 101 -21.99 -19.66 65.95
N GLN B 102 -22.53 -20.76 66.46
CA GLN B 102 -21.76 -21.80 67.10
C GLN B 102 -22.35 -23.14 66.72
N LEU B 103 -21.51 -24.14 66.64
CA LEU B 103 -22.01 -25.47 66.36
C LEU B 103 -22.80 -25.99 67.57
N PRO B 104 -23.83 -26.79 67.35
CA PRO B 104 -24.54 -27.39 68.48
C PRO B 104 -23.64 -28.35 69.23
N ASP B 105 -23.90 -28.47 70.54
CA ASP B 105 -22.93 -29.04 71.46
C ASP B 105 -22.54 -30.47 71.09
N GLU B 106 -23.39 -31.18 70.34
CA GLU B 106 -23.04 -32.54 69.94
C GLU B 106 -22.05 -32.58 68.78
N VAL B 107 -22.12 -31.61 67.87
CA VAL B 107 -21.16 -31.58 66.77
C VAL B 107 -19.76 -31.31 67.28
N ILE B 108 -19.61 -30.47 68.32
CA ILE B 108 -18.28 -30.24 68.88
C ILE B 108 -17.68 -31.54 69.39
N SER B 109 -18.45 -32.32 70.13
CA SER B 109 -17.96 -33.62 70.57
C SER B 109 -17.74 -34.58 69.41
N TYR B 110 -18.45 -34.40 68.29
CA TYR B 110 -18.15 -35.22 67.12
C TYR B 110 -16.76 -34.90 66.57
N ILE B 111 -16.46 -33.62 66.32
CA ILE B 111 -15.13 -33.30 65.79
C ILE B 111 -14.03 -33.61 66.80
N ASN B 112 -14.22 -33.24 68.06
CA ASN B 112 -13.14 -33.39 69.04
C ASN B 112 -12.84 -34.84 69.41
N ASP B 113 -13.68 -35.77 69.02
CA ASP B 113 -13.44 -37.18 69.33
C ASP B 113 -12.27 -37.69 68.51
N PRO B 114 -11.39 -38.54 69.05
CA PRO B 114 -10.16 -38.89 68.34
C PRO B 114 -10.30 -39.93 67.24
N ARG B 115 -11.34 -40.76 67.27
CA ARG B 115 -11.41 -41.91 66.36
C ARG B 115 -12.07 -41.58 65.04
N ASN B 116 -12.02 -40.32 64.60
CA ASN B 116 -12.66 -39.91 63.35
C ASN B 116 -11.73 -39.24 62.35
N ASP B 117 -10.63 -38.63 62.79
CA ASP B 117 -9.68 -37.94 61.92
C ASP B 117 -10.41 -36.96 61.01
N ILE B 118 -11.00 -35.96 61.65
CA ILE B 118 -11.97 -35.06 61.01
C ILE B 118 -11.43 -33.63 61.01
N THR B 119 -10.13 -33.47 60.79
CA THR B 119 -9.53 -32.15 60.61
C THR B 119 -10.31 -31.33 59.59
N ILE B 120 -10.87 -30.19 60.02
CA ILE B 120 -11.88 -29.47 59.24
C ILE B 120 -11.42 -28.06 58.90
N SER B 121 -11.23 -27.20 59.91
CA SER B 121 -11.20 -25.76 59.68
C SER B 121 -9.79 -25.21 59.50
N GLY B 122 -8.87 -25.61 60.37
CA GLY B 122 -7.60 -24.91 60.43
C GLY B 122 -7.72 -23.52 61.02
N ILE B 123 -8.76 -23.29 61.83
CA ILE B 123 -9.02 -21.98 62.40
C ILE B 123 -9.12 -22.12 63.91
N ASP B 124 -8.84 -21.03 64.61
CA ASP B 124 -8.69 -21.06 66.05
C ASP B 124 -10.03 -21.05 66.76
N ASN B 125 -10.06 -21.71 67.92
CA ASN B 125 -11.09 -21.49 68.94
C ASN B 125 -12.49 -21.73 68.39
N ILE B 126 -12.75 -23.00 68.07
CA ILE B 126 -14.12 -23.43 67.86
C ILE B 126 -14.90 -23.19 69.15
N ASN B 127 -16.22 -23.10 69.03
CA ASN B 127 -17.23 -22.68 70.00
C ASN B 127 -17.30 -21.17 70.16
N ALA B 128 -16.33 -20.40 69.64
CA ALA B 128 -16.44 -18.94 69.68
C ALA B 128 -15.47 -18.34 68.67
N GLN B 129 -15.95 -17.97 67.48
CA GLN B 129 -17.22 -18.38 66.90
C GLN B 129 -16.94 -18.35 65.41
N LEU B 130 -17.71 -19.06 64.59
CA LEU B 130 -17.36 -19.21 63.17
C LEU B 130 -18.50 -18.74 62.28
N GLY B 131 -18.60 -17.42 62.11
CA GLY B 131 -19.27 -16.80 60.98
C GLY B 131 -20.57 -17.41 60.49
N ALA B 132 -20.81 -17.29 59.18
CA ALA B 132 -21.74 -18.15 58.48
C ALA B 132 -21.26 -18.54 57.09
N GLY B 133 -20.11 -18.05 56.66
CA GLY B 133 -19.58 -18.38 55.35
C GLY B 133 -18.38 -19.28 55.47
N ASP B 134 -17.83 -19.37 56.68
CA ASP B 134 -16.82 -20.37 57.01
C ASP B 134 -17.40 -21.57 57.74
N LEU B 135 -18.67 -21.50 58.14
CA LEU B 135 -19.37 -22.68 58.61
C LEU B 135 -19.69 -23.63 57.47
N GLN B 136 -19.71 -23.12 56.24
CA GLN B 136 -19.86 -23.97 55.07
C GLN B 136 -18.67 -24.91 54.94
N THR B 137 -17.48 -24.46 55.33
CA THR B 137 -16.32 -25.34 55.31
C THR B 137 -16.49 -26.51 56.28
N VAL B 138 -17.01 -26.23 57.48
CA VAL B 138 -17.25 -27.30 58.44
C VAL B 138 -18.28 -28.28 57.91
N LYS B 139 -19.37 -27.75 57.34
CA LYS B 139 -20.40 -28.64 56.80
C LYS B 139 -19.84 -29.50 55.67
N ALA B 140 -19.05 -28.91 54.77
CA ALA B 140 -18.47 -29.68 53.68
C ALA B 140 -17.46 -30.71 54.16
N ALA B 141 -16.62 -30.38 55.12
CA ALA B 141 -15.65 -31.34 55.63
C ALA B 141 -16.27 -32.43 56.48
N ILE B 142 -17.46 -32.20 57.05
CA ILE B 142 -18.16 -33.28 57.75
C ILE B 142 -18.90 -34.16 56.75
N SER B 143 -19.63 -33.56 55.81
CA SER B 143 -20.38 -34.34 54.84
C SER B 143 -19.54 -34.83 53.68
N ALA B 144 -18.22 -34.64 53.72
CA ALA B 144 -17.36 -35.31 52.76
C ALA B 144 -16.83 -36.64 53.25
N LYS B 145 -16.90 -36.90 54.56
CA LYS B 145 -16.55 -38.21 55.11
C LYS B 145 -17.76 -39.12 55.18
N ALA B 146 -18.93 -38.62 54.79
CA ALA B 146 -20.12 -39.44 54.68
C ALA B 146 -20.21 -40.18 53.35
N ASN B 147 -19.32 -39.90 52.41
CA ASN B 147 -19.39 -40.46 51.07
C ASN B 147 -18.45 -41.66 50.92
N ASN B 148 -18.65 -42.67 51.75
CA ASN B 148 -17.75 -43.83 51.78
C ASN B 148 -18.51 -45.15 51.58
N LEU B 149 -19.51 -45.17 50.72
CA LEU B 149 -20.21 -46.42 50.43
C LEU B 149 -19.82 -47.02 49.09
N THR B 150 -18.80 -46.49 48.42
CA THR B 150 -18.29 -47.12 47.22
C THR B 150 -16.94 -47.78 47.44
N THR B 151 -16.16 -47.32 48.41
CA THR B 151 -14.93 -48.02 48.74
C THR B 151 -15.22 -49.37 49.37
N THR B 152 -16.42 -49.57 49.94
CA THR B 152 -16.81 -50.85 50.53
C THR B 152 -17.71 -51.66 49.61
N VAL B 153 -17.97 -51.19 48.41
CA VAL B 153 -18.56 -52.00 47.36
C VAL B 153 -17.53 -52.41 46.32
N ASN B 154 -16.51 -51.59 46.10
CA ASN B 154 -15.42 -52.00 45.23
C ASN B 154 -14.58 -53.08 45.88
N ASN B 155 -14.39 -53.01 47.19
CA ASN B 155 -13.52 -53.92 47.91
C ASN B 155 -14.16 -55.26 48.25
N SER B 156 -15.49 -55.37 48.14
CA SER B 156 -16.20 -56.51 48.69
C SER B 156 -17.25 -57.03 47.73
N GLN B 157 -16.88 -57.24 46.46
CA GLN B 157 -17.79 -57.85 45.51
C GLN B 157 -17.28 -59.15 44.93
N LEU B 158 -15.96 -59.36 44.92
CA LEU B 158 -15.40 -60.64 44.49
C LEU B 158 -15.25 -61.60 45.65
N GLU B 159 -15.48 -61.14 46.88
CA GLU B 159 -15.54 -62.04 48.02
C GLU B 159 -16.94 -62.53 48.29
N ILE B 160 -17.92 -61.63 48.26
CA ILE B 160 -19.30 -62.04 48.45
C ILE B 160 -19.74 -62.98 47.34
N GLN B 161 -19.20 -62.83 46.13
CA GLN B 161 -19.27 -63.82 45.07
C GLN B 161 -19.04 -65.22 45.64
N GLN B 162 -17.84 -65.45 46.18
CA GLN B 162 -17.44 -66.78 46.59
C GLN B 162 -18.12 -67.24 47.87
N MET B 163 -18.30 -66.34 48.83
CA MET B 163 -19.01 -66.71 50.05
C MET B 163 -20.44 -67.13 49.75
N SER B 164 -21.15 -66.35 48.93
CA SER B 164 -22.52 -66.70 48.57
C SER B 164 -22.58 -67.97 47.75
N ASN B 165 -21.65 -68.18 46.82
CA ASN B 165 -21.70 -69.43 46.08
C ASN B 165 -21.42 -70.63 46.97
N THR B 166 -20.36 -70.59 47.78
CA THR B 166 -20.01 -71.74 48.61
C THR B 166 -21.10 -72.05 49.62
N LEU B 167 -21.69 -71.02 50.22
CA LEU B 167 -22.61 -71.26 51.32
C LEU B 167 -23.88 -71.96 50.83
N ASN B 168 -24.37 -71.55 49.66
CA ASN B 168 -25.43 -72.30 48.98
C ASN B 168 -24.97 -73.71 48.59
N LEU B 169 -23.76 -73.81 48.04
CA LEU B 169 -23.26 -75.07 47.53
C LEU B 169 -23.09 -76.09 48.64
N LEU B 170 -23.09 -75.62 49.88
CA LEU B 170 -22.90 -76.46 51.05
C LEU B 170 -24.21 -76.76 51.78
N THR B 171 -25.14 -75.79 51.82
CA THR B 171 -26.52 -76.11 52.23
C THR B 171 -27.10 -77.21 51.36
N SER B 172 -26.98 -77.07 50.04
CA SER B 172 -27.58 -78.04 49.13
C SER B 172 -26.83 -79.36 49.10
N ALA B 173 -25.68 -79.45 49.74
CA ALA B 173 -24.98 -80.72 49.89
C ALA B 173 -25.27 -81.40 51.21
N ARG B 174 -25.59 -80.61 52.23
CA ARG B 174 -25.96 -81.14 53.53
C ARG B 174 -27.31 -81.83 53.38
N SER B 175 -28.20 -81.18 52.62
CA SER B 175 -29.55 -81.66 52.36
C SER B 175 -29.60 -82.96 51.59
N ASP B 176 -28.72 -83.10 50.61
CA ASP B 176 -28.68 -84.31 49.80
C ASP B 176 -28.36 -85.47 50.73
N MET B 177 -27.46 -85.22 51.68
CA MET B 177 -27.07 -86.21 52.66
C MET B 177 -28.26 -86.63 53.52
N GLN B 178 -29.10 -85.67 53.89
CA GLN B 178 -30.25 -85.97 54.74
C GLN B 178 -31.29 -86.81 53.99
N SER B 179 -31.55 -86.47 52.72
CA SER B 179 -32.51 -87.26 51.95
C SER B 179 -32.01 -88.69 51.75
N LEU B 180 -30.73 -88.86 51.45
CA LEU B 180 -30.18 -90.21 51.30
C LEU B 180 -30.25 -90.99 52.60
N GLN B 181 -29.95 -90.34 53.72
CA GLN B 181 -30.04 -90.99 55.02
C GLN B 181 -31.46 -91.48 55.28
N TYR B 182 -32.46 -90.71 54.88
CA TYR B 182 -33.83 -91.16 55.04
C TYR B 182 -34.13 -92.34 54.13
N ARG B 183 -33.79 -92.24 52.84
CA ARG B 183 -34.17 -93.29 51.91
C ARG B 183 -33.43 -94.58 52.12
N THR B 184 -32.26 -94.56 52.76
CA THR B 184 -31.54 -95.79 53.02
C THR B 184 -32.21 -96.63 54.09
N ILE B 185 -32.73 -96.00 55.15
CA ILE B 185 -33.32 -96.73 56.26
C ILE B 185 -34.77 -97.09 56.01
N SER B 186 -35.42 -96.44 55.05
CA SER B 186 -36.80 -96.77 54.74
C SER B 186 -36.94 -98.14 54.10
N GLY B 187 -35.87 -98.70 53.55
CA GLY B 187 -35.90 -99.97 52.87
C GLY B 187 -35.73 -101.19 53.74
N ILE B 188 -35.67 -101.03 55.06
CA ILE B 188 -35.56 -102.14 55.99
C ILE B 188 -36.94 -102.45 56.55
N SER B 189 -37.45 -103.64 56.22
CA SER B 189 -38.77 -104.07 56.66
C SER B 189 -38.62 -105.08 57.79
N LEU B 190 -39.26 -104.81 58.92
CA LEU B 190 -39.12 -105.63 60.11
C LEU B 190 -40.11 -106.78 60.06
N GLY B 191 -39.63 -107.98 60.32
CA GLY B 191 -40.51 -109.14 60.38
C GLY B 191 -41.10 -109.58 59.06
N LYS B 192 -40.44 -109.29 57.95
CA LYS B 192 -40.94 -109.70 56.64
C LYS B 192 -39.84 -110.31 55.80
N SER C 19 -36.99 -46.68 58.36
CA SER C 19 -37.70 -47.22 57.20
C SER C 19 -37.67 -48.74 57.20
N MET C 20 -36.83 -49.31 58.06
CA MET C 20 -36.70 -50.75 58.19
C MET C 20 -36.88 -51.17 59.65
N ALA C 21 -36.74 -52.47 59.89
CA ALA C 21 -37.03 -53.03 61.20
C ALA C 21 -35.93 -52.71 62.20
N TYR C 22 -34.68 -53.02 61.86
CA TYR C 22 -33.58 -52.93 62.80
C TYR C 22 -32.80 -51.65 62.54
N ASP C 23 -32.56 -50.88 63.61
CA ASP C 23 -31.87 -49.60 63.51
C ASP C 23 -30.38 -49.77 63.79
N LEU C 24 -29.66 -50.30 62.80
CA LEU C 24 -28.25 -50.61 62.94
C LEU C 24 -27.38 -49.37 63.13
N GLY C 25 -27.96 -48.17 63.17
CA GLY C 25 -27.16 -46.96 63.31
C GLY C 25 -26.63 -46.73 64.70
N SER C 26 -27.20 -47.40 65.71
CA SER C 26 -26.77 -47.25 67.09
C SER C 26 -26.08 -48.47 67.65
N MET C 27 -26.47 -49.67 67.22
CA MET C 27 -25.91 -50.90 67.76
C MET C 27 -24.43 -50.99 67.47
N SER C 28 -23.66 -51.39 68.49
CA SER C 28 -22.22 -51.54 68.33
C SER C 28 -21.92 -52.74 67.46
N LYS C 29 -20.64 -53.04 67.28
CA LYS C 29 -20.28 -54.15 66.40
C LYS C 29 -20.61 -55.49 67.03
N ASP C 30 -20.34 -55.65 68.33
CA ASP C 30 -20.60 -56.93 68.99
C ASP C 30 -22.08 -57.18 69.22
N ASP C 31 -22.93 -56.17 68.98
CA ASP C 31 -24.36 -56.38 68.93
C ASP C 31 -24.87 -56.62 67.52
N VAL C 32 -24.24 -56.00 66.52
CA VAL C 32 -24.60 -56.29 65.15
C VAL C 32 -24.26 -57.73 64.79
N ILE C 33 -23.12 -58.24 65.28
CA ILE C 33 -22.77 -59.62 64.96
C ILE C 33 -23.77 -60.59 65.59
N ASP C 34 -24.18 -60.35 66.83
CA ASP C 34 -25.16 -61.22 67.46
C ASP C 34 -26.52 -61.10 66.78
N LEU C 35 -26.87 -59.91 66.31
CA LEU C 35 -28.08 -59.76 65.52
C LEU C 35 -28.02 -60.57 64.25
N PHE C 36 -26.94 -60.47 63.50
CA PHE C 36 -26.79 -61.22 62.27
C PHE C 36 -26.76 -62.72 62.51
N ASN C 37 -26.27 -63.15 63.67
CA ASN C 37 -26.36 -64.56 64.02
C ASN C 37 -27.78 -64.98 64.32
N LYS C 38 -28.58 -64.10 64.92
CA LYS C 38 -29.99 -64.42 65.13
C LYS C 38 -30.70 -64.61 63.80
N LEU C 39 -30.45 -63.76 62.81
CA LEU C 39 -30.95 -63.96 61.47
C LEU C 39 -30.12 -65.04 60.79
N GLY C 40 -30.32 -65.21 59.49
CA GLY C 40 -29.57 -66.21 58.74
C GLY C 40 -28.23 -65.67 58.28
N VAL C 41 -27.71 -66.28 57.22
CA VAL C 41 -26.55 -65.76 56.53
C VAL C 41 -26.92 -64.96 55.29
N PHE C 42 -28.02 -65.31 54.62
CA PHE C 42 -28.49 -64.55 53.46
C PHE C 42 -29.24 -63.29 53.86
N GLN C 43 -30.01 -63.33 54.94
CA GLN C 43 -30.71 -62.13 55.35
C GLN C 43 -29.83 -61.18 56.14
N ALA C 44 -28.72 -61.63 56.71
CA ALA C 44 -27.73 -60.67 57.15
C ALA C 44 -27.21 -59.87 55.97
N ALA C 45 -26.95 -60.53 54.85
CA ALA C 45 -26.53 -59.83 53.64
C ALA C 45 -27.61 -58.89 53.15
N ILE C 46 -28.87 -59.30 53.21
CA ILE C 46 -29.92 -58.39 52.74
C ILE C 46 -30.06 -57.18 53.64
N LEU C 47 -29.98 -57.33 54.97
CA LEU C 47 -29.97 -56.12 55.81
C LEU C 47 -28.75 -55.25 55.54
N MET C 48 -27.57 -55.84 55.38
CA MET C 48 -26.39 -55.03 55.15
C MET C 48 -26.54 -54.21 53.88
N PHE C 49 -27.05 -54.83 52.81
CA PHE C 49 -27.25 -54.11 51.57
C PHE C 49 -28.39 -53.11 51.66
N ALA C 50 -29.45 -53.41 52.42
CA ALA C 50 -30.55 -52.46 52.54
C ALA C 50 -30.13 -51.23 53.33
N TYR C 51 -29.35 -51.40 54.39
CA TYR C 51 -28.86 -50.25 55.13
C TYR C 51 -27.86 -49.45 54.31
N MET C 52 -26.98 -50.10 53.54
CA MET C 52 -26.10 -49.35 52.66
C MET C 52 -26.90 -48.58 51.61
N TYR C 53 -27.96 -49.17 51.09
CA TYR C 53 -28.82 -48.46 50.15
C TYR C 53 -29.50 -47.26 50.80
N GLN C 54 -29.97 -47.39 52.04
CA GLN C 54 -30.56 -46.24 52.70
C GLN C 54 -29.54 -45.13 52.91
N ALA C 55 -28.32 -45.48 53.33
CA ALA C 55 -27.32 -44.44 53.54
C ALA C 55 -26.98 -43.72 52.23
N GLN C 56 -26.81 -44.48 51.16
CA GLN C 56 -26.51 -43.85 49.87
C GLN C 56 -27.67 -43.00 49.36
N SER C 57 -28.90 -43.49 49.51
CA SER C 57 -30.04 -42.70 49.05
C SER C 57 -30.20 -41.44 49.87
N ASP C 58 -29.92 -41.49 51.17
CA ASP C 58 -29.98 -40.27 51.98
C ASP C 58 -28.94 -39.27 51.55
N LEU C 59 -27.70 -39.71 51.29
CA LEU C 59 -26.71 -38.78 50.76
C LEU C 59 -27.20 -38.13 49.47
N SER C 60 -27.65 -38.95 48.52
CA SER C 60 -28.02 -38.41 47.22
C SER C 60 -29.22 -37.48 47.31
N ILE C 61 -30.21 -37.81 48.13
CA ILE C 61 -31.38 -36.94 48.23
C ILE C 61 -31.04 -35.64 48.96
N ALA C 62 -30.21 -35.70 50.00
CA ALA C 62 -29.76 -34.46 50.60
C ALA C 62 -28.91 -33.63 49.65
N LYS C 63 -28.31 -34.26 48.63
CA LYS C 63 -27.69 -33.50 47.56
C LYS C 63 -28.72 -32.88 46.62
N PHE C 64 -29.78 -33.62 46.31
CA PHE C 64 -30.78 -33.13 45.36
C PHE C 64 -31.61 -31.99 45.93
N ALA C 65 -31.64 -31.82 47.23
CA ALA C 65 -32.37 -30.71 47.83
C ALA C 65 -31.52 -29.47 48.00
N ASP C 66 -30.24 -29.53 47.65
CA ASP C 66 -29.40 -28.35 47.55
C ASP C 66 -29.41 -27.74 46.16
N MET C 67 -30.07 -28.38 45.20
CA MET C 67 -30.22 -27.84 43.86
C MET C 67 -31.61 -27.26 43.62
N ASN C 68 -32.63 -27.84 44.26
CA ASN C 68 -33.92 -27.16 44.30
C ASN C 68 -33.83 -25.81 45.00
N GLU C 69 -32.83 -25.59 45.86
CA GLU C 69 -32.63 -24.23 46.36
C GLU C 69 -32.29 -23.28 45.24
N ALA C 70 -31.39 -23.69 44.34
CA ALA C 70 -31.03 -22.84 43.21
C ALA C 70 -32.21 -22.61 42.29
N SER C 71 -32.97 -23.67 41.98
CA SER C 71 -34.11 -23.46 41.09
C SER C 71 -35.21 -22.64 41.75
N LYS C 72 -35.42 -22.78 43.06
CA LYS C 72 -36.38 -21.94 43.76
C LYS C 72 -35.97 -20.47 43.72
N GLU C 73 -34.69 -20.19 43.95
CA GLU C 73 -34.23 -18.81 43.85
C GLU C 73 -34.45 -18.27 42.44
N SER C 74 -34.17 -19.08 41.42
CA SER C 74 -34.36 -18.60 40.06
C SER C 74 -35.81 -18.30 39.76
N THR C 75 -36.73 -19.16 40.17
CA THR C 75 -38.13 -18.88 39.87
C THR C 75 -38.67 -17.67 40.64
N THR C 76 -38.29 -17.50 41.92
CA THR C 76 -38.74 -16.31 42.63
C THR C 76 -38.17 -15.04 42.02
N ALA C 77 -36.88 -15.05 41.64
CA ALA C 77 -36.30 -13.88 41.01
C ALA C 77 -36.99 -13.56 39.69
N GLN C 78 -37.30 -14.58 38.89
CA GLN C 78 -38.01 -14.34 37.64
C GLN C 78 -39.40 -13.77 37.88
N LYS C 79 -40.10 -14.25 38.90
CA LYS C 79 -41.42 -13.69 39.19
C LYS C 79 -41.32 -12.21 39.57
N MET C 80 -40.35 -11.86 40.41
CA MET C 80 -40.17 -10.46 40.79
C MET C 80 -39.83 -9.61 39.57
N ALA C 81 -38.93 -10.09 38.71
CA ALA C 81 -38.59 -9.33 37.52
C ALA C 81 -39.78 -9.14 36.61
N ASN C 82 -40.65 -10.15 36.51
CA ASN C 82 -41.86 -9.99 35.70
C ASN C 82 -42.84 -9.00 36.31
N LEU C 83 -42.91 -8.92 37.64
CA LEU C 83 -43.74 -7.86 38.24
C LEU C 83 -43.19 -6.49 37.90
N VAL C 84 -41.87 -6.32 37.95
CA VAL C 84 -41.28 -5.03 37.60
C VAL C 84 -41.51 -4.71 36.12
N ASP C 85 -41.47 -5.72 35.24
CA ASP C 85 -41.82 -5.48 33.84
C ASP C 85 -43.28 -5.08 33.67
N ALA C 86 -44.19 -5.74 34.39
CA ALA C 86 -45.59 -5.31 34.33
C ALA C 86 -45.76 -3.87 34.79
N LYS C 87 -44.98 -3.44 35.78
CA LYS C 87 -45.01 -2.05 36.22
C LYS C 87 -44.44 -1.09 35.18
N ILE C 88 -43.37 -1.46 34.48
CA ILE C 88 -42.80 -0.58 33.45
C ILE C 88 -43.77 -0.43 32.28
N ALA C 89 -44.51 -1.47 31.94
CA ALA C 89 -45.41 -1.42 30.79
C ALA C 89 -46.58 -0.47 30.97
N ASP C 90 -46.61 0.28 32.06
CA ASP C 90 -47.59 1.33 32.28
C ASP C 90 -46.97 2.70 32.48
N VAL C 91 -45.66 2.78 32.63
CA VAL C 91 -44.97 4.06 32.78
C VAL C 91 -44.23 4.35 31.48
N GLN C 92 -44.08 3.32 30.65
CA GLN C 92 -43.61 3.54 29.29
C GLN C 92 -44.72 4.09 28.41
N SER C 93 -45.95 3.62 28.59
CA SER C 93 -47.11 4.11 27.88
C SER C 93 -47.68 5.38 28.51
N SER C 94 -46.97 5.97 29.47
CA SER C 94 -47.45 7.16 30.16
C SER C 94 -47.23 8.38 29.27
N SER C 95 -48.31 9.15 29.06
CA SER C 95 -48.24 10.31 28.19
C SER C 95 -47.30 11.37 28.75
N ASP C 96 -47.19 11.45 30.07
CA ASP C 96 -46.41 12.49 30.74
C ASP C 96 -44.93 12.14 30.66
N LYS C 97 -44.11 12.84 31.43
CA LYS C 97 -42.74 12.40 31.63
C LYS C 97 -42.73 11.07 32.37
N ASN C 98 -41.80 10.20 32.02
CA ASN C 98 -41.83 8.82 32.54
C ASN C 98 -41.19 8.73 33.92
N ALA C 99 -41.61 9.58 34.86
CA ALA C 99 -41.26 9.39 36.26
C ALA C 99 -42.55 9.49 37.09
N LYS C 100 -43.32 8.42 37.08
CA LYS C 100 -44.42 8.17 38.02
C LYS C 100 -44.53 6.65 38.13
N ALA C 101 -43.83 6.08 39.10
CA ALA C 101 -43.74 4.64 39.18
C ALA C 101 -43.26 4.23 40.55
N GLN C 102 -43.80 3.11 41.03
CA GLN C 102 -43.35 2.47 42.26
C GLN C 102 -43.40 0.97 42.06
N LEU C 103 -42.50 0.28 42.71
CA LEU C 103 -42.54 -1.17 42.62
C LEU C 103 -43.77 -1.70 43.38
N PRO C 104 -44.35 -2.80 42.93
CA PRO C 104 -45.46 -3.40 43.67
C PRO C 104 -44.99 -3.91 45.03
N ASP C 105 -45.91 -3.89 46.00
CA ASP C 105 -45.52 -3.98 47.40
C ASP C 105 -44.78 -5.27 47.72
N GLU C 106 -44.92 -6.30 46.90
CA GLU C 106 -44.20 -7.54 47.16
C GLU C 106 -42.74 -7.47 46.71
N VAL C 107 -42.45 -6.72 45.65
CA VAL C 107 -41.07 -6.59 45.22
C VAL C 107 -40.25 -5.82 46.25
N ILE C 108 -40.85 -4.83 46.92
CA ILE C 108 -40.12 -4.11 47.96
C ILE C 108 -39.69 -5.07 49.06
N SER C 109 -40.60 -5.93 49.51
CA SER C 109 -40.23 -6.92 50.52
C SER C 109 -39.24 -7.94 49.97
N TYR C 110 -39.24 -8.18 48.65
CA TYR C 110 -38.20 -9.04 48.09
C TYR C 110 -36.81 -8.41 48.23
N ILE C 111 -36.64 -7.16 47.79
CA ILE C 111 -35.32 -6.53 47.92
C ILE C 111 -34.94 -6.34 49.38
N ASN C 112 -35.85 -5.84 50.22
CA ASN C 112 -35.50 -5.49 51.59
C ASN C 112 -35.21 -6.70 52.46
N ASP C 113 -35.53 -7.91 52.01
CA ASP C 113 -35.27 -9.10 52.82
C ASP C 113 -33.77 -9.36 52.87
N PRO C 114 -33.22 -9.80 54.01
CA PRO C 114 -31.76 -9.87 54.15
C PRO C 114 -31.09 -11.08 53.49
N ARG C 115 -31.81 -12.17 53.24
CA ARG C 115 -31.19 -13.41 52.82
C ARG C 115 -31.03 -13.51 51.31
N ASN C 116 -30.97 -12.39 50.60
CA ASN C 116 -30.86 -12.39 49.15
C ASN C 116 -29.65 -11.65 48.60
N ASP C 117 -29.10 -10.67 49.32
CA ASP C 117 -27.95 -9.88 48.86
C ASP C 117 -28.21 -9.32 47.46
N ILE C 118 -29.21 -8.45 47.39
CA ILE C 118 -29.80 -8.01 46.14
C ILE C 118 -29.59 -6.50 45.96
N THR C 119 -28.44 -6.00 46.38
CA THR C 119 -28.07 -4.61 46.14
C THR C 119 -28.26 -4.23 44.67
N ILE C 120 -29.16 -3.27 44.41
CA ILE C 120 -29.66 -3.01 43.06
C ILE C 120 -29.33 -1.60 42.57
N SER C 121 -29.87 -0.58 43.24
CA SER C 121 -29.97 0.74 42.64
C SER C 121 -28.81 1.66 43.02
N GLY C 122 -28.48 1.71 44.30
CA GLY C 122 -27.60 2.76 44.78
C GLY C 122 -28.26 4.11 44.77
N ILE C 123 -29.58 4.15 44.85
CA ILE C 123 -30.33 5.39 44.78
C ILE C 123 -31.24 5.47 46.01
N ASP C 124 -31.57 6.70 46.40
CA ASP C 124 -32.26 6.95 47.67
C ASP C 124 -33.74 6.66 47.57
N ASN C 125 -34.31 6.22 48.70
CA ASN C 125 -35.74 6.29 48.96
C ASN C 125 -36.55 5.54 47.88
N ILE C 126 -36.35 4.23 47.87
CA ILE C 126 -37.29 3.37 47.14
C ILE C 126 -38.68 3.57 47.75
N ASN C 127 -39.70 3.24 46.95
CA ASN C 127 -41.13 3.48 47.13
C ASN C 127 -41.53 4.91 46.77
N ALA C 128 -40.59 5.84 46.60
CA ALA C 128 -40.94 7.18 46.13
C ALA C 128 -39.68 7.87 45.62
N GLN C 129 -39.48 7.89 44.30
CA GLN C 129 -40.13 7.02 43.32
C GLN C 129 -39.06 6.89 42.24
N LEU C 130 -39.12 5.86 41.40
CA LEU C 130 -38.01 5.60 40.46
C LEU C 130 -38.52 5.56 39.03
N GLY C 131 -38.73 6.73 38.44
CA GLY C 131 -38.76 6.94 37.00
C GLY C 131 -39.43 5.89 36.14
N ALA C 132 -38.93 5.72 34.92
CA ALA C 132 -39.15 4.52 34.14
C ALA C 132 -37.92 4.07 33.37
N GLY C 133 -36.82 4.80 33.44
CA GLY C 133 -35.61 4.44 32.73
C GLY C 133 -34.54 3.99 33.70
N ASP C 134 -34.76 4.26 34.98
CA ASP C 134 -33.95 3.68 36.05
C ASP C 134 -34.63 2.49 36.71
N LEU C 135 -35.90 2.24 36.40
CA LEU C 135 -36.55 1.00 36.78
C LEU C 135 -36.01 -0.18 35.98
N GLN C 136 -35.43 0.10 34.81
CA GLN C 136 -34.75 -0.93 34.05
C GLN C 136 -33.55 -1.49 34.81
N THR C 137 -32.87 -0.64 35.59
CA THR C 137 -31.77 -1.12 36.41
C THR C 137 -32.26 -2.11 37.46
N VAL C 138 -33.39 -1.81 38.10
CA VAL C 138 -33.95 -2.73 39.08
C VAL C 138 -34.34 -4.05 38.43
N LYS C 139 -34.99 -3.98 37.27
CA LYS C 139 -35.38 -5.21 36.59
C LYS C 139 -34.16 -6.03 36.19
N ALA C 140 -33.11 -5.39 35.68
CA ALA C 140 -31.90 -6.10 35.32
C ALA C 140 -31.18 -6.69 36.51
N ALA C 141 -31.08 -5.97 37.61
CA ALA C 141 -30.42 -6.49 38.80
C ALA C 141 -31.21 -7.57 39.52
N ILE C 142 -32.53 -7.62 39.32
CA ILE C 142 -33.31 -8.73 39.86
C ILE C 142 -33.21 -9.95 38.95
N SER C 143 -33.38 -9.76 37.65
CA SER C 143 -33.33 -10.87 36.71
C SER C 143 -31.91 -11.27 36.33
N ALA C 144 -30.90 -10.69 36.95
CA ALA C 144 -29.54 -11.20 36.80
C ALA C 144 -29.17 -12.22 37.86
N LYS C 145 -29.91 -12.28 38.97
CA LYS C 145 -29.72 -13.30 39.99
C LYS C 145 -30.59 -14.52 39.71
N ALA C 146 -31.41 -14.46 38.67
CA ALA C 146 -32.17 -15.62 38.24
C ALA C 146 -31.39 -16.55 37.33
N ASN C 147 -30.19 -16.16 36.92
CA ASN C 147 -29.39 -16.93 35.96
C ASN C 147 -28.36 -17.80 36.67
N ASN C 148 -28.81 -18.68 37.55
CA ASN C 148 -27.91 -19.49 38.37
C ASN C 148 -28.19 -20.98 38.23
N LEU C 149 -28.52 -21.46 37.03
CA LEU C 149 -28.72 -22.89 36.82
C LEU C 149 -27.56 -23.55 36.10
N THR C 150 -26.45 -22.84 35.90
CA THR C 150 -25.26 -23.48 35.37
C THR C 150 -24.17 -23.66 36.41
N THR C 151 -24.16 -22.82 37.46
CA THR C 151 -23.23 -23.07 38.55
C THR C 151 -23.58 -24.32 39.32
N THR C 152 -24.84 -24.78 39.25
CA THR C 152 -25.27 -26.00 39.92
C THR C 152 -25.36 -27.19 38.97
N VAL C 153 -24.98 -27.02 37.72
CA VAL C 153 -24.74 -28.13 36.81
C VAL C 153 -23.26 -28.36 36.59
N ASN C 154 -22.45 -27.31 36.68
CA ASN C 154 -21.00 -27.52 36.63
C ASN C 154 -20.50 -28.17 37.90
N ASN C 155 -21.09 -27.84 39.05
CA ASN C 155 -20.63 -28.32 40.34
C ASN C 155 -21.12 -29.71 40.69
N SER C 156 -22.12 -30.23 39.98
CA SER C 156 -22.81 -31.44 40.43
C SER C 156 -23.05 -32.40 39.26
N GLN C 157 -22.01 -32.68 38.48
CA GLN C 157 -22.12 -33.68 37.44
C GLN C 157 -21.16 -34.84 37.61
N LEU C 158 -20.04 -34.65 38.32
CA LEU C 158 -19.14 -35.75 38.63
C LEU C 158 -19.50 -36.42 39.94
N GLU C 159 -20.45 -35.86 40.69
CA GLU C 159 -20.98 -36.52 41.86
C GLU C 159 -22.19 -37.36 41.53
N ILE C 160 -23.13 -36.83 40.75
CA ILE C 160 -24.28 -37.60 40.34
C ILE C 160 -23.86 -38.80 39.51
N GLN C 161 -22.78 -38.68 38.75
CA GLN C 161 -22.09 -39.82 38.14
C GLN C 161 -21.99 -40.96 39.14
N GLN C 162 -21.27 -40.73 40.24
CA GLN C 162 -20.95 -41.80 41.17
C GLN C 162 -22.14 -42.21 42.02
N MET C 163 -22.97 -41.28 42.44
CA MET C 163 -24.17 -41.64 43.19
C MET C 163 -25.10 -42.51 42.36
N SER C 164 -25.35 -42.13 41.11
CA SER C 164 -26.20 -42.93 40.25
C SER C 164 -25.59 -44.28 39.93
N ASN C 165 -24.27 -44.35 39.70
CA ASN C 165 -23.69 -45.66 39.44
C ASN C 165 -23.77 -46.56 40.67
N THR C 166 -23.35 -46.07 41.83
CA THR C 166 -23.35 -46.89 43.03
C THR C 166 -24.74 -47.36 43.41
N LEU C 167 -25.73 -46.48 43.29
CA LEU C 167 -27.05 -46.80 43.81
C LEU C 167 -27.69 -47.92 43.00
N ASN C 168 -27.51 -47.88 41.67
CA ASN C 168 -27.86 -49.01 40.82
C ASN C 168 -27.04 -50.24 41.15
N LEU C 169 -25.74 -50.08 41.33
CA LEU C 169 -24.83 -51.19 41.54
C LEU C 169 -25.14 -51.91 42.83
N LEU C 170 -25.91 -51.28 43.70
CA LEU C 170 -26.27 -51.81 45.01
C LEU C 170 -27.69 -52.36 45.05
N THR C 171 -28.63 -51.74 44.32
CA THR C 171 -29.91 -52.39 44.07
C THR C 171 -29.74 -53.75 43.40
N SER C 172 -28.93 -53.78 42.34
CA SER C 172 -28.75 -55.02 41.59
C SER C 172 -27.90 -56.05 42.35
N ALA C 173 -27.29 -55.68 43.46
CA ALA C 173 -26.60 -56.63 44.31
C ALA C 173 -27.46 -57.15 45.45
N ARG C 174 -28.42 -56.33 45.87
CA ARG C 174 -29.36 -56.73 46.92
C ARG C 174 -30.27 -57.82 46.33
N SER C 175 -30.67 -57.59 45.08
CA SER C 175 -31.55 -58.49 44.34
C SER C 175 -30.94 -59.86 44.07
N ASP C 176 -29.66 -59.89 43.76
CA ASP C 176 -28.97 -61.14 43.48
C ASP C 176 -29.04 -61.98 44.74
N MET C 177 -28.88 -61.31 45.88
CA MET C 177 -28.94 -61.98 47.17
C MET C 177 -30.32 -62.59 47.41
N GLN C 178 -31.36 -61.88 47.01
CA GLN C 178 -32.72 -62.39 47.22
C GLN C 178 -33.02 -63.60 46.35
N SER C 179 -32.58 -63.57 45.09
CA SER C 179 -32.80 -64.72 44.22
C SER C 179 -32.05 -65.94 44.73
N LEU C 180 -30.80 -65.76 45.17
CA LEU C 180 -30.04 -66.89 45.72
C LEU C 180 -30.70 -67.43 46.98
N GLN C 181 -31.19 -66.55 47.86
CA GLN C 181 -31.88 -66.99 49.06
C GLN C 181 -33.09 -67.83 48.72
N TYR C 182 -33.81 -67.47 47.66
CA TYR C 182 -34.94 -68.29 47.25
C TYR C 182 -34.48 -69.64 46.72
N ARG C 183 -33.50 -69.64 45.80
CA ARG C 183 -33.12 -70.90 45.15
C ARG C 183 -32.42 -71.86 46.10
N THR C 184 -31.84 -71.37 47.19
CA THR C 184 -31.18 -72.27 48.14
C THR C 184 -32.19 -73.09 48.92
N ILE C 185 -33.30 -72.47 49.33
CA ILE C 185 -34.28 -73.15 50.17
C ILE C 185 -35.26 -73.97 49.35
N SER C 186 -35.36 -73.72 48.05
CA SER C 186 -36.26 -74.50 47.21
C SER C 186 -35.79 -75.93 47.03
N GLY C 187 -34.52 -76.22 47.29
CA GLY C 187 -33.96 -77.54 47.09
C GLY C 187 -34.10 -78.49 48.25
N ILE C 188 -34.81 -78.10 49.31
CA ILE C 188 -35.06 -78.97 50.46
C ILE C 188 -36.43 -79.58 50.32
N SER C 189 -36.48 -80.91 50.16
CA SER C 189 -37.72 -81.64 49.99
C SER C 189 -38.05 -82.37 51.28
N LEU C 190 -39.25 -82.12 51.81
CA LEU C 190 -39.66 -82.65 53.10
C LEU C 190 -40.26 -84.04 52.91
N GLY C 191 -39.81 -85.00 53.72
CA GLY C 191 -40.37 -86.33 53.68
C GLY C 191 -40.03 -87.13 52.45
N LYS C 192 -38.93 -86.84 51.78
CA LYS C 192 -38.55 -87.59 50.59
C LYS C 192 -37.07 -87.97 50.64
N SER D 19 -46.75 -26.91 35.02
CA SER D 19 -46.58 -27.81 33.89
C SER D 19 -46.31 -29.22 34.36
N MET D 20 -46.02 -29.36 35.64
CA MET D 20 -45.75 -30.65 36.25
C MET D 20 -46.63 -30.87 37.47
N ALA D 21 -46.44 -32.01 38.13
CA ALA D 21 -47.31 -32.42 39.23
C ALA D 21 -47.03 -31.61 40.49
N TYR D 22 -45.78 -31.59 40.93
CA TYR D 22 -45.42 -31.01 42.21
C TYR D 22 -44.85 -29.60 42.00
N ASP D 23 -45.37 -28.64 42.74
CA ASP D 23 -44.98 -27.24 42.64
C ASP D 23 -43.89 -26.91 43.66
N LEU D 24 -42.67 -27.35 43.37
CA LEU D 24 -41.54 -27.19 44.28
C LEU D 24 -41.14 -25.74 44.49
N GLY D 25 -41.84 -24.78 43.87
CA GLY D 25 -41.48 -23.38 44.02
C GLY D 25 -41.86 -22.77 45.35
N SER D 26 -42.77 -23.42 46.07
CA SER D 26 -43.22 -22.91 47.37
C SER D 26 -42.77 -23.77 48.54
N MET D 27 -42.65 -25.07 48.35
CA MET D 27 -42.29 -25.97 49.45
C MET D 27 -40.90 -25.65 49.98
N SER D 28 -40.78 -25.63 51.29
CA SER D 28 -39.51 -25.37 51.94
C SER D 28 -38.57 -26.55 51.74
N LYS D 29 -37.38 -26.47 52.32
CA LYS D 29 -36.41 -27.56 52.12
C LYS D 29 -36.82 -28.81 52.87
N ASP D 30 -37.28 -28.65 54.11
CA ASP D 30 -37.66 -29.82 54.90
C ASP D 30 -38.95 -30.47 54.43
N ASP D 31 -39.67 -29.83 53.51
CA ASP D 31 -40.78 -30.47 52.82
C ASP D 31 -40.35 -31.08 51.50
N VAL D 32 -39.40 -30.46 50.81
CA VAL D 32 -38.87 -31.07 49.59
C VAL D 32 -38.16 -32.38 49.90
N ILE D 33 -37.43 -32.43 51.02
CA ILE D 33 -36.73 -33.67 51.36
C ILE D 33 -37.73 -34.78 51.66
N ASP D 34 -38.79 -34.48 52.40
CA ASP D 34 -39.80 -35.49 52.68
C ASP D 34 -40.55 -35.90 51.43
N LEU D 35 -40.77 -34.96 50.50
CA LEU D 35 -41.34 -35.31 49.22
C LEU D 35 -40.45 -36.28 48.45
N PHE D 36 -39.16 -35.96 48.36
CA PHE D 36 -38.23 -36.83 47.65
C PHE D 36 -38.09 -38.19 48.31
N ASN D 37 -38.26 -38.26 49.63
CA ASN D 37 -38.30 -39.55 50.29
C ASN D 37 -39.56 -40.32 49.96
N LYS D 38 -40.69 -39.64 49.79
CA LYS D 38 -41.90 -40.34 49.35
C LYS D 38 -41.70 -40.95 47.97
N LEU D 39 -41.08 -40.24 47.04
CA LEU D 39 -40.71 -40.79 45.75
C LEU D 39 -39.47 -41.66 45.94
N GLY D 40 -38.89 -42.10 44.84
CA GLY D 40 -37.69 -42.92 44.90
C GLY D 40 -36.44 -42.09 45.03
N VAL D 41 -35.32 -42.68 44.59
CA VAL D 41 -34.08 -41.95 44.47
C VAL D 41 -33.82 -41.52 43.03
N PHE D 42 -34.29 -42.28 42.04
CA PHE D 42 -34.15 -41.91 40.64
C PHE D 42 -35.18 -40.88 40.20
N GLN D 43 -36.40 -40.98 40.73
CA GLN D 43 -37.40 -39.99 40.35
C GLN D 43 -37.29 -38.70 41.13
N ALA D 44 -36.63 -38.70 42.28
CA ALA D 44 -36.22 -37.42 42.86
C ALA D 44 -35.28 -36.70 41.91
N ALA D 45 -34.33 -37.44 41.32
CA ALA D 45 -33.43 -36.84 40.35
C ALA D 45 -34.19 -36.37 39.13
N ILE D 46 -35.18 -37.13 38.67
CA ILE D 46 -35.93 -36.68 37.49
C ILE D 46 -36.75 -35.43 37.79
N LEU D 47 -37.40 -35.33 38.96
CA LEU D 47 -38.05 -34.05 39.28
C LEU D 47 -37.06 -32.91 39.40
N MET D 48 -35.91 -33.13 40.03
CA MET D 48 -34.96 -32.04 40.19
C MET D 48 -34.50 -31.53 38.83
N PHE D 49 -34.22 -32.44 37.90
CA PHE D 49 -33.81 -32.03 36.56
C PHE D 49 -34.96 -31.42 35.78
N ALA D 50 -36.18 -31.90 35.96
CA ALA D 50 -37.30 -31.32 35.22
C ALA D 50 -37.61 -29.91 35.70
N TYR D 51 -37.53 -29.67 37.01
CA TYR D 51 -37.74 -28.31 37.50
C TYR D 51 -36.60 -27.39 37.09
N MET D 52 -35.35 -27.86 37.10
CA MET D 52 -34.27 -27.03 36.60
C MET D 52 -34.46 -26.72 35.12
N TYR D 53 -34.94 -27.69 34.34
CA TYR D 53 -35.23 -27.42 32.94
C TYR D 53 -36.34 -26.40 32.77
N GLN D 54 -37.39 -26.47 33.58
CA GLN D 54 -38.43 -25.45 33.48
C GLN D 54 -37.90 -24.07 33.82
N ALA D 55 -37.10 -23.96 34.87
CA ALA D 55 -36.57 -22.65 35.24
C ALA D 55 -35.68 -22.08 34.12
N GLN D 56 -34.82 -22.92 33.55
CA GLN D 56 -33.95 -22.45 32.47
C GLN D 56 -34.76 -22.08 31.23
N SER D 57 -35.77 -22.89 30.88
CA SER D 57 -36.55 -22.56 29.70
C SER D 57 -37.35 -21.30 29.90
N ASP D 58 -37.85 -21.05 31.13
CA ASP D 58 -38.55 -19.80 31.38
C ASP D 58 -37.63 -18.60 31.25
N LEU D 59 -36.41 -18.69 31.78
CA LEU D 59 -35.46 -17.60 31.57
C LEU D 59 -35.25 -17.35 30.08
N SER D 60 -34.94 -18.41 29.32
CA SER D 60 -34.61 -18.23 27.92
C SER D 60 -35.79 -17.70 27.13
N ILE D 61 -37.00 -18.18 27.40
CA ILE D 61 -38.15 -17.69 26.63
C ILE D 61 -38.48 -16.26 27.01
N ALA D 62 -38.38 -15.89 28.28
CA ALA D 62 -38.56 -14.49 28.62
C ALA D 62 -37.48 -13.61 28.02
N LYS D 63 -36.32 -14.19 27.68
CA LYS D 63 -35.34 -13.45 26.89
C LYS D 63 -35.75 -13.34 25.42
N PHE D 64 -36.32 -14.41 24.86
CA PHE D 64 -36.68 -14.40 23.45
C PHE D 64 -37.86 -13.50 23.15
N ALA D 65 -38.66 -13.13 24.15
CA ALA D 65 -39.77 -12.21 23.94
C ALA D 65 -39.37 -10.76 24.12
N ASP D 66 -38.12 -10.48 24.50
CA ASP D 66 -37.57 -9.14 24.48
C ASP D 66 -36.90 -8.80 23.16
N MET D 67 -36.81 -9.75 22.24
CA MET D 67 -36.27 -9.51 20.92
C MET D 67 -37.36 -9.43 19.86
N ASN D 68 -38.45 -10.18 20.04
CA ASN D 68 -39.64 -9.92 19.24
C ASN D 68 -40.17 -8.51 19.43
N GLU D 69 -39.88 -7.87 20.56
CA GLU D 69 -40.22 -6.45 20.67
C GLU D 69 -39.47 -5.63 19.63
N ALA D 70 -38.18 -5.88 19.47
CA ALA D 70 -37.39 -5.16 18.48
C ALA D 70 -37.87 -5.46 17.06
N SER D 71 -38.15 -6.73 16.75
CA SER D 71 -38.61 -7.03 15.40
C SER D 71 -40.02 -6.48 15.15
N LYS D 72 -40.88 -6.46 16.16
CA LYS D 72 -42.20 -5.85 15.99
C LYS D 72 -42.09 -4.36 15.72
N GLU D 73 -41.22 -3.67 16.46
CA GLU D 73 -41.01 -2.25 16.18
C GLU D 73 -40.50 -2.03 14.77
N SER D 74 -39.57 -2.88 14.33
CA SER D 74 -39.04 -2.71 12.97
C SER D 74 -40.11 -2.91 11.93
N THR D 75 -40.95 -3.93 12.06
CA THR D 75 -41.96 -4.14 11.03
C THR D 75 -43.02 -3.04 11.04
N THR D 76 -43.45 -2.55 12.21
CA THR D 76 -44.42 -1.45 12.20
C THR D 76 -43.83 -0.19 11.60
N ALA D 77 -42.57 0.12 11.95
CA ALA D 77 -41.93 1.30 11.37
C ALA D 77 -41.81 1.18 9.86
N GLN D 78 -41.46 -0.01 9.36
CA GLN D 78 -41.36 -0.20 7.92
C GLN D 78 -42.72 -0.05 7.25
N LYS D 79 -43.79 -0.54 7.87
CA LYS D 79 -45.12 -0.36 7.29
C LYS D 79 -45.49 1.11 7.20
N MET D 80 -45.23 1.87 8.26
CA MET D 80 -45.52 3.30 8.23
C MET D 80 -44.71 4.01 7.15
N ALA D 81 -43.42 3.69 7.05
CA ALA D 81 -42.59 4.30 6.02
C ALA D 81 -43.09 3.97 4.62
N ASN D 82 -43.58 2.75 4.41
CA ASN D 82 -44.14 2.40 3.11
C ASN D 82 -45.43 3.13 2.83
N LEU D 83 -46.25 3.40 3.84
CA LEU D 83 -47.43 4.25 3.60
C LEU D 83 -47.03 5.66 3.19
N VAL D 84 -46.00 6.21 3.83
CA VAL D 84 -45.54 7.55 3.44
C VAL D 84 -44.96 7.53 2.03
N ASP D 85 -44.26 6.47 1.64
CA ASP D 85 -43.81 6.36 0.26
C ASP D 85 -44.97 6.26 -0.73
N ALA D 86 -46.00 5.48 -0.40
CA ALA D 86 -47.18 5.45 -1.26
C ALA D 86 -47.81 6.83 -1.41
N LYS D 87 -47.80 7.63 -0.35
CA LYS D 87 -48.29 8.99 -0.42
C LYS D 87 -47.41 9.90 -1.28
N ILE D 88 -46.09 9.76 -1.19
CA ILE D 88 -45.20 10.58 -2.01
C ILE D 88 -45.36 10.25 -3.50
N ALA D 89 -45.60 8.99 -3.83
CA ALA D 89 -45.70 8.57 -5.23
C ALA D 89 -46.91 9.14 -5.96
N ASP D 90 -47.67 10.02 -5.31
CA ASP D 90 -48.76 10.74 -5.93
C ASP D 90 -48.58 12.25 -5.88
N VAL D 91 -47.61 12.76 -5.12
CA VAL D 91 -47.35 14.19 -5.04
C VAL D 91 -46.08 14.46 -5.82
N GLN D 92 -45.32 13.41 -6.11
CA GLN D 92 -44.21 13.54 -7.05
C GLN D 92 -44.72 13.57 -8.48
N SER D 93 -45.75 12.79 -8.80
CA SER D 93 -46.36 12.79 -10.11
C SER D 93 -47.40 13.91 -10.26
N SER D 94 -47.45 14.82 -9.30
CA SER D 94 -48.42 15.91 -9.34
C SER D 94 -47.95 16.98 -10.33
N SER D 95 -48.84 17.34 -11.26
CA SER D 95 -48.49 18.31 -12.29
C SER D 95 -48.22 19.69 -11.69
N ASP D 96 -48.88 20.01 -10.58
CA ASP D 96 -48.79 21.33 -9.97
C ASP D 96 -47.48 21.44 -9.18
N LYS D 97 -47.36 22.47 -8.35
CA LYS D 97 -46.28 22.50 -7.38
C LYS D 97 -46.48 21.38 -6.37
N ASN D 98 -45.37 20.78 -5.93
CA ASN D 98 -45.46 19.57 -5.10
C ASN D 98 -45.69 19.89 -3.63
N ALA D 99 -46.70 20.71 -3.34
CA ALA D 99 -47.18 20.88 -1.97
C ALA D 99 -48.69 20.71 -1.97
N LYS D 100 -49.14 19.47 -2.03
CA LYS D 100 -50.52 19.06 -1.74
C LYS D 100 -50.41 17.62 -1.26
N ALA D 101 -50.29 17.45 0.06
CA ALA D 101 -50.03 16.13 0.60
C ALA D 101 -50.33 16.12 2.08
N GLN D 102 -50.85 14.98 2.54
CA GLN D 102 -51.07 14.73 3.95
C GLN D 102 -50.75 13.26 4.21
N LEU D 103 -50.27 12.98 5.41
CA LEU D 103 -50.02 11.60 5.76
C LEU D 103 -51.33 10.86 5.92
N PRO D 104 -51.38 9.57 5.59
CA PRO D 104 -52.60 8.80 5.83
C PRO D 104 -52.89 8.68 7.31
N ASP D 105 -54.18 8.58 7.64
CA ASP D 105 -54.65 8.84 9.00
C ASP D 105 -54.00 7.91 10.02
N GLU D 106 -53.48 6.76 9.59
CA GLU D 106 -52.83 5.85 10.54
C GLU D 106 -51.41 6.30 10.88
N VAL D 107 -50.71 6.91 9.93
CA VAL D 107 -49.36 7.39 10.22
C VAL D 107 -49.40 8.52 11.24
N ILE D 108 -50.42 9.38 11.19
CA ILE D 108 -50.54 10.45 12.19
C ILE D 108 -50.64 9.85 13.58
N SER D 109 -51.50 8.84 13.75
CA SER D 109 -51.58 8.19 15.04
C SER D 109 -50.31 7.44 15.40
N TYR D 110 -49.52 7.00 14.41
CA TYR D 110 -48.22 6.42 14.73
C TYR D 110 -47.28 7.45 15.34
N ILE D 111 -47.11 8.60 14.69
CA ILE D 111 -46.21 9.62 15.26
C ILE D 111 -46.74 10.15 16.59
N ASN D 112 -48.03 10.48 16.66
CA ASN D 112 -48.57 11.13 17.84
C ASN D 112 -48.63 10.22 19.07
N ASP D 113 -48.44 8.92 18.91
CA ASP D 113 -48.47 8.02 20.05
C ASP D 113 -47.25 8.24 20.91
N PRO D 114 -47.36 8.17 22.24
CA PRO D 114 -46.24 8.57 23.11
C PRO D 114 -45.13 7.53 23.26
N ARG D 115 -45.39 6.25 23.04
CA ARG D 115 -44.44 5.21 23.38
C ARG D 115 -43.46 4.91 22.26
N ASN D 116 -43.20 5.88 21.37
CA ASN D 116 -42.30 5.66 20.25
C ASN D 116 -41.13 6.64 20.18
N ASP D 117 -41.25 7.84 20.74
CA ASP D 117 -40.19 8.85 20.70
C ASP D 117 -39.72 9.07 19.27
N ILE D 118 -40.63 9.58 18.45
CA ILE D 118 -40.47 9.61 17.01
C ILE D 118 -40.46 11.06 16.51
N THR D 119 -39.85 11.95 17.28
CA THR D 119 -39.64 13.33 16.85
C THR D 119 -39.05 13.39 15.43
N ILE D 120 -39.77 13.98 14.48
CA ILE D 120 -39.48 13.84 13.06
C ILE D 120 -39.17 15.19 12.41
N SER D 121 -40.15 16.09 12.37
CA SER D 121 -40.12 17.21 11.44
C SER D 121 -39.54 18.48 12.05
N GLY D 122 -40.00 18.84 13.24
CA GLY D 122 -39.71 20.16 13.75
C GLY D 122 -40.47 21.24 13.02
N ILE D 123 -41.60 20.88 12.41
CA ILE D 123 -42.39 21.81 11.61
C ILE D 123 -43.81 21.81 12.13
N ASP D 124 -44.51 22.93 11.91
CA ASP D 124 -45.81 23.16 12.52
C ASP D 124 -46.91 22.42 11.79
N ASN D 125 -47.94 22.04 12.56
CA ASN D 125 -49.26 21.69 12.04
C ASN D 125 -49.18 20.58 10.99
N ILE D 126 -48.81 19.40 11.47
CA ILE D 126 -49.01 18.20 10.67
C ILE D 126 -50.52 18.06 10.41
N ASN D 127 -50.85 17.30 9.36
CA ASN D 127 -52.15 17.14 8.71
C ASN D 127 -52.51 18.29 7.80
N ALA D 128 -51.80 19.42 7.84
CA ALA D 128 -52.05 20.50 6.89
C ALA D 128 -50.85 21.45 6.89
N GLN D 129 -49.96 21.30 5.91
CA GLN D 129 -49.79 20.14 5.06
C GLN D 129 -48.30 20.17 4.74
N LEU D 130 -47.70 19.05 4.34
CA LEU D 130 -46.24 18.98 4.20
C LEU D 130 -45.86 18.55 2.80
N GLY D 131 -45.89 19.50 1.86
CA GLY D 131 -45.14 19.45 0.62
C GLY D 131 -45.04 18.12 -0.10
N ALA D 132 -43.92 17.92 -0.80
CA ALA D 132 -43.46 16.59 -1.19
C ALA D 132 -41.96 16.41 -1.05
N GLY D 133 -41.22 17.46 -0.68
CA GLY D 133 -39.79 17.36 -0.55
C GLY D 133 -39.38 17.42 0.91
N ASP D 134 -40.32 17.81 1.76
CA ASP D 134 -40.16 17.69 3.21
C ASP D 134 -40.89 16.48 3.77
N LEU D 135 -41.70 15.80 2.96
CA LEU D 135 -42.24 14.50 3.32
C LEU D 135 -41.15 13.43 3.29
N GLN D 136 -40.08 13.68 2.55
CA GLN D 136 -38.92 12.79 2.58
C GLN D 136 -38.29 12.76 3.95
N THR D 137 -38.32 13.89 4.67
CA THR D 137 -37.80 13.90 6.04
C THR D 137 -38.62 13.00 6.94
N VAL D 138 -39.95 13.04 6.81
CA VAL D 138 -40.80 12.17 7.61
C VAL D 138 -40.51 10.71 7.29
N LYS D 139 -40.43 10.39 5.99
CA LYS D 139 -40.14 9.00 5.61
C LYS D 139 -38.80 8.53 6.16
N ALA D 140 -37.78 9.38 6.06
CA ALA D 140 -36.47 9.01 6.58
C ALA D 140 -36.44 8.86 8.09
N ALA D 141 -37.11 9.75 8.82
CA ALA D 141 -37.14 9.66 10.27
C ALA D 141 -38.01 8.52 10.78
N ILE D 142 -38.96 8.04 9.98
CA ILE D 142 -39.71 6.85 10.36
C ILE D 142 -38.92 5.58 10.04
N SER D 143 -38.36 5.51 8.84
CA SER D 143 -37.61 4.32 8.44
C SER D 143 -36.19 4.32 8.95
N ALA D 144 -35.80 5.27 9.80
CA ALA D 144 -34.54 5.17 10.50
C ALA D 144 -34.66 4.49 11.86
N LYS D 145 -35.86 4.41 12.40
CA LYS D 145 -36.10 3.67 13.64
C LYS D 145 -36.46 2.22 13.35
N ALA D 146 -36.55 1.85 12.08
CA ALA D 146 -36.74 0.46 11.69
C ALA D 146 -35.45 -0.32 11.61
N ASN D 147 -34.31 0.34 11.78
CA ASN D 147 -33.00 -0.30 11.61
C ASN D 147 -32.40 -0.69 12.96
N ASN D 148 -33.12 -1.51 13.72
CA ASN D 148 -32.70 -1.86 15.07
C ASN D 148 -32.61 -3.37 15.28
N LEU D 149 -32.13 -4.12 14.28
CA LEU D 149 -31.94 -5.54 14.44
C LEU D 149 -30.48 -5.94 14.63
N THR D 150 -29.58 -4.97 14.81
CA THR D 150 -28.22 -5.29 15.15
C THR D 150 -27.89 -4.96 16.59
N THR D 151 -28.59 -4.01 17.21
CA THR D 151 -28.41 -3.78 18.63
C THR D 151 -28.93 -4.93 19.47
N THR D 152 -29.82 -5.75 18.92
CA THR D 152 -30.35 -6.92 19.61
C THR D 152 -29.70 -8.22 19.15
N VAL D 153 -28.71 -8.15 18.28
CA VAL D 153 -27.83 -9.27 17.98
C VAL D 153 -26.47 -9.07 18.62
N ASN D 154 -26.02 -7.83 18.78
CA ASN D 154 -24.80 -7.59 19.51
C ASN D 154 -24.98 -7.85 21.00
N ASN D 155 -26.16 -7.53 21.53
CA ASN D 155 -26.42 -7.63 22.96
C ASN D 155 -26.79 -9.03 23.43
N SER D 156 -27.11 -9.93 22.51
CA SER D 156 -27.73 -11.20 22.88
C SER D 156 -27.11 -12.36 22.12
N GLN D 157 -25.79 -12.44 22.08
CA GLN D 157 -25.13 -13.59 21.48
C GLN D 157 -24.25 -14.36 22.45
N LEU D 158 -23.77 -13.73 23.52
CA LEU D 158 -23.04 -14.43 24.55
C LEU D 158 -23.95 -14.96 25.64
N GLU D 159 -25.22 -14.60 25.61
CA GLU D 159 -26.21 -15.19 26.50
C GLU D 159 -26.87 -16.41 25.88
N ILE D 160 -27.29 -16.30 24.62
CA ILE D 160 -27.86 -17.45 23.94
C ILE D 160 -26.86 -18.59 23.83
N GLN D 161 -25.56 -18.27 23.72
CA GLN D 161 -24.49 -19.22 23.91
C GLN D 161 -24.77 -20.10 25.12
N GLN D 162 -24.83 -19.49 26.30
CA GLN D 162 -24.91 -20.24 27.54
C GLN D 162 -26.29 -20.87 27.76
N MET D 163 -27.36 -20.16 27.41
CA MET D 163 -28.69 -20.75 27.53
C MET D 163 -28.84 -21.99 26.67
N SER D 164 -28.41 -21.90 25.40
CA SER D 164 -28.49 -23.05 24.52
C SER D 164 -27.58 -24.19 24.97
N ASN D 165 -26.38 -23.88 25.46
CA ASN D 165 -25.55 -24.98 25.93
C ASN D 165 -26.14 -25.66 27.16
N THR D 166 -26.54 -24.88 28.17
CA THR D 166 -27.06 -25.45 29.41
C THR D 166 -28.33 -26.25 29.15
N LEU D 167 -29.22 -25.74 28.30
CA LEU D 167 -30.53 -26.36 28.16
C LEU D 167 -30.41 -27.74 27.52
N ASN D 168 -29.53 -27.86 26.52
CA ASN D 168 -29.15 -29.17 25.98
C ASN D 168 -28.46 -30.03 27.03
N LEU D 169 -27.53 -29.44 27.78
CA LEU D 169 -26.73 -30.19 28.73
C LEU D 169 -27.58 -30.75 29.86
N LEU D 170 -28.80 -30.24 29.99
CA LEU D 170 -29.73 -30.64 31.03
C LEU D 170 -30.82 -31.59 30.52
N THR D 171 -31.27 -31.40 29.27
CA THR D 171 -32.08 -32.44 28.63
C THR D 171 -31.33 -33.77 28.57
N SER D 172 -30.08 -33.74 28.13
CA SER D 172 -29.30 -34.96 27.99
C SER D 172 -28.86 -35.55 29.32
N ALA D 173 -29.06 -34.84 30.42
CA ALA D 173 -28.81 -35.38 31.75
C ALA D 173 -30.06 -35.94 32.39
N ARG D 174 -31.22 -35.40 32.03
CA ARG D 174 -32.49 -35.89 32.53
C ARG D 174 -32.72 -37.27 31.92
N SER D 175 -32.39 -37.39 30.64
CA SER D 175 -32.54 -38.62 29.86
C SER D 175 -31.68 -39.76 30.37
N ASP D 176 -30.45 -39.45 30.75
CA ASP D 176 -29.53 -40.47 31.25
C ASP D 176 -30.15 -41.07 32.49
N MET D 177 -30.77 -40.21 33.30
CA MET D 177 -31.42 -40.64 34.53
C MET D 177 -32.57 -41.59 34.22
N GLN D 178 -33.32 -41.31 33.15
CA GLN D 178 -34.46 -42.16 32.81
C GLN D 178 -34.01 -43.54 32.31
N SER D 179 -32.96 -43.57 31.49
CA SER D 179 -32.45 -44.86 31.03
C SER D 179 -31.93 -45.71 32.19
N LEU D 180 -31.19 -45.09 33.11
CA LEU D 180 -30.70 -45.83 34.27
C LEU D 180 -31.85 -46.33 35.14
N GLN D 181 -32.88 -45.51 35.33
CA GLN D 181 -34.04 -45.92 36.11
C GLN D 181 -34.69 -47.14 35.49
N TYR D 182 -34.75 -47.19 34.16
CA TYR D 182 -35.30 -48.37 33.50
C TYR D 182 -34.41 -49.58 33.71
N ARG D 183 -33.11 -49.44 33.45
CA ARG D 183 -32.23 -50.61 33.49
C ARG D 183 -32.02 -51.14 34.89
N THR D 184 -32.24 -50.34 35.92
CA THR D 184 -32.08 -50.84 37.29
C THR D 184 -33.21 -51.78 37.68
N ILE D 185 -34.44 -51.47 37.27
CA ILE D 185 -35.59 -52.27 37.68
C ILE D 185 -35.79 -53.47 36.77
N SER D 186 -35.19 -53.47 35.58
CA SER D 186 -35.32 -54.61 34.68
C SER D 186 -34.61 -55.85 35.20
N GLY D 187 -33.67 -55.69 36.14
CA GLY D 187 -32.88 -56.79 36.65
C GLY D 187 -33.50 -57.54 37.80
N ILE D 188 -34.72 -57.22 38.20
CA ILE D 188 -35.42 -57.91 39.27
C ILE D 188 -36.35 -58.94 38.66
N SER D 189 -36.08 -60.21 38.91
CA SER D 189 -36.88 -61.31 38.38
C SER D 189 -37.76 -61.88 39.48
N LEU D 190 -39.06 -61.92 39.23
CA LEU D 190 -40.03 -62.34 40.24
C LEU D 190 -40.19 -63.86 40.21
N GLY D 191 -40.11 -64.48 41.38
CA GLY D 191 -40.32 -65.92 41.47
C GLY D 191 -39.23 -66.77 40.87
N LYS D 192 -38.00 -66.26 40.79
CA LYS D 192 -36.90 -67.05 40.23
C LYS D 192 -35.67 -66.95 41.12
N SER E 19 -45.01 -15.08 5.27
CA SER E 19 -44.11 -16.07 4.70
C SER E 19 -43.90 -17.24 5.65
N MET E 20 -44.35 -17.08 6.89
CA MET E 20 -44.25 -18.11 7.90
C MET E 20 -45.62 -18.38 8.52
N ALA E 21 -45.63 -19.29 9.50
CA ALA E 21 -46.89 -19.76 10.08
C ALA E 21 -47.49 -18.71 11.01
N TYR E 22 -46.72 -18.24 11.98
CA TYR E 22 -47.23 -17.38 13.03
C TYR E 22 -46.89 -15.93 12.72
N ASP E 23 -47.90 -15.06 12.79
CA ASP E 23 -47.74 -13.64 12.47
C ASP E 23 -47.47 -12.84 13.74
N LEU E 24 -46.24 -12.92 14.24
CA LEU E 24 -45.85 -12.29 15.49
C LEU E 24 -45.89 -10.77 15.43
N GLY E 25 -46.28 -10.18 14.30
CA GLY E 25 -46.30 -8.74 14.18
C GLY E 25 -47.45 -8.06 14.88
N SER E 26 -48.49 -8.82 15.22
CA SER E 26 -49.65 -8.27 15.91
C SER E 26 -49.79 -8.75 17.34
N MET E 27 -49.37 -9.98 17.64
CA MET E 27 -49.53 -10.54 18.97
C MET E 27 -48.75 -9.73 20.00
N SER E 28 -49.39 -9.46 21.13
CA SER E 28 -48.75 -8.72 22.21
C SER E 28 -47.67 -9.58 22.86
N LYS E 29 -47.04 -9.05 23.91
CA LYS E 29 -45.97 -9.81 24.53
C LYS E 29 -46.50 -10.99 25.33
N ASP E 30 -47.59 -10.80 26.06
CA ASP E 30 -48.14 -11.87 26.87
C ASP E 30 -48.82 -12.95 26.04
N ASP E 31 -49.01 -12.71 24.74
CA ASP E 31 -49.43 -13.76 23.83
C ASP E 31 -48.25 -14.41 23.13
N VAL E 32 -47.18 -13.66 22.86
CA VAL E 32 -45.98 -14.27 22.31
C VAL E 32 -45.35 -15.23 23.31
N ILE E 33 -45.36 -14.88 24.60
CA ILE E 33 -44.78 -15.78 25.59
C ILE E 33 -45.58 -17.08 25.67
N ASP E 34 -46.91 -16.99 25.66
CA ASP E 34 -47.72 -18.20 25.70
C ASP E 34 -47.56 -19.02 24.42
N LEU E 35 -47.38 -18.35 23.28
CA LEU E 35 -47.08 -19.06 22.05
C LEU E 35 -45.76 -19.82 22.16
N PHE E 36 -44.72 -19.15 22.63
CA PHE E 36 -43.42 -19.80 22.76
C PHE E 36 -43.45 -20.93 23.78
N ASN E 37 -44.31 -20.83 24.80
CA ASN E 37 -44.48 -21.95 25.71
C ASN E 37 -45.20 -23.11 25.04
N LYS E 38 -46.14 -22.84 24.13
CA LYS E 38 -46.76 -23.93 23.39
C LYS E 38 -45.74 -24.67 22.55
N LEU E 39 -44.84 -23.95 21.88
CA LEU E 39 -43.73 -24.58 21.18
C LEU E 39 -42.67 -25.00 22.20
N GLY E 40 -41.51 -25.40 21.72
CA GLY E 40 -40.44 -25.81 22.61
C GLY E 40 -39.63 -24.63 23.09
N VAL E 41 -38.38 -24.91 23.46
CA VAL E 41 -37.41 -23.87 23.75
C VAL E 41 -36.49 -23.61 22.58
N PHE E 42 -36.18 -24.64 21.77
CA PHE E 42 -35.35 -24.47 20.58
C PHE E 42 -36.14 -23.89 19.41
N GLN E 43 -37.40 -24.27 19.26
CA GLN E 43 -38.16 -23.70 18.16
C GLN E 43 -38.73 -22.33 18.47
N ALA E 44 -38.83 -21.94 19.74
CA ALA E 44 -39.02 -20.53 20.03
C ALA E 44 -37.85 -19.72 19.50
N ALA E 45 -36.63 -20.21 19.72
CA ALA E 45 -35.46 -19.54 19.18
C ALA E 45 -35.48 -19.52 17.66
N ILE E 46 -35.91 -20.61 17.03
CA ILE E 46 -35.93 -20.60 15.56
C ILE E 46 -36.97 -19.63 15.03
N LEU E 47 -38.17 -19.54 15.63
CA LEU E 47 -39.09 -18.49 15.19
C LEU E 47 -38.54 -17.10 15.44
N MET E 48 -37.92 -16.86 16.58
CA MET E 48 -37.41 -15.52 16.86
C MET E 48 -36.37 -15.12 15.83
N PHE E 49 -35.48 -16.04 15.48
CA PHE E 49 -34.47 -15.75 14.47
C PHE E 49 -35.06 -15.65 13.07
N ALA E 50 -36.10 -16.44 12.76
CA ALA E 50 -36.70 -16.36 11.44
C ALA E 50 -37.44 -15.04 11.25
N TYR E 51 -38.14 -14.58 12.28
CA TYR E 51 -38.81 -13.29 12.18
C TYR E 51 -37.81 -12.14 12.12
N MET E 52 -36.72 -12.21 12.90
CA MET E 52 -35.70 -11.19 12.77
C MET E 52 -35.08 -11.19 11.38
N TYR E 53 -34.89 -12.37 10.79
CA TYR E 53 -34.38 -12.43 9.42
C TYR E 53 -35.36 -11.84 8.43
N GLN E 54 -36.66 -12.08 8.59
CA GLN E 54 -37.63 -11.47 7.69
C GLN E 54 -37.62 -9.95 7.82
N ALA E 55 -37.56 -9.43 9.05
CA ALA E 55 -37.54 -7.98 9.22
C ALA E 55 -36.30 -7.37 8.57
N GLN E 56 -35.13 -7.97 8.78
CA GLN E 56 -33.91 -7.45 8.19
C GLN E 56 -33.93 -7.56 6.66
N SER E 57 -34.43 -8.67 6.12
CA SER E 57 -34.48 -8.80 4.67
C SER E 57 -35.46 -7.81 4.07
N ASP E 58 -36.56 -7.53 4.75
CA ASP E 58 -37.49 -6.53 4.24
C ASP E 58 -36.87 -5.15 4.22
N LEU E 59 -36.15 -4.77 5.29
CA LEU E 59 -35.44 -3.49 5.25
C LEU E 59 -34.48 -3.43 4.07
N SER E 60 -33.65 -4.47 3.92
CA SER E 60 -32.62 -4.42 2.89
C SER E 60 -33.23 -4.40 1.49
N ILE E 61 -34.29 -5.18 1.25
CA ILE E 61 -34.89 -5.19 -0.08
C ILE E 61 -35.61 -3.89 -0.37
N ALA E 62 -36.30 -3.30 0.61
CA ALA E 62 -36.86 -1.99 0.38
C ALA E 62 -35.79 -0.94 0.16
N LYS E 63 -34.56 -1.17 0.62
CA LYS E 63 -33.44 -0.32 0.25
C LYS E 63 -32.99 -0.58 -1.18
N PHE E 64 -32.96 -1.84 -1.60
CA PHE E 64 -32.48 -2.18 -2.94
C PHE E 64 -33.42 -1.73 -4.04
N ALA E 65 -34.68 -1.45 -3.72
CA ALA E 65 -35.63 -0.97 -4.71
C ALA E 65 -35.65 0.55 -4.80
N ASP E 66 -34.88 1.24 -3.97
CA ASP E 66 -34.64 2.68 -4.11
C ASP E 66 -33.43 2.98 -4.96
N MET E 67 -32.68 1.96 -5.38
CA MET E 67 -31.55 2.15 -6.27
C MET E 67 -31.86 1.71 -7.69
N ASN E 68 -32.73 0.72 -7.86
CA ASN E 68 -33.29 0.46 -9.18
C ASN E 68 -34.08 1.66 -9.70
N GLU E 69 -34.56 2.53 -8.83
CA GLU E 69 -35.15 3.78 -9.33
C GLU E 69 -34.09 4.61 -10.06
N ALA E 70 -32.90 4.73 -9.48
CA ALA E 70 -31.84 5.49 -10.11
C ALA E 70 -31.39 4.83 -11.41
N SER E 71 -31.23 3.52 -11.42
CA SER E 71 -30.82 2.88 -12.66
C SER E 71 -31.91 2.92 -13.72
N LYS E 72 -33.18 2.84 -13.34
CA LYS E 72 -34.26 2.99 -14.30
C LYS E 72 -34.26 4.38 -14.92
N GLU E 73 -34.08 5.41 -14.10
CA GLU E 73 -34.00 6.76 -14.64
C GLU E 73 -32.84 6.89 -15.60
N SER E 74 -31.69 6.30 -15.26
CA SER E 74 -30.53 6.40 -16.14
C SER E 74 -30.79 5.73 -17.48
N THR E 75 -31.39 4.53 -17.48
CA THR E 75 -31.60 3.87 -18.76
C THR E 75 -32.65 4.58 -19.61
N THR E 76 -33.73 5.09 -19.01
CA THR E 76 -34.70 5.83 -19.81
C THR E 76 -34.10 7.11 -20.38
N ALA E 77 -33.30 7.83 -19.59
CA ALA E 77 -32.67 9.04 -20.10
C ALA E 77 -31.71 8.71 -21.23
N GLN E 78 -30.94 7.63 -21.10
CA GLN E 78 -30.05 7.24 -22.18
C GLN E 78 -30.80 6.88 -23.44
N LYS E 79 -31.93 6.18 -23.31
CA LYS E 79 -32.72 5.85 -24.49
C LYS E 79 -33.23 7.10 -25.19
N MET E 80 -33.73 8.08 -24.42
CA MET E 80 -34.19 9.32 -25.03
C MET E 80 -33.04 10.07 -25.72
N ALA E 81 -31.88 10.14 -25.07
CA ALA E 81 -30.74 10.81 -25.69
C ALA E 81 -30.32 10.11 -26.97
N ASN E 82 -30.39 8.79 -27.01
CA ASN E 82 -30.07 8.08 -28.25
C ASN E 82 -31.09 8.32 -29.34
N LEU E 83 -32.36 8.50 -29.00
CA LEU E 83 -33.33 8.89 -30.03
C LEU E 83 -33.01 10.27 -30.59
N VAL E 84 -32.63 11.20 -29.72
CA VAL E 84 -32.26 12.54 -30.21
C VAL E 84 -30.99 12.48 -31.07
N ASP E 85 -30.04 11.62 -30.73
CA ASP E 85 -28.88 11.42 -31.60
C ASP E 85 -29.26 10.83 -32.94
N ALA E 86 -30.15 9.83 -32.96
CA ALA E 86 -30.63 9.31 -34.23
C ALA E 86 -31.29 10.39 -35.07
N LYS E 87 -32.01 11.32 -34.44
CA LYS E 87 -32.59 12.43 -35.16
C LYS E 87 -31.56 13.42 -35.70
N ILE E 88 -30.50 13.70 -34.92
CA ILE E 88 -29.45 14.61 -35.41
C ILE E 88 -28.71 14.00 -36.60
N ALA E 89 -28.51 12.69 -36.61
CA ALA E 89 -27.74 12.04 -37.68
C ALA E 89 -28.42 12.10 -39.03
N ASP E 90 -29.54 12.81 -39.14
CA ASP E 90 -30.21 13.05 -40.41
C ASP E 90 -30.36 14.53 -40.74
N VAL E 91 -30.06 15.42 -39.79
CA VAL E 91 -30.14 16.85 -40.03
C VAL E 91 -28.71 17.38 -40.11
N GLN E 92 -27.76 16.56 -39.66
CA GLN E 92 -26.35 16.86 -39.92
C GLN E 92 -25.97 16.52 -41.35
N SER E 93 -26.51 15.42 -41.87
CA SER E 93 -26.29 15.02 -43.25
C SER E 93 -27.22 15.74 -44.21
N SER E 94 -27.96 16.73 -43.74
CA SER E 94 -28.90 17.46 -44.57
C SER E 94 -28.15 18.44 -45.46
N SER E 95 -28.42 18.36 -46.77
CA SER E 95 -27.73 19.23 -47.73
C SER E 95 -28.07 20.70 -47.52
N ASP E 96 -29.28 20.97 -47.04
CA ASP E 96 -29.76 22.34 -46.89
C ASP E 96 -29.15 22.96 -45.64
N LYS E 97 -29.68 24.11 -45.20
CA LYS E 97 -29.35 24.62 -43.89
C LYS E 97 -29.88 23.66 -42.82
N ASN E 98 -29.13 23.50 -41.74
CA ASN E 98 -29.45 22.48 -40.75
C ASN E 98 -30.51 22.94 -39.76
N ALA E 99 -31.64 23.46 -40.26
CA ALA E 99 -32.81 23.69 -39.43
C ALA E 99 -34.02 23.08 -40.13
N LYS E 100 -34.14 21.77 -40.03
CA LYS E 100 -35.36 21.01 -40.35
C LYS E 100 -35.30 19.77 -39.47
N ALA E 101 -35.91 19.86 -38.29
CA ALA E 101 -35.76 18.79 -37.32
C ALA E 101 -36.83 18.92 -36.25
N GLN E 102 -37.33 17.77 -35.80
CA GLN E 102 -38.24 17.68 -34.68
C GLN E 102 -37.88 16.45 -33.87
N LEU E 103 -38.10 16.53 -32.57
CA LEU E 103 -37.87 15.37 -31.75
C LEU E 103 -38.91 14.30 -32.05
N PRO E 104 -38.54 13.02 -31.96
CA PRO E 104 -39.55 11.97 -32.14
C PRO E 104 -40.58 12.01 -31.03
N ASP E 105 -41.80 11.58 -31.37
CA ASP E 105 -42.97 11.90 -30.56
C ASP E 105 -42.86 11.39 -29.13
N GLU E 106 -42.01 10.39 -28.89
CA GLU E 106 -41.85 9.88 -27.52
C GLU E 106 -40.95 10.79 -26.67
N VAL E 107 -39.96 11.43 -27.28
CA VAL E 107 -39.11 12.33 -26.52
C VAL E 107 -39.89 13.55 -26.04
N ILE E 108 -40.84 14.04 -26.85
CA ILE E 108 -41.66 15.17 -26.41
C ILE E 108 -42.42 14.80 -25.15
N SER E 109 -43.05 13.63 -25.12
CA SER E 109 -43.72 13.19 -23.91
C SER E 109 -42.75 12.92 -22.77
N TYR E 110 -41.50 12.60 -23.07
CA TYR E 110 -40.52 12.49 -22.00
C TYR E 110 -40.25 13.84 -21.34
N ILE E 111 -39.95 14.88 -22.12
CA ILE E 111 -39.70 16.19 -21.51
C ILE E 111 -40.96 16.75 -20.86
N ASN E 112 -42.11 16.68 -21.53
CA ASN E 112 -43.31 17.32 -21.03
C ASN E 112 -43.89 16.65 -19.78
N ASP E 113 -43.43 15.46 -19.44
CA ASP E 113 -43.93 14.77 -18.25
C ASP E 113 -43.46 15.49 -17.00
N PRO E 114 -44.27 15.60 -15.95
CA PRO E 114 -43.91 16.46 -14.80
C PRO E 114 -42.91 15.86 -13.82
N ARG E 115 -42.80 14.53 -13.76
CA ARG E 115 -42.03 13.89 -12.70
C ARG E 115 -40.55 13.73 -13.03
N ASN E 116 -40.01 14.57 -13.92
CA ASN E 116 -38.62 14.46 -14.33
C ASN E 116 -37.79 15.72 -14.10
N ASP E 117 -38.40 16.90 -14.05
CA ASP E 117 -37.68 18.16 -13.87
C ASP E 117 -36.54 18.29 -14.87
N ILE E 118 -36.92 18.35 -16.14
CA ILE E 118 -35.99 18.20 -17.26
C ILE E 118 -35.95 19.48 -18.09
N THR E 119 -36.02 20.64 -17.42
CA THR E 119 -35.83 21.92 -18.09
C THR E 119 -34.58 21.93 -18.96
N ILE E 120 -34.75 22.10 -20.27
CA ILE E 120 -33.70 21.84 -21.26
C ILE E 120 -33.31 23.09 -22.04
N SER E 121 -34.24 23.63 -22.82
CA SER E 121 -33.88 24.55 -23.90
C SER E 121 -33.96 26.01 -23.50
N GLY E 122 -35.04 26.40 -22.85
CA GLY E 122 -35.33 27.82 -22.70
C GLY E 122 -35.72 28.48 -24.00
N ILE E 123 -36.24 27.70 -24.95
CA ILE E 123 -36.58 28.21 -26.26
C ILE E 123 -38.04 27.87 -26.54
N ASP E 124 -38.67 28.66 -27.39
CA ASP E 124 -40.11 28.60 -27.60
C ASP E 124 -40.49 27.45 -28.53
N ASN E 125 -41.68 26.90 -28.29
CA ASN E 125 -42.41 26.10 -29.27
C ASN E 125 -41.58 24.90 -29.76
N ILE E 126 -41.35 23.98 -28.82
CA ILE E 126 -40.88 22.66 -29.22
C ILE E 126 -41.93 22.03 -30.13
N ASN E 127 -41.50 21.06 -30.93
CA ASN E 127 -42.17 20.40 -32.05
C ASN E 127 -42.15 21.23 -33.32
N ALA E 128 -41.78 22.51 -33.27
CA ALA E 128 -41.63 23.30 -34.50
C ALA E 128 -40.81 24.56 -34.19
N GLN E 129 -39.52 24.53 -34.51
CA GLN E 129 -38.71 23.35 -34.77
C GLN E 129 -37.33 23.78 -34.30
N LEU E 130 -36.42 22.83 -34.00
CA LEU E 130 -35.16 23.19 -33.37
C LEU E 130 -33.99 22.68 -34.19
N GLY E 131 -33.65 23.40 -35.26
CA GLY E 131 -32.34 23.39 -35.89
C GLY E 131 -31.63 22.05 -36.02
N ALA E 132 -30.31 22.09 -35.97
CA ALA E 132 -29.51 20.92 -35.67
C ALA E 132 -28.31 21.23 -34.77
N GLY E 133 -28.10 22.48 -34.41
CA GLY E 133 -26.99 22.85 -33.55
C GLY E 133 -27.47 23.26 -32.18
N ASP E 134 -28.78 23.49 -32.07
CA ASP E 134 -29.43 23.65 -30.78
C ASP E 134 -30.13 22.39 -30.31
N LEU E 135 -30.23 21.37 -31.18
CA LEU E 135 -30.66 20.05 -30.76
C LEU E 135 -29.58 19.37 -29.93
N GLN E 136 -28.34 19.80 -30.08
CA GLN E 136 -27.26 19.32 -29.22
C GLN E 136 -27.50 19.71 -27.77
N THR E 137 -28.10 20.88 -27.54
CA THR E 137 -28.44 21.26 -26.17
C THR E 137 -29.46 20.32 -25.56
N VAL E 138 -30.48 19.94 -26.34
CA VAL E 138 -31.47 18.99 -25.84
C VAL E 138 -30.82 17.64 -25.54
N LYS E 139 -29.97 17.16 -26.46
CA LYS E 139 -29.31 15.88 -26.20
C LYS E 139 -28.43 15.94 -24.96
N ALA E 140 -27.68 17.02 -24.78
CA ALA E 140 -26.84 17.16 -23.60
C ALA E 140 -27.64 17.27 -22.32
N ALA E 141 -28.74 18.02 -22.32
CA ALA E 141 -29.55 18.16 -21.12
C ALA E 141 -30.35 16.91 -20.80
N ILE E 142 -30.59 16.04 -21.77
CA ILE E 142 -31.22 14.76 -21.48
C ILE E 142 -30.20 13.76 -20.97
N SER E 143 -29.05 13.66 -21.65
CA SER E 143 -28.02 12.71 -21.25
C SER E 143 -27.14 13.22 -20.12
N ALA E 144 -27.47 14.36 -19.53
CA ALA E 144 -26.80 14.77 -18.30
C ALA E 144 -27.54 14.32 -17.06
N LYS E 145 -28.81 13.96 -17.17
CA LYS E 145 -29.57 13.39 -16.07
C LYS E 145 -29.46 11.87 -16.05
N ALA E 146 -28.77 11.29 -17.02
CA ALA E 146 -28.48 9.87 -17.02
C ALA E 146 -27.25 9.52 -16.20
N ASN E 147 -26.51 10.51 -15.71
CA ASN E 147 -25.25 10.28 -15.00
C ASN E 147 -25.45 10.31 -13.49
N ASN E 148 -26.32 9.44 -12.98
CA ASN E 148 -26.68 9.45 -11.56
C ASN E 148 -26.46 8.10 -10.90
N LEU E 149 -25.39 7.38 -11.25
CA LEU E 149 -25.09 6.12 -10.59
C LEU E 149 -23.94 6.23 -9.60
N THR E 150 -23.47 7.43 -9.31
CA THR E 150 -22.49 7.59 -8.25
C THR E 150 -23.08 8.25 -7.01
N THR E 151 -24.14 9.02 -7.14
CA THR E 151 -24.83 9.53 -5.96
C THR E 151 -25.51 8.42 -5.19
N THR E 152 -25.81 7.29 -5.83
CA THR E 152 -26.43 6.15 -5.18
C THR E 152 -25.43 5.05 -4.85
N VAL E 153 -24.15 5.28 -5.09
CA VAL E 153 -23.08 4.44 -4.56
C VAL E 153 -22.35 5.14 -3.42
N ASN E 154 -22.29 6.47 -3.45
CA ASN E 154 -21.74 7.17 -2.31
C ASN E 154 -22.67 7.11 -1.11
N ASN E 155 -23.99 7.15 -1.36
CA ASN E 155 -24.97 7.21 -0.29
C ASN E 155 -25.29 5.86 0.32
N SER E 156 -24.90 4.76 -0.31
CA SER E 156 -25.40 3.45 0.07
C SER E 156 -24.27 2.42 0.09
N GLN E 157 -23.16 2.74 0.74
CA GLN E 157 -22.10 1.76 0.92
C GLN E 157 -21.79 1.46 2.37
N LEU E 158 -22.10 2.37 3.29
CA LEU E 158 -21.95 2.09 4.72
C LEU E 158 -23.21 1.51 5.31
N GLU E 159 -24.30 1.45 4.54
CA GLU E 159 -25.49 0.74 4.96
C GLU E 159 -25.49 -0.70 4.50
N ILE E 160 -25.14 -0.94 3.23
CA ILE E 160 -25.05 -2.30 2.74
C ILE E 160 -23.98 -3.08 3.48
N GLN E 161 -22.92 -2.40 3.93
CA GLN E 161 -21.99 -2.94 4.90
C GLN E 161 -22.74 -3.66 6.02
N GLN E 162 -23.55 -2.92 6.76
CA GLN E 162 -24.17 -3.45 7.96
C GLN E 162 -25.31 -4.41 7.66
N MET E 163 -26.12 -4.13 6.63
CA MET E 163 -27.17 -5.07 6.24
C MET E 163 -26.60 -6.41 5.84
N SER E 164 -25.56 -6.41 4.99
CA SER E 164 -24.95 -7.65 4.58
C SER E 164 -24.27 -8.37 5.73
N ASN E 165 -23.60 -7.64 6.63
CA ASN E 165 -23.01 -8.35 7.76
C ASN E 165 -24.07 -8.96 8.67
N THR E 166 -25.08 -8.19 9.07
CA THR E 166 -26.09 -8.69 9.99
C THR E 166 -26.85 -9.86 9.39
N LEU E 167 -27.19 -9.79 8.11
CA LEU E 167 -28.08 -10.79 7.53
C LEU E 167 -27.39 -12.15 7.48
N ASN E 168 -26.10 -12.16 7.13
CA ASN E 168 -25.28 -13.37 7.28
C ASN E 168 -25.16 -13.79 8.73
N LEU E 169 -24.91 -12.84 9.63
CA LEU E 169 -24.66 -13.14 11.02
C LEU E 169 -25.88 -13.75 11.68
N LEU E 170 -27.03 -13.62 11.04
CA LEU E 170 -28.30 -14.10 11.54
C LEU E 170 -28.75 -15.40 10.88
N THR E 171 -28.46 -15.58 9.58
CA THR E 171 -28.58 -16.89 8.96
C THR E 171 -27.73 -17.92 9.69
N SER E 172 -26.46 -17.59 9.94
CA SER E 172 -25.55 -18.52 10.57
C SER E 172 -25.84 -18.73 12.05
N ALA E 173 -26.73 -17.94 12.64
CA ALA E 173 -27.17 -18.16 14.01
C ALA E 173 -28.44 -18.96 14.09
N ARG E 174 -29.28 -18.86 13.06
CA ARG E 174 -30.51 -19.63 12.98
C ARG E 174 -30.13 -21.10 12.79
N SER E 175 -29.14 -21.31 11.94
CA SER E 175 -28.62 -22.63 11.60
C SER E 175 -28.00 -23.37 12.77
N ASP E 176 -27.26 -22.64 13.61
CA ASP E 176 -26.63 -23.24 14.77
C ASP E 176 -27.72 -23.79 15.66
N MET E 177 -28.81 -23.04 15.76
CA MET E 177 -29.95 -23.45 16.56
C MET E 177 -30.57 -24.74 16.03
N GLN E 178 -30.64 -24.87 14.70
CA GLN E 178 -31.23 -26.07 14.11
C GLN E 178 -30.36 -27.30 14.34
N SER E 179 -29.04 -27.15 14.20
CA SER E 179 -28.16 -28.29 14.46
C SER E 179 -28.23 -28.73 15.92
N LEU E 180 -28.24 -27.79 16.85
CA LEU E 180 -28.37 -28.14 18.26
C LEU E 180 -29.70 -28.82 18.55
N GLN E 181 -30.78 -28.32 17.96
CA GLN E 181 -32.08 -28.95 18.13
C GLN E 181 -32.07 -30.39 17.67
N TYR E 182 -31.37 -30.67 16.57
CA TYR E 182 -31.25 -32.05 16.12
C TYR E 182 -30.44 -32.88 17.09
N ARG E 183 -29.26 -32.40 17.48
CA ARG E 183 -28.38 -33.23 18.29
C ARG E 183 -28.90 -33.43 19.70
N THR E 184 -29.78 -32.58 20.20
CA THR E 184 -30.33 -32.78 21.54
C THR E 184 -31.30 -33.94 21.59
N ILE E 185 -32.13 -34.09 20.55
CA ILE E 185 -33.16 -35.12 20.56
C ILE E 185 -32.62 -36.46 20.07
N SER E 186 -31.48 -36.46 19.40
CA SER E 186 -30.90 -37.72 18.94
C SER E 186 -30.40 -38.59 20.09
N GLY E 187 -30.17 -38.01 21.26
CA GLY E 187 -29.63 -38.72 22.40
C GLY E 187 -30.64 -39.42 23.27
N ILE E 188 -31.92 -39.43 22.89
CA ILE E 188 -32.96 -40.11 23.63
C ILE E 188 -33.23 -41.46 22.97
N SER E 189 -32.93 -42.53 23.69
CA SER E 189 -33.09 -43.89 23.19
C SER E 189 -34.33 -44.51 23.83
N LEU E 190 -35.25 -44.98 22.99
CA LEU E 190 -36.53 -45.51 23.46
C LEU E 190 -36.38 -46.98 23.81
N GLY E 191 -36.86 -47.36 24.99
CA GLY E 191 -36.84 -48.75 25.39
C GLY E 191 -35.49 -49.32 25.71
N LYS E 192 -34.52 -48.49 26.09
CA LYS E 192 -33.19 -48.99 26.42
C LYS E 192 -32.69 -48.37 27.72
N SER F 19 -28.99 -8.26 -21.68
CA SER F 19 -27.77 -9.00 -21.40
C SER F 19 -27.94 -9.89 -20.16
N MET F 20 -29.03 -9.67 -19.43
CA MET F 20 -29.34 -10.44 -18.24
C MET F 20 -30.75 -11.01 -18.34
N ALA F 21 -31.15 -11.71 -17.28
CA ALA F 21 -32.41 -12.43 -17.29
C ALA F 21 -33.60 -11.49 -17.14
N TYR F 22 -33.59 -10.65 -16.11
CA TYR F 22 -34.74 -9.83 -15.77
C TYR F 22 -34.53 -8.41 -16.29
N ASP F 23 -35.53 -7.88 -16.99
CA ASP F 23 -35.45 -6.56 -17.60
C ASP F 23 -36.09 -5.52 -16.67
N LEU F 24 -35.34 -5.15 -15.62
CA LEU F 24 -35.83 -4.23 -14.61
C LEU F 24 -36.07 -2.83 -15.13
N GLY F 25 -35.86 -2.58 -16.43
CA GLY F 25 -36.05 -1.25 -16.96
C GLY F 25 -37.49 -0.84 -17.16
N SER F 26 -38.40 -1.81 -17.17
CA SER F 26 -39.82 -1.54 -17.35
C SER F 26 -40.65 -1.80 -16.11
N MET F 27 -40.28 -2.78 -15.28
CA MET F 27 -41.06 -3.13 -14.12
C MET F 27 -41.12 -1.97 -13.13
N SER F 28 -42.32 -1.73 -12.61
CA SER F 28 -42.52 -0.67 -11.64
C SER F 28 -41.87 -1.05 -10.32
N LYS F 29 -42.01 -0.19 -9.31
CA LYS F 29 -41.37 -0.47 -8.03
C LYS F 29 -42.05 -1.61 -7.29
N ASP F 30 -43.38 -1.64 -7.30
CA ASP F 30 -44.10 -2.68 -6.59
C ASP F 30 -44.00 -4.04 -7.28
N ASP F 31 -43.48 -4.08 -8.51
CA ASP F 31 -43.13 -5.34 -9.14
C ASP F 31 -41.67 -5.71 -8.92
N VAL F 32 -40.79 -4.73 -8.85
CA VAL F 32 -39.39 -5.02 -8.52
C VAL F 32 -39.29 -5.57 -7.10
N ILE F 33 -40.07 -5.03 -6.16
CA ILE F 33 -40.00 -5.55 -4.80
C ILE F 33 -40.47 -6.99 -4.73
N ASP F 34 -41.57 -7.31 -5.43
CA ASP F 34 -42.04 -8.69 -5.44
C ASP F 34 -41.07 -9.62 -6.16
N LEU F 35 -40.41 -9.12 -7.19
CA LEU F 35 -39.35 -9.90 -7.84
C LEU F 35 -38.22 -10.20 -6.87
N PHE F 36 -37.73 -9.18 -6.16
CA PHE F 36 -36.64 -9.37 -5.21
C PHE F 36 -37.05 -10.28 -4.06
N ASN F 37 -38.34 -10.28 -3.70
CA ASN F 37 -38.80 -11.23 -2.70
C ASN F 37 -38.81 -12.65 -3.25
N LYS F 38 -39.13 -12.83 -4.54
CA LYS F 38 -39.03 -14.16 -5.13
C LYS F 38 -37.60 -14.69 -5.09
N LEU F 39 -36.63 -13.85 -5.40
CA LEU F 39 -35.22 -14.21 -5.23
C LEU F 39 -34.86 -14.12 -3.76
N GLY F 40 -33.59 -14.23 -3.44
CA GLY F 40 -33.14 -14.14 -2.07
C GLY F 40 -32.94 -12.71 -1.63
N VAL F 41 -32.09 -12.54 -0.62
CA VAL F 41 -31.63 -11.22 -0.21
C VAL F 41 -30.27 -10.89 -0.79
N PHE F 42 -29.40 -11.89 -1.00
CA PHE F 42 -28.10 -11.67 -1.59
C PHE F 42 -28.17 -11.55 -3.11
N GLN F 43 -29.05 -12.32 -3.75
CA GLN F 43 -29.16 -12.20 -5.19
C GLN F 43 -30.02 -11.03 -5.64
N ALA F 44 -30.87 -10.49 -4.77
CA ALA F 44 -31.43 -9.17 -5.05
C ALA F 44 -30.31 -8.14 -5.14
N ALA F 45 -29.35 -8.20 -4.21
CA ALA F 45 -28.21 -7.31 -4.27
C ALA F 45 -27.39 -7.54 -5.51
N ILE F 46 -27.20 -8.79 -5.92
CA ILE F 46 -26.41 -9.03 -7.12
C ILE F 46 -27.13 -8.51 -8.38
N LEU F 47 -28.45 -8.70 -8.51
CA LEU F 47 -29.13 -8.06 -9.64
C LEU F 47 -29.05 -6.54 -9.58
N MET F 48 -29.22 -5.95 -8.41
CA MET F 48 -29.19 -4.49 -8.34
C MET F 48 -27.82 -3.97 -8.78
N PHE F 49 -26.75 -4.62 -8.34
CA PHE F 49 -25.41 -4.20 -8.76
C PHE F 49 -25.15 -4.51 -10.23
N ALA F 50 -25.67 -5.62 -10.74
CA ALA F 50 -25.45 -5.94 -12.15
C ALA F 50 -26.17 -4.96 -13.06
N TYR F 51 -27.38 -4.57 -12.71
CA TYR F 51 -28.08 -3.58 -13.51
C TYR F 51 -27.44 -2.21 -13.40
N MET F 52 -26.96 -1.82 -12.21
CA MET F 52 -26.23 -0.56 -12.12
C MET F 52 -24.95 -0.61 -12.94
N TYR F 53 -24.27 -1.75 -12.98
CA TYR F 53 -23.08 -1.88 -13.82
C TYR F 53 -23.44 -1.78 -15.29
N GLN F 54 -24.54 -2.37 -15.73
CA GLN F 54 -24.93 -2.23 -17.12
C GLN F 54 -25.25 -0.78 -17.47
N ALA F 55 -25.97 -0.08 -16.60
CA ALA F 55 -26.28 1.31 -16.89
C ALA F 55 -25.02 2.16 -16.99
N GLN F 56 -24.09 1.97 -16.05
CA GLN F 56 -22.85 2.74 -16.09
C GLN F 56 -22.00 2.39 -17.31
N SER F 57 -21.91 1.11 -17.66
CA SER F 57 -21.13 0.74 -18.82
C SER F 57 -21.76 1.27 -20.10
N ASP F 58 -23.08 1.31 -20.19
CA ASP F 58 -23.71 1.89 -21.36
C ASP F 58 -23.43 3.37 -21.48
N LEU F 59 -23.51 4.12 -20.37
CA LEU F 59 -23.11 5.52 -20.43
C LEU F 59 -21.68 5.68 -20.93
N SER F 60 -20.75 4.93 -20.33
CA SER F 60 -19.35 5.12 -20.68
C SER F 60 -19.08 4.73 -22.12
N ILE F 61 -19.67 3.64 -22.61
CA ILE F 61 -19.41 3.23 -23.98
C ILE F 61 -20.06 4.19 -24.97
N ALA F 62 -21.26 4.69 -24.68
CA ALA F 62 -21.82 5.72 -25.55
C ALA F 62 -20.99 6.99 -25.51
N LYS F 63 -20.22 7.22 -24.46
CA LYS F 63 -19.24 8.30 -24.46
C LYS F 63 -18.02 7.96 -25.32
N PHE F 64 -17.56 6.72 -25.28
CA PHE F 64 -16.36 6.34 -26.02
C PHE F 64 -16.60 6.29 -27.52
N ALA F 65 -17.84 6.21 -27.97
CA ALA F 65 -18.14 6.23 -29.39
C ALA F 65 -18.36 7.63 -29.93
N ASP F 66 -18.32 8.66 -29.08
CA ASP F 66 -18.29 10.04 -29.51
C ASP F 66 -16.87 10.55 -29.69
N MET F 67 -15.87 9.77 -29.36
CA MET F 67 -14.48 10.13 -29.57
C MET F 67 -13.87 9.40 -30.76
N ASN F 68 -14.31 8.17 -31.02
CA ASN F 68 -14.00 7.56 -32.30
C ASN F 68 -14.55 8.35 -33.47
N GLU F 69 -15.57 9.17 -33.28
CA GLU F 69 -15.96 10.08 -34.35
C GLU F 69 -14.84 11.06 -34.67
N ALA F 70 -14.22 11.63 -33.63
CA ALA F 70 -13.12 12.56 -33.85
C ALA F 70 -11.93 11.88 -34.50
N SER F 71 -11.58 10.68 -34.02
CA SER F 71 -10.44 10.00 -34.64
C SER F 71 -10.74 9.54 -36.07
N LYS F 72 -11.98 9.15 -36.35
CA LYS F 72 -12.36 8.81 -37.73
C LYS F 72 -12.24 10.01 -38.65
N GLU F 73 -12.73 11.17 -38.20
CA GLU F 73 -12.58 12.37 -39.00
C GLU F 73 -11.12 12.69 -39.25
N SER F 74 -10.27 12.54 -38.22
CA SER F 74 -8.87 12.85 -38.40
C SER F 74 -8.21 11.92 -39.41
N THR F 75 -8.50 10.61 -39.35
CA THR F 75 -7.86 9.72 -40.29
C THR F 75 -8.35 9.93 -41.72
N THR F 76 -9.65 10.18 -41.92
CA THR F 76 -10.11 10.45 -43.29
C THR F 76 -9.52 11.74 -43.83
N ALA F 77 -9.45 12.79 -43.00
CA ALA F 77 -8.84 14.03 -43.47
C ALA F 77 -7.37 13.83 -43.82
N GLN F 78 -6.64 13.07 -43.01
CA GLN F 78 -5.24 12.80 -43.33
C GLN F 78 -5.09 12.02 -44.62
N LYS F 79 -5.97 11.05 -44.87
CA LYS F 79 -5.91 10.31 -46.12
C LYS F 79 -6.14 11.22 -47.32
N MET F 80 -7.13 12.11 -47.23
CA MET F 80 -7.37 13.04 -48.32
C MET F 80 -6.19 13.98 -48.54
N ALA F 81 -5.61 14.50 -47.46
CA ALA F 81 -4.45 15.36 -47.59
C ALA F 81 -3.28 14.64 -48.22
N ASN F 82 -3.09 13.36 -47.90
CA ASN F 82 -2.02 12.60 -48.53
C ASN F 82 -2.29 12.34 -50.00
N LEU F 83 -3.55 12.17 -50.41
CA LEU F 83 -3.83 12.08 -51.85
C LEU F 83 -3.49 13.38 -52.56
N VAL F 84 -3.81 14.53 -51.94
CA VAL F 84 -3.46 15.80 -52.56
C VAL F 84 -1.94 15.99 -52.62
N ASP F 85 -1.21 15.53 -51.60
CA ASP F 85 0.25 15.55 -51.68
C ASP F 85 0.79 14.66 -52.78
N ALA F 86 0.24 13.46 -52.94
CA ALA F 86 0.65 12.62 -54.06
C ALA F 86 0.39 13.29 -55.40
N LYS F 87 -0.70 14.05 -55.51
CA LYS F 87 -0.96 14.81 -56.73
C LYS F 87 0.02 15.95 -56.94
N ILE F 88 0.41 16.67 -55.88
CA ILE F 88 1.37 17.76 -56.03
C ILE F 88 2.75 17.23 -56.44
N ALA F 89 3.12 16.05 -55.96
CA ALA F 89 4.46 15.50 -56.26
C ALA F 89 4.65 15.13 -57.71
N ASP F 90 3.67 15.43 -58.57
CA ASP F 90 3.80 15.26 -60.01
C ASP F 90 3.62 16.55 -60.78
N VAL F 91 3.18 17.63 -60.14
CA VAL F 91 3.02 18.92 -60.80
C VAL F 91 4.13 19.82 -60.31
N GLN F 92 4.80 19.42 -59.23
CA GLN F 92 6.04 20.09 -58.84
C GLN F 92 7.20 19.64 -59.71
N SER F 93 7.24 18.36 -60.07
CA SER F 93 8.25 17.84 -60.97
C SER F 93 7.91 18.07 -62.43
N SER F 94 6.87 18.86 -62.70
CA SER F 94 6.45 19.12 -64.08
C SER F 94 7.39 20.13 -64.73
N SER F 95 7.92 19.76 -65.90
CA SER F 95 8.87 20.63 -66.59
C SER F 95 8.23 21.93 -67.03
N ASP F 96 6.93 21.91 -67.32
CA ASP F 96 6.23 23.07 -67.85
C ASP F 96 5.92 24.04 -66.71
N LYS F 97 5.06 25.02 -66.97
CA LYS F 97 4.51 25.82 -65.88
C LYS F 97 3.65 24.93 -64.99
N ASN F 98 3.69 25.19 -63.68
CA ASN F 98 3.05 24.28 -62.74
C ASN F 98 1.55 24.57 -62.59
N ALA F 99 0.83 24.63 -63.71
CA ALA F 99 -0.63 24.63 -63.68
C ALA F 99 -1.12 23.57 -64.67
N LYS F 100 -1.05 22.32 -64.26
CA LYS F 100 -1.74 21.19 -64.90
C LYS F 100 -1.98 20.19 -63.78
N ALA F 101 -3.15 20.28 -63.15
CA ALA F 101 -3.39 19.47 -61.97
C ALA F 101 -4.89 19.45 -61.67
N GLN F 102 -5.34 18.29 -61.19
CA GLN F 102 -6.70 18.11 -60.71
C GLN F 102 -6.65 17.19 -59.50
N LEU F 103 -7.56 17.41 -58.58
CA LEU F 103 -7.64 16.52 -57.44
C LEU F 103 -8.14 15.15 -57.88
N PRO F 104 -7.69 14.08 -57.23
CA PRO F 104 -8.22 12.75 -57.56
C PRO F 104 -9.69 12.66 -57.19
N ASP F 105 -10.42 11.84 -57.94
CA ASP F 105 -11.88 11.91 -57.97
C ASP F 105 -12.51 11.70 -56.59
N GLU F 106 -11.78 11.05 -55.66
CA GLU F 106 -12.32 10.85 -54.32
C GLU F 106 -12.21 12.10 -53.46
N VAL F 107 -11.17 12.91 -53.66
CA VAL F 107 -11.05 14.14 -52.88
C VAL F 107 -12.15 15.12 -53.25
N ILE F 108 -12.55 15.16 -54.52
CA ILE F 108 -13.66 16.04 -54.91
C ILE F 108 -14.93 15.67 -54.15
N SER F 109 -15.25 14.39 -54.09
CA SER F 109 -16.40 13.98 -53.31
C SER F 109 -16.20 14.20 -51.81
N TYR F 110 -14.97 14.22 -51.33
CA TYR F 110 -14.74 14.59 -49.94
C TYR F 110 -15.13 16.04 -49.68
N ILE F 111 -14.61 16.98 -50.48
CA ILE F 111 -14.96 18.39 -50.26
C ILE F 111 -16.44 18.64 -50.51
N ASN F 112 -16.99 18.12 -51.61
CA ASN F 112 -18.36 18.45 -51.99
C ASN F 112 -19.41 17.83 -51.06
N ASP F 113 -19.03 16.91 -50.19
CA ASP F 113 -19.98 16.31 -49.27
C ASP F 113 -20.41 17.34 -48.23
N PRO F 114 -21.69 17.37 -47.81
CA PRO F 114 -22.16 18.47 -46.96
C PRO F 114 -21.80 18.35 -45.49
N ARG F 115 -21.51 17.16 -44.97
CA ARG F 115 -21.38 16.96 -43.53
C ARG F 115 -19.96 17.20 -43.03
N ASN F 116 -19.18 18.01 -43.74
CA ASN F 116 -17.79 18.26 -43.35
C ASN F 116 -17.45 19.73 -43.12
N ASP F 117 -18.18 20.66 -43.75
CA ASP F 117 -17.91 22.10 -43.62
C ASP F 117 -16.43 22.40 -43.90
N ILE F 118 -16.04 22.14 -45.15
CA ILE F 118 -14.65 22.09 -45.55
C ILE F 118 -14.36 23.18 -46.59
N THR F 119 -14.97 24.34 -46.43
CA THR F 119 -14.68 25.50 -47.27
C THR F 119 -13.17 25.74 -47.36
N ILE F 120 -12.60 25.65 -48.57
CA ILE F 120 -11.16 25.56 -48.76
C ILE F 120 -10.62 26.72 -49.58
N SER F 121 -11.03 26.82 -50.85
CA SER F 121 -10.28 27.62 -51.82
C SER F 121 -10.81 29.03 -51.97
N GLY F 122 -12.13 29.17 -52.11
CA GLY F 122 -12.67 30.45 -52.54
C GLY F 122 -12.38 30.73 -53.99
N ILE F 123 -12.14 29.69 -54.79
CA ILE F 123 -11.78 29.86 -56.19
C ILE F 123 -12.76 29.05 -57.02
N ASP F 124 -12.92 29.47 -58.28
CA ASP F 124 -13.96 28.94 -59.15
C ASP F 124 -13.57 27.60 -59.74
N ASN F 125 -14.57 26.76 -59.97
CA ASN F 125 -14.50 25.63 -60.89
C ASN F 125 -13.35 24.68 -60.52
N ILE F 126 -13.53 24.03 -59.36
CA ILE F 126 -12.71 22.87 -59.06
C ILE F 126 -12.96 21.82 -60.13
N ASN F 127 -11.99 20.90 -60.28
CA ASN F 127 -11.81 19.90 -61.32
C ASN F 127 -11.22 20.48 -62.60
N ALA F 128 -11.16 21.80 -62.76
CA ALA F 128 -10.49 22.39 -63.93
C ALA F 128 -10.20 23.86 -63.64
N GLN F 129 -8.97 24.18 -63.25
CA GLN F 129 -7.97 23.28 -62.72
C GLN F 129 -7.17 24.17 -61.77
N LEU F 130 -6.45 23.61 -60.79
CA LEU F 130 -5.83 24.43 -59.76
C LEU F 130 -4.33 24.16 -59.69
N GLY F 131 -3.59 24.78 -60.62
CA GLY F 131 -2.17 25.06 -60.48
C GLY F 131 -1.30 24.00 -59.84
N ALA F 132 -0.25 24.43 -59.15
CA ALA F 132 0.43 23.62 -58.15
C ALA F 132 0.84 24.42 -56.92
N GLY F 133 0.61 25.73 -56.89
CA GLY F 133 0.98 26.55 -55.77
C GLY F 133 -0.24 27.01 -55.01
N ASP F 134 -1.41 26.84 -55.64
CA ASP F 134 -2.68 27.01 -54.96
C ASP F 134 -3.30 25.69 -54.54
N LEU F 135 -2.73 24.57 -54.99
CA LEU F 135 -3.09 23.26 -54.46
C LEU F 135 -2.58 23.08 -53.05
N GLN F 136 -1.54 23.85 -52.67
CA GLN F 136 -1.06 23.85 -51.30
C GLN F 136 -2.13 24.37 -50.36
N THR F 137 -2.94 25.33 -50.82
CA THR F 137 -4.04 25.82 -49.99
C THR F 137 -5.06 24.71 -49.72
N VAL F 138 -5.39 23.91 -50.74
CA VAL F 138 -6.31 22.81 -50.54
C VAL F 138 -5.73 21.79 -49.57
N LYS F 139 -4.46 21.45 -49.75
CA LYS F 139 -3.84 20.49 -48.83
C LYS F 139 -3.82 21.01 -47.40
N ALA F 140 -3.50 22.29 -47.21
CA ALA F 140 -3.49 22.86 -45.87
C ALA F 140 -4.87 22.93 -45.25
N ALA F 141 -5.89 23.30 -46.02
CA ALA F 141 -7.24 23.38 -45.48
C ALA F 141 -7.87 22.02 -45.24
N ILE F 142 -7.38 20.96 -45.90
CA ILE F 142 -7.84 19.62 -45.60
C ILE F 142 -7.12 19.07 -44.36
N SER F 143 -5.80 19.21 -44.33
CA SER F 143 -5.03 18.69 -43.21
C SER F 143 -5.02 19.63 -42.01
N ALA F 144 -5.80 20.70 -42.02
CA ALA F 144 -6.01 21.48 -40.81
C ALA F 144 -7.23 21.03 -40.03
N LYS F 145 -8.14 20.29 -40.66
CA LYS F 145 -9.27 19.71 -39.95
C LYS F 145 -8.95 18.33 -39.43
N ALA F 146 -7.75 17.83 -39.70
CA ALA F 146 -7.28 16.58 -39.13
C ALA F 146 -6.67 16.75 -37.75
N ASN F 147 -6.52 17.98 -37.28
CA ASN F 147 -5.84 18.26 -36.01
C ASN F 147 -6.85 18.48 -34.88
N ASN F 148 -7.70 17.48 -34.64
CA ASN F 148 -8.78 17.61 -33.66
C ASN F 148 -8.75 16.51 -32.61
N LEU F 149 -7.56 16.11 -32.15
CA LEU F 149 -7.47 15.11 -31.09
C LEU F 149 -7.11 15.73 -29.75
N THR F 150 -7.09 17.05 -29.63
CA THR F 150 -6.90 17.67 -28.33
C THR F 150 -8.18 18.31 -27.81
N THR F 151 -9.11 18.69 -28.68
CA THR F 151 -10.40 19.15 -28.21
C THR F 151 -11.20 18.02 -27.59
N THR F 152 -10.90 16.77 -27.92
CA THR F 152 -11.58 15.62 -27.34
C THR F 152 -10.77 14.94 -26.25
N VAL F 153 -9.62 15.50 -25.89
CA VAL F 153 -8.91 15.12 -24.68
C VAL F 153 -9.08 16.18 -23.60
N ASN F 154 -9.23 17.44 -23.99
CA ASN F 154 -9.53 18.46 -22.99
C ASN F 154 -10.95 18.32 -22.47
N ASN F 155 -11.88 17.92 -23.32
CA ASN F 155 -13.29 17.84 -22.97
C ASN F 155 -13.66 16.57 -22.21
N SER F 156 -12.81 15.56 -22.21
CA SER F 156 -13.20 14.24 -21.75
C SER F 156 -12.14 13.61 -20.87
N GLN F 157 -11.64 14.36 -19.89
CA GLN F 157 -10.72 13.79 -18.91
C GLN F 157 -11.23 13.84 -17.49
N LEU F 158 -12.15 14.75 -17.17
CA LEU F 158 -12.77 14.77 -15.85
C LEU F 158 -14.03 13.92 -15.82
N GLU F 159 -14.48 13.42 -16.96
CA GLU F 159 -15.56 12.47 -17.00
C GLU F 159 -15.06 11.04 -16.94
N ILE F 160 -14.04 10.71 -17.73
CA ILE F 160 -13.46 9.38 -17.68
C ILE F 160 -12.87 9.10 -16.31
N GLN F 161 -12.37 10.12 -15.62
CA GLN F 161 -12.07 10.05 -14.20
C GLN F 161 -13.18 9.33 -13.44
N GLN F 162 -14.37 9.91 -13.47
CA GLN F 162 -15.47 9.41 -12.65
C GLN F 162 -16.06 8.11 -13.17
N MET F 163 -16.18 7.97 -14.49
CA MET F 163 -16.68 6.71 -15.04
C MET F 163 -15.75 5.55 -14.69
N SER F 164 -14.45 5.73 -14.86
CA SER F 164 -13.50 4.69 -14.52
C SER F 164 -13.48 4.39 -13.04
N ASN F 165 -13.56 5.42 -12.19
CA ASN F 165 -13.58 5.12 -10.76
C ASN F 165 -14.84 4.38 -10.36
N THR F 166 -16.02 4.87 -10.77
CA THR F 166 -17.27 4.23 -10.38
C THR F 166 -17.38 2.81 -10.88
N LEU F 167 -16.94 2.56 -12.12
CA LEU F 167 -17.18 1.26 -12.72
C LEU F 167 -16.36 0.18 -12.01
N ASN F 168 -15.12 0.50 -11.66
CA ASN F 168 -14.33 -0.35 -10.77
C ASN F 168 -14.97 -0.48 -9.40
N LEU F 169 -15.42 0.63 -8.83
CA LEU F 169 -15.95 0.65 -7.48
C LEU F 169 -17.21 -0.18 -7.37
N LEU F 170 -17.81 -0.51 -8.51
CA LEU F 170 -19.05 -1.27 -8.57
C LEU F 170 -18.82 -2.73 -8.95
N THR F 171 -17.84 -3.01 -9.81
CA THR F 171 -17.37 -4.39 -9.98
C THR F 171 -16.91 -4.98 -8.66
N SER F 172 -16.07 -4.24 -7.93
CA SER F 172 -15.53 -4.74 -6.68
C SER F 172 -16.55 -4.79 -5.56
N ALA F 173 -17.74 -4.22 -5.75
CA ALA F 173 -18.82 -4.34 -4.78
C ALA F 173 -19.77 -5.46 -5.12
N ARG F 174 -19.89 -5.80 -6.40
CA ARG F 174 -20.72 -6.89 -6.85
C ARG F 174 -20.07 -8.19 -6.38
N SER F 175 -18.74 -8.22 -6.50
CA SER F 175 -17.92 -9.37 -6.13
C SER F 175 -17.95 -9.68 -4.64
N ASP F 176 -17.94 -8.64 -3.82
CA ASP F 176 -17.96 -8.81 -2.38
C ASP F 176 -19.25 -9.53 -2.03
N MET F 177 -20.32 -9.14 -2.71
CA MET F 177 -21.63 -9.73 -2.50
C MET F 177 -21.61 -11.22 -2.85
N GLN F 178 -20.92 -11.58 -3.93
CA GLN F 178 -20.87 -12.98 -4.35
C GLN F 178 -20.08 -13.83 -3.35
N SER F 179 -18.95 -13.32 -2.86
CA SER F 179 -18.19 -14.08 -1.87
C SER F 179 -18.98 -14.28 -0.58
N LEU F 180 -19.67 -13.24 -0.12
CA LEU F 180 -20.50 -13.38 1.08
C LEU F 180 -21.63 -14.38 0.86
N GLN F 181 -22.26 -14.34 -0.31
CA GLN F 181 -23.32 -15.29 -0.62
C GLN F 181 -22.82 -16.71 -0.56
N TYR F 182 -21.59 -16.94 -1.04
CA TYR F 182 -21.01 -18.28 -0.92
C TYR F 182 -20.75 -18.66 0.52
N ARG F 183 -20.09 -17.79 1.28
CA ARG F 183 -19.68 -18.15 2.62
C ARG F 183 -20.86 -18.29 3.58
N THR F 184 -22.00 -17.67 3.29
CA THR F 184 -23.15 -17.79 4.17
C THR F 184 -23.78 -19.18 4.07
N ILE F 185 -23.85 -19.74 2.86
CA ILE F 185 -24.53 -21.02 2.67
C ILE F 185 -23.59 -22.19 2.94
N SER F 186 -22.28 -21.96 2.96
CA SER F 186 -21.35 -23.04 3.26
C SER F 186 -21.44 -23.51 4.70
N GLY F 187 -22.01 -22.71 5.59
CA GLY F 187 -22.09 -23.03 7.00
C GLY F 187 -23.27 -23.86 7.41
N ILE F 188 -24.10 -24.31 6.48
CA ILE F 188 -25.25 -25.15 6.76
C ILE F 188 -24.86 -26.60 6.51
N SER F 189 -24.84 -27.41 7.56
CA SER F 189 -24.48 -28.81 7.48
C SER F 189 -25.73 -29.66 7.57
N LEU F 190 -25.94 -30.52 6.58
CA LEU F 190 -27.16 -31.32 6.48
C LEU F 190 -26.98 -32.61 7.28
N GLY F 191 -27.97 -32.92 8.12
CA GLY F 191 -27.95 -34.15 8.87
C GLY F 191 -26.92 -34.23 9.98
N LYS F 192 -26.49 -33.10 10.51
CA LYS F 192 -25.51 -33.10 11.59
C LYS F 192 -25.92 -32.17 12.71
N SER G 19 -2.09 -1.36 -37.74
CA SER G 19 -1.13 -1.64 -36.69
C SER G 19 -1.81 -2.32 -35.50
N MET G 20 -3.13 -2.33 -35.51
CA MET G 20 -3.92 -2.96 -34.47
C MET G 20 -4.92 -3.94 -35.07
N ALA G 21 -5.72 -4.55 -34.19
CA ALA G 21 -6.62 -5.60 -34.62
C ALA G 21 -7.83 -5.05 -35.37
N TYR G 22 -8.53 -4.10 -34.77
CA TYR G 22 -9.80 -3.62 -35.31
C TYR G 22 -9.57 -2.30 -36.05
N ASP G 23 -10.08 -2.23 -37.27
CA ASP G 23 -9.91 -1.05 -38.14
C ASP G 23 -11.11 -0.12 -38.00
N LEU G 24 -11.14 0.62 -36.90
CA LEU G 24 -12.26 1.50 -36.58
C LEU G 24 -12.40 2.66 -37.55
N GLY G 25 -11.54 2.75 -38.57
CA GLY G 25 -11.62 3.86 -39.51
C GLY G 25 -12.75 3.77 -40.50
N SER G 26 -13.33 2.58 -40.67
CA SER G 26 -14.42 2.37 -41.60
C SER G 26 -15.75 2.08 -40.92
N MET G 27 -15.75 1.41 -39.78
CA MET G 27 -16.97 1.03 -39.10
C MET G 27 -17.77 2.27 -38.68
N SER G 28 -19.07 2.21 -38.92
CA SER G 28 -19.95 3.31 -38.55
C SER G 28 -20.09 3.36 -37.03
N LYS G 29 -20.91 4.28 -36.54
CA LYS G 29 -21.05 4.42 -35.10
C LYS G 29 -21.82 3.26 -34.49
N ASP G 30 -22.90 2.83 -35.14
CA ASP G 30 -23.70 1.75 -34.61
C ASP G 30 -23.02 0.40 -34.72
N ASP G 31 -21.90 0.31 -35.44
CA ASP G 31 -21.06 -0.87 -35.41
C ASP G 31 -19.93 -0.74 -34.41
N VAL G 32 -19.42 0.46 -34.19
CA VAL G 32 -18.42 0.67 -33.15
C VAL G 32 -19.02 0.40 -31.77
N ILE G 33 -20.27 0.82 -31.56
CA ILE G 33 -20.90 0.59 -30.26
C ILE G 33 -21.08 -0.90 -30.01
N ASP G 34 -21.52 -1.65 -31.02
CA ASP G 34 -21.68 -3.08 -30.85
C ASP G 34 -20.33 -3.78 -30.68
N LEU G 35 -19.29 -3.28 -31.34
CA LEU G 35 -17.95 -3.80 -31.10
C LEU G 35 -17.51 -3.58 -29.67
N PHE G 36 -17.69 -2.36 -29.16
CA PHE G 36 -17.30 -2.06 -27.79
C PHE G 36 -18.12 -2.85 -26.78
N ASN G 37 -19.36 -3.18 -27.11
CA ASN G 37 -20.14 -4.06 -26.25
C ASN G 37 -19.61 -5.48 -26.28
N LYS G 38 -19.12 -5.94 -27.43
CA LYS G 38 -18.49 -7.26 -27.47
C LYS G 38 -17.27 -7.32 -26.57
N LEU G 39 -16.43 -6.28 -26.58
CA LEU G 39 -15.32 -6.18 -25.65
C LEU G 39 -15.88 -5.74 -24.29
N GLY G 40 -14.99 -5.41 -23.36
CA GLY G 40 -15.40 -4.97 -22.05
C GLY G 40 -15.72 -3.49 -22.02
N VAL G 41 -15.62 -2.91 -20.84
CA VAL G 41 -15.69 -1.47 -20.67
C VAL G 41 -14.31 -0.84 -20.56
N PHE G 42 -13.33 -1.55 -20.00
CA PHE G 42 -11.96 -1.05 -19.91
C PHE G 42 -11.21 -1.20 -21.21
N GLN G 43 -11.44 -2.28 -21.95
CA GLN G 43 -10.75 -2.44 -23.21
C GLN G 43 -11.39 -1.68 -24.35
N ALA G 44 -12.66 -1.29 -24.22
CA ALA G 44 -13.17 -0.26 -25.12
C ALA G 44 -12.38 1.03 -24.96
N ALA G 45 -12.12 1.41 -23.71
CA ALA G 45 -11.30 2.59 -23.46
C ALA G 45 -9.90 2.42 -23.99
N ILE G 46 -9.31 1.23 -23.86
CA ILE G 46 -7.96 1.06 -24.38
C ILE G 46 -7.93 1.12 -25.90
N LEU G 47 -8.91 0.53 -26.61
CA LEU G 47 -8.94 0.74 -28.05
C LEU G 47 -9.15 2.19 -28.43
N MET G 48 -10.05 2.89 -27.73
CA MET G 48 -10.29 4.28 -28.10
C MET G 48 -9.03 5.11 -27.95
N PHE G 49 -8.28 4.89 -26.85
CA PHE G 49 -7.05 5.62 -26.66
C PHE G 49 -5.95 5.18 -27.62
N ALA G 50 -5.91 3.89 -27.98
CA ALA G 50 -4.89 3.43 -28.91
C ALA G 50 -5.13 3.99 -30.31
N TYR G 51 -6.38 4.04 -30.74
CA TYR G 51 -6.67 4.63 -32.05
C TYR G 51 -6.43 6.14 -32.04
N MET G 52 -6.78 6.83 -30.96
CA MET G 52 -6.44 8.25 -30.89
C MET G 52 -4.93 8.46 -30.92
N TYR G 53 -4.17 7.59 -30.26
CA TYR G 53 -2.72 7.69 -30.32
C TYR G 53 -2.19 7.45 -31.73
N GLN G 54 -2.75 6.47 -32.46
CA GLN G 54 -2.32 6.27 -33.83
C GLN G 54 -2.63 7.48 -34.70
N ALA G 55 -3.81 8.07 -34.56
CA ALA G 55 -4.13 9.23 -35.37
C ALA G 55 -3.20 10.39 -35.08
N GLN G 56 -2.93 10.65 -33.79
CA GLN G 56 -2.02 11.73 -33.45
C GLN G 56 -0.61 11.46 -33.91
N SER G 57 -0.12 10.23 -33.77
CA SER G 57 1.23 9.94 -34.23
C SER G 57 1.34 10.03 -35.72
N ASP G 58 0.30 9.66 -36.46
CA ASP G 58 0.34 9.82 -37.91
C ASP G 58 0.39 11.28 -38.32
N LEU G 59 -0.40 12.13 -37.66
CA LEU G 59 -0.29 13.57 -37.93
C LEU G 59 1.12 14.05 -37.69
N SER G 60 1.67 13.75 -36.52
CA SER G 60 2.98 14.29 -36.17
C SER G 60 4.07 13.76 -37.08
N ILE G 61 4.03 12.48 -37.44
CA ILE G 61 5.07 11.95 -38.32
C ILE G 61 4.94 12.50 -39.73
N ALA G 62 3.73 12.66 -40.25
CA ALA G 62 3.58 13.31 -41.53
C ALA G 62 4.03 14.77 -41.48
N LYS G 63 4.03 15.38 -40.29
CA LYS G 63 4.65 16.70 -40.15
C LYS G 63 6.17 16.60 -40.15
N PHE G 64 6.73 15.58 -39.50
CA PHE G 64 8.18 15.46 -39.40
C PHE G 64 8.83 15.10 -40.73
N ALA G 65 8.08 14.58 -41.68
CA ALA G 65 8.63 14.28 -42.99
C ALA G 65 8.52 15.44 -43.96
N ASP G 66 7.91 16.55 -43.56
CA ASP G 66 7.95 17.80 -44.31
C ASP G 66 9.11 18.68 -43.92
N MET G 67 9.87 18.29 -42.90
CA MET G 67 11.06 19.02 -42.50
C MET G 67 12.34 18.33 -42.94
N ASN G 68 12.33 17.00 -43.02
CA ASN G 68 13.40 16.32 -43.72
C ASN G 68 13.48 16.71 -45.17
N GLU G 69 12.39 17.20 -45.77
CA GLU G 69 12.51 17.76 -47.11
C GLU G 69 13.44 18.96 -47.11
N ALA G 70 13.28 19.86 -46.13
CA ALA G 70 14.14 21.03 -46.04
C ALA G 70 15.58 20.63 -45.77
N SER G 71 15.82 19.70 -44.86
CA SER G 71 17.19 19.31 -44.59
C SER G 71 17.81 18.55 -45.76
N LYS G 72 17.03 17.75 -46.49
CA LYS G 72 17.55 17.10 -47.68
C LYS G 72 17.96 18.11 -48.74
N GLU G 73 17.11 19.13 -48.97
CA GLU G 73 17.48 20.18 -49.91
C GLU G 73 18.76 20.88 -49.48
N SER G 74 18.90 21.17 -48.18
CA SER G 74 20.09 21.85 -47.72
C SER G 74 21.34 21.00 -47.95
N THR G 75 21.29 19.71 -47.65
CA THR G 75 22.49 18.90 -47.82
C THR G 75 22.84 18.72 -49.30
N THR G 76 21.85 18.54 -50.19
CA THR G 76 22.20 18.42 -51.59
C THR G 76 22.77 19.73 -52.14
N ALA G 77 22.19 20.87 -51.74
CA ALA G 77 22.74 22.14 -52.19
C ALA G 77 24.16 22.35 -51.70
N GLN G 78 24.43 21.98 -50.44
CA GLN G 78 25.79 22.10 -49.93
C GLN G 78 26.76 21.20 -50.67
N LYS G 79 26.35 19.99 -51.02
CA LYS G 79 27.23 19.11 -51.78
C LYS G 79 27.55 19.70 -53.15
N MET G 80 26.54 20.25 -53.84
CA MET G 80 26.80 20.87 -55.13
C MET G 80 27.73 22.07 -54.99
N ALA G 81 27.51 22.91 -53.99
CA ALA G 81 28.38 24.05 -53.78
C ALA G 81 29.81 23.62 -53.50
N ASN G 82 29.99 22.54 -52.76
CA ASN G 82 31.34 22.05 -52.51
C ASN G 82 31.99 21.47 -53.77
N LEU G 83 31.22 20.88 -54.67
CA LEU G 83 31.80 20.48 -55.95
C LEU G 83 32.26 21.69 -56.75
N VAL G 84 31.46 22.76 -56.75
CA VAL G 84 31.88 23.96 -57.47
C VAL G 84 33.12 24.59 -56.82
N ASP G 85 33.23 24.54 -55.49
CA ASP G 85 34.45 25.00 -54.83
C ASP G 85 35.66 24.14 -55.20
N ALA G 86 35.49 22.82 -55.24
CA ALA G 86 36.58 21.97 -55.70
C ALA G 86 37.01 22.31 -57.11
N LYS G 87 36.07 22.68 -57.98
CA LYS G 87 36.41 23.11 -59.33
C LYS G 87 37.12 24.45 -59.36
N ILE G 88 36.73 25.41 -58.51
CA ILE G 88 37.42 26.70 -58.48
C ILE G 88 38.86 26.55 -57.98
N ALA G 89 39.10 25.64 -57.05
CA ALA G 89 40.44 25.47 -56.47
C ALA G 89 41.46 24.95 -57.45
N ASP G 90 41.10 24.80 -58.72
CA ASP G 90 42.03 24.44 -59.78
C ASP G 90 42.10 25.48 -60.89
N VAL G 91 41.20 26.45 -60.90
CA VAL G 91 41.22 27.51 -61.90
C VAL G 91 41.71 28.78 -61.22
N GLN G 92 41.71 28.79 -59.90
CA GLN G 92 42.39 29.84 -59.17
C GLN G 92 43.90 29.64 -59.16
N SER G 93 44.35 28.39 -59.06
CA SER G 93 45.75 28.05 -59.13
C SER G 93 46.25 27.93 -60.56
N SER G 94 45.43 28.32 -61.53
CA SER G 94 45.81 28.21 -62.94
C SER G 94 46.77 29.34 -63.30
N SER G 95 47.91 28.97 -63.88
CA SER G 95 48.92 29.94 -64.24
C SER G 95 48.44 30.91 -65.30
N ASP G 96 47.54 30.46 -66.18
CA ASP G 96 47.07 31.24 -67.31
C ASP G 96 46.03 32.25 -66.83
N LYS G 97 45.31 32.87 -67.75
CA LYS G 97 44.12 33.63 -67.38
C LYS G 97 43.07 32.68 -66.82
N ASN G 98 42.34 33.14 -65.81
CA ASN G 98 41.43 32.25 -65.08
C ASN G 98 40.10 32.09 -65.79
N ALA G 99 40.11 31.75 -67.08
CA ALA G 99 38.91 31.31 -67.78
C ALA G 99 39.24 30.02 -68.52
N LYS G 100 39.26 28.91 -67.77
CA LYS G 100 39.26 27.55 -68.29
C LYS G 100 38.61 26.71 -67.20
N ALA G 101 37.29 26.54 -67.28
CA ALA G 101 36.56 25.90 -66.20
C ALA G 101 35.18 25.48 -66.69
N GLN G 102 34.74 24.33 -66.18
CA GLN G 102 33.40 23.84 -66.41
C GLN G 102 32.92 23.18 -65.12
N LEU G 103 31.63 23.26 -64.88
CA LEU G 103 31.08 22.59 -63.73
C LEU G 103 31.14 21.07 -63.93
N PRO G 104 31.34 20.31 -62.86
CA PRO G 104 31.30 18.85 -63.00
C PRO G 104 29.91 18.38 -63.39
N ASP G 105 29.87 17.26 -64.11
CA ASP G 105 28.68 16.89 -64.88
C ASP G 105 27.45 16.73 -64.00
N GLU G 106 27.62 16.49 -62.70
CA GLU G 106 26.48 16.34 -61.82
C GLU G 106 25.87 17.69 -61.43
N VAL G 107 26.69 18.74 -61.32
CA VAL G 107 26.16 20.05 -61.00
C VAL G 107 25.30 20.59 -62.14
N ILE G 108 25.67 20.29 -63.39
CA ILE G 108 24.85 20.73 -64.52
C ILE G 108 23.45 20.13 -64.41
N SER G 109 23.37 18.82 -64.14
CA SER G 109 22.06 18.21 -63.95
C SER G 109 21.35 18.72 -62.70
N TYR G 110 22.10 19.21 -61.70
CA TYR G 110 21.44 19.84 -60.56
C TYR G 110 20.74 21.13 -60.98
N ILE G 111 21.45 22.04 -61.65
CA ILE G 111 20.81 23.29 -62.07
C ILE G 111 19.70 23.04 -63.09
N ASN G 112 19.96 22.20 -64.10
CA ASN G 112 19.00 22.03 -65.18
C ASN G 112 17.73 21.29 -64.77
N ASP G 113 17.70 20.69 -63.59
CA ASP G 113 16.51 19.97 -63.13
C ASP G 113 15.41 20.98 -62.81
N PRO G 114 14.15 20.69 -63.10
CA PRO G 114 13.09 21.72 -62.97
C PRO G 114 12.59 21.95 -61.56
N ARG G 115 12.73 21.00 -60.64
CA ARG G 115 12.08 21.09 -59.34
C ARG G 115 12.92 21.82 -58.31
N ASN G 116 13.81 22.71 -58.73
CA ASN G 116 14.68 23.43 -57.81
C ASN G 116 14.59 24.95 -57.89
N ASP G 117 14.20 25.51 -59.04
CA ASP G 117 14.10 26.95 -59.24
C ASP G 117 15.41 27.64 -58.82
N ILE G 118 16.46 27.31 -59.57
CA ILE G 118 17.83 27.63 -59.19
C ILE G 118 18.46 28.56 -60.22
N THR G 119 17.67 29.50 -60.74
CA THR G 119 18.20 30.54 -61.63
C THR G 119 19.44 31.20 -61.03
N ILE G 120 20.58 31.10 -61.70
CA ILE G 120 21.87 31.41 -61.11
C ILE G 120 22.58 32.53 -61.87
N SER G 121 22.93 32.30 -63.13
CA SER G 121 23.95 33.12 -63.79
C SER G 121 23.37 34.26 -64.61
N GLY G 122 22.35 33.98 -65.40
CA GLY G 122 21.93 34.94 -66.41
C GLY G 122 22.93 35.07 -67.54
N ILE G 123 23.74 34.04 -67.76
CA ILE G 123 24.79 34.07 -68.77
C ILE G 123 24.60 32.88 -69.70
N ASP G 124 25.09 33.01 -70.93
CA ASP G 124 24.81 32.06 -71.99
C ASP G 124 25.69 30.82 -71.88
N ASN G 125 25.13 29.69 -72.30
CA ASN G 125 25.90 28.50 -72.67
C ASN G 125 26.78 28.02 -71.52
N ILE G 126 26.10 27.55 -70.47
CA ILE G 126 26.79 26.75 -69.47
C ILE G 126 27.37 25.52 -70.16
N ASN G 127 28.38 24.92 -69.52
CA ASN G 127 29.28 23.87 -69.98
C ASN G 127 30.38 24.39 -70.90
N ALA G 128 30.29 25.62 -71.40
CA ALA G 128 31.39 26.18 -72.19
C ALA G 128 31.22 27.70 -72.26
N GLN G 129 31.96 28.44 -71.43
CA GLN G 129 32.62 27.97 -70.22
C GLN G 129 32.60 29.20 -69.33
N LEU G 130 32.73 29.05 -68.00
CA LEU G 130 32.52 30.18 -67.10
C LEU G 130 33.75 30.40 -66.23
N GLY G 131 34.77 31.05 -66.80
CA GLY G 131 35.80 31.77 -66.05
C GLY G 131 36.33 31.13 -64.79
N ALA G 132 36.72 31.97 -63.84
CA ALA G 132 36.86 31.58 -62.44
C ALA G 132 36.38 32.66 -61.48
N GLY G 133 35.96 33.82 -61.97
CA GLY G 133 35.50 34.88 -61.10
C GLY G 133 34.01 35.06 -61.23
N ASP G 134 33.43 34.45 -62.27
CA ASP G 134 31.98 34.34 -62.40
C ASP G 134 31.48 32.97 -61.97
N LEU G 135 32.37 32.02 -61.72
CA LEU G 135 32.00 30.77 -61.08
C LEU G 135 31.66 30.99 -59.61
N GLN G 136 32.17 32.08 -59.03
CA GLN G 136 31.80 32.45 -57.68
C GLN G 136 30.32 32.77 -57.59
N THR G 137 29.75 33.34 -58.65
CA THR G 137 28.31 33.60 -58.67
C THR G 137 27.52 32.31 -58.62
N VAL G 138 27.95 31.30 -59.37
CA VAL G 138 27.27 30.01 -59.34
C VAL G 138 27.37 29.39 -57.96
N LYS G 139 28.57 29.42 -57.36
CA LYS G 139 28.72 28.86 -56.02
C LYS G 139 27.85 29.57 -55.01
N ALA G 140 27.80 30.91 -55.08
CA ALA G 140 26.96 31.66 -54.15
C ALA G 140 25.48 31.41 -54.36
N ALA G 141 25.02 31.33 -55.60
CA ALA G 141 23.61 31.08 -55.85
C ALA G 141 23.19 29.66 -55.55
N ILE G 142 24.13 28.71 -55.55
CA ILE G 142 23.80 27.35 -55.11
C ILE G 142 23.80 27.26 -53.59
N SER G 143 24.83 27.79 -52.94
CA SER G 143 24.92 27.72 -51.49
C SER G 143 24.10 28.80 -50.79
N ALA G 144 23.30 29.57 -51.51
CA ALA G 144 22.32 30.43 -50.86
C ALA G 144 20.97 29.77 -50.70
N LYS G 145 20.69 28.69 -51.43
CA LYS G 145 19.48 27.92 -51.25
C LYS G 145 19.68 26.79 -50.24
N ALA G 146 20.89 26.65 -49.72
CA ALA G 146 21.17 25.71 -48.64
C ALA G 146 20.87 26.29 -47.27
N ASN G 147 20.53 27.56 -47.19
CA ASN G 147 20.33 28.22 -45.90
C ASN G 147 18.84 28.31 -45.54
N ASN G 148 18.17 27.15 -45.48
CA ASN G 148 16.74 27.12 -45.25
C ASN G 148 16.36 26.27 -44.04
N LEU G 149 17.13 26.31 -42.96
CA LEU G 149 16.79 25.59 -41.75
C LEU G 149 16.24 26.48 -40.66
N THR G 150 15.97 27.75 -40.96
CA THR G 150 15.28 28.60 -39.99
C THR G 150 13.85 28.89 -40.39
N THR G 151 13.52 28.83 -41.68
CA THR G 151 12.13 28.95 -42.07
C THR G 151 11.31 27.75 -41.63
N THR G 152 11.95 26.60 -41.37
CA THR G 152 11.27 25.42 -40.89
C THR G 152 11.43 25.20 -39.39
N VAL G 153 12.08 26.13 -38.70
CA VAL G 153 12.04 26.18 -37.24
C VAL G 153 11.13 27.31 -36.76
N ASN G 154 11.01 28.38 -37.54
CA ASN G 154 10.04 29.41 -37.18
C ASN G 154 8.62 28.93 -37.41
N ASN G 155 8.41 28.13 -38.45
CA ASN G 155 7.07 27.70 -38.84
C ASN G 155 6.56 26.52 -38.04
N SER G 156 7.42 25.82 -37.30
CA SER G 156 7.06 24.53 -36.73
C SER G 156 7.54 24.41 -35.28
N GLN G 157 7.28 25.42 -34.46
CA GLN G 157 7.59 25.32 -33.04
C GLN G 157 6.37 25.45 -32.15
N LEU G 158 5.29 26.08 -32.61
CA LEU G 158 4.05 26.11 -31.86
C LEU G 158 3.15 24.95 -32.20
N GLU G 159 3.50 24.16 -33.20
CA GLU G 159 2.80 22.93 -33.48
C GLU G 159 3.42 21.75 -32.76
N ILE G 160 4.74 21.62 -32.81
CA ILE G 160 5.40 20.56 -32.08
C ILE G 160 5.16 20.69 -30.58
N GLN G 161 5.01 21.91 -30.08
CA GLN G 161 4.48 22.17 -28.75
C GLN G 161 3.28 21.28 -28.47
N GLN G 162 2.23 21.45 -29.26
CA GLN G 162 0.96 20.79 -28.98
C GLN G 162 0.99 19.30 -29.31
N MET G 163 1.64 18.92 -30.40
CA MET G 163 1.76 17.50 -30.73
C MET G 163 2.50 16.75 -29.63
N SER G 164 3.63 17.28 -29.18
CA SER G 164 4.38 16.63 -28.12
C SER G 164 3.62 16.62 -26.80
N ASN G 165 2.91 17.70 -26.46
CA ASN G 165 2.15 17.64 -25.22
C ASN G 165 1.02 16.63 -25.30
N THR G 166 0.22 16.65 -26.36
CA THR G 166 -0.92 15.75 -26.46
C THR G 166 -0.48 14.30 -26.51
N LEU G 167 0.60 14.00 -27.22
CA LEU G 167 0.97 12.61 -27.44
C LEU G 167 1.41 11.95 -26.14
N ASN G 168 2.16 12.69 -25.33
CA ASN G 168 2.46 12.28 -23.96
C ASN G 168 1.20 12.17 -23.12
N LEU G 169 0.33 13.18 -23.21
CA LEU G 169 -0.85 13.25 -22.39
C LEU G 169 -1.80 12.11 -22.66
N LEU G 170 -1.60 11.43 -23.78
CA LEU G 170 -2.45 10.34 -24.23
C LEU G 170 -1.81 8.96 -23.98
N THR G 171 -0.49 8.86 -24.12
CA THR G 171 0.22 7.68 -23.61
C THR G 171 -0.04 7.48 -22.12
N SER G 172 0.11 8.54 -21.34
CA SER G 172 -0.06 8.44 -19.90
C SER G 172 -1.51 8.28 -19.47
N ALA G 173 -2.46 8.42 -20.40
CA ALA G 173 -3.86 8.14 -20.10
C ALA G 173 -4.26 6.74 -20.51
N ARG G 174 -3.59 6.18 -21.52
CA ARG G 174 -3.84 4.82 -21.96
C ARG G 174 -3.34 3.88 -20.86
N SER G 175 -2.20 4.22 -20.30
CA SER G 175 -1.54 3.46 -19.25
C SER G 175 -2.34 3.40 -17.95
N ASP G 176 -2.96 4.52 -17.59
CA ASP G 176 -3.75 4.57 -16.37
C ASP G 176 -4.89 3.58 -16.52
N MET G 177 -5.43 3.51 -17.73
CA MET G 177 -6.52 2.59 -18.03
C MET G 177 -6.06 1.14 -17.86
N GLN G 178 -4.84 0.84 -18.28
CA GLN G 178 -4.33 -0.53 -18.17
C GLN G 178 -4.11 -0.93 -16.72
N SER G 179 -3.54 -0.03 -15.91
CA SER G 179 -3.35 -0.35 -14.50
C SER G 179 -4.68 -0.58 -13.79
N LEU G 180 -5.68 0.27 -14.06
CA LEU G 180 -6.99 0.08 -13.45
C LEU G 180 -7.62 -1.23 -13.89
N GLN G 181 -7.49 -1.58 -15.17
CA GLN G 181 -8.03 -2.84 -15.67
C GLN G 181 -7.40 -4.01 -14.94
N TYR G 182 -6.11 -3.94 -14.65
CA TYR G 182 -5.48 -5.00 -13.87
C TYR G 182 -6.01 -5.04 -12.45
N ARG G 183 -6.03 -3.90 -11.76
CA ARG G 183 -6.39 -3.91 -10.35
C ARG G 183 -7.85 -4.24 -10.12
N THR G 184 -8.72 -4.04 -11.11
CA THR G 184 -10.13 -4.37 -10.93
C THR G 184 -10.36 -5.88 -10.90
N ILE G 185 -9.65 -6.62 -11.75
CA ILE G 185 -9.87 -8.05 -11.86
C ILE G 185 -9.08 -8.83 -10.82
N SER G 186 -8.06 -8.22 -10.23
CA SER G 186 -7.29 -8.90 -9.20
C SER G 186 -8.08 -9.13 -7.92
N GLY G 187 -9.17 -8.41 -7.72
CA GLY G 187 -9.97 -8.51 -6.51
C GLY G 187 -11.03 -9.58 -6.52
N ILE G 188 -11.10 -10.40 -7.56
CA ILE G 188 -12.07 -11.50 -7.64
C ILE G 188 -11.37 -12.78 -7.23
N SER G 189 -11.80 -13.37 -6.12
CA SER G 189 -11.22 -14.58 -5.58
C SER G 189 -12.16 -15.75 -5.87
N LEU G 190 -11.63 -16.78 -6.52
CA LEU G 190 -12.43 -17.92 -6.96
C LEU G 190 -12.52 -18.94 -5.84
N GLY G 191 -13.74 -19.39 -5.56
CA GLY G 191 -13.93 -20.43 -4.56
C GLY G 191 -13.70 -20.00 -3.13
N LYS G 192 -13.84 -18.73 -2.81
CA LYS G 192 -13.64 -18.26 -1.45
C LYS G 192 -14.75 -17.33 -1.02
N SER H 19 27.60 10.65 -39.57
CA SER H 19 27.84 10.85 -38.15
C SER H 19 26.75 10.20 -37.31
N MET H 20 25.67 9.78 -37.97
CA MET H 20 24.56 9.13 -37.32
C MET H 20 24.25 7.81 -38.01
N ALA H 21 23.21 7.14 -37.52
CA ALA H 21 22.87 5.80 -37.99
C ALA H 21 22.21 5.83 -39.37
N TYR H 22 21.16 6.62 -39.52
CA TYR H 22 20.35 6.60 -40.73
C TYR H 22 20.72 7.78 -41.61
N ASP H 23 20.98 7.50 -42.88
CA ASP H 23 21.41 8.51 -43.85
C ASP H 23 20.20 9.05 -44.62
N LEU H 24 19.43 9.91 -43.96
CA LEU H 24 18.20 10.45 -44.52
C LEU H 24 18.44 11.35 -45.73
N GLY H 25 19.68 11.53 -46.16
CA GLY H 25 19.95 12.40 -47.29
C GLY H 25 19.60 11.80 -48.64
N SER H 26 19.42 10.49 -48.70
CA SER H 26 19.09 9.81 -49.94
C SER H 26 17.67 9.24 -49.96
N MET H 27 17.17 8.80 -48.83
CA MET H 27 15.84 8.18 -48.77
C MET H 27 14.76 9.17 -49.19
N SER H 28 13.84 8.69 -50.01
CA SER H 28 12.74 9.51 -50.47
C SER H 28 11.77 9.77 -49.32
N LYS H 29 10.67 10.46 -49.61
CA LYS H 29 9.74 10.78 -48.54
C LYS H 29 8.96 9.56 -48.08
N ASP H 30 8.52 8.72 -49.03
CA ASP H 30 7.74 7.55 -48.66
C ASP H 30 8.59 6.47 -48.01
N ASP H 31 9.91 6.61 -48.03
CA ASP H 31 10.78 5.76 -47.22
C ASP H 31 11.11 6.38 -45.87
N VAL H 32 11.21 7.71 -45.81
CA VAL H 32 11.42 8.36 -44.53
C VAL H 32 10.20 8.15 -43.64
N ILE H 33 9.00 8.21 -44.20
CA ILE H 33 7.81 8.01 -43.37
C ILE H 33 7.77 6.59 -42.82
N ASP H 34 8.08 5.60 -43.64
CA ASP H 34 8.11 4.22 -43.14
C ASP H 34 9.21 4.01 -42.12
N LEU H 35 10.35 4.70 -42.30
CA LEU H 35 11.40 4.65 -41.29
C LEU H 35 10.92 5.21 -39.97
N PHE H 36 10.30 6.39 -40.00
CA PHE H 36 9.80 7.01 -38.78
C PHE H 36 8.71 6.19 -38.14
N ASN H 37 7.93 5.45 -38.93
CA ASN H 37 6.97 4.53 -38.35
C ASN H 37 7.65 3.34 -37.68
N LYS H 38 8.77 2.88 -38.23
CA LYS H 38 9.51 1.82 -37.55
C LYS H 38 10.02 2.28 -36.20
N LEU H 39 10.53 3.50 -36.10
CA LEU H 39 10.89 4.08 -34.83
C LEU H 39 9.62 4.54 -34.12
N GLY H 40 9.78 5.28 -33.03
CA GLY H 40 8.63 5.78 -32.30
C GLY H 40 8.11 7.08 -32.88
N VAL H 41 7.43 7.85 -32.03
CA VAL H 41 7.05 9.20 -32.36
C VAL H 41 8.00 10.23 -31.78
N PHE H 42 8.61 9.95 -30.62
CA PHE H 42 9.59 10.85 -30.02
C PHE H 42 10.96 10.72 -30.67
N GLN H 43 11.35 9.52 -31.06
CA GLN H 43 12.65 9.37 -31.69
C GLN H 43 12.62 9.71 -33.17
N ALA H 44 11.46 9.72 -33.81
CA ALA H 44 11.39 10.38 -35.10
C ALA H 44 11.71 11.85 -34.97
N ALA H 45 11.17 12.49 -33.93
CA ALA H 45 11.50 13.89 -33.67
C ALA H 45 12.97 14.07 -33.36
N ILE H 46 13.57 13.15 -32.61
CA ILE H 46 14.98 13.31 -32.30
C ILE H 46 15.85 13.13 -33.56
N LEU H 47 15.55 12.17 -34.44
CA LEU H 47 16.30 12.13 -35.70
C LEU H 47 16.07 13.36 -36.54
N MET H 48 14.85 13.86 -36.63
CA MET H 48 14.62 15.03 -37.46
C MET H 48 15.43 16.22 -36.96
N PHE H 49 15.46 16.41 -35.65
CA PHE H 49 16.24 17.51 -35.08
C PHE H 49 17.74 17.26 -35.19
N ALA H 50 18.19 16.01 -35.08
CA ALA H 50 19.62 15.74 -35.20
C ALA H 50 20.11 15.96 -36.62
N TYR H 51 19.32 15.56 -37.61
CA TYR H 51 19.71 15.82 -39.00
C TYR H 51 19.65 17.31 -39.32
N MET H 52 18.65 18.03 -38.82
CA MET H 52 18.65 19.47 -39.02
C MET H 52 19.86 20.13 -38.36
N TYR H 53 20.26 19.64 -37.18
CA TYR H 53 21.46 20.16 -36.55
C TYR H 53 22.70 19.87 -37.36
N GLN H 54 22.82 18.67 -37.94
CA GLN H 54 23.98 18.38 -38.78
C GLN H 54 24.01 19.29 -40.00
N ALA H 55 22.86 19.50 -40.65
CA ALA H 55 22.86 20.36 -41.82
C ALA H 55 23.26 21.78 -41.46
N GLN H 56 22.73 22.32 -40.37
CA GLN H 56 23.08 23.67 -39.96
C GLN H 56 24.55 23.77 -39.55
N SER H 57 25.07 22.78 -38.83
CA SER H 57 26.47 22.83 -38.44
C SER H 57 27.39 22.72 -39.64
N ASP H 58 27.00 21.93 -40.64
CA ASP H 58 27.82 21.86 -41.85
C ASP H 58 27.84 23.19 -42.59
N LEU H 59 26.69 23.85 -42.71
CA LEU H 59 26.69 25.19 -43.31
C LEU H 59 27.63 26.12 -42.55
N SER H 60 27.48 26.18 -41.23
CA SER H 60 28.25 27.14 -40.46
C SER H 60 29.73 26.83 -40.51
N ILE H 61 30.13 25.56 -40.45
CA ILE H 61 31.55 25.24 -40.47
C ILE H 61 32.14 25.48 -41.86
N ALA H 62 31.40 25.17 -42.92
CA ALA H 62 31.89 25.54 -44.24
C ALA H 62 31.99 27.05 -44.42
N LYS H 63 31.22 27.82 -43.63
CA LYS H 63 31.42 29.27 -43.60
C LYS H 63 32.68 29.64 -42.82
N PHE H 64 32.95 28.95 -41.71
CA PHE H 64 34.10 29.29 -40.87
C PHE H 64 35.42 28.94 -41.52
N ALA H 65 35.42 28.07 -42.52
CA ALA H 65 36.65 27.74 -43.22
C ALA H 65 36.91 28.64 -44.42
N ASP H 66 36.00 29.56 -44.72
CA ASP H 66 36.24 30.62 -45.70
C ASP H 66 36.83 31.87 -45.05
N MET H 67 36.94 31.90 -43.73
CA MET H 67 37.57 33.01 -43.04
C MET H 67 38.98 32.67 -42.55
N ASN H 68 39.23 31.41 -42.22
CA ASN H 68 40.60 30.97 -42.05
C ASN H 68 41.41 31.13 -43.32
N GLU H 69 40.78 31.17 -44.49
CA GLU H 69 41.53 31.52 -45.70
C GLU H 69 42.08 32.93 -45.59
N ALA H 70 41.26 33.88 -45.14
CA ALA H 70 41.72 35.25 -45.00
C ALA H 70 42.81 35.36 -43.94
N SER H 71 42.63 34.69 -42.81
CA SER H 71 43.67 34.79 -41.78
C SER H 71 44.96 34.08 -42.21
N LYS H 72 44.86 32.98 -42.95
CA LYS H 72 46.06 32.32 -43.47
C LYS H 72 46.81 33.23 -44.44
N GLU H 73 46.08 33.89 -45.33
CA GLU H 73 46.72 34.83 -46.24
C GLU H 73 47.41 35.95 -45.46
N SER H 74 46.75 36.47 -44.43
CA SER H 74 47.36 37.55 -43.66
C SER H 74 48.64 37.10 -42.98
N THR H 75 48.64 35.91 -42.36
CA THR H 75 49.85 35.48 -41.67
C THR H 75 50.99 35.18 -42.65
N THR H 76 50.71 34.57 -43.80
CA THR H 76 51.80 34.34 -44.75
C THR H 76 52.34 35.65 -45.29
N ALA H 77 51.47 36.61 -45.60
CA ALA H 77 51.95 37.90 -46.09
C ALA H 77 52.79 38.60 -45.04
N GLN H 78 52.38 38.54 -43.76
CA GLN H 78 53.18 39.15 -42.70
C GLN H 78 54.54 38.48 -42.57
N LYS H 79 54.59 37.16 -42.69
CA LYS H 79 55.88 36.47 -42.61
C LYS H 79 56.81 36.91 -43.75
N MET H 80 56.27 37.00 -44.97
CA MET H 80 57.11 37.46 -46.08
C MET H 80 57.60 38.89 -45.87
N ALA H 81 56.70 39.78 -45.41
CA ALA H 81 57.12 41.15 -45.15
C ALA H 81 58.19 41.22 -44.09
N ASN H 82 58.11 40.37 -43.06
CA ASN H 82 59.15 40.36 -42.04
C ASN H 82 60.47 39.82 -42.58
N LEU H 83 60.45 38.87 -43.52
CA LEU H 83 61.70 38.46 -44.15
C LEU H 83 62.32 39.62 -44.94
N VAL H 84 61.49 40.38 -45.66
CA VAL H 84 62.03 41.53 -46.40
C VAL H 84 62.57 42.59 -45.44
N ASP H 85 61.93 42.79 -44.28
CA ASP H 85 62.49 43.70 -43.28
C ASP H 85 63.81 43.19 -42.73
N ALA H 86 63.92 41.90 -42.45
CA ALA H 86 65.21 41.36 -42.03
C ALA H 86 66.28 41.58 -43.06
N LYS H 87 65.93 41.49 -44.35
CA LYS H 87 66.88 41.79 -45.41
C LYS H 87 67.27 43.27 -45.48
N ILE H 88 66.32 44.18 -45.27
CA ILE H 88 66.65 45.60 -45.30
C ILE H 88 67.57 45.98 -44.13
N ALA H 89 67.39 45.35 -42.98
CA ALA H 89 68.19 45.69 -41.79
C ALA H 89 69.65 45.35 -41.92
N ASP H 90 70.09 44.89 -43.10
CA ASP H 90 71.50 44.66 -43.39
C ASP H 90 71.99 45.48 -44.57
N VAL H 91 71.12 46.13 -45.32
CA VAL H 91 71.51 46.96 -46.45
C VAL H 91 71.32 48.41 -46.03
N GLN H 92 70.58 48.63 -44.94
CA GLN H 92 70.55 49.95 -44.33
C GLN H 92 71.82 50.21 -43.52
N SER H 93 72.32 49.19 -42.84
CA SER H 93 73.57 49.29 -42.09
C SER H 93 74.79 49.10 -42.98
N SER H 94 74.60 49.05 -44.30
CA SER H 94 75.70 48.84 -45.22
C SER H 94 76.50 50.13 -45.38
N SER H 95 77.81 50.03 -45.17
CA SER H 95 78.67 51.20 -45.25
C SER H 95 78.71 51.78 -46.66
N ASP H 96 78.54 50.95 -47.68
CA ASP H 96 78.66 51.36 -49.07
C ASP H 96 77.37 52.07 -49.49
N LYS H 97 77.20 52.28 -50.79
CA LYS H 97 75.90 52.70 -51.30
C LYS H 97 74.89 51.58 -51.07
N ASN H 98 73.65 51.96 -50.76
CA ASN H 98 72.66 50.97 -50.35
C ASN H 98 71.99 50.29 -51.54
N ALA H 99 72.79 49.76 -52.48
CA ALA H 99 72.26 48.87 -53.52
C ALA H 99 73.15 47.65 -53.57
N LYS H 100 72.94 46.74 -52.61
CA LYS H 100 73.46 45.37 -52.64
C LYS H 100 72.46 44.56 -51.81
N ALA H 101 71.46 44.00 -52.49
CA ALA H 101 70.37 43.34 -51.77
C ALA H 101 69.60 42.46 -52.73
N GLN H 102 69.15 41.32 -52.19
CA GLN H 102 68.25 40.41 -52.89
C GLN H 102 67.26 39.86 -51.89
N LEU H 103 66.07 39.58 -52.36
CA LEU H 103 65.08 38.98 -51.49
C LEU H 103 65.50 37.54 -51.16
N PRO H 104 65.19 37.05 -49.96
CA PRO H 104 65.48 35.65 -49.65
C PRO H 104 64.65 34.72 -50.52
N ASP H 105 65.21 33.54 -50.79
CA ASP H 105 64.72 32.71 -51.90
C ASP H 105 63.26 32.33 -51.74
N GLU H 106 62.72 32.37 -50.53
CA GLU H 106 61.31 32.03 -50.33
C GLU H 106 60.38 33.17 -50.72
N VAL H 107 60.82 34.42 -50.54
CA VAL H 107 59.97 35.55 -50.93
C VAL H 107 59.83 35.61 -52.45
N ILE H 108 60.88 35.24 -53.19
CA ILE H 108 60.75 35.22 -54.66
C ILE H 108 59.67 34.25 -55.08
N SER H 109 59.66 33.04 -54.50
CA SER H 109 58.60 32.11 -54.82
C SER H 109 57.24 32.57 -54.30
N TYR H 110 57.21 33.41 -53.27
CA TYR H 110 55.93 33.99 -52.86
C TYR H 110 55.38 34.92 -53.93
N ILE H 111 56.18 35.89 -54.39
CA ILE H 111 55.68 36.80 -55.44
C ILE H 111 55.39 36.06 -56.74
N ASN H 112 56.30 35.19 -57.18
CA ASN H 112 56.15 34.57 -58.50
C ASN H 112 55.01 33.55 -58.56
N ASP H 113 54.43 33.17 -57.43
CA ASP H 113 53.34 32.22 -57.44
C ASP H 113 52.09 32.88 -58.02
N PRO H 114 51.27 32.17 -58.80
CA PRO H 114 50.17 32.85 -59.52
C PRO H 114 48.94 33.14 -58.69
N ARG H 115 48.69 32.43 -57.59
CA ARG H 115 47.43 32.54 -56.88
C ARG H 115 47.40 33.65 -55.84
N ASN H 116 48.23 34.69 -56.01
CA ASN H 116 48.31 35.77 -55.04
C ASN H 116 48.02 37.15 -55.62
N ASP H 117 48.24 37.37 -56.91
CA ASP H 117 48.04 38.68 -57.55
C ASP H 117 48.76 39.78 -56.77
N ILE H 118 50.09 39.66 -56.76
CA ILE H 118 50.94 40.44 -55.86
C ILE H 118 51.87 41.33 -56.67
N THR H 119 51.36 41.90 -57.78
CA THR H 119 52.10 42.89 -58.54
C THR H 119 52.68 43.98 -57.64
N ILE H 120 54.00 44.12 -57.59
CA ILE H 120 54.67 44.91 -56.56
C ILE H 120 55.48 46.05 -57.16
N SER H 121 56.51 45.73 -57.95
CA SER H 121 57.57 46.70 -58.23
C SER H 121 57.36 47.47 -59.52
N GLY H 122 57.02 46.77 -60.60
CA GLY H 122 57.08 47.38 -61.90
C GLY H 122 58.50 47.62 -62.37
N ILE H 123 59.46 46.86 -61.84
CA ILE H 123 60.86 47.04 -62.14
C ILE H 123 61.42 45.71 -62.65
N ASP H 124 62.48 45.80 -63.44
CA ASP H 124 63.00 44.65 -64.16
C ASP H 124 63.86 43.76 -63.26
N ASN H 125 63.83 42.46 -63.55
CA ASN H 125 64.86 41.52 -63.12
C ASN H 125 65.02 41.52 -61.59
N ILE H 126 63.96 41.04 -60.93
CA ILE H 126 64.10 40.67 -59.54
C ILE H 126 65.15 39.57 -59.44
N ASN H 127 65.73 39.41 -58.24
CA ASN H 127 66.89 38.62 -57.85
C ASN H 127 68.21 39.29 -58.22
N ALA H 128 68.21 40.35 -59.04
CA ALA H 128 69.45 41.07 -59.30
C ALA H 128 69.10 42.44 -59.90
N GLN H 129 69.11 43.49 -59.08
CA GLN H 129 69.06 43.45 -57.63
C GLN H 129 68.33 44.75 -57.28
N LEU H 130 67.74 44.85 -56.09
CA LEU H 130 66.88 46.00 -55.79
C LEU H 130 67.35 46.72 -54.53
N GLY H 131 68.38 47.54 -54.69
CA GLY H 131 68.70 48.65 -53.78
C GLY H 131 68.53 48.41 -52.30
N ALA H 132 68.18 49.49 -51.59
CA ALA H 132 67.58 49.37 -50.26
C ALA H 132 66.48 50.40 -50.04
N GLY H 133 66.22 51.29 -50.99
CA GLY H 133 65.18 52.29 -50.84
C GLY H 133 64.01 51.98 -51.74
N ASP H 134 64.21 51.07 -52.68
CA ASP H 134 63.13 50.50 -53.47
C ASP H 134 62.70 49.13 -52.97
N LEU H 135 63.45 48.55 -52.03
CA LEU H 135 63.00 47.37 -51.32
C LEU H 135 61.88 47.72 -50.35
N GLN H 136 61.79 48.98 -49.95
CA GLN H 136 60.66 49.44 -49.15
C GLN H 136 59.36 49.30 -49.91
N THR H 137 59.39 49.50 -51.23
CA THR H 137 58.19 49.31 -52.04
C THR H 137 57.73 47.86 -52.00
N VAL H 138 58.67 46.92 -52.10
CA VAL H 138 58.31 45.51 -52.02
C VAL H 138 57.73 45.18 -50.66
N LYS H 139 58.36 45.66 -49.59
CA LYS H 139 57.84 45.40 -48.25
C LYS H 139 56.44 45.97 -48.08
N ALA H 140 56.22 47.20 -48.55
CA ALA H 140 54.89 47.81 -48.43
C ALA H 140 53.85 47.08 -49.26
N ALA H 141 54.17 46.67 -50.48
CA ALA H 141 53.21 45.98 -51.31
C ALA H 141 52.95 44.55 -50.86
N ILE H 142 53.86 43.95 -50.09
CA ILE H 142 53.57 42.64 -49.50
C ILE H 142 52.74 42.80 -48.23
N SER H 143 53.13 43.72 -47.35
CA SER H 143 52.40 43.91 -46.10
C SER H 143 51.17 44.79 -46.26
N ALA H 144 50.80 45.15 -47.47
CA ALA H 144 49.51 45.78 -47.69
C ALA H 144 48.42 44.77 -48.03
N LYS H 145 48.78 43.56 -48.44
CA LYS H 145 47.81 42.49 -48.66
C LYS H 145 47.61 41.67 -47.40
N ALA H 146 48.33 41.98 -46.33
CA ALA H 146 48.11 41.35 -45.04
C ALA H 146 47.00 42.02 -44.25
N ASN H 147 46.47 43.13 -44.72
CA ASN H 147 45.48 43.91 -43.98
C ASN H 147 44.06 43.59 -44.45
N ASN H 148 43.67 42.32 -44.37
CA ASN H 148 42.37 41.88 -44.89
C ASN H 148 41.54 41.16 -43.84
N LEU H 149 41.56 41.62 -42.59
CA LEU H 149 40.72 41.03 -41.55
C LEU H 149 39.52 41.87 -41.22
N THR H 150 39.26 42.94 -41.96
CA THR H 150 38.02 43.69 -41.78
C THR H 150 37.02 43.46 -42.89
N THR H 151 37.48 43.10 -44.09
CA THR H 151 36.54 42.73 -45.14
C THR H 151 35.83 41.42 -44.82
N THR H 152 36.40 40.59 -43.94
CA THR H 152 35.79 39.34 -43.54
C THR H 152 35.12 39.43 -42.17
N VAL H 153 35.10 40.60 -41.56
CA VAL H 153 34.26 40.88 -40.42
C VAL H 153 33.06 41.74 -40.81
N ASN H 154 33.21 42.59 -41.83
CA ASN H 154 32.06 43.33 -42.32
C ASN H 154 31.11 42.41 -43.07
N ASN H 155 31.64 41.42 -43.78
CA ASN H 155 30.84 40.54 -44.63
C ASN H 155 30.17 39.41 -43.87
N SER H 156 30.58 39.14 -42.64
CA SER H 156 30.19 37.91 -41.97
C SER H 156 29.80 38.18 -40.51
N GLN H 157 28.95 39.17 -40.28
CA GLN H 157 28.43 39.40 -38.95
C GLN H 157 26.92 39.30 -38.86
N LEU H 158 26.20 39.49 -39.96
CA LEU H 158 24.76 39.27 -39.96
C LEU H 158 24.40 37.85 -40.35
N GLU H 159 25.39 37.05 -40.76
CA GLU H 159 25.17 35.63 -40.95
C GLU H 159 25.47 34.82 -39.71
N ILE H 160 26.60 35.11 -39.05
CA ILE H 160 26.91 34.42 -37.82
C ILE H 160 25.85 34.71 -36.75
N GLN H 161 25.26 35.90 -36.77
CA GLN H 161 24.04 36.20 -36.03
C GLN H 161 23.06 35.05 -36.13
N GLN H 162 22.59 34.76 -37.35
CA GLN H 162 21.52 33.79 -37.55
C GLN H 162 21.98 32.36 -37.37
N MET H 163 23.18 32.02 -37.82
CA MET H 163 23.69 30.67 -37.60
C MET H 163 23.82 30.36 -36.11
N SER H 164 24.39 31.29 -35.34
CA SER H 164 24.53 31.07 -33.91
C SER H 164 23.18 31.03 -33.21
N ASN H 165 22.24 31.89 -33.60
CA ASN H 165 20.93 31.81 -32.95
C ASN H 165 20.23 30.50 -33.27
N THR H 166 20.16 30.12 -34.55
CA THR H 166 19.44 28.90 -34.93
C THR H 166 20.06 27.66 -34.30
N LEU H 167 21.38 27.60 -34.27
CA LEU H 167 22.04 26.37 -33.85
C LEU H 167 21.79 26.10 -32.37
N ASN H 168 21.83 27.15 -31.55
CA ASN H 168 21.38 27.06 -30.16
C ASN H 168 19.90 26.73 -30.08
N LEU H 169 19.08 27.39 -30.88
CA LEU H 169 17.64 27.24 -30.82
C LEU H 169 17.21 25.83 -31.18
N LEU H 170 18.11 25.07 -31.79
CA LEU H 170 17.86 23.72 -32.24
C LEU H 170 18.46 22.66 -31.32
N THR H 171 19.63 22.94 -30.73
CA THR H 171 20.11 22.14 -29.62
C THR H 171 19.11 22.10 -28.47
N SER H 172 18.62 23.28 -28.08
CA SER H 172 17.70 23.36 -26.96
C SER H 172 16.31 22.84 -27.28
N ALA H 173 16.02 22.53 -28.54
CA ALA H 173 14.78 21.90 -28.92
C ALA H 173 14.90 20.39 -29.03
N ARG H 174 16.10 19.92 -29.35
CA ARG H 174 16.37 18.49 -29.43
C ARG H 174 16.32 17.92 -28.01
N SER H 175 16.89 18.69 -27.09
CA SER H 175 16.96 18.34 -25.66
C SER H 175 15.59 18.25 -24.99
N ASP H 176 14.70 19.17 -25.34
CA ASP H 176 13.37 19.18 -24.76
C ASP H 176 12.69 17.88 -25.14
N MET H 177 12.93 17.45 -26.37
CA MET H 177 12.37 16.21 -26.88
C MET H 177 12.88 15.01 -26.08
N GLN H 178 14.17 15.04 -25.73
CA GLN H 178 14.75 13.92 -24.98
C GLN H 178 14.20 13.85 -23.56
N SER H 179 14.05 14.99 -22.89
CA SER H 179 13.48 14.98 -21.55
C SER H 179 12.03 14.48 -21.56
N LEU H 180 11.23 14.93 -22.53
CA LEU H 180 9.86 14.45 -22.63
C LEU H 180 9.80 12.96 -22.91
N GLN H 181 10.67 12.47 -23.79
CA GLN H 181 10.73 11.04 -24.08
C GLN H 181 11.03 10.24 -22.82
N TYR H 182 11.91 10.75 -21.97
CA TYR H 182 12.17 10.07 -20.70
C TYR H 182 10.96 10.10 -19.79
N ARG H 183 10.36 11.28 -19.59
CA ARG H 183 9.29 11.39 -18.61
C ARG H 183 8.01 10.68 -19.05
N THR H 184 7.82 10.44 -20.35
CA THR H 184 6.63 9.73 -20.79
C THR H 184 6.68 8.25 -20.43
N ILE H 185 7.85 7.63 -20.56
CA ILE H 185 7.97 6.20 -20.33
C ILE H 185 8.18 5.88 -18.85
N SER H 186 8.57 6.86 -18.04
CA SER H 186 8.74 6.62 -16.62
C SER H 186 7.43 6.37 -15.90
N GLY H 187 6.31 6.75 -16.50
CA GLY H 187 5.01 6.61 -15.89
C GLY H 187 4.32 5.29 -16.10
N ILE H 188 4.98 4.32 -16.72
CA ILE H 188 4.42 2.99 -16.93
C ILE H 188 4.97 2.06 -15.87
N SER H 189 4.09 1.56 -15.01
CA SER H 189 4.47 0.67 -13.91
C SER H 189 4.07 -0.75 -14.27
N LEU H 190 5.03 -1.66 -14.23
CA LEU H 190 4.81 -3.05 -14.65
C LEU H 190 4.27 -3.86 -13.47
N GLY H 191 3.20 -4.60 -13.70
CA GLY H 191 2.66 -5.47 -12.68
C GLY H 191 1.99 -4.77 -11.52
N LYS H 192 1.49 -3.56 -11.72
CA LYS H 192 0.82 -2.85 -10.64
C LYS H 192 -0.49 -2.23 -11.13
N SER I 19 50.79 30.62 -29.94
CA SER I 19 50.17 31.12 -28.72
C SER I 19 48.92 30.30 -28.38
N MET I 20 48.47 29.49 -29.33
CA MET I 20 47.32 28.63 -29.15
C MET I 20 47.67 27.18 -29.49
N ALA I 21 46.66 26.33 -29.39
CA ALA I 21 46.87 24.89 -29.54
C ALA I 21 47.10 24.50 -30.99
N TYR I 22 46.19 24.89 -31.88
CA TYR I 22 46.21 24.43 -33.26
C TYR I 22 46.81 25.51 -34.15
N ASP I 23 47.77 25.12 -34.98
CA ASP I 23 48.50 26.05 -35.86
C ASP I 23 47.85 26.06 -37.24
N LEU I 24 46.70 26.74 -37.34
CA LEU I 24 45.93 26.79 -38.58
C LEU I 24 46.64 27.50 -39.71
N GLY I 25 47.87 27.98 -39.50
CA GLY I 25 48.58 28.70 -40.55
C GLY I 25 49.14 27.81 -41.63
N SER I 26 49.26 26.51 -41.39
CA SER I 26 49.78 25.58 -42.36
C SER I 26 48.73 24.62 -42.91
N MET I 27 47.75 24.23 -42.10
CA MET I 27 46.76 23.26 -42.53
C MET I 27 45.95 23.79 -43.70
N SER I 28 45.74 22.92 -44.68
CA SER I 28 44.95 23.29 -45.85
C SER I 28 43.49 23.42 -45.47
N LYS I 29 42.63 23.69 -46.46
CA LYS I 29 41.22 23.89 -46.15
C LYS I 29 40.54 22.58 -45.79
N ASP I 30 40.85 21.50 -46.52
CA ASP I 30 40.21 20.23 -46.26
C ASP I 30 40.71 19.57 -44.99
N ASP I 31 41.77 20.10 -44.39
CA ASP I 31 42.18 19.70 -43.04
C ASP I 31 41.59 20.60 -41.97
N VAL I 32 41.42 21.89 -42.26
CA VAL I 32 40.75 22.77 -41.32
C VAL I 32 39.31 22.36 -41.13
N ILE I 33 38.63 21.95 -42.20
CA ILE I 33 37.23 21.54 -42.07
C ILE I 33 37.13 20.29 -41.20
N ASP I 34 38.01 19.32 -41.41
CA ASP I 34 37.98 18.10 -40.59
C ASP I 34 38.36 18.41 -39.14
N LEU I 35 39.26 19.36 -38.93
CA LEU I 35 39.57 19.80 -37.57
C LEU I 35 38.35 20.40 -36.90
N PHE I 36 37.66 21.32 -37.59
CA PHE I 36 36.47 21.94 -37.03
C PHE I 36 35.35 20.94 -36.80
N ASN I 37 35.29 19.89 -37.60
CA ASN I 37 34.33 18.82 -37.33
C ASN I 37 34.71 18.02 -36.09
N LYS I 38 36.01 17.83 -35.84
CA LYS I 38 36.41 17.18 -34.61
C LYS I 38 35.99 17.98 -33.39
N LEU I 39 36.17 19.30 -33.43
CA LEU I 39 35.64 20.17 -32.39
C LEU I 39 34.14 20.33 -32.58
N GLY I 40 33.54 21.24 -31.84
CA GLY I 40 32.12 21.49 -31.95
C GLY I 40 31.79 22.45 -33.07
N VAL I 41 30.65 23.11 -32.95
CA VAL I 41 30.30 24.21 -33.82
C VAL I 41 30.58 25.56 -33.17
N PHE I 42 30.48 25.67 -31.85
CA PHE I 42 30.79 26.90 -31.14
C PHE I 42 32.28 27.09 -30.96
N GLN I 43 33.02 26.02 -30.71
CA GLN I 43 34.46 26.18 -30.55
C GLN I 43 35.20 26.25 -31.87
N ALA I 44 34.61 25.79 -32.97
CA ALA I 44 35.15 26.18 -34.25
C ALA I 44 35.09 27.68 -34.42
N ALA I 45 33.97 28.30 -34.04
CA ALA I 45 33.87 29.74 -34.09
C ALA I 45 34.86 30.41 -33.16
N ILE I 46 35.08 29.85 -31.98
CA ILE I 46 36.04 30.49 -31.07
C ILE I 46 37.48 30.37 -31.61
N LEU I 47 37.88 29.23 -32.18
CA LEU I 47 39.19 29.21 -32.83
C LEU I 47 39.28 30.17 -34.00
N MET I 48 38.25 30.25 -34.83
CA MET I 48 38.33 31.15 -35.98
C MET I 48 38.51 32.58 -35.52
N PHE I 49 37.77 33.00 -34.48
CA PHE I 49 37.91 34.35 -33.97
C PHE I 49 39.24 34.55 -33.24
N ALA I 50 39.74 33.53 -32.55
CA ALA I 50 41.02 33.69 -31.86
C ALA I 50 42.17 33.82 -32.84
N TYR I 51 42.14 33.04 -33.92
CA TYR I 51 43.19 33.18 -34.94
C TYR I 51 43.08 34.50 -35.68
N MET I 52 41.86 34.96 -35.98
CA MET I 52 41.74 36.29 -36.57
C MET I 52 42.25 37.38 -35.63
N TYR I 53 42.00 37.23 -34.33
CA TYR I 53 42.53 38.19 -33.37
C TYR I 53 44.05 38.16 -33.33
N GLN I 54 44.66 36.97 -33.38
CA GLN I 54 46.12 36.91 -33.41
C GLN I 54 46.67 37.58 -34.66
N ALA I 55 46.07 37.32 -35.82
CA ALA I 55 46.57 37.94 -37.04
C ALA I 55 46.47 39.46 -36.98
N GLN I 56 45.34 39.97 -36.50
CA GLN I 56 45.17 41.42 -36.40
C GLN I 56 46.12 42.02 -35.37
N SER I 57 46.30 41.37 -34.23
CA SER I 57 47.22 41.90 -33.23
C SER I 57 48.66 41.88 -33.72
N ASP I 58 49.03 40.86 -34.49
CA ASP I 58 50.38 40.85 -35.05
C ASP I 58 50.59 41.97 -36.04
N LEU I 59 49.61 42.23 -36.91
CA LEU I 59 49.73 43.39 -37.79
C LEU I 59 49.91 44.67 -37.00
N SER I 60 49.04 44.90 -36.02
CA SER I 60 49.08 46.15 -35.28
C SER I 60 50.37 46.31 -34.50
N ILE I 61 50.85 45.25 -33.87
CA ILE I 61 52.09 45.37 -33.09
C ILE I 61 53.29 45.54 -34.00
N ALA I 62 53.34 44.87 -35.15
CA ALA I 62 54.42 45.14 -36.09
C ALA I 62 54.34 46.56 -36.63
N LYS I 63 53.16 47.18 -36.60
CA LYS I 63 53.06 48.61 -36.91
C LYS I 63 53.58 49.47 -35.76
N PHE I 64 53.30 49.09 -34.51
CA PHE I 64 53.70 49.88 -33.37
C PHE I 64 55.21 49.85 -33.14
N ALA I 65 55.91 48.87 -33.69
CA ALA I 65 57.36 48.82 -33.55
C ALA I 65 58.09 49.54 -34.67
N ASP I 66 57.36 50.09 -35.64
CA ASP I 66 57.91 51.00 -36.63
C ASP I 66 57.83 52.45 -36.20
N MET I 67 57.18 52.73 -35.07
CA MET I 67 57.13 54.08 -34.52
C MET I 67 58.05 54.26 -33.34
N ASN I 68 58.28 53.21 -32.56
CA ASN I 68 59.38 53.24 -31.61
C ASN I 68 60.72 53.42 -32.29
N GLU I 69 60.85 53.07 -33.57
CA GLU I 69 62.08 53.44 -34.28
C GLU I 69 62.24 54.95 -34.35
N ALA I 70 61.16 55.66 -34.68
CA ALA I 70 61.22 57.11 -34.74
C ALA I 70 61.50 57.72 -33.37
N SER I 71 60.84 57.23 -32.33
CA SER I 71 61.11 57.80 -31.01
C SER I 71 62.51 57.44 -30.51
N LYS I 72 63.02 56.26 -30.83
CA LYS I 72 64.39 55.92 -30.47
C LYS I 72 65.39 56.85 -31.15
N GLU I 73 65.18 57.10 -32.45
CA GLU I 73 66.06 58.05 -33.14
C GLU I 73 66.00 59.42 -32.52
N SER I 74 64.80 59.88 -32.15
CA SER I 74 64.69 61.19 -31.54
C SER I 74 65.42 61.27 -30.22
N THR I 75 65.28 60.25 -29.36
CA THR I 75 65.95 60.33 -28.07
C THR I 75 67.47 60.24 -28.21
N THR I 76 67.99 59.39 -29.10
CA THR I 76 69.44 59.35 -29.27
C THR I 76 69.97 60.66 -29.84
N ALA I 77 69.28 61.25 -30.80
CA ALA I 77 69.72 62.53 -31.34
C ALA I 77 69.70 63.61 -30.29
N GLN I 78 68.68 63.63 -29.43
CA GLN I 78 68.63 64.61 -28.36
C GLN I 78 69.76 64.42 -27.37
N LYS I 79 70.10 63.18 -27.05
CA LYS I 79 71.22 62.93 -26.14
C LYS I 79 72.53 63.44 -26.74
N MET I 80 72.76 63.17 -28.03
CA MET I 80 73.98 63.67 -28.67
C MET I 80 74.02 65.20 -28.67
N ALA I 81 72.90 65.83 -29.00
CA ALA I 81 72.86 67.28 -29.01
C ALA I 81 73.13 67.85 -27.62
N ASN I 82 72.63 67.19 -26.57
CA ASN I 82 72.92 67.66 -25.23
C ASN I 82 74.38 67.47 -24.84
N LEU I 83 75.04 66.43 -25.34
CA LEU I 83 76.49 66.32 -25.11
C LEU I 83 77.23 67.46 -25.79
N VAL I 84 76.83 67.81 -27.01
CA VAL I 84 77.49 68.93 -27.69
C VAL I 84 77.22 70.24 -26.96
N ASP I 85 76.03 70.43 -26.40
CA ASP I 85 75.76 71.60 -25.58
C ASP I 85 76.63 71.62 -24.32
N ALA I 86 76.77 70.49 -23.65
CA ALA I 86 77.67 70.44 -22.50
C ALA I 86 79.09 70.80 -22.89
N LYS I 87 79.54 70.41 -24.08
CA LYS I 87 80.85 70.80 -24.57
C LYS I 87 80.96 72.29 -24.86
N ILE I 88 79.92 72.90 -25.44
CA ILE I 88 79.96 74.33 -25.73
C ILE I 88 79.99 75.15 -24.44
N ALA I 89 79.32 74.69 -23.39
CA ALA I 89 79.24 75.45 -22.13
C ALA I 89 80.58 75.54 -21.42
N ASP I 90 81.66 75.06 -22.02
CA ASP I 90 83.00 75.23 -21.49
C ASP I 90 83.92 75.95 -22.45
N VAL I 91 83.52 76.17 -23.70
CA VAL I 91 84.33 76.89 -24.66
C VAL I 91 83.71 78.27 -24.85
N GLN I 92 82.46 78.42 -24.40
CA GLN I 92 81.88 79.75 -24.31
C GLN I 92 82.41 80.51 -23.10
N SER I 93 82.61 79.81 -21.99
CA SER I 93 83.20 80.40 -20.80
C SER I 93 84.71 80.44 -20.85
N SER I 94 85.31 80.14 -22.01
CA SER I 94 86.76 80.12 -22.15
C SER I 94 87.28 81.54 -22.27
N SER I 95 88.25 81.88 -21.42
CA SER I 95 88.80 83.24 -21.41
C SER I 95 89.51 83.57 -22.72
N ASP I 96 90.08 82.57 -23.37
CA ASP I 96 90.88 82.76 -24.57
C ASP I 96 89.95 82.97 -25.77
N LYS I 97 90.50 82.91 -26.98
CA LYS I 97 89.66 82.82 -28.16
C LYS I 97 88.89 81.50 -28.14
N ASN I 98 87.65 81.53 -28.61
CA ASN I 98 86.78 80.37 -28.48
C ASN I 98 87.01 79.34 -29.58
N ALA I 99 88.27 78.94 -29.79
CA ALA I 99 88.56 77.77 -30.62
C ALA I 99 89.52 76.88 -29.85
N LYS I 100 88.97 76.12 -28.91
CA LYS I 100 89.62 74.98 -28.27
C LYS I 100 88.49 74.05 -27.85
N ALA I 101 88.14 73.11 -28.72
CA ALA I 101 86.97 72.29 -28.48
C ALA I 101 87.02 71.06 -29.38
N GLN I 102 86.55 69.95 -28.82
CA GLN I 102 86.36 68.72 -29.56
C GLN I 102 85.08 68.06 -29.08
N LEU I 103 84.42 67.36 -29.97
CA LEU I 103 83.23 66.63 -29.55
C LEU I 103 83.62 65.46 -28.66
N PRO I 104 82.79 65.10 -27.70
CA PRO I 104 83.08 63.92 -26.88
C PRO I 104 83.05 62.66 -27.72
N ASP I 105 83.86 61.68 -27.32
CA ASP I 105 84.21 60.57 -28.20
C ASP I 105 83.00 59.79 -28.69
N GLU I 106 81.87 59.86 -27.97
CA GLU I 106 80.67 59.16 -28.41
C GLU I 106 79.94 59.88 -29.53
N VAL I 107 79.98 61.22 -29.54
CA VAL I 107 79.33 61.96 -30.61
C VAL I 107 80.05 61.72 -31.94
N ILE I 108 81.37 61.58 -31.92
CA ILE I 108 82.10 61.28 -33.16
C ILE I 108 81.62 59.97 -33.75
N SER I 109 81.49 58.93 -32.93
CA SER I 109 80.95 57.68 -33.43
C SER I 109 79.48 57.79 -33.83
N TYR I 110 78.74 58.73 -33.25
CA TYR I 110 77.37 58.96 -33.72
C TYR I 110 77.37 59.50 -35.15
N ILE I 111 78.13 60.57 -35.42
CA ILE I 111 78.14 61.10 -36.78
C ILE I 111 78.76 60.11 -37.77
N ASN I 112 79.89 59.49 -37.42
CA ASN I 112 80.59 58.65 -38.38
C ASN I 112 79.86 57.35 -38.70
N ASP I 113 78.84 56.99 -37.94
CA ASP I 113 78.10 55.76 -38.21
C ASP I 113 77.30 55.92 -39.50
N PRO I 114 77.18 54.88 -40.32
CA PRO I 114 76.58 55.06 -41.66
C PRO I 114 75.06 55.10 -41.69
N ARG I 115 74.38 54.55 -40.70
CA ARG I 115 72.93 54.37 -40.78
C ARG I 115 72.15 55.57 -40.27
N ASN I 116 72.74 56.77 -40.31
CA ASN I 116 72.08 57.97 -39.81
C ASN I 116 71.94 59.09 -40.84
N ASP I 117 72.81 59.16 -41.85
CA ASP I 117 72.78 60.22 -42.86
C ASP I 117 72.76 61.59 -42.20
N ILE I 118 73.84 61.89 -41.50
CA ILE I 118 73.91 63.02 -40.57
C ILE I 118 74.97 64.02 -41.05
N THR I 119 75.08 64.21 -42.36
CA THR I 119 75.95 65.24 -42.92
C THR I 119 75.72 66.59 -42.24
N ILE I 120 76.75 67.12 -41.58
CA ILE I 120 76.60 68.24 -40.64
C ILE I 120 77.40 69.46 -41.08
N SER I 121 78.73 69.35 -41.11
CA SER I 121 79.58 70.52 -41.10
C SER I 121 80.01 70.97 -42.49
N GLY I 122 80.44 70.03 -43.32
CA GLY I 122 81.12 70.42 -44.54
C GLY I 122 82.50 70.99 -44.28
N ILE I 123 83.11 70.65 -43.15
CA ILE I 123 84.39 71.20 -42.76
C ILE I 123 85.34 70.04 -42.49
N ASP I 124 86.63 70.32 -42.64
CA ASP I 124 87.65 69.27 -42.63
C ASP I 124 87.99 68.85 -41.20
N ASN I 125 88.36 67.57 -41.06
CA ASN I 125 89.11 67.07 -39.91
C ASN I 125 88.38 67.36 -38.59
N ILE I 126 87.23 66.70 -38.44
CA ILE I 126 86.63 66.62 -37.12
C ILE I 126 87.61 65.92 -36.18
N ASN I 127 87.44 66.14 -34.88
CA ASN I 127 88.31 65.82 -33.75
C ASN I 127 89.47 66.78 -33.58
N ALA I 128 89.76 67.64 -34.58
CA ALA I 128 90.79 68.66 -34.40
C ALA I 128 90.60 69.74 -35.46
N GLN I 129 89.99 70.86 -35.10
CA GLN I 129 89.14 71.05 -33.93
C GLN I 129 88.14 72.10 -34.40
N LEU I 130 86.98 72.21 -33.77
CA LEU I 130 85.91 73.07 -34.29
C LEU I 130 85.49 74.09 -33.24
N GLY I 131 86.28 75.16 -33.10
CA GLY I 131 85.85 76.44 -32.54
C GLY I 131 84.92 76.41 -31.35
N ALA I 132 84.06 77.42 -31.26
CA ALA I 132 82.86 77.36 -30.44
C ALA I 132 81.66 78.02 -31.12
N GLY I 133 81.83 78.62 -32.29
CA GLY I 133 80.74 79.26 -32.97
C GLY I 133 80.33 78.48 -34.21
N ASP I 134 81.18 77.53 -34.60
CA ASP I 134 80.83 76.55 -35.61
C ASP I 134 80.43 75.22 -34.99
N LEU I 135 80.61 75.05 -33.69
CA LEU I 135 80.05 73.92 -32.97
C LEU I 135 78.54 74.05 -32.85
N GLN I 136 78.04 75.27 -32.94
CA GLN I 136 76.60 75.50 -32.99
C GLN I 136 75.97 74.86 -34.21
N THR I 137 76.70 74.84 -35.33
CA THR I 137 76.21 74.16 -36.53
C THR I 137 76.06 72.67 -36.29
N VAL I 138 77.03 72.05 -35.63
CA VAL I 138 76.94 70.63 -35.31
C VAL I 138 75.75 70.37 -34.39
N LYS I 139 75.60 71.18 -33.35
CA LYS I 139 74.47 70.99 -32.44
C LYS I 139 73.14 71.15 -33.17
N ALA I 140 73.01 72.15 -34.03
CA ALA I 140 71.77 72.34 -34.78
C ALA I 140 71.50 71.21 -35.75
N ALA I 141 72.52 70.73 -36.46
CA ALA I 141 72.30 69.65 -37.41
C ALA I 141 72.07 68.30 -36.74
N ILE I 142 72.49 68.13 -35.48
CA ILE I 142 72.14 66.91 -34.75
C ILE I 142 70.74 67.02 -34.16
N SER I 143 70.42 68.14 -33.54
CA SER I 143 69.10 68.32 -32.94
C SER I 143 68.03 68.73 -33.94
N ALA I 144 68.34 68.76 -35.23
CA ALA I 144 67.31 68.92 -36.23
C ALA I 144 66.77 67.60 -36.75
N LYS I 145 67.50 66.50 -36.53
CA LYS I 145 67.02 65.17 -36.88
C LYS I 145 66.29 64.53 -35.71
N ALA I 146 66.22 65.22 -34.57
CA ALA I 146 65.43 64.77 -33.44
C ALA I 146 63.97 65.19 -33.54
N ASN I 147 63.62 66.00 -34.52
CA ASN I 147 62.27 66.55 -34.64
C ASN I 147 61.42 65.74 -35.64
N ASN I 148 61.28 64.45 -35.38
CA ASN I 148 60.59 63.57 -36.32
C ASN I 148 59.45 62.80 -35.67
N LEU I 149 58.70 63.44 -34.76
CA LEU I 149 57.54 62.80 -34.16
C LEU I 149 56.23 63.29 -34.73
N THR I 150 56.25 64.09 -35.80
CA THR I 150 55.01 64.44 -36.48
C THR I 150 54.86 63.75 -37.82
N THR I 151 55.96 63.35 -38.45
CA THR I 151 55.85 62.55 -39.66
C THR I 151 55.31 61.16 -39.37
N THR I 152 55.42 60.70 -38.12
CA THR I 152 54.90 59.39 -37.72
C THR I 152 53.58 59.51 -36.96
N VAL I 153 53.03 60.70 -36.84
CA VAL I 153 51.66 60.90 -36.40
C VAL I 153 50.76 61.28 -37.57
N ASN I 154 51.31 61.96 -38.58
CA ASN I 154 50.53 62.21 -39.78
C ASN I 154 50.32 60.95 -40.58
N ASN I 155 51.31 60.06 -40.60
CA ASN I 155 51.28 58.86 -41.42
C ASN I 155 50.50 57.71 -40.80
N SER I 156 50.20 57.78 -39.51
CA SER I 156 49.70 56.62 -38.79
C SER I 156 48.54 56.99 -37.88
N GLN I 157 47.55 57.70 -38.41
CA GLN I 157 46.35 57.98 -37.65
C GLN I 157 45.09 57.44 -38.29
N LEU I 158 45.07 57.22 -39.60
CA LEU I 158 43.95 56.58 -40.25
C LEU I 158 44.11 55.08 -40.31
N GLU I 159 45.26 54.56 -39.92
CA GLU I 159 45.44 53.12 -39.76
C GLU I 159 45.13 52.66 -38.35
N ILE I 160 45.62 53.38 -37.35
CA ILE I 160 45.30 53.02 -35.98
C ILE I 160 43.81 53.15 -35.72
N GLN I 161 43.13 54.08 -36.40
CA GLN I 161 41.68 54.11 -36.48
C GLN I 161 41.13 52.72 -36.71
N GLN I 162 41.48 52.11 -37.84
CA GLN I 162 40.88 50.86 -38.25
C GLN I 162 41.38 49.67 -37.44
N MET I 163 42.67 49.64 -37.12
CA MET I 163 43.19 48.56 -36.27
C MET I 163 42.51 48.55 -34.90
N SER I 164 42.40 49.71 -34.26
CA SER I 164 41.75 49.79 -32.98
C SER I 164 40.27 49.46 -33.06
N ASN I 165 39.58 49.91 -34.11
CA ASN I 165 38.16 49.55 -34.20
C ASN I 165 37.99 48.06 -34.42
N THR I 166 38.70 47.47 -35.38
CA THR I 166 38.53 46.05 -35.68
C THR I 166 38.90 45.18 -34.50
N LEU I 167 39.97 45.51 -33.77
CA LEU I 167 40.47 44.63 -32.75
C LEU I 167 39.49 44.54 -31.58
N ASN I 168 38.89 45.67 -31.21
CA ASN I 168 37.76 45.68 -30.28
C ASN I 168 36.57 44.93 -30.84
N LEU I 169 36.24 45.17 -32.10
CA LEU I 169 35.05 44.60 -32.72
C LEU I 169 35.15 43.10 -32.81
N LEU I 170 36.34 42.56 -32.64
CA LEU I 170 36.61 41.13 -32.72
C LEU I 170 36.76 40.48 -31.35
N THR I 171 37.34 41.19 -30.37
CA THR I 171 37.26 40.75 -28.98
C THR I 171 35.81 40.60 -28.54
N SER I 172 35.00 41.63 -28.81
CA SER I 172 33.60 41.61 -28.39
C SER I 172 32.75 40.64 -29.18
N ALA I 173 33.27 40.06 -30.25
CA ALA I 173 32.56 39.03 -30.99
C ALA I 173 32.97 37.63 -30.56
N ARG I 174 34.21 37.50 -30.09
CA ARG I 174 34.71 36.23 -29.58
C ARG I 174 33.97 35.92 -28.30
N SER I 175 33.79 36.96 -27.48
CA SER I 175 33.12 36.88 -26.19
C SER I 175 31.65 36.49 -26.29
N ASP I 176 30.96 37.03 -27.29
CA ASP I 176 29.54 36.73 -27.48
C ASP I 176 29.43 35.24 -27.73
N MET I 177 30.38 34.71 -28.49
CA MET I 177 30.41 33.29 -28.81
C MET I 177 30.58 32.45 -27.55
N GLN I 178 31.43 32.92 -26.63
CA GLN I 178 31.67 32.17 -25.40
C GLN I 178 30.44 32.16 -24.49
N SER I 179 29.76 33.30 -24.37
CA SER I 179 28.55 33.33 -23.55
C SER I 179 27.46 32.43 -24.12
N LEU I 180 27.28 32.45 -25.44
CA LEU I 180 26.29 31.57 -26.07
C LEU I 180 26.66 30.10 -25.88
N GLN I 181 27.93 29.76 -26.01
CA GLN I 181 28.37 28.39 -25.79
C GLN I 181 28.05 27.93 -24.38
N TYR I 182 28.20 28.82 -23.40
CA TYR I 182 27.83 28.46 -22.04
C TYR I 182 26.33 28.27 -21.91
N ARG I 183 25.54 29.23 -22.39
CA ARG I 183 24.10 29.17 -22.16
C ARG I 183 23.42 28.04 -22.94
N THR I 184 24.03 27.55 -24.01
CA THR I 184 23.43 26.45 -24.75
C THR I 184 23.51 25.14 -23.99
N ILE I 185 24.65 24.89 -23.33
CA ILE I 185 24.85 23.61 -22.65
C ILE I 185 24.25 23.62 -21.25
N SER I 186 23.95 24.79 -20.69
CA SER I 186 23.34 24.84 -19.37
C SER I 186 21.91 24.33 -19.36
N GLY I 187 21.27 24.25 -20.52
CA GLY I 187 19.89 23.83 -20.63
C GLY I 187 19.67 22.33 -20.74
N ILE I 188 20.71 21.53 -20.63
CA ILE I 188 20.60 20.08 -20.69
C ILE I 188 20.61 19.54 -19.27
N SER I 189 19.50 18.95 -18.85
CA SER I 189 19.35 18.40 -17.51
C SER I 189 19.45 16.88 -17.56
N LEU I 190 20.36 16.32 -16.78
CA LEU I 190 20.64 14.90 -16.81
C LEU I 190 19.69 14.16 -15.88
N GLY I 191 19.07 13.10 -16.38
CA GLY I 191 18.21 12.28 -15.55
C GLY I 191 16.91 12.93 -15.15
N LYS I 192 16.41 13.88 -15.92
CA LYS I 192 15.14 14.53 -15.59
C LYS I 192 14.25 14.63 -16.82
N SER J 19 60.99 57.95 -16.58
CA SER J 19 59.72 58.42 -16.04
C SER J 19 58.66 57.33 -16.14
N MET J 20 58.97 56.28 -16.88
CA MET J 20 58.07 55.15 -17.06
C MET J 20 58.77 53.85 -16.73
N ALA J 21 58.05 52.75 -16.89
CA ALA J 21 58.54 51.44 -16.48
C ALA J 21 59.60 50.91 -17.44
N TYR J 22 59.28 50.86 -18.72
CA TYR J 22 60.14 50.22 -19.70
C TYR J 22 60.94 51.26 -20.45
N ASP J 23 62.26 51.05 -20.53
CA ASP J 23 63.17 51.99 -21.17
C ASP J 23 63.42 51.59 -22.62
N LEU J 24 62.44 51.87 -23.47
CA LEU J 24 62.48 51.48 -24.88
C LEU J 24 63.57 52.19 -25.66
N GLY J 25 64.38 53.04 -25.03
CA GLY J 25 65.42 53.76 -25.75
C GLY J 25 66.63 52.92 -26.09
N SER J 26 66.79 51.78 -25.44
CA SER J 26 67.92 50.89 -25.69
C SER J 26 67.54 49.59 -26.36
N MET J 27 66.35 49.06 -26.08
CA MET J 27 65.94 47.78 -26.63
C MET J 27 65.84 47.84 -28.14
N SER J 28 66.36 46.80 -28.79
CA SER J 28 66.31 46.72 -30.24
C SER J 28 64.89 46.46 -30.70
N LYS J 29 64.70 46.30 -32.00
CA LYS J 29 63.34 46.11 -32.51
C LYS J 29 62.82 44.73 -32.17
N ASP J 30 63.64 43.70 -32.30
CA ASP J 30 63.19 42.34 -32.00
C ASP J 30 63.00 42.08 -30.52
N ASP J 31 63.44 43.00 -29.66
CA ASP J 31 63.09 42.96 -28.25
C ASP J 31 61.87 43.81 -27.94
N VAL J 32 61.68 44.92 -28.64
CA VAL J 32 60.46 45.70 -28.48
C VAL J 32 59.24 44.90 -28.91
N ILE J 33 59.37 44.15 -30.00
CA ILE J 33 58.22 43.35 -30.45
C ILE J 33 57.86 42.29 -29.43
N ASP J 34 58.86 41.60 -28.87
CA ASP J 34 58.58 40.60 -27.85
C ASP J 34 58.03 41.22 -26.58
N LEU J 35 58.48 42.44 -26.24
CA LEU J 35 57.91 43.15 -25.12
C LEU J 35 56.44 43.46 -25.36
N PHE J 36 56.11 44.00 -26.53
CA PHE J 36 54.73 44.32 -26.85
C PHE J 36 53.85 43.09 -26.92
N ASN J 37 54.42 41.94 -27.29
CA ASN J 37 53.66 40.70 -27.23
C ASN J 37 53.42 40.26 -25.80
N LYS J 38 54.38 40.51 -24.89
CA LYS J 38 54.13 40.21 -23.48
C LYS J 38 52.97 41.05 -22.94
N LEU J 39 52.91 42.33 -23.28
CA LEU J 39 51.77 43.16 -22.94
C LEU J 39 50.62 42.82 -23.90
N GLY J 40 49.57 43.61 -23.87
CA GLY J 40 48.43 43.40 -24.74
C GLY J 40 48.64 44.02 -26.10
N VAL J 41 47.52 44.31 -26.77
CA VAL J 41 47.53 45.10 -27.98
C VAL J 41 47.19 46.56 -27.72
N PHE J 42 46.35 46.84 -26.73
CA PHE J 42 46.00 48.22 -26.37
C PHE J 42 47.07 48.87 -25.53
N GLN J 43 47.72 48.12 -24.64
CA GLN J 43 48.78 48.73 -23.84
C GLN J 43 50.10 48.82 -24.57
N ALA J 44 50.31 48.03 -25.62
CA ALA J 44 51.41 48.35 -26.52
C ALA J 44 51.20 49.73 -27.14
N ALA J 45 49.97 50.02 -27.56
CA ALA J 45 49.67 51.34 -28.09
C ALA J 45 49.86 52.41 -27.04
N ILE J 46 49.47 52.15 -25.80
CA ILE J 46 49.65 53.18 -24.77
C ILE J 46 51.12 53.42 -24.46
N LEU J 47 51.96 52.37 -24.39
CA LEU J 47 53.40 52.65 -24.27
C LEU J 47 53.96 53.39 -25.46
N MET J 48 53.56 53.02 -26.68
CA MET J 48 54.12 53.70 -27.84
C MET J 48 53.77 55.18 -27.81
N PHE J 49 52.53 55.50 -27.45
CA PHE J 49 52.13 56.91 -27.37
C PHE J 49 52.77 57.62 -26.18
N ALA J 50 52.97 56.92 -25.06
CA ALA J 50 53.60 57.57 -23.91
C ALA J 50 55.06 57.88 -24.18
N TYR J 51 55.77 56.96 -24.84
CA TYR J 51 57.16 57.25 -25.18
C TYR J 51 57.26 58.34 -26.24
N MET J 52 56.36 58.35 -27.23
CA MET J 52 56.38 59.47 -28.18
C MET J 52 56.09 60.79 -27.49
N TYR J 53 55.18 60.79 -26.50
CA TYR J 53 54.93 62.01 -25.74
C TYR J 53 56.14 62.43 -24.94
N GLN J 54 56.87 61.50 -24.33
CA GLN J 54 58.08 61.89 -23.62
C GLN J 54 59.11 62.47 -24.56
N ALA J 55 59.31 61.86 -25.73
CA ALA J 55 60.30 62.40 -26.65
C ALA J 55 59.92 63.80 -27.11
N GLN J 56 58.65 64.03 -27.44
CA GLN J 56 58.22 65.35 -27.87
C GLN J 56 58.32 66.37 -26.74
N SER J 57 57.95 65.99 -25.52
CA SER J 57 58.04 66.94 -24.42
C SER J 57 59.49 67.27 -24.11
N ASP J 58 60.40 66.30 -24.23
CA ASP J 58 61.80 66.61 -24.02
C ASP J 58 62.34 67.57 -25.06
N LEU J 59 61.98 67.37 -26.34
CA LEU J 59 62.38 68.35 -27.34
C LEU J 59 61.87 69.74 -26.98
N SER J 60 60.57 69.84 -26.68
CA SER J 60 59.99 71.16 -26.45
C SER J 60 60.58 71.82 -25.22
N ILE J 61 60.81 71.07 -24.14
CA ILE J 61 61.35 71.68 -22.93
C ILE J 61 62.81 72.07 -23.13
N ALA J 62 63.60 71.26 -23.83
CA ALA J 62 64.95 71.69 -24.15
C ALA J 62 64.95 72.91 -25.06
N LYS J 63 63.88 73.14 -25.81
CA LYS J 63 63.72 74.40 -26.53
C LYS J 63 63.38 75.55 -25.59
N PHE J 64 62.52 75.31 -24.60
CA PHE J 64 62.08 76.37 -23.71
C PHE J 64 63.18 76.83 -22.77
N ALA J 65 64.22 76.03 -22.57
CA ALA J 65 65.33 76.44 -21.72
C ALA J 65 66.42 77.16 -22.50
N ASP J 66 66.28 77.30 -23.81
CA ASP J 66 67.14 78.17 -24.62
C ASP J 66 66.58 79.57 -24.74
N MET J 67 65.38 79.82 -24.22
CA MET J 67 64.81 81.15 -24.21
C MET J 67 64.87 81.80 -22.84
N ASN J 68 64.80 81.01 -21.77
CA ASN J 68 65.16 81.52 -20.47
C ASN J 68 66.60 81.99 -20.41
N GLU J 69 67.48 81.49 -21.29
CA GLU J 69 68.81 82.09 -21.37
C GLU J 69 68.72 83.55 -21.80
N ALA J 70 67.90 83.84 -22.81
CA ALA J 70 67.75 85.21 -23.27
C ALA J 70 67.12 86.08 -22.20
N SER J 71 66.09 85.60 -21.53
CA SER J 71 65.47 86.42 -20.50
C SER J 71 66.38 86.60 -19.29
N LYS J 72 67.19 85.58 -18.94
CA LYS J 72 68.15 85.75 -17.86
C LYS J 72 69.19 86.80 -18.20
N GLU J 73 69.70 86.77 -19.43
CA GLU J 73 70.65 87.80 -19.85
C GLU J 73 70.02 89.18 -19.78
N SER J 74 68.77 89.31 -20.20
CA SER J 74 68.11 90.61 -20.16
C SER J 74 67.97 91.11 -18.74
N THR J 75 67.55 90.26 -17.81
CA THR J 75 67.36 90.75 -16.45
C THR J 75 68.69 91.10 -15.78
N THR J 76 69.75 90.31 -16.00
CA THR J 76 71.03 90.68 -15.41
C THR J 76 71.56 91.98 -16.00
N ALA J 77 71.43 92.16 -17.31
CA ALA J 77 71.88 93.41 -17.92
C ALA J 77 71.10 94.60 -17.38
N GLN J 78 69.78 94.44 -17.20
CA GLN J 78 69.00 95.53 -16.65
C GLN J 78 69.40 95.85 -15.22
N LYS J 79 69.70 94.83 -14.41
CA LYS J 79 70.14 95.10 -13.05
C LYS J 79 71.46 95.87 -13.03
N MET J 80 72.40 95.48 -13.89
CA MET J 80 73.67 96.21 -13.96
C MET J 80 73.46 97.65 -14.40
N ALA J 81 72.62 97.86 -15.42
CA ALA J 81 72.34 99.22 -15.87
C ALA J 81 71.70 100.05 -14.78
N ASN J 82 70.83 99.46 -13.98
CA ASN J 82 70.23 100.20 -12.88
C ASN J 82 71.24 100.52 -11.78
N LEU J 83 72.23 99.66 -11.54
CA LEU J 83 73.29 100.03 -10.62
C LEU J 83 74.09 101.21 -11.14
N VAL J 84 74.39 101.23 -12.43
CA VAL J 84 75.11 102.36 -13.00
C VAL J 84 74.27 103.65 -12.94
N ASP J 85 72.95 103.54 -13.14
CA ASP J 85 72.09 104.71 -12.94
C ASP J 85 72.08 105.19 -11.49
N ALA J 86 72.02 104.27 -10.53
CA ALA J 86 72.12 104.69 -9.13
C ALA J 86 73.43 105.39 -8.85
N LYS J 87 74.52 104.96 -9.48
CA LYS J 87 75.80 105.65 -9.35
C LYS J 87 75.81 107.03 -9.99
N ILE J 88 75.18 107.19 -11.16
CA ILE J 88 75.14 108.51 -11.80
C ILE J 88 74.32 109.50 -10.97
N ALA J 89 73.25 109.03 -10.32
CA ALA J 89 72.37 109.92 -9.56
C ALA J 89 73.03 110.54 -8.35
N ASP J 90 74.34 110.31 -8.15
CA ASP J 90 75.10 110.96 -7.11
C ASP J 90 76.27 111.76 -7.64
N VAL J 91 76.59 111.64 -8.93
CA VAL J 91 77.67 112.40 -9.53
C VAL J 91 77.04 113.48 -10.41
N GLN J 92 75.75 113.33 -10.70
CA GLN J 92 75.00 114.41 -11.31
C GLN J 92 74.64 115.47 -10.29
N SER J 93 74.30 115.07 -9.07
CA SER J 93 74.01 115.99 -8.00
C SER J 93 75.28 116.48 -7.30
N SER J 94 76.45 116.18 -7.85
CA SER J 94 77.71 116.58 -7.25
C SER J 94 77.96 118.06 -7.51
N SER J 95 78.23 118.81 -6.45
CA SER J 95 78.44 120.24 -6.57
C SER J 95 79.69 120.56 -7.38
N ASP J 96 80.69 119.69 -7.33
CA ASP J 96 81.98 119.91 -7.97
C ASP J 96 81.85 119.63 -9.47
N LYS J 97 82.99 119.55 -10.16
CA LYS J 97 82.97 119.03 -11.52
C LYS J 97 82.56 117.56 -11.49
N ASN J 98 81.80 117.14 -12.50
CA ASN J 98 81.21 115.79 -12.47
C ASN J 98 82.18 114.71 -12.94
N ALA J 99 83.39 114.69 -12.37
CA ALA J 99 84.29 113.55 -12.56
C ALA J 99 84.79 113.13 -11.18
N LYS J 100 83.94 112.39 -10.46
CA LYS J 100 84.31 111.63 -9.27
C LYS J 100 83.30 110.48 -9.21
N ALA J 101 83.67 109.35 -9.82
CA ALA J 101 82.72 108.26 -9.95
C ALA J 101 83.46 106.98 -10.29
N GLN J 102 82.94 105.88 -9.74
CA GLN J 102 83.41 104.55 -10.07
C GLN J 102 82.20 103.62 -10.11
N LEU J 103 82.28 102.62 -10.95
CA LEU J 103 81.21 101.65 -10.98
C LEU J 103 81.22 100.81 -9.71
N PRO J 104 80.06 100.37 -9.23
CA PRO J 104 80.05 99.49 -8.07
C PRO J 104 80.70 98.15 -8.39
N ASP J 105 81.28 97.54 -7.36
CA ASP J 105 82.25 96.47 -7.57
C ASP J 105 81.67 95.28 -8.33
N GLU J 106 80.34 95.14 -8.34
CA GLU J 106 79.73 94.03 -9.08
C GLU J 106 79.64 94.32 -10.57
N VAL J 107 79.45 95.58 -10.95
CA VAL J 107 79.40 95.91 -12.37
C VAL J 107 80.76 95.69 -13.03
N ILE J 108 81.86 95.95 -12.31
CA ILE J 108 83.18 95.70 -12.88
C ILE J 108 83.33 94.22 -13.21
N SER J 109 82.95 93.34 -12.29
CA SER J 109 83.00 91.92 -12.58
C SER J 109 82.00 91.52 -13.67
N TYR J 110 80.92 92.27 -13.85
CA TYR J 110 80.03 92.00 -14.99
C TYR J 110 80.73 92.27 -16.31
N ILE J 111 81.32 93.46 -16.48
CA ILE J 111 82.01 93.75 -17.75
C ILE J 111 83.22 92.83 -17.94
N ASN J 112 84.04 92.66 -16.91
CA ASN J 112 85.30 91.92 -17.09
C ASN J 112 85.09 90.43 -17.31
N ASP J 113 83.90 89.91 -17.10
CA ASP J 113 83.65 88.49 -17.32
C ASP J 113 83.69 88.19 -18.81
N PRO J 114 84.24 87.03 -19.24
CA PRO J 114 84.45 86.81 -20.67
C PRO J 114 83.23 86.38 -21.46
N ARG J 115 82.20 85.82 -20.83
CA ARG J 115 81.11 85.20 -21.56
C ARG J 115 79.98 86.17 -21.90
N ASN J 116 80.29 87.47 -22.00
CA ASN J 116 79.28 88.48 -22.27
C ASN J 116 79.55 89.33 -23.51
N ASP J 117 80.80 89.48 -23.92
CA ASP J 117 81.16 90.30 -25.08
C ASP J 117 80.54 91.70 -24.97
N ILE J 118 80.99 92.42 -23.95
CA ILE J 118 80.35 93.65 -23.51
C ILE J 118 81.31 94.84 -23.66
N THR J 119 82.10 94.84 -24.74
CA THR J 119 82.95 95.98 -25.07
C THR J 119 82.15 97.28 -25.03
N ILE J 120 82.54 98.20 -24.14
CA ILE J 120 81.70 99.35 -23.78
C ILE J 120 82.40 100.67 -24.11
N SER J 121 83.52 100.96 -23.44
CA SER J 121 84.01 102.33 -23.37
C SER J 121 85.06 102.65 -24.43
N GLY J 122 86.03 101.77 -24.61
CA GLY J 122 87.20 102.14 -25.37
C GLY J 122 88.08 103.14 -24.66
N ILE J 123 88.00 103.19 -23.34
CA ILE J 123 88.74 104.16 -22.55
C ILE J 123 89.56 103.40 -21.50
N ASP J 124 90.64 104.02 -21.07
CA ASP J 124 91.64 103.35 -20.23
C ASP J 124 91.19 103.29 -18.77
N ASN J 125 91.62 102.22 -18.10
CA ASN J 125 91.68 102.16 -16.65
C ASN J 125 90.31 102.43 -16.01
N ILE J 126 89.40 101.49 -16.25
CA ILE J 126 88.19 101.44 -15.46
C ILE J 126 88.58 101.23 -14.00
N ASN J 127 87.68 101.60 -13.09
CA ASN J 127 87.80 101.73 -11.64
C ASN J 127 88.50 103.02 -11.23
N ALA J 128 89.14 103.76 -12.15
CA ALA J 128 89.72 105.06 -11.79
C ALA J 128 89.98 105.84 -13.07
N GLN J 129 89.09 106.76 -13.42
CA GLN J 129 87.72 106.87 -12.94
C GLN J 129 86.99 107.49 -14.14
N LEU J 130 85.66 107.33 -14.23
CA LEU J 130 84.95 107.74 -15.44
C LEU J 130 83.86 108.74 -15.10
N GLY J 131 84.24 110.01 -14.92
CA GLY J 131 83.37 111.17 -15.07
C GLY J 131 81.96 111.06 -14.54
N ALA J 132 81.04 111.76 -15.19
CA ALA J 132 79.62 111.46 -15.11
C ALA J 132 78.90 111.62 -16.45
N GLY J 133 79.60 112.03 -17.50
CA GLY J 133 78.98 112.21 -18.80
C GLY J 133 79.46 111.15 -19.76
N ASP J 134 80.53 110.46 -19.38
CA ASP J 134 80.97 109.26 -20.08
C ASP J 134 80.53 107.98 -19.38
N LEU J 135 79.98 108.09 -18.17
CA LEU J 135 79.31 106.97 -17.54
C LEU J 135 77.98 106.67 -18.22
N GLN J 136 77.43 107.65 -18.92
CA GLN J 136 76.24 107.41 -19.73
C GLN J 136 76.53 106.43 -20.85
N THR J 137 77.74 106.44 -21.40
CA THR J 137 78.12 105.46 -22.40
C THR J 137 78.11 104.05 -21.84
N VAL J 138 78.63 103.88 -20.63
CA VAL J 138 78.62 102.56 -20.00
C VAL J 138 77.18 102.11 -19.76
N LYS J 139 76.35 103.00 -19.23
CA LYS J 139 74.96 102.63 -18.99
C LYS J 139 74.24 102.25 -20.28
N ALA J 140 74.45 103.01 -21.35
CA ALA J 140 73.84 102.70 -22.63
C ALA J 140 74.34 101.40 -23.23
N ALA J 141 75.64 101.13 -23.15
CA ALA J 141 76.18 99.91 -23.70
C ALA J 141 75.84 98.68 -22.87
N ILE J 142 75.51 98.84 -21.58
CA ILE J 142 75.03 97.72 -20.80
C ILE J 142 73.54 97.49 -21.05
N SER J 143 72.74 98.55 -21.04
CA SER J 143 71.30 98.40 -21.25
C SER J 143 70.92 98.32 -22.72
N ALA J 144 71.89 98.23 -23.63
CA ALA J 144 71.58 97.90 -25.01
C ALA J 144 71.65 96.41 -25.29
N LYS J 145 72.31 95.63 -24.43
CA LYS J 145 72.33 94.19 -24.56
C LYS J 145 71.18 93.56 -23.77
N ALA J 146 70.39 94.37 -23.08
CA ALA J 146 69.18 93.89 -22.42
C ALA J 146 67.99 93.83 -23.34
N ASN J 147 68.11 94.31 -24.57
CA ASN J 147 66.99 94.40 -25.50
C ASN J 147 66.99 93.23 -26.49
N ASN J 148 66.95 92.01 -25.96
CA ASN J 148 67.05 90.83 -26.80
C ASN J 148 65.87 89.87 -26.61
N LEU J 149 64.67 90.39 -26.44
CA LEU J 149 63.49 89.53 -26.33
C LEU J 149 62.66 89.50 -27.59
N THR J 150 63.14 90.09 -28.69
CA THR J 150 62.45 89.94 -29.96
C THR J 150 63.19 89.03 -30.92
N THR J 151 64.50 88.88 -30.78
CA THR J 151 65.21 87.90 -31.58
C THR J 151 64.84 86.48 -31.18
N THR J 152 64.32 86.28 -29.98
CA THR J 152 63.89 84.96 -29.52
C THR J 152 62.38 84.78 -29.58
N VAL J 153 61.66 85.77 -30.12
CA VAL J 153 60.26 85.60 -30.50
C VAL J 153 60.12 85.51 -32.01
N ASN J 154 61.01 86.15 -32.76
CA ASN J 154 61.00 85.96 -34.21
C ASN J 154 61.50 84.57 -34.58
N ASN J 155 62.46 84.04 -33.85
CA ASN J 155 63.09 82.76 -34.17
C ASN J 155 62.30 81.55 -33.70
N SER J 156 61.32 81.74 -32.82
CA SER J 156 60.71 80.61 -32.12
C SER J 156 59.20 80.75 -32.08
N GLN J 157 58.57 81.04 -33.21
CA GLN J 157 57.12 81.06 -33.27
C GLN J 157 56.54 80.06 -34.25
N LEU J 158 57.30 79.64 -35.27
CA LEU J 158 56.85 78.59 -36.16
C LEU J 158 57.26 77.22 -35.68
N GLU J 159 58.07 77.15 -34.63
CA GLU J 159 58.37 75.88 -34.00
C GLU J 159 57.40 75.57 -32.86
N ILE J 160 57.13 76.56 -32.01
CA ILE J 160 56.16 76.35 -30.95
C ILE J 160 54.79 76.06 -31.51
N GLN J 161 54.46 76.62 -32.67
CA GLN J 161 53.32 76.20 -33.48
C GLN J 161 53.23 74.69 -33.51
N GLN J 162 54.25 74.04 -34.09
CA GLN J 162 54.19 72.61 -34.34
C GLN J 162 54.35 71.78 -33.07
N MET J 163 55.22 72.20 -32.15
CA MET J 163 55.35 71.48 -30.90
C MET J 163 54.04 71.48 -30.11
N SER J 164 53.41 72.65 -30.00
CA SER J 164 52.14 72.73 -29.29
C SER J 164 51.04 71.96 -29.99
N ASN J 165 50.99 72.00 -31.32
CA ASN J 165 49.95 71.23 -32.00
C ASN J 165 50.17 69.73 -31.80
N THR J 166 51.38 69.24 -32.05
CA THR J 166 51.65 67.80 -31.96
C THR J 166 51.43 67.29 -30.55
N LEU J 167 51.85 68.05 -29.54
CA LEU J 167 51.83 67.53 -28.18
C LEU J 167 50.40 67.34 -27.70
N ASN J 168 49.51 68.28 -28.03
CA ASN J 168 48.08 68.10 -27.83
C ASN J 168 47.55 66.94 -28.66
N LEU J 169 47.95 66.87 -29.92
CA LEU J 169 47.42 65.88 -30.85
C LEU J 169 47.78 64.47 -30.42
N LEU J 170 48.74 64.35 -29.52
CA LEU J 170 49.25 63.09 -29.03
C LEU J 170 48.72 62.74 -27.64
N THR J 171 48.53 63.74 -26.77
CA THR J 171 47.76 63.53 -25.54
C THR J 171 46.36 63.02 -25.86
N SER J 172 45.68 63.69 -26.80
CA SER J 172 44.31 63.32 -27.13
C SER J 172 44.21 62.02 -27.92
N ALA J 173 45.34 61.47 -28.36
CA ALA J 173 45.34 60.16 -28.99
C ALA J 173 45.68 59.05 -28.03
N ARG J 174 46.43 59.37 -26.99
CA ARG J 174 46.77 58.41 -25.95
C ARG J 174 45.50 58.10 -25.17
N SER J 175 44.73 59.16 -24.91
CA SER J 175 43.47 59.09 -24.17
C SER J 175 42.41 58.26 -24.86
N ASP J 176 42.31 58.39 -26.18
CA ASP J 176 41.32 57.66 -26.95
C ASP J 176 41.61 56.18 -26.76
N MET J 177 42.89 55.85 -26.75
CA MET J 177 43.34 54.48 -26.57
C MET J 177 42.92 53.95 -25.20
N GLN J 178 43.01 54.79 -24.18
CA GLN J 178 42.65 54.35 -22.82
C GLN J 178 41.14 54.11 -22.69
N SER J 179 40.33 55.01 -23.27
CA SER J 179 38.89 54.80 -23.22
C SER J 179 38.47 53.54 -23.95
N LEU J 180 39.05 53.29 -25.13
CA LEU J 180 38.75 52.06 -25.86
C LEU J 180 39.17 50.83 -25.08
N GLN J 181 40.34 50.86 -24.45
CA GLN J 181 40.81 49.74 -23.64
C GLN J 181 39.83 49.45 -22.52
N TYR J 182 39.27 50.49 -21.91
CA TYR J 182 38.26 50.25 -20.88
C TYR J 182 37.01 49.64 -21.46
N ARG J 183 36.46 50.23 -22.53
CA ARG J 183 35.18 49.77 -23.03
C ARG J 183 35.25 48.39 -23.67
N THR J 184 36.42 47.93 -24.10
CA THR J 184 36.53 46.60 -24.68
C THR J 184 36.40 45.51 -23.62
N ILE J 185 36.98 45.73 -22.44
CA ILE J 185 36.99 44.71 -21.40
C ILE J 185 35.72 44.74 -20.57
N SER J 186 34.97 45.86 -20.60
CA SER J 186 33.73 45.93 -19.85
C SER J 186 32.65 45.01 -20.39
N GLY J 187 32.78 44.56 -21.63
CA GLY J 187 31.78 43.73 -22.28
C GLY J 187 31.92 42.24 -22.03
N ILE J 188 32.84 41.82 -21.18
CA ILE J 188 33.02 40.41 -20.84
C ILE J 188 32.33 40.14 -19.52
N SER J 189 31.29 39.31 -19.56
CA SER J 189 30.51 38.98 -18.37
C SER J 189 30.87 37.58 -17.92
N LEU J 190 31.28 37.45 -16.66
CA LEU J 190 31.76 36.19 -16.11
C LEU J 190 30.59 35.37 -15.61
N GLY J 191 30.54 34.09 -16.00
CA GLY J 191 29.51 33.21 -15.51
C GLY J 191 28.12 33.48 -16.01
N LYS J 192 27.98 34.10 -17.19
CA LYS J 192 26.66 34.37 -17.75
C LYS J 192 26.60 33.99 -19.21
N SER K 19 -47.91 -89.56 78.90
CA SER K 19 -48.85 -89.95 77.86
C SER K 19 -48.95 -91.46 77.74
N MET K 20 -48.03 -92.16 78.39
CA MET K 20 -48.00 -93.61 78.39
C MET K 20 -47.96 -94.13 79.82
N ALA K 21 -47.89 -95.46 79.94
CA ALA K 21 -47.99 -96.11 81.24
C ALA K 21 -46.71 -95.96 82.04
N TYR K 22 -45.57 -96.34 81.45
CA TYR K 22 -44.32 -96.40 82.17
C TYR K 22 -43.49 -95.16 81.87
N ASP K 23 -42.99 -94.51 82.91
CA ASP K 23 -42.22 -93.27 82.79
C ASP K 23 -40.72 -93.58 82.78
N LEU K 24 -40.25 -94.08 81.64
CA LEU K 24 -38.86 -94.50 81.49
C LEU K 24 -37.87 -93.35 81.59
N GLY K 25 -38.33 -92.12 81.83
CA GLY K 25 -37.41 -91.00 81.91
C GLY K 25 -36.62 -90.92 83.20
N SER K 26 -37.06 -91.62 84.23
CA SER K 26 -36.38 -91.63 85.52
C SER K 26 -35.71 -92.94 85.85
N MET K 27 -36.28 -94.07 85.42
CA MET K 27 -35.74 -95.37 85.75
C MET K 27 -34.34 -95.54 85.19
N SER K 28 -33.45 -96.08 86.01
CA SER K 28 -32.08 -96.33 85.59
C SER K 28 -32.05 -97.48 84.59
N LYS K 29 -30.85 -97.86 84.15
CA LYS K 29 -30.75 -98.91 83.14
C LYS K 29 -31.08 -100.27 83.73
N ASP K 30 -30.59 -100.56 84.95
CA ASP K 30 -30.84 -101.85 85.54
C ASP K 30 -32.28 -102.01 86.02
N ASP K 31 -33.07 -100.94 86.02
CA ASP K 31 -34.50 -101.04 86.22
C ASP K 31 -35.26 -101.12 84.92
N VAL K 32 -34.78 -100.47 83.87
CA VAL K 32 -35.40 -100.60 82.56
C VAL K 32 -35.26 -102.03 82.06
N ILE K 33 -34.10 -102.66 82.28
CA ILE K 33 -33.93 -104.02 81.82
C ILE K 33 -34.88 -104.97 82.54
N ASP K 34 -35.03 -104.81 83.86
CA ASP K 34 -35.97 -105.65 84.59
C ASP K 34 -37.41 -105.39 84.19
N LEU K 35 -37.72 -104.13 83.87
CA LEU K 35 -39.05 -103.82 83.34
C LEU K 35 -39.29 -104.53 82.03
N PHE K 36 -38.35 -104.44 81.09
CA PHE K 36 -38.50 -105.09 79.80
C PHE K 36 -38.55 -106.60 79.94
N ASN K 37 -37.90 -107.17 80.94
CA ASN K 37 -38.04 -108.60 81.19
C ASN K 37 -39.43 -108.93 81.74
N LYS K 38 -40.03 -108.04 82.53
CA LYS K 38 -41.40 -108.28 82.97
C LYS K 38 -42.36 -108.31 81.78
N LEU K 39 -42.20 -107.39 80.84
CA LEU K 39 -42.96 -107.44 79.60
C LEU K 39 -42.36 -108.51 78.69
N GLY K 40 -42.80 -108.57 77.45
CA GLY K 40 -42.28 -109.53 76.51
C GLY K 40 -41.02 -109.07 75.84
N VAL K 41 -40.75 -109.61 74.67
CA VAL K 41 -39.69 -109.13 73.81
C VAL K 41 -40.20 -108.20 72.72
N PHE K 42 -41.43 -108.40 72.24
CA PHE K 42 -42.03 -107.52 71.25
C PHE K 42 -42.58 -106.25 71.87
N GLN K 43 -43.14 -106.33 73.06
CA GLN K 43 -43.65 -105.11 73.68
C GLN K 43 -42.57 -104.29 74.37
N ALA K 44 -41.42 -104.88 74.68
CA ALA K 44 -40.28 -104.04 75.00
C ALA K 44 -39.91 -103.17 73.81
N ALA K 45 -39.92 -103.76 72.61
CA ALA K 45 -39.65 -102.98 71.41
C ALA K 45 -40.72 -101.93 71.18
N ILE K 46 -41.99 -102.25 71.45
CA ILE K 46 -43.02 -101.23 71.25
C ILE K 46 -42.89 -100.09 72.24
N LEU K 47 -42.59 -100.36 73.52
CA LEU K 47 -42.31 -99.23 74.42
C LEU K 47 -41.09 -98.43 74.00
N MET K 48 -40.02 -99.09 73.58
CA MET K 48 -38.83 -98.35 73.20
C MET K 48 -39.14 -97.42 72.03
N PHE K 49 -39.88 -97.91 71.04
CA PHE K 49 -40.24 -97.07 69.91
C PHE K 49 -41.25 -96.00 70.28
N ALA K 50 -42.17 -96.29 71.20
CA ALA K 50 -43.15 -95.28 71.59
C ALA K 50 -42.49 -94.14 72.37
N TYR K 51 -41.54 -94.47 73.25
CA TYR K 51 -40.83 -93.42 73.96
C TYR K 51 -39.93 -92.63 73.03
N MET K 52 -39.26 -93.29 72.08
CA MET K 52 -38.49 -92.53 71.10
C MET K 52 -39.38 -91.60 70.28
N TYR K 53 -40.58 -92.07 69.93
CA TYR K 53 -41.53 -91.21 69.21
C TYR K 53 -41.97 -90.03 70.06
N GLN K 54 -42.21 -90.24 71.34
CA GLN K 54 -42.58 -89.11 72.20
C GLN K 54 -41.44 -88.10 72.29
N ALA K 55 -40.20 -88.56 72.46
CA ALA K 55 -39.09 -87.63 72.54
C ALA K 55 -38.94 -86.83 71.25
N GLN K 56 -39.03 -87.50 70.10
CA GLN K 56 -38.90 -86.80 68.84
C GLN K 56 -40.05 -85.82 68.61
N SER K 57 -41.28 -86.23 68.96
CA SER K 57 -42.41 -85.31 68.77
C SER K 57 -42.30 -84.12 69.69
N ASP K 58 -41.80 -84.30 70.91
CA ASP K 58 -41.62 -83.17 71.80
C ASP K 58 -40.58 -82.20 71.26
N LEU K 59 -39.46 -82.70 70.74
CA LEU K 59 -38.50 -81.81 70.10
C LEU K 59 -39.15 -81.02 68.98
N SER K 60 -39.84 -81.72 68.07
CA SER K 60 -40.38 -81.05 66.90
C SER K 60 -41.45 -80.04 67.29
N ILE K 61 -42.32 -80.37 68.24
CA ILE K 61 -43.36 -79.41 68.63
C ILE K 61 -42.79 -78.23 69.37
N ALA K 62 -41.78 -78.43 70.23
CA ALA K 62 -41.13 -77.28 70.83
C ALA K 62 -40.41 -76.43 69.79
N LYS K 63 -40.05 -77.02 68.64
CA LYS K 63 -39.56 -76.21 67.52
C LYS K 63 -40.68 -75.44 66.84
N PHE K 64 -41.85 -76.07 66.67
CA PHE K 64 -42.95 -75.44 65.97
C PHE K 64 -43.56 -74.29 66.75
N ALA K 65 -43.35 -74.22 68.06
CA ALA K 65 -43.86 -73.12 68.87
C ALA K 65 -42.88 -71.96 68.96
N ASP K 66 -41.69 -72.09 68.37
CA ASP K 66 -40.77 -70.97 68.21
C ASP K 66 -40.98 -70.25 66.89
N MET K 67 -41.87 -70.75 66.03
CA MET K 67 -42.20 -70.08 64.78
C MET K 67 -43.55 -69.40 64.84
N ASN K 68 -44.49 -69.95 65.61
CA ASN K 68 -45.69 -69.18 65.95
C ASN K 68 -45.35 -67.91 66.70
N GLU K 69 -44.20 -67.83 67.37
CA GLU K 69 -43.80 -66.55 67.93
C GLU K 69 -43.58 -65.52 66.83
N ALA K 70 -42.90 -65.92 65.75
CA ALA K 70 -42.67 -65.00 64.64
C ALA K 70 -43.97 -64.61 63.97
N SER K 71 -44.87 -65.57 63.73
CA SER K 71 -46.13 -65.21 63.09
C SER K 71 -47.02 -64.37 64.01
N LYS K 72 -46.99 -64.61 65.32
CA LYS K 72 -47.74 -63.77 66.25
C LYS K 72 -47.22 -62.34 66.23
N GLU K 73 -45.89 -62.17 66.24
CA GLU K 73 -45.34 -60.82 66.14
C GLU K 73 -45.75 -60.14 64.84
N SER K 74 -45.73 -60.88 63.74
CA SER K 74 -46.12 -60.28 62.46
C SER K 74 -47.58 -59.83 62.47
N THR K 75 -48.48 -60.67 62.99
CA THR K 75 -49.88 -60.26 62.97
C THR K 75 -50.16 -59.08 63.91
N THR K 76 -49.54 -59.05 65.10
CA THR K 76 -49.76 -57.89 65.96
C THR K 76 -49.19 -56.62 65.36
N ALA K 77 -48.01 -56.70 64.75
CA ALA K 77 -47.44 -55.52 64.10
C ALA K 77 -48.32 -55.04 62.96
N GLN K 78 -48.87 -55.97 62.16
CA GLN K 78 -49.75 -55.57 61.09
C GLN K 78 -51.02 -54.91 61.61
N LYS K 79 -51.58 -55.43 62.71
CA LYS K 79 -52.77 -54.80 63.29
C LYS K 79 -52.47 -53.37 63.74
N MET K 80 -51.33 -53.16 64.41
CA MET K 80 -50.98 -51.82 64.84
C MET K 80 -50.78 -50.89 63.65
N ALA K 81 -50.09 -51.36 62.61
CA ALA K 81 -49.90 -50.53 61.42
C ALA K 81 -51.23 -50.18 60.77
N ASN K 82 -52.18 -51.10 60.75
CA ASN K 82 -53.49 -50.79 60.21
C ASN K 82 -54.26 -49.80 61.05
N LEU K 83 -54.08 -49.82 62.37
CA LEU K 83 -54.69 -48.76 63.19
C LEU K 83 -54.10 -47.40 62.87
N VAL K 84 -52.78 -47.34 62.67
CA VAL K 84 -52.15 -46.07 62.31
C VAL K 84 -52.61 -45.60 60.92
N ASP K 85 -52.82 -46.53 59.99
CA ASP K 85 -53.39 -46.16 58.69
C ASP K 85 -54.81 -45.64 58.83
N ALA K 86 -55.64 -46.27 59.65
CA ALA K 86 -56.98 -45.75 59.90
C ALA K 86 -56.93 -44.35 60.47
N LYS K 87 -55.96 -44.06 61.33
CA LYS K 87 -55.78 -42.71 61.86
C LYS K 87 -55.34 -41.71 60.81
N ILE K 88 -54.43 -42.11 59.89
CA ILE K 88 -53.99 -41.19 58.85
C ILE K 88 -55.14 -40.86 57.90
N ALA K 89 -56.02 -41.81 57.62
CA ALA K 89 -57.10 -41.60 56.66
C ALA K 89 -58.13 -40.59 57.12
N ASP K 90 -57.89 -39.92 58.26
CA ASP K 90 -58.72 -38.83 58.72
C ASP K 90 -57.95 -37.53 58.89
N VAL K 91 -56.63 -37.55 58.81
CA VAL K 91 -55.83 -36.35 58.92
C VAL K 91 -55.30 -36.01 57.53
N GLN K 92 -55.40 -36.97 56.62
CA GLN K 92 -55.16 -36.67 55.21
C GLN K 92 -56.36 -35.97 54.59
N SER K 93 -57.57 -36.37 54.97
CA SER K 93 -58.79 -35.72 54.52
C SER K 93 -59.12 -34.48 55.33
N SER K 94 -58.21 -34.03 56.19
CA SER K 94 -58.45 -32.86 57.03
C SER K 94 -58.29 -31.60 56.21
N SER K 95 -59.31 -30.73 56.25
CA SER K 95 -59.29 -29.51 55.47
C SER K 95 -58.19 -28.56 55.92
N ASP K 96 -57.83 -28.61 57.20
CA ASP K 96 -56.86 -27.69 57.78
C ASP K 96 -55.46 -28.14 57.41
N LYS K 97 -54.45 -27.58 58.07
CA LYS K 97 -53.11 -28.14 57.97
C LYS K 97 -53.09 -29.52 58.61
N ASN K 98 -52.31 -30.42 58.02
CA ASN K 98 -52.37 -31.83 58.44
C ASN K 98 -51.51 -32.09 59.67
N ALA K 99 -51.67 -31.30 60.73
CA ALA K 99 -51.10 -31.63 62.04
C ALA K 99 -52.20 -31.50 63.07
N LYS K 100 -53.06 -32.52 63.14
CA LYS K 100 -53.98 -32.76 64.24
C LYS K 100 -54.21 -34.26 64.26
N ALA K 101 -53.40 -34.97 65.04
CA ALA K 101 -53.43 -36.42 65.00
C ALA K 101 -52.74 -36.98 66.23
N GLN K 102 -53.28 -38.09 66.72
CA GLN K 102 -52.69 -38.87 67.79
C GLN K 102 -52.91 -40.34 67.50
N LEU K 103 -51.97 -41.15 67.93
CA LEU K 103 -52.14 -42.58 67.75
C LEU K 103 -53.25 -43.08 68.68
N PRO K 104 -54.01 -44.10 68.26
CA PRO K 104 -55.01 -44.67 69.16
C PRO K 104 -54.35 -45.32 70.36
N ASP K 105 -55.08 -45.32 71.48
CA ASP K 105 -54.46 -45.56 72.78
C ASP K 105 -53.78 -46.92 72.87
N GLU K 106 -54.16 -47.87 72.01
CA GLU K 106 -53.53 -49.18 72.04
C GLU K 106 -52.16 -49.18 71.34
N VAL K 107 -52.00 -48.35 70.30
CA VAL K 107 -50.72 -48.29 69.63
C VAL K 107 -49.66 -47.67 70.54
N ILE K 108 -50.04 -46.71 71.38
CA ILE K 108 -49.07 -46.13 72.32
C ILE K 108 -48.54 -47.22 73.25
N SER K 109 -49.43 -48.04 73.81
CA SER K 109 -48.97 -49.13 74.63
C SER K 109 -48.19 -50.18 73.85
N TYR K 110 -48.44 -50.30 72.54
CA TYR K 110 -47.60 -51.18 71.74
C TYR K 110 -46.16 -50.68 71.66
N ILE K 111 -45.97 -49.41 71.29
CA ILE K 111 -44.59 -48.89 71.22
C ILE K 111 -43.94 -48.85 72.59
N ASN K 112 -44.64 -48.36 73.61
CA ASN K 112 -44.02 -48.17 74.92
C ASN K 112 -43.69 -49.47 75.64
N ASP K 113 -44.19 -50.60 75.17
CA ASP K 113 -43.90 -51.86 75.82
C ASP K 113 -42.44 -52.23 75.59
N PRO K 114 -41.74 -52.83 76.56
CA PRO K 114 -40.29 -53.02 76.42
C PRO K 114 -39.86 -54.19 75.56
N ARG K 115 -40.70 -55.21 75.39
CA ARG K 115 -40.27 -56.46 74.76
C ARG K 115 -40.40 -56.43 73.24
N ASN K 116 -40.37 -55.26 72.62
CA ASN K 116 -40.52 -55.15 71.18
C ASN K 116 -39.36 -54.46 70.46
N ASP K 117 -38.61 -53.59 71.14
CA ASP K 117 -37.50 -52.85 70.53
C ASP K 117 -37.96 -52.14 69.25
N ILE K 118 -38.87 -51.20 69.43
CA ILE K 118 -39.63 -50.61 68.34
C ILE K 118 -39.32 -49.12 68.24
N THR K 119 -38.07 -48.74 68.47
CA THR K 119 -37.64 -47.36 68.26
C THR K 119 -38.06 -46.84 66.89
N ILE K 120 -38.89 -45.80 66.86
CA ILE K 120 -39.61 -45.39 65.65
C ILE K 120 -39.25 -43.97 65.21
N SER K 121 -39.57 -42.98 66.04
CA SER K 121 -39.66 -41.60 65.57
C SER K 121 -38.37 -40.81 65.79
N GLY K 122 -37.81 -40.90 66.99
CA GLY K 122 -36.77 -39.96 67.36
C GLY K 122 -37.30 -38.57 67.58
N ILE K 123 -38.58 -38.44 67.90
CA ILE K 123 -39.22 -37.14 68.07
C ILE K 123 -39.87 -37.10 69.44
N ASP K 124 -40.03 -35.90 69.97
CA ASP K 124 -40.44 -35.70 71.36
C ASP K 124 -41.95 -35.87 71.52
N ASN K 125 -42.33 -36.36 72.70
CA ASN K 125 -43.69 -36.22 73.22
C ASN K 125 -44.73 -36.80 72.26
N ILE K 126 -44.67 -38.13 72.13
CA ILE K 126 -45.78 -38.84 71.53
C ILE K 126 -47.03 -38.59 72.39
N ASN K 127 -48.20 -38.78 71.78
CA ASN K 127 -49.54 -38.45 72.24
C ASN K 127 -49.88 -36.96 72.05
N ALA K 128 -48.90 -36.09 71.77
CA ALA K 128 -49.21 -34.70 71.48
C ALA K 128 -48.00 -34.06 70.78
N GLN K 129 -48.04 -33.95 69.46
CA GLN K 129 -48.92 -34.67 68.56
C GLN K 129 -48.09 -34.79 67.29
N LEU K 130 -48.39 -35.74 66.40
CA LEU K 130 -47.50 -36.00 65.26
C LEU K 130 -48.26 -35.88 63.96
N GLY K 131 -48.46 -34.64 63.49
CA GLY K 131 -48.72 -34.31 62.11
C GLY K 131 -49.64 -35.23 61.31
N ALA K 132 -49.37 -35.34 60.01
CA ALA K 132 -49.84 -36.45 59.20
C ALA K 132 -48.81 -36.92 58.19
N GLY K 133 -47.66 -36.27 58.10
CA GLY K 133 -46.63 -36.66 57.16
C GLY K 133 -45.45 -37.28 57.88
N ASP K 134 -45.41 -37.10 59.20
CA ASP K 134 -44.48 -37.83 60.05
C ASP K 134 -45.13 -39.01 60.74
N LEU K 135 -46.45 -39.15 60.65
CA LEU K 135 -47.13 -40.36 61.06
C LEU K 135 -46.85 -41.50 60.09
N GLN K 136 -46.46 -41.17 58.86
CA GLN K 136 -46.02 -42.18 57.92
C GLN K 136 -44.76 -42.88 58.39
N THR K 137 -43.88 -42.15 59.09
CA THR K 137 -42.70 -42.78 59.67
C THR K 137 -43.08 -43.82 60.72
N VAL K 138 -44.05 -43.50 61.57
CA VAL K 138 -44.50 -44.46 62.57
C VAL K 138 -45.10 -45.68 61.91
N LYS K 139 -45.96 -45.47 60.90
CA LYS K 139 -46.56 -46.60 60.21
C LYS K 139 -45.50 -47.47 59.54
N ALA K 140 -44.52 -46.86 58.90
CA ALA K 140 -43.46 -47.63 58.26
C ALA K 140 -42.60 -48.38 59.25
N ALA K 141 -42.24 -47.75 60.37
CA ALA K 141 -41.42 -48.43 61.36
C ALA K 141 -42.17 -49.50 62.14
N ILE K 142 -43.49 -49.44 62.18
CA ILE K 142 -44.27 -50.53 62.79
C ILE K 142 -44.44 -51.67 61.79
N SER K 143 -44.81 -51.36 60.55
CA SER K 143 -45.03 -52.38 59.54
C SER K 143 -43.75 -52.85 58.89
N ALA K 144 -42.59 -52.40 59.35
CA ALA K 144 -41.33 -53.00 58.92
C ALA K 144 -40.87 -54.14 59.81
N LYS K 145 -41.40 -54.23 61.03
CA LYS K 145 -41.11 -55.35 61.92
C LYS K 145 -42.13 -56.47 61.73
N ALA K 146 -43.11 -56.27 60.87
CA ALA K 146 -44.05 -57.32 60.50
C ALA K 146 -43.52 -58.21 59.39
N ASN K 147 -42.38 -57.89 58.80
CA ASN K 147 -41.84 -58.63 57.66
C ASN K 147 -40.78 -59.63 58.09
N ASN K 148 -41.15 -60.55 58.98
CA ASN K 148 -40.19 -61.50 59.55
C ASN K 148 -40.62 -62.95 59.37
N LEU K 149 -41.20 -63.29 58.22
CA LEU K 149 -41.56 -64.67 57.95
C LEU K 149 -40.60 -65.35 56.98
N THR K 150 -39.49 -64.71 56.63
CA THR K 150 -38.47 -65.39 55.84
C THR K 150 -37.24 -65.74 56.65
N THR K 151 -36.96 -65.00 57.72
CA THR K 151 -35.88 -65.40 58.61
C THR K 151 -36.20 -66.69 59.35
N THR K 152 -37.49 -67.05 59.47
CA THR K 152 -37.90 -68.29 60.12
C THR K 152 -38.26 -69.37 59.13
N VAL K 153 -38.09 -69.13 57.84
CA VAL K 153 -38.13 -70.17 56.82
C VAL K 153 -36.73 -70.50 56.33
N ASN K 154 -35.83 -69.52 56.34
CA ASN K 154 -34.44 -69.83 56.01
C ASN K 154 -33.78 -70.63 57.12
N ASN K 155 -34.12 -70.35 58.37
CA ASN K 155 -33.47 -70.97 59.51
C ASN K 155 -34.02 -72.35 59.85
N SER K 156 -35.17 -72.74 59.30
CA SER K 156 -35.88 -73.91 59.77
C SER K 156 -36.40 -74.76 58.61
N GLN K 157 -35.55 -75.04 57.63
CA GLN K 157 -35.93 -75.95 56.57
C GLN K 157 -35.06 -77.17 56.47
N LEU K 158 -33.83 -77.13 56.97
CA LEU K 158 -32.99 -78.32 57.04
C LEU K 158 -33.16 -79.07 58.34
N GLU K 159 -33.90 -78.51 59.29
CA GLU K 159 -34.28 -79.23 60.49
C GLU K 159 -35.60 -79.95 60.32
N ILE K 160 -36.60 -79.27 59.78
CA ILE K 160 -37.88 -79.93 59.53
C ILE K 160 -37.73 -81.07 58.55
N GLN K 161 -36.78 -80.97 57.61
CA GLN K 161 -36.32 -82.09 56.82
C GLN K 161 -36.13 -83.32 57.69
N GLN K 162 -35.22 -83.24 58.64
CA GLN K 162 -34.83 -84.41 59.43
C GLN K 162 -35.88 -84.81 60.44
N MET K 163 -36.54 -83.84 61.09
CA MET K 163 -37.61 -84.19 62.02
C MET K 163 -38.75 -84.92 61.31
N SER K 164 -39.18 -84.42 60.16
CA SER K 164 -40.24 -85.06 59.41
C SER K 164 -39.81 -86.43 58.90
N ASN K 165 -38.58 -86.57 58.43
CA ASN K 165 -38.16 -87.89 57.96
C ASN K 165 -38.10 -88.89 59.12
N THR K 166 -37.44 -88.53 60.22
CA THR K 166 -37.30 -89.45 61.34
C THR K 166 -38.63 -89.84 61.93
N LEU K 167 -39.55 -88.89 62.07
CA LEU K 167 -40.77 -89.15 62.79
C LEU K 167 -41.65 -90.16 62.03
N ASN K 168 -41.70 -90.02 60.70
CA ASN K 168 -42.31 -91.03 59.85
C ASN K 168 -41.56 -92.35 59.93
N LEU K 169 -40.23 -92.30 59.88
CA LEU K 169 -39.40 -93.48 59.84
C LEU K 169 -39.54 -94.29 61.11
N LEU K 170 -40.08 -93.68 62.16
CA LEU K 170 -40.24 -94.29 63.46
C LEU K 170 -41.68 -94.75 63.72
N THR K 171 -42.67 -94.00 63.23
CA THR K 171 -44.04 -94.52 63.18
C THR K 171 -44.10 -95.82 62.39
N SER K 172 -43.50 -95.83 61.20
CA SER K 172 -43.56 -97.01 60.35
C SER K 172 -42.69 -98.16 60.84
N ALA K 173 -41.87 -97.92 61.86
CA ALA K 173 -41.12 -99.00 62.50
C ALA K 173 -41.81 -99.55 63.73
N ARG K 174 -42.60 -98.71 64.38
CA ARG K 174 -43.37 -99.13 65.55
C ARG K 174 -44.45 -100.08 65.06
N SER K 175 -45.05 -99.72 63.93
CA SER K 175 -46.13 -100.48 63.30
C SER K 175 -45.70 -101.87 62.84
N ASP K 176 -44.50 -101.96 62.29
CA ASP K 176 -43.99 -103.23 61.79
C ASP K 176 -43.90 -104.17 62.99
N MET K 177 -43.48 -103.62 64.12
CA MET K 177 -43.36 -104.39 65.35
C MET K 177 -44.73 -104.92 65.80
N GLN K 178 -45.76 -104.09 65.65
CA GLN K 178 -47.11 -104.52 66.07
C GLN K 178 -47.66 -105.62 65.18
N SER K 179 -47.45 -105.51 63.88
CA SER K 179 -47.91 -106.57 62.97
C SER K 179 -47.19 -107.88 63.25
N LEU K 180 -45.88 -107.84 63.46
CA LEU K 180 -45.14 -109.06 63.79
C LEU K 180 -45.61 -109.65 65.11
N GLN K 181 -45.86 -108.82 66.11
CA GLN K 181 -46.35 -109.31 67.39
C GLN K 181 -47.68 -110.03 67.22
N TYR K 182 -48.54 -109.52 66.34
CA TYR K 182 -49.79 -110.22 66.09
C TYR K 182 -49.55 -111.54 65.39
N ARG K 183 -48.76 -111.55 64.31
CA ARG K 183 -48.62 -112.76 63.52
C ARG K 183 -47.84 -113.85 64.24
N THR K 184 -47.04 -113.51 65.24
CA THR K 184 -46.30 -114.53 65.98
C THR K 184 -47.21 -115.34 66.88
N ILE K 185 -48.18 -114.68 67.52
CA ILE K 185 -49.04 -115.36 68.49
C ILE K 185 -50.22 -116.04 67.81
N SER K 186 -50.54 -115.66 66.57
CA SER K 186 -51.64 -116.29 65.86
C SER K 186 -51.34 -117.73 65.49
N GLY K 187 -50.07 -118.14 65.49
CA GLY K 187 -49.67 -119.47 65.09
C GLY K 187 -49.69 -120.50 66.20
N ILE K 188 -50.16 -120.17 67.39
CA ILE K 188 -50.27 -121.10 68.49
C ILE K 188 -51.70 -121.61 68.58
N SER K 189 -51.88 -122.89 68.33
CA SER K 189 -53.20 -123.52 68.35
C SER K 189 -53.36 -124.32 69.63
N LEU K 190 -54.42 -124.03 70.38
CA LEU K 190 -54.64 -124.65 71.68
C LEU K 190 -55.38 -125.96 71.51
N GLY K 191 -54.88 -127.02 72.14
CA GLY K 191 -55.55 -128.30 72.11
C GLY K 191 -55.51 -129.02 70.78
N LYS K 192 -54.53 -128.74 69.95
CA LYS K 192 -54.42 -129.42 68.66
C LYS K 192 -53.01 -129.91 68.40
N SER L 19 -59.90 -67.20 59.26
CA SER L 19 -60.03 -68.01 58.06
C SER L 19 -59.79 -69.49 58.36
N MET L 20 -59.29 -69.76 59.57
CA MET L 20 -59.02 -71.11 60.02
C MET L 20 -59.70 -71.36 61.36
N ALA L 21 -59.49 -72.57 61.88
CA ALA L 21 -60.18 -73.00 63.10
C ALA L 21 -59.60 -72.34 64.34
N TYR L 22 -58.30 -72.44 64.53
CA TYR L 22 -57.66 -72.00 65.77
C TYR L 22 -57.01 -70.64 65.56
N ASP L 23 -57.31 -69.70 66.46
CA ASP L 23 -56.82 -68.33 66.38
C ASP L 23 -55.54 -68.17 67.19
N LEU L 24 -54.44 -68.68 66.65
CA LEU L 24 -53.15 -68.67 67.34
C LEU L 24 -52.59 -67.28 67.57
N GLY L 25 -53.31 -66.23 67.17
CA GLY L 25 -52.80 -64.89 67.34
C GLY L 25 -52.88 -64.36 68.76
N SER L 26 -53.70 -64.99 69.60
CA SER L 26 -53.85 -64.58 70.99
C SER L 26 -53.28 -65.55 71.99
N MET L 27 -53.31 -66.85 71.69
CA MET L 27 -52.84 -67.87 72.62
C MET L 27 -51.36 -67.69 72.91
N SER L 28 -51.00 -67.80 74.19
CA SER L 28 -49.61 -67.68 74.59
C SER L 28 -48.83 -68.91 74.14
N LYS L 29 -47.55 -68.98 74.49
CA LYS L 29 -46.74 -70.09 74.03
C LYS L 29 -47.10 -71.38 74.76
N ASP L 30 -47.33 -71.31 76.07
CA ASP L 30 -47.66 -72.50 76.83
C ASP L 30 -49.06 -73.01 76.56
N ASP L 31 -49.88 -72.24 75.85
CA ASP L 31 -51.15 -72.73 75.33
C ASP L 31 -51.02 -73.25 73.91
N VAL L 32 -50.16 -72.66 73.09
CA VAL L 32 -49.91 -73.19 71.76
C VAL L 32 -49.27 -74.56 71.85
N ILE L 33 -48.36 -74.77 72.79
CA ILE L 33 -47.73 -76.08 72.91
C ILE L 33 -48.75 -77.14 73.31
N ASP L 34 -49.63 -76.83 74.26
CA ASP L 34 -50.66 -77.78 74.65
C ASP L 34 -51.65 -78.02 73.53
N LEU L 35 -51.95 -76.99 72.73
CA LEU L 35 -52.78 -77.18 71.56
C LEU L 35 -52.13 -78.15 70.57
N PHE L 36 -50.86 -77.93 70.26
CA PHE L 36 -50.15 -78.80 69.32
C PHE L 36 -50.02 -80.21 69.86
N ASN L 37 -49.94 -80.38 71.18
CA ASN L 37 -49.98 -81.72 71.73
C ASN L 37 -51.34 -82.37 71.59
N LYS L 38 -52.43 -81.58 71.68
CA LYS L 38 -53.74 -82.16 71.42
C LYS L 38 -53.86 -82.66 69.99
N LEU L 39 -53.35 -81.91 69.02
CA LEU L 39 -53.26 -82.38 67.65
C LEU L 39 -52.11 -83.35 67.53
N GLY L 40 -51.76 -83.74 66.31
CA GLY L 40 -50.66 -84.64 66.09
C GLY L 40 -49.34 -83.92 66.04
N VAL L 41 -48.37 -84.55 65.37
CA VAL L 41 -47.12 -83.91 65.06
C VAL L 41 -47.08 -83.37 63.64
N PHE L 42 -47.79 -84.01 62.70
CA PHE L 42 -47.86 -83.52 61.33
C PHE L 42 -48.87 -82.39 61.18
N GLN L 43 -49.98 -82.44 61.90
CA GLN L 43 -50.94 -81.35 61.79
C GLN L 43 -50.58 -80.15 62.63
N ALA L 44 -49.72 -80.30 63.64
CA ALA L 44 -49.11 -79.12 64.21
C ALA L 44 -48.29 -78.39 63.16
N ALA L 45 -47.52 -79.13 62.36
CA ALA L 45 -46.77 -78.52 61.27
C ALA L 45 -47.70 -77.88 60.25
N ILE L 46 -48.81 -78.52 59.93
CA ILE L 46 -49.71 -77.92 58.95
C ILE L 46 -50.36 -76.65 59.49
N LEU L 47 -50.78 -76.59 60.76
CA LEU L 47 -51.24 -75.32 61.29
C LEU L 47 -50.15 -74.26 61.31
N MET L 48 -48.93 -74.63 61.69
CA MET L 48 -47.88 -73.63 61.76
C MET L 48 -47.63 -73.03 60.37
N PHE L 49 -47.60 -73.88 59.34
CA PHE L 49 -47.40 -73.38 57.99
C PHE L 49 -48.61 -72.62 57.47
N ALA L 50 -49.82 -73.03 57.85
CA ALA L 50 -51.01 -72.30 57.38
C ALA L 50 -51.10 -70.92 58.00
N TYR L 51 -50.76 -70.80 59.29
CA TYR L 51 -50.75 -69.48 59.91
C TYR L 51 -49.63 -68.60 59.36
N MET L 52 -48.45 -69.17 59.11
CA MET L 52 -47.40 -68.39 58.46
C MET L 52 -47.83 -67.93 57.08
N TYR L 53 -48.53 -68.79 56.33
CA TYR L 53 -49.04 -68.38 55.03
C TYR L 53 -50.06 -67.27 55.15
N GLN L 54 -50.96 -67.33 56.13
CA GLN L 54 -51.91 -66.24 56.31
C GLN L 54 -51.20 -64.93 56.64
N ALA L 55 -50.21 -64.97 57.53
CA ALA L 55 -49.51 -63.74 57.88
C ALA L 55 -48.80 -63.15 56.66
N GLN L 56 -48.13 -64.00 55.87
CA GLN L 56 -47.44 -63.49 54.69
C GLN L 56 -48.42 -62.96 53.64
N SER L 57 -49.53 -63.66 53.44
CA SER L 57 -50.49 -63.18 52.46
C SER L 57 -51.13 -61.88 52.91
N ASP L 58 -51.36 -61.71 54.20
CA ASP L 58 -51.90 -60.43 54.68
C ASP L 58 -50.91 -59.30 54.46
N LEU L 59 -49.63 -59.52 54.75
CA LEU L 59 -48.64 -58.49 54.43
C LEU L 59 -48.68 -58.13 52.95
N SER L 60 -48.62 -59.14 52.09
CA SER L 60 -48.53 -58.87 50.66
C SER L 60 -49.77 -58.17 50.14
N ILE L 61 -50.96 -58.59 50.59
CA ILE L 61 -52.18 -57.96 50.10
C ILE L 61 -52.32 -56.54 50.63
N ALA L 62 -51.95 -56.29 51.89
CA ALA L 62 -51.95 -54.92 52.36
C ALA L 62 -50.92 -54.07 51.62
N LYS L 63 -49.89 -54.69 51.04
CA LYS L 63 -49.01 -53.97 50.13
C LYS L 63 -49.67 -53.70 48.78
N PHE L 64 -50.42 -54.66 48.26
CA PHE L 64 -51.03 -54.51 46.94
C PHE L 64 -52.16 -53.50 46.94
N ALA L 65 -52.72 -53.16 48.09
CA ALA L 65 -53.76 -52.16 48.15
C ALA L 65 -53.22 -50.76 48.37
N ASP L 66 -51.90 -50.61 48.53
CA ASP L 66 -51.25 -49.31 48.51
C ASP L 66 -50.80 -48.90 47.11
N MET L 67 -50.96 -49.78 46.12
CA MET L 67 -50.65 -49.45 44.74
C MET L 67 -51.91 -49.21 43.92
N ASN L 68 -53.01 -49.88 44.24
CA ASN L 68 -54.29 -49.48 43.69
C ASN L 68 -54.65 -48.07 44.09
N GLU L 69 -54.11 -47.54 45.18
CA GLU L 69 -54.30 -46.11 45.46
C GLU L 69 -53.68 -45.26 44.36
N ALA L 70 -52.46 -45.60 43.94
CA ALA L 70 -51.81 -44.85 42.86
C ALA L 70 -52.56 -44.98 41.56
N SER L 71 -53.00 -46.20 41.22
CA SER L 71 -53.73 -46.34 39.96
C SER L 71 -55.09 -45.68 40.01
N LYS L 72 -55.76 -45.69 41.16
CA LYS L 72 -57.03 -44.97 41.29
C LYS L 72 -56.84 -43.47 41.10
N GLU L 73 -55.80 -42.91 41.72
CA GLU L 73 -55.51 -41.50 41.51
C GLU L 73 -55.24 -41.19 40.06
N SER L 74 -54.49 -42.05 39.37
CA SER L 74 -54.20 -41.82 37.97
C SER L 74 -55.46 -41.83 37.13
N THR L 75 -56.34 -42.80 37.35
CA THR L 75 -57.54 -42.85 36.51
C THR L 75 -58.49 -41.68 36.79
N THR L 76 -58.64 -41.27 38.05
CA THR L 76 -59.50 -40.11 38.30
C THR L 76 -58.91 -38.84 37.70
N ALA L 77 -57.60 -38.65 37.82
CA ALA L 77 -56.97 -37.47 37.22
C ALA L 77 -57.14 -37.47 35.71
N GLN L 78 -56.98 -38.64 35.07
CA GLN L 78 -57.17 -38.71 33.62
C GLN L 78 -58.60 -38.39 33.24
N LYS L 79 -59.59 -38.87 34.01
CA LYS L 79 -60.97 -38.55 33.70
C LYS L 79 -61.23 -37.04 33.80
N MET L 80 -60.70 -36.40 34.84
CA MET L 80 -60.89 -34.95 34.96
C MET L 80 -60.22 -34.22 33.80
N ALA L 81 -59.00 -34.61 33.44
CA ALA L 81 -58.32 -33.98 32.33
C ALA L 81 -59.09 -34.15 31.03
N ASN L 82 -59.71 -35.31 30.83
CA ASN L 82 -60.52 -35.50 29.63
C ASN L 82 -61.79 -34.65 29.64
N LEU L 83 -62.38 -34.41 30.81
CA LEU L 83 -63.50 -33.47 30.86
C LEU L 83 -63.05 -32.07 30.48
N VAL L 84 -61.89 -31.64 30.96
CA VAL L 84 -61.39 -30.31 30.58
C VAL L 84 -61.07 -30.24 29.10
N ASP L 85 -60.56 -31.33 28.51
CA ASP L 85 -60.37 -31.36 27.05
C ASP L 85 -61.69 -31.28 26.30
N ALA L 86 -62.72 -32.00 26.75
CA ALA L 86 -64.02 -31.87 26.13
C ALA L 86 -64.55 -30.45 26.21
N LYS L 87 -64.28 -29.75 27.30
CA LYS L 87 -64.65 -28.34 27.41
C LYS L 87 -63.86 -27.43 26.48
N ILE L 88 -62.57 -27.68 26.31
CA ILE L 88 -61.78 -26.85 25.39
C ILE L 88 -62.23 -27.04 23.95
N ALA L 89 -62.64 -28.25 23.58
CA ALA L 89 -63.02 -28.53 22.19
C ALA L 89 -64.28 -27.81 21.76
N ASP L 90 -64.83 -26.93 22.59
CA ASP L 90 -65.95 -26.09 22.23
C ASP L 90 -65.64 -24.61 22.36
N VAL L 91 -64.51 -24.24 22.96
CA VAL L 91 -64.12 -22.85 23.09
C VAL L 91 -62.98 -22.59 22.12
N GLN L 92 -62.38 -23.67 21.61
CA GLN L 92 -61.46 -23.55 20.49
C GLN L 92 -62.20 -23.35 19.18
N SER L 93 -63.34 -24.03 19.01
CA SER L 93 -64.18 -23.86 17.84
C SER L 93 -65.11 -22.67 17.96
N SER L 94 -64.93 -21.83 18.99
CA SER L 94 -65.78 -20.68 19.21
C SER L 94 -65.41 -19.56 18.23
N SER L 95 -66.40 -19.06 17.51
CA SER L 95 -66.17 -18.03 16.51
C SER L 95 -65.67 -16.74 17.14
N ASP L 96 -66.09 -16.46 18.38
CA ASP L 96 -65.78 -15.21 19.05
C ASP L 96 -64.35 -15.27 19.58
N LYS L 97 -63.98 -14.33 20.45
CA LYS L 97 -62.75 -14.46 21.21
C LYS L 97 -62.85 -15.65 22.14
N ASN L 98 -61.74 -16.37 22.32
CA ASN L 98 -61.79 -17.63 23.06
C ASN L 98 -61.73 -17.42 24.57
N ALA L 99 -62.58 -16.56 25.11
CA ALA L 99 -62.79 -16.48 26.56
C ALA L 99 -64.28 -16.52 26.82
N LYS L 100 -64.84 -17.73 26.76
CA LYS L 100 -66.18 -18.06 27.26
C LYS L 100 -66.12 -19.54 27.62
N ALA L 101 -65.78 -19.83 28.87
CA ALA L 101 -65.54 -21.21 29.26
C ALA L 101 -65.57 -21.33 30.78
N GLN L 102 -66.10 -22.45 31.24
CA GLN L 102 -66.07 -22.83 32.64
C GLN L 102 -65.85 -24.33 32.73
N LEU L 103 -65.18 -24.74 33.78
CA LEU L 103 -64.99 -26.16 33.98
C LEU L 103 -66.33 -26.82 34.34
N PRO L 104 -66.54 -28.07 33.93
CA PRO L 104 -67.76 -28.76 34.34
C PRO L 104 -67.78 -28.98 35.84
N ASP L 105 -69.00 -29.01 36.39
CA ASP L 105 -69.18 -28.84 37.83
C ASP L 105 -68.45 -29.90 38.64
N GLU L 106 -68.12 -31.05 38.04
CA GLU L 106 -67.40 -32.08 38.77
C GLU L 106 -65.91 -31.78 38.88
N VAL L 107 -65.33 -31.14 37.86
CA VAL L 107 -63.91 -30.79 37.93
C VAL L 107 -63.67 -29.74 39.02
N ILE L 108 -64.61 -28.81 39.22
CA ILE L 108 -64.44 -27.84 40.29
C ILE L 108 -64.35 -28.53 41.64
N SER L 109 -65.23 -29.49 41.90
CA SER L 109 -65.15 -30.25 43.13
C SER L 109 -63.90 -31.12 43.18
N TYR L 110 -63.35 -31.52 42.03
CA TYR L 110 -62.08 -32.22 42.06
C TYR L 110 -60.94 -31.33 42.56
N ILE L 111 -60.80 -30.13 41.97
CA ILE L 111 -59.72 -29.24 42.44
C ILE L 111 -59.96 -28.78 43.87
N ASN L 112 -61.18 -28.37 44.21
CA ASN L 112 -61.43 -27.79 45.52
C ASN L 112 -61.35 -28.79 46.66
N ASP L 113 -61.31 -30.08 46.38
CA ASP L 113 -61.22 -31.07 47.44
C ASP L 113 -59.83 -31.02 48.07
N PRO L 114 -59.71 -31.21 49.39
CA PRO L 114 -58.42 -30.97 50.06
C PRO L 114 -57.40 -32.09 49.93
N ARG L 115 -57.81 -33.32 49.66
CA ARG L 115 -56.92 -34.46 49.74
C ARG L 115 -56.18 -34.72 48.43
N ASN L 116 -56.00 -33.70 47.59
CA ASN L 116 -55.34 -33.88 46.30
C ASN L 116 -54.11 -33.01 46.09
N ASP L 117 -54.03 -31.85 46.75
CA ASP L 117 -52.91 -30.92 46.58
C ASP L 117 -52.68 -30.61 45.10
N ILE L 118 -53.68 -29.97 44.52
CA ILE L 118 -53.79 -29.81 43.07
C ILE L 118 -53.74 -28.34 42.69
N THR L 119 -52.92 -27.56 43.39
CA THR L 119 -52.67 -26.17 43.03
C THR L 119 -52.34 -26.03 41.54
N ILE L 120 -53.17 -25.31 40.79
CA ILE L 120 -53.15 -25.34 39.32
C ILE L 120 -52.85 -23.97 38.73
N SER L 121 -53.74 -23.00 38.94
CA SER L 121 -53.78 -21.82 38.09
C SER L 121 -52.99 -20.64 38.67
N GLY L 122 -53.18 -20.36 39.96
CA GLY L 122 -52.70 -19.10 40.50
C GLY L 122 -53.49 -17.92 40.00
N ILE L 123 -54.73 -18.14 39.59
CA ILE L 123 -55.56 -17.08 39.01
C ILE L 123 -56.86 -17.02 39.80
N ASP L 124 -57.49 -15.85 39.79
CA ASP L 124 -58.62 -15.57 40.66
C ASP L 124 -59.90 -16.16 40.09
N ASN L 125 -60.80 -16.54 41.00
CA ASN L 125 -62.23 -16.74 40.72
C ASN L 125 -62.43 -17.76 39.60
N ILE L 126 -62.09 -19.00 39.91
CA ILE L 126 -62.54 -20.11 39.09
C ILE L 126 -64.07 -20.12 39.10
N ASN L 127 -64.66 -20.74 38.08
CA ASN L 127 -66.06 -20.76 37.68
C ASN L 127 -66.48 -19.51 36.93
N ALA L 128 -65.67 -18.44 36.92
CA ALA L 128 -66.00 -17.26 36.11
C ALA L 128 -64.74 -16.42 35.95
N GLN L 129 -64.05 -16.54 34.82
CA GLN L 129 -64.14 -17.63 33.87
C GLN L 129 -62.74 -17.68 33.28
N LEU L 130 -62.32 -18.81 32.69
CA LEU L 130 -60.93 -18.97 32.29
C LEU L 130 -60.84 -19.31 30.80
N GLY L 131 -60.95 -18.28 29.96
CA GLY L 131 -60.45 -18.27 28.59
C GLY L 131 -60.59 -19.54 27.78
N ALA L 132 -59.64 -19.77 26.88
CA ALA L 132 -59.39 -21.08 26.32
C ALA L 132 -57.91 -21.37 26.14
N GLY L 133 -57.02 -20.43 26.45
CA GLY L 133 -55.60 -20.64 26.32
C GLY L 133 -54.93 -20.74 27.66
N ASP L 134 -55.67 -20.36 28.70
CA ASP L 134 -55.26 -20.61 30.08
C ASP L 134 -55.98 -21.81 30.67
N LEU L 135 -56.98 -22.36 29.98
CA LEU L 135 -57.56 -23.64 30.35
C LEU L 135 -56.60 -24.78 30.04
N GLN L 136 -55.66 -24.55 29.13
CA GLN L 136 -54.61 -25.52 28.87
C GLN L 136 -53.73 -25.72 30.10
N THR L 137 -53.52 -24.66 30.89
CA THR L 137 -52.77 -24.80 32.14
C THR L 137 -53.49 -25.71 33.11
N VAL L 138 -54.81 -25.56 33.23
CA VAL L 138 -55.57 -26.43 34.11
C VAL L 138 -55.50 -27.88 33.63
N LYS L 139 -55.66 -28.10 32.33
CA LYS L 139 -55.59 -29.46 31.81
C LYS L 139 -54.21 -30.07 32.05
N ALA L 140 -53.14 -29.30 31.83
CA ALA L 140 -51.80 -29.80 32.06
C ALA L 140 -51.52 -30.08 33.53
N ALA L 141 -51.96 -29.21 34.44
CA ALA L 141 -51.73 -29.43 35.85
C ALA L 141 -52.60 -30.54 36.43
N ILE L 142 -53.71 -30.88 35.79
CA ILE L 142 -54.49 -32.04 36.22
C ILE L 142 -53.89 -33.33 35.66
N SER L 143 -53.56 -33.34 34.38
CA SER L 143 -53.00 -34.54 33.77
C SER L 143 -51.50 -34.69 34.00
N ALA L 144 -50.90 -33.84 34.82
CA ALA L 144 -49.53 -34.10 35.26
C ALA L 144 -49.47 -34.88 36.56
N LYS L 145 -50.56 -34.93 37.32
CA LYS L 145 -50.64 -35.75 38.52
C LYS L 145 -51.17 -37.15 38.20
N ALA L 146 -51.53 -37.39 36.95
CA ALA L 146 -51.91 -38.72 36.50
C ALA L 146 -50.71 -39.58 36.13
N ASN L 147 -49.51 -39.03 36.12
CA ASN L 147 -48.32 -39.74 35.67
C ASN L 147 -47.53 -40.29 36.85
N ASN L 148 -48.17 -41.12 37.68
CA ASN L 148 -47.54 -41.62 38.89
C ASN L 148 -47.54 -43.14 38.97
N LEU L 149 -47.32 -43.83 37.85
CA LEU L 149 -47.23 -45.28 37.87
C LEU L 149 -45.81 -45.79 37.75
N THR L 150 -44.81 -44.91 37.83
CA THR L 150 -43.44 -45.37 37.89
C THR L 150 -42.82 -45.18 39.26
N THR L 151 -43.32 -44.24 40.07
CA THR L 151 -42.86 -44.15 41.44
C THR L 151 -43.32 -45.33 42.27
N THR L 152 -44.37 -46.03 41.84
CA THR L 152 -44.85 -47.22 42.54
C THR L 152 -44.42 -48.51 41.87
N VAL L 153 -43.61 -48.43 40.83
CA VAL L 153 -42.90 -49.58 40.30
C VAL L 153 -41.43 -49.55 40.68
N ASN L 154 -40.86 -48.36 40.85
CA ASN L 154 -39.50 -48.29 41.35
C ASN L 154 -39.44 -48.66 42.83
N ASN L 155 -40.46 -48.30 43.60
CA ASN L 155 -40.47 -48.50 45.04
C ASN L 155 -40.87 -49.90 45.45
N SER L 156 -41.44 -50.70 44.55
CA SER L 156 -42.08 -51.94 44.94
C SER L 156 -41.72 -53.08 44.00
N GLN L 157 -40.44 -53.24 43.70
CA GLN L 157 -40.00 -54.39 42.91
C GLN L 157 -39.03 -55.30 43.64
N LEU L 158 -38.32 -54.80 44.64
CA LEU L 158 -37.47 -55.65 45.47
C LEU L 158 -38.21 -56.20 46.66
N GLU L 159 -39.44 -55.74 46.90
CA GLU L 159 -40.29 -56.34 47.91
C GLU L 159 -41.16 -57.44 47.34
N ILE L 160 -41.79 -57.21 46.19
CA ILE L 160 -42.57 -58.24 45.56
C ILE L 160 -41.71 -59.43 45.18
N GLN L 161 -40.44 -59.20 44.85
CA GLN L 161 -39.43 -60.24 44.77
C GLN L 161 -39.56 -61.20 45.94
N GLN L 162 -39.36 -60.69 47.15
CA GLN L 162 -39.28 -61.54 48.33
C GLN L 162 -40.64 -62.07 48.76
N MET L 163 -41.69 -61.26 48.66
CA MET L 163 -43.03 -61.76 48.99
C MET L 163 -43.43 -62.91 48.08
N SER L 164 -43.24 -62.75 46.77
CA SER L 164 -43.57 -63.80 45.83
C SER L 164 -42.71 -65.04 46.03
N ASN L 165 -41.42 -64.87 46.30
CA ASN L 165 -40.60 -66.06 46.52
C ASN L 165 -41.03 -66.80 47.79
N THR L 166 -41.16 -66.08 48.92
CA THR L 166 -41.51 -66.72 50.18
C THR L 166 -42.86 -67.40 50.11
N LEU L 167 -43.84 -66.76 49.48
CA LEU L 167 -45.20 -67.26 49.55
C LEU L 167 -45.32 -68.58 48.79
N ASN L 168 -44.66 -68.69 47.64
CA ASN L 168 -44.50 -69.96 46.95
C ASN L 168 -43.71 -70.96 47.80
N LEU L 169 -42.61 -70.51 48.38
CA LEU L 169 -41.72 -71.39 49.12
C LEU L 169 -42.41 -71.98 50.33
N LEU L 170 -43.53 -71.40 50.73
CA LEU L 170 -44.29 -71.82 51.90
C LEU L 170 -45.52 -72.64 51.53
N THR L 171 -46.19 -72.31 50.42
CA THR L 171 -47.18 -73.23 49.85
C THR L 171 -46.58 -74.59 49.57
N SER L 172 -45.42 -74.61 48.90
CA SER L 172 -44.80 -75.87 48.53
C SER L 172 -44.18 -76.61 49.71
N ALA L 173 -44.11 -75.98 50.88
CA ALA L 173 -43.68 -76.66 52.09
C ALA L 173 -44.83 -77.17 52.92
N ARG L 174 -45.98 -76.52 52.81
CA ARG L 174 -47.19 -76.96 53.50
C ARG L 174 -47.64 -78.27 52.86
N SER L 175 -47.56 -78.29 51.53
CA SER L 175 -47.95 -79.44 50.71
C SER L 175 -47.11 -80.69 50.96
N ASP L 176 -45.81 -80.50 51.13
CA ASP L 176 -44.92 -81.61 51.37
C ASP L 176 -45.35 -82.28 52.66
N MET L 177 -45.74 -81.45 53.63
CA MET L 177 -46.19 -81.94 54.92
C MET L 177 -47.46 -82.77 54.77
N GLN L 178 -48.36 -82.34 53.89
CA GLN L 178 -49.62 -83.07 53.69
C GLN L 178 -49.38 -84.42 53.03
N SER L 179 -48.51 -84.48 52.02
CA SER L 179 -48.21 -85.75 51.39
C SER L 179 -47.56 -86.73 52.36
N LEU L 180 -46.62 -86.25 53.17
CA LEU L 180 -45.99 -87.11 54.17
C LEU L 180 -47.00 -87.61 55.19
N GLN L 181 -47.90 -86.73 55.64
CA GLN L 181 -48.93 -87.13 56.58
C GLN L 181 -49.80 -88.23 56.00
N TYR L 182 -50.10 -88.17 54.71
CA TYR L 182 -50.86 -89.25 54.08
C TYR L 182 -50.06 -90.53 54.04
N ARG L 183 -48.81 -90.46 53.54
CA ARG L 183 -48.06 -91.69 53.34
C ARG L 183 -47.65 -92.36 54.64
N THR L 184 -47.59 -91.63 55.75
CA THR L 184 -47.24 -92.26 57.02
C THR L 184 -48.36 -93.15 57.55
N ILE L 185 -49.60 -92.71 57.40
CA ILE L 185 -50.73 -93.46 57.95
C ILE L 185 -51.19 -94.55 57.01
N SER L 186 -50.84 -94.49 55.73
CA SER L 186 -51.23 -95.54 54.80
C SER L 186 -50.53 -96.86 55.08
N GLY L 187 -49.43 -96.86 55.83
CA GLY L 187 -48.67 -98.05 56.11
C GLY L 187 -49.12 -98.85 57.31
N ILE L 188 -50.23 -98.48 57.95
CA ILE L 188 -50.77 -99.21 59.08
C ILE L 188 -51.90 -100.11 58.58
N SER L 189 -51.70 -101.43 58.68
CA SER L 189 -52.67 -102.40 58.22
C SER L 189 -53.38 -103.01 59.43
N LEU L 190 -54.71 -102.93 59.44
CA LEU L 190 -55.51 -103.35 60.57
C LEU L 190 -55.80 -104.85 60.46
N GLY L 191 -55.57 -105.58 61.54
CA GLY L 191 -55.88 -106.99 61.57
C GLY L 191 -55.00 -107.87 60.72
N LYS L 192 -53.77 -107.46 60.44
CA LYS L 192 -52.86 -108.26 59.64
C LYS L 192 -51.48 -108.33 60.28
N SER M 19 -62.47 -53.00 30.60
CA SER M 19 -61.77 -54.00 29.80
C SER M 19 -61.50 -55.26 30.62
N MET M 20 -61.72 -55.18 31.93
CA MET M 20 -61.53 -56.30 32.82
C MET M 20 -62.78 -56.52 33.67
N ALA M 21 -62.70 -57.50 34.56
CA ALA M 21 -63.87 -57.92 35.33
C ALA M 21 -64.20 -56.92 36.43
N TYR M 22 -63.23 -56.59 37.27
CA TYR M 22 -63.47 -55.78 38.47
C TYR M 22 -63.05 -54.34 38.20
N ASP M 23 -63.95 -53.41 38.51
CA ASP M 23 -63.73 -51.98 38.27
C ASP M 23 -63.18 -51.32 39.53
N LEU M 24 -61.89 -51.54 39.78
CA LEU M 24 -61.23 -51.04 40.98
C LEU M 24 -61.13 -49.52 41.02
N GLY M 25 -61.66 -48.81 40.03
CA GLY M 25 -61.57 -47.37 40.02
C GLY M 25 -62.52 -46.67 40.97
N SER M 26 -63.55 -47.38 41.44
CA SER M 26 -64.52 -46.82 42.37
C SER M 26 -64.44 -47.40 43.77
N MET M 27 -64.08 -48.68 43.91
CA MET M 27 -64.05 -49.33 45.20
C MET M 27 -63.04 -48.67 46.11
N SER M 28 -63.44 -48.46 47.36
CA SER M 28 -62.55 -47.86 48.35
C SER M 28 -61.45 -48.85 48.73
N LYS M 29 -60.60 -48.47 49.66
CA LYS M 29 -59.50 -49.35 50.04
C LYS M 29 -59.98 -50.55 50.83
N ASP M 30 -60.90 -50.33 51.77
CA ASP M 30 -61.40 -51.44 52.58
C ASP M 30 -62.31 -52.38 51.82
N ASP M 31 -62.70 -52.02 50.60
CA ASP M 31 -63.36 -52.96 49.70
C ASP M 31 -62.39 -53.64 48.75
N VAL M 32 -61.33 -52.94 48.35
CA VAL M 32 -60.30 -53.58 47.54
C VAL M 32 -59.60 -54.67 48.33
N ILE M 33 -59.34 -54.43 49.63
CA ILE M 33 -58.68 -55.45 50.43
C ILE M 33 -59.55 -56.69 50.56
N ASP M 34 -60.85 -56.51 50.80
CA ASP M 34 -61.75 -57.65 50.90
C ASP M 34 -61.89 -58.37 49.57
N LEU M 35 -61.86 -57.61 48.46
CA LEU M 35 -61.85 -58.24 47.15
C LEU M 35 -60.62 -59.10 46.96
N PHE M 36 -59.44 -58.56 47.27
CA PHE M 36 -58.21 -59.32 47.12
C PHE M 36 -58.16 -60.52 48.04
N ASN M 37 -58.80 -60.44 49.20
CA ASN M 37 -58.91 -61.62 50.05
C ASN M 37 -59.84 -62.67 49.44
N LYS M 38 -60.89 -62.25 48.75
CA LYS M 38 -61.73 -63.22 48.06
C LYS M 38 -60.95 -63.96 46.99
N LEU M 39 -60.12 -63.26 46.22
CA LEU M 39 -59.21 -63.89 45.28
C LEU M 39 -58.04 -64.47 46.06
N GLY M 40 -57.02 -64.92 45.35
CA GLY M 40 -55.84 -65.49 45.98
C GLY M 40 -54.86 -64.42 46.39
N VAL M 41 -53.59 -64.82 46.50
CA VAL M 41 -52.50 -63.88 46.69
C VAL M 41 -51.78 -63.59 45.37
N PHE M 42 -51.72 -64.56 44.45
CA PHE M 42 -51.11 -64.36 43.16
C PHE M 42 -52.02 -63.62 42.19
N GLN M 43 -53.33 -63.89 42.25
CA GLN M 43 -54.22 -63.18 41.35
C GLN M 43 -54.60 -61.80 41.86
N ALA M 44 -54.44 -61.52 43.15
CA ALA M 44 -54.45 -60.12 43.57
C ALA M 44 -53.31 -59.36 42.89
N ALA M 45 -52.13 -59.96 42.84
CA ALA M 45 -51.02 -59.34 42.15
C ALA M 45 -51.30 -59.19 40.66
N ILE M 46 -51.94 -60.18 40.04
CA ILE M 46 -52.22 -60.04 38.62
C ILE M 46 -53.26 -58.95 38.35
N LEU M 47 -54.31 -58.82 39.17
CA LEU M 47 -55.20 -57.67 38.99
C LEU M 47 -54.49 -56.35 39.22
N MET M 48 -53.66 -56.26 40.25
CA MET M 48 -52.99 -54.99 40.52
C MET M 48 -52.12 -54.58 39.34
N PHE M 49 -51.39 -55.53 38.77
CA PHE M 49 -50.56 -55.22 37.61
C PHE M 49 -51.39 -54.97 36.36
N ALA M 50 -52.51 -55.65 36.19
CA ALA M 50 -53.34 -55.41 35.01
C ALA M 50 -53.98 -54.03 35.06
N TYR M 51 -54.44 -53.61 36.24
CA TYR M 51 -55.00 -52.26 36.35
C TYR M 51 -53.93 -51.20 36.20
N MET M 52 -52.73 -51.42 36.75
CA MET M 52 -51.66 -50.45 36.51
C MET M 52 -51.31 -50.39 35.02
N TYR M 53 -51.32 -51.53 34.33
CA TYR M 53 -51.08 -51.51 32.89
C TYR M 53 -52.17 -50.76 32.15
N GLN M 54 -53.43 -50.92 32.52
CA GLN M 54 -54.48 -50.16 31.87
C GLN M 54 -54.32 -48.66 32.10
N ALA M 55 -54.00 -48.26 33.33
CA ALA M 55 -53.83 -46.83 33.58
C ALA M 55 -52.67 -46.26 32.77
N GLN M 56 -51.54 -46.97 32.72
CA GLN M 56 -50.40 -46.48 31.94
C GLN M 56 -50.71 -46.46 30.46
N SER M 57 -51.38 -47.48 29.93
CA SER M 57 -51.70 -47.48 28.52
C SER M 57 -52.69 -46.38 28.17
N ASP M 58 -53.63 -46.08 29.06
CA ASP M 58 -54.54 -44.96 28.81
C ASP M 58 -53.81 -43.64 28.77
N LEU M 59 -52.88 -43.40 29.71
CA LEU M 59 -52.07 -42.19 29.63
C LEU M 59 -51.34 -42.11 28.31
N SER M 60 -50.64 -43.17 27.93
CA SER M 60 -49.82 -43.11 26.73
C SER M 60 -50.67 -42.93 25.48
N ILE M 61 -51.81 -43.61 25.38
CA ILE M 61 -52.64 -43.46 24.19
C ILE M 61 -53.28 -42.09 24.13
N ALA M 62 -53.72 -41.55 25.26
CA ALA M 62 -54.21 -40.17 25.24
C ALA M 62 -53.11 -39.18 24.89
N LYS M 63 -51.84 -39.55 25.10
CA LYS M 63 -50.73 -38.75 24.59
C LYS M 63 -50.57 -38.91 23.08
N PHE M 64 -50.73 -40.13 22.57
CA PHE M 64 -50.52 -40.40 21.15
C PHE M 64 -51.61 -39.78 20.28
N ALA M 65 -52.75 -39.45 20.85
CA ALA M 65 -53.82 -38.81 20.08
C ALA M 65 -53.72 -37.30 20.11
N ASP M 66 -52.76 -36.73 20.84
CA ASP M 66 -52.43 -35.31 20.75
C ASP M 66 -51.37 -35.03 19.71
N MET M 67 -50.79 -36.06 19.10
CA MET M 67 -49.84 -35.89 18.03
C MET M 67 -50.43 -36.17 16.66
N ASN M 68 -51.40 -37.08 16.59
CA ASN M 68 -52.20 -37.17 15.38
C ASN M 68 -52.96 -35.89 15.10
N GLU M 69 -53.20 -35.05 16.10
CA GLU M 69 -53.75 -33.73 15.80
C GLU M 69 -52.77 -32.92 14.96
N ALA M 70 -51.50 -32.94 15.32
CA ALA M 70 -50.50 -32.21 14.55
C ALA M 70 -50.35 -32.77 13.14
N SER M 71 -50.32 -34.10 13.01
CA SER M 71 -50.19 -34.66 11.67
C SER M 71 -51.45 -34.44 10.84
N LYS M 72 -52.63 -34.46 11.45
CA LYS M 72 -53.86 -34.15 10.71
C LYS M 72 -53.84 -32.72 10.20
N GLU M 73 -53.43 -31.77 11.06
CA GLU M 73 -53.32 -30.40 10.60
C GLU M 73 -52.34 -30.26 9.45
N SER M 74 -51.21 -30.96 9.53
CA SER M 74 -50.22 -30.87 8.46
C SER M 74 -50.77 -31.41 7.16
N THR M 75 -51.46 -32.55 7.19
CA THR M 75 -51.96 -33.09 5.93
C THR M 75 -53.07 -32.24 5.34
N THR M 76 -53.98 -31.70 6.16
CA THR M 76 -55.01 -30.82 5.59
C THR M 76 -54.41 -29.55 5.01
N ALA M 77 -53.43 -28.95 5.71
CA ALA M 77 -52.80 -27.76 5.17
C ALA M 77 -52.08 -28.06 3.86
N GLN M 78 -51.40 -29.20 3.76
CA GLN M 78 -50.75 -29.55 2.52
C GLN M 78 -51.75 -29.76 1.39
N LYS M 79 -52.89 -30.37 1.68
CA LYS M 79 -53.91 -30.54 0.64
C LYS M 79 -54.42 -29.20 0.14
N MET M 80 -54.68 -28.26 1.06
CA MET M 80 -55.13 -26.94 0.63
C MET M 80 -54.08 -26.23 -0.20
N ALA M 81 -52.82 -26.30 0.23
CA ALA M 81 -51.74 -25.67 -0.54
C ALA M 81 -51.62 -26.27 -1.92
N ASN M 82 -51.82 -27.59 -2.05
CA ASN M 82 -51.78 -28.20 -3.37
C ASN M 82 -52.96 -27.79 -4.24
N LEU M 83 -54.13 -27.56 -3.65
CA LEU M 83 -55.24 -27.00 -4.45
C LEU M 83 -54.90 -25.61 -4.96
N VAL M 84 -54.28 -24.77 -4.12
CA VAL M 84 -53.89 -23.44 -4.57
C VAL M 84 -52.81 -23.52 -5.65
N ASP M 85 -51.89 -24.48 -5.55
CA ASP M 85 -50.92 -24.68 -6.64
C ASP M 85 -51.59 -25.13 -7.93
N ALA M 86 -52.56 -26.05 -7.85
CA ALA M 86 -53.30 -26.42 -9.04
C ALA M 86 -54.01 -25.22 -9.67
N LYS M 87 -54.51 -24.31 -8.85
CA LYS M 87 -55.11 -23.09 -9.36
C LYS M 87 -54.11 -22.15 -10.02
N ILE M 88 -52.91 -22.01 -9.43
CA ILE M 88 -51.89 -21.15 -10.04
C ILE M 88 -51.43 -21.69 -11.39
N ALA M 89 -51.35 -23.01 -11.52
CA ALA M 89 -50.85 -23.62 -12.76
C ALA M 89 -51.75 -23.39 -13.95
N ASP M 90 -52.81 -22.60 -13.80
CA ASP M 90 -53.66 -22.20 -14.91
C ASP M 90 -53.73 -20.70 -15.10
N VAL M 91 -53.21 -19.92 -14.16
CA VAL M 91 -53.19 -18.47 -14.28
C VAL M 91 -51.76 -18.05 -14.59
N GLN M 92 -50.81 -18.96 -14.37
CA GLN M 92 -49.46 -18.74 -14.88
C GLN M 92 -49.38 -18.99 -16.37
N SER M 93 -50.09 -20.00 -16.86
CA SER M 93 -50.16 -20.29 -18.28
C SER M 93 -51.18 -19.43 -19.00
N SER M 94 -51.73 -18.42 -18.32
CA SER M 94 -52.74 -17.56 -18.91
C SER M 94 -52.08 -16.56 -19.86
N SER M 95 -52.57 -16.51 -21.10
CA SER M 95 -51.99 -15.63 -22.10
C SER M 95 -52.17 -14.16 -21.73
N ASP M 96 -53.23 -13.83 -21.01
CA ASP M 96 -53.56 -12.45 -20.69
C ASP M 96 -52.69 -11.99 -19.52
N LYS M 97 -53.03 -10.85 -18.92
CA LYS M 97 -52.43 -10.48 -17.65
C LYS M 97 -52.84 -11.48 -16.58
N ASN M 98 -51.91 -11.78 -15.67
CA ASN M 98 -52.14 -12.87 -14.71
C ASN M 98 -52.97 -12.41 -13.51
N ALA M 99 -54.12 -11.76 -13.76
CA ALA M 99 -55.09 -11.52 -12.70
C ALA M 99 -56.45 -11.98 -13.21
N LYS M 100 -56.67 -13.30 -13.18
CA LYS M 100 -57.99 -13.92 -13.33
C LYS M 100 -57.89 -15.23 -12.57
N ALA M 101 -58.26 -15.20 -11.29
CA ALA M 101 -58.05 -16.36 -10.44
C ALA M 101 -58.89 -16.24 -9.19
N GLN M 102 -59.40 -17.38 -8.73
CA GLN M 102 -60.10 -17.49 -7.47
C GLN M 102 -59.70 -18.82 -6.83
N LEU M 103 -59.68 -18.83 -5.52
CA LEU M 103 -59.41 -20.09 -4.83
C LEU M 103 -60.58 -21.04 -5.01
N PRO M 104 -60.32 -22.34 -5.08
CA PRO M 104 -61.42 -23.31 -5.15
C PRO M 104 -62.24 -23.28 -3.86
N ASP M 105 -63.53 -23.59 -4.00
CA ASP M 105 -64.51 -23.26 -2.97
C ASP M 105 -64.19 -23.89 -1.63
N GLU M 106 -63.40 -24.97 -1.61
CA GLU M 106 -63.04 -25.60 -0.35
C GLU M 106 -61.93 -24.85 0.38
N VAL M 107 -61.01 -24.23 -0.35
CA VAL M 107 -59.96 -23.46 0.31
C VAL M 107 -60.53 -22.23 0.99
N ILE M 108 -61.56 -21.61 0.42
CA ILE M 108 -62.19 -20.46 1.08
C ILE M 108 -62.75 -20.88 2.44
N SER M 109 -63.45 -22.00 2.50
CA SER M 109 -63.95 -22.49 3.77
C SER M 109 -62.81 -22.92 4.69
N TYR M 110 -61.66 -23.32 4.15
CA TYR M 110 -60.52 -23.59 5.01
C TYR M 110 -60.02 -22.32 5.71
N ILE M 111 -59.77 -21.25 4.95
CA ILE M 111 -59.31 -20.01 5.59
C ILE M 111 -60.38 -19.43 6.51
N ASN M 112 -61.62 -19.35 6.06
CA ASN M 112 -62.66 -18.66 6.83
C ASN M 112 -63.05 -19.39 8.10
N ASP M 113 -62.65 -20.64 8.27
CA ASP M 113 -62.99 -21.39 9.48
C ASP M 113 -62.24 -20.82 10.66
N PRO M 114 -62.84 -20.73 11.85
CA PRO M 114 -62.19 -20.01 12.96
C PRO M 114 -61.10 -20.78 13.70
N ARG M 115 -61.09 -22.10 13.65
CA ARG M 115 -60.20 -22.89 14.51
C ARG M 115 -58.84 -23.13 13.88
N ASN M 116 -58.39 -22.25 12.98
CA ASN M 116 -57.10 -22.42 12.31
C ASN M 116 -56.14 -21.26 12.47
N ASP M 117 -56.63 -20.04 12.72
CA ASP M 117 -55.79 -18.85 12.86
C ASP M 117 -54.83 -18.73 11.66
N ILE M 118 -55.42 -18.53 10.50
CA ILE M 118 -54.73 -18.65 9.22
C ILE M 118 -54.72 -17.31 8.49
N THR M 119 -54.57 -16.22 9.24
CA THR M 119 -54.40 -14.90 8.64
C THR M 119 -53.33 -14.91 7.55
N ILE M 120 -53.70 -14.60 6.31
CA ILE M 120 -52.88 -14.87 5.14
C ILE M 120 -52.53 -13.59 4.39
N SER M 121 -53.53 -12.91 3.83
CA SER M 121 -53.29 -11.94 2.77
C SER M 121 -53.17 -10.50 3.28
N GLY M 122 -54.08 -10.09 4.15
CA GLY M 122 -54.20 -8.68 4.45
C GLY M 122 -54.76 -7.88 3.30
N ILE M 123 -55.51 -8.53 2.41
CA ILE M 123 -56.04 -7.89 1.21
C ILE M 123 -57.55 -8.10 1.20
N ASP M 124 -58.25 -7.18 0.53
CA ASP M 124 -59.70 -7.13 0.58
C ASP M 124 -60.34 -8.16 -0.33
N ASN M 125 -61.51 -8.65 0.08
CA ASN M 125 -62.47 -9.30 -0.80
C ASN M 125 -61.86 -10.51 -1.51
N ILE M 126 -61.53 -11.52 -0.71
CA ILE M 126 -61.26 -12.83 -1.27
C ILE M 126 -62.51 -13.30 -2.02
N ASN M 127 -62.32 -14.23 -2.95
CA ASN M 127 -63.23 -14.74 -3.97
C ASN M 127 -63.36 -13.81 -5.17
N ALA M 128 -62.88 -12.56 -5.09
CA ALA M 128 -62.89 -11.69 -6.26
C ALA M 128 -61.92 -10.53 -6.02
N GLN M 129 -60.71 -10.63 -6.57
CA GLN M 129 -60.08 -11.83 -7.07
C GLN M 129 -58.59 -11.56 -6.84
N LEU M 130 -57.75 -12.59 -6.77
CA LEU M 130 -56.35 -12.37 -6.36
C LEU M 130 -55.40 -12.90 -7.43
N GLY M 131 -55.20 -12.11 -8.48
CA GLY M 131 -54.03 -12.17 -9.34
C GLY M 131 -53.49 -13.53 -9.70
N ALA M 132 -52.17 -13.60 -9.90
CA ALA M 132 -51.43 -14.85 -9.83
C ALA M 132 -50.08 -14.70 -9.15
N GLY M 133 -49.69 -13.50 -8.74
CA GLY M 133 -48.41 -13.29 -8.09
C GLY M 133 -48.60 -12.97 -6.63
N ASP M 134 -49.84 -12.66 -6.26
CA ASP M 134 -50.24 -12.56 -4.86
C ASP M 134 -50.95 -13.81 -4.37
N LEU M 135 -51.30 -14.73 -5.27
CA LEU M 135 -51.75 -16.05 -4.87
C LEU M 135 -50.61 -16.88 -4.30
N GLN M 136 -49.38 -16.52 -4.65
CA GLN M 136 -48.21 -17.16 -4.04
C GLN M 136 -48.15 -16.88 -2.55
N THR M 137 -48.60 -15.70 -2.13
CA THR M 137 -48.66 -15.40 -0.70
C THR M 137 -49.64 -16.32 0.02
N VAL M 138 -50.80 -16.56 -0.58
CA VAL M 138 -51.76 -17.47 0.02
C VAL M 138 -51.19 -18.88 0.11
N LYS M 139 -50.57 -19.34 -0.98
CA LYS M 139 -49.98 -20.69 -0.95
C LYS M 139 -48.90 -20.80 0.11
N ALA M 140 -48.04 -19.79 0.22
CA ALA M 140 -46.99 -19.83 1.23
C ALA M 140 -47.53 -19.76 2.65
N ALA M 141 -48.54 -18.93 2.91
CA ALA M 141 -49.11 -18.84 4.24
C ALA M 141 -49.94 -20.05 4.62
N ILE M 142 -50.44 -20.81 3.64
CA ILE M 142 -51.12 -22.07 3.96
C ILE M 142 -50.10 -23.18 4.19
N SER M 143 -49.12 -23.30 3.31
CA SER M 143 -48.12 -24.36 3.44
C SER M 143 -47.01 -24.01 4.42
N ALA M 144 -47.12 -22.90 5.14
CA ALA M 144 -46.21 -22.65 6.25
C ALA M 144 -46.75 -23.15 7.58
N LYS M 145 -48.06 -23.41 7.67
CA LYS M 145 -48.65 -24.01 8.86
C LYS M 145 -48.67 -25.53 8.75
N ALA M 146 -48.22 -26.07 7.62
CA ALA M 146 -48.06 -27.51 7.47
C ALA M 146 -46.74 -28.01 8.02
N ASN M 147 -45.85 -27.13 8.44
CA ASN M 147 -44.51 -27.51 8.88
C ASN M 147 -44.43 -27.60 10.40
N ASN M 148 -45.27 -28.44 11.00
CA ASN M 148 -45.35 -28.52 12.45
C ASN M 148 -45.15 -29.94 12.97
N LEU M 149 -44.23 -30.71 12.37
CA LEU M 149 -43.92 -32.03 12.86
C LEU M 149 -42.61 -32.10 13.64
N THR M 150 -41.99 -30.96 13.92
CA THR M 150 -40.83 -30.97 14.80
C THR M 150 -41.12 -30.38 16.17
N THR M 151 -42.12 -29.52 16.28
CA THR M 151 -42.53 -29.07 17.60
C THR M 151 -43.17 -30.19 18.40
N THR M 152 -43.67 -31.24 17.75
CA THR M 152 -44.26 -32.38 18.43
C THR M 152 -43.33 -33.57 18.50
N VAL M 153 -42.09 -33.42 18.03
CA VAL M 153 -41.03 -34.37 18.29
C VAL M 153 -40.05 -33.83 19.32
N ASN M 154 -39.87 -32.52 19.38
CA ASN M 154 -39.06 -31.95 20.44
C ASN M 154 -39.78 -32.04 21.78
N ASN M 155 -41.09 -31.89 21.80
CA ASN M 155 -41.87 -31.85 23.02
C ASN M 155 -42.19 -33.23 23.59
N SER M 156 -42.02 -34.28 22.82
CA SER M 156 -42.55 -35.59 23.18
C SER M 156 -41.55 -36.70 22.93
N GLN M 157 -40.30 -36.52 23.37
CA GLN M 157 -39.32 -37.59 23.29
C GLN M 157 -38.79 -38.02 24.64
N LEU M 158 -38.84 -37.18 25.66
CA LEU M 158 -38.47 -37.59 27.01
C LEU M 158 -39.65 -38.13 27.78
N GLU M 159 -40.85 -38.03 27.24
CA GLU M 159 -42.01 -38.69 27.82
C GLU M 159 -42.21 -40.08 27.25
N ILE M 160 -42.13 -40.24 25.93
CA ILE M 160 -42.24 -41.55 25.34
C ILE M 160 -41.12 -42.47 25.81
N GLN M 161 -39.95 -41.92 26.11
CA GLN M 161 -38.91 -42.60 26.84
C GLN M 161 -39.50 -43.36 28.03
N GLN M 162 -40.10 -42.62 28.96
CA GLN M 162 -40.55 -43.21 30.21
C GLN M 162 -41.81 -44.05 30.05
N MET M 163 -42.75 -43.62 29.21
CA MET M 163 -43.93 -44.44 28.96
C MET M 163 -43.56 -45.79 28.36
N SER M 164 -42.70 -45.79 27.35
CA SER M 164 -42.28 -47.04 26.73
C SER M 164 -41.47 -47.90 27.68
N ASN M 165 -40.60 -47.30 28.50
CA ASN M 165 -39.87 -48.15 29.44
C ASN M 165 -40.80 -48.75 30.49
N THR M 166 -41.66 -47.94 31.11
CA THR M 166 -42.53 -48.45 32.18
C THR M 166 -43.48 -49.50 31.65
N LEU M 167 -44.04 -49.31 30.46
CA LEU M 167 -45.09 -50.17 29.99
C LEU M 167 -44.55 -51.58 29.70
N ASN M 168 -43.35 -51.65 29.13
CA ASN M 168 -42.63 -52.92 29.04
C ASN M 168 -42.29 -53.49 30.40
N LEU M 169 -41.79 -52.63 31.30
CA LEU M 169 -41.33 -53.07 32.61
C LEU M 169 -42.47 -53.64 33.44
N LEU M 170 -43.70 -53.37 33.03
CA LEU M 170 -44.90 -53.80 33.72
C LEU M 170 -45.57 -55.00 33.06
N THR M 171 -45.53 -55.08 31.72
CA THR M 171 -45.88 -56.33 31.05
C THR M 171 -45.00 -57.47 31.53
N SER M 172 -43.69 -57.25 31.57
CA SER M 172 -42.76 -58.32 31.94
C SER M 172 -42.80 -58.62 33.43
N ALA M 173 -43.50 -57.82 34.23
CA ALA M 173 -43.70 -58.13 35.64
C ALA M 173 -45.01 -58.83 35.89
N ARG M 174 -46.00 -58.59 35.05
CA ARG M 174 -47.29 -59.25 35.14
C ARG M 174 -47.09 -60.72 34.78
N SER M 175 -46.27 -60.94 33.74
CA SER M 175 -45.94 -62.26 33.23
C SER M 175 -45.19 -63.13 34.22
N ASP M 176 -44.26 -62.53 34.95
CA ASP M 176 -43.48 -63.27 35.93
C ASP M 176 -44.44 -63.82 36.96
N MET M 177 -45.43 -63.01 37.32
CA MET M 177 -46.44 -63.39 38.28
C MET M 177 -47.25 -64.58 37.78
N GLN M 178 -47.56 -64.60 36.49
CA GLN M 178 -48.35 -65.69 35.93
C GLN M 178 -47.57 -67.00 35.91
N SER M 179 -46.29 -66.94 35.54
CA SER M 179 -45.48 -68.15 35.54
C SER M 179 -45.33 -68.71 36.95
N LEU M 180 -45.10 -67.85 37.94
CA LEU M 180 -45.00 -68.31 39.32
C LEU M 180 -46.30 -68.92 39.81
N GLN M 181 -47.43 -68.30 39.46
CA GLN M 181 -48.73 -68.83 39.84
C GLN M 181 -48.93 -70.23 39.27
N TYR M 182 -48.47 -70.46 38.04
CA TYR M 182 -48.55 -71.80 37.47
C TYR M 182 -47.66 -72.78 38.22
N ARG M 183 -46.39 -72.42 38.42
CA ARG M 183 -45.45 -73.37 38.99
C ARG M 183 -45.72 -73.66 40.46
N THR M 184 -46.43 -72.79 41.17
CA THR M 184 -46.74 -73.06 42.57
C THR M 184 -47.78 -74.15 42.71
N ILE M 185 -48.80 -74.15 41.84
CA ILE M 185 -49.90 -75.10 41.96
C ILE M 185 -49.57 -76.43 41.29
N SER M 186 -48.57 -76.46 40.42
CA SER M 186 -48.20 -77.71 39.77
C SER M 186 -47.57 -78.71 40.75
N GLY M 187 -47.10 -78.25 41.89
CA GLY M 187 -46.43 -79.08 42.86
C GLY M 187 -47.33 -79.79 43.85
N ILE M 188 -48.65 -79.66 43.71
CA ILE M 188 -49.60 -80.34 44.58
C ILE M 188 -50.09 -81.59 43.89
N SER M 189 -49.77 -82.75 44.47
CA SER M 189 -50.14 -84.04 43.91
C SER M 189 -51.28 -84.63 44.71
N LEU M 190 -52.38 -84.95 44.04
CA LEU M 190 -53.59 -85.42 44.70
C LEU M 190 -53.52 -86.93 44.91
N GLY M 191 -53.80 -87.37 46.13
CA GLY M 191 -53.84 -88.78 46.41
C GLY M 191 -52.51 -89.48 46.43
N LYS M 192 -51.42 -88.76 46.69
CA LYS M 192 -50.10 -89.38 46.72
C LYS M 192 -49.32 -88.92 47.95
N SER N 19 -50.97 -45.06 1.69
CA SER N 19 -49.79 -45.92 1.69
C SER N 19 -49.81 -46.88 2.86
N MET N 20 -50.73 -46.66 3.79
CA MET N 20 -50.89 -47.50 4.96
C MET N 20 -52.35 -47.96 5.08
N ALA N 21 -52.62 -48.72 6.15
CA ALA N 21 -53.93 -49.34 6.33
C ALA N 21 -54.98 -48.32 6.75
N TYR N 22 -54.71 -47.58 7.82
CA TYR N 22 -55.70 -46.71 8.43
C TYR N 22 -55.46 -45.27 7.98
N ASP N 23 -56.52 -44.62 7.51
CA ASP N 23 -56.44 -43.25 7.00
C ASP N 23 -56.80 -42.26 8.09
N LEU N 24 -55.86 -42.02 9.01
CA LEU N 24 -56.08 -41.17 10.16
C LEU N 24 -56.28 -39.71 9.80
N GLY N 25 -56.28 -39.36 8.50
CA GLY N 25 -56.44 -37.97 8.10
C GLY N 25 -57.85 -37.46 8.20
N SER N 26 -58.84 -38.36 8.29
CA SER N 26 -60.23 -37.97 8.40
C SER N 26 -60.85 -38.27 9.74
N MET N 27 -60.42 -39.33 10.41
CA MET N 27 -61.01 -39.74 11.68
C MET N 27 -60.81 -38.66 12.73
N SER N 28 -61.86 -38.38 13.48
CA SER N 28 -61.80 -37.39 14.55
C SER N 28 -60.96 -37.93 15.70
N LYS N 29 -60.84 -37.16 16.78
CA LYS N 29 -60.01 -37.59 17.89
C LYS N 29 -60.65 -38.74 18.65
N ASP N 30 -61.96 -38.67 18.89
CA ASP N 30 -62.63 -39.72 19.65
C ASP N 30 -62.78 -41.01 18.85
N ASP N 31 -62.48 -40.99 17.56
CA ASP N 31 -62.36 -42.20 16.77
C ASP N 31 -60.94 -42.70 16.70
N VAL N 32 -59.96 -41.79 16.68
CA VAL N 32 -58.57 -42.21 16.72
C VAL N 32 -58.26 -42.90 18.05
N ILE N 33 -58.81 -42.39 19.16
CA ILE N 33 -58.54 -43.01 20.45
C ILE N 33 -59.13 -44.42 20.50
N ASP N 34 -60.35 -44.59 19.99
CA ASP N 34 -60.94 -45.93 19.97
C ASP N 34 -60.19 -46.86 19.03
N LEU N 35 -59.68 -46.33 17.92
CA LEU N 35 -58.83 -47.12 17.04
C LEU N 35 -57.57 -47.59 17.76
N PHE N 36 -56.88 -46.67 18.43
CA PHE N 36 -55.66 -47.03 19.15
C PHE N 36 -55.94 -47.99 20.29
N ASN N 37 -57.13 -47.93 20.88
CA ASN N 37 -57.49 -48.94 21.88
C ASN N 37 -57.74 -50.29 21.24
N LYS N 38 -58.27 -50.33 20.01
CA LYS N 38 -58.40 -51.62 19.34
C LYS N 38 -57.05 -52.25 19.07
N LEU N 39 -56.07 -51.45 18.65
CA LEU N 39 -54.70 -51.93 18.53
C LEU N 39 -54.08 -52.00 19.92
N GLY N 40 -52.78 -52.22 19.98
CA GLY N 40 -52.09 -52.29 21.25
C GLY N 40 -51.69 -50.92 21.75
N VAL N 41 -50.66 -50.90 22.60
CA VAL N 41 -50.03 -49.67 23.01
C VAL N 41 -48.75 -49.38 22.22
N PHE N 42 -48.03 -50.42 21.78
CA PHE N 42 -46.84 -50.24 20.97
C PHE N 42 -47.18 -49.99 19.51
N GLN N 43 -48.21 -50.63 18.99
CA GLN N 43 -48.57 -50.38 17.61
C GLN N 43 -49.39 -49.11 17.41
N ALA N 44 -50.02 -48.59 18.46
CA ALA N 44 -50.50 -47.22 18.37
C ALA N 44 -49.33 -46.27 18.15
N ALA N 45 -48.23 -46.48 18.88
CA ALA N 45 -47.05 -45.67 18.69
C ALA N 45 -46.48 -45.85 17.28
N ILE N 46 -46.48 -47.07 16.76
CA ILE N 46 -45.94 -47.26 15.42
C ILE N 46 -46.81 -46.59 14.37
N LEU N 47 -48.15 -46.66 14.47
CA LEU N 47 -48.96 -45.89 13.53
C LEU N 47 -48.75 -44.39 13.68
N MET N 48 -48.65 -43.89 14.91
CA MET N 48 -48.47 -42.45 15.08
C MET N 48 -47.17 -41.99 14.42
N PHE N 49 -46.10 -42.76 14.61
CA PHE N 49 -44.83 -42.40 13.99
C PHE N 49 -44.84 -42.61 12.48
N ALA N 50 -45.56 -43.62 11.99
CA ALA N 50 -45.61 -43.84 10.54
C ALA N 50 -46.39 -42.74 9.85
N TYR N 51 -47.49 -42.28 10.45
CA TYR N 51 -48.23 -41.18 9.86
C TYR N 51 -47.45 -39.87 9.95
N MET N 52 -46.75 -39.62 11.05
CA MET N 52 -45.89 -38.44 11.11
C MET N 52 -44.80 -38.51 10.05
N TYR N 53 -44.24 -39.68 9.82
CA TYR N 53 -43.23 -39.83 8.76
C TYR N 53 -43.83 -39.57 7.40
N GLN N 54 -45.04 -40.06 7.13
CA GLN N 54 -45.66 -39.76 5.83
C GLN N 54 -45.90 -38.27 5.66
N ALA N 55 -46.39 -37.59 6.70
CA ALA N 55 -46.64 -36.16 6.57
C ALA N 55 -45.34 -35.40 6.31
N GLN N 56 -44.27 -35.74 7.04
CA GLN N 56 -43.00 -35.07 6.82
C GLN N 56 -42.42 -35.37 5.45
N SER N 57 -42.51 -36.62 4.99
CA SER N 57 -41.97 -36.94 3.68
C SER N 57 -42.76 -36.25 2.59
N ASP N 58 -44.07 -36.11 2.75
CA ASP N 58 -44.86 -35.40 1.75
C ASP N 58 -44.47 -33.93 1.70
N LEU N 59 -44.28 -33.27 2.85
CA LEU N 59 -43.78 -31.90 2.82
C LEU N 59 -42.46 -31.82 2.08
N SER N 60 -41.51 -32.67 2.45
CA SER N 60 -40.18 -32.56 1.86
C SER N 60 -40.19 -32.84 0.36
N ILE N 61 -40.96 -33.84 -0.08
CA ILE N 61 -40.99 -34.15 -1.50
C ILE N 61 -41.70 -33.07 -2.29
N ALA N 62 -42.79 -32.50 -1.75
CA ALA N 62 -43.40 -31.37 -2.42
C ALA N 62 -42.47 -30.16 -2.45
N LYS N 63 -41.51 -30.09 -1.54
CA LYS N 63 -40.45 -29.08 -1.65
C LYS N 63 -39.45 -29.43 -2.74
N PHE N 64 -39.09 -30.71 -2.87
CA PHE N 64 -38.08 -31.11 -3.84
C PHE N 64 -38.58 -31.01 -5.27
N ALA N 65 -39.89 -30.96 -5.50
CA ALA N 65 -40.43 -30.80 -6.83
C ALA N 65 -40.62 -29.34 -7.22
N ASP N 66 -40.34 -28.41 -6.32
CA ASP N 66 -40.27 -26.99 -6.65
C ASP N 66 -38.86 -26.56 -7.05
N MET N 67 -37.89 -27.46 -6.95
CA MET N 67 -36.53 -27.18 -7.40
C MET N 67 -36.21 -27.84 -8.73
N ASN N 68 -36.80 -29.01 -9.00
CA ASN N 68 -36.76 -29.54 -10.35
C ASN N 68 -37.44 -28.60 -11.34
N GLU N 69 -38.35 -27.73 -10.90
CA GLU N 69 -38.84 -26.70 -11.80
C GLU N 69 -37.71 -25.78 -12.26
N ALA N 70 -36.86 -25.35 -11.32
CA ALA N 70 -35.74 -24.49 -11.67
C ALA N 70 -34.76 -25.20 -12.57
N SER N 71 -34.42 -26.46 -12.26
CA SER N 71 -33.48 -27.15 -13.12
C SER N 71 -34.07 -27.47 -14.49
N LYS N 72 -35.37 -27.75 -14.58
CA LYS N 72 -36.00 -27.95 -15.88
C LYS N 72 -35.95 -26.68 -16.72
N GLU N 73 -36.25 -25.53 -16.10
CA GLU N 73 -36.14 -24.28 -16.83
C GLU N 73 -34.72 -24.04 -17.32
N SER N 74 -33.73 -24.34 -16.47
CA SER N 74 -32.35 -24.13 -16.89
C SER N 74 -31.98 -25.02 -18.06
N THR N 75 -32.36 -26.29 -18.04
CA THR N 75 -31.97 -27.16 -19.15
C THR N 75 -32.69 -26.78 -20.45
N THR N 76 -33.98 -26.41 -20.39
CA THR N 76 -34.65 -26.00 -21.62
C THR N 76 -34.05 -24.71 -22.18
N ALA N 77 -33.74 -23.75 -21.30
CA ALA N 77 -33.12 -22.51 -21.78
C ALA N 77 -31.76 -22.79 -22.41
N GLN N 78 -30.96 -23.68 -21.80
CA GLN N 78 -29.68 -24.02 -22.39
C GLN N 78 -29.82 -24.69 -23.73
N LYS N 79 -30.82 -25.56 -23.89
CA LYS N 79 -31.03 -26.20 -25.19
C LYS N 79 -31.39 -25.17 -26.25
N MET N 80 -32.27 -24.22 -25.92
CA MET N 80 -32.63 -23.19 -26.88
C MET N 80 -31.42 -22.34 -27.25
N ALA N 81 -30.62 -21.95 -26.25
CA ALA N 81 -29.43 -21.16 -26.54
C ALA N 81 -28.45 -21.91 -27.42
N ASN N 82 -28.32 -23.22 -27.22
CA ASN N 82 -27.46 -24.01 -28.10
C ASN N 82 -28.00 -24.12 -29.51
N LEU N 83 -29.32 -24.16 -29.68
CA LEU N 83 -29.86 -24.09 -31.05
C LEU N 83 -29.53 -22.77 -31.72
N VAL N 84 -29.64 -21.67 -30.97
CA VAL N 84 -29.29 -20.37 -31.56
C VAL N 84 -27.80 -20.29 -31.88
N ASP N 85 -26.94 -20.89 -31.05
CA ASP N 85 -25.52 -20.96 -31.39
C ASP N 85 -25.28 -21.80 -32.63
N ALA N 86 -25.94 -22.94 -32.78
CA ALA N 86 -25.82 -23.71 -34.00
C ALA N 86 -26.24 -22.90 -35.22
N LYS N 87 -27.26 -22.07 -35.08
CA LYS N 87 -27.67 -21.18 -36.17
C LYS N 87 -26.64 -20.10 -36.48
N ILE N 88 -26.02 -19.51 -35.45
CA ILE N 88 -25.00 -18.49 -35.70
C ILE N 88 -23.77 -19.08 -36.40
N ALA N 89 -23.42 -20.32 -36.08
CA ALA N 89 -22.21 -20.93 -36.66
C ALA N 89 -22.32 -21.19 -38.14
N ASP N 90 -23.40 -20.74 -38.78
CA ASP N 90 -23.55 -20.80 -40.23
C ASP N 90 -23.75 -19.44 -40.86
N VAL N 91 -23.97 -18.39 -40.08
CA VAL N 91 -24.13 -17.04 -40.59
C VAL N 91 -22.87 -16.27 -40.26
N GLN N 92 -22.07 -16.80 -39.35
CA GLN N 92 -20.72 -16.27 -39.15
C GLN N 92 -19.78 -16.72 -40.24
N SER N 93 -19.91 -17.96 -40.69
CA SER N 93 -19.13 -18.48 -41.80
C SER N 93 -19.71 -18.10 -43.16
N SER N 94 -20.70 -17.22 -43.18
CA SER N 94 -21.33 -16.81 -44.42
C SER N 94 -20.43 -15.82 -45.17
N SER N 95 -20.15 -16.12 -46.44
CA SER N 95 -19.27 -15.28 -47.22
C SER N 95 -19.86 -13.89 -47.44
N ASP N 96 -21.18 -13.79 -47.49
CA ASP N 96 -21.87 -12.55 -47.81
C ASP N 96 -21.88 -11.66 -46.57
N LYS N 97 -22.68 -10.60 -46.59
CA LYS N 97 -22.96 -9.86 -45.36
C LYS N 97 -23.72 -10.75 -44.39
N ASN N 98 -23.43 -10.61 -43.11
CA ASN N 98 -23.98 -11.54 -42.11
C ASN N 98 -25.39 -11.17 -41.69
N ALA N 99 -26.29 -10.95 -42.65
CA ALA N 99 -27.72 -10.86 -42.35
C ALA N 99 -28.47 -11.78 -43.31
N LYS N 100 -28.44 -13.07 -43.00
CA LYS N 100 -29.33 -14.08 -43.58
C LYS N 100 -29.45 -15.16 -42.52
N ALA N 101 -30.47 -15.04 -41.67
CA ALA N 101 -30.58 -15.93 -40.52
C ALA N 101 -31.98 -15.87 -39.96
N GLN N 102 -32.45 -17.02 -39.50
CA GLN N 102 -33.70 -17.14 -38.78
C GLN N 102 -33.53 -18.16 -37.67
N LEU N 103 -34.25 -17.95 -36.59
CA LEU N 103 -34.19 -18.93 -35.52
C LEU N 103 -34.88 -20.22 -35.96
N PRO N 104 -34.42 -21.37 -35.49
CA PRO N 104 -35.12 -22.62 -35.80
C PRO N 104 -36.50 -22.63 -35.17
N ASP N 105 -37.42 -23.34 -35.84
CA ASP N 105 -38.85 -23.16 -35.59
C ASP N 105 -39.23 -23.44 -34.15
N GLU N 106 -38.42 -24.21 -33.41
CA GLU N 106 -38.73 -24.49 -32.02
C GLU N 106 -38.36 -23.32 -31.10
N VAL N 107 -37.30 -22.59 -31.42
CA VAL N 107 -36.94 -21.44 -30.60
C VAL N 107 -38.00 -20.35 -30.68
N ILE N 108 -38.62 -20.16 -31.86
CA ILE N 108 -39.69 -19.18 -31.98
C ILE N 108 -40.82 -19.52 -31.02
N SER N 109 -41.25 -20.78 -31.00
CA SER N 109 -42.28 -21.18 -30.04
C SER N 109 -41.81 -21.10 -28.60
N TYR N 110 -40.49 -21.20 -28.36
CA TYR N 110 -40.00 -20.97 -27.01
C TYR N 110 -40.20 -19.52 -26.57
N ILE N 111 -39.76 -18.55 -27.39
CA ILE N 111 -39.95 -17.16 -27.01
C ILE N 111 -41.42 -16.77 -26.96
N ASN N 112 -42.19 -17.16 -27.98
CA ASN N 112 -43.57 -16.71 -28.07
C ASN N 112 -44.49 -17.31 -27.01
N ASP N 113 -44.05 -18.33 -26.29
CA ASP N 113 -44.87 -18.93 -25.26
C ASP N 113 -45.01 -17.97 -24.09
N PRO N 114 -46.19 -17.89 -23.45
CA PRO N 114 -46.40 -16.84 -22.45
C PRO N 114 -45.80 -17.10 -21.08
N ARG N 115 -45.54 -18.35 -20.70
CA ARG N 115 -45.17 -18.69 -19.34
C ARG N 115 -43.67 -18.60 -19.09
N ASN N 116 -42.95 -17.78 -19.86
CA ASN N 116 -41.51 -17.67 -19.72
C ASN N 116 -41.00 -16.25 -19.46
N ASP N 117 -41.73 -15.22 -19.87
CA ASP N 117 -41.32 -13.83 -19.69
C ASP N 117 -39.91 -13.62 -20.22
N ILE N 118 -39.77 -13.79 -21.53
CA ILE N 118 -38.48 -13.91 -22.18
C ILE N 118 -38.28 -12.76 -23.18
N THR N 119 -38.75 -11.56 -22.82
CA THR N 119 -38.50 -10.37 -23.62
C THR N 119 -37.02 -10.23 -23.97
N ILE N 120 -36.69 -10.25 -25.26
CA ILE N 120 -35.32 -10.44 -25.72
C ILE N 120 -34.83 -9.25 -26.54
N SER N 121 -35.45 -9.01 -27.70
CA SER N 121 -34.82 -8.19 -28.73
C SER N 121 -35.25 -6.73 -28.69
N GLY N 122 -36.55 -6.48 -28.56
CA GLY N 122 -37.05 -5.14 -28.80
C GLY N 122 -36.99 -4.75 -30.26
N ILE N 123 -36.99 -5.73 -31.15
CA ILE N 123 -36.86 -5.48 -32.58
C ILE N 123 -38.05 -6.14 -33.29
N ASP N 124 -38.39 -5.61 -34.45
CA ASP N 124 -39.61 -5.99 -35.15
C ASP N 124 -39.44 -7.29 -35.90
N ASN N 125 -40.55 -8.04 -35.99
CA ASN N 125 -40.73 -9.09 -36.99
C ASN N 125 -39.63 -10.15 -36.91
N ILE N 126 -39.65 -10.87 -35.79
CA ILE N 126 -38.89 -12.11 -35.72
C ILE N 126 -39.42 -13.05 -36.81
N ASN N 127 -38.58 -14.01 -37.19
CA ASN N 127 -38.68 -14.94 -38.32
C ASN N 127 -38.27 -14.29 -39.64
N ALA N 128 -38.13 -12.96 -39.72
CA ALA N 128 -37.62 -12.33 -40.94
C ALA N 128 -37.16 -10.92 -40.61
N GLN N 129 -35.86 -10.72 -40.43
CA GLN N 129 -34.86 -11.75 -40.15
C GLN N 129 -33.83 -10.99 -39.30
N LEU N 130 -33.01 -11.69 -38.52
CA LEU N 130 -32.14 -11.01 -37.56
C LEU N 130 -30.68 -11.39 -37.79
N GLY N 131 -30.07 -10.75 -38.80
CA GLY N 131 -28.62 -10.59 -38.89
C GLY N 131 -27.75 -11.77 -38.51
N ALA N 132 -26.56 -11.46 -37.98
CA ALA N 132 -25.79 -12.41 -37.19
C ALA N 132 -25.10 -11.75 -36.01
N GLY N 133 -25.20 -10.43 -35.85
CA GLY N 133 -24.57 -9.74 -34.74
C GLY N 133 -25.59 -9.26 -33.75
N ASP N 134 -26.86 -9.29 -34.16
CA ASP N 134 -27.98 -9.08 -33.24
C ASP N 134 -28.63 -10.39 -32.83
N LEU N 135 -28.25 -11.51 -33.45
CA LEU N 135 -28.62 -12.83 -32.95
C LEU N 135 -27.87 -13.16 -31.68
N GLN N 136 -26.74 -12.51 -31.45
CA GLN N 136 -26.02 -12.65 -30.19
C GLN N 136 -26.85 -12.14 -29.03
N THR N 137 -27.65 -11.10 -29.26
CA THR N 137 -28.54 -10.61 -28.21
C THR N 137 -29.58 -11.64 -27.84
N VAL N 138 -30.15 -12.32 -28.84
CA VAL N 138 -31.12 -13.37 -28.55
C VAL N 138 -30.47 -14.51 -27.78
N LYS N 139 -29.28 -14.94 -28.20
CA LYS N 139 -28.59 -16.01 -27.49
C LYS N 139 -28.29 -15.62 -26.06
N ALA N 140 -27.82 -14.38 -25.84
CA ALA N 140 -27.52 -13.93 -24.49
C ALA N 140 -28.77 -13.82 -23.63
N ALA N 141 -29.87 -13.30 -24.17
CA ALA N 141 -31.09 -13.17 -23.39
C ALA N 141 -31.78 -14.50 -23.13
N ILE N 142 -31.51 -15.52 -23.94
CA ILE N 142 -32.03 -16.85 -23.64
C ILE N 142 -31.15 -17.56 -22.62
N SER N 143 -29.83 -17.52 -22.81
CA SER N 143 -28.93 -18.19 -21.89
C SER N 143 -28.62 -17.37 -20.64
N ALA N 144 -29.30 -16.24 -20.44
CA ALA N 144 -29.23 -15.56 -19.17
C ALA N 144 -30.32 -15.97 -18.21
N LYS N 145 -31.39 -16.59 -18.70
CA LYS N 145 -32.43 -17.14 -17.85
C LYS N 145 -32.13 -18.59 -17.49
N ALA N 146 -31.05 -19.15 -18.02
CA ALA N 146 -30.60 -20.47 -17.63
C ALA N 146 -29.74 -20.46 -16.37
N ASN N 147 -29.40 -19.30 -15.85
CA ASN N 147 -28.49 -19.18 -14.72
C ASN N 147 -29.26 -18.99 -13.41
N ASN N 148 -30.14 -19.93 -13.08
CA ASN N 148 -31.01 -19.80 -11.92
C ASN N 148 -30.89 -20.99 -10.97
N LEU N 149 -29.68 -21.52 -10.78
CA LEU N 149 -29.49 -22.60 -9.82
C LEU N 149 -28.85 -22.14 -8.53
N THR N 150 -28.69 -20.83 -8.32
CA THR N 150 -28.23 -20.34 -7.03
C THR N 150 -29.33 -19.67 -6.24
N THR N 151 -30.36 -19.14 -6.90
CA THR N 151 -31.50 -18.63 -6.16
C THR N 151 -32.28 -19.74 -5.49
N THR N 152 -32.15 -20.98 -5.96
CA THR N 152 -32.81 -22.13 -5.35
C THR N 152 -31.89 -22.95 -4.48
N VAL N 153 -30.64 -22.52 -4.29
CA VAL N 153 -29.77 -23.05 -3.27
C VAL N 153 -29.64 -22.08 -2.10
N ASN N 154 -29.75 -20.78 -2.36
CA ASN N 154 -29.79 -19.82 -1.26
C ASN N 154 -31.10 -19.91 -0.49
N ASN N 155 -32.20 -20.17 -1.19
CA ASN N 155 -33.52 -20.16 -0.58
C ASN N 155 -33.87 -21.46 0.13
N SER N 156 -33.12 -22.53 -0.10
CA SER N 156 -33.54 -23.86 0.32
C SER N 156 -32.39 -24.64 0.96
N GLN N 157 -31.66 -24.01 1.88
CA GLN N 157 -30.65 -24.73 2.62
C GLN N 157 -30.88 -24.76 4.12
N LEU N 158 -31.64 -23.83 4.67
CA LEU N 158 -32.02 -23.87 6.07
C LEU N 158 -33.33 -24.62 6.28
N GLU N 159 -34.02 -24.99 5.20
CA GLU N 159 -35.16 -25.86 5.30
C GLU N 159 -34.79 -27.31 5.15
N ILE N 160 -33.95 -27.65 4.17
CA ILE N 160 -33.49 -29.02 4.02
C ILE N 160 -32.70 -29.46 5.24
N GLN N 161 -32.00 -28.54 5.90
CA GLN N 161 -31.45 -28.75 7.23
C GLN N 161 -32.47 -29.45 8.12
N GLN N 162 -33.60 -28.79 8.35
CA GLN N 162 -34.57 -29.28 9.33
C GLN N 162 -35.36 -30.47 8.83
N MET N 163 -35.73 -30.49 7.55
CA MET N 163 -36.42 -31.66 7.00
C MET N 163 -35.56 -32.90 7.10
N SER N 164 -34.29 -32.81 6.70
CA SER N 164 -33.39 -33.95 6.79
C SER N 164 -33.13 -34.37 8.22
N ASN N 165 -32.97 -33.42 9.14
CA ASN N 165 -32.76 -33.82 10.52
C ASN N 165 -34.00 -34.51 11.09
N THR N 166 -35.18 -33.91 10.94
CA THR N 166 -36.39 -34.47 11.52
C THR N 166 -36.70 -35.85 10.93
N LEU N 167 -36.53 -36.01 9.63
CA LEU N 167 -36.98 -37.23 8.98
C LEU N 167 -36.14 -38.43 9.45
N ASN N 168 -34.83 -38.23 9.60
CA ASN N 168 -33.98 -39.21 10.25
C ASN N 168 -34.38 -39.42 11.71
N LEU N 169 -34.62 -38.33 12.43
CA LEU N 169 -34.89 -38.38 13.86
C LEU N 169 -36.19 -39.13 14.13
N LEU N 170 -37.00 -39.31 13.11
CA LEU N 170 -38.30 -39.97 13.21
C LEU N 170 -38.26 -41.41 12.70
N THR N 171 -37.49 -41.68 11.65
CA THR N 171 -37.18 -43.07 11.31
C THR N 171 -36.54 -43.81 12.48
N SER N 172 -35.53 -43.19 13.09
CA SER N 172 -34.81 -43.84 14.18
C SER N 172 -35.62 -43.91 15.47
N ALA N 173 -36.78 -43.24 15.53
CA ALA N 173 -37.66 -43.36 16.66
C ALA N 173 -38.76 -44.39 16.43
N ARG N 174 -39.13 -44.58 15.17
CA ARG N 174 -40.12 -45.58 14.81
C ARG N 174 -39.51 -46.97 15.06
N SER N 175 -38.24 -47.08 14.69
CA SER N 175 -37.46 -48.32 14.82
C SER N 175 -37.26 -48.75 16.27
N ASP N 176 -37.00 -47.79 17.15
CA ASP N 176 -36.79 -48.08 18.55
C ASP N 176 -38.06 -48.72 19.08
N MET N 177 -39.20 -48.20 18.63
CA MET N 177 -40.49 -48.72 19.04
C MET N 177 -40.68 -50.16 18.58
N GLN N 178 -40.21 -50.48 17.38
CA GLN N 178 -40.36 -51.83 16.86
C GLN N 178 -39.48 -52.82 17.62
N SER N 179 -38.24 -52.45 17.94
CA SER N 179 -37.39 -53.34 18.72
C SER N 179 -37.96 -53.59 20.10
N LEU N 180 -38.46 -52.55 20.76
CA LEU N 180 -39.08 -52.72 22.08
C LEU N 180 -40.31 -53.61 22.00
N GLN N 181 -41.14 -53.43 20.97
CA GLN N 181 -42.31 -54.27 20.80
C GLN N 181 -41.92 -55.73 20.65
N TYR N 182 -40.83 -56.00 19.95
CA TYR N 182 -40.36 -57.39 19.86
C TYR N 182 -39.88 -57.91 21.20
N ARG N 183 -39.02 -57.15 21.89
CA ARG N 183 -38.42 -57.66 23.11
C ARG N 183 -39.41 -57.79 24.25
N THR N 184 -40.53 -57.07 24.22
CA THR N 184 -41.52 -57.19 25.28
C THR N 184 -42.27 -58.51 25.20
N ILE N 185 -42.60 -58.95 23.99
CA ILE N 185 -43.41 -60.15 23.82
C ILE N 185 -42.54 -61.41 23.84
N SER N 186 -41.23 -61.29 23.64
CA SER N 186 -40.37 -62.45 23.68
C SER N 186 -40.24 -63.03 25.07
N GLY N 187 -40.57 -62.28 26.11
CA GLY N 187 -40.42 -62.70 27.48
C GLY N 187 -41.60 -63.48 28.05
N ILE N 188 -42.60 -63.79 27.24
CA ILE N 188 -43.75 -64.57 27.68
C ILE N 188 -43.55 -66.01 27.25
N SER N 189 -43.42 -66.90 28.23
CA SER N 189 -43.20 -68.32 27.98
C SER N 189 -44.48 -69.08 28.24
N LEU N 190 -44.94 -69.84 27.24
CA LEU N 190 -46.21 -70.53 27.31
C LEU N 190 -46.02 -71.89 27.98
N GLY N 191 -46.86 -72.20 28.96
CA GLY N 191 -46.82 -73.49 29.61
C GLY N 191 -45.62 -73.74 30.49
N LYS N 192 -45.01 -72.69 31.02
CA LYS N 192 -43.85 -72.87 31.90
C LYS N 192 -43.98 -72.00 33.14
N SER O 19 -26.90 -38.82 -18.53
CA SER O 19 -25.80 -39.26 -17.69
C SER O 19 -26.30 -40.00 -16.46
N MET O 20 -27.61 -39.91 -16.22
CA MET O 20 -28.24 -40.57 -15.09
C MET O 20 -29.42 -41.41 -15.57
N ALA O 21 -30.10 -42.02 -14.61
CA ALA O 21 -31.16 -42.97 -14.92
C ALA O 21 -32.42 -42.28 -15.40
N TYR O 22 -32.92 -41.33 -14.61
CA TYR O 22 -34.21 -40.71 -14.87
C TYR O 22 -34.01 -39.35 -15.55
N ASP O 23 -34.72 -39.14 -16.65
CA ASP O 23 -34.61 -37.91 -17.45
C ASP O 23 -35.68 -36.91 -17.02
N LEU O 24 -35.45 -36.26 -15.88
CA LEU O 24 -36.41 -35.34 -15.31
C LEU O 24 -36.61 -34.09 -16.14
N GLY O 25 -35.95 -33.97 -17.30
CA GLY O 25 -36.09 -32.79 -18.11
C GLY O 25 -37.39 -32.71 -18.90
N SER O 26 -38.09 -33.83 -19.04
CA SER O 26 -39.34 -33.87 -19.76
C SER O 26 -40.56 -34.12 -18.87
N MET O 27 -40.39 -34.89 -17.80
CA MET O 27 -41.51 -35.23 -16.94
C MET O 27 -42.11 -33.99 -16.29
N SER O 28 -43.44 -33.93 -16.28
CA SER O 28 -44.14 -32.81 -15.68
C SER O 28 -44.00 -32.87 -14.16
N LYS O 29 -44.64 -31.94 -13.47
CA LYS O 29 -44.50 -31.91 -12.00
C LYS O 29 -45.25 -33.06 -11.36
N ASP O 30 -46.46 -33.34 -11.83
CA ASP O 30 -47.25 -34.42 -11.24
C ASP O 30 -46.71 -35.80 -11.57
N ASP O 31 -45.76 -35.90 -12.48
CA ASP O 31 -45.03 -37.14 -12.70
C ASP O 31 -43.73 -37.18 -11.91
N VAL O 32 -43.08 -36.04 -11.71
CA VAL O 32 -41.90 -36.01 -10.86
C VAL O 32 -42.28 -36.34 -9.42
N ILE O 33 -43.42 -35.85 -8.95
CA ILE O 33 -43.82 -36.15 -7.58
C ILE O 33 -44.08 -37.64 -7.40
N ASP O 34 -44.77 -38.26 -8.36
CA ASP O 34 -45.01 -39.69 -8.26
C ASP O 34 -43.73 -40.49 -8.40
N LEU O 35 -42.78 -40.02 -9.20
CA LEU O 35 -41.47 -40.65 -9.27
C LEU O 35 -40.77 -40.59 -7.92
N PHE O 36 -40.73 -39.41 -7.29
CA PHE O 36 -40.08 -39.26 -6.00
C PHE O 36 -40.78 -40.06 -4.93
N ASN O 37 -42.09 -40.28 -5.04
CA ASN O 37 -42.77 -41.17 -4.12
C ASN O 37 -42.38 -42.62 -4.34
N LYS O 38 -42.15 -43.01 -5.60
CA LYS O 38 -41.66 -44.37 -5.84
C LYS O 38 -40.29 -44.60 -5.19
N LEU O 39 -39.39 -43.62 -5.28
CA LEU O 39 -38.13 -43.68 -4.56
C LEU O 39 -38.39 -43.32 -3.10
N GLY O 40 -37.33 -43.13 -2.34
CA GLY O 40 -37.46 -42.78 -0.94
C GLY O 40 -37.64 -41.29 -0.74
N VAL O 41 -37.27 -40.82 0.44
CA VAL O 41 -37.18 -39.41 0.71
C VAL O 41 -35.76 -38.89 0.61
N PHE O 42 -34.76 -39.71 0.93
CA PHE O 42 -33.36 -39.33 0.80
C PHE O 42 -32.86 -39.42 -0.64
N GLN O 43 -33.32 -40.42 -1.38
CA GLN O 43 -32.88 -40.51 -2.76
C GLN O 43 -33.65 -39.60 -3.70
N ALA O 44 -34.83 -39.13 -3.32
CA ALA O 44 -35.41 -38.00 -4.03
C ALA O 44 -34.49 -36.80 -3.92
N ALA O 45 -33.96 -36.55 -2.72
CA ALA O 45 -33.02 -35.45 -2.54
C ALA O 45 -31.75 -35.68 -3.34
N ILE O 46 -31.26 -36.92 -3.40
CA ILE O 46 -30.05 -37.15 -4.17
C ILE O 46 -30.28 -36.96 -5.67
N LEU O 47 -31.42 -37.41 -6.23
CA LEU O 47 -31.69 -37.07 -7.63
C LEU O 47 -31.84 -35.57 -7.84
N MET O 48 -32.53 -34.88 -6.95
CA MET O 48 -32.73 -33.45 -7.15
C MET O 48 -31.38 -32.73 -7.18
N PHE O 49 -30.48 -33.10 -6.26
CA PHE O 49 -29.15 -32.48 -6.25
C PHE O 49 -28.30 -32.92 -7.43
N ALA O 50 -28.43 -34.16 -7.88
CA ALA O 50 -27.64 -34.62 -9.02
C ALA O 50 -28.08 -33.93 -10.31
N TYR O 51 -29.38 -33.74 -10.49
CA TYR O 51 -29.84 -33.02 -11.68
C TYR O 51 -29.47 -31.55 -11.61
N MET O 52 -29.56 -30.93 -10.43
CA MET O 52 -29.09 -29.55 -10.32
C MET O 52 -27.60 -29.44 -10.62
N TYR O 53 -26.81 -30.42 -10.17
CA TYR O 53 -25.39 -30.43 -10.50
C TYR O 53 -25.15 -30.58 -11.99
N GLN O 54 -25.91 -31.45 -12.67
CA GLN O 54 -25.75 -31.57 -14.12
C GLN O 54 -26.10 -30.27 -14.82
N ALA O 55 -27.19 -29.62 -14.42
CA ALA O 55 -27.54 -28.36 -15.07
C ALA O 55 -26.48 -27.30 -14.88
N GLN O 56 -25.95 -27.18 -13.65
CA GLN O 56 -24.91 -26.19 -13.40
C GLN O 56 -23.62 -26.53 -14.13
N SER O 57 -23.24 -27.80 -14.18
CA SER O 57 -22.02 -28.15 -14.89
C SER O 57 -22.18 -27.93 -16.38
N ASP O 58 -23.35 -28.17 -16.94
CA ASP O 58 -23.56 -27.88 -18.36
C ASP O 58 -23.46 -26.40 -18.65
N LEU O 59 -24.05 -25.55 -17.81
CA LEU O 59 -23.85 -24.11 -18.00
C LEU O 59 -22.38 -23.75 -17.97
N SER O 60 -21.67 -24.21 -16.95
CA SER O 60 -20.27 -23.79 -16.80
C SER O 60 -19.42 -24.31 -17.95
N ILE O 61 -19.62 -25.55 -18.40
CA ILE O 61 -18.81 -26.07 -19.48
C ILE O 61 -19.14 -25.41 -20.80
N ALA O 62 -20.42 -25.12 -21.06
CA ALA O 62 -20.73 -24.34 -22.25
C ALA O 62 -20.16 -22.93 -22.18
N LYS O 63 -19.88 -22.42 -20.97
CA LYS O 63 -19.13 -21.17 -20.84
C LYS O 63 -17.65 -21.37 -21.14
N PHE O 64 -17.07 -22.49 -20.68
CA PHE O 64 -15.64 -22.72 -20.86
C PHE O 64 -15.27 -23.01 -22.31
N ALA O 65 -16.23 -23.39 -23.14
CA ALA O 65 -15.95 -23.62 -24.56
C ALA O 65 -16.14 -22.37 -25.40
N ASP O 66 -16.56 -21.26 -24.82
CA ASP O 66 -16.55 -19.97 -25.47
C ASP O 66 -15.27 -19.21 -25.23
N MET O 67 -14.36 -19.73 -24.40
CA MET O 67 -13.06 -19.13 -24.18
C MET O 67 -11.95 -19.88 -24.90
N ASN O 68 -12.10 -21.19 -25.06
CA ASN O 68 -11.23 -21.89 -26.00
C ASN O 68 -11.38 -21.39 -27.42
N GLU O 69 -12.51 -20.77 -27.77
CA GLU O 69 -12.58 -20.10 -29.05
C GLU O 69 -11.57 -18.97 -29.14
N ALA O 70 -11.47 -18.16 -28.09
CA ALA O 70 -10.51 -17.06 -28.08
C ALA O 70 -9.07 -17.58 -28.11
N SER O 71 -8.77 -18.61 -27.32
CA SER O 71 -7.40 -19.13 -27.34
C SER O 71 -7.07 -19.82 -28.66
N LYS O 72 -8.04 -20.49 -29.29
CA LYS O 72 -7.80 -21.08 -30.60
C LYS O 72 -7.51 -20.01 -31.64
N GLU O 73 -8.28 -18.92 -31.63
CA GLU O 73 -8.00 -17.82 -32.54
C GLU O 73 -6.61 -17.25 -32.31
N SER O 74 -6.22 -17.09 -31.06
CA SER O 74 -4.89 -16.55 -30.77
C SER O 74 -3.79 -17.46 -31.28
N THR O 75 -3.91 -18.76 -31.07
CA THR O 75 -2.83 -19.64 -31.53
C THR O 75 -2.77 -19.72 -33.05
N THR O 76 -3.91 -19.75 -33.74
CA THR O 76 -3.84 -19.76 -35.20
C THR O 76 -3.26 -18.46 -35.74
N ALA O 77 -3.64 -17.32 -35.18
CA ALA O 77 -3.08 -16.06 -35.63
C ALA O 77 -1.58 -16.01 -35.38
N GLN O 78 -1.13 -16.50 -34.23
CA GLN O 78 0.31 -16.52 -33.97
C GLN O 78 1.04 -17.42 -34.95
N LYS O 79 0.47 -18.57 -35.29
CA LYS O 79 1.12 -19.44 -36.27
C LYS O 79 1.24 -18.76 -37.63
N MET O 80 0.18 -18.08 -38.07
CA MET O 80 0.25 -17.37 -39.35
C MET O 80 1.31 -16.26 -39.30
N ALA O 81 1.34 -15.49 -38.22
CA ALA O 81 2.34 -14.43 -38.09
C ALA O 81 3.75 -14.99 -38.11
N ASN O 82 3.96 -16.16 -37.49
CA ASN O 82 5.28 -16.77 -37.54
C ASN O 82 5.65 -17.27 -38.93
N LEU O 83 4.67 -17.73 -39.72
CA LEU O 83 4.98 -18.07 -41.11
C LEU O 83 5.39 -16.82 -41.89
N VAL O 84 4.71 -15.71 -41.67
CA VAL O 84 5.09 -14.47 -42.35
C VAL O 84 6.48 -13.99 -41.90
N ASP O 85 6.81 -14.17 -40.63
CA ASP O 85 8.18 -13.86 -40.18
C ASP O 85 9.21 -14.77 -40.82
N ALA O 86 8.93 -16.07 -40.93
CA ALA O 86 9.84 -16.95 -41.64
C ALA O 86 10.04 -16.52 -43.08
N LYS O 87 8.99 -16.02 -43.72
CA LYS O 87 9.11 -15.50 -45.08
C LYS O 87 9.94 -14.22 -45.15
N ILE O 88 9.79 -13.30 -44.18
CA ILE O 88 10.59 -12.07 -44.19
C ILE O 88 12.06 -12.37 -43.97
N ALA O 89 12.39 -13.38 -43.17
CA ALA O 89 13.79 -13.69 -42.85
C ALA O 89 14.57 -14.20 -44.05
N ASP O 90 13.97 -14.21 -45.24
CA ASP O 90 14.67 -14.54 -46.46
C ASP O 90 14.63 -13.43 -47.50
N VAL O 91 13.83 -12.39 -47.27
CA VAL O 91 13.76 -11.25 -48.18
C VAL O 91 14.48 -10.08 -47.52
N GLN O 92 14.72 -10.20 -46.22
CA GLN O 92 15.61 -9.26 -45.55
C GLN O 92 17.07 -9.58 -45.85
N SER O 93 17.42 -10.86 -45.91
CA SER O 93 18.75 -11.29 -46.26
C SER O 93 18.97 -11.32 -47.77
N SER O 94 18.03 -10.79 -48.55
CA SER O 94 18.13 -10.80 -50.00
C SER O 94 19.10 -9.73 -50.45
N SER O 95 20.09 -10.13 -51.27
CA SER O 95 21.11 -9.20 -51.72
C SER O 95 20.52 -8.11 -52.61
N ASP O 96 19.46 -8.43 -53.34
CA ASP O 96 18.86 -7.51 -54.29
C ASP O 96 18.01 -6.48 -53.56
N LYS O 97 17.20 -5.73 -54.29
CA LYS O 97 16.17 -4.92 -53.65
C LYS O 97 15.15 -5.84 -52.97
N ASN O 98 14.66 -5.41 -51.82
CA ASN O 98 13.82 -6.28 -50.99
C ASN O 98 12.37 -6.29 -51.47
N ALA O 99 12.13 -6.52 -52.75
CA ALA O 99 10.78 -6.81 -53.24
C ALA O 99 10.86 -8.04 -54.12
N LYS O 100 10.92 -9.21 -53.46
CA LYS O 100 10.70 -10.52 -54.07
C LYS O 100 10.18 -11.40 -52.95
N ALA O 101 8.86 -11.46 -52.79
CA ALA O 101 8.29 -12.14 -51.65
C ALA O 101 6.81 -12.41 -51.90
N GLN O 102 6.37 -13.57 -51.41
CA GLN O 102 4.97 -13.93 -51.40
C GLN O 102 4.67 -14.67 -50.11
N LEU O 103 3.45 -14.52 -49.63
CA LEU O 103 3.06 -15.24 -48.44
C LEU O 103 2.96 -16.73 -48.76
N PRO O 104 3.27 -17.60 -47.80
CA PRO O 104 3.08 -19.03 -48.02
C PRO O 104 1.60 -19.36 -48.19
N ASP O 105 1.35 -20.41 -48.98
CA ASP O 105 0.01 -20.62 -49.53
C ASP O 105 -1.06 -20.77 -48.45
N GLU O 106 -0.67 -21.13 -47.23
CA GLU O 106 -1.66 -21.27 -46.15
C GLU O 106 -2.05 -19.91 -45.58
N VAL O 107 -1.14 -18.95 -45.54
CA VAL O 107 -1.49 -17.63 -45.03
C VAL O 107 -2.49 -16.94 -45.95
N ILE O 108 -2.37 -17.15 -47.26
CA ILE O 108 -3.34 -16.56 -48.19
C ILE O 108 -4.75 -17.06 -47.88
N SER O 109 -4.90 -18.37 -47.68
CA SER O 109 -6.19 -18.91 -47.30
C SER O 109 -6.62 -18.46 -45.91
N TYR O 110 -5.67 -18.11 -45.03
CA TYR O 110 -6.05 -17.53 -43.75
C TYR O 110 -6.70 -16.16 -43.94
N ILE O 111 -6.04 -15.25 -44.67
CA ILE O 111 -6.64 -13.93 -44.86
C ILE O 111 -7.93 -14.01 -45.68
N ASN O 112 -7.93 -14.77 -46.77
CA ASN O 112 -9.08 -14.78 -47.67
C ASN O 112 -10.32 -15.45 -47.08
N ASP O 113 -10.18 -16.16 -45.97
CA ASP O 113 -11.34 -16.81 -45.34
C ASP O 113 -12.26 -15.76 -44.75
N PRO O 114 -13.59 -15.93 -44.82
CA PRO O 114 -14.50 -14.85 -44.43
C PRO O 114 -14.71 -14.69 -42.94
N ARG O 115 -14.50 -15.73 -42.13
CA ARG O 115 -14.90 -15.70 -40.74
C ARG O 115 -13.83 -15.13 -39.82
N ASN O 116 -12.95 -14.27 -40.33
CA ASN O 116 -11.87 -13.70 -39.53
C ASN O 116 -11.84 -12.18 -39.50
N ASP O 117 -12.38 -11.50 -40.51
CA ASP O 117 -12.38 -10.04 -40.58
C ASP O 117 -10.97 -9.49 -40.37
N ILE O 118 -10.10 -9.83 -41.32
CA ILE O 118 -8.66 -9.65 -41.18
C ILE O 118 -8.15 -8.68 -42.24
N THR O 119 -8.93 -7.64 -42.54
CA THR O 119 -8.49 -6.57 -43.43
C THR O 119 -7.10 -6.05 -43.03
N ILE O 120 -6.11 -6.19 -43.91
CA ILE O 120 -4.71 -6.02 -43.55
C ILE O 120 -4.05 -4.89 -44.34
N SER O 121 -3.94 -5.04 -45.66
CA SER O 121 -3.00 -4.24 -46.43
C SER O 121 -3.61 -2.99 -47.04
N GLY O 122 -4.78 -3.13 -47.66
CA GLY O 122 -5.28 -2.06 -48.50
C GLY O 122 -4.50 -1.91 -49.78
N ILE O 123 -3.83 -2.98 -50.22
CA ILE O 123 -2.98 -2.94 -51.40
C ILE O 123 -3.44 -4.03 -52.36
N ASP O 124 -3.17 -3.82 -53.65
CA ASP O 124 -3.72 -4.65 -54.70
C ASP O 124 -2.94 -5.96 -54.84
N ASN O 125 -3.67 -7.00 -55.24
CA ASN O 125 -3.09 -8.21 -55.84
C ASN O 125 -2.06 -8.85 -54.89
N ILE O 126 -2.58 -9.35 -53.77
CA ILE O 126 -1.80 -10.29 -52.97
C ILE O 126 -1.46 -11.50 -53.84
N ASN O 127 -0.40 -12.22 -53.45
CA ASN O 127 0.30 -13.30 -54.14
C ASN O 127 1.25 -12.78 -55.22
N ALA O 128 1.19 -11.51 -55.60
CA ALA O 128 2.17 -10.95 -56.54
C ALA O 128 2.13 -9.43 -56.47
N GLN O 129 3.06 -8.83 -55.73
CA GLN O 129 3.89 -9.44 -54.71
C GLN O 129 4.14 -8.29 -53.74
N LEU O 130 4.49 -8.57 -52.48
CA LEU O 130 4.54 -7.51 -51.48
C LEU O 130 5.93 -7.46 -50.83
N GLY O 131 6.88 -6.84 -51.53
CA GLY O 131 8.09 -6.27 -50.94
C GLY O 131 8.77 -7.05 -49.84
N ALA O 132 9.41 -6.32 -48.92
CA ALA O 132 9.75 -6.84 -47.62
C ALA O 132 9.55 -5.82 -46.50
N GLY O 133 9.16 -4.60 -46.82
CA GLY O 133 8.95 -3.57 -45.81
C GLY O 133 7.48 -3.27 -45.65
N ASP O 134 6.68 -3.75 -46.60
CA ASP O 134 5.24 -3.74 -46.47
C ASP O 134 4.68 -5.11 -46.06
N LEU O 135 5.53 -6.13 -46.04
CA LEU O 135 5.17 -7.40 -45.43
C LEU O 135 5.12 -7.29 -43.91
N GLN O 136 5.82 -6.29 -43.36
CA GLN O 136 5.72 -6.02 -41.94
C GLN O 136 4.32 -5.59 -41.56
N THR O 137 3.62 -4.88 -42.45
CA THR O 137 2.24 -4.52 -42.19
C THR O 137 1.35 -5.76 -42.08
N VAL O 138 1.55 -6.73 -42.98
CA VAL O 138 0.77 -7.97 -42.91
C VAL O 138 1.06 -8.71 -41.61
N LYS O 139 2.34 -8.81 -41.25
CA LYS O 139 2.69 -9.51 -40.01
C LYS O 139 2.08 -8.81 -38.79
N ALA O 140 2.14 -7.48 -38.76
CA ALA O 140 1.55 -6.75 -37.64
C ALA O 140 0.04 -6.86 -37.59
N ALA O 141 -0.65 -6.81 -38.73
CA ALA O 141 -2.09 -6.92 -38.73
C ALA O 141 -2.58 -8.34 -38.48
N ILE O 142 -1.74 -9.36 -38.69
CA ILE O 142 -2.11 -10.71 -38.31
C ILE O 142 -1.84 -10.94 -36.83
N SER O 143 -0.67 -10.54 -36.34
CA SER O 143 -0.33 -10.74 -34.95
C SER O 143 -0.91 -9.67 -34.03
N ALA O 144 -1.76 -8.78 -34.54
CA ALA O 144 -2.52 -7.91 -33.65
C ALA O 144 -3.87 -8.48 -33.28
N LYS O 145 -4.37 -9.47 -34.03
CA LYS O 145 -5.59 -10.16 -33.69
C LYS O 145 -5.32 -11.38 -32.81
N ALA O 146 -4.05 -11.66 -32.54
CA ALA O 146 -3.67 -12.70 -31.60
C ALA O 146 -3.67 -12.23 -30.16
N ASN O 147 -3.88 -10.95 -29.92
CA ASN O 147 -3.78 -10.38 -28.57
C ASN O 147 -5.17 -10.22 -27.95
N ASN O 148 -5.91 -11.32 -27.83
CA ASN O 148 -7.28 -11.27 -27.34
C ASN O 148 -7.51 -12.20 -26.16
N LEU O 149 -6.55 -12.30 -25.24
CA LEU O 149 -6.75 -13.10 -24.05
C LEU O 149 -7.01 -12.26 -22.81
N THR O 150 -7.22 -10.95 -22.95
CA THR O 150 -7.63 -10.15 -21.83
C THR O 150 -9.09 -9.71 -21.92
N THR O 151 -9.64 -9.64 -23.13
CA THR O 151 -11.07 -9.39 -23.25
C THR O 151 -11.90 -10.56 -22.75
N THR O 152 -11.32 -11.76 -22.70
CA THR O 152 -12.01 -12.94 -22.18
C THR O 152 -11.60 -13.29 -20.77
N VAL O 153 -10.77 -12.47 -20.13
CA VAL O 153 -10.54 -12.54 -18.70
C VAL O 153 -11.24 -11.40 -17.97
N ASN O 154 -11.40 -10.26 -18.64
CA ASN O 154 -12.19 -9.19 -18.04
C ASN O 154 -13.67 -9.54 -18.04
N ASN O 155 -14.14 -10.23 -19.07
CA ASN O 155 -15.55 -10.53 -19.23
C ASN O 155 -16.02 -11.74 -18.44
N SER O 156 -15.11 -12.56 -17.93
CA SER O 156 -15.46 -13.87 -17.39
C SER O 156 -14.75 -14.14 -16.08
N GLN O 157 -14.77 -13.20 -15.15
CA GLN O 157 -14.22 -13.44 -13.83
C GLN O 157 -15.24 -13.30 -12.71
N LEU O 158 -16.33 -12.55 -12.92
CA LEU O 158 -17.41 -12.49 -11.94
C LEU O 158 -18.46 -13.55 -12.20
N GLU O 159 -18.36 -14.28 -13.30
CA GLU O 159 -19.21 -15.43 -13.53
C GLU O 159 -18.58 -16.71 -13.03
N ILE O 160 -17.30 -16.92 -13.32
CA ILE O 160 -16.62 -18.09 -12.80
C ILE O 160 -16.57 -18.07 -11.29
N GLN O 161 -16.51 -16.89 -10.68
CA GLN O 161 -16.77 -16.71 -9.26
C GLN O 161 -17.98 -17.53 -8.83
N GLN O 162 -19.14 -17.21 -9.39
CA GLN O 162 -20.39 -17.80 -8.92
C GLN O 162 -20.55 -19.25 -9.36
N MET O 163 -20.14 -19.58 -10.58
CA MET O 163 -20.21 -20.97 -11.02
C MET O 163 -19.35 -21.87 -10.14
N SER O 164 -18.12 -21.46 -9.86
CA SER O 164 -17.24 -22.25 -9.01
C SER O 164 -17.76 -22.33 -7.59
N ASN O 165 -18.29 -21.24 -7.05
CA ASN O 165 -18.82 -21.34 -5.70
C ASN O 165 -20.03 -22.26 -5.63
N THR O 166 -21.01 -22.07 -6.52
CA THR O 166 -22.22 -22.89 -6.48
C THR O 166 -21.92 -24.36 -6.70
N LEU O 167 -21.03 -24.67 -7.62
CA LEU O 167 -20.83 -26.06 -8.02
C LEU O 167 -20.21 -26.86 -6.86
N ASN O 168 -19.27 -26.25 -6.16
CA ASN O 168 -18.78 -26.81 -4.90
C ASN O 168 -19.87 -26.88 -3.85
N LEU O 169 -20.64 -25.82 -3.70
CA LEU O 169 -21.65 -25.72 -2.67
C LEU O 169 -22.74 -26.77 -2.85
N LEU O 170 -22.80 -27.35 -4.03
CA LEU O 170 -23.80 -28.34 -4.39
C LEU O 170 -23.26 -29.77 -4.36
N THR O 171 -21.98 -29.96 -4.75
CA THR O 171 -21.32 -31.23 -4.47
C THR O 171 -21.32 -31.54 -2.97
N SER O 172 -20.93 -30.56 -2.15
CA SER O 172 -20.85 -30.78 -0.73
C SER O 172 -22.21 -30.87 -0.05
N ALA O 173 -23.30 -30.58 -0.77
CA ALA O 173 -24.63 -30.78 -0.24
C ALA O 173 -25.23 -32.11 -0.66
N ARG O 174 -24.80 -32.61 -1.81
CA ARG O 174 -25.24 -33.91 -2.31
C ARG O 174 -24.65 -34.98 -1.38
N SER O 175 -23.38 -34.77 -1.02
CA SER O 175 -22.63 -35.67 -0.16
C SER O 175 -23.19 -35.79 1.25
N ASP O 176 -23.63 -34.66 1.80
CA ASP O 176 -24.19 -34.64 3.15
C ASP O 176 -25.41 -35.54 3.15
N MET O 177 -26.17 -35.47 2.06
CA MET O 177 -27.37 -36.28 1.89
C MET O 177 -27.02 -37.77 1.87
N GLN O 178 -25.92 -38.11 1.21
CA GLN O 178 -25.53 -39.52 1.12
C GLN O 178 -25.07 -40.06 2.48
N SER O 179 -24.31 -39.27 3.23
CA SER O 179 -23.89 -39.74 4.56
C SER O 179 -25.08 -39.92 5.49
N LEU O 180 -26.03 -38.98 5.46
CA LEU O 180 -27.22 -39.13 6.28
C LEU O 180 -28.04 -40.35 5.88
N GLN O 181 -28.18 -40.59 4.58
CA GLN O 181 -28.90 -41.76 4.10
C GLN O 181 -28.26 -43.04 4.62
N TYR O 182 -26.94 -43.08 4.67
CA TYR O 182 -26.27 -44.26 5.23
C TYR O 182 -26.54 -44.38 6.72
N ARG O 183 -26.34 -43.30 7.48
CA ARG O 183 -26.44 -43.41 8.93
C ARG O 183 -27.86 -43.64 9.41
N THR O 184 -28.88 -43.30 8.61
CA THR O 184 -30.25 -43.54 9.03
C THR O 184 -30.60 -45.02 8.99
N ILE O 185 -30.12 -45.73 7.97
CA ILE O 185 -30.49 -47.13 7.80
C ILE O 185 -29.59 -48.05 8.62
N SER O 186 -28.43 -47.57 9.05
CA SER O 186 -27.55 -48.40 9.87
C SER O 186 -28.12 -48.68 11.25
N GLY O 187 -29.09 -47.89 11.70
CA GLY O 187 -29.67 -48.03 13.02
C GLY O 187 -30.80 -49.02 13.15
N ILE O 188 -31.13 -49.74 12.08
CA ILE O 188 -32.18 -50.76 12.10
C ILE O 188 -31.53 -52.12 12.28
N SER O 189 -31.82 -52.76 13.42
CA SER O 189 -31.26 -54.06 13.74
C SER O 189 -32.33 -55.13 13.55
N LEU O 190 -32.03 -56.13 12.74
CA LEU O 190 -32.98 -57.16 12.38
C LEU O 190 -32.97 -58.27 13.42
N GLY O 191 -34.15 -58.65 13.89
CA GLY O 191 -34.25 -59.76 14.82
C GLY O 191 -33.72 -59.48 16.21
N LYS O 192 -33.69 -58.23 16.64
CA LYS O 192 -33.20 -57.89 17.98
C LYS O 192 -34.16 -56.92 18.67
N SER P 19 2.93 -28.92 -24.97
CA SER P 19 3.43 -28.87 -23.60
C SER P 19 2.46 -29.50 -22.63
N MET P 20 1.25 -29.78 -23.10
CA MET P 20 0.22 -30.41 -22.31
C MET P 20 -0.34 -31.63 -23.03
N ALA P 21 -1.33 -32.27 -22.40
CA ALA P 21 -1.86 -33.53 -22.90
C ALA P 21 -2.74 -33.33 -24.12
N TYR P 22 -3.73 -32.46 -24.01
CA TYR P 22 -4.75 -32.31 -25.05
C TYR P 22 -4.43 -31.10 -25.90
N ASP P 23 -4.43 -31.28 -27.22
CA ASP P 23 -4.10 -30.23 -28.17
C ASP P 23 -5.37 -29.54 -28.66
N LEU P 24 -5.93 -28.68 -27.81
CA LEU P 24 -7.19 -28.00 -28.09
C LEU P 24 -7.09 -27.02 -29.26
N GLY P 25 -5.94 -26.91 -29.90
CA GLY P 25 -5.80 -25.96 -31.00
C GLY P 25 -6.43 -26.41 -32.29
N SER P 26 -6.73 -27.70 -32.43
CA SER P 26 -7.35 -28.24 -33.62
C SER P 26 -8.78 -28.70 -33.42
N MET P 27 -9.12 -29.19 -32.24
CA MET P 27 -10.46 -29.72 -31.98
C MET P 27 -11.50 -28.63 -32.12
N SER P 28 -12.59 -28.96 -32.80
CA SER P 28 -13.69 -28.02 -32.98
C SER P 28 -14.42 -27.80 -31.66
N LYS P 29 -15.47 -27.00 -31.69
CA LYS P 29 -16.17 -26.71 -30.44
C LYS P 29 -16.96 -27.90 -29.94
N ASP P 30 -17.64 -28.62 -30.84
CA ASP P 30 -18.43 -29.76 -30.42
C ASP P 30 -17.58 -30.96 -30.02
N ASP P 31 -16.28 -30.91 -30.27
CA ASP P 31 -15.35 -31.89 -29.70
C ASP P 31 -14.73 -31.41 -28.40
N VAL P 32 -14.50 -30.10 -28.26
CA VAL P 32 -14.02 -29.58 -26.99
C VAL P 32 -15.07 -29.77 -25.91
N ILE P 33 -16.35 -29.58 -26.23
CA ILE P 33 -17.39 -29.75 -25.22
C ILE P 33 -17.44 -31.21 -24.76
N ASP P 34 -17.37 -32.16 -25.70
CA ASP P 34 -17.38 -33.57 -25.32
C ASP P 34 -16.13 -33.95 -24.55
N LEU P 35 -14.99 -33.35 -24.88
CA LEU P 35 -13.79 -33.55 -24.09
C LEU P 35 -13.98 -33.06 -22.66
N PHE P 36 -14.48 -31.84 -22.48
CA PHE P 36 -14.70 -31.30 -21.16
C PHE P 36 -15.73 -32.09 -20.38
N ASN P 37 -16.70 -32.70 -21.06
CA ASN P 37 -17.61 -33.60 -20.38
C ASN P 37 -16.93 -34.87 -19.93
N LYS P 38 -15.98 -35.38 -20.72
CA LYS P 38 -15.22 -36.55 -20.27
C LYS P 38 -14.43 -36.24 -19.00
N LEU P 39 -13.81 -35.07 -18.92
CA LEU P 39 -13.17 -34.62 -17.69
C LEU P 39 -14.26 -34.13 -16.73
N GLY P 40 -13.84 -33.51 -15.65
CA GLY P 40 -14.78 -32.99 -14.68
C GLY P 40 -15.28 -31.62 -15.05
N VAL P 41 -15.73 -30.88 -14.04
CA VAL P 41 -16.05 -29.47 -14.19
C VAL P 41 -14.92 -28.57 -13.73
N PHE P 42 -14.14 -28.99 -12.73
CA PHE P 42 -13.00 -28.22 -12.26
C PHE P 42 -11.78 -28.40 -13.16
N GLN P 43 -11.57 -29.59 -13.70
CA GLN P 43 -10.42 -29.77 -14.58
C GLN P 43 -10.68 -29.31 -15.99
N ALA P 44 -11.94 -29.16 -16.40
CA ALA P 44 -12.19 -28.39 -17.61
C ALA P 44 -11.71 -26.96 -17.42
N ALA P 45 -12.00 -26.36 -16.27
CA ALA P 45 -11.51 -25.03 -15.97
C ALA P 45 -10.00 -24.98 -15.94
N ILE P 46 -9.36 -26.00 -15.37
CA ILE P 46 -7.90 -25.98 -15.32
C ILE P 46 -7.29 -26.11 -16.73
N LEU P 47 -7.83 -26.97 -17.60
CA LEU P 47 -7.33 -26.96 -18.98
C LEU P 47 -7.59 -25.65 -19.67
N MET P 48 -8.76 -25.05 -19.49
CA MET P 48 -9.03 -23.80 -20.19
C MET P 48 -8.04 -22.72 -19.76
N PHE P 49 -7.76 -22.64 -18.46
CA PHE P 49 -6.80 -21.66 -17.98
C PHE P 49 -5.37 -22.01 -18.38
N ALA P 50 -5.02 -23.29 -18.44
CA ALA P 50 -3.67 -23.66 -18.85
C ALA P 50 -3.42 -23.35 -20.31
N TYR P 51 -4.41 -23.60 -21.16
CA TYR P 51 -4.25 -23.25 -22.58
C TYR P 51 -4.23 -21.74 -22.78
N MET P 52 -5.06 -21.00 -22.05
CA MET P 52 -4.97 -19.54 -22.15
C MET P 52 -3.60 -19.04 -21.68
N TYR P 53 -3.05 -19.65 -20.63
CA TYR P 53 -1.71 -19.28 -20.19
C TYR P 53 -0.66 -19.60 -21.24
N GLN P 54 -0.76 -20.75 -21.91
CA GLN P 54 0.19 -21.04 -22.97
C GLN P 54 0.10 -20.04 -24.11
N ALA P 55 -1.12 -19.69 -24.52
CA ALA P 55 -1.26 -18.73 -25.61
C ALA P 55 -0.68 -17.38 -25.23
N GLN P 56 -0.96 -16.90 -24.01
CA GLN P 56 -0.41 -15.62 -23.59
C GLN P 56 1.10 -15.67 -23.45
N SER P 57 1.65 -16.76 -22.91
CA SER P 57 3.09 -16.83 -22.78
C SER P 57 3.76 -16.91 -24.14
N ASP P 58 3.15 -17.58 -25.11
CA ASP P 58 3.72 -17.61 -26.45
C ASP P 58 3.73 -16.23 -27.09
N LEU P 59 2.63 -15.47 -26.95
CA LEU P 59 2.65 -14.09 -27.44
C LEU P 59 3.79 -13.31 -26.80
N SER P 60 3.88 -13.34 -25.47
CA SER P 60 4.85 -12.51 -24.79
C SER P 60 6.28 -12.92 -25.14
N ILE P 61 6.56 -14.22 -25.23
CA ILE P 61 7.92 -14.65 -25.55
C ILE P 61 8.27 -14.32 -26.99
N ALA P 62 7.33 -14.48 -27.92
CA ALA P 62 7.61 -14.04 -29.29
C ALA P 62 7.80 -12.54 -29.37
N LYS P 63 7.27 -11.79 -28.40
CA LYS P 63 7.60 -10.37 -28.30
C LYS P 63 8.99 -10.15 -27.74
N PHE P 64 9.40 -10.95 -26.76
CA PHE P 64 10.70 -10.77 -26.12
C PHE P 64 11.86 -11.15 -27.03
N ALA P 65 11.61 -11.94 -28.07
CA ALA P 65 12.65 -12.30 -29.01
C ALA P 65 12.77 -11.33 -30.17
N ASP P 66 11.90 -10.31 -30.23
CA ASP P 66 12.06 -9.20 -31.15
C ASP P 66 12.85 -8.05 -30.55
N MET P 67 13.21 -8.14 -29.26
CA MET P 67 14.05 -7.15 -28.63
C MET P 67 15.48 -7.63 -28.43
N ASN P 68 15.67 -8.92 -28.24
CA ASN P 68 17.02 -9.48 -28.36
C ASN P 68 17.60 -9.28 -29.75
N GLU P 69 16.77 -9.08 -30.78
CA GLU P 69 17.32 -8.69 -32.07
C GLU P 69 18.00 -7.34 -31.98
N ALA P 70 17.36 -6.38 -31.32
CA ALA P 70 17.96 -5.06 -31.16
C ALA P 70 19.23 -5.11 -30.32
N SER P 71 19.20 -5.86 -29.21
CA SER P 71 20.41 -5.93 -28.40
C SER P 71 21.53 -6.71 -29.10
N LYS P 72 21.20 -7.73 -29.90
CA LYS P 72 22.23 -8.41 -30.66
C LYS P 72 22.86 -7.49 -31.69
N GLU P 73 22.05 -6.70 -32.39
CA GLU P 73 22.61 -5.74 -33.33
C GLU P 73 23.51 -4.74 -32.62
N SER P 74 23.10 -4.26 -31.44
CA SER P 74 23.93 -3.31 -30.73
C SER P 74 25.26 -3.91 -30.32
N THR P 75 25.27 -5.14 -29.81
CA THR P 75 26.55 -5.71 -29.39
C THR P 75 27.47 -6.01 -30.57
N THR P 76 26.93 -6.50 -31.70
CA THR P 76 27.80 -6.73 -32.84
C THR P 76 28.36 -5.41 -33.39
N ALA P 77 27.53 -4.37 -33.46
CA ALA P 77 28.03 -3.09 -33.92
C ALA P 77 29.10 -2.54 -33.01
N GLN P 78 28.92 -2.68 -31.69
CA GLN P 78 29.94 -2.23 -30.76
C GLN P 78 31.24 -3.00 -30.91
N LYS P 79 31.15 -4.31 -31.15
CA LYS P 79 32.37 -5.09 -31.36
C LYS P 79 33.11 -4.63 -32.61
N MET P 80 32.39 -4.39 -33.70
CA MET P 80 33.04 -3.90 -34.91
C MET P 80 33.67 -2.54 -34.69
N ALA P 81 32.97 -1.63 -34.01
CA ALA P 81 33.53 -0.32 -33.74
C ALA P 81 34.79 -0.42 -32.88
N ASN P 82 34.82 -1.34 -31.93
CA ASN P 82 36.02 -1.53 -31.14
C ASN P 82 37.17 -2.11 -31.93
N LEU P 83 36.89 -2.96 -32.92
CA LEU P 83 37.97 -3.41 -33.80
C LEU P 83 38.54 -2.25 -34.61
N VAL P 84 37.67 -1.37 -35.10
CA VAL P 84 38.17 -0.20 -35.83
C VAL P 84 38.96 0.74 -34.93
N ASP P 85 38.55 0.89 -33.66
CA ASP P 85 39.36 1.66 -32.72
C ASP P 85 40.71 1.01 -32.46
N ALA P 86 40.76 -0.32 -32.30
CA ALA P 86 42.05 -0.98 -32.16
C ALA P 86 42.94 -0.75 -33.36
N LYS P 87 42.36 -0.70 -34.56
CA LYS P 87 43.12 -0.39 -35.76
C LYS P 87 43.62 1.06 -35.79
N ILE P 88 42.81 2.02 -35.35
CA ILE P 88 43.25 3.42 -35.33
C ILE P 88 44.39 3.62 -34.33
N ALA P 89 44.36 2.91 -33.21
CA ALA P 89 45.38 3.08 -32.17
C ALA P 89 46.77 2.65 -32.60
N ASP P 90 46.95 2.27 -33.86
CA ASP P 90 48.25 1.96 -34.42
C ASP P 90 48.61 2.83 -35.62
N VAL P 91 47.66 3.60 -36.14
CA VAL P 91 47.93 4.50 -37.26
C VAL P 91 47.95 5.93 -36.71
N GLN P 92 47.44 6.10 -35.50
CA GLN P 92 47.63 7.37 -34.80
C GLN P 92 49.03 7.46 -34.22
N SER P 93 49.57 6.35 -33.71
CA SER P 93 50.92 6.30 -33.21
C SER P 93 51.95 6.08 -34.33
N SER P 94 51.52 6.17 -35.58
CA SER P 94 52.42 5.96 -36.70
C SER P 94 53.29 7.19 -36.92
N SER P 95 54.60 6.98 -36.97
CA SER P 95 55.54 8.09 -37.12
C SER P 95 55.37 8.79 -38.46
N ASP P 96 54.95 8.06 -39.48
CA ASP P 96 54.85 8.58 -40.84
C ASP P 96 53.57 9.41 -40.97
N LYS P 97 53.20 9.75 -42.20
CA LYS P 97 51.86 10.30 -42.42
C LYS P 97 50.81 9.25 -42.10
N ASN P 98 49.70 9.69 -41.53
CA ASN P 98 48.71 8.74 -41.01
C ASN P 98 47.78 8.22 -42.11
N ALA P 99 48.34 7.73 -43.22
CA ALA P 99 47.57 6.96 -44.20
C ALA P 99 48.33 5.67 -44.50
N LYS P 100 48.21 4.71 -43.58
CA LYS P 100 48.58 3.31 -43.80
C LYS P 100 47.68 2.51 -42.87
N ALA P 101 46.53 2.09 -43.38
CA ALA P 101 45.54 1.45 -42.53
C ALA P 101 44.52 0.70 -43.39
N GLN P 102 44.09 -0.43 -42.86
CA GLN P 102 43.01 -1.20 -43.44
C GLN P 102 42.16 -1.76 -42.31
N LEU P 103 40.89 -1.91 -42.57
CA LEU P 103 40.02 -2.52 -41.57
C LEU P 103 40.36 -4.01 -41.44
N PRO P 104 40.23 -4.57 -40.24
CA PRO P 104 40.44 -6.01 -40.09
C PRO P 104 39.39 -6.79 -40.86
N ASP P 105 39.79 -7.98 -41.32
CA ASP P 105 39.05 -8.68 -42.36
C ASP P 105 37.60 -8.97 -41.97
N GLU P 106 37.30 -8.99 -40.67
CA GLU P 106 35.92 -9.23 -40.24
C GLU P 106 35.04 -8.00 -40.38
N VAL P 107 35.61 -6.82 -40.18
CA VAL P 107 34.82 -5.59 -40.33
C VAL P 107 34.41 -5.40 -41.79
N ILE P 108 35.27 -5.77 -42.74
CA ILE P 108 34.89 -5.66 -44.15
C ILE P 108 33.66 -6.51 -44.44
N SER P 109 33.64 -7.75 -43.96
CA SER P 109 32.47 -8.58 -44.14
C SER P 109 31.27 -8.06 -43.35
N TYR P 110 31.50 -7.32 -42.26
CA TYR P 110 30.37 -6.67 -41.58
C TYR P 110 29.72 -5.61 -42.47
N ILE P 111 30.51 -4.68 -43.00
CA ILE P 111 29.91 -3.65 -43.86
C ILE P 111 29.34 -4.25 -45.14
N ASN P 112 30.06 -5.14 -45.81
CA ASN P 112 29.62 -5.64 -47.10
C ASN P 112 28.40 -6.55 -47.03
N ASP P 113 28.01 -6.99 -45.84
CA ASP P 113 26.84 -7.86 -45.72
C ASP P 113 25.58 -7.06 -46.00
N PRO P 114 24.58 -7.63 -46.68
CA PRO P 114 23.44 -6.83 -47.12
C PRO P 114 22.39 -6.51 -46.06
N ARG P 115 22.30 -7.28 -44.99
CA ARG P 115 21.18 -7.16 -44.05
C ARG P 115 21.46 -6.13 -42.95
N ASN P 116 22.32 -5.16 -43.20
CA ASN P 116 22.66 -4.16 -42.18
C ASN P 116 22.41 -2.72 -42.59
N ASP P 117 22.42 -2.41 -43.89
CA ASP P 117 22.21 -1.04 -44.38
C ASP P 117 23.15 -0.06 -43.68
N ILE P 118 24.44 -0.28 -43.92
CA ILE P 118 25.51 0.35 -43.14
C ILE P 118 26.36 1.25 -44.05
N THR P 119 25.71 1.94 -44.99
CA THR P 119 26.39 2.94 -45.81
C THR P 119 27.20 3.90 -44.96
N ILE P 120 28.52 3.93 -45.14
CA ILE P 120 29.44 4.58 -44.20
C ILE P 120 30.22 5.71 -44.86
N SER P 121 31.07 5.39 -45.85
CA SER P 121 32.13 6.30 -46.25
C SER P 121 31.77 7.19 -47.42
N GLY P 122 31.18 6.60 -48.46
CA GLY P 122 31.06 7.31 -49.71
C GLY P 122 32.39 7.49 -50.41
N ILE P 123 33.35 6.62 -50.12
CA ILE P 123 34.69 6.72 -50.68
C ILE P 123 35.03 5.41 -51.36
N ASP P 124 35.93 5.47 -52.33
CA ASP P 124 36.22 4.36 -53.21
C ASP P 124 37.14 3.34 -52.55
N ASN P 125 36.95 2.07 -52.92
CA ASN P 125 37.96 1.02 -52.75
C ASN P 125 38.37 0.87 -51.30
N ILE P 126 37.41 0.43 -50.49
CA ILE P 126 37.77 -0.08 -49.16
C ILE P 126 38.72 -1.25 -49.34
N ASN P 127 39.48 -1.55 -48.28
CA ASN P 127 40.62 -2.45 -48.18
C ASN P 127 41.91 -1.85 -48.73
N ALA P 128 41.86 -0.74 -49.47
CA ALA P 128 43.09 -0.09 -49.91
C ALA P 128 42.76 1.35 -50.32
N GLN P 129 43.01 2.33 -49.45
CA GLN P 129 43.21 2.16 -48.01
C GLN P 129 42.68 3.47 -47.45
N LEU P 130 42.32 3.51 -46.17
CA LEU P 130 41.63 4.69 -45.63
C LEU P 130 42.39 5.27 -44.44
N GLY P 131 43.45 6.02 -44.72
CA GLY P 131 44.01 7.02 -43.82
C GLY P 131 44.09 6.67 -42.35
N ALA P 132 43.97 7.70 -41.51
CA ALA P 132 43.60 7.53 -40.11
C ALA P 132 42.66 8.60 -39.61
N GLY P 133 42.31 9.58 -40.43
CA GLY P 133 41.40 10.64 -40.02
C GLY P 133 40.07 10.50 -40.70
N ASP P 134 40.02 9.67 -41.73
CA ASP P 134 38.77 9.25 -42.34
C ASP P 134 38.32 7.88 -41.87
N LEU P 135 39.17 7.16 -41.13
CA LEU P 135 38.75 5.95 -40.43
C LEU P 135 37.85 6.30 -39.25
N GLN P 136 37.95 7.53 -38.75
CA GLN P 136 37.04 8.00 -37.72
C GLN P 136 35.61 8.03 -38.24
N THR P 137 35.41 8.34 -39.53
CA THR P 137 34.07 8.30 -40.10
C THR P 137 33.51 6.89 -40.08
N VAL P 138 34.33 5.90 -40.43
CA VAL P 138 33.87 4.51 -40.38
C VAL P 138 33.51 4.12 -38.95
N LYS P 139 34.37 4.46 -38.00
CA LYS P 139 34.07 4.11 -36.61
C LYS P 139 32.78 4.78 -36.13
N ALA P 140 32.59 6.05 -36.48
CA ALA P 140 31.37 6.74 -36.08
C ALA P 140 30.13 6.18 -36.74
N ALA P 141 30.20 5.85 -38.02
CA ALA P 141 29.04 5.29 -38.71
C ALA P 141 28.74 3.86 -38.31
N ILE P 142 29.71 3.13 -37.77
CA ILE P 142 29.42 1.80 -37.23
C ILE P 142 28.86 1.91 -35.82
N SER P 143 29.47 2.73 -34.97
CA SER P 143 29.01 2.86 -33.60
C SER P 143 27.84 3.83 -33.47
N ALA P 144 27.29 4.33 -34.56
CA ALA P 144 26.03 5.06 -34.49
C ALA P 144 24.82 4.17 -34.68
N LYS P 145 25.00 2.97 -35.24
CA LYS P 145 23.92 2.01 -35.36
C LYS P 145 23.86 1.09 -34.14
N ALA P 146 24.79 1.25 -33.21
CA ALA P 146 24.76 0.54 -31.95
C ALA P 146 23.87 1.22 -30.91
N ASN P 147 23.36 2.40 -31.20
CA ASN P 147 22.59 3.18 -30.24
C ASN P 147 21.08 3.01 -30.46
N ASN P 148 20.61 1.77 -30.40
CA ASN P 148 19.21 1.48 -30.70
C ASN P 148 18.51 0.73 -29.57
N LEU P 149 18.80 1.08 -28.32
CA LEU P 149 18.11 0.46 -27.19
C LEU P 149 17.07 1.36 -26.56
N THR P 150 16.76 2.51 -27.17
CA THR P 150 15.66 3.32 -26.71
C THR P 150 14.46 3.27 -27.64
N THR P 151 14.67 2.98 -28.93
CA THR P 151 13.53 2.76 -29.80
C THR P 151 12.77 1.49 -29.45
N THR P 152 13.41 0.55 -28.76
CA THR P 152 12.76 -0.68 -28.33
C THR P 152 12.37 -0.66 -26.87
N VAL P 153 12.55 0.46 -26.19
CA VAL P 153 11.96 0.70 -24.89
C VAL P 153 10.80 1.67 -24.98
N ASN P 154 10.85 2.59 -25.94
CA ASN P 154 9.69 3.45 -26.17
C ASN P 154 8.54 2.68 -26.79
N ASN P 155 8.84 1.72 -27.66
CA ASN P 155 7.83 0.98 -28.40
C ASN P 155 7.22 -0.17 -27.62
N SER P 156 7.81 -0.58 -26.51
CA SER P 156 7.44 -1.83 -25.85
C SER P 156 7.34 -1.66 -24.35
N GLN P 157 6.64 -0.62 -23.89
CA GLN P 157 6.39 -0.47 -22.47
C GLN P 157 4.92 -0.48 -22.10
N LEU P 158 4.03 -0.14 -23.04
CA LEU P 158 2.60 -0.24 -22.79
C LEU P 158 2.06 -1.60 -23.20
N GLU P 159 2.87 -2.43 -23.84
CA GLU P 159 2.51 -3.81 -24.10
C GLU P 159 2.95 -4.74 -22.99
N ILE P 160 4.19 -4.59 -22.53
CA ILE P 160 4.65 -5.40 -21.43
C ILE P 160 3.84 -5.13 -20.16
N GLN P 161 3.35 -3.91 -20.00
CA GLN P 161 2.33 -3.58 -19.03
C GLN P 161 1.24 -4.65 -19.02
N GLN P 162 0.55 -4.80 -20.15
CA GLN P 162 -0.63 -5.65 -20.21
C GLN P 162 -0.27 -7.13 -20.23
N MET P 163 0.80 -7.52 -20.91
CA MET P 163 1.21 -8.91 -20.89
C MET P 163 1.57 -9.36 -19.47
N SER P 164 2.36 -8.55 -18.76
CA SER P 164 2.73 -8.89 -17.40
C SER P 164 1.53 -8.89 -16.47
N ASN P 165 0.61 -7.94 -16.61
CA ASN P 165 -0.56 -7.97 -15.75
C ASN P 165 -1.42 -9.20 -16.01
N THR P 166 -1.76 -9.47 -17.28
CA THR P 166 -2.63 -10.59 -17.61
C THR P 166 -2.02 -11.91 -17.20
N LEU P 167 -0.72 -12.09 -17.41
CA LEU P 167 -0.11 -13.40 -17.22
C LEU P 167 -0.11 -13.77 -15.73
N ASN P 168 0.16 -12.79 -14.86
CA ASN P 168 -0.04 -12.97 -13.42
C ASN P 168 -1.51 -13.20 -13.09
N LEU P 169 -2.39 -12.41 -13.69
CA LEU P 169 -3.81 -12.46 -13.37
C LEU P 169 -4.42 -13.79 -13.74
N LEU P 170 -3.72 -14.56 -14.56
CA LEU P 170 -4.16 -15.85 -15.05
C LEU P 170 -3.50 -17.02 -14.33
N THR P 171 -2.22 -16.88 -13.96
CA THR P 171 -1.62 -17.82 -13.01
C THR P 171 -2.40 -17.87 -11.71
N SER P 172 -2.71 -16.71 -11.15
CA SER P 172 -3.40 -16.66 -9.87
C SER P 172 -4.86 -17.04 -9.97
N ALA P 173 -5.40 -17.21 -11.18
CA ALA P 173 -6.74 -17.72 -11.35
C ALA P 173 -6.77 -19.22 -11.59
N ARG P 174 -5.69 -19.75 -12.16
CA ARG P 174 -5.57 -21.18 -12.38
C ARG P 174 -5.42 -21.86 -11.03
N SER P 175 -4.62 -21.22 -10.17
CA SER P 175 -4.33 -21.69 -8.82
C SER P 175 -5.56 -21.74 -7.92
N ASP P 176 -6.41 -20.73 -8.02
CA ASP P 176 -7.61 -20.67 -7.21
C ASP P 176 -8.46 -21.88 -7.55
N MET P 177 -8.49 -22.22 -8.84
CA MET P 177 -9.24 -23.36 -9.31
C MET P 177 -8.69 -24.66 -8.72
N GLN P 178 -7.37 -24.77 -8.60
CA GLN P 178 -6.77 -25.98 -8.05
C GLN P 178 -7.07 -26.14 -6.57
N SER P 179 -6.99 -25.04 -5.81
CA SER P 179 -7.31 -25.13 -4.39
C SER P 179 -8.76 -25.52 -4.16
N LEU P 180 -9.69 -24.93 -4.93
CA LEU P 180 -11.09 -25.30 -4.81
C LEU P 180 -11.33 -26.75 -5.18
N GLN P 181 -10.68 -27.23 -6.24
CA GLN P 181 -10.80 -28.63 -6.63
C GLN P 181 -10.35 -29.55 -5.51
N TYR P 182 -9.29 -29.18 -4.80
CA TYR P 182 -8.87 -29.98 -3.65
C TYR P 182 -9.89 -29.94 -2.54
N ARG P 183 -10.34 -28.75 -2.15
CA ARG P 183 -11.21 -28.65 -0.98
C ARG P 183 -12.59 -29.22 -1.22
N THR P 184 -13.03 -29.33 -2.48
CA THR P 184 -14.34 -29.91 -2.75
C THR P 184 -14.36 -31.41 -2.50
N ILE P 185 -13.29 -32.10 -2.89
CA ILE P 185 -13.25 -33.56 -2.79
C ILE P 185 -12.82 -34.02 -1.40
N SER P 186 -12.21 -33.14 -0.62
CA SER P 186 -11.80 -33.51 0.73
C SER P 186 -12.99 -33.73 1.66
N GLY P 187 -14.16 -33.22 1.31
CA GLY P 187 -15.34 -33.31 2.15
C GLY P 187 -16.17 -34.56 1.98
N ILE P 188 -15.72 -35.51 1.17
CA ILE P 188 -16.42 -36.78 0.97
C ILE P 188 -15.76 -37.84 1.84
N SER P 189 -16.52 -38.34 2.81
CA SER P 189 -16.03 -39.34 3.75
C SER P 189 -16.62 -40.70 3.39
N LEU P 190 -15.74 -41.68 3.17
CA LEU P 190 -16.15 -43.00 2.71
C LEU P 190 -16.54 -43.86 3.90
N GLY P 191 -17.70 -44.50 3.82
CA GLY P 191 -18.12 -45.42 4.86
C GLY P 191 -18.51 -44.77 6.17
N LYS P 192 -18.93 -43.52 6.16
CA LYS P 192 -19.33 -42.84 7.38
C LYS P 192 -20.64 -42.10 7.19
N SER Q 19 29.14 -11.62 -18.41
CA SER Q 19 28.79 -11.19 -17.06
C SER Q 19 27.55 -11.94 -16.56
N MET Q 20 26.88 -12.63 -17.46
CA MET Q 20 25.70 -13.41 -17.14
C MET Q 20 25.85 -14.84 -17.63
N ALA Q 21 24.80 -15.64 -17.41
CA ALA Q 21 24.86 -17.07 -17.70
C ALA Q 21 24.79 -17.34 -19.20
N TYR Q 22 23.77 -16.81 -19.86
CA TYR Q 22 23.51 -17.15 -21.25
C TYR Q 22 24.03 -16.04 -22.16
N ASP Q 23 24.79 -16.43 -23.18
CA ASP Q 23 25.42 -15.49 -24.11
C ASP Q 23 24.54 -15.31 -25.34
N LEU Q 24 23.47 -14.54 -25.18
CA LEU Q 24 22.49 -14.32 -26.24
C LEU Q 24 23.05 -13.57 -27.43
N GLY Q 25 24.33 -13.21 -27.43
CA GLY Q 25 24.90 -12.46 -28.53
C GLY Q 25 25.18 -13.28 -29.76
N SER Q 26 25.22 -14.61 -29.63
CA SER Q 26 25.48 -15.49 -30.76
C SER Q 26 24.28 -16.33 -31.17
N MET Q 27 23.42 -16.71 -30.22
CA MET Q 27 22.28 -17.56 -30.52
C MET Q 27 21.32 -16.87 -31.47
N SER Q 28 20.86 -17.63 -32.47
CA SER Q 28 19.92 -17.11 -33.44
C SER Q 28 18.55 -16.90 -32.79
N LYS Q 29 17.58 -16.48 -33.58
CA LYS Q 29 16.27 -16.20 -33.00
C LYS Q 29 15.55 -17.49 -32.62
N ASP Q 30 15.62 -18.51 -33.47
CA ASP Q 30 14.92 -19.77 -33.18
C ASP Q 30 15.59 -20.57 -32.08
N ASP Q 31 16.79 -20.17 -31.64
CA ASP Q 31 17.39 -20.71 -30.43
C ASP Q 31 17.09 -19.86 -29.21
N VAL Q 32 16.98 -18.55 -29.37
CA VAL Q 32 16.57 -17.69 -28.26
C VAL Q 32 15.15 -18.02 -27.83
N ILE Q 33 14.26 -18.29 -28.79
CA ILE Q 33 12.89 -18.60 -28.42
C ILE Q 33 12.82 -19.91 -27.64
N ASP Q 34 13.57 -20.93 -28.08
CA ASP Q 34 13.58 -22.19 -27.36
C ASP Q 34 14.23 -22.05 -26.00
N LEU Q 35 15.24 -21.19 -25.88
CA LEU Q 35 15.82 -20.89 -24.58
C LEU Q 35 14.79 -20.26 -23.65
N PHE Q 36 14.08 -19.24 -24.13
CA PHE Q 36 13.07 -18.58 -23.32
C PHE Q 36 11.93 -19.50 -22.96
N ASN Q 37 11.62 -20.48 -23.81
CA ASN Q 37 10.64 -21.49 -23.45
C ASN Q 37 11.17 -22.42 -22.35
N LYS Q 38 12.47 -22.73 -22.37
CA LYS Q 38 13.03 -23.52 -21.28
C LYS Q 38 12.90 -22.79 -19.94
N LEU Q 39 13.18 -21.49 -19.92
CA LEU Q 39 12.94 -20.68 -18.74
C LEU Q 39 11.44 -20.39 -18.64
N GLY Q 40 11.06 -19.51 -17.74
CA GLY Q 40 9.67 -19.15 -17.58
C GLY Q 40 9.24 -18.06 -18.54
N VAL Q 41 8.20 -17.34 -18.16
CA VAL Q 41 7.79 -16.15 -18.87
C VAL Q 41 8.30 -14.88 -18.20
N PHE Q 42 8.45 -14.88 -16.86
CA PHE Q 42 8.99 -13.74 -16.15
C PHE Q 42 10.51 -13.68 -16.22
N GLN Q 43 11.18 -14.83 -16.20
CA GLN Q 43 12.62 -14.78 -16.29
C GLN Q 43 13.13 -14.65 -17.72
N ALA Q 44 12.31 -14.96 -18.72
CA ALA Q 44 12.64 -14.51 -20.06
C ALA Q 44 12.69 -12.99 -20.10
N ALA Q 45 11.72 -12.34 -19.47
CA ALA Q 45 11.73 -10.88 -19.40
C ALA Q 45 12.93 -10.38 -18.62
N ILE Q 46 13.31 -11.05 -17.54
CA ILE Q 46 14.47 -10.58 -16.79
C ILE Q 46 15.77 -10.75 -17.59
N LEU Q 47 15.95 -11.86 -18.31
CA LEU Q 47 17.13 -11.92 -19.19
C LEU Q 47 17.09 -10.87 -20.28
N MET Q 48 15.94 -10.64 -20.90
CA MET Q 48 15.89 -9.66 -21.98
C MET Q 48 16.27 -8.29 -21.46
N PHE Q 49 15.77 -7.91 -20.28
CA PHE Q 49 16.13 -6.61 -19.70
C PHE Q 49 17.56 -6.58 -19.22
N ALA Q 50 18.10 -7.69 -18.71
CA ALA Q 50 19.49 -7.68 -18.26
C ALA Q 50 20.45 -7.56 -19.43
N TYR Q 51 20.17 -8.23 -20.54
CA TYR Q 51 21.01 -8.09 -21.71
C TYR Q 51 20.90 -6.70 -22.32
N MET Q 52 19.69 -6.12 -22.36
CA MET Q 52 19.58 -4.75 -22.83
C MET Q 52 20.34 -3.79 -21.92
N TYR Q 53 20.31 -4.02 -20.61
CA TYR Q 53 21.10 -3.20 -19.70
C TYR Q 53 22.59 -3.36 -19.94
N GLN Q 54 23.07 -4.56 -20.19
CA GLN Q 54 24.49 -4.73 -20.50
C GLN Q 54 24.86 -4.01 -21.78
N ALA Q 55 24.05 -4.11 -22.81
CA ALA Q 55 24.38 -3.42 -24.07
C ALA Q 55 24.42 -1.92 -23.87
N GLN Q 56 23.44 -1.36 -23.16
CA GLN Q 56 23.43 0.08 -22.92
C GLN Q 56 24.60 0.52 -22.06
N SER Q 57 24.92 -0.25 -21.01
CA SER Q 57 26.04 0.13 -20.17
C SER Q 57 27.35 0.05 -20.91
N ASP Q 58 27.50 -0.92 -21.82
CA ASP Q 58 28.72 -0.99 -22.61
C ASP Q 58 28.85 0.20 -23.55
N LEU Q 59 27.76 0.60 -24.20
CA LEU Q 59 27.82 1.82 -25.00
C LEU Q 59 28.25 3.01 -24.16
N SER Q 60 27.59 3.22 -23.02
CA SER Q 60 27.86 4.40 -22.22
C SER Q 60 29.29 4.39 -21.68
N ILE Q 61 29.78 3.24 -21.23
CA ILE Q 61 31.14 3.20 -20.69
C ILE Q 61 32.18 3.38 -21.79
N ALA Q 62 31.96 2.79 -22.97
CA ALA Q 62 32.87 3.07 -24.07
C ALA Q 62 32.82 4.54 -24.49
N LYS Q 63 31.72 5.23 -24.20
CA LYS Q 63 31.69 6.69 -24.37
C LYS Q 63 32.49 7.40 -23.29
N PHE Q 64 32.40 6.93 -22.05
CA PHE Q 64 33.08 7.60 -20.94
C PHE Q 64 34.59 7.43 -20.99
N ALA Q 65 35.09 6.46 -21.73
CA ALA Q 65 36.53 6.28 -21.86
C ALA Q 65 37.10 7.05 -23.04
N ASP Q 66 36.26 7.73 -23.83
CA ASP Q 66 36.72 8.68 -24.84
C ASP Q 66 36.84 10.09 -24.29
N MET Q 67 36.43 10.31 -23.05
CA MET Q 67 36.59 11.61 -22.40
C MET Q 67 37.73 11.62 -21.40
N ASN Q 68 38.00 10.49 -20.75
CA ASN Q 68 39.25 10.36 -20.03
C ASN Q 68 40.46 10.50 -20.93
N GLU Q 69 40.33 10.26 -22.23
CA GLU Q 69 41.43 10.60 -23.13
C GLU Q 69 41.70 12.08 -23.12
N ALA Q 70 40.66 12.90 -23.19
CA ALA Q 70 40.84 14.35 -23.16
C ALA Q 70 41.41 14.81 -21.83
N SER Q 71 40.90 14.29 -20.72
CA SER Q 71 41.44 14.71 -19.44
C SER Q 71 42.87 14.21 -19.22
N LYS Q 72 43.22 13.03 -19.72
CA LYS Q 72 44.60 12.56 -19.64
C LYS Q 72 45.53 13.46 -20.43
N GLU Q 73 45.13 13.84 -21.64
CA GLU Q 73 45.95 14.77 -22.42
C GLU Q 73 46.12 16.10 -21.70
N SER Q 74 45.05 16.60 -21.09
CA SER Q 74 45.17 17.87 -20.38
C SER Q 74 46.13 17.77 -19.21
N THR Q 75 46.05 16.71 -18.41
CA THR Q 75 46.95 16.62 -17.27
C THR Q 75 48.41 16.43 -17.69
N THR Q 76 48.68 15.62 -18.72
CA THR Q 76 50.06 15.49 -19.16
C THR Q 76 50.60 16.80 -19.72
N ALA Q 77 49.79 17.52 -20.50
CA ALA Q 77 50.24 18.81 -21.02
C ALA Q 77 50.51 19.79 -19.90
N GLN Q 78 49.66 19.81 -18.87
CA GLN Q 78 49.90 20.70 -17.74
C GLN Q 78 51.16 20.34 -17.00
N LYS Q 79 51.44 19.05 -16.84
CA LYS Q 79 52.69 18.64 -16.17
C LYS Q 79 53.91 19.10 -16.96
N MET Q 80 53.88 18.94 -18.28
CA MET Q 80 55.00 19.39 -19.10
C MET Q 80 55.18 20.91 -19.02
N ALA Q 81 54.07 21.65 -19.08
CA ALA Q 81 54.16 23.10 -18.97
C ALA Q 81 54.73 23.52 -17.62
N ASN Q 82 54.37 22.82 -16.55
CA ASN Q 82 54.94 23.14 -15.25
C ASN Q 82 56.42 22.81 -15.15
N LEU Q 83 56.88 21.76 -15.84
CA LEU Q 83 58.32 21.53 -15.89
C LEU Q 83 59.04 22.67 -16.61
N VAL Q 84 58.46 23.16 -17.71
CA VAL Q 84 59.07 24.27 -18.42
C VAL Q 84 59.06 25.54 -17.57
N ASP Q 85 58.00 25.75 -16.79
CA ASP Q 85 58.01 26.88 -15.85
C ASP Q 85 59.07 26.73 -14.77
N ALA Q 86 59.24 25.53 -14.21
CA ALA Q 86 60.32 25.31 -13.26
C ALA Q 86 61.68 25.60 -13.87
N LYS Q 87 61.86 25.28 -15.15
CA LYS Q 87 63.10 25.62 -15.85
C LYS Q 87 63.28 27.12 -16.06
N ILE Q 88 62.21 27.85 -16.39
CA ILE Q 88 62.33 29.29 -16.57
C ILE Q 88 62.67 29.99 -15.26
N ALA Q 89 62.14 29.49 -14.14
CA ALA Q 89 62.37 30.15 -12.84
C ALA Q 89 63.81 30.08 -12.37
N ASP Q 90 64.72 29.58 -13.21
CA ASP Q 90 66.15 29.59 -12.92
C ASP Q 90 66.95 30.33 -13.98
N VAL Q 91 66.34 30.68 -15.11
CA VAL Q 91 67.02 31.42 -16.16
C VAL Q 91 66.50 32.85 -16.13
N GLN Q 92 65.38 33.06 -15.45
CA GLN Q 92 64.94 34.42 -15.15
C GLN Q 92 65.75 35.02 -14.01
N SER Q 93 66.09 34.22 -13.01
CA SER Q 93 66.93 34.66 -11.90
C SER Q 93 68.40 34.60 -12.24
N SER Q 94 68.74 34.34 -13.51
CA SER Q 94 70.13 34.24 -13.92
C SER Q 94 70.75 35.62 -14.02
N SER Q 95 71.88 35.81 -13.35
CA SER Q 95 72.55 37.12 -13.34
C SER Q 95 73.04 37.51 -14.73
N ASP Q 96 73.39 36.53 -15.55
CA ASP Q 96 73.98 36.77 -16.86
C ASP Q 96 72.87 37.14 -17.85
N LYS Q 97 73.19 37.14 -19.14
CA LYS Q 97 72.14 37.22 -20.15
C LYS Q 97 71.29 35.96 -20.09
N ASN Q 98 69.99 36.13 -20.32
CA ASN Q 98 69.05 35.03 -20.10
C ASN Q 98 69.00 34.08 -21.29
N ALA Q 99 70.14 33.61 -21.76
CA ALA Q 99 70.18 32.50 -22.72
C ALA Q 99 71.19 31.47 -22.20
N LYS Q 100 70.75 30.68 -21.23
CA LYS Q 100 71.40 29.45 -20.81
C LYS Q 100 70.28 28.57 -20.25
N ALA Q 101 69.70 27.74 -21.11
CA ALA Q 101 68.52 26.98 -20.72
C ALA Q 101 68.30 25.83 -21.69
N GLN Q 102 67.84 24.73 -21.14
CA GLN Q 102 67.41 23.58 -21.91
C GLN Q 102 66.20 22.97 -21.25
N LEU Q 103 65.32 22.41 -22.05
CA LEU Q 103 64.17 21.73 -21.48
C LEU Q 103 64.61 20.46 -20.76
N PRO Q 104 63.94 20.08 -19.68
CA PRO Q 104 64.26 18.82 -19.02
C PRO Q 104 63.96 17.64 -19.93
N ASP Q 105 64.75 16.57 -19.74
CA ASP Q 105 64.84 15.52 -20.76
C ASP Q 105 63.49 14.87 -21.07
N GLU Q 106 62.52 14.97 -20.16
CA GLU Q 106 61.21 14.39 -20.42
C GLU Q 106 60.36 15.27 -21.33
N VAL Q 107 60.51 16.59 -21.24
CA VAL Q 107 59.76 17.46 -22.12
C VAL Q 107 60.19 17.29 -23.57
N ILE Q 108 61.49 17.05 -23.82
CA ILE Q 108 61.95 16.81 -25.18
C ILE Q 108 61.25 15.59 -25.77
N SER Q 109 61.18 14.49 -25.01
CA SER Q 109 60.45 13.34 -25.49
C SER Q 109 58.95 13.59 -25.60
N TYR Q 110 58.41 14.53 -24.83
CA TYR Q 110 57.01 14.91 -25.02
C TYR Q 110 56.79 15.56 -26.38
N ILE Q 111 57.58 16.59 -26.71
CA ILE Q 111 57.40 17.23 -28.02
C ILE Q 111 57.74 16.29 -29.16
N ASN Q 112 58.85 15.57 -29.08
CA ASN Q 112 59.30 14.75 -30.21
C ASN Q 112 58.41 13.55 -30.47
N ASP Q 113 57.51 13.20 -29.57
CA ASP Q 113 56.64 12.06 -29.79
C ASP Q 113 55.63 12.38 -30.89
N PRO Q 114 55.28 11.42 -31.75
CA PRO Q 114 54.47 11.77 -32.94
C PRO Q 114 52.98 11.92 -32.68
N ARG Q 115 52.43 11.34 -31.62
CA ARG Q 115 50.98 11.27 -31.44
C ARG Q 115 50.42 12.48 -30.72
N ASN Q 116 51.09 13.63 -30.78
CA ASN Q 116 50.64 14.83 -30.09
C ASN Q 116 50.43 16.04 -30.98
N ASP Q 117 51.10 16.13 -32.13
CA ASP Q 117 50.98 17.28 -33.04
C ASP Q 117 51.19 18.58 -32.29
N ILE Q 118 52.42 18.74 -31.78
CA ILE Q 118 52.74 19.78 -30.82
C ILE Q 118 53.78 20.73 -31.40
N THR Q 119 53.67 21.03 -32.69
CA THR Q 119 54.52 22.04 -33.32
C THR Q 119 54.54 23.33 -32.51
N ILE Q 120 55.71 23.73 -32.03
CA ILE Q 120 55.82 24.77 -31.00
C ILE Q 120 56.64 25.96 -31.48
N SER Q 121 57.93 25.76 -31.77
CA SER Q 121 58.87 26.86 -31.84
C SER Q 121 59.08 27.41 -33.24
N GLY Q 122 59.28 26.50 -34.21
CA GLY Q 122 59.76 26.94 -35.50
C GLY Q 122 61.20 27.39 -35.47
N ILE Q 123 61.97 26.91 -34.49
CA ILE Q 123 63.35 27.33 -34.31
C ILE Q 123 64.22 26.08 -34.31
N ASP Q 124 65.49 26.26 -34.67
CA ASP Q 124 66.39 25.15 -34.92
C ASP Q 124 66.95 24.59 -33.61
N ASN Q 125 67.21 23.29 -33.64
CA ASN Q 125 68.11 22.63 -32.69
C ASN Q 125 67.67 22.86 -31.24
N ILE Q 126 66.51 22.27 -30.92
CA ILE Q 126 66.15 22.12 -29.52
C ILE Q 126 67.22 21.27 -28.83
N ASN Q 127 67.30 21.40 -27.51
CA ASN Q 127 68.32 20.91 -26.58
C ASN Q 127 69.57 21.77 -26.58
N ALA Q 128 69.75 22.68 -27.54
CA ALA Q 128 70.89 23.61 -27.48
C ALA Q 128 70.61 24.79 -28.42
N GLN Q 129 70.17 25.91 -27.88
CA GLN Q 129 69.57 26.06 -26.55
C GLN Q 129 68.60 27.21 -26.74
N LEU Q 130 67.58 27.36 -25.89
CA LEU Q 130 66.53 28.34 -26.16
C LEU Q 130 66.38 29.30 -24.97
N GLY Q 131 67.28 30.28 -24.92
CA GLY Q 131 67.07 31.54 -24.19
C GLY Q 131 66.37 31.47 -22.85
N ALA Q 132 65.64 32.54 -22.53
CA ALA Q 132 64.59 32.49 -21.52
C ALA Q 132 63.36 33.29 -21.91
N GLY Q 133 63.36 33.97 -23.05
CA GLY Q 133 62.23 34.76 -23.48
C GLY Q 133 61.55 34.11 -24.66
N ASP Q 134 62.22 33.15 -25.27
CA ASP Q 134 61.61 32.28 -26.26
C ASP Q 134 61.21 30.93 -25.69
N LEU Q 135 61.62 30.64 -24.45
CA LEU Q 135 61.08 29.50 -23.72
C LEU Q 135 59.64 29.73 -23.30
N GLN Q 136 59.23 31.00 -23.22
CA GLN Q 136 57.84 31.32 -22.98
C GLN Q 136 56.95 30.84 -24.12
N THR Q 137 57.47 30.87 -25.35
CA THR Q 137 56.70 30.33 -26.47
C THR Q 137 56.47 28.84 -26.31
N VAL Q 138 57.49 28.09 -25.89
CA VAL Q 138 57.32 26.66 -25.67
C VAL Q 138 56.30 26.41 -24.56
N LYS Q 139 56.41 27.15 -23.46
CA LYS Q 139 55.45 26.96 -22.36
C LYS Q 139 54.03 27.27 -22.82
N ALA Q 140 53.84 28.36 -23.58
CA ALA Q 140 52.51 28.70 -24.07
C ALA Q 140 51.97 27.68 -25.05
N ALA Q 141 52.80 27.18 -25.97
CA ALA Q 141 52.33 26.20 -26.94
C ALA Q 141 52.10 24.83 -26.33
N ILE Q 142 52.72 24.52 -25.19
CA ILE Q 142 52.40 23.28 -24.49
C ILE Q 142 51.14 23.43 -23.66
N SER Q 143 51.03 24.52 -22.90
CA SER Q 143 49.87 24.73 -22.06
C SER Q 143 48.68 25.32 -22.81
N ALA Q 144 48.76 25.44 -24.13
CA ALA Q 144 47.57 25.75 -24.91
C ALA Q 144 46.85 24.52 -25.40
N LYS Q 145 47.49 23.36 -25.41
CA LYS Q 145 46.85 22.11 -25.75
C LYS Q 145 46.28 21.42 -24.52
N ALA Q 146 46.49 22.01 -23.34
CA ALA Q 146 45.87 21.53 -22.12
C ALA Q 146 44.47 22.07 -21.92
N ASN Q 147 44.01 22.98 -22.76
CA ASN Q 147 42.71 23.63 -22.58
C ASN Q 147 41.64 22.98 -23.46
N ASN Q 148 41.43 21.68 -23.28
CA ASN Q 148 40.51 20.94 -24.13
C ASN Q 148 39.43 20.21 -23.32
N LEU Q 149 38.91 20.82 -22.26
CA LEU Q 149 37.83 20.22 -21.51
C LEU Q 149 36.48 20.85 -21.79
N THR Q 150 36.39 21.73 -22.78
CA THR Q 150 35.08 22.23 -23.19
C THR Q 150 34.64 21.68 -24.53
N THR Q 151 35.57 21.25 -25.39
CA THR Q 151 35.16 20.57 -26.60
C THR Q 151 34.57 19.20 -26.30
N THR Q 152 34.87 18.62 -25.14
CA THR Q 152 34.30 17.34 -24.74
C THR Q 152 33.16 17.47 -23.75
N VAL Q 153 32.75 18.70 -23.44
CA VAL Q 153 31.50 18.95 -22.74
C VAL Q 153 30.44 19.49 -23.70
N ASN Q 154 30.86 20.22 -24.73
CA ASN Q 154 29.91 20.63 -25.74
C ASN Q 154 29.45 19.46 -26.59
N ASN Q 155 30.34 18.51 -26.86
CA ASN Q 155 30.05 17.39 -27.75
C ASN Q 155 29.30 16.25 -27.07
N SER Q 156 29.24 16.23 -25.74
CA SER Q 156 28.78 15.05 -25.03
C SER Q 156 27.84 15.42 -23.89
N GLN Q 157 26.84 16.26 -24.18
CA GLN Q 157 25.81 16.55 -23.18
C GLN Q 157 24.41 16.16 -23.62
N LEU Q 158 24.16 16.06 -24.92
CA LEU Q 158 22.87 15.56 -25.40
C LEU Q 158 22.89 14.06 -25.60
N GLU Q 159 24.05 13.42 -25.46
CA GLU Q 159 24.12 11.97 -25.44
C GLU Q 159 24.02 11.42 -24.04
N ILE Q 160 24.75 12.00 -23.09
CA ILE Q 160 24.65 11.56 -21.72
C ILE Q 160 23.25 11.78 -21.18
N GLN Q 161 22.55 12.80 -21.65
CA GLN Q 161 21.11 12.95 -21.46
C GLN Q 161 20.41 11.62 -21.69
N GLN Q 162 20.50 11.09 -22.89
CA GLN Q 162 19.72 9.92 -23.27
C GLN Q 162 20.26 8.65 -22.66
N MET Q 163 21.58 8.48 -22.57
CA MET Q 163 22.13 7.31 -21.92
C MET Q 163 21.72 7.24 -20.47
N SER Q 164 21.82 8.34 -19.73
CA SER Q 164 21.43 8.35 -18.34
C SER Q 164 19.93 8.15 -18.18
N ASN Q 165 19.10 8.73 -19.04
CA ASN Q 165 17.68 8.48 -18.90
C ASN Q 165 17.33 7.03 -19.18
N THR Q 166 17.80 6.47 -20.29
CA THR Q 166 17.46 5.10 -20.66
C THR Q 166 17.96 4.11 -19.62
N LEU Q 167 19.16 4.31 -19.11
CA LEU Q 167 19.76 3.29 -18.25
C LEU Q 167 19.00 3.18 -16.93
N ASN Q 168 18.58 4.32 -16.38
CA ASN Q 168 17.63 4.32 -15.26
C ASN Q 168 16.29 3.72 -15.64
N LEU Q 169 15.78 4.10 -16.80
CA LEU Q 169 14.45 3.68 -17.22
C LEU Q 169 14.39 2.17 -17.43
N LEU Q 170 15.54 1.53 -17.52
CA LEU Q 170 15.67 0.11 -17.75
C LEU Q 170 16.01 -0.67 -16.48
N THR Q 171 16.81 -0.10 -15.58
CA THR Q 171 16.93 -0.64 -14.24
C THR Q 171 15.58 -0.72 -13.56
N SER Q 172 14.82 0.38 -13.59
CA SER Q 172 13.54 0.42 -12.91
C SER Q 172 12.47 -0.40 -13.60
N ALA Q 173 12.74 -0.92 -14.80
CA ALA Q 173 11.82 -1.84 -15.46
C ALA Q 173 12.18 -3.29 -15.22
N ARG Q 174 13.47 -3.56 -14.99
CA ARG Q 174 13.94 -4.90 -14.68
C ARG Q 174 13.41 -5.27 -13.30
N SER Q 175 13.47 -4.29 -12.40
CA SER Q 175 13.04 -4.42 -11.01
C SER Q 175 11.55 -4.69 -10.87
N ASP Q 176 10.74 -4.03 -11.68
CA ASP Q 176 9.30 -4.20 -11.62
C ASP Q 176 9.01 -5.65 -11.96
N MET Q 177 9.75 -6.18 -12.91
CA MET Q 177 9.60 -7.57 -13.34
C MET Q 177 9.93 -8.51 -12.19
N GLN Q 178 10.96 -8.19 -11.41
CA GLN Q 178 11.35 -9.06 -10.30
C GLN Q 178 10.30 -9.06 -9.19
N SER Q 179 9.76 -7.89 -8.86
CA SER Q 179 8.72 -7.84 -7.84
C SER Q 179 7.48 -8.61 -8.26
N LEU Q 180 7.06 -8.46 -9.52
CA LEU Q 180 5.91 -9.21 -10.01
C LEU Q 180 6.17 -10.71 -9.99
N GLN Q 181 7.37 -11.13 -10.38
CA GLN Q 181 7.71 -12.54 -10.35
C GLN Q 181 7.60 -13.09 -8.93
N TYR Q 182 8.01 -12.31 -7.93
CA TYR Q 182 7.85 -12.75 -6.56
C TYR Q 182 6.39 -12.85 -6.16
N ARG Q 183 5.61 -11.79 -6.43
CA ARG Q 183 4.24 -11.77 -5.94
C ARG Q 183 3.34 -12.76 -6.66
N THR Q 184 3.71 -13.21 -7.85
CA THR Q 184 2.88 -14.19 -8.55
C THR Q 184 2.99 -15.56 -7.92
N ILE Q 185 4.19 -15.95 -7.49
CA ILE Q 185 4.40 -17.30 -6.96
C ILE Q 185 4.06 -17.37 -5.48
N SER Q 186 3.98 -16.23 -4.79
CA SER Q 186 3.62 -16.25 -3.38
C SER Q 186 2.17 -16.66 -3.14
N GLY Q 187 1.33 -16.59 -4.16
CA GLY Q 187 -0.08 -16.90 -4.03
C GLY Q 187 -0.45 -18.35 -4.21
N ILE Q 188 0.53 -19.24 -4.36
CA ILE Q 188 0.27 -20.67 -4.50
C ILE Q 188 0.49 -21.32 -3.14
N SER Q 189 -0.57 -21.87 -2.57
CA SER Q 189 -0.53 -22.51 -1.27
C SER Q 189 -0.57 -24.02 -1.45
N LEU Q 190 0.41 -24.71 -0.89
CA LEU Q 190 0.55 -26.15 -1.08
C LEU Q 190 -0.27 -26.89 -0.04
N GLY Q 191 -1.07 -27.86 -0.49
CA GLY Q 191 -1.84 -28.67 0.43
C GLY Q 191 -2.99 -27.98 1.11
N LYS Q 192 -3.53 -26.92 0.51
CA LYS Q 192 -4.66 -26.22 1.11
C LYS Q 192 -5.74 -25.95 0.08
N SER R 19 43.94 13.63 -5.25
CA SER R 19 42.83 14.14 -4.46
C SER R 19 41.67 13.15 -4.44
N MET R 20 41.74 12.14 -5.30
CA MET R 20 40.73 11.11 -5.39
C MET R 20 41.37 9.73 -5.28
N ALA R 21 40.53 8.70 -5.40
CA ALA R 21 40.97 7.34 -5.17
C ALA R 21 41.79 6.81 -6.34
N TYR R 22 41.25 6.90 -7.55
CA TYR R 22 41.86 6.28 -8.71
C TYR R 22 42.61 7.32 -9.52
N ASP R 23 43.85 7.02 -9.85
CA ASP R 23 44.72 7.94 -10.59
C ASP R 23 44.67 7.65 -12.08
N LEU R 24 43.58 8.07 -12.72
CA LEU R 24 43.34 7.81 -14.12
C LEU R 24 44.33 8.49 -15.06
N GLY R 25 45.31 9.22 -14.52
CA GLY R 25 46.26 9.92 -15.36
C GLY R 25 47.31 9.04 -15.98
N SER R 26 47.49 7.82 -15.45
CA SER R 26 48.47 6.89 -15.97
C SER R 26 47.86 5.69 -16.65
N MET R 27 46.70 5.22 -16.20
CA MET R 27 46.08 4.02 -16.75
C MET R 27 45.73 4.22 -18.21
N SER R 28 46.03 3.21 -19.02
CA SER R 28 45.72 3.25 -20.43
C SER R 28 44.21 3.14 -20.64
N LYS R 29 43.78 3.11 -21.90
CA LYS R 29 42.34 3.06 -22.16
C LYS R 29 41.76 1.70 -21.81
N ASP R 30 42.46 0.62 -22.16
CA ASP R 30 41.95 -0.71 -21.90
C ASP R 30 42.01 -1.08 -20.43
N ASP R 31 42.67 -0.27 -19.60
CA ASP R 31 42.57 -0.41 -18.16
C ASP R 31 41.52 0.49 -17.56
N VAL R 32 41.30 1.67 -18.14
CA VAL R 32 40.20 2.52 -17.69
C VAL R 32 38.87 1.85 -17.95
N ILE R 33 38.71 1.19 -19.09
CA ILE R 33 37.45 0.53 -19.38
C ILE R 33 37.17 -0.60 -18.39
N ASP R 34 38.20 -1.39 -18.08
CA ASP R 34 38.01 -2.46 -17.09
C ASP R 34 37.76 -1.91 -15.70
N LEU R 35 38.38 -0.77 -15.37
CA LEU R 35 38.08 -0.11 -14.11
C LEU R 35 36.61 0.32 -14.05
N PHE R 36 36.13 0.99 -15.10
CA PHE R 36 34.75 1.44 -15.14
C PHE R 36 33.78 0.28 -15.13
N ASN R 37 34.17 -0.87 -15.68
CA ASN R 37 33.32 -2.06 -15.57
C ASN R 37 33.31 -2.60 -14.15
N LYS R 38 34.43 -2.49 -13.42
CA LYS R 38 34.40 -2.89 -12.01
C LYS R 38 33.45 -2.03 -11.20
N LEU R 39 33.44 -0.73 -11.44
CA LEU R 39 32.44 0.16 -10.84
C LEU R 39 31.12 -0.01 -11.59
N GLY R 40 30.17 0.86 -11.30
CA GLY R 40 28.88 0.80 -11.97
C GLY R 40 28.90 1.52 -13.29
N VAL R 41 27.71 1.95 -13.71
CA VAL R 41 27.57 2.83 -14.85
C VAL R 41 27.40 4.29 -14.43
N PHE R 42 26.78 4.54 -13.28
CA PHE R 42 26.63 5.90 -12.76
C PHE R 42 27.90 6.41 -12.10
N GLN R 43 28.62 5.53 -11.39
CA GLN R 43 29.84 5.99 -10.77
C GLN R 43 31.02 6.04 -11.72
N ALA R 44 30.97 5.33 -12.85
CA ALA R 44 31.91 5.65 -13.91
C ALA R 44 31.73 7.08 -14.38
N ALA R 45 30.47 7.50 -14.54
CA ALA R 45 30.19 8.89 -14.91
C ALA R 45 30.67 9.84 -13.84
N ILE R 46 30.48 9.50 -12.56
CA ILE R 46 30.93 10.42 -11.52
C ILE R 46 32.45 10.54 -11.48
N LEU R 47 33.20 9.42 -11.65
CA LEU R 47 34.65 9.59 -11.76
C LEU R 47 35.05 10.38 -12.99
N MET R 48 34.41 10.14 -14.13
CA MET R 48 34.81 10.88 -15.32
C MET R 48 34.61 12.38 -15.12
N PHE R 49 33.47 12.76 -14.52
CA PHE R 49 33.24 14.17 -14.27
C PHE R 49 34.13 14.73 -13.17
N ALA R 50 34.46 13.93 -12.16
CA ALA R 50 35.34 14.42 -11.11
C ALA R 50 36.76 14.65 -11.61
N TYR R 51 37.25 13.75 -12.46
CA TYR R 51 38.58 13.95 -13.04
C TYR R 51 38.58 15.12 -14.01
N MET R 52 37.53 15.29 -14.81
CA MET R 52 37.47 16.47 -15.66
C MET R 52 37.42 17.74 -14.84
N TYR R 53 36.71 17.73 -13.71
CA TYR R 53 36.71 18.90 -12.83
C TYR R 53 38.08 19.17 -12.24
N GLN R 54 38.81 18.12 -11.84
CA GLN R 54 40.17 18.35 -11.34
C GLN R 54 41.06 18.95 -12.41
N ALA R 55 40.99 18.43 -13.63
CA ALA R 55 41.85 18.96 -14.69
C ALA R 55 41.52 20.43 -14.96
N GLN R 56 40.24 20.77 -15.03
CA GLN R 56 39.85 22.16 -15.29
C GLN R 56 40.24 23.07 -14.12
N SER R 57 40.06 22.61 -12.88
CA SER R 57 40.43 23.45 -11.76
C SER R 57 41.93 23.65 -11.69
N ASP R 58 42.71 22.62 -12.06
CA ASP R 58 44.16 22.80 -12.08
C ASP R 58 44.59 23.81 -13.14
N LEU R 59 43.99 23.75 -14.33
CA LEU R 59 44.28 24.79 -15.33
C LEU R 59 43.97 26.17 -14.77
N SER R 60 42.77 26.35 -14.23
CA SER R 60 42.35 27.68 -13.81
C SER R 60 43.21 28.18 -12.65
N ILE R 61 43.56 27.32 -11.70
CA ILE R 61 44.36 27.79 -10.58
C ILE R 61 45.79 28.09 -11.01
N ALA R 62 46.36 27.29 -11.90
CA ALA R 62 47.67 27.64 -12.43
C ALA R 62 47.62 28.93 -13.24
N LYS R 63 46.45 29.30 -13.76
CA LYS R 63 46.28 30.63 -14.34
C LYS R 63 46.20 31.72 -13.29
N PHE R 64 45.52 31.45 -12.17
CA PHE R 64 45.35 32.46 -11.14
C PHE R 64 46.63 32.76 -10.39
N ALA R 65 47.62 31.88 -10.44
CA ALA R 65 48.90 32.13 -9.79
C ALA R 65 49.89 32.83 -10.70
N ASP R 66 49.53 33.08 -11.95
CA ASP R 66 50.30 33.95 -12.83
C ASP R 66 49.85 35.40 -12.76
N MET R 67 48.80 35.69 -12.01
CA MET R 67 48.35 37.05 -11.79
C MET R 67 48.72 37.58 -10.42
N ASN R 68 48.77 36.70 -9.41
CA ASN R 68 49.40 37.08 -8.16
C ASN R 68 50.86 37.43 -8.34
N GLU R 69 51.52 36.95 -9.40
CA GLU R 69 52.86 37.45 -9.68
C GLU R 69 52.84 38.95 -9.98
N ALA R 70 51.88 39.38 -10.80
CA ALA R 70 51.76 40.79 -11.13
C ALA R 70 51.41 41.62 -9.90
N SER R 71 50.47 41.14 -9.08
CA SER R 71 50.13 41.92 -7.90
C SER R 71 51.27 41.92 -6.87
N LYS R 72 52.01 40.83 -6.75
CA LYS R 72 53.17 40.83 -5.86
C LYS R 72 54.22 41.83 -6.31
N GLU R 73 54.51 41.87 -7.62
CA GLU R 73 55.45 42.86 -8.12
C GLU R 73 54.97 44.27 -7.84
N SER R 74 53.67 44.53 -8.02
CA SER R 74 53.15 45.87 -7.77
C SER R 74 53.31 46.25 -6.31
N THR R 75 52.98 45.35 -5.38
CA THR R 75 53.09 45.73 -3.98
C THR R 75 54.55 45.93 -3.54
N THR R 76 55.47 45.09 -4.01
CA THR R 76 56.87 45.31 -3.64
C THR R 76 57.40 46.61 -4.23
N ALA R 77 57.05 46.92 -5.47
CA ALA R 77 57.50 48.18 -6.06
C ALA R 77 56.93 49.37 -5.31
N GLN R 78 55.66 49.29 -4.90
CA GLN R 78 55.07 50.39 -4.13
C GLN R 78 55.76 50.55 -2.79
N LYS R 79 56.10 49.44 -2.12
CA LYS R 79 56.81 49.55 -0.85
C LYS R 79 58.16 50.22 -1.03
N MET R 80 58.92 49.84 -2.06
CA MET R 80 60.20 50.48 -2.31
C MET R 80 60.04 51.97 -2.60
N ALA R 81 59.05 52.32 -3.43
CA ALA R 81 58.83 53.73 -3.74
C ALA R 81 58.46 54.52 -2.49
N ASN R 82 57.69 53.91 -1.58
CA ASN R 82 57.37 54.60 -0.33
C ASN R 82 58.59 54.75 0.58
N LEU R 83 59.52 53.81 0.56
CA LEU R 83 60.76 54.02 1.31
C LEU R 83 61.56 55.18 0.73
N VAL R 84 61.61 55.28 -0.59
CA VAL R 84 62.33 56.41 -1.21
C VAL R 84 61.62 57.74 -0.90
N ASP R 85 60.29 57.75 -0.85
CA ASP R 85 59.58 58.96 -0.42
C ASP R 85 59.88 59.30 1.03
N ALA R 86 59.90 58.32 1.93
CA ALA R 86 60.29 58.60 3.30
C ALA R 86 61.69 59.18 3.38
N LYS R 87 62.61 58.73 2.53
CA LYS R 87 63.94 59.31 2.48
C LYS R 87 63.95 60.74 1.95
N ILE R 88 63.15 61.05 0.93
CA ILE R 88 63.11 62.41 0.41
C ILE R 88 62.53 63.37 1.44
N ALA R 89 61.57 62.94 2.24
CA ALA R 89 60.92 63.82 3.21
C ALA R 89 61.84 64.27 4.33
N ASP R 90 63.13 63.94 4.26
CA ASP R 90 64.13 64.43 5.18
C ASP R 90 65.25 65.20 4.50
N VAL R 91 65.33 65.16 3.18
CA VAL R 91 66.35 65.90 2.44
C VAL R 91 65.66 67.09 1.77
N GLN R 92 64.33 67.05 1.71
CA GLN R 92 63.59 68.24 1.32
C GLN R 92 63.51 69.23 2.47
N SER R 93 63.35 68.75 3.70
CA SER R 93 63.35 69.60 4.88
C SER R 93 64.75 69.93 5.36
N SER R 94 65.78 69.60 4.57
CA SER R 94 67.16 69.85 4.95
C SER R 94 67.48 71.31 4.76
N SER R 95 68.01 71.95 5.81
CA SER R 95 68.33 73.37 5.75
C SER R 95 69.43 73.66 4.75
N ASP R 96 70.34 72.71 4.55
CA ASP R 96 71.51 72.91 3.70
C ASP R 96 71.09 72.77 2.24
N LYS R 97 72.06 72.66 1.34
CA LYS R 97 71.76 72.25 -0.03
C LYS R 97 71.24 70.82 -0.02
N ASN R 98 70.28 70.55 -0.90
CA ASN R 98 69.58 69.25 -0.86
C ASN R 98 70.36 68.16 -1.58
N ALA R 99 71.64 67.99 -1.24
CA ALA R 99 72.39 66.81 -1.67
C ALA R 99 73.09 66.23 -0.45
N LYS R 100 72.31 65.50 0.36
CA LYS R 100 72.82 64.62 1.41
C LYS R 100 71.74 63.54 1.57
N ALA R 101 71.89 62.45 0.83
CA ALA R 101 70.84 61.45 0.79
C ALA R 101 71.39 60.14 0.24
N GLN R 102 70.90 59.05 0.78
CA GLN R 102 71.18 57.71 0.29
C GLN R 102 69.90 56.89 0.41
N LEU R 103 69.74 55.96 -0.51
CA LEU R 103 68.60 55.07 -0.41
C LEU R 103 68.77 54.13 0.78
N PRO R 104 67.68 53.74 1.44
CA PRO R 104 67.79 52.76 2.52
C PRO R 104 68.25 51.41 1.98
N ASP R 105 68.96 50.68 2.83
CA ASP R 105 69.78 49.56 2.37
C ASP R 105 68.96 48.49 1.65
N GLU R 106 67.64 48.44 1.88
CA GLU R 106 66.82 47.45 1.19
C GLU R 106 66.49 47.87 -0.23
N VAL R 107 66.35 49.18 -0.49
CA VAL R 107 66.07 49.63 -1.84
C VAL R 107 67.26 49.36 -2.75
N ILE R 108 68.49 49.48 -2.24
CA ILE R 108 69.67 49.17 -3.06
C ILE R 108 69.63 47.73 -3.51
N SER R 109 69.34 46.80 -2.60
CA SER R 109 69.20 45.41 -3.00
C SER R 109 68.00 45.18 -3.90
N TYR R 110 66.98 46.03 -3.83
CA TYR R 110 65.88 45.92 -4.79
C TYR R 110 66.35 46.24 -6.21
N ILE R 111 67.00 47.40 -6.40
CA ILE R 111 67.47 47.75 -7.74
C ILE R 111 68.54 46.76 -8.23
N ASN R 112 69.53 46.44 -7.39
CA ASN R 112 70.65 45.63 -7.84
C ASN R 112 70.29 44.18 -8.14
N ASP R 113 69.10 43.74 -7.74
CA ASP R 113 68.70 42.36 -8.01
C ASP R 113 68.44 42.18 -9.50
N PRO R 114 68.80 41.04 -10.10
CA PRO R 114 68.74 40.92 -11.57
C PRO R 114 67.35 40.66 -12.14
N ARG R 115 66.41 40.11 -11.37
CA ARG R 115 65.15 39.64 -11.93
C ARG R 115 64.09 40.73 -11.98
N ASN R 116 64.48 42.00 -12.04
CA ASN R 116 63.53 43.10 -12.06
C ASN R 116 63.64 44.02 -13.26
N ASP R 117 64.81 44.12 -13.89
CA ASP R 117 65.04 45.01 -15.03
C ASP R 117 64.58 46.43 -14.71
N ILE R 118 65.26 47.03 -13.73
CA ILE R 118 64.82 48.27 -13.09
C ILE R 118 65.83 49.39 -13.34
N THR R 119 66.41 49.42 -14.54
CA THR R 119 67.28 50.52 -14.94
C THR R 119 66.63 51.88 -14.66
N ILE R 120 67.24 52.68 -13.79
CA ILE R 120 66.60 53.86 -13.22
C ILE R 120 67.33 55.15 -13.56
N SER R 121 68.57 55.29 -13.10
CA SER R 121 69.19 56.62 -13.02
C SER R 121 70.05 56.95 -14.23
N GLY R 122 70.89 56.01 -14.64
CA GLY R 122 71.94 56.36 -15.59
C GLY R 122 73.01 57.23 -14.98
N ILE R 123 73.18 57.16 -13.67
CA ILE R 123 74.13 58.01 -12.96
C ILE R 123 75.05 57.11 -12.14
N ASP R 124 76.25 57.59 -11.87
CA ASP R 124 77.31 56.79 -11.29
C ASP R 124 77.13 56.64 -9.79
N ASN R 125 77.58 55.49 -9.28
CA ASN R 125 77.89 55.29 -7.86
C ASN R 125 76.68 55.61 -6.97
N ILE R 126 75.66 54.76 -7.11
CA ILE R 126 74.61 54.73 -6.10
C ILE R 126 75.25 54.37 -4.75
N ASN R 127 74.55 54.73 -3.68
CA ASN R 127 74.95 54.72 -2.27
C ASN R 127 75.83 55.93 -1.91
N ALA R 128 76.35 56.68 -2.87
CA ALA R 128 77.09 57.90 -2.54
C ALA R 128 77.19 58.77 -3.78
N GLN R 129 76.33 59.78 -3.91
CA GLN R 129 75.09 59.95 -3.17
C GLN R 129 74.22 60.72 -4.15
N LEU R 130 72.89 60.67 -4.01
CA LEU R 130 72.01 61.23 -5.04
C LEU R 130 71.08 62.29 -4.44
N GLY R 131 71.61 63.49 -4.23
CA GLY R 131 70.83 64.72 -4.13
C GLY R 131 69.53 64.67 -3.36
N ALA R 132 68.57 65.49 -3.79
CA ALA R 132 67.17 65.30 -3.47
C ALA R 132 66.24 65.62 -4.63
N GLY R 133 66.77 66.07 -5.76
CA GLY R 133 65.95 66.40 -6.90
C GLY R 133 66.16 65.40 -8.01
N ASP R 134 67.21 64.59 -7.89
CA ASP R 134 67.41 63.44 -8.74
C ASP R 134 67.00 62.14 -8.06
N LEU R 135 66.68 62.18 -6.77
CA LEU R 135 66.04 61.07 -6.10
C LEU R 135 64.58 60.92 -6.55
N GLN R 136 64.00 61.99 -7.06
CA GLN R 136 62.67 61.92 -7.65
C GLN R 136 62.67 61.01 -8.88
N THR R 137 63.77 61.00 -9.63
CA THR R 137 63.86 60.07 -10.76
C THR R 137 63.84 58.63 -10.30
N VAL R 138 64.55 58.31 -9.23
CA VAL R 138 64.52 56.95 -8.70
C VAL R 138 63.13 56.58 -8.22
N LYS R 139 62.47 57.49 -7.50
CA LYS R 139 61.13 57.19 -7.03
C LYS R 139 60.16 56.98 -8.19
N ALA R 140 60.25 57.82 -9.22
CA ALA R 140 59.38 57.66 -10.38
C ALA R 140 59.66 56.39 -11.16
N ALA R 141 60.92 56.02 -11.34
CA ALA R 141 61.25 54.80 -12.07
C ALA R 141 60.95 53.54 -11.28
N ILE R 142 60.87 53.62 -9.95
CA ILE R 142 60.43 52.47 -9.16
C ILE R 142 58.91 52.37 -9.16
N SER R 143 58.23 53.47 -8.92
CA SER R 143 56.77 53.46 -8.87
C SER R 143 56.12 53.53 -10.25
N ALA R 144 56.91 53.45 -11.33
CA ALA R 144 56.32 53.27 -12.64
C ALA R 144 56.21 51.81 -13.03
N LYS R 145 56.94 50.91 -12.36
CA LYS R 145 56.81 49.49 -12.59
C LYS R 145 55.77 48.87 -11.66
N ALA R 146 55.19 49.68 -10.77
CA ALA R 146 54.09 49.24 -9.93
C ALA R 146 52.74 49.34 -10.63
N ASN R 147 52.69 49.92 -11.82
CA ASN R 147 51.43 50.18 -12.52
C ASN R 147 51.16 49.10 -13.56
N ASN R 148 51.09 47.84 -13.13
CA ASN R 148 50.95 46.73 -14.06
C ASN R 148 49.74 45.84 -13.71
N LEU R 149 48.63 46.44 -13.30
CA LEU R 149 47.42 45.66 -13.03
C LEU R 149 46.38 45.81 -14.12
N THR R 150 46.70 46.44 -15.24
CA THR R 150 45.79 46.45 -16.36
C THR R 150 46.26 45.57 -17.51
N THR R 151 47.56 45.33 -17.62
CA THR R 151 48.03 44.36 -18.61
C THR R 151 47.61 42.95 -18.25
N THR R 152 47.29 42.67 -16.99
CA THR R 152 46.84 41.37 -16.55
C THR R 152 45.33 41.31 -16.35
N VAL R 153 44.62 42.38 -16.66
CA VAL R 153 43.17 42.35 -16.80
C VAL R 153 42.75 42.39 -18.26
N ASN R 154 43.54 43.03 -19.11
CA ASN R 154 43.26 42.97 -20.54
C ASN R 154 43.55 41.59 -21.10
N ASN R 155 44.59 40.92 -20.59
CA ASN R 155 45.03 39.64 -21.12
C ASN R 155 44.24 38.46 -20.59
N SER R 156 43.45 38.63 -19.54
CA SER R 156 42.88 37.50 -18.83
C SER R 156 41.42 37.74 -18.49
N GLN R 157 40.62 38.18 -19.46
CA GLN R 157 39.19 38.31 -19.25
C GLN R 157 38.36 37.45 -20.18
N LEU R 158 38.88 37.07 -21.34
CA LEU R 158 38.19 36.13 -22.22
C LEU R 158 38.56 34.70 -21.92
N GLU R 159 39.53 34.47 -21.05
CA GLU R 159 39.83 33.13 -20.56
C GLU R 159 39.05 32.81 -19.30
N ILE R 160 39.03 33.73 -18.34
CA ILE R 160 38.26 33.51 -17.14
C ILE R 160 36.77 33.37 -17.46
N GLN R 161 36.30 34.05 -18.49
CA GLN R 161 35.00 33.78 -19.10
C GLN R 161 34.77 32.29 -19.23
N GLN R 162 35.61 31.62 -20.01
CA GLN R 162 35.38 30.22 -20.36
C GLN R 162 35.69 29.29 -19.21
N MET R 163 36.75 29.55 -18.44
CA MET R 163 37.04 28.72 -17.28
C MET R 163 35.89 28.75 -16.27
N SER R 164 35.40 29.95 -15.96
CA SER R 164 34.29 30.06 -15.02
C SER R 164 33.01 29.44 -15.56
N ASN R 165 32.72 29.60 -16.86
CA ASN R 165 31.53 28.95 -17.37
C ASN R 165 31.64 27.44 -17.34
N THR R 166 32.75 26.88 -17.84
CA THR R 166 32.89 25.44 -17.90
C THR R 166 32.89 24.82 -16.52
N LEU R 167 33.54 25.45 -15.55
CA LEU R 167 33.72 24.82 -14.25
C LEU R 167 32.40 24.69 -13.52
N ASN R 168 31.55 25.73 -13.62
CA ASN R 168 30.17 25.63 -13.17
C ASN R 168 29.39 24.59 -13.97
N LEU R 169 29.54 24.59 -15.29
CA LEU R 169 28.77 23.73 -16.16
C LEU R 169 29.08 22.28 -15.91
N LEU R 170 30.18 22.01 -15.21
CA LEU R 170 30.65 20.66 -14.91
C LEU R 170 30.35 20.24 -13.48
N THR R 171 30.41 21.17 -12.53
CA THR R 171 29.85 20.92 -11.20
C THR R 171 28.38 20.54 -11.29
N SER R 172 27.61 21.34 -12.02
CA SER R 172 26.18 21.10 -12.12
C SER R 172 25.82 19.89 -12.97
N ALA R 173 26.79 19.29 -13.66
CA ALA R 173 26.57 18.04 -14.37
C ALA R 173 26.97 16.83 -13.56
N ARG R 174 27.94 17.01 -12.66
CA ARG R 174 28.37 15.94 -11.77
C ARG R 174 27.23 15.65 -10.79
N SER R 175 26.62 16.74 -10.33
CA SER R 175 25.51 16.70 -9.37
C SER R 175 24.26 16.02 -9.91
N ASP R 176 23.95 16.28 -11.17
CA ASP R 176 22.78 15.68 -11.79
C ASP R 176 22.96 14.18 -11.76
N MET R 177 24.19 13.75 -12.02
CA MET R 177 24.53 12.34 -12.02
C MET R 177 24.32 11.73 -10.64
N GLN R 178 24.67 12.47 -9.59
CA GLN R 178 24.52 11.95 -8.23
C GLN R 178 23.06 11.82 -7.84
N SER R 179 22.23 12.80 -8.20
CA SER R 179 20.81 12.70 -7.89
C SER R 179 20.15 11.53 -8.63
N LEU R 180 20.49 11.35 -9.90
CA LEU R 180 19.96 10.21 -10.64
C LEU R 180 20.40 8.88 -10.05
N GLN R 181 21.67 8.79 -9.66
CA GLN R 181 22.17 7.58 -9.03
C GLN R 181 21.39 7.25 -7.76
N TYR R 182 21.03 8.27 -6.99
CA TYR R 182 20.21 8.03 -5.80
C TYR R 182 18.82 7.56 -6.18
N ARG R 183 18.16 8.28 -7.09
CA ARG R 183 16.76 7.96 -7.39
C ARG R 183 16.59 6.63 -8.11
N THR R 184 17.63 6.14 -8.79
CA THR R 184 17.51 4.85 -9.47
C THR R 184 17.47 3.69 -8.48
N ILE R 185 18.28 3.76 -7.42
CA ILE R 185 18.38 2.65 -6.48
C ILE R 185 17.29 2.72 -5.42
N SER R 186 16.65 3.87 -5.24
CA SER R 186 15.57 3.98 -4.26
C SER R 186 14.34 3.19 -4.66
N GLY R 187 14.20 2.84 -5.94
CA GLY R 187 13.04 2.15 -6.44
C GLY R 187 13.07 0.64 -6.33
N ILE R 188 14.11 0.07 -5.70
CA ILE R 188 14.21 -1.37 -5.50
C ILE R 188 13.75 -1.70 -4.10
N SER R 189 12.64 -2.44 -4.00
CA SER R 189 12.07 -2.82 -2.72
C SER R 189 12.39 -4.29 -2.44
N LEU R 190 12.99 -4.54 -1.29
CA LEU R 190 13.45 -5.88 -0.94
C LEU R 190 12.32 -6.66 -0.27
N GLY R 191 12.09 -7.88 -0.75
CA GLY R 191 11.09 -8.73 -0.14
C GLY R 191 9.66 -8.31 -0.36
N LYS R 192 9.37 -7.59 -1.43
CA LYS R 192 8.00 -7.17 -1.71
C LYS R 192 7.65 -7.41 -3.18
N SER S 19 44.46 43.95 5.22
CA SER S 19 43.02 44.22 5.17
C SER S 19 42.23 42.94 4.90
N MET S 20 42.94 41.88 4.54
CA MET S 20 42.34 40.59 4.27
C MET S 20 43.03 39.51 5.10
N ALA S 21 42.58 38.27 4.90
CA ALA S 21 43.04 37.16 5.72
C ALA S 21 44.44 36.73 5.31
N TYR S 22 44.66 36.44 4.04
CA TYR S 22 45.91 35.85 3.57
C TYR S 22 46.79 36.94 2.97
N ASP S 23 48.05 36.98 3.41
CA ASP S 23 49.01 37.99 2.97
C ASP S 23 49.84 37.45 1.81
N LEU S 24 49.24 37.42 0.62
CA LEU S 24 49.86 36.86 -0.56
C LEU S 24 51.08 37.67 -1.03
N GLY S 25 51.46 38.74 -0.33
CA GLY S 25 52.58 39.54 -0.75
C GLY S 25 53.93 38.93 -0.47
N SER S 26 53.99 37.93 0.41
CA SER S 26 55.23 37.26 0.74
C SER S 26 55.32 35.82 0.26
N MET S 27 54.19 35.12 0.20
CA MET S 27 54.19 33.72 -0.20
C MET S 27 54.69 33.56 -1.63
N SER S 28 55.55 32.57 -1.84
CA SER S 28 56.08 32.29 -3.16
C SER S 28 54.98 31.70 -4.04
N LYS S 29 55.33 31.34 -5.27
CA LYS S 29 54.32 30.81 -6.18
C LYS S 29 53.88 29.41 -5.78
N ASP S 30 54.83 28.56 -5.39
CA ASP S 30 54.49 27.19 -5.03
C ASP S 30 53.77 27.10 -3.69
N ASP S 31 53.72 28.19 -2.94
CA ASP S 31 52.86 28.28 -1.76
C ASP S 31 51.52 28.89 -2.07
N VAL S 32 51.47 29.83 -3.00
CA VAL S 32 50.19 30.38 -3.43
C VAL S 32 49.35 29.30 -4.11
N ILE S 33 49.97 28.44 -4.92
CA ILE S 33 49.22 27.39 -5.58
C ILE S 33 48.64 26.43 -4.57
N ASP S 34 49.42 26.03 -3.56
CA ASP S 34 48.90 25.14 -2.54
C ASP S 34 47.83 25.80 -1.70
N LEU S 35 47.96 27.11 -1.46
CA LEU S 35 46.90 27.84 -0.78
C LEU S 35 45.61 27.81 -1.59
N PHE S 36 45.69 28.12 -2.88
CA PHE S 36 44.51 28.12 -3.73
C PHE S 36 43.91 26.74 -3.85
N ASN S 37 44.72 25.69 -3.77
CA ASN S 37 44.17 24.34 -3.74
C ASN S 37 43.46 24.06 -2.42
N LYS S 38 43.95 24.61 -1.31
CA LYS S 38 43.21 24.45 -0.06
C LYS S 38 41.84 25.10 -0.14
N LEU S 39 41.74 26.29 -0.72
CA LEU S 39 40.46 26.91 -0.99
C LEU S 39 39.83 26.24 -2.20
N GLY S 40 38.74 26.80 -2.70
CA GLY S 40 38.07 26.26 -3.86
C GLY S 40 38.70 26.73 -5.15
N VAL S 41 37.90 26.70 -6.22
CA VAL S 41 38.27 27.31 -7.47
C VAL S 41 37.66 28.69 -7.66
N PHE S 42 36.47 28.93 -7.09
CA PHE S 42 35.84 30.23 -7.16
C PHE S 42 36.41 31.20 -6.14
N GLN S 43 36.75 30.72 -4.95
CA GLN S 43 37.33 31.62 -3.97
C GLN S 43 38.80 31.87 -4.17
N ALA S 44 39.51 31.01 -4.90
CA ALA S 44 40.80 31.41 -5.40
C ALA S 44 40.68 32.63 -6.31
N ALA S 45 39.68 32.62 -7.19
CA ALA S 45 39.44 33.78 -8.03
C ALA S 45 39.05 34.99 -7.22
N ILE S 46 38.25 34.82 -6.17
CA ILE S 46 37.88 35.99 -5.38
C ILE S 46 39.09 36.55 -4.62
N LEU S 47 39.96 35.72 -4.05
CA LEU S 47 41.18 36.29 -3.47
C LEU S 47 42.06 36.96 -4.51
N MET S 48 42.22 36.36 -5.69
CA MET S 48 43.08 36.98 -6.69
C MET S 48 42.56 38.35 -7.07
N PHE S 49 41.24 38.47 -7.25
CA PHE S 49 40.66 39.76 -7.60
C PHE S 49 40.69 40.73 -6.42
N ALA S 50 40.53 40.25 -5.19
CA ALA S 50 40.57 41.15 -4.04
C ALA S 50 41.98 41.70 -3.83
N TYR S 51 43.00 40.87 -4.00
CA TYR S 51 44.36 41.38 -3.87
C TYR S 51 44.72 42.32 -5.01
N MET S 52 44.28 42.03 -6.25
CA MET S 52 44.50 42.98 -7.33
C MET S 52 43.80 44.30 -7.05
N TYR S 53 42.59 44.25 -6.48
CA TYR S 53 41.90 45.48 -6.11
C TYR S 53 42.65 46.25 -5.03
N GLN S 54 43.19 45.56 -4.03
CA GLN S 54 43.97 46.27 -3.02
C GLN S 54 45.21 46.92 -3.62
N ALA S 55 45.92 46.21 -4.50
CA ALA S 55 47.10 46.80 -5.11
C ALA S 55 46.75 48.04 -5.93
N GLN S 56 45.69 47.95 -6.73
CA GLN S 56 45.28 49.11 -7.53
C GLN S 56 44.81 50.27 -6.67
N SER S 57 44.04 49.98 -5.62
CA SER S 57 43.58 51.06 -4.77
C SER S 57 44.74 51.71 -4.02
N ASP S 58 45.74 50.94 -3.63
CA ASP S 58 46.90 51.53 -2.99
C ASP S 58 47.67 52.43 -3.94
N LEU S 59 47.86 52.02 -5.19
CA LEU S 59 48.48 52.91 -6.16
C LEU S 59 47.68 54.20 -6.28
N SER S 60 46.37 54.09 -6.50
CA SER S 60 45.58 55.29 -6.75
C SER S 60 45.55 56.20 -5.54
N ILE S 61 45.44 55.66 -4.33
CA ILE S 61 45.40 56.52 -3.15
C ILE S 61 46.75 57.16 -2.89
N ALA S 62 47.85 56.44 -3.09
CA ALA S 62 49.15 57.08 -2.99
C ALA S 62 49.34 58.15 -4.05
N LYS S 63 48.61 58.05 -5.17
CA LYS S 63 48.58 59.16 -6.13
C LYS S 63 47.74 60.33 -5.63
N PHE S 64 46.61 60.06 -4.98
CA PHE S 64 45.73 61.12 -4.53
C PHE S 64 46.31 61.90 -3.36
N ALA S 65 47.28 61.36 -2.66
CA ALA S 65 47.92 62.09 -1.56
C ALA S 65 49.12 62.91 -2.02
N ASP S 66 49.48 62.83 -3.31
CA ASP S 66 50.45 63.74 -3.91
C ASP S 66 49.81 64.98 -4.50
N MET S 67 48.49 65.05 -4.50
CA MET S 67 47.78 66.23 -4.96
C MET S 67 47.22 67.06 -3.81
N ASN S 68 46.85 66.41 -2.70
CA ASN S 68 46.60 67.16 -1.47
C ASN S 68 47.84 67.90 -1.01
N GLU S 69 49.04 67.48 -1.39
CA GLU S 69 50.21 68.31 -1.12
C GLU S 69 50.10 69.65 -1.83
N ALA S 70 49.71 69.65 -3.09
CA ALA S 70 49.56 70.89 -3.85
C ALA S 70 48.45 71.76 -3.26
N SER S 71 47.31 71.16 -2.92
CA SER S 71 46.25 71.97 -2.35
C SER S 71 46.59 72.48 -0.95
N LYS S 72 47.32 71.70 -0.15
CA LYS S 72 47.77 72.20 1.14
C LYS S 72 48.71 73.38 0.99
N GLU S 73 49.65 73.29 0.05
CA GLU S 73 50.54 74.43 -0.19
C GLU S 73 49.76 75.65 -0.62
N SER S 74 48.76 75.47 -1.48
CA SER S 74 47.98 76.61 -1.93
C SER S 74 47.22 77.26 -0.78
N THR S 75 46.58 76.46 0.08
CA THR S 75 45.83 77.09 1.16
C THR S 75 46.74 77.77 2.18
N THR S 76 47.91 77.19 2.51
CA THR S 76 48.79 77.88 3.44
C THR S 76 49.33 79.17 2.83
N ALA S 77 49.70 79.15 1.55
CA ALA S 77 50.17 80.37 0.92
C ALA S 77 49.09 81.44 0.89
N GLN S 78 47.85 81.05 0.61
CA GLN S 78 46.76 82.02 0.63
C GLN S 78 46.54 82.61 2.01
N LYS S 79 46.63 81.78 3.06
CA LYS S 79 46.49 82.31 4.41
C LYS S 79 47.58 83.32 4.74
N MET S 80 48.83 83.02 4.37
CA MET S 80 49.91 83.96 4.62
C MET S 80 49.69 85.27 3.85
N ALA S 81 49.28 85.17 2.58
CA ALA S 81 49.03 86.37 1.81
C ALA S 81 47.92 87.21 2.41
N ASN S 82 46.88 86.55 2.94
CA ASN S 82 45.82 87.30 3.60
C ASN S 82 46.27 87.95 4.89
N LEU S 83 47.19 87.34 5.63
CA LEU S 83 47.76 88.04 6.79
C LEU S 83 48.53 89.29 6.36
N VAL S 84 49.30 89.19 5.27
CA VAL S 84 50.03 90.36 4.79
C VAL S 84 49.07 91.44 4.31
N ASP S 85 47.95 91.05 3.68
CA ASP S 85 46.94 92.04 3.32
C ASP S 85 46.31 92.70 4.54
N ALA S 86 45.99 91.92 5.58
CA ALA S 86 45.50 92.52 6.81
C ALA S 86 46.49 93.51 7.39
N LYS S 87 47.79 93.23 7.29
CA LYS S 87 48.81 94.17 7.73
C LYS S 87 48.87 95.42 6.88
N ILE S 88 48.74 95.30 5.56
CA ILE S 88 48.76 96.49 4.70
C ILE S 88 47.56 97.39 4.97
N ALA S 89 46.41 96.81 5.27
CA ALA S 89 45.19 97.61 5.48
C ALA S 89 45.24 98.49 6.71
N ASP S 90 46.39 98.56 7.38
CA ASP S 90 46.60 99.48 8.50
C ASP S 90 47.77 100.42 8.26
N VAL S 91 48.57 100.19 7.23
CA VAL S 91 49.69 101.08 6.92
C VAL S 91 49.31 101.88 5.67
N GLN S 92 48.26 101.43 4.98
CA GLN S 92 47.67 102.26 3.93
C GLN S 92 46.81 103.35 4.53
N SER S 93 46.08 103.05 5.60
CA SER S 93 45.28 104.03 6.30
C SER S 93 46.10 104.85 7.29
N SER S 94 47.43 104.71 7.26
CA SER S 94 48.29 105.43 8.18
C SER S 94 48.42 106.88 7.74
N SER S 95 48.15 107.81 8.67
CA SER S 95 48.21 109.22 8.35
C SER S 95 49.61 109.68 7.99
N ASP S 96 50.63 109.03 8.57
CA ASP S 96 52.02 109.43 8.40
C ASP S 96 52.52 108.93 7.03
N LYS S 97 53.82 108.97 6.82
CA LYS S 97 54.41 108.28 5.69
C LYS S 97 54.22 106.78 5.85
N ASN S 98 53.97 106.09 4.75
CA ASN S 98 53.60 104.67 4.82
C ASN S 98 54.81 103.76 4.95
N ALA S 99 55.70 104.04 5.91
CA ALA S 99 56.74 103.09 6.28
C ALA S 99 56.73 102.96 7.80
N LYS S 100 55.77 102.18 8.30
CA LYS S 100 55.75 101.67 9.67
C LYS S 100 54.96 100.36 9.58
N ALA S 101 55.68 99.26 9.38
CA ALA S 101 55.01 97.99 9.14
C ALA S 101 55.99 96.85 9.34
N GLN S 102 55.46 95.75 9.88
CA GLN S 102 56.19 94.50 10.01
C GLN S 102 55.22 93.36 9.73
N LEU S 103 55.75 92.29 9.17
CA LEU S 103 54.92 91.13 8.95
C LEU S 103 54.55 90.49 10.29
N PRO S 104 53.36 89.89 10.40
CA PRO S 104 53.02 89.18 11.64
C PRO S 104 53.91 87.98 11.83
N ASP S 105 54.13 87.63 13.10
CA ASP S 105 55.24 86.75 13.46
C ASP S 105 55.16 85.39 12.79
N GLU S 106 53.97 84.98 12.34
CA GLU S 106 53.84 83.69 11.67
C GLU S 106 54.30 83.76 10.21
N VAL S 107 54.11 84.89 9.55
CA VAL S 107 54.58 85.02 8.17
C VAL S 107 56.09 84.98 8.10
N ILE S 108 56.78 85.55 9.09
CA ILE S 108 58.24 85.48 9.10
C ILE S 108 58.71 84.04 9.14
N SER S 109 58.11 83.23 10.02
CA SER S 109 58.46 81.82 10.04
C SER S 109 58.03 81.09 8.78
N TYR S 110 57.00 81.59 8.07
CA TYR S 110 56.67 81.00 6.78
C TYR S 110 57.78 81.22 5.76
N ILE S 111 58.23 82.47 5.59
CA ILE S 111 59.30 82.72 4.62
C ILE S 111 60.61 82.05 5.05
N ASN S 112 60.99 82.18 6.31
CA ASN S 112 62.30 81.68 6.74
C ASN S 112 62.40 80.16 6.76
N ASP S 113 61.29 79.45 6.63
CA ASP S 113 61.34 78.00 6.62
C ASP S 113 62.00 77.51 5.34
N PRO S 114 62.81 76.45 5.37
CA PRO S 114 63.59 76.08 4.17
C PRO S 114 62.83 75.32 3.10
N ARG S 115 61.73 74.65 3.43
CA ARG S 115 61.09 73.74 2.49
C ARG S 115 60.07 74.42 1.59
N ASN S 116 60.22 75.73 1.36
CA ASN S 116 59.27 76.47 0.54
C ASN S 116 59.87 77.18 -0.66
N ASP S 117 61.16 77.53 -0.62
CA ASP S 117 61.83 78.25 -1.71
C ASP S 117 61.04 79.49 -2.10
N ILE S 118 60.95 80.42 -1.15
CA ILE S 118 60.03 81.54 -1.21
C ILE S 118 60.81 82.85 -1.25
N THR S 119 61.94 82.88 -1.95
CA THR S 119 62.68 84.11 -2.18
C THR S 119 61.77 85.23 -2.68
N ILE S 120 61.66 86.31 -1.91
CA ILE S 120 60.61 87.31 -2.11
C ILE S 120 61.19 88.69 -2.42
N SER S 121 61.91 89.28 -1.47
CA SER S 121 62.15 90.72 -1.49
C SER S 121 63.47 91.10 -2.15
N GLY S 122 64.54 90.41 -1.79
CA GLY S 122 65.87 90.90 -2.16
C GLY S 122 66.26 92.13 -1.38
N ILE S 123 65.67 92.34 -0.21
CA ILE S 123 65.91 93.53 0.59
C ILE S 123 66.35 93.10 1.98
N ASP S 124 67.10 93.97 2.64
CA ASP S 124 67.77 93.63 3.90
C ASP S 124 66.82 93.67 5.08
N ASN S 125 67.09 92.81 6.05
CA ASN S 125 66.58 92.95 7.42
C ASN S 125 65.05 93.02 7.46
N ILE S 126 64.45 91.90 7.09
CA ILE S 126 63.03 91.71 7.40
C ILE S 126 62.86 91.78 8.92
N ASN S 127 61.64 92.09 9.35
CA ASN S 127 61.18 92.43 10.69
C ASN S 127 61.49 93.88 11.07
N ALA S 128 62.32 94.60 10.31
CA ALA S 128 62.54 96.02 10.59
C ALA S 128 63.18 96.66 9.35
N GLN S 129 62.37 97.34 8.53
CA GLN S 129 60.92 97.23 8.47
C GLN S 129 60.63 97.52 7.00
N LEU S 130 59.48 97.11 6.47
CA LEU S 130 59.24 97.21 5.03
C LEU S 130 57.97 98.01 4.74
N GLY S 131 58.09 99.33 4.80
CA GLY S 131 57.20 100.26 4.14
C GLY S 131 55.71 99.94 4.13
N ALA S 132 55.03 100.37 3.06
CA ALA S 132 53.74 99.80 2.69
C ALA S 132 53.59 99.64 1.19
N GLY S 133 54.57 100.04 0.39
CA GLY S 133 54.49 99.92 -1.05
C GLY S 133 55.44 98.86 -1.55
N ASP S 134 56.36 98.44 -0.69
CA ASP S 134 57.18 97.27 -0.93
C ASP S 134 56.68 96.04 -0.20
N LEU S 135 55.71 96.20 0.68
CA LEU S 135 54.99 95.06 1.25
C LEU S 135 54.09 94.41 0.21
N GLN S 136 53.72 95.17 -0.82
CA GLN S 136 52.98 94.59 -1.94
C GLN S 136 53.81 93.55 -2.66
N THR S 137 55.12 93.73 -2.73
CA THR S 137 55.98 92.72 -3.33
C THR S 137 55.94 91.43 -2.54
N VAL S 138 55.98 91.52 -1.20
CA VAL S 138 55.90 90.32 -0.38
C VAL S 138 54.56 89.63 -0.58
N LYS S 139 53.46 90.39 -0.58
CA LYS S 139 52.16 89.79 -0.78
C LYS S 139 52.05 89.11 -2.14
N ALA S 140 52.56 89.76 -3.19
CA ALA S 140 52.53 89.15 -4.52
C ALA S 140 53.40 87.92 -4.63
N ALA S 141 54.59 87.93 -4.04
CA ALA S 141 55.46 86.76 -4.11
C ALA S 141 54.99 85.62 -3.22
N ILE S 142 54.17 85.89 -2.21
CA ILE S 142 53.58 84.80 -1.45
C ILE S 142 52.36 84.24 -2.16
N SER S 143 51.47 85.11 -2.64
CA SER S 143 50.27 84.67 -3.32
C SER S 143 50.49 84.31 -4.77
N ALA S 144 51.74 84.30 -5.25
CA ALA S 144 52.02 83.74 -6.55
C ALA S 144 52.40 82.26 -6.50
N LYS S 145 52.77 81.76 -5.33
CA LYS S 145 53.03 80.34 -5.14
C LYS S 145 51.77 79.60 -4.71
N ALA S 146 50.67 80.32 -4.52
CA ALA S 146 49.37 79.71 -4.25
C ALA S 146 48.65 79.30 -5.52
N ASN S 147 49.17 79.63 -6.69
CA ASN S 147 48.49 79.37 -7.95
C ASN S 147 49.03 78.11 -8.62
N ASN S 148 48.95 76.99 -7.92
CA ASN S 148 49.52 75.74 -8.41
C ASN S 148 48.51 74.60 -8.47
N LEU S 149 47.27 74.88 -8.85
CA LEU S 149 46.27 73.84 -9.00
C LEU S 149 46.00 73.48 -10.45
N THR S 150 46.78 74.00 -11.39
CA THR S 150 46.67 73.55 -12.76
C THR S 150 47.83 72.68 -13.21
N THR S 151 48.99 72.83 -12.57
CA THR S 151 50.08 71.90 -12.86
C THR S 151 49.78 70.50 -12.35
N THR S 152 48.86 70.36 -11.39
CA THR S 152 48.47 69.06 -10.87
C THR S 152 47.14 68.58 -11.44
N VAL S 153 46.55 69.32 -12.37
CA VAL S 153 45.46 68.83 -13.19
C VAL S 153 45.92 68.51 -14.60
N ASN S 154 46.93 69.21 -15.09
CA ASN S 154 47.51 68.84 -16.38
C ASN S 154 48.29 67.54 -16.27
N ASN S 155 48.96 67.30 -15.15
CA ASN S 155 49.83 66.15 -14.97
C ASN S 155 49.09 64.89 -14.59
N SER S 156 47.84 64.98 -14.17
CA SER S 156 47.16 63.86 -13.54
C SER S 156 45.74 63.70 -14.05
N GLN S 157 45.56 63.71 -15.37
CA GLN S 157 44.26 63.44 -15.95
C GLN S 157 44.24 62.22 -16.86
N LEU S 158 45.37 61.84 -17.42
CA LEU S 158 45.46 60.60 -18.20
C LEU S 158 45.83 59.42 -17.35
N GLU S 159 46.17 59.64 -16.09
CA GLU S 159 46.37 58.56 -15.14
C GLU S 159 45.09 58.22 -14.40
N ILE S 160 44.38 59.23 -13.91
CA ILE S 160 43.12 58.98 -13.24
C ILE S 160 42.12 58.35 -14.19
N GLN S 161 42.19 58.67 -15.49
CA GLN S 161 41.52 57.93 -16.54
C GLN S 161 41.65 56.44 -16.32
N GLN S 162 42.89 55.94 -16.34
CA GLN S 162 43.13 54.51 -16.31
C GLN S 162 42.89 53.90 -14.93
N MET S 163 43.27 54.60 -13.87
CA MET S 163 43.01 54.09 -12.53
C MET S 163 41.51 53.94 -12.28
N SER S 164 40.72 54.96 -12.63
CA SER S 164 39.29 54.88 -12.45
C SER S 164 38.66 53.82 -13.34
N ASN S 165 39.12 53.68 -14.58
CA ASN S 165 38.53 52.63 -15.41
C ASN S 165 38.86 51.25 -14.87
N THR S 166 40.13 50.97 -14.57
CA THR S 166 40.53 49.65 -14.10
C THR S 166 39.86 49.29 -12.79
N LEU S 167 39.75 50.25 -11.87
CA LEU S 167 39.28 49.91 -10.53
C LEU S 167 37.80 49.51 -10.56
N ASN S 168 37.01 50.20 -11.36
CA ASN S 168 35.64 49.77 -11.66
C ASN S 168 35.62 48.44 -12.38
N LEU S 169 36.49 48.27 -13.38
CA LEU S 169 36.48 47.08 -14.22
C LEU S 169 36.85 45.85 -13.41
N LEU S 170 37.40 46.05 -12.23
CA LEU S 170 37.84 44.98 -11.35
C LEU S 170 36.87 44.71 -10.20
N THR S 171 36.23 45.77 -9.67
CA THR S 171 35.08 45.57 -8.79
C THR S 171 33.99 44.76 -9.48
N SER S 172 33.64 45.16 -10.71
CA SER S 172 32.57 44.48 -11.43
C SER S 172 32.96 43.10 -11.92
N ALA S 173 34.23 42.72 -11.83
CA ALA S 173 34.65 41.37 -12.14
C ALA S 173 34.72 40.48 -10.92
N ARG S 174 34.98 41.08 -9.76
CA ARG S 174 35.02 40.35 -8.50
C ARG S 174 33.60 39.90 -8.19
N SER S 175 32.66 40.81 -8.42
CA SER S 175 31.24 40.59 -8.18
C SER S 175 30.63 39.48 -9.04
N ASP S 176 31.03 39.43 -10.30
CA ASP S 176 30.52 38.41 -11.21
C ASP S 176 30.91 37.06 -10.65
N MET S 177 32.12 36.99 -10.12
CA MET S 177 32.63 35.76 -9.53
C MET S 177 31.80 35.34 -8.32
N GLN S 178 31.38 36.32 -7.52
CA GLN S 178 30.58 36.00 -6.33
C GLN S 178 29.19 35.50 -6.69
N SER S 179 28.56 36.12 -7.69
CA SER S 179 27.24 35.65 -8.12
C SER S 179 27.31 34.23 -8.68
N LEU S 180 28.33 33.95 -9.51
CA LEU S 180 28.50 32.60 -10.03
C LEU S 180 28.75 31.59 -8.93
N GLN S 181 29.58 31.95 -7.95
CA GLN S 181 29.84 31.06 -6.83
C GLN S 181 28.55 30.73 -6.09
N TYR S 182 27.66 31.70 -5.94
CA TYR S 182 26.38 31.42 -5.31
C TYR S 182 25.53 30.50 -6.17
N ARG S 183 25.39 30.82 -7.45
CA ARG S 183 24.47 30.04 -8.29
C ARG S 183 24.95 28.63 -8.57
N THR S 184 26.25 28.37 -8.44
CA THR S 184 26.75 27.02 -8.67
C THR S 184 26.36 26.08 -7.54
N ILE S 185 26.42 26.55 -6.30
CA ILE S 185 26.16 25.70 -5.15
C ILE S 185 24.67 25.60 -4.85
N SER S 186 23.86 26.52 -5.36
CA SER S 186 22.42 26.45 -5.13
C SER S 186 21.77 25.28 -5.83
N GLY S 187 22.43 24.70 -6.84
CA GLY S 187 21.88 23.61 -7.61
C GLY S 187 22.10 22.22 -7.05
N ILE S 188 22.68 22.11 -5.86
CA ILE S 188 22.91 20.82 -5.21
C ILE S 188 21.79 20.60 -4.19
N SER S 189 20.97 19.59 -4.44
CA SER S 189 19.84 19.25 -3.57
C SER S 189 20.19 18.02 -2.75
N LEU S 190 20.09 18.15 -1.43
CA LEU S 190 20.49 17.09 -0.51
C LEU S 190 19.33 16.13 -0.30
N GLY S 191 19.61 14.83 -0.44
CA GLY S 191 18.60 13.82 -0.17
C GLY S 191 17.49 13.75 -1.19
N LYS S 192 17.73 14.17 -2.43
CA LYS S 192 16.70 14.10 -3.46
C LYS S 192 17.27 13.54 -4.75
N SER T 19 33.99 74.28 4.92
CA SER T 19 32.81 74.09 4.08
C SER T 19 32.52 72.61 3.86
N MET T 20 33.48 71.76 4.23
CA MET T 20 33.35 70.32 4.11
C MET T 20 33.63 69.65 5.45
N ALA T 21 33.59 68.32 5.43
CA ALA T 21 33.70 67.54 6.66
C ALA T 21 35.13 67.50 7.16
N TYR T 22 36.06 67.10 6.31
CA TYR T 22 37.44 66.85 6.72
C TYR T 22 38.31 68.03 6.35
N ASP T 23 39.08 68.53 7.32
CA ASP T 23 39.94 69.69 7.13
C ASP T 23 41.36 69.25 6.76
N LEU T 24 41.53 68.86 5.50
CA LEU T 24 42.80 68.33 5.01
C LEU T 24 43.91 69.37 4.98
N GLY T 25 43.64 70.60 5.43
CA GLY T 25 44.66 71.63 5.40
C GLY T 25 45.72 71.51 6.48
N SER T 26 45.43 70.73 7.52
CA SER T 26 46.36 70.54 8.62
C SER T 26 46.95 69.14 8.68
N MET T 27 46.18 68.13 8.29
CA MET T 27 46.63 66.74 8.39
C MET T 27 47.86 66.51 7.52
N SER T 28 48.84 65.81 8.08
CA SER T 28 50.05 65.49 7.35
C SER T 28 49.76 64.47 6.26
N LYS T 29 50.79 64.04 5.55
CA LYS T 29 50.56 63.09 4.46
C LYS T 29 50.21 61.70 4.99
N ASP T 30 50.91 61.25 6.03
CA ASP T 30 50.65 59.92 6.57
C ASP T 30 49.34 59.84 7.33
N ASP T 31 48.70 60.97 7.59
CA ASP T 31 47.33 60.97 8.10
C ASP T 31 46.31 61.09 7.00
N VAL T 32 46.63 61.82 5.92
CA VAL T 32 45.73 61.87 4.78
C VAL T 32 45.60 60.50 4.13
N ILE T 33 46.70 59.76 4.04
CA ILE T 33 46.64 58.43 3.43
C ILE T 33 45.76 57.50 4.27
N ASP T 34 45.92 57.54 5.59
CA ASP T 34 45.07 56.70 6.45
C ASP T 34 43.62 57.14 6.40
N LEU T 35 43.37 58.44 6.26
CA LEU T 35 42.00 58.92 6.07
C LEU T 35 41.41 58.37 4.78
N PHE T 36 42.14 58.47 3.67
CA PHE T 36 41.66 57.98 2.40
C PHE T 36 41.46 56.47 2.41
N ASN T 37 42.26 55.74 3.20
CA ASN T 37 42.01 54.32 3.36
C ASN T 37 40.74 54.05 4.16
N LYS T 38 40.43 54.90 5.14
CA LYS T 38 39.17 54.73 5.84
C LYS T 38 37.98 54.92 4.91
N LEU T 39 38.03 55.91 4.03
CA LEU T 39 37.03 56.06 2.99
C LEU T 39 37.31 55.04 1.89
N GLY T 40 36.61 55.17 0.78
CA GLY T 40 36.80 54.25 -0.34
C GLY T 40 37.95 54.68 -1.22
N VAL T 41 37.89 54.24 -2.47
CA VAL T 41 38.80 54.71 -3.50
C VAL T 41 38.16 55.80 -4.36
N PHE T 42 36.85 55.76 -4.57
CA PHE T 42 36.15 56.78 -5.33
C PHE T 42 35.88 58.03 -4.51
N GLN T 43 35.58 57.87 -3.22
CA GLN T 43 35.35 59.05 -2.41
C GLN T 43 36.63 59.70 -1.92
N ALA T 44 37.75 58.99 -1.91
CA ALA T 44 39.02 59.69 -1.79
C ALA T 44 39.21 60.64 -2.96
N ALA T 45 38.89 60.18 -4.16
CA ALA T 45 38.98 61.06 -5.32
C ALA T 45 38.01 62.22 -5.21
N ILE T 46 36.80 61.99 -4.70
CA ILE T 46 35.86 63.10 -4.59
C ILE T 46 36.32 64.12 -3.54
N LEU T 47 36.86 63.69 -2.39
CA LEU T 47 37.44 64.68 -1.49
C LEU T 47 38.61 65.41 -2.10
N MET T 48 39.50 64.71 -2.80
CA MET T 48 40.65 65.39 -3.38
C MET T 48 40.22 66.46 -4.36
N PHE T 49 39.23 66.13 -5.20
CA PHE T 49 38.72 67.12 -6.15
C PHE T 49 37.93 68.23 -5.48
N ALA T 50 37.21 67.93 -4.40
CA ALA T 50 36.45 68.98 -3.71
C ALA T 50 37.38 69.95 -3.01
N TYR T 51 38.45 69.46 -2.40
CA TYR T 51 39.40 70.36 -1.77
C TYR T 51 40.17 71.18 -2.81
N MET T 52 40.53 70.57 -3.94
CA MET T 52 41.16 71.36 -4.99
C MET T 52 40.22 72.43 -5.51
N TYR T 53 38.92 72.11 -5.63
CA TYR T 53 37.96 73.11 -6.05
C TYR T 53 37.83 74.23 -5.03
N GLN T 54 37.84 73.91 -3.74
CA GLN T 54 37.80 74.98 -2.73
C GLN T 54 39.03 75.87 -2.81
N ALA T 55 40.21 75.28 -2.97
CA ALA T 55 41.41 76.09 -3.05
C ALA T 55 41.37 77.02 -4.26
N GLN T 56 40.97 76.48 -5.41
CA GLN T 56 40.90 77.31 -6.62
C GLN T 56 39.83 78.39 -6.49
N SER T 57 38.67 78.07 -5.93
CA SER T 57 37.64 79.08 -5.79
C SER T 57 38.05 80.16 -4.81
N ASP T 58 38.79 79.80 -3.75
CA ASP T 58 39.28 80.82 -2.83
C ASP T 58 40.28 81.75 -3.50
N LEU T 59 41.20 81.20 -4.30
CA LEU T 59 42.10 82.07 -5.05
C LEU T 59 41.30 83.03 -5.94
N SER T 60 40.37 82.49 -6.73
CA SER T 60 39.66 83.33 -7.69
C SER T 60 38.82 84.38 -6.99
N ILE T 61 38.15 84.04 -5.90
CA ILE T 61 37.31 85.02 -5.21
C ILE T 61 38.16 86.07 -4.52
N ALA T 62 39.29 85.69 -3.93
CA ALA T 62 40.18 86.71 -3.38
C ALA T 62 40.75 87.59 -4.48
N LYS T 63 40.79 87.11 -5.72
CA LYS T 63 41.12 87.98 -6.85
C LYS T 63 39.97 88.90 -7.20
N PHE T 64 38.73 88.41 -7.16
CA PHE T 64 37.58 89.21 -7.54
C PHE T 64 37.26 90.32 -6.55
N ALA T 65 37.77 90.22 -5.32
CA ALA T 65 37.55 91.27 -4.34
C ALA T 65 38.65 92.32 -4.36
N ASP T 66 39.66 92.16 -5.21
CA ASP T 66 40.64 93.21 -5.49
C ASP T 66 40.23 94.08 -6.66
N MET T 67 39.15 93.75 -7.33
CA MET T 67 38.62 94.57 -8.42
C MET T 67 37.39 95.36 -8.00
N ASN T 68 36.59 94.82 -7.10
CA ASN T 68 35.58 95.64 -6.43
C ASN T 68 36.20 96.80 -5.66
N GLU T 69 37.46 96.70 -5.27
CA GLU T 69 38.12 97.88 -4.71
C GLU T 69 38.21 99.00 -5.74
N ALA T 70 38.60 98.65 -6.96
CA ALA T 70 38.68 99.66 -8.01
C ALA T 70 37.32 100.23 -8.35
N SER T 71 36.29 99.38 -8.46
CA SER T 71 34.97 99.91 -8.77
C SER T 71 34.40 100.73 -7.62
N LYS T 72 34.68 100.35 -6.37
CA LYS T 72 34.24 101.15 -5.24
C LYS T 72 34.89 102.53 -5.25
N GLU T 73 36.19 102.58 -5.51
CA GLU T 73 36.86 103.87 -5.61
C GLU T 73 36.25 104.71 -6.72
N SER T 74 35.95 104.10 -7.86
CA SER T 74 35.38 104.87 -8.96
C SER T 74 34.01 105.43 -8.60
N THR T 75 33.16 104.64 -7.97
CA THR T 75 31.83 105.16 -7.65
C THR T 75 31.88 106.24 -6.57
N THR T 76 32.75 106.10 -5.55
CA THR T 76 32.84 107.17 -4.56
C THR T 76 33.40 108.45 -5.18
N ALA T 77 34.41 108.33 -6.04
CA ALA T 77 34.95 109.52 -6.68
C ALA T 77 33.90 110.19 -7.56
N GLN T 78 33.11 109.41 -8.29
CA GLN T 78 32.06 109.99 -9.11
C GLN T 78 31.01 110.69 -8.25
N LYS T 79 30.64 110.12 -7.11
CA LYS T 79 29.69 110.78 -6.24
C LYS T 79 30.22 112.12 -5.73
N MET T 80 31.49 112.16 -5.32
CA MET T 80 32.07 113.41 -4.87
C MET T 80 32.10 114.45 -6.00
N ALA T 81 32.50 114.02 -7.20
CA ALA T 81 32.52 114.95 -8.32
C ALA T 81 31.14 115.49 -8.63
N ASN T 82 30.11 114.65 -8.51
CA ASN T 82 28.75 115.14 -8.74
C ASN T 82 28.29 116.11 -7.66
N LEU T 83 28.74 115.93 -6.40
CA LEU T 83 28.44 116.94 -5.38
C LEU T 83 29.10 118.28 -5.73
N VAL T 84 30.34 118.24 -6.20
CA VAL T 84 31.00 119.49 -6.59
C VAL T 84 30.31 120.13 -7.79
N ASP T 85 29.82 119.32 -8.73
CA ASP T 85 29.03 119.89 -9.83
C ASP T 85 27.73 120.51 -9.34
N ALA T 86 27.03 119.86 -8.41
CA ALA T 86 25.84 120.47 -7.84
C ALA T 86 26.15 121.80 -7.17
N LYS T 87 27.32 121.90 -6.53
CA LYS T 87 27.74 123.16 -5.93
C LYS T 87 28.06 124.23 -6.97
N ILE T 88 28.71 123.86 -8.09
CA ILE T 88 29.00 124.84 -9.13
C ILE T 88 27.73 125.37 -9.77
N ALA T 89 26.71 124.53 -9.92
CA ALA T 89 25.47 124.93 -10.60
C ALA T 89 24.69 125.98 -9.84
N ASP T 90 25.23 126.50 -8.74
CA ASP T 90 24.64 127.60 -8.01
C ASP T 90 25.56 128.80 -7.90
N VAL T 91 26.82 128.68 -8.28
CA VAL T 91 27.76 129.79 -8.25
C VAL T 91 28.00 130.22 -9.68
N GLN T 92 27.62 129.38 -10.64
CA GLN T 92 27.58 129.80 -12.02
C GLN T 92 26.36 130.67 -12.30
N SER T 93 25.23 130.33 -11.70
CA SER T 93 24.01 131.14 -11.81
C SER T 93 23.99 132.31 -10.84
N SER T 94 25.11 132.57 -10.17
CA SER T 94 25.18 133.67 -9.21
C SER T 94 25.30 134.99 -9.94
N SER T 95 24.41 135.93 -9.59
CA SER T 95 24.39 137.22 -10.25
C SER T 95 25.67 138.02 -9.98
N ASP T 96 26.27 137.81 -8.82
CA ASP T 96 27.44 138.58 -8.39
C ASP T 96 28.68 138.04 -9.10
N LYS T 97 29.86 138.45 -8.64
CA LYS T 97 31.09 137.79 -9.07
C LYS T 97 31.08 136.35 -8.57
N ASN T 98 31.62 135.44 -9.39
CA ASN T 98 31.50 134.02 -9.09
C ASN T 98 32.57 133.55 -8.12
N ALA T 99 32.72 134.24 -6.98
CA ALA T 99 33.52 133.72 -5.87
C ALA T 99 32.68 133.83 -4.60
N LYS T 100 31.75 132.90 -4.43
CA LYS T 100 31.06 132.62 -3.17
C LYS T 100 30.69 131.15 -3.23
N ALA T 101 31.56 130.29 -2.71
CA ALA T 101 31.37 128.86 -2.87
C ALA T 101 32.24 128.12 -1.87
N GLN T 102 31.70 127.00 -1.38
CA GLN T 102 32.42 126.08 -0.53
C GLN T 102 31.99 124.67 -0.89
N LEU T 103 32.91 123.74 -0.76
CA LEU T 103 32.54 122.36 -1.01
C LEU T 103 31.61 121.86 0.10
N PRO T 104 30.68 120.97 -0.23
CA PRO T 104 29.83 120.39 0.82
C PRO T 104 30.65 119.56 1.79
N ASP T 105 30.19 119.51 3.04
CA ASP T 105 31.04 119.07 4.14
C ASP T 105 31.57 117.66 3.96
N GLU T 106 30.92 116.85 3.14
CA GLU T 106 31.41 115.49 2.91
C GLU T 106 32.57 115.45 1.92
N VAL T 107 32.60 116.35 0.95
CA VAL T 107 33.72 116.39 0.02
C VAL T 107 35.00 116.80 0.73
N ILE T 108 34.92 117.71 1.70
CA ILE T 108 36.11 118.09 2.45
C ILE T 108 36.71 116.88 3.15
N SER T 109 35.87 116.08 3.81
CA SER T 109 36.37 114.86 4.43
C SER T 109 36.85 113.85 3.39
N TYR T 110 36.33 113.89 2.18
CA TYR T 110 36.88 113.03 1.13
C TYR T 110 38.31 113.41 0.78
N ILE T 111 38.56 114.69 0.49
CA ILE T 111 39.93 115.10 0.16
C ILE T 111 40.87 114.92 1.35
N ASN T 112 40.45 115.37 2.54
CA ASN T 112 41.35 115.37 3.68
C ASN T 112 41.69 113.98 4.20
N ASP T 113 40.98 112.95 3.77
CA ASP T 113 41.26 111.59 4.22
C ASP T 113 42.59 111.12 3.64
N PRO T 114 43.42 110.38 4.39
CA PRO T 114 44.78 110.08 3.91
C PRO T 114 44.88 108.97 2.89
N ARG T 115 43.92 108.05 2.80
CA ARG T 115 44.08 106.85 2.01
C ARG T 115 43.63 107.04 0.56
N ASN T 116 43.66 108.27 0.04
CA ASN T 116 43.21 108.55 -1.32
C ASN T 116 44.26 109.20 -2.20
N ASP T 117 45.22 109.93 -1.64
CA ASP T 117 46.25 110.63 -2.41
C ASP T 117 45.61 111.50 -3.50
N ILE T 118 44.86 112.49 -3.04
CA ILE T 118 43.96 113.27 -3.89
C ILE T 118 44.39 114.74 -3.93
N THR T 119 45.71 114.98 -3.94
CA THR T 119 46.23 116.32 -4.13
C THR T 119 45.58 117.02 -5.31
N ILE T 120 44.88 118.12 -5.08
CA ILE T 120 43.97 118.72 -6.05
C ILE T 120 44.38 120.13 -6.44
N SER T 121 44.35 121.06 -5.48
CA SER T 121 44.31 122.49 -5.81
C SER T 121 45.69 123.13 -5.81
N GLY T 122 46.48 122.87 -4.78
CA GLY T 122 47.67 123.66 -4.57
C GLY T 122 47.36 125.07 -4.12
N ILE T 123 46.18 125.27 -3.51
CA ILE T 123 45.75 126.61 -3.09
C ILE T 123 45.41 126.55 -1.62
N ASP T 124 45.50 127.70 -0.96
CA ASP T 124 45.41 127.79 0.49
C ASP T 124 43.96 127.73 0.97
N ASN T 125 43.78 127.16 2.16
CA ASN T 125 42.59 127.36 2.97
C ASN T 125 41.32 126.96 2.23
N ILE T 126 41.20 125.67 1.96
CA ILE T 126 39.92 125.11 1.57
C ILE T 126 38.92 125.37 2.70
N ASN T 127 37.63 125.36 2.35
CA ASN T 127 36.45 125.76 3.12
C ASN T 127 36.26 127.27 3.15
N ALA T 128 37.23 128.08 2.73
CA ALA T 128 37.03 129.52 2.64
C ALA T 128 38.11 130.12 1.75
N GLN T 129 37.81 130.38 0.48
CA GLN T 129 36.68 129.83 -0.26
C GLN T 129 37.21 129.78 -1.69
N LEU T 130 36.64 128.96 -2.57
CA LEU T 130 37.24 128.74 -3.89
C LEU T 130 36.23 129.06 -4.99
N GLY T 131 36.06 130.35 -5.28
CA GLY T 131 35.55 130.85 -6.54
C GLY T 131 34.40 130.10 -7.18
N ALA T 132 34.37 130.12 -8.53
CA ALA T 132 33.62 129.14 -9.29
C ALA T 132 34.36 128.69 -10.55
N GLY T 133 35.54 129.25 -10.83
CA GLY T 133 36.29 128.87 -12.01
C GLY T 133 37.52 128.08 -11.63
N ASP T 134 37.85 128.11 -10.34
CA ASP T 134 38.87 127.23 -9.79
C ASP T 134 38.26 126.03 -9.07
N LEU T 135 36.94 126.02 -8.88
CA LEU T 135 36.23 124.84 -8.42
C LEU T 135 36.18 123.78 -9.53
N GLN T 136 36.33 124.21 -10.77
CA GLN T 136 36.45 123.27 -11.88
C GLN T 136 37.70 122.42 -11.75
N THR T 137 38.77 122.98 -11.21
CA THR T 137 39.98 122.20 -10.97
C THR T 137 39.72 121.10 -9.95
N VAL T 138 39.00 121.41 -8.88
CA VAL T 138 38.67 120.39 -7.89
C VAL T 138 37.81 119.30 -8.51
N LYS T 139 36.79 119.70 -9.27
CA LYS T 139 35.93 118.69 -9.91
C LYS T 139 36.72 117.81 -10.86
N ALA T 140 37.61 118.40 -11.66
CA ALA T 140 38.42 117.61 -12.58
C ALA T 140 39.40 116.70 -11.86
N ALA T 141 40.04 117.16 -10.80
CA ALA T 141 40.98 116.32 -10.08
C ALA T 141 40.30 115.24 -9.25
N ILE T 142 39.02 115.41 -8.90
CA ILE T 142 38.29 114.32 -8.25
C ILE T 142 37.79 113.32 -9.27
N SER T 143 37.19 113.79 -10.36
CA SER T 143 36.66 112.90 -11.38
C SER T 143 37.72 112.41 -12.34
N ALA T 144 38.99 112.69 -12.11
CA ALA T 144 40.05 112.03 -12.86
C ALA T 144 40.57 110.78 -12.19
N LYS T 145 40.31 110.60 -10.89
CA LYS T 145 40.65 109.38 -10.20
C LYS T 145 39.51 108.38 -10.25
N ALA T 146 38.39 108.75 -10.85
CA ALA T 146 37.29 107.83 -11.09
C ALA T 146 37.47 107.01 -12.36
N ASN T 147 38.49 107.29 -13.15
CA ASN T 147 38.68 106.64 -14.44
C ASN T 147 39.70 105.51 -14.35
N ASN T 148 39.44 104.54 -13.47
CA ASN T 148 40.39 103.46 -13.22
C ASN T 148 39.79 102.08 -13.42
N LEU T 149 38.93 101.91 -14.44
CA LEU T 149 38.38 100.60 -14.74
C LEU T 149 39.03 99.95 -15.94
N THR T 150 40.10 100.52 -16.49
CA THR T 150 40.84 99.84 -17.53
C THR T 150 42.18 99.31 -17.05
N THR T 151 42.75 99.90 -16.00
CA THR T 151 43.95 99.31 -15.42
C THR T 151 43.66 97.99 -14.73
N THR T 152 42.40 97.73 -14.36
CA THR T 152 42.01 96.48 -13.75
C THR T 152 41.32 95.53 -14.72
N VAL T 153 41.24 95.91 -15.99
CA VAL T 153 40.88 94.98 -17.06
C VAL T 153 42.10 94.59 -17.87
N ASN T 154 43.09 95.47 -17.98
CA ASN T 154 44.33 95.09 -18.64
C ASN T 154 45.12 94.12 -17.78
N ASN T 155 45.08 94.29 -16.46
CA ASN T 155 45.89 93.50 -15.54
C ASN T 155 45.27 92.14 -15.21
N SER T 156 44.01 91.92 -15.53
CA SER T 156 43.29 90.76 -15.00
C SER T 156 42.46 90.10 -16.09
N GLN T 157 43.04 89.84 -17.25
CA GLN T 157 42.35 89.10 -18.28
C GLN T 157 43.04 87.81 -18.67
N LEU T 158 44.35 87.70 -18.45
CA LEU T 158 45.05 86.44 -18.68
C LEU T 158 45.08 85.58 -17.43
N GLU T 159 44.61 86.09 -16.31
CA GLU T 159 44.43 85.29 -15.11
C GLU T 159 43.03 84.70 -15.03
N ILE T 160 42.02 85.52 -15.30
CA ILE T 160 40.66 85.00 -15.30
C ILE T 160 40.48 83.96 -16.39
N GLN T 161 41.20 84.08 -17.49
CA GLN T 161 41.37 83.01 -18.47
C GLN T 161 41.60 81.68 -17.77
N GLN T 162 42.69 81.59 -17.04
CA GLN T 162 43.12 80.31 -16.46
C GLN T 162 42.26 79.89 -15.27
N MET T 163 41.87 80.84 -14.42
CA MET T 163 40.99 80.50 -13.30
C MET T 163 39.65 79.94 -13.80
N SER T 164 39.04 80.61 -14.78
CA SER T 164 37.79 80.13 -15.33
C SER T 164 37.94 78.80 -16.04
N ASN T 165 39.03 78.60 -16.79
CA ASN T 165 39.19 77.31 -17.44
C ASN T 165 39.38 76.19 -16.41
N THR T 166 40.30 76.37 -15.46
CA THR T 166 40.58 75.32 -14.49
C THR T 166 39.37 74.99 -13.64
N LEU T 167 38.61 76.00 -13.24
CA LEU T 167 37.54 75.77 -12.27
C LEU T 167 36.43 74.94 -12.91
N ASN T 168 36.10 75.21 -14.17
CA ASN T 168 35.23 74.35 -14.96
C ASN T 168 35.84 72.97 -15.15
N LEU T 169 37.12 72.92 -15.50
CA LEU T 169 37.79 71.67 -15.81
C LEU T 169 37.84 70.74 -14.62
N LEU T 170 37.60 71.29 -13.43
CA LEU T 170 37.65 70.56 -12.18
C LEU T 170 36.26 70.20 -11.65
N THR T 171 35.28 71.08 -11.84
CA THR T 171 33.88 70.69 -11.63
C THR T 171 33.51 69.49 -12.50
N SER T 172 33.84 69.56 -13.79
CA SER T 172 33.48 68.48 -14.70
C SER T 172 34.30 67.22 -14.50
N ALA T 173 35.35 67.27 -13.68
CA ALA T 173 36.09 66.07 -13.32
C ALA T 173 35.63 65.47 -12.02
N ARG T 174 35.09 66.29 -11.12
CA ARG T 174 34.54 65.82 -9.87
C ARG T 174 33.28 65.02 -10.17
N SER T 175 32.50 65.55 -11.11
CA SER T 175 31.24 64.95 -11.55
C SER T 175 31.41 63.59 -12.22
N ASP T 176 32.45 63.46 -13.02
CA ASP T 176 32.71 62.21 -13.72
C ASP T 176 32.94 61.14 -12.66
N MET T 177 33.65 61.53 -11.61
CA MET T 177 33.94 60.63 -10.51
C MET T 177 32.65 60.17 -9.81
N GLN T 178 31.71 61.10 -9.65
CA GLN T 178 30.44 60.75 -8.98
C GLN T 178 29.60 59.79 -9.82
N SER T 179 29.53 60.02 -11.13
CA SER T 179 28.78 59.11 -11.98
C SER T 179 29.40 57.72 -11.99
N LEU T 180 30.72 57.62 -12.07
CA LEU T 180 31.38 56.32 -12.02
C LEU T 180 31.15 55.63 -10.70
N GLN T 181 31.20 56.37 -9.59
CA GLN T 181 30.94 55.79 -8.27
C GLN T 181 29.55 55.21 -8.20
N TYR T 182 28.57 55.88 -8.82
CA TYR T 182 27.23 55.33 -8.86
C TYR T 182 27.17 54.07 -9.71
N ARG T 183 27.71 54.11 -10.92
CA ARG T 183 27.55 52.98 -11.82
C ARG T 183 28.34 51.76 -11.39
N THR T 184 29.37 51.92 -10.57
CA THR T 184 30.13 50.77 -10.10
C THR T 184 29.35 49.95 -9.09
N ILE T 185 28.62 50.62 -8.19
CA ILE T 185 27.92 49.92 -7.13
C ILE T 185 26.54 49.42 -7.59
N SER T 186 26.02 49.96 -8.68
CA SER T 186 24.73 49.49 -9.19
C SER T 186 24.79 48.08 -9.73
N GLY T 187 25.98 47.57 -10.05
CA GLY T 187 26.15 46.26 -10.63
C GLY T 187 26.25 45.12 -9.64
N ILE T 188 26.07 45.37 -8.35
CA ILE T 188 26.11 44.34 -7.33
C ILE T 188 24.68 43.95 -6.98
N SER T 189 24.31 42.71 -7.28
CA SER T 189 22.96 42.20 -7.04
C SER T 189 22.99 41.29 -5.82
N LEU T 190 22.16 41.59 -4.83
CA LEU T 190 22.16 40.86 -3.56
C LEU T 190 21.26 39.64 -3.68
N GLY T 191 21.77 38.49 -3.26
CA GLY T 191 20.97 37.27 -3.25
C GLY T 191 20.64 36.70 -4.61
N LYS T 192 21.47 36.98 -5.63
CA LYS T 192 21.21 36.44 -6.95
C LYS T 192 22.48 35.85 -7.56
N SER U 19 -78.54 -91.59 55.92
CA SER U 19 -78.09 -92.56 54.93
C SER U 19 -77.79 -93.91 55.59
N MET U 20 -77.76 -93.92 56.92
CA MET U 20 -77.51 -95.13 57.68
C MET U 20 -78.62 -95.32 58.72
N ALA U 21 -78.47 -96.38 59.51
CA ALA U 21 -79.51 -96.78 60.46
C ALA U 21 -79.55 -95.87 61.67
N TYR U 22 -78.41 -95.68 62.34
CA TYR U 22 -78.37 -94.97 63.60
C TYR U 22 -77.88 -93.54 63.37
N ASP U 23 -78.62 -92.58 63.90
CA ASP U 23 -78.32 -91.15 63.74
C ASP U 23 -77.49 -90.64 64.90
N LEU U 24 -76.20 -90.98 64.91
CA LEU U 24 -75.30 -90.64 65.99
C LEU U 24 -75.06 -89.14 66.14
N GLY U 25 -75.69 -88.31 65.31
CA GLY U 25 -75.47 -86.88 65.38
C GLY U 25 -76.17 -86.21 66.54
N SER U 26 -77.15 -86.86 67.15
CA SER U 26 -77.89 -86.31 68.27
C SER U 26 -77.62 -87.02 69.59
N MET U 27 -77.36 -88.33 69.56
CA MET U 27 -77.16 -89.09 70.77
C MET U 27 -75.93 -88.60 71.53
N SER U 28 -76.09 -88.46 72.85
CA SER U 28 -74.98 -88.02 73.69
C SER U 28 -73.94 -89.13 73.79
N LYS U 29 -72.90 -88.89 74.58
CA LYS U 29 -71.83 -89.88 74.68
C LYS U 29 -72.28 -91.11 75.46
N ASP U 30 -73.00 -90.90 76.56
CA ASP U 30 -73.43 -92.04 77.37
C ASP U 30 -74.54 -92.84 76.72
N ASP U 31 -75.11 -92.35 75.62
CA ASP U 31 -76.01 -93.15 74.80
C ASP U 31 -75.28 -93.81 73.65
N VAL U 32 -74.26 -93.17 73.10
CA VAL U 32 -73.45 -93.80 72.07
C VAL U 32 -72.71 -95.01 72.65
N ILE U 33 -72.22 -94.91 73.88
CA ILE U 33 -71.51 -96.04 74.47
C ILE U 33 -72.45 -97.21 74.67
N ASP U 34 -73.67 -96.95 75.16
CA ASP U 34 -74.63 -98.04 75.35
C ASP U 34 -75.08 -98.62 74.01
N LEU U 35 -75.18 -97.78 72.98
CA LEU U 35 -75.45 -98.28 71.64
C LEU U 35 -74.35 -99.22 71.16
N PHE U 36 -73.10 -98.79 71.28
CA PHE U 36 -71.98 -99.63 70.86
C PHE U 36 -71.88 -100.90 71.67
N ASN U 37 -72.30 -100.87 72.93
CA ASN U 37 -72.36 -102.11 73.69
C ASN U 37 -73.47 -103.03 73.20
N LYS U 38 -74.59 -102.47 72.75
CA LYS U 38 -75.62 -103.31 72.16
C LYS U 38 -75.11 -104.02 70.90
N LEU U 39 -74.38 -103.32 70.05
CA LEU U 39 -73.71 -103.94 68.91
C LEU U 39 -72.47 -104.67 69.42
N GLY U 40 -71.64 -105.13 68.50
CA GLY U 40 -70.43 -105.84 68.87
C GLY U 40 -69.30 -104.88 69.16
N VAL U 41 -68.07 -105.39 69.01
CA VAL U 41 -66.89 -104.55 69.05
C VAL U 41 -66.39 -104.21 67.66
N PHE U 42 -66.58 -105.09 66.68
CA PHE U 42 -66.18 -104.82 65.30
C PHE U 42 -67.19 -103.93 64.57
N GLN U 43 -68.48 -104.12 64.85
CA GLN U 43 -69.45 -103.26 64.20
C GLN U 43 -69.61 -101.91 64.86
N ALA U 44 -69.20 -101.75 66.12
CA ALA U 44 -69.01 -100.40 66.62
C ALA U 44 -67.96 -99.67 65.81
N ALA U 45 -66.85 -100.36 65.50
CA ALA U 45 -65.83 -99.75 64.66
C ALA U 45 -66.37 -99.45 63.27
N ILE U 46 -67.18 -100.34 62.70
CA ILE U 46 -67.71 -100.05 61.37
C ILE U 46 -68.66 -98.87 61.38
N LEU U 47 -69.54 -98.73 62.39
CA LEU U 47 -70.34 -97.51 62.46
C LEU U 47 -69.49 -96.27 62.65
N MET U 48 -68.48 -96.34 63.51
CA MET U 48 -67.66 -95.15 63.75
C MET U 48 -66.99 -94.70 62.46
N PHE U 49 -66.45 -95.66 61.69
CA PHE U 49 -65.82 -95.31 60.42
C PHE U 49 -66.82 -94.89 59.37
N ALA U 50 -68.02 -95.46 59.36
CA ALA U 50 -69.02 -95.05 58.37
C ALA U 50 -69.52 -93.65 58.64
N TYR U 51 -69.73 -93.29 59.90
CA TYR U 51 -70.13 -91.93 60.21
C TYR U 51 -69.01 -90.93 59.95
N MET U 52 -67.76 -91.29 60.25
CA MET U 52 -66.67 -90.40 59.89
C MET U 52 -66.58 -90.23 58.37
N TYR U 53 -66.82 -91.29 57.61
CA TYR U 53 -66.84 -91.17 56.16
C TYR U 53 -67.97 -90.27 55.68
N GLN U 54 -69.15 -90.38 56.28
CA GLN U 54 -70.23 -89.48 55.89
C GLN U 54 -69.89 -88.03 56.19
N ALA U 55 -69.33 -87.76 57.36
CA ALA U 55 -68.98 -86.37 57.69
C ALA U 55 -67.94 -85.82 56.71
N GLN U 56 -66.91 -86.61 56.40
CA GLN U 56 -65.89 -86.15 55.46
C GLN U 56 -66.45 -85.96 54.06
N SER U 57 -67.30 -86.89 53.61
CA SER U 57 -67.86 -86.73 52.27
C SER U 57 -68.78 -85.53 52.19
N ASP U 58 -69.52 -85.24 53.26
CA ASP U 58 -70.36 -84.06 53.26
C ASP U 58 -69.54 -82.78 53.20
N LEU U 59 -68.43 -82.70 53.96
CA LEU U 59 -67.55 -81.55 53.82
C LEU U 59 -67.06 -81.41 52.39
N SER U 60 -66.53 -82.49 51.82
CA SER U 60 -65.94 -82.38 50.49
C SER U 60 -66.97 -82.03 49.44
N ILE U 61 -68.17 -82.61 49.51
CA ILE U 61 -69.18 -82.30 48.50
C ILE U 61 -69.71 -80.87 48.65
N ALA U 62 -69.89 -80.40 49.89
CA ALA U 62 -70.24 -79.00 50.05
C ALA U 62 -69.13 -78.07 49.58
N LYS U 63 -67.89 -78.56 49.53
CA LYS U 63 -66.82 -77.80 48.88
C LYS U 63 -66.94 -77.84 47.36
N PHE U 64 -67.30 -78.99 46.80
CA PHE U 64 -67.38 -79.15 45.35
C PHE U 64 -68.53 -78.38 44.75
N ALA U 65 -69.54 -78.01 45.53
CA ALA U 65 -70.65 -77.23 45.02
C ALA U 65 -70.42 -75.73 45.14
N ASP U 66 -69.30 -75.31 45.72
CA ASP U 66 -68.86 -73.93 45.68
C ASP U 66 -67.97 -73.62 44.48
N MET U 67 -67.61 -74.64 43.70
CA MET U 67 -66.85 -74.44 42.48
C MET U 67 -67.70 -74.56 41.24
N ASN U 68 -68.75 -75.39 41.28
CA ASN U 68 -69.76 -75.32 40.24
C ASN U 68 -70.43 -73.96 40.19
N GLU U 69 -70.43 -73.19 41.28
CA GLU U 69 -70.89 -71.81 41.19
C GLU U 69 -70.01 -71.01 40.23
N ALA U 70 -68.70 -71.16 40.35
CA ALA U 70 -67.79 -70.44 39.47
C ALA U 70 -67.96 -70.89 38.03
N SER U 71 -68.05 -72.21 37.79
CA SER U 71 -68.22 -72.65 36.41
C SER U 71 -69.59 -72.26 35.84
N LYS U 72 -70.64 -72.25 36.65
CA LYS U 72 -71.93 -71.78 36.18
C LYS U 72 -71.89 -70.31 35.79
N GLU U 73 -71.25 -69.49 36.61
CA GLU U 73 -71.10 -68.08 36.25
C GLU U 73 -70.33 -67.93 34.95
N SER U 74 -69.27 -68.71 34.77
CA SER U 74 -68.49 -68.60 33.54
C SER U 74 -69.31 -68.98 32.32
N THR U 75 -70.08 -70.07 32.40
CA THR U 75 -70.84 -70.46 31.21
C THR U 75 -71.96 -69.47 30.90
N THR U 76 -72.65 -68.93 31.92
CA THR U 76 -73.69 -67.95 31.62
C THR U 76 -73.08 -66.67 31.04
N ALA U 77 -71.95 -66.22 31.57
CA ALA U 77 -71.31 -65.03 31.01
C ALA U 77 -70.88 -65.26 29.58
N GLN U 78 -70.33 -66.44 29.28
CA GLN U 78 -69.94 -66.75 27.91
C GLN U 78 -71.14 -66.77 26.98
N LYS U 79 -72.27 -67.32 27.42
CA LYS U 79 -73.46 -67.32 26.59
C LYS U 79 -73.93 -65.90 26.28
N MET U 80 -73.94 -65.03 27.30
CA MET U 80 -74.34 -63.64 27.06
C MET U 80 -73.38 -62.95 26.10
N ALA U 81 -72.07 -63.14 26.28
CA ALA U 81 -71.10 -62.53 25.38
C ALA U 81 -71.30 -63.03 23.95
N ASN U 82 -71.62 -64.30 23.77
CA ASN U 82 -71.88 -64.80 22.43
C ASN U 82 -73.15 -64.23 21.82
N LEU U 83 -74.18 -63.95 22.63
CA LEU U 83 -75.35 -63.25 22.09
C LEU U 83 -74.98 -61.85 21.63
N VAL U 84 -74.15 -61.15 22.40
CA VAL U 84 -73.73 -59.81 21.98
C VAL U 84 -72.88 -59.88 20.72
N ASP U 85 -72.04 -60.90 20.57
CA ASP U 85 -71.31 -61.09 19.32
C ASP U 85 -72.23 -61.37 18.15
N ALA U 86 -73.24 -62.22 18.34
CA ALA U 86 -74.22 -62.43 17.27
C ALA U 86 -74.91 -61.14 16.87
N LYS U 87 -75.18 -60.26 17.84
CA LYS U 87 -75.75 -58.95 17.54
C LYS U 87 -74.79 -58.03 16.78
N ILE U 88 -73.50 -58.04 17.13
CA ILE U 88 -72.54 -57.20 16.41
C ILE U 88 -72.37 -57.66 14.97
N ALA U 89 -72.44 -58.97 14.73
CA ALA U 89 -72.22 -59.50 13.38
C ALA U 89 -73.30 -59.11 12.39
N ASP U 90 -74.23 -58.25 12.79
CA ASP U 90 -75.23 -57.69 11.90
C ASP U 90 -75.20 -56.17 11.84
N VAL U 91 -74.45 -55.53 12.71
CA VAL U 91 -74.32 -54.08 12.70
C VAL U 91 -72.94 -53.73 12.16
N GLN U 92 -72.06 -54.74 12.13
CA GLN U 92 -70.80 -54.57 11.41
C GLN U 92 -71.01 -54.71 9.90
N SER U 93 -71.88 -55.61 9.48
CA SER U 93 -72.23 -55.77 8.08
C SER U 93 -73.29 -54.76 7.63
N SER U 94 -73.61 -53.79 8.46
CA SER U 94 -74.62 -52.81 8.13
C SER U 94 -74.05 -51.78 7.16
N SER U 95 -74.76 -51.58 6.03
CA SER U 95 -74.29 -50.66 5.01
C SER U 95 -74.25 -49.23 5.51
N ASP U 96 -75.15 -48.88 6.44
CA ASP U 96 -75.29 -47.52 6.92
C ASP U 96 -74.18 -47.22 7.93
N LYS U 97 -74.31 -46.12 8.66
CA LYS U 97 -73.46 -45.91 9.83
C LYS U 97 -73.75 -46.96 10.88
N ASN U 98 -72.72 -47.41 11.57
CA ASN U 98 -72.88 -48.55 12.48
C ASN U 98 -73.42 -48.15 13.84
N ALA U 99 -74.54 -47.40 13.86
CA ALA U 99 -75.28 -47.18 15.10
C ALA U 99 -76.75 -47.48 14.81
N LYS U 100 -77.08 -48.77 14.79
CA LYS U 100 -78.45 -49.28 14.84
C LYS U 100 -78.34 -50.65 15.48
N ALA U 101 -78.46 -50.71 16.80
CA ALA U 101 -78.21 -51.95 17.51
C ALA U 101 -78.80 -51.88 18.90
N GLN U 102 -79.32 -53.02 19.35
CA GLN U 102 -79.79 -53.18 20.71
C GLN U 102 -79.41 -54.58 21.17
N LEU U 103 -79.16 -54.71 22.45
CA LEU U 103 -78.88 -56.04 22.98
C LEU U 103 -80.15 -56.88 22.96
N PRO U 104 -80.02 -58.19 22.76
CA PRO U 104 -81.20 -59.05 22.82
C PRO U 104 -81.77 -59.08 24.23
N ASP U 105 -83.09 -59.28 24.31
CA ASP U 105 -83.83 -58.96 25.53
C ASP U 105 -83.33 -59.73 26.74
N GLU U 106 -82.66 -60.87 26.53
CA GLU U 106 -82.14 -61.63 27.66
C GLU U 106 -80.85 -61.03 28.23
N VAL U 107 -80.03 -60.42 27.38
CA VAL U 107 -78.81 -59.80 27.88
C VAL U 107 -79.13 -58.59 28.76
N ILE U 108 -80.19 -57.84 28.42
CA ILE U 108 -80.59 -56.72 29.27
C ILE U 108 -80.93 -57.21 30.67
N SER U 109 -81.71 -58.27 30.77
CA SER U 109 -82.01 -58.83 32.08
C SER U 109 -80.77 -59.43 32.75
N TYR U 110 -79.78 -59.86 31.97
CA TYR U 110 -78.53 -60.29 32.58
C TYR U 110 -77.80 -59.13 33.27
N ILE U 111 -77.60 -58.02 32.56
CA ILE U 111 -76.92 -56.88 33.19
C ILE U 111 -77.75 -56.29 34.33
N ASN U 112 -79.05 -56.09 34.11
CA ASN U 112 -79.86 -55.40 35.11
C ASN U 112 -80.09 -56.21 36.39
N ASP U 113 -79.77 -57.49 36.39
CA ASP U 113 -79.97 -58.30 37.58
C ASP U 113 -78.95 -57.90 38.64
N PRO U 114 -79.34 -57.87 39.93
CA PRO U 114 -78.44 -57.31 40.95
C PRO U 114 -77.30 -58.21 41.41
N ARG U 115 -77.42 -59.53 41.27
CA ARG U 115 -76.48 -60.44 41.88
C ARG U 115 -75.26 -60.73 41.01
N ASN U 116 -74.91 -59.82 40.10
CA ASN U 116 -73.79 -60.03 39.19
C ASN U 116 -72.71 -58.95 39.26
N ASP U 117 -73.03 -57.74 39.68
CA ASP U 117 -72.07 -56.63 39.73
C ASP U 117 -71.33 -56.48 38.41
N ILE U 118 -72.11 -56.13 37.38
CA ILE U 118 -71.67 -56.19 36.00
C ILE U 118 -71.67 -54.79 35.38
N THR U 119 -71.28 -53.79 36.16
CA THR U 119 -71.10 -52.44 35.64
C THR U 119 -70.25 -52.44 34.37
N ILE U 120 -70.82 -51.99 33.25
CA ILE U 120 -70.24 -52.22 31.93
C ILE U 120 -69.91 -50.90 31.23
N SER U 121 -70.94 -50.11 30.91
CA SER U 121 -70.80 -49.06 29.90
C SER U 121 -70.46 -47.69 30.48
N GLY U 122 -71.17 -47.29 31.52
CA GLY U 122 -71.09 -45.91 31.94
C GLY U 122 -71.78 -44.98 30.98
N ILE U 123 -72.73 -45.49 30.20
CA ILE U 123 -73.40 -44.70 29.17
C ILE U 123 -74.90 -44.80 29.42
N ASP U 124 -75.63 -43.78 28.95
CA ASP U 124 -77.03 -43.62 29.28
C ASP U 124 -77.92 -44.52 28.42
N ASN U 125 -79.04 -44.95 29.02
CA ASN U 125 -80.20 -45.45 28.28
C ASN U 125 -79.82 -46.63 27.38
N ILE U 126 -79.45 -47.73 28.04
CA ILE U 126 -79.41 -49.00 27.34
C ILE U 126 -80.81 -49.31 26.80
N ASN U 127 -80.87 -50.16 25.78
CA ASN U 127 -81.99 -50.51 24.92
C ASN U 127 -82.25 -49.46 23.84
N ALA U 128 -81.66 -48.28 23.91
CA ALA U 128 -81.79 -47.31 22.83
C ALA U 128 -80.70 -46.25 22.97
N GLN U 129 -79.61 -46.39 22.20
CA GLN U 129 -79.19 -47.59 21.51
C GLN U 129 -77.67 -47.45 21.48
N LEU U 130 -76.92 -48.53 21.32
CA LEU U 130 -75.47 -48.47 21.47
C LEU U 130 -74.76 -48.97 20.22
N GLY U 131 -74.69 -48.11 19.20
CA GLY U 131 -73.69 -48.18 18.14
C GLY U 131 -73.35 -49.55 17.59
N ALA U 132 -72.11 -49.70 17.15
CA ALA U 132 -71.48 -51.01 16.99
C ALA U 132 -70.02 -51.02 17.41
N GLY U 133 -69.46 -49.89 17.83
CA GLY U 133 -68.08 -49.84 18.25
C GLY U 133 -67.98 -49.63 19.74
N ASP U 134 -69.10 -49.25 20.35
CA ASP U 134 -69.22 -49.25 21.80
C ASP U 134 -69.94 -50.48 22.33
N LEU U 135 -70.53 -51.29 21.45
CA LEU U 135 -71.02 -52.60 21.83
C LEU U 135 -69.88 -53.56 22.11
N GLN U 136 -68.70 -53.27 21.57
CA GLN U 136 -67.51 -54.04 21.90
C GLN U 136 -67.16 -53.90 23.38
N THR U 137 -67.41 -52.73 23.96
CA THR U 137 -67.18 -52.56 25.39
C THR U 137 -68.10 -53.45 26.21
N VAL U 138 -69.37 -53.56 25.82
CA VAL U 138 -70.29 -54.44 26.52
C VAL U 138 -69.85 -55.88 26.39
N LYS U 139 -69.46 -56.31 25.18
CA LYS U 139 -69.01 -57.68 25.00
C LYS U 139 -67.77 -57.97 25.83
N ALA U 140 -66.81 -57.05 25.86
CA ALA U 140 -65.61 -57.24 26.65
C ALA U 140 -65.88 -57.26 28.14
N ALA U 141 -66.75 -56.38 28.64
CA ALA U 141 -67.05 -56.36 30.06
C ALA U 141 -67.92 -57.53 30.50
N ILE U 142 -68.66 -58.17 29.58
CA ILE U 142 -69.37 -59.39 29.92
C ILE U 142 -68.44 -60.60 29.88
N SER U 143 -67.64 -60.71 28.83
CA SER U 143 -66.74 -61.85 28.71
C SER U 143 -65.44 -61.67 29.48
N ALA U 144 -65.32 -60.63 30.28
CA ALA U 144 -64.21 -60.55 31.22
C ALA U 144 -64.55 -61.12 32.58
N LYS U 145 -65.83 -61.29 32.90
CA LYS U 145 -66.25 -61.94 34.13
C LYS U 145 -66.43 -63.44 33.92
N ALA U 146 -66.24 -63.92 32.69
CA ALA U 146 -66.23 -65.34 32.42
C ALA U 146 -64.89 -65.99 32.67
N ASN U 147 -63.86 -65.22 32.98
CA ASN U 147 -62.51 -65.74 33.14
C ASN U 147 -62.16 -65.96 34.61
N ASN U 148 -62.96 -66.78 35.29
CA ASN U 148 -62.79 -66.99 36.73
C ASN U 148 -62.62 -68.45 37.09
N LEU U 149 -61.89 -69.23 36.28
CA LEU U 149 -61.63 -70.63 36.61
C LEU U 149 -60.22 -70.84 37.12
N THR U 150 -59.45 -69.79 37.37
CA THR U 150 -58.16 -69.96 38.00
C THR U 150 -58.15 -69.48 39.44
N THR U 151 -59.03 -68.56 39.82
CA THR U 151 -59.15 -68.19 41.21
C THR U 151 -59.74 -69.32 42.04
N THR U 152 -60.45 -70.27 41.41
CA THR U 152 -61.00 -71.42 42.10
C THR U 152 -60.18 -72.68 41.90
N VAL U 153 -59.04 -72.58 41.23
CA VAL U 153 -58.04 -73.63 41.22
C VAL U 153 -56.85 -73.26 42.10
N ASN U 154 -56.55 -71.97 42.21
CA ASN U 154 -55.51 -71.56 43.15
C ASN U 154 -55.98 -71.71 44.59
N ASN U 155 -57.26 -71.47 44.85
CA ASN U 155 -57.80 -71.48 46.20
C ASN U 155 -58.13 -72.86 46.71
N SER U 156 -58.19 -73.87 45.85
CA SER U 156 -58.77 -75.15 46.22
C SER U 156 -57.92 -76.31 45.70
N GLN U 157 -56.62 -76.26 45.92
CA GLN U 157 -55.76 -77.38 45.58
C GLN U 157 -55.04 -77.99 46.77
N LEU U 158 -54.83 -77.23 47.85
CA LEU U 158 -54.27 -77.77 49.06
C LEU U 158 -55.33 -78.30 50.00
N GLU U 159 -56.61 -78.07 49.69
CA GLU U 159 -57.69 -78.68 50.43
C GLU U 159 -58.11 -80.00 49.82
N ILE U 160 -58.28 -80.04 48.49
CA ILE U 160 -58.62 -81.28 47.84
C ILE U 160 -57.52 -82.31 48.03
N GLN U 161 -56.28 -81.88 48.13
CA GLN U 161 -55.19 -82.72 48.63
C GLN U 161 -55.62 -83.52 49.84
N GLN U 162 -55.98 -82.83 50.91
CA GLN U 162 -56.25 -83.49 52.18
C GLN U 162 -57.58 -84.22 52.20
N MET U 163 -58.62 -83.65 51.58
CA MET U 163 -59.89 -84.35 51.51
C MET U 163 -59.76 -85.65 50.75
N SER U 164 -59.10 -85.63 49.59
CA SER U 164 -58.91 -86.85 48.82
C SER U 164 -58.03 -87.85 49.54
N ASN U 165 -56.97 -87.41 50.22
CA ASN U 165 -56.16 -88.37 50.95
C ASN U 165 -56.94 -89.00 52.10
N THR U 166 -57.59 -88.18 52.93
CA THR U 166 -58.31 -88.72 54.09
C THR U 166 -59.44 -89.64 53.68
N LEU U 167 -60.17 -89.29 52.64
CA LEU U 167 -61.37 -90.04 52.31
C LEU U 167 -61.01 -91.45 51.83
N ASN U 168 -59.95 -91.57 51.03
CA ASN U 168 -59.36 -92.87 50.72
C ASN U 168 -58.85 -93.57 51.96
N LEU U 169 -58.12 -92.84 52.80
CA LEU U 169 -57.48 -93.42 53.96
C LEU U 169 -58.49 -93.98 54.95
N LEU U 170 -59.74 -93.58 54.80
CA LEU U 170 -60.83 -93.98 55.67
C LEU U 170 -61.72 -95.07 55.06
N THR U 171 -61.93 -95.02 53.74
CA THR U 171 -62.50 -96.18 53.04
C THR U 171 -61.66 -97.44 53.27
N SER U 172 -60.35 -97.31 53.08
CA SER U 172 -59.46 -98.47 53.20
C SER U 172 -59.26 -98.91 54.64
N ALA U 173 -59.73 -98.12 55.62
CA ALA U 173 -59.70 -98.54 57.01
C ALA U 173 -61.01 -99.16 57.45
N ARG U 174 -62.11 -98.77 56.82
CA ARG U 174 -63.41 -99.35 57.11
C ARG U 174 -63.41 -100.78 56.61
N SER U 175 -62.82 -100.96 55.43
CA SER U 175 -62.72 -102.26 54.77
C SER U 175 -61.88 -103.28 55.54
N ASP U 176 -60.78 -102.82 56.13
CA ASP U 176 -59.90 -103.69 56.88
C ASP U 176 -60.72 -104.26 58.04
N MET U 177 -61.54 -103.40 58.62
CA MET U 177 -62.40 -103.79 59.73
C MET U 177 -63.39 -104.87 59.30
N GLN U 178 -63.93 -104.74 58.09
CA GLN U 178 -64.91 -105.73 57.61
C GLN U 178 -64.25 -107.08 57.35
N SER U 179 -63.06 -107.09 56.76
CA SER U 179 -62.38 -108.35 56.53
C SER U 179 -62.02 -109.04 57.84
N LEU U 180 -61.53 -108.29 58.82
CA LEU U 180 -61.24 -108.88 60.12
C LEU U 180 -62.48 -109.42 60.80
N GLN U 181 -63.61 -108.70 60.72
CA GLN U 181 -64.85 -109.16 61.28
C GLN U 181 -65.27 -110.49 60.67
N TYR U 182 -65.06 -110.64 59.36
CA TYR U 182 -65.37 -111.92 58.72
C TYR U 182 -64.44 -113.02 59.22
N ARG U 183 -63.14 -112.77 59.20
CA ARG U 183 -62.20 -113.85 59.52
C ARG U 183 -62.23 -114.24 60.99
N THR U 184 -62.72 -113.38 61.88
CA THR U 184 -62.80 -113.74 63.29
C THR U 184 -63.90 -114.76 63.54
N ILE U 185 -65.04 -114.61 62.88
CA ILE U 185 -66.18 -115.48 63.13
C ILE U 185 -66.11 -116.77 62.33
N SER U 186 -65.28 -116.80 61.27
CA SER U 186 -65.14 -118.01 60.49
C SER U 186 -64.45 -119.13 61.25
N GLY U 187 -63.74 -118.81 62.32
CA GLY U 187 -62.98 -119.78 63.09
C GLY U 187 -63.76 -120.49 64.18
N ILE U 188 -65.06 -120.27 64.29
CA ILE U 188 -65.90 -120.94 65.27
C ILE U 188 -66.61 -122.09 64.59
N SER U 189 -66.30 -123.31 65.01
CA SER U 189 -66.89 -124.52 64.44
C SER U 189 -67.91 -125.08 65.40
N LEU U 190 -69.14 -125.26 64.92
CA LEU U 190 -70.25 -125.69 65.75
C LEU U 190 -70.27 -127.21 65.84
N GLY U 191 -70.39 -127.74 67.06
CA GLY U 191 -70.49 -129.16 67.24
C GLY U 191 -69.24 -129.96 66.95
N LYS U 192 -68.07 -129.34 67.06
CA LYS U 192 -66.83 -130.06 66.82
C LYS U 192 -65.81 -129.78 67.90
N SER V 19 -71.73 -82.07 26.05
CA SER V 19 -70.64 -83.00 25.76
C SER V 19 -70.55 -84.07 26.84
N MET V 20 -71.26 -83.86 27.95
CA MET V 20 -71.29 -84.79 29.06
C MET V 20 -72.72 -85.14 29.42
N ALA V 21 -72.87 -85.96 30.46
CA ALA V 21 -74.17 -86.50 30.83
C ALA V 21 -75.03 -85.44 31.52
N TYR V 22 -74.50 -84.82 32.57
CA TYR V 22 -75.29 -83.93 33.41
C TYR V 22 -75.01 -82.49 33.04
N ASP V 23 -76.07 -81.72 32.82
CA ASP V 23 -75.96 -80.32 32.40
C ASP V 23 -76.03 -79.40 33.62
N LEU V 24 -74.92 -79.32 34.35
CA LEU V 24 -74.85 -78.56 35.58
C LEU V 24 -74.98 -77.05 35.36
N GLY V 25 -75.18 -76.60 34.13
CA GLY V 25 -75.28 -75.18 33.86
C GLY V 25 -76.60 -74.56 34.26
N SER V 26 -77.63 -75.39 34.46
CA SER V 26 -78.94 -74.91 34.85
C SER V 26 -79.33 -75.28 36.28
N MET V 27 -78.89 -76.42 36.77
CA MET V 27 -79.27 -76.89 38.09
C MET V 27 -78.79 -75.93 39.17
N SER V 28 -79.67 -75.64 40.12
CA SER V 28 -79.31 -74.75 41.22
C SER V 28 -78.33 -75.45 42.15
N LYS V 29 -77.96 -74.78 43.24
CA LYS V 29 -76.98 -75.38 44.15
C LYS V 29 -77.58 -76.54 44.93
N ASP V 30 -78.80 -76.39 45.41
CA ASP V 30 -79.42 -77.45 46.20
C ASP V 30 -79.83 -78.65 45.36
N ASP V 31 -79.77 -78.53 44.04
CA ASP V 31 -79.90 -79.69 43.16
C ASP V 31 -78.56 -80.29 42.78
N VAL V 32 -77.53 -79.45 42.65
CA VAL V 32 -76.19 -79.98 42.40
C VAL V 32 -75.71 -80.79 43.60
N ILE V 33 -76.00 -80.35 44.82
CA ILE V 33 -75.58 -81.10 45.99
C ILE V 33 -76.26 -82.45 46.03
N ASP V 34 -77.56 -82.50 45.76
CA ASP V 34 -78.27 -83.78 45.76
C ASP V 34 -77.79 -84.67 44.63
N LEU V 35 -77.44 -84.09 43.49
CA LEU V 35 -76.84 -84.87 42.41
C LEU V 35 -75.52 -85.48 42.84
N PHE V 36 -74.64 -84.68 43.44
CA PHE V 36 -73.35 -85.20 43.89
C PHE V 36 -73.51 -86.23 44.99
N ASN V 37 -74.56 -86.13 45.80
CA ASN V 37 -74.82 -87.19 46.76
C ASN V 37 -75.30 -88.46 46.09
N LYS V 38 -76.05 -88.36 44.99
CA LYS V 38 -76.42 -89.55 44.25
C LYS V 38 -75.19 -90.27 43.70
N LEU V 39 -74.23 -89.51 43.16
CA LEU V 39 -72.96 -90.08 42.75
C LEU V 39 -72.11 -90.31 43.99
N GLY V 40 -70.85 -90.65 43.79
CA GLY V 40 -69.94 -90.87 44.91
C GLY V 40 -69.34 -89.58 45.42
N VAL V 41 -68.18 -89.71 46.05
CA VAL V 41 -67.37 -88.58 46.42
C VAL V 41 -66.25 -88.32 45.43
N PHE V 42 -65.71 -89.37 44.80
CA PHE V 42 -64.68 -89.22 43.79
C PHE V 42 -65.25 -88.81 42.44
N GLN V 43 -66.41 -89.32 42.08
CA GLN V 43 -66.99 -88.92 40.81
C GLN V 43 -67.71 -87.59 40.86
N ALA V 44 -68.09 -87.11 42.04
CA ALA V 44 -68.45 -85.71 42.14
C ALA V 44 -67.26 -84.84 41.78
N ALA V 45 -66.08 -85.19 42.28
CA ALA V 45 -64.87 -84.45 41.91
C ALA V 45 -64.58 -84.56 40.43
N ILE V 46 -64.78 -85.73 39.83
CA ILE V 46 -64.52 -85.84 38.41
C ILE V 46 -65.51 -85.02 37.57
N LEU V 47 -66.80 -84.99 37.93
CA LEU V 47 -67.70 -84.08 37.21
C LEU V 47 -67.32 -82.62 37.43
N MET V 48 -66.96 -82.23 38.65
CA MET V 48 -66.63 -80.83 38.88
C MET V 48 -65.44 -80.42 38.03
N PHE V 49 -64.41 -81.28 37.96
CA PHE V 49 -63.25 -80.97 37.14
C PHE V 49 -63.55 -81.04 35.65
N ALA V 50 -64.44 -81.95 35.22
CA ALA V 50 -64.76 -82.03 33.80
C ALA V 50 -65.55 -80.82 33.36
N TYR V 51 -66.48 -80.34 34.17
CA TYR V 51 -67.22 -79.14 33.81
C TYR V 51 -66.31 -77.90 33.85
N MET V 52 -65.41 -77.81 34.83
CA MET V 52 -64.46 -76.70 34.80
C MET V 52 -63.58 -76.76 33.56
N TYR V 53 -63.17 -77.95 33.14
CA TYR V 53 -62.41 -78.08 31.91
C TYR V 53 -63.20 -77.66 30.69
N GLN V 54 -64.49 -78.02 30.62
CA GLN V 54 -65.30 -77.57 29.49
C GLN V 54 -65.43 -76.05 29.47
N ALA V 55 -65.66 -75.44 30.63
CA ALA V 55 -65.79 -73.99 30.66
C ALA V 55 -64.50 -73.30 30.21
N GLN V 56 -63.35 -73.79 30.71
CA GLN V 56 -62.08 -73.19 30.31
C GLN V 56 -61.79 -73.42 28.83
N SER V 57 -62.07 -74.62 28.31
CA SER V 57 -61.81 -74.86 26.90
C SER V 57 -62.72 -74.03 26.03
N ASP V 58 -63.97 -73.80 26.44
CA ASP V 58 -64.85 -72.94 25.66
C ASP V 58 -64.34 -71.50 25.64
N LEU V 59 -63.89 -70.98 26.78
CA LEU V 59 -63.28 -69.64 26.75
C LEU V 59 -62.12 -69.60 25.78
N SER V 60 -61.19 -70.55 25.90
CA SER V 60 -59.99 -70.49 25.10
C SER V 60 -60.30 -70.64 23.61
N ILE V 61 -61.22 -71.53 23.25
CA ILE V 61 -61.53 -71.71 21.83
C ILE V 61 -62.28 -70.51 21.28
N ALA V 62 -63.19 -69.92 22.04
CA ALA V 62 -63.81 -68.69 21.59
C ALA V 62 -62.80 -67.55 21.47
N LYS V 63 -61.68 -67.63 22.19
CA LYS V 63 -60.57 -66.70 21.96
C LYS V 63 -59.82 -67.03 20.68
N PHE V 64 -59.61 -68.32 20.39
CA PHE V 64 -58.83 -68.71 19.22
C PHE V 64 -59.58 -68.44 17.92
N ALA V 65 -60.89 -68.27 17.96
CA ALA V 65 -61.64 -67.96 16.75
C ALA V 65 -61.77 -66.46 16.51
N ASP V 66 -61.24 -65.64 17.41
CA ASP V 66 -61.10 -64.20 17.17
C ASP V 66 -59.77 -63.85 16.55
N MET V 67 -58.87 -64.82 16.39
CA MET V 67 -57.60 -64.60 15.72
C MET V 67 -57.58 -65.18 14.32
N ASN V 68 -58.31 -66.26 14.08
CA ASN V 68 -58.58 -66.68 12.71
C ASN V 68 -59.33 -65.61 11.93
N GLU V 69 -60.05 -64.71 12.59
CA GLU V 69 -60.61 -63.57 11.87
C GLU V 69 -59.50 -62.71 11.29
N ALA V 70 -58.47 -62.43 12.08
CA ALA V 70 -57.35 -61.62 11.59
C ALA V 70 -56.60 -62.33 10.47
N SER V 71 -56.35 -63.63 10.63
CA SER V 71 -55.64 -64.33 9.55
C SER V 71 -56.49 -64.47 8.30
N LYS V 72 -57.81 -64.64 8.44
CA LYS V 72 -58.68 -64.68 7.27
C LYS V 72 -58.67 -63.35 6.53
N GLU V 73 -58.74 -62.23 7.27
CA GLU V 73 -58.65 -60.93 6.62
C GLU V 73 -57.33 -60.76 5.90
N SER V 74 -56.23 -61.21 6.52
CA SER V 74 -54.93 -61.06 5.86
C SER V 74 -54.86 -61.87 4.58
N THR V 75 -55.35 -63.11 4.59
CA THR V 75 -55.25 -63.90 3.36
C THR V 75 -56.15 -63.36 2.25
N THR V 76 -57.37 -62.91 2.58
CA THR V 76 -58.20 -62.34 1.52
C THR V 76 -57.61 -61.06 0.97
N ALA V 77 -57.05 -60.20 1.82
CA ALA V 77 -56.42 -58.98 1.33
C ALA V 77 -55.23 -59.30 0.45
N GLN V 78 -54.43 -60.30 0.83
CA GLN V 78 -53.30 -60.67 -0.01
C GLN V 78 -53.75 -61.22 -1.36
N LYS V 79 -54.82 -62.01 -1.38
CA LYS V 79 -55.33 -62.51 -2.66
C LYS V 79 -55.78 -61.35 -3.56
N MET V 80 -56.50 -60.38 -3.00
CA MET V 80 -56.93 -59.24 -3.80
C MET V 80 -55.73 -58.45 -4.33
N ALA V 81 -54.73 -58.21 -3.47
CA ALA V 81 -53.55 -57.49 -3.92
C ALA V 81 -52.82 -58.24 -5.02
N ASN V 82 -52.77 -59.57 -4.95
CA ASN V 82 -52.16 -60.34 -6.02
C ASN V 82 -52.95 -60.28 -7.31
N LEU V 83 -54.28 -60.20 -7.25
CA LEU V 83 -55.05 -59.99 -8.47
C LEU V 83 -54.72 -58.64 -9.10
N VAL V 84 -54.60 -57.60 -8.26
CA VAL V 84 -54.25 -56.28 -8.80
C VAL V 84 -52.83 -56.29 -9.39
N ASP V 85 -51.90 -57.02 -8.78
CA ASP V 85 -50.58 -57.17 -9.38
C ASP V 85 -50.63 -57.91 -10.71
N ALA V 86 -51.43 -58.98 -10.81
CA ALA V 86 -51.59 -59.65 -12.09
C ALA V 86 -52.14 -58.71 -13.15
N LYS V 87 -53.04 -57.81 -12.76
CA LYS V 87 -53.56 -56.81 -13.68
C LYS V 87 -52.52 -55.79 -14.10
N ILE V 88 -51.66 -55.34 -13.17
CA ILE V 88 -50.62 -54.37 -13.54
C ILE V 88 -49.60 -55.00 -14.48
N ALA V 89 -49.30 -56.28 -14.33
CA ALA V 89 -48.29 -56.94 -15.16
C ALA V 89 -48.68 -57.05 -16.62
N ASP V 90 -49.81 -56.47 -17.01
CA ASP V 90 -50.22 -56.39 -18.40
C ASP V 90 -50.41 -54.97 -18.89
N VAL V 91 -50.39 -53.98 -18.00
CA VAL V 91 -50.52 -52.58 -18.39
C VAL V 91 -49.15 -51.94 -18.24
N GLN V 92 -48.24 -52.61 -17.53
CA GLN V 92 -46.85 -52.20 -17.55
C GLN V 92 -46.17 -52.62 -18.83
N SER V 93 -46.49 -53.81 -19.34
CA SER V 93 -45.96 -54.29 -20.60
C SER V 93 -46.75 -53.74 -21.80
N SER V 94 -47.64 -52.79 -21.57
CA SER V 94 -48.44 -52.22 -22.64
C SER V 94 -47.61 -51.25 -23.46
N SER V 95 -47.59 -51.45 -24.78
CA SER V 95 -46.79 -50.62 -25.66
C SER V 95 -47.28 -49.17 -25.68
N ASP V 96 -48.58 -48.97 -25.46
CA ASP V 96 -49.20 -47.65 -25.55
C ASP V 96 -48.90 -46.88 -24.27
N LYS V 97 -49.59 -45.76 -24.06
CA LYS V 97 -49.58 -45.11 -22.76
C LYS V 97 -50.24 -46.03 -21.73
N ASN V 98 -49.70 -46.03 -20.51
CA ASN V 98 -50.14 -47.00 -19.51
C ASN V 98 -51.41 -46.55 -18.80
N ALA V 99 -52.45 -46.19 -19.56
CA ALA V 99 -53.79 -46.00 -18.98
C ALA V 99 -54.77 -46.78 -19.85
N LYS V 100 -54.82 -48.10 -19.65
CA LYS V 100 -55.88 -48.98 -20.13
C LYS V 100 -55.90 -50.13 -19.14
N ALA V 101 -56.73 -50.02 -18.11
CA ALA V 101 -56.72 -50.98 -17.03
C ALA V 101 -57.99 -50.88 -16.22
N GLN V 102 -58.47 -52.03 -15.75
CA GLN V 102 -59.58 -52.11 -14.83
C GLN V 102 -59.30 -53.23 -13.85
N LEU V 103 -59.78 -53.07 -12.63
CA LEU V 103 -59.62 -54.13 -11.67
C LEU V 103 -60.50 -55.33 -12.05
N PRO V 104 -60.07 -56.55 -11.77
CA PRO V 104 -60.92 -57.70 -12.04
C PRO V 104 -62.16 -57.67 -11.17
N ASP V 105 -63.24 -58.24 -11.70
CA ASP V 105 -64.58 -57.97 -11.16
C ASP V 105 -64.72 -58.35 -9.70
N GLU V 106 -63.87 -59.23 -9.19
CA GLU V 106 -63.95 -59.62 -7.78
C GLU V 106 -63.31 -58.57 -6.87
N VAL V 107 -62.27 -57.89 -7.33
CA VAL V 107 -61.66 -56.85 -6.51
C VAL V 107 -62.61 -55.68 -6.32
N ILE V 108 -63.41 -55.35 -7.33
CA ILE V 108 -64.40 -54.28 -7.18
C ILE V 108 -65.37 -54.61 -6.06
N SER V 109 -65.89 -55.83 -6.05
CA SER V 109 -66.76 -56.23 -4.95
C SER V 109 -66.03 -56.31 -3.62
N TYR V 110 -64.72 -56.53 -3.63
CA TYR V 110 -63.96 -56.46 -2.38
C TYR V 110 -63.96 -55.04 -1.82
N ILE V 111 -63.58 -54.05 -2.63
CA ILE V 111 -63.56 -52.68 -2.12
C ILE V 111 -64.97 -52.19 -1.78
N ASN V 112 -65.94 -52.42 -2.66
CA ASN V 112 -67.27 -51.86 -2.45
C ASN V 112 -68.03 -52.49 -1.29
N ASP V 113 -67.56 -53.59 -0.74
CA ASP V 113 -68.24 -54.23 0.37
C ASP V 113 -68.09 -53.36 1.62
N PRO V 114 -69.11 -53.25 2.48
CA PRO V 114 -69.04 -52.27 3.58
C PRO V 114 -68.23 -52.70 4.79
N ARG V 115 -68.02 -54.00 5.00
CA ARG V 115 -67.44 -54.48 6.26
C ARG V 115 -65.92 -54.51 6.23
N ASN V 116 -65.27 -53.70 5.39
CA ASN V 116 -63.83 -53.71 5.27
C ASN V 116 -63.16 -52.36 5.53
N ASP V 117 -63.86 -51.24 5.34
CA ASP V 117 -63.30 -49.91 5.54
C ASP V 117 -61.98 -49.75 4.77
N ILE V 118 -62.10 -49.83 3.46
CA ILE V 118 -60.96 -49.98 2.56
C ILE V 118 -60.85 -48.78 1.63
N THR V 119 -61.14 -47.58 2.16
CA THR V 119 -60.93 -46.34 1.42
C THR V 119 -59.53 -46.29 0.80
N ILE V 120 -59.44 -46.23 -0.52
CA ILE V 120 -58.19 -46.47 -1.25
C ILE V 120 -57.76 -45.25 -2.06
N SER V 121 -58.55 -44.87 -3.06
CA SER V 121 -58.05 -44.02 -4.13
C SER V 121 -58.32 -42.54 -3.90
N GLY V 122 -59.54 -42.20 -3.52
CA GLY V 122 -59.95 -40.81 -3.56
C GLY V 122 -60.13 -40.30 -4.97
N ILE V 123 -60.38 -41.19 -5.92
CA ILE V 123 -60.49 -40.83 -7.32
C ILE V 123 -61.84 -41.33 -7.85
N ASP V 124 -62.34 -40.67 -8.88
CA ASP V 124 -63.70 -40.89 -9.35
C ASP V 124 -63.79 -42.15 -10.22
N ASN V 125 -64.95 -42.79 -10.17
CA ASN V 125 -65.41 -43.74 -11.19
C ASN V 125 -64.41 -44.88 -11.37
N ILE V 126 -64.29 -45.69 -10.33
CA ILE V 126 -63.65 -46.99 -10.49
C ILE V 126 -64.45 -47.78 -11.53
N ASN V 127 -63.78 -48.77 -12.13
CA ASN V 127 -64.16 -49.58 -13.29
C ASN V 127 -63.95 -48.85 -14.61
N ALA V 128 -63.70 -47.54 -14.62
CA ALA V 128 -63.37 -46.85 -15.86
C ALA V 128 -62.73 -45.51 -15.52
N GLN V 129 -61.39 -45.42 -15.58
CA GLN V 129 -60.47 -46.54 -15.56
C GLN V 129 -59.24 -45.95 -14.88
N LEU V 130 -58.35 -46.78 -14.31
CA LEU V 130 -57.27 -46.24 -13.48
C LEU V 130 -55.91 -46.71 -14.00
N GLY V 131 -55.44 -46.04 -15.05
CA GLY V 131 -54.02 -45.98 -15.41
C GLY V 131 -53.21 -47.25 -15.28
N ALA V 132 -51.92 -47.08 -14.97
CA ALA V 132 -51.11 -48.14 -14.41
C ALA V 132 -50.15 -47.64 -13.33
N GLY V 133 -50.11 -46.35 -13.06
CA GLY V 133 -49.23 -45.81 -12.05
C GLY V 133 -50.01 -45.35 -10.84
N ASP V 134 -51.33 -45.23 -11.01
CA ASP V 134 -52.24 -45.03 -9.89
C ASP V 134 -52.92 -46.31 -9.45
N LEU V 135 -52.76 -47.39 -10.21
CA LEU V 135 -53.15 -48.72 -9.75
C LEU V 135 -52.23 -49.22 -8.67
N GLN V 136 -51.01 -48.68 -8.62
CA GLN V 136 -50.09 -48.99 -7.52
C GLN V 136 -50.66 -48.51 -6.19
N THR V 137 -51.38 -47.39 -6.20
CA THR V 137 -52.01 -46.93 -4.96
C THR V 137 -53.07 -47.92 -4.48
N VAL V 138 -53.87 -48.46 -5.40
CA VAL V 138 -54.86 -49.46 -5.01
C VAL V 138 -54.19 -50.70 -4.46
N LYS V 139 -53.13 -51.18 -5.13
CA LYS V 139 -52.44 -52.36 -4.64
C LYS V 139 -51.84 -52.12 -3.27
N ALA V 140 -51.23 -50.95 -3.04
CA ALA V 140 -50.66 -50.64 -1.75
C ALA V 140 -51.71 -50.51 -0.66
N ALA V 141 -52.83 -49.86 -0.95
CA ALA V 141 -53.88 -49.71 0.06
C ALA V 141 -54.63 -51.00 0.34
N ILE V 142 -54.61 -51.96 -0.58
CA ILE V 142 -55.19 -53.28 -0.29
C ILE V 142 -54.20 -54.13 0.50
N SER V 143 -52.94 -54.18 0.07
CA SER V 143 -51.94 -54.98 0.76
C SER V 143 -51.35 -54.31 1.98
N ALA V 144 -51.87 -53.15 2.38
CA ALA V 144 -51.51 -52.59 3.67
C ALA V 144 -52.45 -53.01 4.79
N LYS V 145 -53.64 -53.49 4.46
CA LYS V 145 -54.55 -54.04 5.45
C LYS V 145 -54.33 -55.53 5.64
N ALA V 146 -53.42 -56.13 4.88
CA ALA V 146 -53.02 -57.50 5.08
C ALA V 146 -51.95 -57.67 6.15
N ASN V 147 -51.42 -56.58 6.68
CA ASN V 147 -50.31 -56.63 7.63
C ASN V 147 -50.82 -56.50 9.07
N ASN V 148 -51.71 -57.40 9.48
CA ASN V 148 -52.33 -57.31 10.79
C ASN V 148 -52.15 -58.58 11.62
N LEU V 149 -50.99 -59.22 11.55
CA LEU V 149 -50.72 -60.38 12.37
C LEU V 149 -49.82 -60.09 13.55
N THR V 150 -49.51 -58.82 13.81
CA THR V 150 -48.78 -58.48 15.02
C THR V 150 -49.65 -57.79 16.05
N THR V 151 -50.73 -57.14 15.64
CA THR V 151 -51.67 -56.61 16.61
C THR V 151 -52.42 -57.71 17.34
N THR V 152 -52.48 -58.91 16.76
CA THR V 152 -53.13 -60.05 17.40
C THR V 152 -52.14 -61.02 18.02
N VAL V 153 -50.85 -60.69 18.00
CA VAL V 153 -49.86 -61.38 18.81
C VAL V 153 -49.43 -60.52 19.99
N ASN V 154 -49.47 -59.20 19.85
CA ASN V 154 -49.22 -58.35 21.00
C ASN V 154 -50.37 -58.40 22.00
N ASN V 155 -51.60 -58.52 21.51
CA ASN V 155 -52.78 -58.47 22.34
C ASN V 155 -53.11 -59.79 23.01
N SER V 156 -52.52 -60.89 22.58
CA SER V 156 -52.97 -62.21 22.98
C SER V 156 -51.81 -63.13 23.32
N GLN V 157 -50.88 -62.64 24.14
CA GLN V 157 -49.80 -63.50 24.62
C GLN V 157 -49.77 -63.65 26.12
N LEU V 158 -50.33 -62.71 26.88
CA LEU V 158 -50.45 -62.85 28.32
C LEU V 158 -51.75 -63.51 28.71
N GLU V 159 -52.66 -63.72 27.76
CA GLU V 159 -53.85 -64.52 28.00
C GLU V 159 -53.64 -65.98 27.69
N ILE V 160 -53.03 -66.28 26.54
CA ILE V 160 -52.73 -67.66 26.21
C ILE V 160 -51.77 -68.27 27.22
N GLN V 161 -50.89 -67.47 27.80
CA GLN V 161 -50.13 -67.84 29.00
C GLN V 161 -51.03 -68.53 30.01
N GLN V 162 -52.03 -67.81 30.50
CA GLN V 162 -52.85 -68.31 31.60
C GLN V 162 -53.82 -69.38 31.17
N MET V 163 -54.42 -69.27 29.98
CA MET V 163 -55.29 -70.33 29.50
C MET V 163 -54.55 -71.64 29.34
N SER V 164 -53.36 -71.61 28.72
CA SER V 164 -52.59 -72.82 28.56
C SER V 164 -52.11 -73.37 29.88
N ASN V 165 -51.69 -72.52 30.82
CA ASN V 165 -51.28 -73.07 32.11
C ASN V 165 -52.44 -73.70 32.85
N THR V 166 -53.57 -73.00 32.96
CA THR V 166 -54.71 -73.52 33.71
C THR V 166 -55.26 -74.81 33.10
N LEU V 167 -55.32 -74.87 31.78
CA LEU V 167 -55.99 -76.00 31.13
C LEU V 167 -55.20 -77.29 31.35
N ASN V 168 -53.87 -77.20 31.27
CA ASN V 168 -53.01 -78.30 31.69
C ASN V 168 -53.15 -78.59 33.16
N LEU V 169 -53.17 -77.56 33.99
CA LEU V 169 -53.19 -77.72 35.44
C LEU V 169 -54.46 -78.38 35.90
N LEU V 170 -55.46 -78.42 35.03
CA LEU V 170 -56.77 -78.98 35.33
C LEU V 170 -56.96 -80.37 34.72
N THR V 171 -56.41 -80.61 33.53
CA THR V 171 -56.30 -81.98 33.03
C THR V 171 -55.53 -82.86 34.01
N SER V 172 -54.38 -82.39 34.46
CA SER V 172 -53.54 -83.18 35.35
C SER V 172 -54.10 -83.29 36.75
N ALA V 173 -55.16 -82.55 37.08
CA ALA V 173 -55.84 -82.70 38.35
C ALA V 173 -57.04 -83.61 38.26
N ARG V 174 -57.65 -83.67 37.08
CA ARG V 174 -58.78 -84.56 36.84
C ARG V 174 -58.27 -86.00 36.87
N SER V 175 -57.10 -86.18 36.25
CA SER V 175 -56.42 -87.47 36.15
C SER V 175 -56.00 -88.04 37.50
N ASP V 176 -55.51 -87.18 38.38
CA ASP V 176 -55.07 -87.62 39.69
C ASP V 176 -56.28 -88.20 40.41
N MET V 177 -57.42 -87.57 40.22
CA MET V 177 -58.67 -88.01 40.82
C MET V 177 -59.06 -89.39 40.30
N GLN V 178 -58.85 -89.63 39.01
CA GLN V 178 -59.21 -90.93 38.43
C GLN V 178 -58.31 -92.05 38.95
N SER V 179 -57.00 -91.79 39.05
CA SER V 179 -56.11 -92.81 39.59
C SER V 179 -56.43 -93.14 41.04
N LEU V 180 -56.71 -92.12 41.86
CA LEU V 180 -57.09 -92.37 43.24
C LEU V 180 -58.40 -93.15 43.34
N GLN V 181 -59.38 -92.82 42.49
CA GLN V 181 -60.64 -93.54 42.48
C GLN V 181 -60.41 -95.01 42.16
N TYR V 182 -59.49 -95.30 41.26
CA TYR V 182 -59.17 -96.70 40.97
C TYR V 182 -58.51 -97.37 42.16
N ARG V 183 -57.48 -96.75 42.72
CA ARG V 183 -56.72 -97.42 43.77
C ARG V 183 -57.49 -97.56 45.07
N THR V 184 -58.53 -96.75 45.30
CA THR V 184 -59.31 -96.89 46.52
C THR V 184 -60.18 -98.14 46.49
N ILE V 185 -60.77 -98.46 45.33
CA ILE V 185 -61.69 -99.58 45.24
C ILE V 185 -60.96 -100.89 44.99
N SER V 186 -59.71 -100.85 44.56
CA SER V 186 -58.96 -102.07 44.35
C SER V 186 -58.62 -102.78 45.66
N GLY V 187 -58.69 -102.09 46.79
CA GLY V 187 -58.34 -102.65 48.08
C GLY V 187 -59.45 -103.38 48.79
N ILE V 188 -60.62 -103.55 48.17
CA ILE V 188 -61.73 -104.27 48.76
C ILE V 188 -61.75 -105.68 48.20
N SER V 189 -61.52 -106.66 49.06
CA SER V 189 -61.47 -108.06 48.68
C SER V 189 -62.76 -108.74 49.12
N LEU V 190 -63.46 -109.37 48.17
CA LEU V 190 -64.76 -109.97 48.43
C LEU V 190 -64.57 -111.40 48.95
N GLY V 191 -65.25 -111.72 50.04
CA GLY V 191 -65.20 -113.07 50.57
C GLY V 191 -63.89 -113.48 51.19
N LYS V 192 -63.10 -112.53 51.67
CA LYS V 192 -61.82 -112.87 52.30
C LYS V 192 -61.65 -112.11 53.61
N SER W 19 -51.16 -75.91 2.21
CA SER W 19 -49.97 -76.51 2.79
C SER W 19 -50.31 -77.30 4.04
N MET W 20 -51.54 -77.14 4.52
CA MET W 20 -52.02 -77.84 5.70
C MET W 20 -53.34 -78.55 5.39
N ALA W 21 -53.89 -79.20 6.40
CA ALA W 21 -55.07 -80.03 6.23
C ALA W 21 -56.33 -79.20 6.05
N TYR W 22 -56.59 -78.28 6.97
CA TYR W 22 -57.85 -77.55 7.00
C TYR W 22 -57.65 -76.16 6.40
N ASP W 23 -58.52 -75.80 5.46
CA ASP W 23 -58.43 -74.52 4.76
C ASP W 23 -59.32 -73.47 5.44
N LEU W 24 -58.84 -72.96 6.56
CA LEU W 24 -59.59 -72.01 7.38
C LEU W 24 -59.82 -70.68 6.68
N GLY W 25 -59.37 -70.51 5.44
CA GLY W 25 -59.55 -69.25 4.75
C GLY W 25 -60.95 -69.01 4.23
N SER W 26 -61.76 -70.06 4.14
CA SER W 26 -63.13 -69.95 3.66
C SER W 26 -64.17 -70.18 4.73
N MET W 27 -63.90 -71.05 5.70
CA MET W 27 -64.87 -71.38 6.74
C MET W 27 -65.22 -70.16 7.55
N SER W 28 -66.51 -69.99 7.82
CA SER W 28 -66.99 -68.88 8.62
C SER W 28 -66.60 -69.08 10.08
N LYS W 29 -67.01 -68.18 10.94
CA LYS W 29 -66.62 -68.28 12.35
C LYS W 29 -67.34 -69.42 13.04
N ASP W 30 -68.64 -69.58 12.78
CA ASP W 30 -69.39 -70.63 13.43
C ASP W 30 -69.06 -72.02 12.90
N ASP W 31 -68.30 -72.11 11.83
CA ASP W 31 -67.73 -73.37 11.39
C ASP W 31 -66.32 -73.59 11.92
N VAL W 32 -65.55 -72.52 12.08
CA VAL W 32 -64.24 -72.65 12.70
C VAL W 32 -64.38 -73.07 14.15
N ILE W 33 -65.37 -72.54 14.86
CA ILE W 33 -65.54 -72.93 16.26
C ILE W 33 -65.91 -74.41 16.37
N ASP W 34 -66.80 -74.88 15.51
CA ASP W 34 -67.16 -76.30 15.55
C ASP W 34 -65.99 -77.17 15.13
N LEU W 35 -65.17 -76.70 14.20
CA LEU W 35 -63.95 -77.43 13.85
C LEU W 35 -63.02 -77.53 15.04
N PHE W 36 -62.77 -76.42 15.72
CA PHE W 36 -61.88 -76.44 16.89
C PHE W 36 -62.44 -77.28 18.02
N ASN W 37 -63.76 -77.38 18.13
CA ASN W 37 -64.35 -78.29 19.09
C ASN W 37 -64.14 -79.74 18.70
N LYS W 38 -64.17 -80.05 17.40
CA LYS W 38 -63.85 -81.40 16.97
C LYS W 38 -62.43 -81.79 17.34
N LEU W 39 -61.47 -80.88 17.15
CA LEU W 39 -60.11 -81.09 17.62
C LEU W 39 -60.07 -80.86 19.12
N GLY W 40 -58.88 -80.82 19.69
CA GLY W 40 -58.73 -80.58 21.10
C GLY W 40 -58.73 -79.10 21.44
N VAL W 41 -58.11 -78.76 22.57
CA VAL W 41 -57.86 -77.38 22.93
C VAL W 41 -56.43 -76.98 22.60
N PHE W 42 -55.47 -77.89 22.66
CA PHE W 42 -54.09 -77.61 22.31
C PHE W 42 -53.87 -77.61 20.81
N GLN W 43 -54.54 -78.51 20.08
CA GLN W 43 -54.36 -78.51 18.64
C GLN W 43 -55.20 -77.46 17.93
N ALA W 44 -56.25 -76.95 18.56
CA ALA W 44 -56.83 -75.72 18.04
C ALA W 44 -55.81 -74.60 18.07
N ALA W 45 -55.06 -74.50 19.17
CA ALA W 45 -54.01 -73.49 19.25
C ALA W 45 -52.93 -73.75 18.22
N ILE W 46 -52.56 -75.01 17.98
CA ILE W 46 -51.53 -75.26 16.98
C ILE W 46 -52.02 -74.92 15.57
N LEU W 47 -53.27 -75.24 15.20
CA LEU W 47 -53.75 -74.77 13.91
C LEU W 47 -53.80 -73.24 13.83
N MET W 48 -54.25 -72.58 14.88
CA MET W 48 -54.35 -71.12 14.82
C MET W 48 -52.98 -70.52 14.59
N PHE W 49 -51.97 -71.02 15.30
CA PHE W 49 -50.61 -70.51 15.12
C PHE W 49 -50.02 -70.91 13.77
N ALA W 50 -50.35 -72.10 13.26
CA ALA W 50 -49.81 -72.50 11.96
C ALA W 50 -50.40 -71.68 10.84
N TYR W 51 -51.70 -71.38 10.90
CA TYR W 51 -52.29 -70.52 9.88
C TYR W 51 -51.78 -69.09 9.99
N MET W 52 -51.60 -68.57 11.20
CA MET W 52 -51.01 -67.25 11.32
C MET W 52 -49.59 -67.24 10.76
N TYR W 53 -48.82 -68.30 10.98
CA TYR W 53 -47.49 -68.39 10.40
C TYR W 53 -47.54 -68.43 8.88
N GLN W 54 -48.48 -69.17 8.30
CA GLN W 54 -48.59 -69.18 6.84
C GLN W 54 -48.94 -67.80 6.31
N ALA W 55 -49.88 -67.10 6.95
CA ALA W 55 -50.24 -65.77 6.46
C ALA W 55 -49.05 -64.81 6.54
N GLN W 56 -48.31 -64.83 7.65
CA GLN W 56 -47.16 -63.96 7.78
C GLN W 56 -46.06 -64.32 6.79
N SER W 57 -45.81 -65.62 6.59
CA SER W 57 -44.77 -66.00 5.64
C SER W 57 -45.16 -65.64 4.22
N ASP W 58 -46.44 -65.73 3.88
CA ASP W 58 -46.87 -65.31 2.55
C ASP W 58 -46.68 -63.82 2.34
N LEU W 59 -47.04 -63.01 3.34
CA LEU W 59 -46.76 -61.58 3.22
C LEU W 59 -45.27 -61.33 3.00
N SER W 60 -44.42 -61.92 3.83
CA SER W 60 -43.00 -61.63 3.75
C SER W 60 -42.41 -62.11 2.44
N ILE W 61 -42.80 -63.28 1.95
CA ILE W 61 -42.25 -63.78 0.70
C ILE W 61 -42.74 -62.97 -0.49
N ALA W 62 -44.02 -62.56 -0.49
CA ALA W 62 -44.46 -61.67 -1.54
C ALA W 62 -43.77 -60.32 -1.48
N LYS W 63 -43.24 -59.93 -0.31
CA LYS W 63 -42.36 -58.77 -0.24
C LYS W 63 -40.99 -59.06 -0.80
N PHE W 64 -40.44 -60.25 -0.55
CA PHE W 64 -39.10 -60.57 -1.00
C PHE W 64 -39.02 -60.75 -2.50
N ALA W 65 -40.13 -60.99 -3.18
CA ALA W 65 -40.14 -61.11 -4.63
C ALA W 65 -40.36 -59.79 -5.33
N ASP W 66 -40.56 -58.70 -4.59
CA ASP W 66 -40.56 -57.36 -5.15
C ASP W 66 -39.18 -56.72 -5.10
N MET W 67 -38.20 -57.39 -4.50
CA MET W 67 -36.83 -56.91 -4.48
C MET W 67 -35.94 -57.67 -5.44
N ASN W 68 -36.22 -58.95 -5.67
CA ASN W 68 -35.61 -59.64 -6.79
C ASN W 68 -35.96 -58.98 -8.12
N GLU W 69 -37.08 -58.26 -8.20
CA GLU W 69 -37.32 -57.48 -9.41
C GLU W 69 -36.23 -56.43 -9.60
N ALA W 70 -35.87 -55.71 -8.53
CA ALA W 70 -34.84 -54.70 -8.62
C ALA W 70 -33.49 -55.33 -8.95
N SER W 71 -33.14 -56.44 -8.31
CA SER W 71 -31.85 -57.05 -8.62
C SER W 71 -31.82 -57.65 -10.02
N LYS W 72 -32.95 -58.19 -10.51
CA LYS W 72 -33.00 -58.67 -11.88
C LYS W 72 -32.80 -57.54 -12.87
N GLU W 73 -33.45 -56.41 -12.64
CA GLU W 73 -33.24 -55.26 -13.52
C GLU W 73 -31.79 -54.82 -13.50
N SER W 74 -31.16 -54.80 -12.33
CA SER W 74 -29.78 -54.38 -12.26
C SER W 74 -28.86 -55.32 -13.03
N THR W 75 -29.05 -56.64 -12.89
CA THR W 75 -28.16 -57.55 -13.60
C THR W 75 -28.37 -57.50 -15.11
N THR W 76 -29.62 -57.38 -15.59
CA THR W 76 -29.82 -57.27 -17.03
C THR W 76 -29.22 -55.97 -17.58
N ALA W 77 -29.39 -54.87 -16.86
CA ALA W 77 -28.81 -53.61 -17.32
C ALA W 77 -27.29 -53.69 -17.35
N GLN W 78 -26.69 -54.32 -16.34
CA GLN W 78 -25.23 -54.47 -16.35
C GLN W 78 -24.77 -55.33 -17.52
N LYS W 79 -25.50 -56.40 -17.83
CA LYS W 79 -25.11 -57.23 -18.97
C LYS W 79 -25.17 -56.44 -20.27
N MET W 80 -26.22 -55.65 -20.46
CA MET W 80 -26.32 -54.84 -21.68
C MET W 80 -25.19 -53.82 -21.74
N ALA W 81 -24.89 -53.16 -20.63
CA ALA W 81 -23.80 -52.20 -20.61
C ALA W 81 -22.47 -52.85 -20.94
N ASN W 82 -22.25 -54.07 -20.46
CA ASN W 82 -21.02 -54.78 -20.78
C ASN W 82 -20.96 -55.18 -22.25
N LEU W 83 -22.09 -55.50 -22.88
CA LEU W 83 -22.08 -55.73 -24.32
C LEU W 83 -21.69 -54.46 -25.07
N VAL W 84 -22.22 -53.31 -24.65
CA VAL W 84 -21.85 -52.07 -25.31
C VAL W 84 -20.38 -51.73 -25.09
N ASP W 85 -19.83 -52.05 -23.91
CA ASP W 85 -18.39 -51.88 -23.70
C ASP W 85 -17.57 -52.80 -24.59
N ALA W 86 -17.99 -54.07 -24.74
CA ALA W 86 -17.29 -54.95 -25.66
C ALA W 86 -17.33 -54.41 -27.09
N LYS W 87 -18.42 -53.78 -27.48
CA LYS W 87 -18.50 -53.14 -28.80
C LYS W 87 -17.58 -51.92 -28.92
N ILE W 88 -17.48 -51.10 -27.88
CA ILE W 88 -16.59 -49.94 -27.94
C ILE W 88 -15.13 -50.36 -28.03
N ALA W 89 -14.75 -51.46 -27.37
CA ALA W 89 -13.36 -51.90 -27.34
C ALA W 89 -12.85 -52.36 -28.70
N ASP W 90 -13.64 -52.22 -29.76
CA ASP W 90 -13.21 -52.50 -31.11
C ASP W 90 -13.34 -51.29 -32.03
N VAL W 91 -13.98 -50.22 -31.59
CA VAL W 91 -14.11 -49.01 -32.39
C VAL W 91 -13.18 -47.96 -31.79
N GLN W 92 -12.73 -48.22 -30.56
CA GLN W 92 -11.65 -47.40 -30.01
C GLN W 92 -10.30 -47.80 -30.59
N SER W 93 -10.09 -49.09 -30.80
CA SER W 93 -8.88 -49.59 -31.44
C SER W 93 -8.94 -49.51 -32.96
N SER W 94 -9.96 -48.85 -33.50
CA SER W 94 -10.11 -48.74 -34.95
C SER W 94 -9.13 -47.70 -35.49
N SER W 95 -8.36 -48.11 -36.49
CA SER W 95 -7.35 -47.22 -37.08
C SER W 95 -7.99 -46.02 -37.76
N ASP W 96 -9.19 -46.18 -38.29
CA ASP W 96 -9.87 -45.15 -39.06
C ASP W 96 -10.47 -44.12 -38.10
N LYS W 97 -11.34 -43.25 -38.62
CA LYS W 97 -12.16 -42.43 -37.74
C LYS W 97 -13.11 -43.32 -36.95
N ASN W 98 -13.35 -42.95 -35.70
CA ASN W 98 -14.11 -43.84 -34.81
C ASN W 98 -15.61 -43.69 -34.99
N ALA W 99 -16.10 -43.79 -36.23
CA ALA W 99 -17.53 -43.93 -36.48
C ALA W 99 -17.73 -45.10 -37.44
N LYS W 100 -17.65 -46.30 -36.90
CA LYS W 100 -18.10 -47.54 -37.54
C LYS W 100 -18.48 -48.48 -36.40
N ALA W 101 -19.75 -48.44 -36.02
CA ALA W 101 -20.18 -49.17 -34.84
C ALA W 101 -21.69 -49.32 -34.84
N GLN W 102 -22.14 -50.47 -34.35
CA GLN W 102 -23.54 -50.74 -34.12
C GLN W 102 -23.67 -51.55 -32.84
N LEU W 103 -24.76 -51.34 -32.14
CA LEU W 103 -25.00 -52.14 -30.96
C LEU W 103 -25.30 -53.59 -31.35
N PRO W 104 -24.90 -54.56 -30.53
CA PRO W 104 -25.25 -55.94 -30.82
C PRO W 104 -26.75 -56.14 -30.74
N ASP W 105 -27.24 -57.10 -31.54
CA ASP W 105 -28.67 -57.16 -31.85
C ASP W 105 -29.54 -57.33 -30.61
N GLU W 106 -28.97 -57.82 -29.50
CA GLU W 106 -29.76 -57.97 -28.28
C GLU W 106 -29.92 -56.65 -27.53
N VAL W 107 -28.93 -55.77 -27.60
CA VAL W 107 -29.07 -54.47 -26.94
C VAL W 107 -30.15 -53.63 -27.61
N ILE W 108 -30.29 -53.72 -28.93
CA ILE W 108 -31.35 -53.00 -29.62
C ILE W 108 -32.71 -53.41 -29.09
N SER W 109 -32.94 -54.72 -28.97
CA SER W 109 -34.19 -55.19 -28.39
C SER W 109 -34.33 -54.82 -26.91
N TYR W 110 -33.21 -54.63 -26.20
CA TYR W 110 -33.30 -54.13 -24.83
C TYR W 110 -33.85 -52.71 -24.80
N ILE W 111 -33.25 -51.79 -25.57
CA ILE W 111 -33.75 -50.42 -25.57
C ILE W 111 -35.17 -50.33 -26.12
N ASN W 112 -35.44 -50.99 -27.25
CA ASN W 112 -36.72 -50.83 -27.91
C ASN W 112 -37.89 -51.45 -27.15
N ASP W 113 -37.62 -52.26 -26.14
CA ASP W 113 -38.70 -52.89 -25.38
C ASP W 113 -39.41 -51.82 -24.54
N PRO W 114 -40.73 -51.88 -24.39
CA PRO W 114 -41.45 -50.77 -23.74
C PRO W 114 -41.39 -50.74 -22.23
N ARG W 115 -41.13 -51.85 -21.56
CA ARG W 115 -41.27 -51.92 -20.11
C ARG W 115 -40.01 -51.51 -19.37
N ASN W 116 -39.16 -50.68 -19.97
CA ASN W 116 -37.91 -50.27 -19.36
C ASN W 116 -37.73 -48.76 -19.21
N ASP W 117 -38.39 -47.95 -20.06
CA ASP W 117 -38.26 -46.49 -20.02
C ASP W 117 -36.78 -46.07 -20.04
N ILE W 118 -36.14 -46.39 -21.15
CA ILE W 118 -34.69 -46.34 -21.26
C ILE W 118 -34.28 -45.32 -22.33
N THR W 119 -35.01 -44.21 -22.41
CA THR W 119 -34.63 -43.10 -23.28
C THR W 119 -33.17 -42.72 -23.10
N ILE W 120 -32.37 -42.86 -24.16
CA ILE W 120 -30.91 -42.82 -24.06
C ILE W 120 -30.30 -41.67 -24.87
N SER W 121 -30.46 -41.71 -26.19
CA SER W 121 -29.59 -40.94 -27.07
C SER W 121 -30.19 -39.59 -27.47
N GLY W 122 -31.45 -39.59 -27.87
CA GLY W 122 -32.00 -38.42 -28.52
C GLY W 122 -31.44 -38.21 -29.90
N ILE W 123 -30.98 -39.29 -30.54
CA ILE W 123 -30.34 -39.21 -31.85
C ILE W 123 -31.07 -40.17 -32.78
N ASP W 124 -31.00 -39.87 -34.08
CA ASP W 124 -31.80 -40.57 -35.07
C ASP W 124 -31.19 -41.91 -35.44
N ASN W 125 -32.07 -42.86 -35.78
CA ASN W 125 -31.71 -44.05 -36.55
C ASN W 125 -30.60 -44.85 -35.87
N ILE W 126 -30.95 -45.42 -34.72
CA ILE W 126 -30.12 -46.46 -34.14
C ILE W 126 -30.06 -47.62 -35.15
N ASN W 127 -29.03 -48.45 -35.01
CA ASN W 127 -28.55 -49.51 -35.89
C ASN W 127 -27.75 -48.97 -37.08
N ALA W 128 -27.77 -47.66 -37.36
CA ALA W 128 -26.93 -47.11 -38.42
C ALA W 128 -26.82 -45.60 -38.23
N GLN W 129 -25.72 -45.14 -37.64
CA GLN W 129 -24.78 -45.90 -36.83
C GLN W 129 -24.27 -44.86 -35.84
N LEU W 130 -23.72 -45.27 -34.70
CA LEU W 130 -23.38 -44.31 -33.64
C LEU W 130 -21.91 -44.42 -33.26
N GLY W 131 -21.05 -43.81 -34.08
CA GLY W 131 -19.71 -43.39 -33.69
C GLY W 131 -18.92 -44.32 -32.80
N ALA W 132 -18.07 -43.72 -31.96
CA ALA W 132 -17.54 -44.38 -30.77
C ALA W 132 -17.44 -43.45 -29.57
N GLY W 133 -17.79 -42.17 -29.72
CA GLY W 133 -17.72 -41.23 -28.63
C GLY W 133 -19.10 -40.83 -28.18
N ASP W 134 -20.09 -41.16 -29.00
CA ASP W 134 -21.49 -41.06 -28.59
C ASP W 134 -22.07 -42.41 -28.18
N LEU W 135 -21.34 -43.50 -28.40
CA LEU W 135 -21.70 -44.78 -27.83
C LEU W 135 -21.46 -44.80 -26.32
N GLN W 136 -20.59 -43.91 -25.84
CA GLN W 136 -20.41 -43.75 -24.41
C GLN W 136 -21.68 -43.26 -23.75
N THR W 137 -22.45 -42.43 -24.45
CA THR W 137 -23.74 -41.98 -23.90
C THR W 137 -24.69 -43.15 -23.72
N VAL W 138 -24.74 -44.05 -24.71
CA VAL W 138 -25.60 -45.23 -24.58
C VAL W 138 -25.15 -46.10 -23.42
N LYS W 139 -23.84 -46.33 -23.31
CA LYS W 139 -23.35 -47.16 -22.21
C LYS W 139 -23.67 -46.52 -20.86
N ALA W 140 -23.49 -45.21 -20.73
CA ALA W 140 -23.80 -44.53 -19.48
C ALA W 140 -25.28 -44.55 -19.16
N ALA W 141 -26.14 -44.33 -20.14
CA ALA W 141 -27.57 -44.34 -19.89
C ALA W 141 -28.13 -45.73 -19.65
N ILE W 142 -27.44 -46.79 -20.09
CA ILE W 142 -27.85 -48.14 -19.74
C ILE W 142 -27.35 -48.52 -18.35
N SER W 143 -26.08 -48.24 -18.07
CA SER W 143 -25.51 -48.59 -16.77
C SER W 143 -25.82 -47.58 -15.69
N ALA W 144 -26.66 -46.58 -15.97
CA ALA W 144 -27.17 -45.73 -14.90
C ALA W 144 -28.49 -46.23 -14.33
N LYS W 145 -29.19 -47.10 -15.04
CA LYS W 145 -30.40 -47.73 -14.52
C LYS W 145 -30.08 -49.04 -13.81
N ALA W 146 -28.81 -49.44 -13.79
CA ALA W 146 -28.38 -50.59 -13.02
C ALA W 146 -28.07 -50.24 -11.57
N ASN W 147 -28.11 -48.97 -11.21
CA ASN W 147 -27.73 -48.53 -9.87
C ASN W 147 -28.97 -48.32 -8.98
N ASN W 148 -29.76 -49.37 -8.82
CA ASN W 148 -31.02 -49.26 -8.09
C ASN W 148 -31.12 -50.27 -6.95
N LEU W 149 -30.03 -50.51 -6.23
CA LEU W 149 -30.07 -51.40 -5.07
C LEU W 149 -30.04 -50.65 -3.75
N THR W 150 -30.14 -49.34 -3.76
CA THR W 150 -30.28 -48.59 -2.53
C THR W 150 -31.68 -48.05 -2.32
N THR W 151 -32.44 -47.83 -3.39
CA THR W 151 -33.83 -47.45 -3.23
C THR W 151 -34.66 -48.60 -2.67
N THR W 152 -34.19 -49.84 -2.81
CA THR W 152 -34.88 -51.01 -2.27
C THR W 152 -34.26 -51.51 -0.98
N VAL W 153 -33.26 -50.82 -0.46
CA VAL W 153 -32.79 -51.03 0.90
C VAL W 153 -33.24 -49.90 1.82
N ASN W 154 -33.42 -48.70 1.29
CA ASN W 154 -33.98 -47.63 2.10
C ASN W 154 -35.47 -47.87 2.35
N ASN W 155 -36.18 -48.43 1.37
CA ASN W 155 -37.61 -48.61 1.45
C ASN W 155 -38.03 -49.84 2.24
N SER W 156 -37.12 -50.77 2.51
CA SER W 156 -37.50 -52.09 3.01
C SER W 156 -36.58 -52.52 4.14
N GLN W 157 -36.36 -51.66 5.13
CA GLN W 157 -35.61 -52.06 6.30
C GLN W 157 -36.39 -51.95 7.59
N LEU W 158 -37.43 -51.11 7.64
CA LEU W 158 -38.31 -51.04 8.80
C LEU W 158 -39.48 -52.00 8.68
N GLU W 159 -39.65 -52.63 7.52
CA GLU W 159 -40.62 -53.69 7.36
C GLU W 159 -40.03 -55.05 7.66
N ILE W 160 -38.84 -55.34 7.12
CA ILE W 160 -38.19 -56.59 7.40
C ILE W 160 -37.87 -56.71 8.89
N GLN W 161 -37.60 -55.60 9.56
CA GLN W 161 -37.59 -55.52 11.01
C GLN W 161 -38.77 -56.28 11.60
N GLN W 162 -39.97 -55.83 11.29
CA GLN W 162 -41.17 -56.37 11.93
C GLN W 162 -41.54 -57.74 11.42
N MET W 163 -41.39 -58.01 10.13
CA MET W 163 -41.66 -59.34 9.62
C MET W 163 -40.74 -60.37 10.25
N SER W 164 -39.44 -60.09 10.32
CA SER W 164 -38.51 -61.01 10.93
C SER W 164 -38.76 -61.17 12.43
N ASN W 165 -39.09 -60.09 13.14
CA ASN W 165 -39.38 -60.27 14.55
C ASN W 165 -40.63 -61.11 14.77
N THR W 166 -41.74 -60.77 14.09
CA THR W 166 -43.00 -61.48 14.30
C THR W 166 -42.88 -62.95 13.92
N LEU W 167 -42.19 -63.25 12.82
CA LEU W 167 -42.19 -64.61 12.31
C LEU W 167 -41.45 -65.55 13.26
N ASN W 168 -40.34 -65.08 13.83
CA ASN W 168 -39.68 -65.78 14.93
C ASN W 168 -40.57 -65.86 16.16
N LEU W 169 -41.21 -64.76 16.51
CA LEU W 169 -42.01 -64.67 17.72
C LEU W 169 -43.19 -65.61 17.68
N LEU W 170 -43.52 -66.09 16.48
CA LEU W 170 -44.66 -66.97 16.24
C LEU W 170 -44.24 -68.43 16.07
N THR W 171 -43.09 -68.68 15.44
CA THR W 171 -42.49 -70.01 15.51
C THR W 171 -42.27 -70.45 16.94
N SER W 172 -41.65 -69.58 17.74
CA SER W 172 -41.33 -69.93 19.12
C SER W 172 -42.56 -69.98 20.02
N ALA W 173 -43.72 -69.54 19.54
CA ALA W 173 -44.96 -69.69 20.28
C ALA W 173 -45.73 -70.93 19.89
N ARG W 174 -45.56 -71.36 18.64
CA ARG W 174 -46.20 -72.57 18.16
C ARG W 174 -45.56 -73.76 18.87
N SER W 175 -44.23 -73.67 19.00
CA SER W 175 -43.41 -74.70 19.65
C SER W 175 -43.72 -74.90 21.12
N ASP W 176 -43.96 -73.79 21.82
CA ASP W 176 -44.26 -73.86 23.24
C ASP W 176 -45.54 -74.66 23.41
N MET W 177 -46.48 -74.42 22.49
CA MET W 177 -47.74 -75.12 22.49
C MET W 177 -47.54 -76.63 22.30
N GLN W 178 -46.62 -77.00 21.43
CA GLN W 178 -46.37 -78.42 21.16
C GLN W 178 -45.74 -79.12 22.37
N SER W 179 -44.78 -78.46 23.02
CA SER W 179 -44.18 -79.06 24.20
C SER W 179 -45.20 -79.23 25.33
N LEU W 180 -46.05 -78.23 25.55
CA LEU W 180 -47.08 -78.35 26.57
C LEU W 180 -48.07 -79.46 26.23
N GLN W 181 -48.46 -79.58 24.96
CA GLN W 181 -49.35 -80.65 24.55
C GLN W 181 -48.75 -82.01 24.84
N TYR W 182 -47.44 -82.16 24.64
CA TYR W 182 -46.79 -83.42 24.99
C TYR W 182 -46.81 -83.66 26.48
N ARG W 183 -46.39 -82.67 27.27
CA ARG W 183 -46.23 -82.89 28.70
C ARG W 183 -47.56 -83.06 29.42
N THR W 184 -48.66 -82.57 28.85
CA THR W 184 -49.96 -82.74 29.50
C THR W 184 -50.44 -84.19 29.42
N ILE W 185 -50.22 -84.84 28.28
CA ILE W 185 -50.73 -86.18 28.08
C ILE W 185 -49.79 -87.25 28.64
N SER W 186 -48.53 -86.89 28.89
CA SER W 186 -47.60 -87.85 29.46
C SER W 186 -47.94 -88.21 30.91
N GLY W 187 -48.74 -87.39 31.59
CA GLY W 187 -49.07 -87.60 32.97
C GLY W 187 -50.26 -88.51 33.24
N ILE W 188 -50.83 -89.11 32.20
CA ILE W 188 -51.95 -90.03 32.35
C ILE W 188 -51.41 -91.45 32.31
N SER W 189 -51.55 -92.17 33.42
CA SER W 189 -51.06 -93.53 33.54
C SER W 189 -52.24 -94.49 33.47
N LEU W 190 -52.17 -95.44 32.55
CA LEU W 190 -53.27 -96.36 32.30
C LEU W 190 -53.17 -97.55 33.24
N GLY W 191 -54.27 -97.89 33.90
CA GLY W 191 -54.31 -99.05 34.76
C GLY W 191 -53.52 -98.95 36.04
N LYS W 192 -53.30 -97.74 36.53
CA LYS W 192 -52.56 -97.56 37.78
C LYS W 192 -53.27 -96.58 38.70
N SER X 19 -22.16 -67.74 -8.90
CA SER X 19 -21.42 -67.85 -7.66
C SER X 19 -22.26 -68.50 -6.57
N MET X 20 -23.55 -68.63 -6.84
CA MET X 20 -24.48 -69.25 -5.91
C MET X 20 -25.26 -70.37 -6.60
N ALA X 21 -26.18 -70.98 -5.85
CA ALA X 21 -26.89 -72.15 -6.33
C ALA X 21 -27.95 -71.77 -7.35
N TYR X 22 -28.84 -70.85 -7.00
CA TYR X 22 -30.00 -70.54 -7.83
C TYR X 22 -29.73 -69.28 -8.64
N ASP X 23 -29.97 -69.35 -9.94
CA ASP X 23 -29.73 -68.23 -10.86
C ASP X 23 -31.00 -67.42 -11.06
N LEU X 24 -31.32 -66.60 -10.06
CA LEU X 24 -32.55 -65.81 -10.06
C LEU X 24 -32.58 -64.74 -11.15
N GLY X 25 -31.54 -64.65 -11.98
CA GLY X 25 -31.51 -63.64 -13.02
C GLY X 25 -32.40 -63.92 -14.19
N SER X 26 -32.83 -65.16 -14.36
CA SER X 26 -33.70 -65.56 -15.46
C SER X 26 -35.11 -65.92 -15.04
N MET X 27 -35.28 -66.49 -13.86
CA MET X 27 -36.59 -66.94 -13.40
C MET X 27 -37.54 -65.76 -13.26
N SER X 28 -38.77 -65.96 -13.75
CA SER X 28 -39.79 -64.92 -13.67
C SER X 28 -40.24 -64.76 -12.22
N LYS X 29 -41.21 -63.89 -12.00
CA LYS X 29 -41.66 -63.65 -10.63
C LYS X 29 -42.44 -64.83 -10.07
N ASP X 30 -43.32 -65.40 -10.88
CA ASP X 30 -44.13 -66.52 -10.41
C ASP X 30 -43.34 -67.81 -10.26
N ASP X 31 -42.09 -67.84 -10.73
CA ASP X 31 -41.18 -68.93 -10.42
C ASP X 31 -40.30 -68.60 -9.23
N VAL X 32 -39.94 -67.34 -9.03
CA VAL X 32 -39.19 -66.96 -7.84
C VAL X 32 -40.04 -67.17 -6.60
N ILE X 33 -41.34 -66.85 -6.67
CA ILE X 33 -42.19 -67.04 -5.50
C ILE X 33 -42.30 -68.52 -5.14
N ASP X 34 -42.47 -69.39 -6.15
CA ASP X 34 -42.54 -70.82 -5.88
C ASP X 34 -41.21 -71.35 -5.37
N LEU X 35 -40.10 -70.81 -5.86
CA LEU X 35 -38.80 -71.18 -5.32
C LEU X 35 -38.68 -70.80 -3.85
N PHE X 36 -39.04 -69.57 -3.51
CA PHE X 36 -38.98 -69.13 -2.12
C PHE X 36 -39.91 -69.90 -1.23
N ASN X 37 -41.04 -70.37 -1.76
CA ASN X 37 -41.90 -71.26 -0.99
C ASN X 37 -41.27 -72.62 -0.77
N LYS X 38 -40.51 -73.13 -1.75
CA LYS X 38 -39.79 -74.37 -1.53
C LYS X 38 -38.78 -74.25 -0.41
N LEU X 39 -38.04 -73.14 -0.36
CA LEU X 39 -37.16 -72.85 0.76
C LEU X 39 -38.01 -72.37 1.93
N GLY X 40 -37.36 -71.87 2.97
CA GLY X 40 -38.07 -71.37 4.13
C GLY X 40 -38.50 -69.94 3.95
N VAL X 41 -38.70 -69.25 5.07
CA VAL X 41 -38.91 -67.82 5.08
C VAL X 41 -37.63 -67.04 5.40
N PHE X 42 -36.74 -67.61 6.20
CA PHE X 42 -35.46 -66.97 6.51
C PHE X 42 -34.45 -67.16 5.40
N GLN X 43 -34.44 -68.31 4.75
CA GLN X 43 -33.49 -68.49 3.67
C GLN X 43 -33.95 -67.89 2.35
N ALA X 44 -35.24 -67.62 2.19
CA ALA X 44 -35.63 -66.73 1.11
C ALA X 44 -35.01 -65.36 1.30
N ALA X 45 -35.03 -64.85 2.54
CA ALA X 45 -34.38 -63.59 2.83
C ALA X 45 -32.89 -63.66 2.59
N ILE X 46 -32.25 -64.76 2.96
CA ILE X 46 -30.80 -64.85 2.73
C ILE X 46 -30.47 -64.91 1.25
N LEU X 47 -31.23 -65.64 0.43
CA LEU X 47 -30.98 -65.56 -1.02
C LEU X 47 -31.24 -64.17 -1.56
N MET X 48 -32.31 -63.50 -1.13
CA MET X 48 -32.59 -62.18 -1.67
C MET X 48 -31.44 -61.22 -1.35
N PHE X 49 -30.93 -61.28 -0.12
CA PHE X 49 -29.81 -60.42 0.24
C PHE X 49 -28.52 -60.83 -0.44
N ALA X 50 -28.30 -62.13 -0.66
CA ALA X 50 -27.07 -62.55 -1.32
C ALA X 50 -27.07 -62.15 -2.79
N TYR X 51 -28.21 -62.24 -3.46
CA TYR X 51 -28.26 -61.79 -4.84
C TYR X 51 -28.15 -60.27 -4.94
N MET X 52 -28.77 -59.53 -4.02
CA MET X 52 -28.57 -58.09 -4.03
C MET X 52 -27.11 -57.73 -3.78
N TYR X 53 -26.43 -58.47 -2.90
CA TYR X 53 -25.00 -58.24 -2.69
C TYR X 53 -24.19 -58.54 -3.93
N GLN X 54 -24.51 -59.62 -4.65
CA GLN X 54 -23.79 -59.89 -5.89
C GLN X 54 -24.00 -58.79 -6.92
N ALA X 55 -25.24 -58.31 -7.07
CA ALA X 55 -25.49 -57.26 -8.04
C ALA X 55 -24.72 -55.98 -7.68
N GLN X 56 -24.74 -55.60 -6.40
CA GLN X 56 -24.02 -54.40 -5.98
C GLN X 56 -22.50 -54.57 -6.14
N SER X 57 -21.97 -55.74 -5.78
CA SER X 57 -20.54 -55.93 -5.93
C SER X 57 -20.13 -55.95 -7.39
N ASP X 58 -20.97 -56.48 -8.28
CA ASP X 58 -20.63 -56.43 -9.69
C ASP X 58 -20.63 -55.01 -10.22
N LEU X 59 -21.60 -54.19 -9.83
CA LEU X 59 -21.55 -52.78 -10.21
C LEU X 59 -20.26 -52.14 -9.74
N SER X 60 -19.93 -52.30 -8.45
CA SER X 60 -18.79 -51.60 -7.91
C SER X 60 -17.49 -52.09 -8.54
N ILE X 61 -17.34 -53.39 -8.77
CA ILE X 61 -16.10 -53.89 -9.37
C ILE X 61 -15.98 -53.47 -10.82
N ALA X 62 -17.09 -53.48 -11.58
CA ALA X 62 -17.01 -52.94 -12.93
C ALA X 62 -16.70 -51.45 -12.94
N LYS X 63 -17.00 -50.74 -11.84
CA LYS X 63 -16.52 -49.37 -11.69
C LYS X 63 -15.03 -49.31 -11.39
N PHE X 64 -14.53 -50.22 -10.56
CA PHE X 64 -13.13 -50.18 -10.16
C PHE X 64 -12.20 -50.58 -11.29
N ALA X 65 -12.69 -51.25 -12.32
CA ALA X 65 -11.86 -51.60 -13.46
C ALA X 65 -11.87 -50.54 -14.55
N ASP X 66 -12.63 -49.46 -14.37
CA ASP X 66 -12.55 -48.29 -15.23
C ASP X 66 -11.56 -47.27 -14.69
N MET X 67 -10.99 -47.50 -13.51
CA MET X 67 -9.97 -46.62 -12.97
C MET X 67 -8.58 -47.22 -13.07
N ASN X 68 -8.47 -48.54 -13.02
CA ASN X 68 -7.22 -49.19 -13.41
C ASN X 68 -6.88 -48.90 -14.87
N GLU X 69 -7.86 -48.56 -15.71
CA GLU X 69 -7.51 -48.11 -17.05
C GLU X 69 -6.70 -46.82 -16.98
N ALA X 70 -7.13 -45.87 -16.15
CA ALA X 70 -6.40 -44.61 -16.01
C ALA X 70 -5.02 -44.85 -15.42
N SER X 71 -4.91 -45.68 -14.39
CA SER X 71 -3.58 -45.91 -13.82
C SER X 71 -2.68 -46.70 -14.78
N LYS X 72 -3.23 -47.62 -15.56
CA LYS X 72 -2.42 -48.31 -16.56
C LYS X 72 -1.90 -47.35 -17.61
N GLU X 73 -2.75 -46.44 -18.09
CA GLU X 73 -2.28 -45.45 -19.05
C GLU X 73 -1.19 -44.58 -18.44
N SER X 74 -1.33 -44.19 -17.18
CA SER X 74 -0.31 -43.36 -16.55
C SER X 74 1.02 -44.10 -16.44
N THR X 75 1.00 -45.36 -16.04
CA THR X 75 2.27 -46.06 -15.90
C THR X 75 2.94 -46.32 -17.25
N THR X 76 2.17 -46.66 -18.28
CA THR X 76 2.80 -46.86 -19.59
C THR X 76 3.37 -45.55 -20.14
N ALA X 77 2.64 -44.44 -19.97
CA ALA X 77 3.15 -43.17 -20.43
C ALA X 77 4.42 -42.78 -19.68
N GLN X 78 4.46 -43.03 -18.37
CA GLN X 78 5.68 -42.73 -17.61
C GLN X 78 6.84 -43.58 -18.06
N LYS X 79 6.60 -44.86 -18.36
CA LYS X 79 7.69 -45.70 -18.86
C LYS X 79 8.24 -45.19 -20.18
N MET X 80 7.36 -44.81 -21.09
CA MET X 80 7.82 -44.26 -22.38
C MET X 80 8.61 -42.97 -22.17
N ALA X 81 8.12 -42.07 -21.31
CA ALA X 81 8.84 -40.84 -21.06
C ALA X 81 10.21 -41.11 -20.46
N ASN X 82 10.32 -42.11 -19.59
CA ASN X 82 11.63 -42.45 -19.04
C ASN X 82 12.56 -43.05 -20.07
N LEU X 83 12.04 -43.79 -21.05
CA LEU X 83 12.91 -44.24 -22.15
C LEU X 83 13.42 -43.05 -22.96
N VAL X 84 12.56 -42.07 -23.22
CA VAL X 84 13.01 -40.89 -23.95
C VAL X 84 14.04 -40.09 -23.14
N ASP X 85 13.87 -40.03 -21.81
CA ASP X 85 14.90 -39.40 -20.98
C ASP X 85 16.22 -40.17 -21.02
N ALA X 86 16.17 -41.50 -20.96
CA ALA X 86 17.39 -42.27 -21.11
C ALA X 86 18.08 -41.99 -22.44
N LYS X 87 17.31 -41.80 -23.50
CA LYS X 87 17.87 -41.44 -24.80
C LYS X 87 18.48 -40.04 -24.81
N ILE X 88 17.85 -39.06 -24.16
CA ILE X 88 18.41 -37.71 -24.13
C ILE X 88 19.72 -37.69 -23.34
N ALA X 89 19.84 -38.49 -22.29
CA ALA X 89 21.03 -38.47 -21.44
C ALA X 89 22.28 -38.98 -22.15
N ASP X 90 22.19 -39.26 -23.45
CA ASP X 90 23.34 -39.61 -24.26
C ASP X 90 23.56 -38.67 -25.43
N VAL X 91 22.61 -37.78 -25.71
CA VAL X 91 22.75 -36.81 -26.79
C VAL X 91 22.99 -35.45 -26.16
N GLN X 92 22.72 -35.34 -24.86
CA GLN X 92 23.15 -34.16 -24.12
C GLN X 92 24.63 -34.23 -23.80
N SER X 93 25.14 -35.41 -23.48
CA SER X 93 26.56 -35.62 -23.24
C SER X 93 27.35 -35.80 -24.54
N SER X 94 26.72 -35.57 -25.68
CA SER X 94 27.38 -35.75 -26.97
C SER X 94 28.30 -34.57 -27.24
N SER X 95 29.56 -34.88 -27.55
CA SER X 95 30.55 -33.83 -27.79
C SER X 95 30.21 -33.00 -29.02
N ASP X 96 29.56 -33.62 -30.01
CA ASP X 96 29.27 -32.97 -31.28
C ASP X 96 28.07 -32.04 -31.11
N LYS X 97 27.51 -31.56 -32.21
CA LYS X 97 26.21 -30.90 -32.16
C LYS X 97 25.15 -31.90 -31.72
N ASN X 98 24.19 -31.43 -30.94
CA ASN X 98 23.23 -32.34 -30.31
C ASN X 98 22.08 -32.70 -31.25
N ALA X 99 22.40 -33.13 -32.48
CA ALA X 99 21.40 -33.75 -33.35
C ALA X 99 21.97 -35.06 -33.88
N LYS X 100 21.94 -36.08 -33.03
CA LYS X 100 22.13 -37.48 -33.41
C LYS X 100 21.34 -38.29 -32.40
N ALA X 101 20.09 -38.59 -32.72
CA ALA X 101 19.21 -39.21 -31.75
C ALA X 101 18.00 -39.80 -32.44
N GLN X 102 17.55 -40.94 -31.93
CA GLN X 102 16.33 -41.58 -32.36
C GLN X 102 15.66 -42.18 -31.14
N LEU X 103 14.34 -42.21 -31.18
CA LEU X 103 13.62 -42.83 -30.09
C LEU X 103 13.85 -44.35 -30.12
N PRO X 104 13.87 -45.00 -28.96
CA PRO X 104 13.98 -46.46 -28.96
C PRO X 104 12.74 -47.10 -29.57
N ASP X 105 12.95 -48.26 -30.18
CA ASP X 105 11.97 -48.82 -31.12
C ASP X 105 10.60 -49.03 -30.49
N GLU X 106 10.53 -49.14 -29.16
CA GLU X 106 9.23 -49.32 -28.51
C GLU X 106 8.46 -48.01 -28.39
N VAL X 107 9.16 -46.89 -28.22
CA VAL X 107 8.45 -45.61 -28.14
C VAL X 107 7.82 -45.25 -29.47
N ILE X 108 8.46 -45.61 -30.59
CA ILE X 108 7.85 -45.35 -31.90
C ILE X 108 6.52 -46.07 -32.01
N SER X 109 6.48 -47.35 -31.63
CA SER X 109 5.22 -48.07 -31.64
C SER X 109 4.24 -47.53 -30.61
N TYR X 110 4.71 -46.90 -29.54
CA TYR X 110 3.79 -46.24 -28.62
C TYR X 110 3.09 -45.06 -29.30
N ILE X 111 3.84 -44.15 -29.90
CA ILE X 111 3.21 -43.00 -30.56
C ILE X 111 2.35 -43.45 -31.75
N ASN X 112 2.88 -44.33 -32.59
CA ASN X 112 2.17 -44.69 -33.82
C ASN X 112 0.91 -45.50 -33.60
N ASP X 113 0.70 -46.02 -32.39
CA ASP X 113 -0.50 -46.79 -32.11
C ASP X 113 -1.72 -45.88 -32.11
N PRO X 114 -2.88 -46.32 -32.62
CA PRO X 114 -4.01 -45.39 -32.80
C PRO X 114 -4.81 -45.09 -31.54
N ARG X 115 -4.78 -45.95 -30.53
CA ARG X 115 -5.69 -45.82 -29.40
C ARG X 115 -5.15 -44.92 -28.29
N ASN X 116 -4.26 -43.99 -28.61
CA ASN X 116 -3.65 -43.12 -27.61
C ASN X 116 -3.85 -41.64 -27.87
N ASP X 117 -4.05 -41.21 -29.12
CA ASP X 117 -4.21 -39.79 -29.46
C ASP X 117 -3.07 -38.96 -28.88
N ILE X 118 -1.87 -39.24 -29.36
CA ILE X 118 -0.63 -38.76 -28.76
C ILE X 118 0.11 -37.86 -29.73
N THR X 119 -0.61 -37.04 -30.49
CA THR X 119 -0.01 -36.02 -31.35
C THR X 119 1.02 -35.21 -30.59
N ILE X 120 2.29 -35.26 -31.01
CA ILE X 120 3.41 -34.77 -30.21
C ILE X 120 4.16 -33.64 -30.91
N SER X 121 4.78 -33.94 -32.06
CA SER X 121 5.84 -33.08 -32.58
C SER X 121 5.35 -32.07 -33.61
N GLY X 122 4.54 -32.52 -34.55
CA GLY X 122 4.27 -31.69 -35.71
C GLY X 122 5.46 -31.56 -36.63
N ILE X 123 6.37 -32.52 -36.58
CA ILE X 123 7.60 -32.47 -37.37
C ILE X 123 7.71 -33.74 -38.19
N ASP X 124 8.42 -33.65 -39.31
CA ASP X 124 8.44 -34.71 -40.30
C ASP X 124 9.38 -35.84 -39.90
N ASN X 125 9.01 -37.06 -40.32
CA ASN X 125 9.93 -38.19 -40.41
C ASN X 125 10.59 -38.49 -39.06
N ILE X 126 9.75 -38.93 -38.13
CA ILE X 126 10.28 -39.58 -36.94
C ILE X 126 11.08 -40.81 -37.37
N ASN X 127 11.99 -41.24 -36.49
CA ASN X 127 13.04 -42.24 -36.67
C ASN X 127 14.26 -41.69 -37.40
N ALA X 128 14.18 -40.51 -38.03
CA ALA X 128 15.37 -39.91 -38.63
C ALA X 128 15.10 -38.43 -38.88
N GLN X 129 15.59 -37.56 -38.00
CA GLN X 129 16.03 -37.86 -36.64
C GLN X 129 15.72 -36.57 -35.89
N LEU X 130 15.60 -36.60 -34.57
CA LEU X 130 15.12 -35.42 -33.83
C LEU X 130 16.12 -35.02 -32.76
N GLY X 131 17.18 -34.32 -33.17
CA GLY X 131 17.97 -33.46 -32.33
C GLY X 131 18.28 -33.93 -30.92
N ALA X 132 18.40 -32.98 -30.00
CA ALA X 132 18.29 -33.24 -28.57
C ALA X 132 17.54 -32.15 -27.83
N GLY X 133 17.13 -31.08 -28.51
CA GLY X 133 16.41 -29.99 -27.87
C GLY X 133 14.97 -29.98 -28.30
N ASP X 134 14.67 -30.72 -29.36
CA ASP X 134 13.30 -30.98 -29.76
C ASP X 134 12.82 -32.35 -29.31
N LEU X 135 13.73 -33.19 -28.80
CA LEU X 135 13.32 -34.41 -28.12
C LEU X 135 12.68 -34.12 -26.78
N GLN X 136 12.98 -32.94 -26.21
CA GLN X 136 12.30 -32.50 -25.01
C GLN X 136 10.81 -32.31 -25.24
N THR X 137 10.42 -31.88 -26.45
CA THR X 137 9.01 -31.77 -26.77
C THR X 137 8.33 -33.13 -26.76
N VAL X 138 8.98 -34.14 -27.31
CA VAL X 138 8.42 -35.49 -27.28
C VAL X 138 8.28 -35.98 -25.85
N LYS X 139 9.32 -35.79 -25.04
CA LYS X 139 9.25 -36.23 -23.64
C LYS X 139 8.13 -35.52 -22.90
N ALA X 140 7.99 -34.21 -23.10
CA ALA X 140 6.93 -33.46 -22.44
C ALA X 140 5.54 -33.88 -22.91
N ALA X 141 5.35 -34.10 -24.20
CA ALA X 141 4.05 -34.51 -24.71
C ALA X 141 3.69 -35.94 -24.36
N ILE X 142 4.68 -36.79 -24.06
CA ILE X 142 4.37 -38.13 -23.57
C ILE X 142 4.07 -38.10 -22.08
N SER X 143 4.90 -37.41 -21.31
CA SER X 143 4.70 -37.36 -19.86
C SER X 143 3.67 -36.32 -19.44
N ALA X 144 2.97 -35.69 -20.38
CA ALA X 144 1.82 -34.88 -20.03
C ALA X 144 0.52 -35.65 -20.06
N LYS X 145 0.49 -36.81 -20.73
CA LYS X 145 -0.67 -37.68 -20.72
C LYS X 145 -0.59 -38.69 -19.58
N ALA X 146 0.50 -38.68 -18.82
CA ALA X 146 0.62 -39.49 -17.63
C ALA X 146 -0.01 -38.85 -16.40
N ASN X 147 -0.46 -37.61 -16.51
CA ASN X 147 -0.97 -36.85 -15.37
C ASN X 147 -2.49 -36.89 -15.31
N ASN X 148 -3.07 -38.09 -15.26
CA ASN X 148 -4.52 -38.26 -15.32
C ASN X 148 -5.06 -39.05 -14.14
N LEU X 149 -4.53 -38.83 -12.94
CA LEU X 149 -5.06 -39.50 -11.75
C LEU X 149 -5.89 -38.57 -10.88
N THR X 150 -6.20 -37.36 -11.34
CA THR X 150 -7.13 -36.51 -10.63
C THR X 150 -8.47 -36.39 -11.33
N THR X 151 -8.52 -36.58 -12.64
CA THR X 151 -9.81 -36.64 -13.31
C THR X 151 -10.60 -37.87 -12.92
N THR X 152 -9.94 -38.93 -12.43
CA THR X 152 -10.60 -40.13 -11.98
C THR X 152 -10.74 -40.21 -10.47
N VAL X 153 -10.33 -39.17 -9.76
CA VAL X 153 -10.66 -38.99 -8.35
C VAL X 153 -11.74 -37.93 -8.17
N ASN X 154 -11.77 -36.94 -9.04
CA ASN X 154 -12.88 -35.99 -9.00
C ASN X 154 -14.17 -36.62 -9.45
N ASN X 155 -14.11 -37.52 -10.43
CA ASN X 155 -15.31 -38.11 -11.03
C ASN X 155 -15.87 -39.27 -10.22
N SER X 156 -15.12 -39.82 -9.28
CA SER X 156 -15.49 -41.08 -8.66
C SER X 156 -15.31 -41.04 -7.15
N GLN X 157 -15.82 -40.00 -6.49
CA GLN X 157 -15.80 -39.95 -5.04
C GLN X 157 -17.17 -39.88 -4.42
N LEU X 158 -18.18 -39.40 -5.14
CA LEU X 158 -19.55 -39.42 -4.66
C LEU X 158 -20.28 -40.69 -5.06
N GLU X 159 -19.67 -41.52 -5.89
CA GLU X 159 -20.20 -42.85 -6.18
C GLU X 159 -19.65 -43.89 -5.24
N ILE X 160 -18.34 -43.88 -5.00
CA ILE X 160 -17.75 -44.82 -4.06
C ILE X 160 -18.30 -44.59 -2.66
N GLN X 161 -18.64 -43.35 -2.32
CA GLN X 161 -19.45 -43.04 -1.15
C GLN X 161 -20.61 -44.03 -1.03
N GLN X 162 -21.50 -44.01 -2.01
CA GLN X 162 -22.74 -44.78 -1.93
C GLN X 162 -22.52 -46.27 -2.10
N MET X 163 -21.63 -46.68 -3.00
CA MET X 163 -21.34 -48.10 -3.16
C MET X 163 -20.78 -48.68 -1.87
N SER X 164 -19.81 -48.01 -1.25
CA SER X 164 -19.24 -48.50 -0.02
C SER X 164 -20.25 -48.48 1.12
N ASN X 165 -21.10 -47.45 1.21
CA ASN X 165 -22.09 -47.48 2.28
C ASN X 165 -23.09 -48.61 2.07
N THR X 166 -23.67 -48.73 0.88
CA THR X 166 -24.68 -49.75 0.64
C THR X 166 -24.13 -51.16 0.83
N LEU X 167 -22.91 -51.41 0.38
CA LEU X 167 -22.40 -52.77 0.37
C LEU X 167 -22.17 -53.27 1.79
N ASN X 168 -21.66 -52.40 2.66
CA ASN X 168 -21.61 -52.67 4.10
C ASN X 168 -23.01 -52.83 4.67
N LEU X 169 -23.92 -51.93 4.32
CA LEU X 169 -25.26 -51.90 4.88
C LEU X 169 -26.04 -53.15 4.53
N LEU X 170 -25.56 -53.89 3.54
CA LEU X 170 -26.20 -55.10 3.05
C LEU X 170 -25.52 -56.37 3.55
N THR X 171 -24.19 -56.36 3.69
CA THR X 171 -23.51 -57.42 4.45
C THR X 171 -24.06 -57.52 5.87
N SER X 172 -24.15 -56.39 6.55
CA SER X 172 -24.61 -56.40 7.94
C SER X 172 -26.10 -56.67 8.08
N ALA X 173 -26.85 -56.69 6.99
CA ALA X 173 -28.24 -57.09 7.01
C ALA X 173 -28.45 -58.55 6.68
N ARG X 174 -27.54 -59.11 5.88
CA ARG X 174 -27.58 -60.52 5.53
C ARG X 174 -27.26 -61.32 6.79
N SER X 175 -26.27 -60.81 7.53
CA SER X 175 -25.79 -61.43 8.77
C SER X 175 -26.83 -61.46 9.88
N ASP X 176 -27.60 -60.39 10.01
CA ASP X 176 -28.63 -60.30 11.03
C ASP X 176 -29.63 -61.42 10.76
N MET X 177 -29.91 -61.64 9.49
CA MET X 177 -30.83 -62.69 9.07
C MET X 177 -30.30 -64.07 9.46
N GLN X 178 -28.99 -64.28 9.33
CA GLN X 178 -28.41 -65.57 9.66
C GLN X 178 -28.45 -65.84 11.16
N SER X 179 -28.15 -64.82 11.98
CA SER X 179 -28.22 -65.01 13.42
C SER X 179 -29.65 -65.30 13.88
N LEU X 180 -30.63 -64.58 13.33
CA LEU X 180 -32.02 -64.85 13.68
C LEU X 180 -32.45 -66.26 13.25
N GLN X 181 -32.03 -66.69 12.07
CA GLN X 181 -32.35 -68.03 11.61
C GLN X 181 -31.80 -69.07 12.56
N TYR X 182 -30.60 -68.85 13.09
CA TYR X 182 -30.06 -69.78 14.07
C TYR X 182 -30.86 -69.75 15.36
N ARG X 183 -31.12 -68.57 15.90
CA ARG X 183 -31.76 -68.50 17.21
C ARG X 183 -33.21 -68.95 17.19
N THR X 184 -33.87 -68.92 16.03
CA THR X 184 -35.25 -69.37 15.96
C THR X 184 -35.36 -70.88 16.09
N ILE X 185 -34.44 -71.61 15.47
CA ILE X 185 -34.52 -73.07 15.46
C ILE X 185 -33.90 -73.68 16.71
N SER X 186 -33.07 -72.92 17.43
CA SER X 186 -32.46 -73.45 18.65
C SER X 186 -33.49 -73.66 19.76
N GLY X 187 -34.65 -73.03 19.68
CA GLY X 187 -35.66 -73.09 20.70
C GLY X 187 -36.61 -74.27 20.60
N ILE X 188 -36.41 -75.18 19.66
CA ILE X 188 -37.24 -76.37 19.49
C ILE X 188 -36.54 -77.54 20.15
N SER X 189 -37.15 -78.07 21.21
CA SER X 189 -36.60 -79.18 21.96
C SER X 189 -37.36 -80.45 21.61
N LEU X 190 -36.63 -81.47 21.18
CA LEU X 190 -37.23 -82.72 20.71
C LEU X 190 -37.46 -83.65 21.88
N GLY X 191 -38.68 -84.20 21.97
CA GLY X 191 -38.99 -85.15 23.00
C GLY X 191 -39.08 -84.61 24.40
N LYS X 192 -39.39 -83.32 24.56
CA LYS X 192 -39.50 -82.74 25.88
C LYS X 192 -40.76 -81.88 25.99
N SER Y 19 6.23 -53.14 -6.07
CA SER Y 19 6.16 -52.81 -4.66
C SER Y 19 4.97 -53.49 -3.99
N MET Y 20 4.09 -54.05 -4.81
CA MET Y 20 2.92 -54.76 -4.33
C MET Y 20 2.86 -56.17 -4.94
N ALA Y 21 1.80 -56.89 -4.59
CA ALA Y 21 1.67 -58.28 -4.98
C ALA Y 21 1.31 -58.43 -6.46
N TYR Y 22 0.24 -57.76 -6.88
CA TYR Y 22 -0.30 -57.95 -8.22
C TYR Y 22 0.16 -56.82 -9.12
N ASP Y 23 0.69 -57.17 -10.29
CA ASP Y 23 1.22 -56.21 -11.25
C ASP Y 23 0.16 -55.85 -12.29
N LEU Y 24 -0.80 -55.02 -11.87
CA LEU Y 24 -1.93 -54.64 -12.72
C LEU Y 24 -1.52 -53.83 -13.94
N GLY Y 25 -0.24 -53.56 -14.14
CA GLY Y 25 0.20 -52.77 -15.27
C GLY Y 25 0.17 -53.50 -16.60
N SER Y 26 0.12 -54.82 -16.57
CA SER Y 26 0.09 -55.63 -17.78
C SER Y 26 -1.24 -56.33 -18.02
N MET Y 27 -1.94 -56.73 -16.96
CA MET Y 27 -3.19 -57.46 -17.10
C MET Y 27 -4.23 -56.62 -17.82
N SER Y 28 -4.93 -57.26 -18.75
CA SER Y 28 -5.98 -56.58 -19.51
C SER Y 28 -7.18 -56.33 -18.59
N LYS Y 29 -8.24 -55.77 -19.16
CA LYS Y 29 -9.40 -55.45 -18.33
C LYS Y 29 -10.15 -56.70 -17.91
N ASP Y 30 -10.32 -57.65 -18.83
CA ASP Y 30 -11.07 -58.87 -18.51
C ASP Y 30 -10.28 -59.81 -17.61
N ASP Y 31 -9.01 -59.54 -17.38
CA ASP Y 31 -8.25 -60.22 -16.34
C ASP Y 31 -8.25 -59.47 -15.03
N VAL Y 32 -8.26 -58.14 -15.07
CA VAL Y 32 -8.38 -57.37 -13.85
C VAL Y 32 -9.74 -57.62 -13.18
N ILE Y 33 -10.80 -57.73 -13.98
CA ILE Y 33 -12.11 -57.97 -13.39
C ILE Y 33 -12.15 -59.33 -12.72
N ASP Y 34 -11.59 -60.36 -13.36
CA ASP Y 34 -11.57 -61.69 -12.74
C ASP Y 34 -10.68 -61.70 -11.50
N LEU Y 35 -9.59 -60.94 -11.52
CA LEU Y 35 -8.76 -60.80 -10.33
C LEU Y 35 -9.54 -60.18 -9.19
N PHE Y 36 -10.24 -59.07 -9.45
CA PHE Y 36 -11.02 -58.41 -8.42
C PHE Y 36 -12.16 -59.28 -7.92
N ASN Y 37 -12.70 -60.14 -8.77
CA ASN Y 37 -13.68 -61.10 -8.30
C ASN Y 37 -13.06 -62.17 -7.40
N LYS Y 38 -11.81 -62.57 -7.68
CA LYS Y 38 -11.15 -63.48 -6.77
C LYS Y 38 -10.97 -62.88 -5.39
N LEU Y 39 -10.57 -61.60 -5.32
CA LEU Y 39 -10.52 -60.88 -4.05
C LEU Y 39 -11.95 -60.50 -3.67
N GLY Y 40 -12.08 -59.66 -2.65
CA GLY Y 40 -13.38 -59.21 -2.20
C GLY Y 40 -13.87 -58.03 -2.99
N VAL Y 41 -14.76 -57.26 -2.37
CA VAL Y 41 -15.18 -55.99 -2.90
C VAL Y 41 -14.45 -54.83 -2.25
N PHE Y 42 -14.06 -54.94 -0.98
CA PHE Y 42 -13.31 -53.92 -0.28
C PHE Y 42 -11.83 -53.96 -0.64
N GLN Y 43 -11.27 -55.15 -0.81
CA GLN Y 43 -9.86 -55.22 -1.18
C GLN Y 43 -9.61 -55.00 -2.66
N ALA Y 44 -10.62 -55.16 -3.51
CA ALA Y 44 -10.49 -54.62 -4.85
C ALA Y 44 -10.31 -53.11 -4.80
N ALA Y 45 -11.10 -52.44 -3.95
CA ALA Y 45 -10.94 -51.00 -3.77
C ALA Y 45 -9.58 -50.67 -3.21
N ILE Y 46 -9.08 -51.45 -2.25
CA ILE Y 46 -7.76 -51.14 -1.70
C ILE Y 46 -6.65 -51.33 -2.74
N LEU Y 47 -6.69 -52.39 -3.56
CA LEU Y 47 -5.71 -52.46 -4.65
C LEU Y 47 -5.84 -51.31 -5.63
N MET Y 48 -7.06 -50.94 -6.01
CA MET Y 48 -7.21 -49.88 -6.99
C MET Y 48 -6.62 -48.59 -6.45
N PHE Y 49 -6.88 -48.28 -5.17
CA PHE Y 49 -6.30 -47.07 -4.59
C PHE Y 49 -4.80 -47.19 -4.37
N ALA Y 50 -4.29 -48.36 -4.05
CA ALA Y 50 -2.85 -48.51 -3.86
C ALA Y 50 -2.10 -48.36 -5.18
N TYR Y 51 -2.63 -48.91 -6.26
CA TYR Y 51 -1.99 -48.72 -7.56
C TYR Y 51 -2.10 -47.28 -8.03
N MET Y 52 -3.24 -46.62 -7.81
CA MET Y 52 -3.31 -45.21 -8.14
C MET Y 52 -2.31 -44.38 -7.33
N TYR Y 53 -2.13 -44.73 -6.06
CA TYR Y 53 -1.12 -44.05 -5.25
C TYR Y 53 0.29 -44.29 -5.77
N GLN Y 54 0.60 -45.51 -6.20
CA GLN Y 54 1.92 -45.76 -6.76
C GLN Y 54 2.14 -44.96 -8.04
N ALA Y 55 1.13 -44.91 -8.91
CA ALA Y 55 1.29 -44.15 -10.15
C ALA Y 55 1.51 -42.67 -9.87
N GLN Y 56 0.73 -42.10 -8.94
CA GLN Y 56 0.88 -40.69 -8.60
C GLN Y 56 2.23 -40.42 -7.93
N SER Y 57 2.66 -41.30 -7.03
CA SER Y 57 3.94 -41.07 -6.38
C SER Y 57 5.09 -41.19 -7.37
N ASP Y 58 4.99 -42.09 -8.34
CA ASP Y 58 6.03 -42.18 -9.36
C ASP Y 58 6.09 -40.93 -10.20
N LEU Y 59 4.94 -40.39 -10.61
CA LEU Y 59 4.96 -39.10 -11.33
C LEU Y 59 5.65 -38.03 -10.50
N SER Y 60 5.23 -37.89 -9.24
CA SER Y 60 5.75 -36.80 -8.43
C SER Y 60 7.24 -36.96 -8.16
N ILE Y 61 7.71 -38.18 -7.89
CA ILE Y 61 9.12 -38.37 -7.62
C ILE Y 61 9.96 -38.17 -8.87
N ALA Y 62 9.49 -38.64 -10.03
CA ALA Y 62 10.20 -38.33 -11.25
C ALA Y 62 10.20 -36.84 -11.56
N LYS Y 63 9.25 -36.09 -11.01
CA LYS Y 63 9.32 -34.63 -11.08
C LYS Y 63 10.35 -34.07 -10.11
N PHE Y 64 10.45 -34.64 -8.91
CA PHE Y 64 11.36 -34.13 -7.90
C PHE Y 64 12.82 -34.40 -8.24
N ALA Y 65 13.10 -35.34 -9.13
CA ALA Y 65 14.47 -35.61 -9.55
C ALA Y 65 14.89 -34.79 -10.75
N ASP Y 66 13.99 -33.98 -11.32
CA ASP Y 66 14.34 -32.99 -12.32
C ASP Y 66 14.69 -31.64 -11.70
N MET Y 67 14.53 -31.49 -10.39
CA MET Y 67 14.91 -30.28 -9.70
C MET Y 67 16.21 -30.43 -8.92
N ASN Y 68 16.49 -31.64 -8.43
CA ASN Y 68 17.83 -31.93 -7.95
C ASN Y 68 18.86 -31.80 -9.05
N GLU Y 69 18.48 -31.91 -10.31
CA GLU Y 69 19.43 -31.59 -11.38
C GLU Y 69 19.84 -30.13 -11.31
N ALA Y 70 18.87 -29.23 -11.13
CA ALA Y 70 19.17 -27.81 -11.03
C ALA Y 70 20.03 -27.51 -9.80
N SER Y 71 19.68 -28.09 -8.65
CA SER Y 71 20.48 -27.82 -7.46
C SER Y 71 21.87 -28.44 -7.55
N LYS Y 72 22.01 -29.60 -8.20
CA LYS Y 72 23.34 -30.18 -8.40
C LYS Y 72 24.20 -29.28 -9.29
N GLU Y 73 23.62 -28.77 -10.37
CA GLU Y 73 24.35 -27.84 -11.22
C GLU Y 73 24.78 -26.61 -10.44
N SER Y 74 23.90 -26.07 -9.61
CA SER Y 74 24.24 -24.88 -8.84
C SER Y 74 25.39 -25.16 -7.88
N THR Y 75 25.36 -26.28 -7.17
CA THR Y 75 26.43 -26.52 -6.22
C THR Y 75 27.77 -26.80 -6.92
N THR Y 76 27.77 -27.53 -8.04
CA THR Y 76 29.04 -27.73 -8.74
C THR Y 76 29.58 -26.42 -9.29
N ALA Y 77 28.72 -25.58 -9.85
CA ALA Y 77 29.18 -24.28 -10.35
C ALA Y 77 29.74 -23.42 -9.23
N GLN Y 78 29.09 -23.42 -8.07
CA GLN Y 78 29.61 -22.65 -6.94
C GLN Y 78 30.95 -23.17 -6.47
N LYS Y 79 31.13 -24.49 -6.45
CA LYS Y 79 32.43 -25.05 -6.06
C LYS Y 79 33.53 -24.61 -7.02
N MET Y 80 33.25 -24.66 -8.33
CA MET Y 80 34.25 -24.23 -9.30
C MET Y 80 34.57 -22.75 -9.14
N ALA Y 81 33.54 -21.91 -8.94
CA ALA Y 81 33.78 -20.49 -8.75
C ALA Y 81 34.61 -20.23 -7.51
N ASN Y 82 34.38 -20.99 -6.44
CA ASN Y 82 35.20 -20.83 -5.24
C ASN Y 82 36.64 -21.28 -5.45
N LEU Y 83 36.88 -22.30 -6.28
CA LEU Y 83 38.26 -22.64 -6.62
C LEU Y 83 38.94 -21.49 -7.38
N VAL Y 84 38.22 -20.87 -8.31
CA VAL Y 84 38.80 -19.74 -9.04
C VAL Y 84 39.05 -18.56 -8.11
N ASP Y 85 38.17 -18.33 -7.13
CA ASP Y 85 38.44 -17.29 -6.13
C ASP Y 85 39.67 -17.63 -5.28
N ALA Y 86 39.82 -18.87 -4.85
CA ALA Y 86 41.03 -19.25 -4.14
C ALA Y 86 42.28 -19.02 -4.97
N LYS Y 87 42.20 -19.23 -6.28
CA LYS Y 87 43.32 -18.93 -7.17
C LYS Y 87 43.59 -17.45 -7.29
N ILE Y 88 42.55 -16.61 -7.37
CA ILE Y 88 42.77 -15.17 -7.47
C ILE Y 88 43.40 -14.62 -6.19
N ALA Y 89 43.04 -15.17 -5.03
CA ALA Y 89 43.55 -14.65 -3.76
C ALA Y 89 45.03 -14.86 -3.56
N ASP Y 90 45.74 -15.36 -4.58
CA ASP Y 90 47.18 -15.47 -4.57
C ASP Y 90 47.85 -14.71 -5.70
N VAL Y 91 47.09 -14.22 -6.67
CA VAL Y 91 47.63 -13.44 -7.78
C VAL Y 91 47.26 -11.98 -7.55
N GLN Y 92 46.30 -11.76 -6.66
CA GLN Y 92 46.04 -10.40 -6.18
C GLN Y 92 47.08 -9.96 -5.18
N SER Y 93 47.52 -10.86 -4.31
CA SER Y 93 48.58 -10.59 -3.35
C SER Y 93 49.97 -10.73 -3.96
N SER Y 94 50.06 -10.90 -5.28
CA SER Y 94 51.33 -11.08 -5.95
C SER Y 94 52.04 -9.74 -6.07
N SER Y 95 53.29 -9.69 -5.61
CA SER Y 95 54.05 -8.44 -5.63
C SER Y 95 54.33 -7.97 -7.06
N ASP Y 96 54.45 -8.91 -7.99
CA ASP Y 96 54.80 -8.60 -9.37
C ASP Y 96 53.57 -8.05 -10.10
N LYS Y 97 53.66 -7.96 -11.42
CA LYS Y 97 52.46 -7.72 -12.22
C LYS Y 97 51.52 -8.91 -12.09
N ASN Y 98 50.22 -8.63 -12.05
CA ASN Y 98 49.24 -9.67 -11.75
C ASN Y 98 48.88 -10.50 -12.99
N ALA Y 99 49.89 -11.02 -13.70
CA ALA Y 99 49.66 -12.04 -14.71
C ALA Y 99 50.64 -13.18 -14.46
N LYS Y 100 50.31 -14.02 -13.49
CA LYS Y 100 50.92 -15.34 -13.28
C LYS Y 100 49.84 -16.17 -12.60
N ALA Y 101 49.04 -16.88 -13.39
CA ALA Y 101 47.90 -17.57 -12.85
C ALA Y 101 47.40 -18.60 -13.84
N GLN Y 102 46.94 -19.73 -13.29
CA GLN Y 102 46.28 -20.76 -14.06
C GLN Y 102 45.15 -21.33 -13.22
N LEU Y 103 44.10 -21.77 -13.88
CA LEU Y 103 43.01 -22.39 -13.16
C LEU Y 103 43.47 -23.75 -12.63
N PRO Y 104 42.96 -24.16 -11.47
CA PRO Y 104 43.29 -25.50 -10.98
C PRO Y 104 42.72 -26.58 -11.90
N ASP Y 105 43.42 -27.71 -11.94
CA ASP Y 105 43.23 -28.67 -13.02
C ASP Y 105 41.81 -29.19 -13.13
N GLU Y 106 41.02 -29.09 -12.05
CA GLU Y 106 39.65 -29.55 -12.10
C GLU Y 106 38.73 -28.53 -12.77
N VAL Y 107 39.02 -27.24 -12.62
CA VAL Y 107 38.19 -26.23 -13.28
C VAL Y 107 38.34 -26.32 -14.79
N ILE Y 108 39.54 -26.63 -15.29
CA ILE Y 108 39.73 -26.79 -16.73
C ILE Y 108 38.83 -27.89 -17.27
N SER Y 109 38.80 -29.04 -16.59
CA SER Y 109 37.89 -30.09 -17.01
C SER Y 109 36.44 -29.72 -16.82
N TYR Y 110 36.13 -28.81 -15.90
CA TYR Y 110 34.75 -28.32 -15.80
C TYR Y 110 34.35 -27.54 -17.05
N ILE Y 111 35.16 -26.54 -17.44
CA ILE Y 111 34.82 -25.77 -18.64
C ILE Y 111 34.85 -26.64 -19.90
N ASN Y 112 35.89 -27.45 -20.07
CA ASN Y 112 36.06 -28.19 -21.31
C ASN Y 112 35.04 -29.31 -21.51
N ASP Y 113 34.28 -29.65 -20.47
CA ASP Y 113 33.28 -30.71 -20.61
C ASP Y 113 32.13 -30.21 -21.48
N PRO Y 114 31.55 -31.05 -22.33
CA PRO Y 114 30.56 -30.55 -23.31
C PRO Y 114 29.17 -30.31 -22.78
N ARG Y 115 28.77 -30.94 -21.67
CA ARG Y 115 27.37 -30.92 -21.24
C ARG Y 115 27.06 -29.73 -20.34
N ASN Y 116 27.81 -28.63 -20.45
CA ASN Y 116 27.61 -27.47 -19.59
C ASN Y 116 27.34 -26.17 -20.35
N ASP Y 117 27.80 -26.04 -21.58
CA ASP Y 117 27.63 -24.82 -22.37
C ASP Y 117 28.09 -23.59 -21.58
N ILE Y 118 29.39 -23.57 -21.30
CA ILE Y 118 29.98 -22.65 -20.34
C ILE Y 118 30.98 -21.73 -21.03
N THR Y 119 30.66 -21.31 -22.26
CA THR Y 119 31.47 -20.32 -22.97
C THR Y 119 31.76 -19.11 -22.08
N ILE Y 120 33.03 -18.85 -21.79
CA ILE Y 120 33.42 -17.91 -20.73
C ILE Y 120 34.24 -16.74 -21.27
N SER Y 121 35.43 -17.02 -21.80
CA SER Y 121 36.44 -15.98 -21.97
C SER Y 121 36.44 -15.35 -23.35
N GLY Y 122 36.38 -16.17 -24.40
CA GLY Y 122 36.66 -15.66 -25.72
C GLY Y 122 38.12 -15.32 -25.92
N ILE Y 123 39.00 -15.95 -25.14
CA ILE Y 123 40.43 -15.65 -25.19
C ILE Y 123 41.17 -16.95 -25.43
N ASP Y 124 42.36 -16.83 -26.01
CA ASP Y 124 43.11 -17.99 -26.49
C ASP Y 124 43.83 -18.70 -25.37
N ASN Y 125 43.97 -20.02 -25.52
CA ASN Y 125 44.96 -20.82 -24.81
C ASN Y 125 44.80 -20.69 -23.29
N ILE Y 126 43.67 -21.20 -22.81
CA ILE Y 126 43.55 -21.45 -21.38
C ILE Y 126 44.65 -22.44 -20.97
N ASN Y 127 44.98 -22.43 -19.68
CA ASN Y 127 46.10 -23.08 -18.99
C ASN Y 127 47.40 -22.31 -19.15
N ALA Y 128 47.49 -21.34 -20.06
CA ALA Y 128 48.70 -20.52 -20.15
C ALA Y 128 48.37 -19.24 -20.94
N GLN Y 129 48.13 -18.13 -20.24
CA GLN Y 129 47.79 -18.06 -18.82
C GLN Y 129 46.91 -16.81 -18.75
N LEU Y 130 46.08 -16.68 -17.72
CA LEU Y 130 45.08 -15.59 -17.70
C LEU Y 130 45.24 -14.73 -16.46
N GLY Y 131 46.22 -13.83 -16.48
CA GLY Y 131 46.25 -12.63 -15.65
C GLY Y 131 45.80 -12.76 -14.22
N ALA Y 132 45.23 -11.67 -13.69
CA ALA Y 132 44.39 -11.73 -12.50
C ALA Y 132 43.19 -10.81 -12.60
N GLY Y 133 43.05 -10.04 -13.67
CA GLY Y 133 41.93 -9.12 -13.81
C GLY Y 133 41.00 -9.60 -14.89
N ASP Y 134 41.47 -10.57 -15.69
CA ASP Y 134 40.61 -11.30 -16.61
C ASP Y 134 40.20 -12.66 -16.07
N LEU Y 135 40.78 -13.09 -14.95
CA LEU Y 135 40.29 -14.25 -14.22
C LEU Y 135 38.97 -13.94 -13.54
N GLN Y 136 38.70 -12.66 -13.29
CA GLN Y 136 37.41 -12.25 -12.77
C GLN Y 136 36.30 -12.56 -13.76
N THR Y 137 36.58 -12.48 -15.05
CA THR Y 137 35.59 -12.85 -16.06
C THR Y 137 35.24 -14.33 -15.97
N VAL Y 138 36.25 -15.18 -15.79
CA VAL Y 138 36.00 -16.60 -15.64
C VAL Y 138 35.18 -16.88 -14.40
N LYS Y 139 35.54 -16.25 -13.28
CA LYS Y 139 34.78 -16.46 -12.05
C LYS Y 139 33.35 -16.00 -12.20
N ALA Y 140 33.12 -14.85 -12.83
CA ALA Y 140 31.76 -14.36 -13.04
C ALA Y 140 30.96 -15.25 -13.98
N ALA Y 141 31.56 -15.72 -15.06
CA ALA Y 141 30.84 -16.58 -15.99
C ALA Y 141 30.60 -17.98 -15.46
N ILE Y 142 31.38 -18.43 -14.48
CA ILE Y 142 31.09 -19.70 -13.83
C ILE Y 142 30.01 -19.52 -12.77
N SER Y 143 30.14 -18.50 -11.93
CA SER Y 143 29.17 -18.27 -10.87
C SER Y 143 27.93 -17.54 -11.35
N ALA Y 144 27.77 -17.31 -12.64
CA ALA Y 144 26.50 -16.84 -13.16
C ALA Y 144 25.59 -17.97 -13.61
N LYS Y 145 26.12 -19.17 -13.82
CA LYS Y 145 25.31 -20.33 -14.12
C LYS Y 145 24.92 -21.08 -12.85
N ALA Y 146 25.38 -20.61 -11.70
CA ALA Y 146 24.95 -21.15 -10.42
C ALA Y 146 23.66 -20.53 -9.92
N ASN Y 147 23.14 -19.52 -10.61
CA ASN Y 147 21.96 -18.78 -10.15
C ASN Y 147 20.70 -19.27 -10.85
N ASN Y 148 20.41 -20.56 -10.72
CA ASN Y 148 19.28 -21.16 -11.44
C ASN Y 148 18.31 -21.87 -10.52
N LEU Y 149 18.05 -21.31 -9.34
CA LEU Y 149 17.06 -21.90 -8.43
C LEU Y 149 15.75 -21.15 -8.41
N THR Y 150 15.55 -20.18 -9.30
CA THR Y 150 14.26 -19.55 -9.43
C THR Y 150 13.53 -19.94 -10.69
N THR Y 151 14.25 -20.36 -11.73
CA THR Y 151 13.58 -20.90 -12.90
C THR Y 151 12.93 -22.24 -12.60
N THR Y 152 13.36 -22.94 -11.55
CA THR Y 152 12.78 -24.21 -11.16
C THR Y 152 11.84 -24.08 -9.97
N VAL Y 153 11.61 -22.86 -9.49
CA VAL Y 153 10.53 -22.57 -8.57
C VAL Y 153 9.37 -21.87 -9.27
N ASN Y 154 9.66 -21.09 -10.30
CA ASN Y 154 8.58 -20.51 -11.09
C ASN Y 154 7.88 -21.58 -11.92
N ASN Y 155 8.62 -22.56 -12.41
CA ASN Y 155 8.08 -23.57 -13.31
C ASN Y 155 7.36 -24.71 -12.59
N SER Y 156 7.53 -24.84 -11.28
CA SER Y 156 7.10 -26.04 -10.58
C SER Y 156 6.41 -25.69 -9.26
N GLN Y 157 5.46 -24.78 -9.30
CA GLN Y 157 4.67 -24.49 -8.11
C GLN Y 157 3.19 -24.73 -8.31
N LEU Y 158 2.68 -24.70 -9.55
CA LEU Y 158 1.30 -25.05 -9.81
C LEU Y 158 1.14 -26.53 -10.12
N GLU Y 159 2.24 -27.26 -10.25
CA GLU Y 159 2.19 -28.71 -10.34
C GLU Y 159 2.28 -29.37 -8.99
N ILE Y 160 3.23 -28.94 -8.16
CA ILE Y 160 3.33 -29.48 -6.82
C ILE Y 160 2.07 -29.21 -6.01
N GLN Y 161 1.39 -28.09 -6.28
CA GLN Y 161 0.03 -27.85 -5.82
C GLN Y 161 -0.82 -29.11 -6.00
N GLN Y 162 -0.99 -29.53 -7.24
CA GLN Y 162 -1.93 -30.60 -7.55
C GLN Y 162 -1.41 -31.97 -7.15
N MET Y 163 -0.11 -32.23 -7.32
CA MET Y 163 0.45 -33.50 -6.87
C MET Y 163 0.29 -33.67 -5.37
N SER Y 164 0.63 -32.64 -4.59
CA SER Y 164 0.48 -32.72 -3.14
C SER Y 164 -0.97 -32.83 -2.72
N ASN Y 165 -1.89 -32.11 -3.38
CA ASN Y 165 -3.28 -32.26 -3.00
C ASN Y 165 -3.80 -33.65 -3.31
N THR Y 166 -3.58 -34.14 -4.53
CA THR Y 166 -4.11 -35.44 -4.92
C THR Y 166 -3.53 -36.56 -4.07
N LEU Y 167 -2.24 -36.51 -3.77
CA LEU Y 167 -1.59 -37.63 -3.11
C LEU Y 167 -2.11 -37.80 -1.69
N ASN Y 168 -2.33 -36.69 -0.99
CA ASN Y 168 -3.04 -36.70 0.29
C ASN Y 168 -4.48 -37.17 0.11
N LEU Y 169 -5.16 -36.65 -0.90
CA LEU Y 169 -6.57 -36.94 -1.11
C LEU Y 169 -6.80 -38.40 -1.39
N LEU Y 170 -5.74 -39.12 -1.74
CA LEU Y 170 -5.80 -40.53 -2.10
C LEU Y 170 -5.31 -41.44 -0.98
N THR Y 171 -4.30 -41.00 -0.21
CA THR Y 171 -4.00 -41.67 1.06
C THR Y 171 -5.21 -41.71 1.98
N SER Y 172 -5.85 -40.56 2.15
CA SER Y 172 -6.99 -40.48 3.06
C SER Y 172 -8.24 -41.16 2.53
N ALA Y 173 -8.24 -41.58 1.26
CA ALA Y 173 -9.33 -42.37 0.72
C ALA Y 173 -9.07 -43.86 0.78
N ARG Y 174 -7.79 -44.23 0.75
CA ARG Y 174 -7.40 -45.63 0.87
C ARG Y 174 -7.70 -46.09 2.29
N SER Y 175 -7.40 -45.19 3.23
CA SER Y 175 -7.59 -45.42 4.66
C SER Y 175 -9.04 -45.59 5.06
N ASP Y 176 -9.91 -44.79 4.47
CA ASP Y 176 -11.33 -44.86 4.77
C ASP Y 176 -11.81 -46.24 4.40
N MET Y 177 -11.30 -46.75 3.28
CA MET Y 177 -11.65 -48.08 2.80
C MET Y 177 -11.21 -49.15 3.79
N GLN Y 178 -10.03 -48.97 4.38
CA GLN Y 178 -9.53 -49.97 5.34
C GLN Y 178 -10.35 -49.98 6.62
N SER Y 179 -10.72 -48.80 7.13
CA SER Y 179 -11.55 -48.76 8.33
C SER Y 179 -12.92 -49.39 8.09
N LEU Y 180 -13.54 -49.10 6.95
CA LEU Y 180 -14.82 -49.72 6.63
C LEU Y 180 -14.70 -51.23 6.49
N GLN Y 181 -13.64 -51.70 5.85
CA GLN Y 181 -13.42 -53.14 5.72
C GLN Y 181 -13.32 -53.80 7.08
N TYR Y 182 -12.67 -53.14 8.04
CA TYR Y 182 -12.61 -53.68 9.39
C TYR Y 182 -13.99 -53.70 10.04
N ARG Y 183 -14.70 -52.57 10.01
CA ARG Y 183 -15.96 -52.49 10.74
C ARG Y 183 -17.06 -53.35 10.13
N THR Y 184 -16.96 -53.71 8.85
CA THR Y 184 -17.98 -54.57 8.26
C THR Y 184 -17.88 -56.00 8.76
N ILE Y 185 -16.67 -56.51 8.92
CA ILE Y 185 -16.48 -57.90 9.32
C ILE Y 185 -16.56 -58.08 10.83
N SER Y 186 -16.42 -57.01 11.60
CA SER Y 186 -16.52 -57.11 13.04
C SER Y 186 -17.93 -57.44 13.51
N GLY Y 187 -18.93 -57.22 12.67
CA GLY Y 187 -20.31 -57.43 13.03
C GLY Y 187 -20.85 -58.82 12.82
N ILE Y 188 -20.00 -59.77 12.44
CA ILE Y 188 -20.39 -61.16 12.25
C ILE Y 188 -20.00 -61.95 13.48
N SER Y 189 -20.99 -62.45 14.20
CA SER Y 189 -20.77 -63.20 15.43
C SER Y 189 -20.98 -64.68 15.15
N LEU Y 190 -19.99 -65.50 15.46
CA LEU Y 190 -20.00 -66.92 15.15
C LEU Y 190 -20.70 -67.68 16.27
N GLY Y 191 -21.63 -68.54 15.91
CA GLY Y 191 -22.31 -69.38 16.89
C GLY Y 191 -23.25 -68.66 17.81
N LYS Y 192 -23.79 -67.52 17.41
CA LYS Y 192 -24.73 -66.79 18.25
C LYS Y 192 -25.95 -66.34 17.47
N SER Z 19 25.35 -30.32 5.89
CA SER Z 19 24.45 -29.80 6.92
C SER Z 19 23.23 -30.70 7.08
N MET Z 20 23.05 -31.63 6.15
CA MET Z 20 21.95 -32.57 6.17
C MET Z 20 22.48 -34.00 6.07
N ALA Z 21 21.54 -34.95 6.03
CA ALA Z 21 21.89 -36.35 6.08
C ALA Z 21 22.44 -36.84 4.75
N TYR Z 22 21.70 -36.61 3.66
CA TYR Z 22 22.04 -37.17 2.36
C TYR Z 22 22.71 -36.11 1.51
N ASP Z 23 23.86 -36.48 0.92
CA ASP Z 23 24.66 -35.56 0.12
C ASP Z 23 24.31 -35.72 -1.36
N LEU Z 24 23.17 -35.16 -1.75
CA LEU Z 24 22.65 -35.29 -3.11
C LEU Z 24 23.52 -34.60 -4.15
N GLY Z 25 24.64 -34.00 -3.75
CA GLY Z 25 25.49 -33.29 -4.70
C GLY Z 25 26.32 -34.20 -5.57
N SER Z 26 26.49 -35.47 -5.18
CA SER Z 26 27.27 -36.42 -5.94
C SER Z 26 26.44 -37.52 -6.58
N MET Z 27 25.35 -37.94 -5.94
CA MET Z 27 24.53 -39.02 -6.45
C MET Z 27 23.95 -38.67 -7.81
N SER Z 28 24.00 -39.64 -8.73
CA SER Z 28 23.46 -39.44 -10.06
C SER Z 28 21.93 -39.42 -9.99
N LYS Z 29 21.28 -39.31 -11.14
CA LYS Z 29 19.82 -39.22 -11.13
C LYS Z 29 19.19 -40.57 -10.79
N ASP Z 30 19.72 -41.66 -11.34
CA ASP Z 30 19.14 -42.96 -11.08
C ASP Z 30 19.42 -43.47 -9.68
N ASP Z 31 20.29 -42.79 -8.94
CA ASP Z 31 20.44 -43.04 -7.50
C ASP Z 31 19.60 -42.12 -6.67
N VAL Z 32 19.39 -40.88 -7.11
CA VAL Z 32 18.47 -39.99 -6.40
C VAL Z 32 17.06 -40.53 -6.46
N ILE Z 33 16.64 -41.08 -7.59
CA ILE Z 33 15.29 -41.61 -7.70
C ILE Z 33 15.10 -42.80 -6.75
N ASP Z 34 16.08 -43.69 -6.68
CA ASP Z 34 15.98 -44.83 -5.77
C ASP Z 34 16.03 -44.38 -4.32
N LEU Z 35 16.80 -43.33 -4.02
CA LEU Z 35 16.79 -42.75 -2.69
C LEU Z 35 15.40 -42.22 -2.33
N PHE Z 36 14.80 -41.43 -3.23
CA PHE Z 36 13.49 -40.88 -2.97
C PHE Z 36 12.43 -41.96 -2.86
N ASN Z 37 12.60 -43.08 -3.56
CA ASN Z 37 11.70 -44.20 -3.37
C ASN Z 37 11.88 -44.86 -2.02
N LYS Z 38 13.12 -44.91 -1.51
CA LYS Z 38 13.32 -45.42 -0.16
C LYS Z 38 12.59 -44.57 0.87
N LEU Z 39 12.66 -43.24 0.74
CA LEU Z 39 11.88 -42.35 1.58
C LEU Z 39 10.44 -42.35 1.07
N GLY Z 40 9.63 -41.44 1.60
CA GLY Z 40 8.24 -41.34 1.18
C GLY Z 40 8.08 -40.51 -0.07
N VAL Z 41 6.89 -39.96 -0.24
CA VAL Z 41 6.63 -38.97 -1.26
C VAL Z 41 6.67 -37.55 -0.72
N PHE Z 42 6.30 -37.34 0.55
CA PHE Z 42 6.36 -36.04 1.18
C PHE Z 42 7.77 -35.69 1.64
N GLN Z 43 8.52 -36.67 2.13
CA GLN Z 43 9.87 -36.36 2.55
C GLN Z 43 10.86 -36.32 1.40
N ALA Z 44 10.54 -36.91 0.25
CA ALA Z 44 11.30 -36.59 -0.94
C ALA Z 44 11.16 -35.11 -1.25
N ALA Z 45 9.95 -34.58 -1.16
CA ALA Z 45 9.74 -33.15 -1.37
C ALA Z 45 10.48 -32.33 -0.33
N ILE Z 46 10.49 -32.76 0.92
CA ILE Z 46 11.20 -31.98 1.93
C ILE Z 46 12.71 -31.99 1.69
N LEU Z 47 13.30 -33.13 1.32
CA LEU Z 47 14.73 -33.07 0.94
C LEU Z 47 14.97 -32.20 -0.27
N MET Z 48 14.13 -32.29 -1.29
CA MET Z 48 14.36 -31.48 -2.49
C MET Z 48 14.34 -30.01 -2.14
N PHE Z 49 13.37 -29.59 -1.32
CA PHE Z 49 13.31 -28.18 -0.92
C PHE Z 49 14.43 -27.80 0.03
N ALA Z 50 14.86 -28.70 0.90
CA ALA Z 50 15.96 -28.37 1.81
C ALA Z 50 17.27 -28.22 1.06
N TYR Z 51 17.53 -29.08 0.08
CA TYR Z 51 18.74 -28.91 -0.72
C TYR Z 51 18.68 -27.67 -1.59
N MET Z 52 17.52 -27.36 -2.16
CA MET Z 52 17.41 -26.11 -2.90
C MET Z 52 17.63 -24.90 -1.99
N TYR Z 53 17.14 -24.96 -0.76
CA TYR Z 53 17.39 -23.89 0.19
C TYR Z 53 18.87 -23.77 0.53
N GLN Z 54 19.56 -24.89 0.71
CA GLN Z 54 20.99 -24.81 0.98
C GLN Z 54 21.74 -24.20 -0.20
N ALA Z 55 21.40 -24.60 -1.43
CA ALA Z 55 22.10 -24.04 -2.58
C ALA Z 55 21.87 -22.54 -2.68
N GLN Z 56 20.62 -22.09 -2.49
CA GLN Z 56 20.33 -20.67 -2.57
C GLN Z 56 21.00 -19.89 -1.44
N SER Z 57 21.00 -20.44 -0.22
CA SER Z 57 21.65 -19.73 0.88
C SER Z 57 23.15 -19.66 0.68
N ASP Z 58 23.75 -20.70 0.10
CA ASP Z 58 25.18 -20.63 -0.18
C ASP Z 58 25.50 -19.56 -1.21
N LEU Z 59 24.70 -19.48 -2.28
CA LEU Z 59 24.90 -18.39 -3.23
C LEU Z 59 24.82 -17.04 -2.54
N SER Z 60 23.75 -16.82 -1.77
CA SER Z 60 23.54 -15.50 -1.18
C SER Z 60 24.63 -15.16 -0.18
N ILE Z 61 25.06 -16.13 0.64
CA ILE Z 61 26.10 -15.83 1.63
C ILE Z 61 27.44 -15.60 0.95
N ALA Z 62 27.77 -16.36 -0.09
CA ALA Z 62 29.00 -16.06 -0.82
C ALA Z 62 28.91 -14.71 -1.51
N LYS Z 63 27.71 -14.20 -1.78
CA LYS Z 63 27.56 -12.82 -2.22
C LYS Z 63 27.78 -11.83 -1.09
N PHE Z 64 27.28 -12.14 0.10
CA PHE Z 64 27.38 -11.21 1.23
C PHE Z 64 28.80 -11.08 1.75
N ALA Z 65 29.68 -12.03 1.45
CA ALA Z 65 31.07 -11.93 1.87
C ALA Z 65 31.94 -11.22 0.85
N ASP Z 66 31.39 -10.83 -0.29
CA ASP Z 66 32.06 -9.96 -1.24
C ASP Z 66 31.78 -8.49 -0.98
N MET Z 67 30.89 -8.18 -0.03
CA MET Z 67 30.63 -6.82 0.36
C MET Z 67 31.28 -6.44 1.68
N ASN Z 68 31.42 -7.41 2.59
CA ASN Z 68 32.29 -7.19 3.73
C ASN Z 68 33.74 -6.93 3.31
N GLU Z 69 34.14 -7.37 2.11
CA GLU Z 69 35.46 -6.95 1.62
C GLU Z 69 35.50 -5.44 1.44
N ALA Z 70 34.46 -4.86 0.83
CA ALA Z 70 34.43 -3.42 0.65
C ALA Z 70 34.38 -2.68 1.98
N SER Z 71 33.55 -3.15 2.91
CA SER Z 71 33.50 -2.45 4.20
C SER Z 71 34.79 -2.63 5.00
N LYS Z 72 35.46 -3.78 4.90
CA LYS Z 72 36.75 -3.95 5.55
C LYS Z 72 37.79 -3.00 4.99
N GLU Z 73 37.83 -2.86 3.66
CA GLU Z 73 38.75 -1.90 3.06
C GLU Z 73 38.46 -0.49 3.53
N SER Z 74 37.17 -0.13 3.61
CA SER Z 74 36.84 1.22 4.05
C SER Z 74 37.28 1.47 5.48
N THR Z 75 37.05 0.51 6.38
CA THR Z 75 37.44 0.77 7.77
C THR Z 75 38.96 0.80 7.94
N THR Z 76 39.70 -0.06 7.25
CA THR Z 76 41.17 0.03 7.37
C THR Z 76 41.69 1.33 6.79
N ALA Z 77 41.16 1.78 5.65
CA ALA Z 77 41.61 3.04 5.09
C ALA Z 77 41.29 4.19 6.02
N GLN Z 78 40.11 4.19 6.64
CA GLN Z 78 39.78 5.25 7.58
C GLN Z 78 40.70 5.24 8.79
N LYS Z 79 41.06 4.06 9.30
CA LYS Z 79 41.98 4.00 10.42
C LYS Z 79 43.35 4.58 10.05
N MET Z 80 43.86 4.24 8.86
CA MET Z 80 45.14 4.79 8.43
C MET Z 80 45.06 6.31 8.27
N ALA Z 81 43.98 6.82 7.67
CA ALA Z 81 43.83 8.26 7.52
C ALA Z 81 43.76 8.95 8.87
N ASN Z 82 43.12 8.34 9.86
CA ASN Z 82 43.09 8.93 11.18
C ASN Z 82 44.46 8.92 11.87
N LEU Z 83 45.27 7.90 11.61
CA LEU Z 83 46.65 7.95 12.13
C LEU Z 83 47.43 9.10 11.50
N VAL Z 84 47.25 9.31 10.19
CA VAL Z 84 47.95 10.43 9.54
C VAL Z 84 47.44 11.77 10.08
N ASP Z 85 46.14 11.88 10.37
CA ASP Z 85 45.63 13.09 11.01
C ASP Z 85 46.21 13.29 12.40
N ALA Z 86 46.31 12.23 13.20
CA ALA Z 86 46.96 12.36 14.50
C ALA Z 86 48.39 12.83 14.36
N LYS Z 87 49.10 12.39 13.33
CA LYS Z 87 50.45 12.86 13.08
C LYS Z 87 50.50 14.32 12.65
N ILE Z 88 49.56 14.78 11.82
CA ILE Z 88 49.54 16.19 11.41
C ILE Z 88 49.25 17.11 12.60
N ALA Z 89 48.41 16.67 13.53
CA ALA Z 89 48.03 17.51 14.66
C ALA Z 89 49.17 17.79 15.62
N ASP Z 90 50.38 17.37 15.29
CA ASP Z 90 51.57 17.71 16.06
C ASP Z 90 52.63 18.44 15.24
N VAL Z 91 52.45 18.52 13.92
CA VAL Z 91 53.39 19.23 13.06
C VAL Z 91 52.71 20.52 12.62
N GLN Z 92 51.40 20.59 12.80
CA GLN Z 92 50.70 21.87 12.64
C GLN Z 92 50.91 22.76 13.85
N SER Z 93 50.94 22.18 15.04
CA SER Z 93 51.23 22.92 16.27
C SER Z 93 52.71 23.10 16.50
N SER Z 94 53.55 22.76 15.52
CA SER Z 94 54.99 22.87 15.67
C SER Z 94 55.41 24.33 15.51
N SER Z 95 56.17 24.82 16.49
CA SER Z 95 56.59 26.22 16.48
C SER Z 95 57.52 26.51 15.31
N ASP Z 96 58.30 25.52 14.89
CA ASP Z 96 59.31 25.69 13.84
C ASP Z 96 58.62 25.72 12.47
N LYS Z 97 59.41 25.61 11.41
CA LYS Z 97 58.83 25.34 10.10
C LYS Z 97 58.19 23.96 10.10
N ASN Z 98 57.07 23.85 9.39
CA ASN Z 98 56.27 22.61 9.47
C ASN Z 98 56.81 21.52 8.54
N ALA Z 99 58.11 21.24 8.61
CA ALA Z 99 58.66 20.03 7.98
C ALA Z 99 59.51 19.31 9.00
N LYS Z 100 58.84 18.57 9.90
CA LYS Z 100 59.44 17.56 10.76
C LYS Z 100 58.32 16.56 11.03
N ALA Z 101 58.23 15.53 10.21
CA ALA Z 101 57.11 14.62 10.30
C ALA Z 101 57.42 13.33 9.55
N GLN Z 102 56.94 12.22 10.11
CA GLN Z 102 57.00 10.93 9.46
C GLN Z 102 55.71 10.19 9.76
N LEU Z 103 55.30 9.36 8.83
CA LEU Z 103 54.12 8.55 9.07
C LEU Z 103 54.41 7.50 10.14
N PRO Z 104 53.42 7.15 10.96
CA PRO Z 104 53.64 6.07 11.92
C PRO Z 104 53.87 4.74 11.22
N ASP Z 105 54.65 3.88 11.87
CA ASP Z 105 55.27 2.75 11.18
C ASP Z 105 54.24 1.81 10.55
N GLU Z 106 52.99 1.84 11.01
CA GLU Z 106 51.97 0.98 10.42
C GLU Z 106 51.43 1.55 9.12
N VAL Z 107 51.37 2.87 8.99
CA VAL Z 107 50.89 3.46 7.74
C VAL Z 107 51.88 3.19 6.61
N ILE Z 108 53.17 3.17 6.89
CA ILE Z 108 54.16 2.85 5.85
C ILE Z 108 53.91 1.46 5.31
N SER Z 109 53.70 0.47 6.18
CA SER Z 109 53.37 -0.86 5.72
C SER Z 109 52.02 -0.92 5.04
N TYR Z 110 51.10 -0.01 5.37
CA TYR Z 110 49.84 0.05 4.61
C TYR Z 110 50.08 0.47 3.16
N ILE Z 111 50.80 1.58 2.94
CA ILE Z 111 51.04 2.00 1.56
C ILE Z 111 51.92 1.00 0.81
N ASN Z 112 53.00 0.53 1.44
CA ASN Z 112 53.95 -0.33 0.72
C ASN Z 112 53.41 -1.71 0.40
N ASP Z 113 52.29 -2.10 0.97
CA ASP Z 113 51.71 -3.42 0.69
C ASP Z 113 51.18 -3.44 -0.74
N PRO Z 114 51.32 -4.55 -1.48
CA PRO Z 114 50.98 -4.53 -2.91
C PRO Z 114 49.51 -4.64 -3.23
N ARG Z 115 48.68 -5.18 -2.35
CA ARG Z 115 47.30 -5.50 -2.69
C ARG Z 115 46.34 -4.34 -2.48
N ASN Z 116 46.83 -3.10 -2.51
CA ASN Z 116 45.99 -1.94 -2.27
C ASN Z 116 45.97 -0.92 -3.40
N ASP Z 117 47.02 -0.85 -4.23
CA ASP Z 117 47.11 0.12 -5.33
C ASP Z 117 46.84 1.54 -4.81
N ILE Z 118 47.74 1.99 -3.95
CA ILE Z 118 47.53 3.19 -3.15
C ILE Z 118 48.59 4.25 -3.50
N THR Z 119 48.94 4.34 -4.78
CA THR Z 119 49.82 5.41 -5.26
C THR Z 119 49.36 6.77 -4.76
N ILE Z 120 50.18 7.45 -3.97
CA ILE Z 120 49.76 8.62 -3.20
C ILE Z 120 50.53 9.88 -3.59
N SER Z 121 51.85 9.89 -3.34
CA SER Z 121 52.59 11.14 -3.29
C SER Z 121 53.25 11.52 -4.61
N GLY Z 122 53.92 10.56 -5.24
CA GLY Z 122 54.80 10.90 -6.34
C GLY Z 122 56.04 11.64 -5.88
N ILE Z 123 56.43 11.45 -4.62
CA ILE Z 123 57.57 12.15 -4.05
C ILE Z 123 58.53 11.11 -3.48
N ASP Z 124 59.80 11.49 -3.40
CA ASP Z 124 60.87 10.56 -3.08
C ASP Z 124 60.95 10.28 -1.58
N ASN Z 125 61.37 9.07 -1.25
CA ASN Z 125 61.91 8.73 0.07
C ASN Z 125 60.92 9.05 1.18
N ILE Z 126 59.81 8.30 1.18
CA ILE Z 126 58.96 8.26 2.35
C ILE Z 126 59.79 7.74 3.53
N ASN Z 127 59.33 8.06 4.74
CA ASN Z 127 59.98 7.89 6.05
C ASN Z 127 61.01 8.98 6.33
N ALA Z 128 61.42 9.79 5.34
CA ALA Z 128 62.31 10.91 5.62
C ALA Z 128 62.27 11.88 4.43
N GLN Z 129 61.50 12.96 4.56
CA GLN Z 129 60.42 13.15 5.51
C GLN Z 129 59.46 14.06 4.77
N LEU Z 130 58.19 14.11 5.15
CA LEU Z 130 57.19 14.82 4.34
C LEU Z 130 56.48 15.89 5.18
N GLY Z 131 57.14 17.03 5.38
CA GLY Z 131 56.51 18.29 5.70
C GLY Z 131 55.36 18.27 6.69
N ALA Z 132 54.42 19.21 6.51
CA ALA Z 132 53.09 19.09 7.08
C ALA Z 132 52.01 19.58 6.13
N GLY Z 133 52.37 20.09 4.96
CA GLY Z 133 51.39 20.58 4.00
C GLY Z 133 51.30 19.66 2.81
N ASP Z 134 52.28 18.77 2.68
CA ASP Z 134 52.22 17.68 1.73
C ASP Z 134 51.81 16.36 2.37
N LEU Z 135 51.75 16.32 3.70
CA LEU Z 135 51.13 15.19 4.40
C LEU Z 135 49.61 15.20 4.22
N GLN Z 136 49.05 16.37 3.90
CA GLN Z 136 47.63 16.44 3.56
C GLN Z 136 47.34 15.64 2.30
N THR Z 137 48.27 15.61 1.35
CA THR Z 137 48.09 14.79 0.16
C THR Z 137 48.01 13.31 0.51
N VAL Z 138 48.87 12.85 1.41
CA VAL Z 138 48.82 11.45 1.83
C VAL Z 138 47.50 11.15 2.53
N LYS Z 139 47.07 12.04 3.43
CA LYS Z 139 45.80 11.80 4.11
C LYS Z 139 44.64 11.77 3.14
N ALA Z 140 44.61 12.69 2.17
CA ALA Z 140 43.54 12.69 1.18
C ALA Z 140 43.56 11.47 0.28
N ALA Z 141 44.73 11.03 -0.16
CA ALA Z 141 44.80 9.86 -1.01
C ALA Z 141 44.55 8.56 -0.28
N ILE Z 142 44.71 8.53 1.05
CA ILE Z 142 44.32 7.36 1.82
C ILE Z 142 42.83 7.37 2.10
N SER Z 143 42.29 8.50 2.54
CA SER Z 143 40.87 8.59 2.84
C SER Z 143 40.01 8.82 1.63
N ALA Z 144 40.56 8.78 0.42
CA ALA Z 144 39.74 8.76 -0.78
C ALA Z 144 39.43 7.35 -1.25
N LYS Z 145 40.18 6.35 -0.79
CA LYS Z 145 39.89 4.96 -1.09
C LYS Z 145 38.98 4.35 -0.04
N ALA Z 146 38.65 5.11 1.00
CA ALA Z 146 37.67 4.69 1.99
C ALA Z 146 36.24 4.96 1.57
N ASN Z 147 36.03 5.64 0.45
CA ASN Z 147 34.70 6.05 0.02
C ASN Z 147 34.14 5.10 -1.03
N ASN Z 148 34.04 3.82 -0.69
CA ASN Z 148 33.63 2.79 -1.64
C ASN Z 148 32.43 1.98 -1.15
N LEU Z 149 31.47 2.62 -0.49
CA LEU Z 149 30.27 1.91 -0.06
C LEU Z 149 29.07 2.23 -0.93
N THR Z 150 29.24 2.93 -2.03
CA THR Z 150 28.15 3.11 -2.97
C THR Z 150 28.32 2.30 -4.25
N THR Z 151 29.55 1.97 -4.62
CA THR Z 151 29.75 1.06 -5.73
C THR Z 151 29.28 -0.34 -5.41
N THR Z 152 29.17 -0.70 -4.13
CA THR Z 152 28.68 -2.01 -3.71
C THR Z 152 27.23 -1.96 -3.24
N VAL Z 153 26.58 -0.82 -3.34
CA VAL Z 153 25.13 -0.73 -3.21
C VAL Z 153 24.46 -0.53 -4.55
N ASN Z 154 25.15 0.12 -5.49
CA ASN Z 154 24.61 0.20 -6.85
C ASN Z 154 24.67 -1.14 -7.55
N ASN Z 155 25.72 -1.92 -7.29
CA ASN Z 155 25.94 -3.18 -7.98
C ASN Z 155 25.15 -4.34 -7.41
N SER Z 156 24.59 -4.20 -6.22
CA SER Z 156 24.04 -5.34 -5.49
C SER Z 156 22.69 -5.03 -4.88
N GLN Z 157 21.79 -4.44 -5.65
CA GLN Z 157 20.43 -4.23 -5.17
C GLN Z 157 19.38 -4.93 -5.98
N LEU Z 158 19.64 -5.26 -7.25
CA LEU Z 158 18.73 -6.05 -8.05
C LEU Z 158 19.01 -7.54 -7.93
N GLU Z 159 20.10 -7.91 -7.27
CA GLU Z 159 20.36 -9.31 -6.94
C GLU Z 159 19.80 -9.68 -5.58
N ILE Z 160 20.02 -8.85 -4.58
CA ILE Z 160 19.45 -9.11 -3.27
C ILE Z 160 17.94 -9.10 -3.31
N GLN Z 161 17.35 -8.31 -4.20
CA GLN Z 161 15.94 -8.42 -4.57
C GLN Z 161 15.56 -9.88 -4.76
N GLN Z 162 16.18 -10.53 -5.74
CA GLN Z 162 15.77 -11.87 -6.13
C GLN Z 162 16.20 -12.93 -5.12
N MET Z 163 17.39 -12.81 -4.54
CA MET Z 163 17.81 -13.77 -3.53
C MET Z 163 16.87 -13.73 -2.33
N SER Z 164 16.54 -12.54 -1.83
CA SER Z 164 15.64 -12.42 -0.71
C SER Z 164 14.24 -12.90 -1.05
N ASN Z 165 13.74 -12.60 -2.25
CA ASN Z 165 12.41 -13.10 -2.59
C ASN Z 165 12.40 -14.62 -2.68
N THR Z 166 13.33 -15.21 -3.43
CA THR Z 166 13.34 -16.66 -3.60
C THR Z 166 13.52 -17.40 -2.29
N LEU Z 167 14.40 -16.90 -1.42
CA LEU Z 167 14.74 -17.65 -0.23
C LEU Z 167 13.55 -17.74 0.73
N ASN Z 168 12.81 -16.64 0.86
CA ASN Z 168 11.52 -16.67 1.54
C ASN Z 168 10.53 -17.57 0.84
N LEU Z 169 10.44 -17.47 -0.48
CA LEU Z 169 9.46 -18.18 -1.27
C LEU Z 169 9.68 -19.68 -1.18
N LEU Z 170 10.85 -20.09 -0.72
CA LEU Z 170 11.24 -21.49 -0.62
C LEU Z 170 11.17 -22.01 0.82
N THR Z 171 11.49 -21.17 1.81
CA THR Z 171 11.14 -21.50 3.20
C THR Z 171 9.65 -21.76 3.35
N SER Z 172 8.84 -20.84 2.83
CA SER Z 172 7.39 -20.96 2.99
C SER Z 172 6.79 -22.07 2.13
N ALA Z 173 7.56 -22.66 1.24
CA ALA Z 173 7.10 -23.82 0.49
C ALA Z 173 7.54 -25.14 1.12
N ARG Z 174 8.66 -25.11 1.84
CA ARG Z 174 9.14 -26.28 2.55
C ARG Z 174 8.18 -26.57 3.70
N SER Z 175 7.76 -25.48 4.35
CA SER Z 175 6.84 -25.52 5.50
C SER Z 175 5.46 -26.06 5.15
N ASP Z 176 4.96 -25.66 3.98
CA ASP Z 176 3.64 -26.11 3.55
C ASP Z 176 3.68 -27.63 3.43
N MET Z 177 4.81 -28.11 2.92
CA MET Z 177 5.01 -29.55 2.75
C MET Z 177 4.99 -30.26 4.10
N GLN Z 178 5.60 -29.64 5.11
CA GLN Z 178 5.64 -30.27 6.45
C GLN Z 178 4.25 -30.32 7.09
N SER Z 179 3.48 -29.24 6.96
CA SER Z 179 2.13 -29.26 7.52
C SER Z 179 1.26 -30.32 6.83
N LEU Z 180 1.33 -30.41 5.51
CA LEU Z 180 0.58 -31.43 4.80
C LEU Z 180 1.00 -32.84 5.20
N GLN Z 181 2.31 -33.07 5.35
CA GLN Z 181 2.80 -34.36 5.79
C GLN Z 181 2.24 -34.74 7.15
N TYR Z 182 2.11 -33.76 8.04
CA TYR Z 182 1.50 -34.04 9.33
C TYR Z 182 0.03 -34.36 9.19
N ARG Z 183 -0.73 -33.53 8.47
CA ARG Z 183 -2.17 -33.72 8.42
C ARG Z 183 -2.59 -34.95 7.65
N THR Z 184 -1.73 -35.47 6.76
CA THR Z 184 -2.08 -36.68 6.02
C THR Z 184 -2.06 -37.91 6.91
N ILE Z 185 -1.07 -37.99 7.81
CA ILE Z 185 -0.90 -39.18 8.63
C ILE Z 185 -1.78 -39.13 9.88
N SER Z 186 -2.27 -37.96 10.25
CA SER Z 186 -3.13 -37.86 11.42
C SER Z 186 -4.49 -38.50 11.20
N GLY Z 187 -4.88 -38.73 9.95
CA GLY Z 187 -6.18 -39.29 9.62
C GLY Z 187 -6.25 -40.80 9.61
N ILE Z 188 -5.18 -41.50 9.99
CA ILE Z 188 -5.18 -42.95 10.07
C ILE Z 188 -5.41 -43.36 11.51
N SER Z 189 -6.53 -44.03 11.75
CA SER Z 189 -6.91 -44.48 13.09
C SER Z 189 -6.69 -45.97 13.21
N LEU Z 190 -5.90 -46.38 14.20
CA LEU Z 190 -5.51 -47.77 14.36
C LEU Z 190 -6.57 -48.51 15.17
N GLY Z 191 -6.99 -49.67 14.65
CA GLY Z 191 -7.94 -50.50 15.37
C GLY Z 191 -9.34 -49.95 15.45
N LYS Z 192 -9.75 -49.12 14.51
CA LYS Z 192 -11.10 -48.57 14.52
C LYS Z 192 -11.74 -48.66 13.14
N SER AA 19 30.46 -1.16 18.25
CA SER AA 19 29.07 -0.77 18.48
C SER AA 19 28.13 -1.96 18.28
N MET AA 20 28.66 -3.04 17.71
CA MET AA 20 27.91 -4.26 17.47
C MET AA 20 28.63 -5.45 18.07
N ALA AA 21 28.04 -6.63 17.87
CA ALA AA 21 28.54 -7.84 18.50
C ALA AA 21 29.82 -8.35 17.83
N TYR AA 22 29.77 -8.53 16.51
CA TYR AA 22 30.86 -9.17 15.79
C TYR AA 22 31.72 -8.10 15.11
N ASP AA 23 33.03 -8.19 15.31
CA ASP AA 23 33.98 -7.23 14.77
C ASP AA 23 34.54 -7.72 13.45
N LEU AA 24 33.74 -7.60 12.39
CA LEU AA 24 34.10 -8.10 11.07
C LEU AA 24 35.26 -7.35 10.45
N GLY AA 25 35.86 -6.39 11.15
CA GLY AA 25 36.96 -5.63 10.58
C GLY AA 25 38.28 -6.37 10.55
N SER AA 26 38.40 -7.44 11.34
CA SER AA 26 39.62 -8.22 11.39
C SER AA 26 39.48 -9.61 10.79
N MET AA 27 38.30 -10.23 10.89
CA MET AA 27 38.11 -11.58 10.40
C MET AA 27 38.32 -11.65 8.89
N SER AA 28 39.05 -12.68 8.46
CA SER AA 28 39.30 -12.89 7.05
C SER AA 28 38.02 -13.32 6.34
N LYS AA 29 38.11 -13.59 5.05
CA LYS AA 29 36.91 -13.96 4.31
C LYS AA 29 36.43 -15.35 4.67
N ASP AA 30 37.35 -16.30 4.82
CA ASP AA 30 36.95 -17.66 5.14
C ASP AA 30 36.49 -17.82 6.58
N ASP AA 31 36.67 -16.80 7.41
CA ASP AA 31 36.04 -16.76 8.73
C ASP AA 31 34.72 -16.01 8.71
N VAL AA 32 34.59 -14.99 7.87
CA VAL AA 32 33.31 -14.31 7.74
C VAL AA 32 32.28 -15.26 7.14
N ILE AA 33 32.67 -16.09 6.17
CA ILE AA 33 31.71 -17.02 5.59
C ILE AA 33 31.23 -18.02 6.62
N ASP AA 34 32.15 -18.56 7.43
CA ASP AA 34 31.74 -19.51 8.46
C ASP AA 34 30.89 -18.83 9.54
N LEU AA 35 31.19 -17.57 9.84
CA LEU AA 35 30.33 -16.82 10.76
C LEU AA 35 28.92 -16.68 10.20
N PHE AA 36 28.80 -16.27 8.94
CA PHE AA 36 27.49 -16.12 8.32
C PHE AA 36 26.75 -17.43 8.21
N ASN AA 37 27.47 -18.54 8.07
CA ASN AA 37 26.82 -19.84 8.11
C ASN AA 37 26.32 -20.18 9.50
N LYS AA 38 27.04 -19.76 10.55
CA LYS AA 38 26.55 -19.97 11.90
C LYS AA 38 25.24 -19.21 12.13
N LEU AA 39 25.15 -17.98 11.66
CA LEU AA 39 23.90 -17.23 11.68
C LEU AA 39 23.01 -17.75 10.56
N GLY AA 40 21.90 -17.07 10.30
CA GLY AA 40 20.99 -17.46 9.25
C GLY AA 40 21.42 -16.92 7.90
N VAL AA 41 20.44 -16.80 7.00
CA VAL AA 41 20.64 -16.12 5.75
C VAL AA 41 20.13 -14.68 5.79
N PHE AA 42 19.08 -14.40 6.58
CA PHE AA 42 18.57 -13.05 6.72
C PHE AA 42 19.40 -12.23 7.69
N GLN AA 43 19.91 -12.84 8.75
CA GLN AA 43 20.73 -12.07 9.68
C GLN AA 43 22.16 -11.91 9.22
N ALA AA 44 22.64 -12.75 8.30
CA ALA AA 44 23.86 -12.41 7.61
C ALA AA 44 23.68 -11.12 6.84
N ALA AA 45 22.55 -10.97 6.15
CA ALA AA 45 22.26 -9.73 5.45
C ALA AA 45 22.14 -8.56 6.41
N ILE AA 46 21.53 -8.77 7.57
CA ILE AA 46 21.41 -7.65 8.51
C ILE AA 46 22.77 -7.25 9.06
N LEU AA 47 23.66 -8.19 9.40
CA LEU AA 47 25.01 -7.77 9.78
C LEU AA 47 25.75 -7.07 8.66
N MET AA 48 25.64 -7.57 7.43
CA MET AA 48 26.36 -6.94 6.33
C MET AA 48 25.90 -5.50 6.16
N PHE AA 49 24.59 -5.28 6.22
CA PHE AA 49 24.08 -3.91 6.09
C PHE AA 49 24.40 -3.06 7.30
N ALA AA 50 24.42 -3.63 8.50
CA ALA AA 50 24.75 -2.84 9.68
C ALA AA 50 26.21 -2.42 9.68
N TYR AA 51 27.12 -3.30 9.26
CA TYR AA 51 28.51 -2.92 9.16
C TYR AA 51 28.75 -1.91 8.05
N MET AA 52 28.06 -2.06 6.91
CA MET AA 52 28.18 -1.04 5.88
C MET AA 52 27.66 0.31 6.37
N TYR AA 53 26.57 0.31 7.15
CA TYR AA 53 26.07 1.54 7.73
C TYR AA 53 27.06 2.15 8.70
N GLN AA 54 27.72 1.34 9.53
CA GLN AA 54 28.73 1.89 10.43
C GLN AA 54 29.89 2.50 9.65
N ALA AA 55 30.36 1.83 8.61
CA ALA AA 55 31.47 2.38 7.85
C ALA AA 55 31.09 3.71 7.19
N GLN AA 56 29.89 3.77 6.59
CA GLN AA 56 29.46 5.01 5.97
C GLN AA 56 29.25 6.13 6.99
N SER AA 57 28.66 5.81 8.14
CA SER AA 57 28.46 6.84 9.14
C SER AA 57 29.78 7.34 9.70
N ASP AA 58 30.77 6.46 9.85
CA ASP AA 58 32.07 6.90 10.30
C ASP AA 58 32.73 7.83 9.30
N LEU AA 59 32.66 7.51 8.00
CA LEU AA 59 33.18 8.44 7.00
C LEU AA 59 32.49 9.78 7.12
N SER AA 60 31.16 9.79 7.15
CA SER AA 60 30.44 11.06 7.13
C SER AA 60 30.72 11.87 8.39
N ILE AA 61 30.78 11.24 9.55
CA ILE AA 61 31.02 11.99 10.78
C ILE AA 61 32.45 12.50 10.83
N ALA AA 62 33.43 11.71 10.38
CA ALA AA 62 34.77 12.25 10.29
C ALA AA 62 34.87 13.38 9.28
N LYS AA 63 33.94 13.45 8.31
CA LYS AA 63 33.85 14.63 7.47
C LYS AA 63 33.22 15.81 8.19
N PHE AA 64 32.21 15.57 9.01
CA PHE AA 64 31.51 16.64 9.70
C PHE AA 64 32.35 17.29 10.79
N ALA AA 65 33.39 16.62 11.27
CA ALA AA 65 34.27 17.20 12.26
C ALA AA 65 35.45 17.96 11.66
N ASP AA 66 35.56 17.97 10.32
CA ASP AA 66 36.50 18.84 9.63
C ASP AA 66 35.86 20.17 9.26
N MET AA 67 34.57 20.36 9.51
CA MET AA 67 33.90 21.62 9.28
C MET AA 67 33.63 22.37 10.56
N ASN AA 68 33.41 21.66 11.67
CA ASN AA 68 33.46 22.31 12.96
C ASN AA 68 34.81 22.92 13.26
N GLU AA 69 35.89 22.45 12.62
CA GLU AA 69 37.15 23.16 12.74
C GLU AA 69 37.05 24.57 12.16
N ALA AA 70 36.44 24.69 10.99
CA ALA AA 70 36.27 26.00 10.38
C ALA AA 70 35.37 26.90 11.20
N SER AA 71 34.26 26.36 11.71
CA SER AA 71 33.38 27.21 12.53
C SER AA 71 34.02 27.56 13.86
N LYS AA 72 34.80 26.66 14.46
CA LYS AA 72 35.52 27.01 15.68
C LYS AA 72 36.52 28.12 15.45
N GLU AA 73 37.28 28.05 14.35
CA GLU AA 73 38.20 29.13 14.03
C GLU AA 73 37.46 30.44 13.84
N SER AA 74 36.31 30.41 13.17
CA SER AA 74 35.57 31.64 12.94
C SER AA 74 35.09 32.24 14.26
N THR AA 75 34.56 31.42 15.16
CA THR AA 75 34.06 32.00 16.41
C THR AA 75 35.20 32.53 17.29
N THR AA 76 36.34 31.84 17.36
CA THR AA 76 37.45 32.38 18.16
C THR AA 76 37.98 33.67 17.55
N ALA AA 77 38.10 33.73 16.23
CA ALA AA 77 38.57 34.97 15.60
C ALA AA 77 37.60 36.11 15.86
N GLN AA 78 36.30 35.85 15.79
CA GLN AA 78 35.32 36.89 16.08
C GLN AA 78 35.40 37.36 17.52
N LYS AA 79 35.61 36.44 18.45
CA LYS AA 79 35.75 36.85 19.85
C LYS AA 79 36.97 37.75 20.05
N MET AA 80 38.10 37.39 19.44
CA MET AA 80 39.29 38.23 19.55
C MET AA 80 39.06 39.61 18.93
N ALA AA 81 38.43 39.65 17.76
CA ALA AA 81 38.15 40.93 17.12
C ALA AA 81 37.23 41.79 17.99
N ASN AA 82 36.26 41.17 18.65
CA ASN AA 82 35.40 41.94 19.54
C ASN AA 82 36.14 42.45 20.77
N LEU AA 83 37.12 41.70 21.28
CA LEU AA 83 37.94 42.25 22.37
C LEU AA 83 38.74 43.46 21.89
N VAL AA 84 39.29 43.40 20.68
CA VAL AA 84 40.02 44.55 20.16
C VAL AA 84 39.09 45.74 19.93
N ASP AA 85 37.84 45.50 19.50
CA ASP AA 85 36.87 46.59 19.40
C ASP AA 85 36.54 47.18 20.76
N ALA AA 86 36.35 46.35 21.78
CA ALA AA 86 36.13 46.87 23.12
C ALA AA 86 37.30 47.72 23.59
N LYS AA 87 38.52 47.35 23.22
CA LYS AA 87 39.69 48.18 23.54
C LYS AA 87 39.72 49.49 22.79
N ILE AA 88 39.33 49.50 21.50
CA ILE AA 88 39.32 50.74 20.73
C ILE AA 88 38.26 51.71 21.28
N ALA AA 89 37.14 51.19 21.76
CA ALA AA 89 36.05 52.05 22.25
C ALA AA 89 36.40 52.83 23.50
N ASP AA 90 37.65 52.74 23.96
CA ASP AA 90 38.13 53.54 25.07
C ASP AA 90 39.33 54.41 24.70
N VAL AA 91 39.91 54.23 23.52
CA VAL AA 91 41.02 55.04 23.06
C VAL AA 91 40.51 55.97 21.99
N GLN AA 92 39.31 55.67 21.46
CA GLN AA 92 38.63 56.62 20.61
C GLN AA 92 37.99 57.73 21.43
N SER AA 93 37.44 57.39 22.59
CA SER AA 93 36.86 58.37 23.50
C SER AA 93 37.92 59.02 24.37
N SER AA 94 39.20 58.80 24.10
CA SER AA 94 40.28 59.36 24.89
C SER AA 94 40.47 60.83 24.54
N SER AA 95 40.45 61.69 25.56
CA SER AA 95 40.57 63.13 25.34
C SER AA 95 41.93 63.49 24.77
N ASP AA 96 42.95 62.73 25.10
CA ASP AA 96 44.33 63.03 24.69
C ASP AA 96 44.53 62.62 23.24
N LYS AA 97 45.77 62.59 22.78
CA LYS AA 97 46.08 61.95 21.51
C LYS AA 97 45.79 60.46 21.60
N ASN AA 98 45.29 59.89 20.52
CA ASN AA 98 44.81 58.50 20.55
C ASN AA 98 45.94 57.49 20.39
N ALA AA 99 47.01 57.63 21.19
CA ALA AA 99 48.01 56.58 21.30
C ALA AA 99 48.25 56.30 22.77
N LYS AA 100 47.33 55.56 23.38
CA LYS AA 100 47.51 54.93 24.70
C LYS AA 100 46.61 53.70 24.66
N ALA AA 101 47.17 52.56 24.25
CA ALA AA 101 46.36 51.38 24.04
C ALA AA 101 47.25 50.16 23.98
N GLN AA 102 46.72 49.06 24.53
CA GLN AA 102 47.35 47.75 24.43
C GLN AA 102 46.26 46.71 24.25
N LEU AA 103 46.58 45.66 23.54
CA LEU AA 103 45.62 44.59 23.38
C LEU AA 103 45.44 43.86 24.72
N PRO AA 104 44.24 43.36 25.01
CA PRO AA 104 44.06 42.57 26.22
C PRO AA 104 44.86 41.29 26.16
N ASP AA 105 45.28 40.81 27.34
CA ASP AA 105 46.35 39.82 27.42
C ASP AA 105 46.03 38.54 26.68
N GLU AA 106 44.75 38.25 26.44
CA GLU AA 106 44.38 37.05 25.71
C GLU AA 106 44.58 37.20 24.20
N VAL AA 107 44.38 38.40 23.66
CA VAL AA 107 44.59 38.61 22.24
C VAL AA 107 46.06 38.47 21.89
N ILE AA 108 46.97 38.89 22.77
CA ILE AA 108 48.39 38.72 22.51
C ILE AA 108 48.73 37.24 22.35
N SER AA 109 48.23 36.41 23.26
CA SER AA 109 48.45 34.98 23.12
C SER AA 109 47.73 34.40 21.91
N TYR AA 110 46.65 35.03 21.45
CA TYR AA 110 46.04 34.58 20.20
C TYR AA 110 46.97 34.81 19.01
N ILE AA 111 47.49 36.03 18.85
CA ILE AA 111 48.39 36.29 17.72
C ILE AA 111 49.68 35.48 17.85
N ASN AA 112 50.29 35.47 19.03
CA ASN AA 112 51.61 34.85 19.17
C ASN AA 112 51.58 33.32 19.06
N ASP AA 113 50.41 32.71 19.09
CA ASP AA 113 50.32 31.26 18.96
C ASP AA 113 50.69 30.84 17.54
N PRO AA 114 51.40 29.73 17.35
CA PRO AA 114 51.92 29.41 16.01
C PRO AA 114 50.91 28.81 15.05
N ARG AA 115 49.83 28.19 15.52
CA ARG AA 115 48.96 27.41 14.65
C ARG AA 115 47.85 28.25 14.01
N ASN AA 116 48.07 29.56 13.85
CA ASN AA 116 47.06 30.43 13.28
C ASN AA 116 47.50 31.20 12.04
N ASP AA 117 48.80 31.44 11.87
CA ASP AA 117 49.33 32.20 10.73
C ASP AA 117 48.59 33.53 10.58
N ILE AA 118 48.76 34.38 11.59
CA ILE AA 118 47.95 35.57 11.79
C ILE AA 118 48.83 36.82 11.70
N THR AA 119 49.81 36.81 10.81
CA THR AA 119 50.62 38.00 10.53
C THR AA 119 49.73 39.23 10.29
N ILE AA 120 49.86 40.25 11.14
CA ILE AA 120 48.88 41.34 11.21
C ILE AA 120 49.52 42.68 10.90
N SER AA 121 50.45 43.13 11.74
CA SER AA 121 50.82 44.55 11.78
C SER AA 121 52.02 44.89 10.92
N GLY AA 122 53.08 44.09 11.02
CA GLY AA 122 54.35 44.51 10.46
C GLY AA 122 54.98 45.64 11.23
N ILE AA 123 54.63 45.78 12.51
CA ILE AA 123 55.12 46.87 13.33
C ILE AA 123 55.77 46.30 14.58
N ASP AA 124 56.69 47.05 15.16
CA ASP AA 124 57.54 46.55 16.23
C ASP AA 124 56.82 46.55 17.57
N ASN AA 125 57.18 45.59 18.42
CA ASN AA 125 56.94 45.66 19.86
C ASN AA 125 55.46 45.84 20.18
N ILE AA 126 54.69 44.80 19.86
CA ILE AA 126 53.35 44.69 20.40
C ILE AA 126 53.45 44.65 21.93
N ASN AA 127 52.36 45.00 22.60
CA ASN AA 127 52.18 45.25 24.02
C ASN AA 127 52.68 46.64 24.44
N ALA AA 128 53.43 47.35 23.60
CA ALA AA 128 53.82 48.72 23.92
C ALA AA 128 54.27 49.43 22.64
N GLN AA 129 53.40 50.23 22.04
CA GLN AA 129 51.97 50.24 22.23
C GLN AA 129 51.44 50.69 20.87
N LEU AA 130 50.18 50.41 20.54
CA LEU AA 130 49.70 50.65 19.17
C LEU AA 130 48.48 51.56 19.19
N GLY AA 131 48.73 52.87 19.32
CA GLY AA 131 47.81 53.92 18.90
C GLY AA 131 46.33 53.71 19.15
N ALA AA 132 45.51 54.27 18.26
CA ALA AA 132 44.14 53.84 18.09
C ALA AA 132 43.70 53.82 16.63
N GLY AA 133 44.55 54.22 15.70
CA GLY AA 133 44.20 54.23 14.29
C GLY AA 133 44.95 53.14 13.55
N ASP AA 134 45.97 52.59 14.20
CA ASP AA 134 46.64 51.39 13.72
C ASP AA 134 46.16 50.13 14.45
N LEU AA 135 45.38 50.29 15.50
CA LEU AA 135 44.68 49.17 16.11
C LEU AA 135 43.55 48.67 15.21
N GLN AA 136 43.06 49.54 14.32
CA GLN AA 136 42.10 49.13 13.32
C GLN AA 136 42.68 48.09 12.38
N THR AA 137 43.98 48.19 12.08
CA THR AA 137 44.62 47.16 11.26
C THR AA 137 44.61 45.81 11.96
N VAL AA 138 44.89 45.79 13.26
CA VAL AA 138 44.85 44.53 13.99
C VAL AA 138 43.44 43.96 14.00
N LYS AA 139 42.44 44.81 14.26
CA LYS AA 139 41.06 44.32 14.26
C LYS AA 139 40.66 43.78 12.89
N ALA AA 140 41.03 44.47 11.82
CA ALA AA 140 40.71 43.99 10.48
C ALA AA 140 41.43 42.70 10.12
N ALA AA 141 42.70 42.57 10.48
CA ALA AA 141 43.43 41.36 10.17
C ALA AA 141 43.03 40.17 11.03
N ILE AA 142 42.43 40.41 12.20
CA ILE AA 142 41.88 39.31 12.98
C ILE AA 142 40.51 38.91 12.47
N SER AA 143 39.64 39.89 12.22
CA SER AA 143 38.29 39.59 11.75
C SER AA 143 38.23 39.35 10.25
N ALA AA 144 39.36 39.29 9.56
CA ALA AA 144 39.36 38.82 8.19
C ALA AA 144 39.60 37.33 8.07
N LYS AA 145 40.14 36.69 9.11
CA LYS AA 145 40.29 35.24 9.14
C LYS AA 145 39.06 34.57 9.75
N ALA AA 146 38.08 35.36 10.18
CA ALA AA 146 36.81 34.83 10.64
C ALA AA 146 35.84 34.57 9.50
N ASN AA 147 36.17 34.97 8.28
CA ASN AA 147 35.25 34.88 7.15
C ASN AA 147 35.55 33.64 6.31
N ASN AA 148 35.49 32.46 6.92
CA ASN AA 148 35.86 31.22 6.25
C ASN AA 148 34.75 30.17 6.30
N LEU AA 149 33.49 30.59 6.17
CA LEU AA 149 32.39 29.63 6.14
C LEU AA 149 31.84 29.43 4.74
N THR AA 150 32.48 29.96 3.71
CA THR AA 150 32.08 29.65 2.35
C THR AA 150 33.07 28.74 1.65
N THR AA 151 34.34 28.74 2.06
CA THR AA 151 35.27 27.76 1.51
C THR AA 151 34.94 26.35 1.96
N THR AA 152 34.19 26.19 3.06
CA THR AA 152 33.78 24.88 3.55
C THR AA 152 32.34 24.56 3.21
N VAL AA 153 31.67 25.42 2.45
CA VAL AA 153 30.40 25.09 1.82
C VAL AA 153 30.57 24.85 0.33
N ASN AA 154 31.54 25.52 -0.29
CA ASN AA 154 31.84 25.22 -1.68
C ASN AA 154 32.51 23.86 -1.82
N ASN AA 155 33.35 23.48 -0.86
CA ASN AA 155 34.13 22.26 -0.93
C ASN AA 155 33.35 21.02 -0.50
N SER AA 156 32.21 21.17 0.14
CA SER AA 156 31.55 20.05 0.80
C SER AA 156 30.06 20.04 0.55
N GLN AA 157 29.65 20.19 -0.71
CA GLN AA 157 28.24 20.06 -1.05
C GLN AA 157 27.96 18.94 -2.03
N LEU AA 158 28.93 18.51 -2.83
CA LEU AA 158 28.76 17.35 -3.69
C LEU AA 158 29.18 16.07 -3.01
N GLU AA 159 29.76 16.16 -1.82
CA GLU AA 159 30.02 14.98 -1.00
C GLU AA 159 28.87 14.67 -0.07
N ILE AA 160 28.35 15.69 0.62
CA ILE AA 160 27.21 15.49 1.49
C ILE AA 160 26.00 15.03 0.70
N GLN AA 161 25.88 15.45 -0.56
CA GLN AA 161 24.96 14.86 -1.53
C GLN AA 161 24.99 13.34 -1.44
N GLN AA 162 26.15 12.76 -1.73
CA GLN AA 162 26.27 11.31 -1.85
C GLN AA 162 26.23 10.60 -0.50
N MET AA 163 26.86 11.18 0.53
CA MET AA 163 26.78 10.58 1.86
C MET AA 163 25.35 10.52 2.36
N SER AA 164 24.61 11.62 2.24
CA SER AA 164 23.23 11.64 2.67
C SER AA 164 22.36 10.71 1.84
N ASN AA 165 22.58 10.64 0.53
CA ASN AA 165 21.76 9.71 -0.24
C ASN AA 165 22.05 8.27 0.13
N THR AA 166 23.33 7.88 0.16
CA THR AA 166 23.68 6.49 0.46
C THR AA 166 23.22 6.06 1.83
N LEU AA 167 23.37 6.94 2.83
CA LEU AA 167 23.12 6.53 4.20
C LEU AA 167 21.63 6.24 4.41
N ASN AA 168 20.76 7.07 3.83
CA ASN AA 168 19.33 6.77 3.75
C ASN AA 168 19.07 5.50 2.96
N LEU AA 169 19.72 5.36 1.80
CA LEU AA 169 19.47 4.25 0.90
C LEU AA 169 19.85 2.93 1.53
N LEU AA 170 20.63 2.97 2.61
CA LEU AA 170 21.12 1.81 3.30
C LEU AA 170 20.34 1.52 4.59
N THR AA 171 19.91 2.57 5.30
CA THR AA 171 18.92 2.38 6.37
C THR AA 171 17.65 1.72 5.83
N SER AA 172 17.13 2.24 4.73
CA SER AA 172 15.89 1.72 4.17
C SER AA 172 16.06 0.36 3.51
N ALA AA 173 17.28 -0.12 3.34
CA ALA AA 173 17.52 -1.47 2.86
C ALA AA 173 17.74 -2.46 3.98
N ARG AA 174 18.24 -1.99 5.11
CA ARG AA 174 18.44 -2.83 6.29
C ARG AA 174 17.07 -3.20 6.82
N SER AA 175 16.18 -2.19 6.82
CA SER AA 175 14.81 -2.33 7.32
C SER AA 175 13.97 -3.31 6.51
N ASP AA 176 14.13 -3.28 5.19
CA ASP AA 176 13.38 -4.17 4.33
C ASP AA 176 13.74 -5.60 4.70
N MET AA 177 15.02 -5.80 4.99
CA MET AA 177 15.52 -7.11 5.38
C MET AA 177 14.87 -7.56 6.69
N GLN AA 178 14.69 -6.64 7.63
CA GLN AA 178 14.10 -7.00 8.92
C GLN AA 178 12.62 -7.37 8.78
N SER AA 179 11.87 -6.61 7.97
CA SER AA 179 10.47 -6.94 7.76
C SER AA 179 10.31 -8.31 7.09
N LEU AA 180 11.14 -8.59 6.08
CA LEU AA 180 11.08 -9.89 5.43
C LEU AA 180 11.44 -11.01 6.39
N GLN AA 181 12.45 -10.81 7.23
CA GLN AA 181 12.83 -11.81 8.21
C GLN AA 181 11.68 -12.11 9.15
N TYR AA 182 10.91 -11.08 9.53
CA TYR AA 182 9.75 -11.33 10.37
C TYR AA 182 8.68 -12.10 9.62
N ARG AA 183 8.33 -11.66 8.41
CA ARG AA 183 7.21 -12.29 7.70
C ARG AA 183 7.51 -13.70 7.24
N THR AA 184 8.79 -14.06 7.10
CA THR AA 184 9.11 -15.43 6.68
C THR AA 184 8.85 -16.43 7.80
N ILE AA 185 9.17 -16.07 9.03
CA ILE AA 185 9.04 -17.00 10.15
C ILE AA 185 7.63 -17.02 10.72
N SER AA 186 6.82 -16.00 10.43
CA SER AA 186 5.45 -15.97 10.91
C SER AA 186 4.58 -17.03 10.26
N GLY AA 187 4.99 -17.57 9.12
CA GLY AA 187 4.21 -18.54 8.38
C GLY AA 187 4.41 -19.98 8.78
N ILE AA 188 5.18 -20.25 9.84
CA ILE AA 188 5.40 -21.60 10.34
C ILE AA 188 4.47 -21.83 11.52
N SER AA 189 3.53 -22.75 11.36
CA SER AA 189 2.55 -23.07 12.40
C SER AA 189 2.93 -24.38 13.06
N LEU AA 190 3.08 -24.37 14.38
CA LEU AA 190 3.54 -25.53 15.12
C LEU AA 190 2.35 -26.42 15.47
N GLY AA 191 2.48 -27.72 15.20
CA GLY AA 191 1.45 -28.67 15.57
C GLY AA 191 0.17 -28.56 14.77
N LYS AA 192 0.23 -28.06 13.54
CA LYS AA 192 -0.98 -27.95 12.71
C LYS AA 192 -0.70 -28.45 11.30
N SER BA 19 22.88 29.79 22.07
CA SER BA 19 21.56 29.77 21.45
C SER BA 19 21.11 28.33 21.18
N MET BA 20 22.04 27.39 21.31
CA MET BA 20 21.76 25.99 21.11
C MET BA 20 22.22 25.18 22.32
N ALA BA 21 22.04 23.85 22.22
CA ALA BA 21 22.30 22.98 23.34
C ALA BA 21 23.79 22.78 23.58
N TYR BA 22 24.52 22.38 22.54
CA TYR BA 22 25.91 21.99 22.68
C TYR BA 22 26.81 23.14 22.23
N ASP BA 23 27.79 23.48 23.06
CA ASP BA 23 28.70 24.60 22.81
C ASP BA 23 29.98 24.08 22.15
N LEU BA 24 29.88 23.77 20.86
CA LEU BA 24 31.00 23.21 20.11
C LEU BA 24 32.17 24.16 19.96
N GLY BA 25 32.10 25.36 20.53
CA GLY BA 25 33.19 26.31 20.38
C GLY BA 25 34.40 26.01 21.23
N SER BA 26 34.24 25.17 22.26
CA SER BA 26 35.34 24.81 23.14
C SER BA 26 35.78 23.37 23.00
N MET BA 27 34.89 22.46 22.68
CA MET BA 27 35.22 21.05 22.60
C MET BA 27 36.24 20.80 21.50
N SER BA 28 37.24 19.98 21.81
CA SER BA 28 38.27 19.63 20.84
C SER BA 28 37.69 18.72 19.77
N LYS BA 29 38.53 18.28 18.84
CA LYS BA 29 38.02 17.46 17.75
C LYS BA 29 37.66 16.07 18.23
N ASP BA 30 38.49 15.47 19.09
CA ASP BA 30 38.21 14.12 19.57
C ASP BA 30 37.06 14.07 20.56
N ASP BA 31 36.57 15.21 21.02
CA ASP BA 31 35.32 15.28 21.76
C ASP BA 31 34.13 15.58 20.88
N VAL BA 32 34.32 16.37 19.82
CA VAL BA 32 33.24 16.59 18.87
C VAL BA 32 32.88 15.29 18.16
N ILE BA 33 33.88 14.47 17.81
CA ILE BA 33 33.58 13.22 17.14
C ILE BA 33 32.78 12.29 18.05
N ASP BA 34 33.18 12.20 19.32
CA ASP BA 34 32.43 11.35 20.25
C ASP BA 34 31.03 11.90 20.51
N LEU BA 35 30.88 13.22 20.52
CA LEU BA 35 29.56 13.82 20.61
C LEU BA 35 28.70 13.44 19.42
N PHE BA 36 29.23 13.58 18.21
CA PHE BA 36 28.47 13.24 17.01
C PHE BA 36 28.16 11.76 16.95
N ASN BA 37 29.01 10.91 17.52
CA ASN BA 37 28.67 9.50 17.63
C ASN BA 37 27.54 9.26 18.62
N LYS BA 38 27.49 10.03 19.70
CA LYS BA 38 26.36 9.90 20.62
C LYS BA 38 25.05 10.25 19.93
N LEU BA 39 25.03 11.31 19.14
CA LEU BA 39 23.87 11.64 18.31
C LEU BA 39 23.86 10.70 17.11
N GLY BA 40 22.99 10.96 16.15
CA GLY BA 40 22.89 10.14 14.96
C GLY BA 40 23.90 10.55 13.91
N VAL BA 41 23.58 10.23 12.66
CA VAL BA 41 24.33 10.73 11.52
C VAL BA 41 23.66 11.93 10.88
N PHE BA 42 22.32 12.01 10.90
CA PHE BA 42 21.59 13.14 10.37
C PHE BA 42 21.59 14.33 11.32
N GLN BA 43 21.51 14.08 12.62
CA GLN BA 43 21.55 15.20 13.55
C GLN BA 43 22.95 15.71 13.84
N ALA BA 44 23.98 14.91 13.58
CA ALA BA 44 25.31 15.50 13.53
C ALA BA 44 25.37 16.53 12.41
N ALA BA 45 24.81 16.21 11.25
CA ALA BA 45 24.75 17.17 10.17
C ALA BA 45 23.92 18.39 10.53
N ILE BA 46 22.82 18.20 11.24
CA ILE BA 46 22.02 19.37 11.61
C ILE BA 46 22.75 20.25 12.62
N LEU BA 47 23.44 19.68 13.61
CA LEU BA 47 24.26 20.56 14.47
C LEU BA 47 25.37 21.25 13.70
N MET BA 48 26.05 20.54 12.79
CA MET BA 48 27.14 21.18 12.07
C MET BA 48 26.62 22.36 11.26
N PHE BA 49 25.47 22.19 10.60
CA PHE BA 49 24.90 23.29 9.83
C PHE BA 49 24.36 24.39 10.72
N ALA BA 50 23.80 24.05 11.89
CA ALA BA 50 23.28 25.09 12.77
C ALA BA 50 24.40 25.92 13.36
N TYR BA 51 25.51 25.30 13.73
CA TYR BA 51 26.64 26.07 14.24
C TYR BA 51 27.28 26.91 13.13
N MET BA 52 27.39 26.38 11.91
CA MET BA 52 27.89 27.21 10.82
C MET BA 52 26.96 28.39 10.56
N TYR BA 53 25.65 28.18 10.66
CA TYR BA 53 24.71 29.28 10.50
C TYR BA 53 24.88 30.31 11.61
N GLN BA 54 25.08 29.89 12.86
CA GLN BA 54 25.31 30.86 13.92
C GLN BA 54 26.59 31.66 13.69
N ALA BA 55 27.66 31.00 13.27
CA ALA BA 55 28.90 31.73 13.02
C ALA BA 55 28.74 32.75 11.90
N GLN BA 56 28.08 32.35 10.81
CA GLN BA 56 27.87 33.28 9.71
C GLN BA 56 26.95 34.42 10.09
N SER BA 57 25.88 34.14 10.84
CA SER BA 57 24.99 35.21 11.25
C SER BA 57 25.67 36.17 12.21
N ASP BA 58 26.54 35.67 13.09
CA ASP BA 58 27.27 36.56 13.96
C ASP BA 58 28.22 37.46 13.19
N LEU BA 59 28.93 36.92 12.20
CA LEU BA 59 29.76 37.79 11.35
C LEU BA 59 28.91 38.87 10.71
N SER BA 60 27.80 38.47 10.07
CA SER BA 60 27.02 39.44 9.32
C SER BA 60 26.41 40.49 10.23
N ILE BA 61 25.91 40.11 11.41
CA ILE BA 61 25.31 41.09 12.30
C ILE BA 61 26.35 42.01 12.89
N ALA BA 62 27.54 41.50 13.25
CA ALA BA 62 28.59 42.39 13.68
C ALA BA 62 29.04 43.33 12.57
N LYS BA 63 28.82 42.95 11.31
CA LYS BA 63 29.02 43.89 10.20
C LYS BA 63 27.90 44.93 10.13
N PHE BA 64 26.66 44.52 10.37
CA PHE BA 64 25.53 45.44 10.27
C PHE BA 64 25.50 46.47 11.38
N ALA BA 65 26.20 46.23 12.48
CA ALA BA 65 26.26 47.20 13.56
C ALA BA 65 27.43 48.18 13.41
N ASP BA 66 28.25 48.01 12.38
CA ASP BA 66 29.26 48.99 12.01
C ASP BA 66 28.73 50.00 11.00
N MET BA 67 27.51 49.81 10.51
CA MET BA 67 26.88 50.76 9.61
C MET BA 67 25.82 51.60 10.30
N ASN BA 68 25.14 51.04 11.30
CA ASN BA 68 24.35 51.88 12.19
C ASN BA 68 25.20 52.91 12.90
N GLU BA 69 26.50 52.69 13.06
CA GLU BA 69 27.35 53.76 13.57
C GLU BA 69 27.35 54.94 12.62
N ALA BA 70 27.48 54.69 11.32
CA ALA BA 70 27.47 55.78 10.35
C ALA BA 70 26.13 56.47 10.32
N SER BA 71 25.03 55.71 10.34
CA SER BA 71 23.72 56.38 10.31
C SER BA 71 23.44 57.12 11.61
N LYS BA 72 23.90 56.61 12.76
CA LYS BA 72 23.74 57.35 14.01
C LYS BA 72 24.50 58.66 13.97
N GLU BA 73 25.74 58.65 13.47
CA GLU BA 73 26.49 59.89 13.34
C GLU BA 73 25.77 60.87 12.43
N SER BA 74 25.22 60.38 11.32
CA SER BA 74 24.53 61.28 10.41
C SER BA 74 23.31 61.91 11.06
N THR BA 75 22.51 61.13 11.78
CA THR BA 75 21.32 61.72 12.38
C THR BA 75 21.67 62.70 13.50
N THR BA 76 22.68 62.40 14.32
CA THR BA 76 23.04 63.38 15.35
C THR BA 76 23.59 64.65 14.74
N ALA BA 77 24.42 64.54 13.70
CA ALA BA 77 24.94 65.74 13.05
C ALA BA 77 23.82 66.56 12.44
N GLN BA 78 22.84 65.90 11.82
CA GLN BA 78 21.72 66.64 11.25
C GLN BA 78 20.90 67.33 12.32
N LYS BA 79 20.70 66.69 13.47
CA LYS BA 79 19.97 67.35 14.56
C LYS BA 79 20.71 68.58 15.05
N MET BA 80 22.03 68.49 15.21
CA MET BA 80 22.80 69.66 15.64
C MET BA 80 22.73 70.78 14.61
N ALA BA 81 22.86 70.45 13.33
CA ALA BA 81 22.77 71.46 12.29
C ALA BA 81 21.40 72.12 12.28
N ASN BA 82 20.34 71.36 12.53
CA ASN BA 82 19.02 71.97 12.60
C ASN BA 82 18.84 72.87 13.81
N LEU BA 83 19.49 72.54 14.94
CA LEU BA 83 19.46 73.48 16.06
C LEU BA 83 20.17 74.79 15.70
N VAL BA 84 21.30 74.70 15.00
CA VAL BA 84 21.99 75.91 14.59
C VAL BA 84 21.17 76.71 13.59
N ASP BA 85 20.44 76.05 12.70
CA ASP BA 85 19.52 76.76 11.82
C ASP BA 85 18.39 77.42 12.57
N ALA BA 86 17.81 76.75 13.56
CA ALA BA 86 16.80 77.40 14.40
C ALA BA 86 17.35 78.64 15.09
N LYS BA 87 18.61 78.60 15.51
CA LYS BA 87 19.25 79.77 16.10
C LYS BA 87 19.48 80.89 15.10
N ILE BA 88 19.87 80.57 13.87
CA ILE BA 88 20.07 81.61 12.86
C ILE BA 88 18.75 82.29 12.49
N ALA BA 89 17.65 81.54 12.48
CA ALA BA 89 16.35 82.09 12.07
C ALA BA 89 15.81 83.13 13.04
N ASP BA 90 16.59 83.51 14.06
CA ASP BA 90 16.24 84.59 14.96
C ASP BA 90 17.26 85.71 14.98
N VAL BA 91 18.43 85.52 14.38
CA VAL BA 91 19.45 86.55 14.31
C VAL BA 91 19.47 87.08 12.89
N GLN BA 92 18.85 86.36 11.97
CA GLN BA 92 18.60 86.91 10.64
C GLN BA 92 17.44 87.88 10.66
N SER BA 93 16.40 87.58 11.44
CA SER BA 93 15.27 88.48 11.61
C SER BA 93 15.53 89.55 12.64
N SER BA 94 16.77 89.68 13.11
CA SER BA 94 17.11 90.68 14.12
C SER BA 94 17.21 92.05 13.49
N SER BA 95 16.49 93.02 14.05
CA SER BA 95 16.47 94.36 13.50
C SER BA 95 17.83 95.03 13.60
N ASP BA 96 18.62 94.68 14.60
CA ASP BA 96 19.91 95.31 14.86
C ASP BA 96 20.94 94.76 13.90
N LYS BA 97 22.22 95.02 14.16
CA LYS BA 97 23.28 94.31 13.46
C LYS BA 97 23.24 92.84 13.85
N ASN BA 98 23.53 91.97 12.88
CA ASN BA 98 23.35 90.54 13.09
C ASN BA 98 24.53 89.91 13.82
N ALA BA 99 24.93 90.48 14.96
CA ALA BA 99 25.87 89.80 15.86
C ALA BA 99 25.29 89.87 17.26
N LYS BA 100 24.33 88.99 17.53
CA LYS BA 100 23.84 88.67 18.88
C LYS BA 100 23.34 87.24 18.77
N ALA BA 101 24.21 86.27 19.06
CA ALA BA 101 23.86 84.88 18.85
C ALA BA 101 24.83 83.99 19.60
N GLN BA 102 24.28 82.89 20.12
CA GLN BA 102 25.06 81.84 20.74
C GLN BA 102 24.44 80.50 20.37
N LEU BA 103 25.28 79.50 20.26
CA LEU BA 103 24.76 78.18 19.99
C LEU BA 103 23.99 77.65 21.21
N PRO BA 104 22.94 76.86 21.00
CA PRO BA 104 22.25 76.26 22.14
C PRO BA 104 23.15 75.29 22.87
N ASP BA 105 22.91 75.17 24.19
CA ASP BA 105 23.90 74.58 25.08
C ASP BA 105 24.27 73.15 24.70
N GLU BA 106 23.41 72.45 23.95
CA GLU BA 106 23.72 71.10 23.54
C GLU BA 106 24.69 71.05 22.36
N VAL BA 107 24.62 72.04 21.46
CA VAL BA 107 25.55 72.06 20.34
C VAL BA 107 26.97 72.32 20.83
N ILE BA 108 27.15 73.14 21.87
CA ILE BA 108 28.48 73.36 22.42
C ILE BA 108 29.08 72.05 22.90
N SER BA 109 28.31 71.27 23.64
CA SER BA 109 28.81 69.96 24.07
C SER BA 109 28.99 69.01 22.90
N TYR BA 110 28.26 69.19 21.80
CA TYR BA 110 28.54 68.39 20.61
C TYR BA 110 29.92 68.69 20.03
N ILE BA 111 30.22 69.97 19.79
CA ILE BA 111 31.55 70.30 19.23
C ILE BA 111 32.66 69.96 20.23
N ASN BA 112 32.50 70.32 21.50
CA ASN BA 112 33.60 70.16 22.45
C ASN BA 112 33.89 68.70 22.80
N ASP BA 113 33.03 67.77 22.43
CA ASP BA 113 33.26 66.37 22.72
C ASP BA 113 34.42 65.85 21.87
N PRO BA 114 35.29 64.99 22.40
CA PRO BA 114 36.52 64.63 21.66
C PRO BA 114 36.34 63.60 20.56
N ARG BA 115 35.29 62.77 20.60
CA ARG BA 115 35.19 61.63 19.69
C ARG BA 115 34.51 61.99 18.37
N ASN BA 116 34.56 63.25 17.95
CA ASN BA 116 33.90 63.68 16.72
C ASN BA 116 34.83 64.33 15.70
N ASP BA 117 35.94 64.92 16.13
CA ASP BA 117 36.88 65.61 15.24
C ASP BA 117 36.14 66.62 14.35
N ILE BA 118 35.57 67.62 15.01
CA ILE BA 118 34.61 68.53 14.40
C ILE BA 118 35.16 69.96 14.39
N THR BA 119 36.46 70.10 14.14
CA THR BA 119 37.07 71.42 13.96
C THR BA 119 36.27 72.25 12.97
N ILE BA 120 35.73 73.39 13.41
CA ILE BA 120 34.72 74.13 12.66
C ILE BA 120 35.19 75.54 12.31
N SER BA 121 35.41 76.38 13.32
CA SER BA 121 35.45 77.82 13.11
C SER BA 121 36.85 78.37 12.91
N GLY BA 122 37.79 77.96 13.75
CA GLY BA 122 39.07 78.64 13.79
C GLY BA 122 38.97 80.02 14.40
N ILE BA 123 37.94 80.25 15.22
CA ILE BA 123 37.70 81.57 15.81
C ILE BA 123 37.63 81.41 17.32
N ASP BA 124 37.94 82.50 18.02
CA ASP BA 124 38.12 82.46 19.46
C ASP BA 124 36.78 82.47 20.20
N ASN BA 125 36.77 81.81 21.35
CA ASN BA 125 35.76 82.03 22.40
C ASN BA 125 34.35 81.81 21.87
N ILE BA 126 34.08 80.55 21.53
CA ILE BA 126 32.69 80.13 21.35
C ILE BA 126 31.94 80.36 22.66
N ASN BA 127 30.61 80.48 22.56
CA ASN BA 127 29.63 80.90 23.55
C ASN BA 127 29.58 82.41 23.73
N ALA BA 128 30.54 83.17 23.19
CA ALA BA 128 30.44 84.63 23.24
C ALA BA 128 31.41 85.22 22.22
N GLN BA 129 30.90 85.61 21.05
CA GLN BA 129 29.62 85.22 20.49
C GLN BA 129 29.89 85.26 18.99
N LEU BA 130 29.09 84.56 18.17
CA LEU BA 130 29.42 84.42 16.75
C LEU BA 130 28.26 84.90 15.88
N GLY BA 131 28.17 86.22 15.72
CA GLY BA 131 27.48 86.86 14.61
C GLY BA 131 26.18 86.26 14.14
N ALA BA 132 25.91 86.40 12.84
CA ALA BA 132 24.95 85.55 12.15
C ALA BA 132 25.40 85.16 10.75
N GLY BA 133 26.56 85.65 10.29
CA GLY BA 133 27.05 85.32 8.97
C GLY BA 133 28.26 84.41 9.07
N ASP BA 134 28.82 84.30 10.27
CA ASP BA 134 29.83 83.30 10.57
C ASP BA 134 29.25 82.10 11.30
N LEU BA 135 27.98 82.17 11.73
CA LEU BA 135 27.27 81.00 12.21
C LEU BA 135 26.93 80.05 11.07
N GLN BA 136 26.89 80.58 9.84
CA GLN BA 136 26.72 79.73 8.67
C GLN BA 136 27.90 78.78 8.50
N THR BA 137 29.10 79.22 8.88
CA THR BA 137 30.25 78.32 8.83
C THR BA 137 30.08 77.16 9.80
N VAL BA 138 29.59 77.43 11.02
CA VAL BA 138 29.36 76.35 11.97
C VAL BA 138 28.30 75.39 11.45
N LYS BA 139 27.21 75.93 10.91
CA LYS BA 139 26.16 75.05 10.38
C LYS BA 139 26.69 74.20 9.22
N ALA BA 140 27.47 74.79 8.32
CA ALA BA 140 28.03 74.03 7.22
C ALA BA 140 29.02 72.98 7.67
N ALA BA 141 29.89 73.30 8.63
CA ALA BA 141 30.86 72.32 9.10
C ALA BA 141 30.25 71.23 9.96
N ILE BA 142 29.07 71.46 10.55
CA ILE BA 142 28.37 70.40 11.24
C ILE BA 142 27.60 69.52 10.27
N SER BA 143 26.88 70.13 9.34
CA SER BA 143 26.09 69.37 8.38
C SER BA 143 26.91 68.88 7.19
N ALA BA 144 28.23 69.05 7.22
CA ALA BA 144 29.07 68.39 6.24
C ALA BA 144 29.58 67.04 6.71
N LYS BA 145 29.54 66.77 8.02
CA LYS BA 145 29.89 65.47 8.55
C LYS BA 145 28.67 64.56 8.64
N ALA BA 146 27.49 65.07 8.28
CA ALA BA 146 26.30 64.26 8.19
C ALA BA 146 26.17 63.54 6.85
N ASN BA 147 27.06 63.81 5.90
CA ASN BA 147 26.95 63.27 4.55
C ASN BA 147 27.87 62.06 4.38
N ASN BA 148 27.68 61.04 5.22
CA ASN BA 148 28.57 59.88 5.21
C ASN BA 148 27.80 58.57 5.02
N LEU BA 149 26.78 58.55 4.17
CA LEU BA 149 26.06 57.32 3.88
C LEU BA 149 26.43 56.72 2.53
N THR BA 150 27.43 57.26 1.86
CA THR BA 150 27.91 56.62 0.64
C THR BA 150 29.26 55.95 0.83
N THR BA 151 30.06 56.40 1.79
CA THR BA 151 31.29 55.68 2.09
C THR BA 151 31.00 54.32 2.72
N THR BA 152 29.81 54.13 3.31
CA THR BA 152 29.43 52.86 3.89
C THR BA 152 28.50 52.06 3.00
N VAL BA 153 28.22 52.54 1.79
CA VAL BA 153 27.59 51.75 0.75
C VAL BA 153 28.60 51.34 -0.31
N ASN BA 154 29.63 52.15 -0.54
CA ASN BA 154 30.70 51.73 -1.43
C ASN BA 154 31.54 50.64 -0.81
N ASN BA 155 31.75 50.69 0.51
CA ASN BA 155 32.63 49.77 1.20
C ASN BA 155 31.97 48.43 1.54
N SER BA 156 30.66 48.34 1.45
CA SER BA 156 29.94 47.20 2.01
C SER BA 156 28.87 46.70 1.06
N GLN BA 157 29.22 46.50 -0.21
CA GLN BA 157 28.28 45.90 -1.15
C GLN BA 157 28.77 44.60 -1.75
N LEU BA 158 30.08 44.37 -1.78
CA LEU BA 158 30.62 43.09 -2.23
C LEU BA 158 30.78 42.12 -1.08
N GLU BA 159 30.59 42.57 0.16
CA GLU BA 159 30.54 41.68 1.29
C GLU BA 159 29.13 41.20 1.59
N ILE BA 160 28.16 42.11 1.59
CA ILE BA 160 26.79 41.71 1.79
C ILE BA 160 26.32 40.77 0.68
N GLN BA 161 26.84 40.93 -0.52
CA GLN BA 161 26.73 39.94 -1.59
C GLN BA 161 26.96 38.54 -1.04
N GLN BA 162 28.16 38.30 -0.52
CA GLN BA 162 28.56 36.95 -0.14
C GLN BA 162 27.91 36.50 1.15
N MET BA 163 27.74 37.39 2.13
CA MET BA 163 27.05 37.02 3.36
C MET BA 163 25.61 36.62 3.08
N SER BA 164 24.90 37.41 2.28
CA SER BA 164 23.53 37.07 1.94
C SER BA 164 23.43 35.80 1.12
N ASN BA 165 24.35 35.59 0.17
CA ASN BA 165 24.27 34.34 -0.59
C ASN BA 165 24.54 33.14 0.29
N THR BA 166 25.63 33.17 1.08
CA THR BA 166 25.98 32.01 1.91
C THR BA 166 24.91 31.70 2.93
N LEU BA 167 24.33 32.73 3.55
CA LEU BA 167 23.44 32.50 4.67
C LEU BA 167 22.16 31.82 4.20
N ASN BA 168 21.64 32.22 3.04
CA ASN BA 168 20.57 31.50 2.37
C ASN BA 168 21.00 30.10 1.97
N LEU BA 169 22.20 29.98 1.39
CA LEU BA 169 22.68 28.71 0.86
C LEU BA 169 22.86 27.69 1.96
N LEU BA 170 22.89 28.15 3.20
CA LEU BA 170 23.08 27.31 4.37
C LEU BA 170 21.79 27.02 5.12
N THR BA 171 20.87 27.98 5.17
CA THR BA 171 19.51 27.67 5.61
C THR BA 171 18.88 26.59 4.75
N SER BA 172 18.98 26.74 3.43
CA SER BA 172 18.37 25.78 2.52
C SER BA 172 19.10 24.45 2.47
N ALA BA 173 20.27 24.34 3.10
CA ALA BA 173 20.95 23.07 3.22
C ALA BA 173 20.68 22.39 4.54
N ARG BA 174 20.38 23.17 5.57
CA ARG BA 174 20.03 22.64 6.87
C ARG BA 174 18.67 21.96 6.75
N SER BA 175 17.78 22.63 6.01
CA SER BA 175 16.42 22.17 5.77
C SER BA 175 16.34 20.86 4.99
N ASP BA 176 17.20 20.72 3.99
CA ASP BA 176 17.22 19.51 3.17
C ASP BA 176 17.54 18.35 4.09
N MET BA 177 18.45 18.59 5.02
CA MET BA 177 18.85 17.58 5.98
C MET BA 177 17.68 17.17 6.86
N GLN BA 178 16.85 18.13 7.27
CA GLN BA 178 15.72 17.83 8.13
C GLN BA 178 14.65 17.02 7.39
N SER BA 179 14.38 17.36 6.14
CA SER BA 179 13.40 16.59 5.37
C SER BA 179 13.87 15.15 5.16
N LEU BA 180 15.15 14.98 4.83
CA LEU BA 180 15.69 13.63 4.66
C LEU BA 180 15.63 12.84 5.96
N GLN BA 181 15.96 13.48 7.08
CA GLN BA 181 15.88 12.81 8.37
C GLN BA 181 14.47 12.33 8.66
N TYR BA 182 13.47 13.12 8.28
CA TYR BA 182 12.09 12.68 8.46
C TYR BA 182 11.77 11.50 7.54
N ARG BA 183 12.09 11.62 6.26
CA ARG BA 183 11.67 10.58 5.32
C ARG BA 183 12.41 9.27 5.52
N THR BA 184 13.58 9.29 6.14
CA THR BA 184 14.31 8.04 6.38
C THR BA 184 13.64 7.19 7.45
N ILE BA 185 13.15 7.83 8.51
CA ILE BA 185 12.58 7.10 9.64
C ILE BA 185 11.12 6.75 9.40
N SER BA 186 10.46 7.42 8.46
CA SER BA 186 9.07 7.11 8.17
C SER BA 186 8.90 5.74 7.53
N GLY BA 187 9.96 5.17 6.96
CA GLY BA 187 9.90 3.91 6.26
C GLY BA 187 10.06 2.68 7.13
N ILE BA 188 10.15 2.84 8.45
CA ILE BA 188 10.27 1.71 9.37
C ILE BA 188 8.90 1.41 9.95
N SER BA 189 8.37 0.23 9.63
CA SER BA 189 7.06 -0.19 10.08
C SER BA 189 7.22 -1.21 11.21
N LEU BA 190 6.61 -0.93 12.35
CA LEU BA 190 6.76 -1.77 13.54
C LEU BA 190 5.75 -2.91 13.51
N GLY BA 191 6.22 -4.12 13.73
CA GLY BA 191 5.33 -5.27 13.81
C GLY BA 191 4.73 -5.70 12.49
N LYS BA 192 5.36 -5.40 11.37
CA LYS BA 192 4.83 -5.81 10.07
C LYS BA 192 5.91 -6.42 9.21
N SER CA 19 9.43 57.16 12.12
CA SER CA 19 8.70 56.64 10.97
C SER CA 19 8.71 55.12 10.96
N MET CA 20 9.55 54.54 11.81
CA MET CA 20 9.68 53.10 11.93
C MET CA 20 9.51 52.67 13.38
N ALA CA 21 9.66 51.37 13.61
CA ALA CA 21 9.38 50.80 14.92
C ALA CA 21 10.51 51.10 15.91
N TYR CA 22 11.74 50.78 15.54
CA TYR CA 22 12.87 50.86 16.46
C TYR CA 22 13.65 52.13 16.20
N ASP CA 23 13.91 52.89 17.26
CA ASP CA 23 14.61 54.17 17.17
C ASP CA 23 16.11 53.98 17.41
N LEU CA 24 16.80 53.45 16.41
CA LEU CA 24 18.22 53.13 16.52
C LEU CA 24 19.11 54.36 16.70
N GLY CA 25 18.53 55.56 16.76
CA GLY CA 25 19.34 56.75 16.90
C GLY CA 25 19.90 56.98 18.28
N SER CA 26 19.34 56.30 19.28
CA SER CA 26 19.80 56.44 20.66
C SER CA 26 20.49 55.21 21.20
N MET CA 27 20.08 54.02 20.77
CA MET CA 27 20.64 52.78 21.29
C MET CA 27 22.12 52.68 20.97
N SER CA 28 22.90 52.27 21.97
CA SER CA 28 24.32 52.10 21.79
C SER CA 28 24.61 50.90 20.91
N LYS CA 29 25.88 50.59 20.70
CA LYS CA 29 26.21 49.48 19.81
C LYS CA 29 25.88 48.13 20.43
N ASP CA 30 26.18 47.97 21.73
CA ASP CA 30 25.91 46.70 22.39
C ASP CA 30 24.43 46.46 22.64
N ASP CA 31 23.59 47.47 22.43
CA ASP CA 31 22.15 47.26 22.40
C ASP CA 31 21.62 47.05 20.99
N VAL CA 32 22.23 47.67 20.00
CA VAL CA 32 21.85 47.40 18.61
C VAL CA 32 22.16 45.95 18.25
N ILE CA 33 23.30 45.43 18.71
CA ILE CA 33 23.64 44.05 18.39
C ILE CA 33 22.64 43.08 19.02
N ASP CA 34 22.26 43.33 20.27
CA ASP CA 34 21.28 42.45 20.91
C ASP CA 34 19.91 42.59 20.26
N LEU CA 35 19.57 43.80 19.80
CA LEU CA 35 18.34 43.97 19.05
C LEU CA 35 18.36 43.14 17.76
N PHE CA 36 19.44 43.25 16.99
CA PHE CA 36 19.56 42.50 15.75
C PHE CA 36 19.57 41.00 15.99
N ASN CA 37 20.09 40.56 17.13
CA ASN CA 37 19.99 39.15 17.48
C ASN CA 37 18.57 38.74 17.80
N LYS CA 38 17.79 39.63 18.42
CA LYS CA 38 16.38 39.32 18.65
C LYS CA 38 15.64 39.14 17.33
N LEU CA 39 15.89 39.99 16.35
CA LEU CA 39 15.36 39.81 15.01
C LEU CA 39 16.16 38.73 14.31
N GLY CA 40 15.95 38.56 13.01
CA GLY CA 40 16.67 37.57 12.24
C GLY CA 40 17.99 38.09 11.76
N VAL CA 41 18.49 37.49 10.68
CA VAL CA 41 19.65 38.00 9.98
C VAL CA 41 19.26 38.81 8.75
N PHE CA 42 18.15 38.48 8.10
CA PHE CA 42 17.66 39.25 6.95
C PHE CA 42 16.94 40.51 7.38
N GLN CA 43 16.19 40.47 8.47
CA GLN CA 43 15.50 41.68 8.90
C GLN CA 43 16.40 42.62 9.68
N ALA CA 44 17.52 42.15 10.22
CA ALA CA 44 18.54 43.09 10.65
C ALA CA 44 19.03 43.91 9.47
N ALA CA 45 19.27 43.24 8.34
CA ALA CA 45 19.68 43.95 7.14
C ALA CA 45 18.59 44.90 6.66
N ILE CA 46 17.33 44.50 6.75
CA ILE CA 46 16.28 45.41 6.30
C ILE CA 46 16.16 46.63 7.22
N LEU CA 47 16.27 46.47 8.54
CA LEU CA 47 16.31 47.68 9.39
C LEU CA 47 17.53 48.53 9.10
N MET CA 48 18.69 47.94 8.91
CA MET CA 48 19.88 48.75 8.67
C MET CA 48 19.72 49.57 7.39
N PHE CA 49 19.19 48.96 6.34
CA PHE CA 49 18.97 49.68 5.11
C PHE CA 49 17.83 50.70 5.23
N ALA CA 50 16.80 50.40 6.00
CA ALA CA 50 15.71 51.36 6.16
C ALA CA 50 16.15 52.59 6.93
N TYR CA 51 16.95 52.40 7.98
CA TYR CA 51 17.46 53.55 8.71
C TYR CA 51 18.45 54.35 7.89
N MET CA 52 19.32 53.68 7.10
CA MET CA 52 20.19 54.43 6.21
C MET CA 52 19.38 55.21 5.19
N TYR CA 53 18.30 54.64 4.68
CA TYR CA 53 17.43 55.36 3.76
C TYR CA 53 16.77 56.56 4.42
N GLN CA 54 16.33 56.43 5.67
CA GLN CA 54 15.76 57.59 6.36
C GLN CA 54 16.80 58.68 6.56
N ALA CA 55 18.01 58.33 6.95
CA ALA CA 55 19.04 59.34 7.15
C ALA CA 55 19.35 60.06 5.84
N GLN CA 56 19.50 59.32 4.75
CA GLN CA 56 19.78 59.95 3.46
C GLN CA 56 18.62 60.81 2.98
N SER CA 57 17.38 60.34 3.15
CA SER CA 57 16.25 61.14 2.71
C SER CA 57 16.11 62.40 3.55
N ASP CA 58 16.42 62.33 4.85
CA ASP CA 58 16.38 63.54 5.66
C ASP CA 58 17.43 64.55 5.22
N LEU CA 59 18.65 64.09 4.93
CA LEU CA 59 19.65 65.02 4.38
C LEU CA 59 19.14 65.67 3.10
N SER CA 60 18.66 64.86 2.17
CA SER CA 60 18.27 65.41 0.87
C SER CA 60 17.09 66.36 1.00
N ILE CA 61 16.10 66.04 1.83
CA ILE CA 61 14.95 66.92 1.96
C ILE CA 61 15.31 68.20 2.68
N ALA CA 62 16.16 68.14 3.71
CA ALA CA 62 16.63 69.37 4.32
C ALA CA 62 17.47 70.20 3.35
N LYS CA 63 18.04 69.57 2.32
CA LYS CA 63 18.67 70.33 1.24
C LYS CA 63 17.63 70.96 0.32
N PHE CA 64 16.54 70.24 0.02
CA PHE CA 64 15.54 70.74 -0.90
C PHE CA 64 14.72 71.89 -0.31
N ALA CA 65 14.72 72.05 1.00
CA ALA CA 65 14.01 73.15 1.62
C ALA CA 65 14.87 74.39 1.78
N ASP CA 66 16.15 74.32 1.40
CA ASP CA 66 17.01 75.49 1.30
C ASP CA 66 16.97 76.12 -0.09
N MET CA 67 16.28 75.49 -1.03
CA MET CA 67 16.12 76.04 -2.37
C MET CA 67 14.73 76.62 -2.58
N ASN CA 68 13.72 76.05 -1.93
CA ASN CA 68 12.44 76.74 -1.86
C ASN CA 68 12.55 78.09 -1.16
N GLU CA 69 13.56 78.31 -0.32
CA GLU CA 69 13.80 79.64 0.19
C GLU CA 69 14.12 80.60 -0.94
N ALA CA 70 15.00 80.20 -1.85
CA ALA CA 70 15.34 81.05 -2.98
C ALA CA 70 14.15 81.29 -3.89
N SER CA 71 13.38 80.25 -4.18
CA SER CA 71 12.22 80.47 -5.05
C SER CA 71 11.14 81.30 -4.36
N LYS CA 72 10.96 81.15 -3.05
CA LYS CA 72 10.02 81.99 -2.32
C LYS CA 72 10.43 83.45 -2.37
N GLU CA 73 11.72 83.72 -2.15
CA GLU CA 73 12.19 85.10 -2.26
C GLU CA 73 11.96 85.65 -3.65
N SER CA 74 12.21 84.85 -4.68
CA SER CA 74 12.00 85.33 -6.05
C SER CA 74 10.54 85.66 -6.30
N THR CA 75 9.61 84.80 -5.88
CA THR CA 75 8.21 85.10 -6.15
C THR CA 75 7.71 86.31 -5.38
N THR CA 76 8.11 86.47 -4.11
CA THR CA 76 7.68 87.66 -3.38
C THR CA 76 8.26 88.93 -3.99
N ALA CA 77 9.53 88.91 -4.39
CA ALA CA 77 10.12 90.08 -5.02
C ALA CA 77 9.41 90.41 -6.32
N GLN CA 78 9.07 89.40 -7.13
CA GLN CA 78 8.34 89.65 -8.36
C GLN CA 78 6.97 90.23 -8.10
N LYS CA 79 6.28 89.76 -7.07
CA LYS CA 79 4.97 90.32 -6.75
C LYS CA 79 5.09 91.80 -6.36
N MET CA 80 6.09 92.13 -5.53
CA MET CA 80 6.28 93.54 -5.16
C MET CA 80 6.60 94.40 -6.37
N ALA CA 81 7.48 93.91 -7.25
CA ALA CA 81 7.82 94.67 -8.45
C ALA CA 81 6.60 94.87 -9.34
N ASN CA 82 5.73 93.88 -9.43
CA ASN CA 82 4.51 94.05 -10.21
C ASN CA 82 3.55 95.05 -9.57
N LEU CA 83 3.49 95.12 -8.24
CA LEU CA 83 2.69 96.17 -7.62
C LEU CA 83 3.25 97.56 -7.95
N VAL CA 84 4.58 97.70 -7.94
CA VAL CA 84 5.17 99.00 -8.29
C VAL CA 84 4.91 99.33 -9.76
N ASP CA 85 4.93 98.33 -10.64
CA ASP CA 85 4.56 98.58 -12.04
C ASP CA 85 3.10 98.99 -12.18
N ALA CA 86 2.19 98.33 -11.45
CA ALA CA 86 0.80 98.77 -11.47
C ALA CA 86 0.65 100.21 -11.00
N LYS CA 87 1.46 100.63 -10.02
CA LYS CA 87 1.44 102.02 -9.58
C LYS CA 87 2.00 102.98 -10.63
N ILE CA 88 3.07 102.60 -11.34
CA ILE CA 88 3.61 103.48 -12.38
C ILE CA 88 2.62 103.65 -13.52
N ALA CA 89 1.86 102.62 -13.86
CA ALA CA 89 0.94 102.68 -15.00
C ALA CA 89 -0.21 103.65 -14.79
N ASP CA 90 -0.21 104.40 -13.69
CA ASP CA 90 -1.18 105.45 -13.45
C ASP CA 90 -0.54 106.81 -13.26
N VAL CA 91 0.78 106.88 -13.12
CA VAL CA 91 1.48 108.15 -12.98
C VAL CA 91 2.20 108.44 -14.29
N GLN CA 92 2.32 107.41 -15.13
CA GLN CA 92 2.77 107.64 -16.50
C GLN CA 92 1.65 108.21 -17.35
N SER CA 93 0.42 107.74 -17.15
CA SER CA 93 -0.74 108.26 -17.84
C SER CA 93 -1.29 109.52 -17.19
N SER CA 94 -0.56 110.09 -16.23
CA SER CA 94 -1.01 111.29 -15.54
C SER CA 94 -0.81 112.51 -16.42
N SER CA 95 -1.87 113.29 -16.60
CA SER CA 95 -1.80 114.46 -17.47
C SER CA 95 -0.86 115.52 -16.92
N ASP CA 96 -0.72 115.58 -15.60
CA ASP CA 96 0.08 116.61 -14.94
C ASP CA 96 1.55 116.24 -15.05
N LYS CA 97 2.40 116.93 -14.28
CA LYS CA 97 3.77 116.48 -14.11
C LYS CA 97 3.78 115.14 -13.37
N ASN CA 98 4.69 114.26 -13.76
CA ASN CA 98 4.67 112.89 -13.25
C ASN CA 98 5.33 112.77 -11.88
N ALA CA 99 4.93 113.62 -10.92
CA ALA CA 99 5.29 113.41 -9.52
C ALA CA 99 4.03 113.53 -8.68
N LYS CA 100 3.25 112.45 -8.68
CA LYS CA 100 2.17 112.22 -7.72
C LYS CA 100 2.04 110.70 -7.63
N ALA CA 101 2.75 110.12 -6.67
CA ALA CA 101 2.83 108.67 -6.59
C ALA CA 101 3.34 108.25 -5.24
N GLN CA 102 2.79 107.13 -4.75
CA GLN CA 102 3.25 106.48 -3.54
C GLN CA 102 3.18 104.98 -3.76
N LEU CA 103 4.09 104.27 -3.12
CA LEU CA 103 4.04 102.83 -3.20
C LEU CA 103 2.83 102.31 -2.44
N PRO CA 104 2.22 101.21 -2.89
CA PRO CA 104 1.12 100.63 -2.13
C PRO CA 104 1.60 100.10 -0.78
N ASP CA 105 0.70 100.12 0.20
CA ASP CA 105 1.11 100.02 1.60
C ASP CA 105 1.85 98.72 1.90
N GLU CA 106 1.69 97.69 1.07
CA GLU CA 106 2.40 96.44 1.31
C GLU CA 106 3.85 96.51 0.84
N VAL CA 107 4.13 97.26 -0.23
CA VAL CA 107 5.51 97.38 -0.69
C VAL CA 107 6.35 98.14 0.34
N ILE CA 108 5.78 99.13 1.01
CA ILE CA 108 6.53 99.83 2.06
C ILE CA 108 6.96 98.86 3.15
N SER CA 109 6.06 98.01 3.60
CA SER CA 109 6.44 97.01 4.59
C SER CA 109 7.40 95.98 4.01
N TYR CA 110 7.39 95.75 2.71
CA TYR CA 110 8.41 94.89 2.12
C TYR CA 110 9.79 95.50 2.24
N ILE CA 111 9.97 96.75 1.80
CA ILE CA 111 11.29 97.36 1.91
C ILE CA 111 11.71 97.55 3.37
N ASN CA 112 10.82 98.05 4.22
CA ASN CA 112 11.21 98.38 5.59
C ASN CA 112 11.49 97.16 6.45
N ASP CA 113 11.15 95.96 6.00
CA ASP CA 113 11.42 94.76 6.79
C ASP CA 113 12.91 94.49 6.82
N PRO CA 114 13.48 94.03 7.94
CA PRO CA 114 14.94 93.94 8.06
C PRO CA 114 15.58 92.74 7.38
N ARG CA 115 14.85 91.66 7.13
CA ARG CA 115 15.46 90.42 6.70
C ARG CA 115 15.58 90.32 5.17
N ASN CA 116 15.64 91.46 4.48
CA ASN CA 116 15.72 91.46 3.02
C ASN CA 116 16.93 92.18 2.45
N ASP CA 117 17.50 93.15 3.17
CA ASP CA 117 18.65 93.93 2.70
C ASP CA 117 18.37 94.51 1.32
N ILE CA 118 17.38 95.39 1.26
CA ILE CA 118 16.77 95.85 0.01
C ILE CA 118 16.99 97.35 -0.16
N THR CA 119 18.17 97.84 0.25
CA THR CA 119 18.54 99.24 0.01
C THR CA 119 18.31 99.62 -1.45
N ILE CA 120 17.44 100.59 -1.69
CA ILE CA 120 16.90 100.87 -3.03
C ILE CA 120 17.24 102.27 -3.51
N SER CA 121 16.72 103.29 -2.83
CA SER CA 121 16.62 104.62 -3.42
C SER CA 121 17.79 105.53 -3.05
N GLY CA 122 18.15 105.56 -1.77
CA GLY CA 122 19.06 106.60 -1.31
C GLY CA 122 18.40 107.96 -1.29
N ILE CA 123 17.08 108.00 -1.19
CA ILE CA 123 16.33 109.26 -1.23
C ILE CA 123 15.46 109.35 0.01
N ASP CA 124 15.15 110.56 0.42
CA ASP CA 124 14.49 110.82 1.69
C ASP CA 124 13.00 110.55 1.62
N ASN CA 125 12.45 110.10 2.76
CA ASN CA 125 11.02 110.17 3.04
C ASN CA 125 10.19 109.45 1.97
N ILE CA 126 10.36 108.12 1.95
CA ILE CA 126 9.41 107.29 1.24
C ILE CA 126 8.04 107.49 1.87
N ASN CA 127 6.99 107.18 1.09
CA ASN CA 127 5.57 107.44 1.30
C ASN CA 127 5.18 108.87 0.95
N ALA CA 128 6.12 109.79 0.77
CA ALA CA 128 5.78 111.15 0.31
C ALA CA 128 7.05 111.82 -0.22
N GLN CA 129 7.21 111.85 -1.54
CA GLN CA 129 6.55 111.00 -2.51
C GLN CA 129 7.58 110.87 -3.61
N LEU CA 130 7.51 109.83 -4.47
CA LEU CA 130 8.59 109.57 -5.42
C LEU CA 130 8.05 109.54 -6.85
N GLY CA 131 7.84 110.73 -7.42
CA GLY CA 131 7.80 110.94 -8.86
C GLY CA 131 7.10 109.90 -9.71
N ALA CA 132 7.58 109.74 -10.94
CA ALA CA 132 7.33 108.53 -11.72
C ALA CA 132 8.53 108.08 -12.52
N GLY CA 133 9.65 108.82 -12.47
CA GLY CA 133 10.84 108.44 -13.19
C GLY CA 133 11.91 107.96 -12.26
N ASP CA 134 11.73 108.23 -10.96
CA ASP CA 134 12.55 107.64 -9.92
C ASP CA 134 11.87 106.46 -9.25
N LEU CA 135 10.60 106.21 -9.55
CA LEU CA 135 9.94 104.98 -9.15
C LEU CA 135 10.46 103.80 -9.97
N GLN CA 136 11.02 104.08 -11.15
CA GLN CA 136 11.67 103.05 -11.93
C GLN CA 136 12.87 102.48 -11.19
N THR CA 137 13.58 103.32 -10.43
CA THR CA 137 14.69 102.82 -9.62
C THR CA 137 14.22 101.83 -8.57
N VAL CA 138 13.09 102.14 -7.91
CA VAL CA 138 12.55 101.21 -6.92
C VAL CA 138 12.14 99.91 -7.58
N LYS CA 139 11.46 99.98 -8.73
CA LYS CA 139 11.05 98.76 -9.41
C LYS CA 139 12.26 97.93 -9.83
N ALA CA 140 13.29 98.57 -10.36
CA ALA CA 140 14.49 97.85 -10.75
C ALA CA 140 15.23 97.23 -9.57
N ALA CA 141 15.35 97.95 -8.46
CA ALA CA 141 16.03 97.42 -7.30
C ALA CA 141 15.24 96.35 -6.57
N ILE CA 142 13.92 96.31 -6.75
CA ILE CA 142 13.14 95.20 -6.20
C ILE CA 142 13.21 93.99 -7.12
N SER CA 143 13.02 94.18 -8.43
CA SER CA 143 13.04 93.07 -9.36
C SER CA 143 14.45 92.67 -9.77
N ALA CA 144 15.48 93.24 -9.16
CA ALA CA 144 16.83 92.70 -9.34
C ALA CA 144 17.21 91.68 -8.29
N LYS CA 145 16.49 91.62 -7.17
CA LYS CA 145 16.70 90.59 -6.16
C LYS CA 145 15.81 89.39 -6.42
N ALA CA 146 14.97 89.45 -7.46
CA ALA CA 146 14.18 88.31 -7.88
C ALA CA 146 14.94 87.38 -8.81
N ASN CA 147 16.14 87.76 -9.24
CA ASN CA 147 16.90 87.00 -10.22
C ASN CA 147 17.94 86.10 -9.55
N ASN CA 148 17.50 85.23 -8.65
CA ASN CA 148 18.40 84.40 -7.86
C ASN CA 148 18.11 82.91 -8.00
N LEU CA 149 17.75 82.45 -9.20
CA LEU CA 149 17.54 81.02 -9.41
C LEU CA 149 18.68 80.36 -10.15
N THR CA 150 19.79 81.05 -10.37
CA THR CA 150 20.96 80.40 -10.92
C THR CA 150 22.07 80.21 -9.91
N THR CA 151 22.11 81.02 -8.86
CA THR CA 151 23.05 80.77 -7.78
C THR CA 151 22.70 79.52 -7.01
N THR CA 152 21.44 79.07 -7.07
CA THR CA 152 21.01 77.85 -6.40
C THR CA 152 20.89 76.68 -7.35
N VAL CA 153 21.25 76.85 -8.62
CA VAL CA 153 21.45 75.74 -9.52
C VAL CA 153 22.94 75.50 -9.78
N ASN CA 154 23.77 76.54 -9.69
CA ASN CA 154 25.20 76.31 -9.77
C ASN CA 154 25.72 75.65 -8.51
N ASN CA 155 25.16 75.98 -7.35
CA ASN CA 155 25.64 75.49 -6.07
C ASN CA 155 25.14 74.09 -5.72
N SER CA 156 24.12 73.58 -6.41
CA SER CA 156 23.42 72.39 -5.97
C SER CA 156 23.16 71.45 -7.13
N GLN CA 157 24.18 71.16 -7.94
CA GLN CA 157 24.03 70.15 -8.98
C GLN CA 157 24.99 68.99 -8.84
N LEU CA 158 26.12 69.16 -8.15
CA LEU CA 158 27.01 68.06 -7.85
C LEU CA 158 26.68 67.38 -6.54
N GLU CA 159 25.75 67.94 -5.78
CA GLU CA 159 25.23 67.28 -4.59
C GLU CA 159 24.01 66.44 -4.92
N ILE CA 160 23.06 67.00 -5.66
CA ILE CA 160 21.89 66.24 -6.06
C ILE CA 160 22.28 65.05 -6.92
N GLN CA 161 23.36 65.16 -7.69
CA GLN CA 161 24.02 64.02 -8.31
C GLN CA 161 24.14 62.87 -7.33
N GLN CA 162 24.88 63.08 -6.24
CA GLN CA 162 25.21 62.00 -5.32
C GLN CA 162 24.02 61.59 -4.46
N MET CA 163 23.20 62.54 -4.01
CA MET CA 163 22.02 62.18 -3.24
C MET CA 163 21.08 61.32 -4.06
N SER CA 164 20.79 61.71 -5.30
CA SER CA 164 19.93 60.93 -6.15
C SER CA 164 20.52 59.58 -6.50
N ASN CA 165 21.83 59.50 -6.75
CA ASN CA 165 22.39 58.19 -7.03
C ASN CA 165 22.32 57.28 -5.80
N THR CA 166 22.77 57.76 -4.65
CA THR CA 166 22.79 56.92 -3.45
C THR CA 166 21.40 56.47 -3.05
N LEU CA 167 20.42 57.36 -3.14
CA LEU CA 167 19.10 57.05 -2.60
C LEU CA 167 18.43 55.93 -3.42
N ASN CA 168 18.59 55.98 -4.74
CA ASN CA 168 18.21 54.86 -5.60
C ASN CA 168 19.03 53.61 -5.29
N LEU CA 169 20.34 53.78 -5.13
CA LEU CA 169 21.23 52.65 -4.95
C LEU CA 169 20.94 51.92 -3.65
N LEU CA 170 20.19 52.55 -2.76
CA LEU CA 170 19.85 52.02 -1.45
C LEU CA 170 18.42 51.47 -1.40
N THR CA 171 17.48 52.11 -2.10
CA THR CA 171 16.18 51.49 -2.33
C THR CA 171 16.34 50.14 -3.01
N SER CA 172 17.13 50.09 -4.08
CA SER CA 172 17.29 48.86 -4.84
C SER CA 172 18.13 47.81 -4.12
N ALA CA 173 18.76 48.17 -3.01
CA ALA CA 173 19.46 47.21 -2.18
C ALA CA 173 18.62 46.70 -1.04
N ARG CA 174 17.67 47.51 -0.57
CA ARG CA 174 16.74 47.11 0.47
C ARG CA 174 15.82 46.05 -0.10
N SER CA 175 15.40 46.28 -1.34
CA SER CA 175 14.49 45.39 -2.07
C SER CA 175 15.09 44.02 -2.36
N ASP CA 176 16.37 43.99 -2.69
CA ASP CA 176 17.03 42.73 -2.99
C ASP CA 176 16.98 41.88 -1.74
N MET CA 177 17.16 42.54 -0.60
CA MET CA 177 17.13 41.87 0.69
C MET CA 177 15.75 41.27 0.95
N GLN CA 178 14.69 41.99 0.58
CA GLN CA 178 13.34 41.50 0.81
C GLN CA 178 13.02 40.29 -0.07
N SER CA 179 13.43 40.33 -1.34
CA SER CA 179 13.19 39.18 -2.21
C SER CA 179 13.94 37.95 -1.72
N LEU CA 180 15.20 38.11 -1.30
CA LEU CA 180 15.95 36.98 -0.77
C LEU CA 180 15.31 36.44 0.50
N GLN CA 181 14.84 37.31 1.38
CA GLN CA 181 14.17 36.87 2.61
C GLN CA 181 12.95 36.05 2.28
N TYR CA 182 12.21 36.42 1.25
CA TYR CA 182 11.06 35.62 0.84
C TYR CA 182 11.50 34.27 0.29
N ARG CA 183 12.46 34.26 -0.64
CA ARG CA 183 12.81 33.00 -1.30
C ARG CA 183 13.53 32.04 -0.38
N THR CA 184 14.13 32.50 0.70
CA THR CA 184 14.80 31.59 1.63
C THR CA 184 13.80 30.78 2.43
N ILE CA 185 12.70 31.40 2.86
CA ILE CA 185 11.73 30.72 3.72
C ILE CA 185 10.73 29.91 2.91
N SER CA 186 10.61 30.18 1.61
CA SER CA 186 9.69 29.42 0.79
C SER CA 186 10.13 27.98 0.58
N GLY CA 187 11.41 27.68 0.82
CA GLY CA 187 11.96 26.36 0.61
C GLY CA 187 11.82 25.40 1.76
N ILE CA 188 11.13 25.78 2.83
CA ILE CA 188 10.91 24.91 3.98
C ILE CA 188 9.51 24.31 3.86
N SER CA 189 9.46 22.99 3.69
CA SER CA 189 8.21 22.27 3.55
C SER CA 189 7.89 21.54 4.85
N LEU CA 190 6.71 21.80 5.39
CA LEU CA 190 6.31 21.26 6.69
C LEU CA 190 5.69 19.88 6.49
N GLY CA 191 6.15 18.91 7.29
CA GLY CA 191 5.58 17.59 7.25
C GLY CA 191 5.88 16.78 6.00
N LYS CA 192 6.98 17.08 5.31
CA LYS CA 192 7.33 16.33 4.12
C LYS CA 192 8.80 15.94 4.14
N SER DA 19 -0.56 77.17 -10.88
CA SER DA 19 -0.44 76.27 -12.02
C SER DA 19 -0.16 74.84 -11.56
N MET DA 20 0.15 74.69 -10.28
CA MET DA 20 0.43 73.39 -9.69
C MET DA 20 -0.45 73.18 -8.46
N ALA DA 21 -0.24 72.03 -7.81
CA ALA DA 21 -1.10 71.63 -6.70
C ALA DA 21 -0.78 72.42 -5.44
N TYR DA 22 0.48 72.43 -5.03
CA TYR DA 22 0.87 73.00 -3.75
C TYR DA 22 1.45 74.39 -3.95
N ASP DA 23 0.95 75.35 -3.19
CA ASP DA 23 1.36 76.75 -3.30
C ASP DA 23 2.47 77.06 -2.30
N LEU DA 24 3.67 76.62 -2.62
CA LEU DA 24 4.82 76.76 -1.73
C LEU DA 24 5.24 78.21 -1.52
N GLY DA 25 4.54 79.17 -2.12
CA GLY DA 25 4.92 80.57 -1.96
C GLY DA 25 4.56 81.17 -0.63
N SER DA 26 3.67 80.54 0.12
CA SER DA 26 3.26 81.03 1.42
C SER DA 26 3.72 80.17 2.58
N MET DA 27 3.82 78.85 2.39
CA MET DA 27 4.19 77.95 3.45
C MET DA 27 5.59 78.26 3.96
N SER DA 28 5.75 78.26 5.28
CA SER DA 28 7.03 78.51 5.90
C SER DA 28 7.96 77.32 5.67
N LYS DA 29 9.16 77.38 6.23
CA LYS DA 29 10.11 76.30 6.00
C LYS DA 29 9.71 75.04 6.76
N ASP DA 30 9.27 75.19 8.00
CA ASP DA 30 8.90 74.01 8.79
C ASP DA 30 7.59 73.38 8.33
N ASP DA 31 6.86 74.04 7.45
CA ASP DA 31 5.73 73.41 6.77
C ASP DA 31 6.12 72.81 5.44
N VAL DA 32 7.07 73.42 4.73
CA VAL DA 32 7.58 72.82 3.50
C VAL DA 32 8.27 71.51 3.80
N ILE DA 33 9.03 71.43 4.89
CA ILE DA 33 9.71 70.19 5.20
C ILE DA 33 8.72 69.08 5.51
N ASP DA 34 7.67 69.40 6.28
CA ASP DA 34 6.66 68.38 6.58
C ASP DA 34 5.88 67.99 5.33
N LEU DA 35 5.66 68.93 4.42
CA LEU DA 35 5.04 68.60 3.14
C LEU DA 35 5.92 67.64 2.35
N PHE DA 36 7.20 67.93 2.23
CA PHE DA 36 8.11 67.06 1.50
C PHE DA 36 8.24 65.70 2.15
N ASN DA 37 8.11 65.63 3.47
CA ASN DA 37 8.07 64.32 4.13
C ASN DA 37 6.79 63.56 3.82
N LYS DA 38 5.66 64.27 3.67
CA LYS DA 38 4.45 63.58 3.24
C LYS DA 38 4.60 62.97 1.86
N LEU DA 39 5.21 63.70 0.93
CA LEU DA 39 5.56 63.15 -0.37
C LEU DA 39 6.78 62.26 -0.22
N GLY DA 40 7.35 61.82 -1.33
CA GLY DA 40 8.53 60.98 -1.31
C GLY DA 40 9.80 61.80 -1.20
N VAL DA 41 10.89 61.21 -1.65
CA VAL DA 41 12.14 61.92 -1.80
C VAL DA 41 12.38 62.37 -3.24
N PHE DA 42 11.88 61.62 -4.22
CA PHE DA 42 12.00 62.00 -5.63
C PHE DA 42 10.97 63.04 -6.02
N GLN DA 43 9.75 62.95 -5.49
CA GLN DA 43 8.75 63.95 -5.84
C GLN DA 43 8.89 65.23 -5.05
N ALA DA 44 9.58 65.22 -3.90
CA ALA DA 44 10.01 66.49 -3.33
C ALA DA 44 10.95 67.20 -4.30
N ALA DA 45 11.87 66.47 -4.90
CA ALA DA 45 12.75 67.06 -5.90
C ALA DA 45 11.98 67.55 -7.10
N ILE DA 46 10.97 66.81 -7.55
CA ILE DA 46 10.22 67.27 -8.70
C ILE DA 46 9.40 68.53 -8.38
N LEU DA 47 8.78 68.64 -7.19
CA LEU DA 47 8.15 69.91 -6.84
C LEU DA 47 9.15 71.03 -6.74
N MET DA 48 10.31 70.79 -6.13
CA MET DA 48 11.27 71.87 -5.99
C MET DA 48 11.71 72.39 -7.36
N PHE DA 49 11.97 71.49 -8.29
CA PHE DA 49 12.35 71.91 -9.64
C PHE DA 49 11.20 72.53 -10.40
N ALA DA 50 9.96 72.06 -10.19
CA ALA DA 50 8.83 72.66 -10.89
C ALA DA 50 8.55 74.06 -10.41
N TYR DA 51 8.66 74.30 -9.10
CA TYR DA 51 8.47 75.66 -8.59
C TYR DA 51 9.61 76.58 -9.02
N MET DA 52 10.85 76.08 -9.03
CA MET DA 52 11.94 76.90 -9.56
C MET DA 52 11.72 77.23 -11.02
N TYR DA 53 11.21 76.28 -11.81
CA TYR DA 53 10.90 76.55 -13.21
C TYR DA 53 9.80 77.59 -13.34
N GLN DA 54 8.76 77.52 -12.51
CA GLN DA 54 7.73 78.55 -12.57
C GLN DA 54 8.28 79.92 -12.23
N ALA DA 55 9.10 80.02 -11.19
CA ALA DA 55 9.66 81.32 -10.84
C ALA DA 55 10.52 81.88 -11.96
N GLN DA 56 11.37 81.05 -12.57
CA GLN DA 56 12.22 81.52 -13.65
C GLN DA 56 11.39 81.90 -14.88
N SER DA 57 10.37 81.10 -15.22
CA SER DA 57 9.57 81.45 -16.37
C SER DA 57 8.77 82.72 -16.14
N ASP DA 58 8.32 82.96 -14.92
CA ASP DA 58 7.63 84.22 -14.64
C ASP DA 58 8.56 85.40 -14.78
N LEU DA 59 9.79 85.31 -14.27
CA LEU DA 59 10.75 86.39 -14.49
C LEU DA 59 10.93 86.65 -15.99
N SER DA 60 11.20 85.58 -16.76
CA SER DA 60 11.52 85.77 -18.16
C SER DA 60 10.32 86.33 -18.93
N ILE DA 61 9.11 85.85 -18.65
CA ILE DA 61 7.95 86.36 -19.37
C ILE DA 61 7.63 87.79 -18.98
N ALA DA 62 7.77 88.15 -17.70
CA ALA DA 62 7.60 89.54 -17.35
C ALA DA 62 8.68 90.42 -17.97
N LYS DA 63 9.83 89.84 -18.34
CA LYS DA 63 10.80 90.57 -19.14
C LYS DA 63 10.36 90.69 -20.60
N PHE DA 64 9.77 89.64 -21.16
CA PHE DA 64 9.38 89.66 -22.56
C PHE DA 64 8.20 90.58 -22.83
N ALA DA 65 7.44 90.94 -21.81
CA ALA DA 65 6.33 91.87 -21.99
C ALA DA 65 6.74 93.33 -21.80
N ASP DA 66 8.01 93.58 -21.45
CA ASP DA 66 8.57 94.93 -21.48
C ASP DA 66 9.21 95.27 -22.81
N MET DA 67 9.27 94.32 -23.73
CA MET DA 67 9.79 94.57 -25.07
C MET DA 67 8.68 94.66 -26.10
N ASN DA 68 7.58 93.93 -25.90
CA ASN DA 68 6.39 94.20 -26.68
C ASN DA 68 5.86 95.61 -26.46
N GLU DA 69 6.19 96.24 -25.34
CA GLU DA 69 5.87 97.66 -25.21
C GLU DA 69 6.60 98.48 -26.26
N ALA DA 70 7.89 98.22 -26.45
CA ALA DA 70 8.66 98.94 -27.45
C ALA DA 70 8.15 98.66 -28.85
N SER DA 71 7.86 97.40 -29.17
CA SER DA 71 7.36 97.12 -30.51
C SER DA 71 5.96 97.67 -30.73
N LYS DA 72 5.10 97.69 -29.70
CA LYS DA 72 3.79 98.31 -29.84
C LYS DA 72 3.92 99.80 -30.11
N GLU DA 73 4.81 100.49 -29.38
CA GLU DA 73 5.02 101.91 -29.64
C GLU DA 73 5.51 102.13 -31.06
N SER DA 74 6.43 101.28 -31.54
CA SER DA 74 6.93 101.46 -32.90
C SER DA 74 5.83 101.28 -33.94
N THR DA 75 4.99 100.25 -33.78
CA THR DA 75 3.96 100.06 -34.80
C THR DA 75 2.90 101.17 -34.76
N THR DA 76 2.51 101.65 -33.58
CA THR DA 76 1.54 102.75 -33.56
C THR DA 76 2.14 104.03 -34.15
N ALA DA 77 3.40 104.32 -33.84
CA ALA DA 77 4.04 105.50 -34.42
C ALA DA 77 4.13 105.38 -35.94
N GLN DA 78 4.46 104.20 -36.45
CA GLN DA 78 4.53 104.02 -37.89
C GLN DA 78 3.15 104.19 -38.53
N LYS DA 79 2.10 103.70 -37.90
CA LYS DA 79 0.76 103.89 -38.45
C LYS DA 79 0.40 105.37 -38.51
N MET DA 80 0.69 106.12 -37.45
CA MET DA 80 0.41 107.56 -37.47
C MET DA 80 1.21 108.27 -38.57
N ALA DA 81 2.49 107.94 -38.69
CA ALA DA 81 3.30 108.55 -39.73
C ALA DA 81 2.77 108.23 -41.12
N ASN DA 82 2.27 107.02 -41.33
CA ASN DA 82 1.68 106.68 -42.62
C ASN DA 82 0.38 107.43 -42.88
N LEU DA 83 -0.41 107.70 -41.84
CA LEU DA 83 -1.58 108.55 -42.05
C LEU DA 83 -1.17 109.96 -42.47
N VAL DA 84 -0.13 110.50 -41.83
CA VAL DA 84 0.33 111.84 -42.23
C VAL DA 84 0.89 111.84 -43.65
N ASP DA 85 1.57 110.76 -44.05
CA ASP DA 85 1.99 110.64 -45.45
C ASP DA 85 0.81 110.57 -46.41
N ALA DA 86 -0.22 109.81 -46.07
CA ALA DA 86 -1.42 109.79 -46.91
C ALA DA 86 -2.03 111.17 -47.03
N LYS DA 87 -2.00 111.96 -45.97
CA LYS DA 87 -2.49 113.34 -46.02
C LYS DA 87 -1.61 114.24 -46.89
N ILE DA 88 -0.29 114.09 -46.83
CA ILE DA 88 0.59 114.91 -47.67
C ILE DA 88 0.40 114.59 -49.15
N ALA DA 89 0.14 113.33 -49.48
CA ALA DA 89 0.01 112.93 -50.88
C ALA DA 89 -1.20 113.52 -51.58
N ASP DA 90 -1.94 114.40 -50.90
CA ASP DA 90 -3.04 115.14 -51.51
C ASP DA 90 -2.86 116.64 -51.44
N VAL DA 91 -1.86 117.12 -50.71
CA VAL DA 91 -1.59 118.56 -50.63
C VAL DA 91 -0.32 118.83 -51.42
N GLN DA 92 0.42 117.77 -51.74
CA GLN DA 92 1.50 117.89 -52.70
C GLN DA 92 0.96 117.94 -54.12
N SER DA 93 -0.06 117.17 -54.42
CA SER DA 93 -0.72 117.19 -55.72
C SER DA 93 -1.73 118.32 -55.84
N SER DA 94 -1.77 119.23 -54.86
CA SER DA 94 -2.72 120.33 -54.89
C SER DA 94 -2.27 121.39 -55.87
N SER DA 95 -3.16 121.77 -56.79
CA SER DA 95 -2.82 122.75 -57.81
C SER DA 95 -2.53 124.12 -57.21
N ASP DA 96 -3.17 124.44 -56.09
CA ASP DA 96 -3.05 125.76 -55.46
C ASP DA 96 -1.73 125.84 -54.70
N LYS DA 97 -1.57 126.87 -53.87
CA LYS DA 97 -0.48 126.88 -52.91
C LYS DA 97 -0.66 125.75 -51.91
N ASN DA 98 0.45 125.13 -51.50
CA ASN DA 98 0.36 123.93 -50.69
C ASN DA 98 0.16 124.24 -49.21
N ALA DA 99 -0.84 125.07 -48.89
CA ALA DA 99 -1.28 125.22 -47.50
C ALA DA 99 -2.80 125.08 -47.48
N LYS DA 100 -3.26 123.83 -47.54
CA LYS DA 100 -4.64 123.44 -47.23
C LYS DA 100 -4.53 122.00 -46.75
N ALA DA 101 -4.39 121.81 -45.44
CA ALA DA 101 -4.12 120.49 -44.91
C ALA DA 101 -4.40 120.46 -43.42
N GLN DA 102 -4.92 119.33 -42.97
CA GLN DA 102 -5.11 119.06 -41.55
C GLN DA 102 -4.80 117.59 -41.31
N LEU DA 103 -4.29 117.31 -40.13
CA LEU DA 103 -4.05 115.92 -39.79
C LEU DA 103 -5.38 115.19 -39.61
N PRO DA 104 -5.44 113.90 -39.94
CA PRO DA 104 -6.67 113.14 -39.69
C PRO DA 104 -6.92 113.02 -38.20
N ASP DA 105 -8.21 112.93 -37.84
CA ASP DA 105 -8.64 113.18 -36.47
C ASP DA 105 -7.99 112.24 -35.47
N GLU DA 106 -7.49 111.08 -35.92
CA GLU DA 106 -6.83 110.16 -35.01
C GLU DA 106 -5.40 110.58 -34.68
N VAL DA 107 -4.70 111.20 -35.64
CA VAL DA 107 -3.35 111.66 -35.37
C VAL DA 107 -3.35 112.79 -34.34
N ILE DA 108 -4.37 113.66 -34.37
CA ILE DA 108 -4.46 114.72 -33.36
C ILE DA 108 -4.54 114.12 -31.96
N SER DA 109 -5.39 113.12 -31.79
CA SER DA 109 -5.46 112.45 -30.49
C SER DA 109 -4.19 111.68 -30.17
N TYR DA 110 -3.43 111.25 -31.18
CA TYR DA 110 -2.13 110.65 -30.90
C TYR DA 110 -1.17 111.67 -30.30
N ILE DA 111 -0.99 112.82 -30.94
CA ILE DA 111 -0.07 113.83 -30.38
C ILE DA 111 -0.57 114.36 -29.04
N ASN DA 112 -1.86 114.70 -28.94
CA ASN DA 112 -2.37 115.35 -27.73
C ASN DA 112 -2.41 114.43 -26.52
N ASP DA 113 -2.23 113.13 -26.69
CA ASP DA 113 -2.26 112.22 -25.56
C ASP DA 113 -1.00 112.42 -24.71
N PRO DA 114 -1.09 112.33 -23.38
CA PRO DA 114 0.05 112.72 -22.53
C PRO DA 114 1.14 111.67 -22.42
N ARG DA 115 0.87 110.40 -22.65
CA ARG DA 115 1.82 109.34 -22.33
C ARG DA 115 2.78 109.04 -23.48
N ASN DA 116 3.03 110.02 -24.36
CA ASN DA 116 3.90 109.80 -25.51
C ASN DA 116 5.08 110.76 -25.59
N ASP DA 117 4.98 111.96 -25.01
CA ASP DA 117 6.05 112.96 -25.06
C ASP DA 117 6.50 113.19 -26.51
N ILE DA 118 5.57 113.71 -27.30
CA ILE DA 118 5.69 113.76 -28.75
C ILE DA 118 5.71 115.20 -29.24
N THR DA 119 6.36 116.09 -28.48
CA THR DA 119 6.57 117.47 -28.91
C THR DA 119 7.13 117.52 -30.32
N ILE DA 120 6.39 118.13 -31.25
CA ILE DA 120 6.65 118.00 -32.69
C ILE DA 120 6.96 119.35 -33.34
N SER DA 121 5.98 120.26 -33.35
CA SER DA 121 6.01 121.39 -34.27
C SER DA 121 6.61 122.65 -33.67
N GLY DA 122 6.19 122.99 -32.46
CA GLY DA 122 6.49 124.33 -31.95
C GLY DA 122 5.73 125.41 -32.66
N ILE DA 123 4.58 125.07 -33.25
CA ILE DA 123 3.79 126.02 -34.03
C ILE DA 123 2.38 126.03 -33.47
N ASP DA 124 1.69 127.14 -33.67
CA ASP DA 124 0.41 127.39 -33.02
C ASP DA 124 -0.72 126.67 -33.74
N ASN DA 125 -1.73 126.28 -32.95
CA ASN DA 125 -3.07 125.95 -33.45
C ASN DA 125 -3.02 124.85 -34.51
N ILE DA 126 -2.64 123.66 -34.05
CA ILE DA 126 -2.89 122.47 -34.84
C ILE DA 126 -4.39 122.34 -35.08
N ASN DA 127 -4.76 121.61 -36.13
CA ASN DA 127 -6.07 121.45 -36.75
C ASN DA 127 -6.44 122.62 -37.66
N ALA DA 128 -5.72 123.74 -37.61
CA ALA DA 128 -5.98 124.83 -38.55
C ALA DA 128 -4.77 125.76 -38.57
N GLN DA 129 -3.90 125.63 -39.57
CA GLN DA 129 -3.76 124.46 -40.43
C GLN DA 129 -2.27 124.48 -40.78
N LEU DA 130 -1.69 123.35 -41.20
CA LEU DA 130 -0.24 123.28 -41.37
C LEU DA 130 0.12 122.85 -42.79
N GLY DA 131 0.07 123.81 -43.71
CA GLY DA 131 0.80 123.76 -44.98
C GLY DA 131 0.87 122.44 -45.70
N ALA DA 132 1.98 122.22 -46.41
CA ALA DA 132 2.40 120.90 -46.82
C ALA DA 132 3.92 120.71 -46.73
N GLY DA 133 4.66 121.74 -46.36
CA GLY DA 133 6.10 121.63 -46.25
C GLY DA 133 6.54 121.66 -44.81
N ASP DA 134 5.62 122.07 -43.93
CA ASP DA 134 5.81 121.93 -42.50
C ASP DA 134 5.08 120.72 -41.93
N LEU DA 135 4.25 120.06 -42.73
CA LEU DA 135 3.70 118.76 -42.36
C LEU DA 135 4.78 117.69 -42.41
N GLN DA 136 5.84 117.93 -43.18
CA GLN DA 136 6.98 117.02 -43.19
C GLN DA 136 7.65 116.97 -41.82
N THR DA 137 7.65 118.10 -41.09
CA THR DA 137 8.19 118.09 -39.75
C THR DA 137 7.38 117.20 -38.83
N VAL DA 138 6.05 117.25 -38.93
CA VAL DA 138 5.21 116.38 -38.12
C VAL DA 138 5.46 114.92 -38.46
N LYS DA 139 5.52 114.60 -39.76
CA LYS DA 139 5.78 113.22 -40.15
C LYS DA 139 7.14 112.74 -39.65
N ALA DA 140 8.17 113.57 -39.75
CA ALA DA 140 9.49 113.18 -39.27
C ALA DA 140 9.54 113.03 -37.75
N ALA DA 141 8.90 113.92 -37.01
CA ALA DA 141 8.90 113.81 -35.56
C ALA DA 141 8.03 112.68 -35.03
N ILE DA 142 7.05 112.21 -35.83
CA ILE DA 142 6.30 111.02 -35.43
C ILE DA 142 7.06 109.77 -35.78
N SER DA 143 7.60 109.68 -36.99
CA SER DA 143 8.34 108.50 -37.41
C SER DA 143 9.77 108.48 -36.93
N ALA DA 144 10.18 109.43 -36.09
CA ALA DA 144 11.46 109.31 -35.41
C ALA DA 144 11.36 108.62 -34.06
N LYS DA 145 10.16 108.54 -33.49
CA LYS DA 145 9.94 107.79 -32.25
C LYS DA 145 9.56 106.35 -32.54
N ALA DA 146 9.44 105.98 -33.81
CA ALA DA 146 9.23 104.60 -34.22
C ALA DA 146 10.52 103.81 -34.32
N ASN DA 147 11.67 104.46 -34.18
CA ASN DA 147 12.96 103.81 -34.37
C ASN DA 147 13.58 103.40 -33.03
N ASN DA 148 12.86 102.59 -32.26
CA ASN DA 148 13.31 102.22 -30.93
C ASN DA 148 13.40 100.71 -30.74
N LEU DA 149 13.85 99.97 -31.75
CA LEU DA 149 14.03 98.53 -31.60
C LEU DA 149 15.48 98.13 -31.44
N THR DA 150 16.39 99.09 -31.28
CA THR DA 150 17.76 98.75 -30.96
C THR DA 150 18.13 99.06 -29.52
N THR DA 151 17.45 100.02 -28.89
CA THR DA 151 17.66 100.24 -27.48
C THR DA 151 17.15 99.08 -26.64
N THR DA 152 16.23 98.27 -27.17
CA THR DA 152 15.71 97.11 -26.47
C THR DA 152 16.34 95.80 -26.95
N VAL DA 153 17.30 95.87 -27.85
CA VAL DA 153 18.17 94.75 -28.17
C VAL DA 153 19.55 94.93 -27.56
N ASN DA 154 20.00 96.16 -27.41
CA ASN DA 154 21.25 96.38 -26.69
C ASN DA 154 21.09 96.11 -25.20
N ASN DA 155 19.93 96.44 -24.63
CA ASN DA 155 19.69 96.33 -23.20
C ASN DA 155 19.33 94.93 -22.76
N SER DA 156 18.97 94.04 -23.66
CA SER DA 156 18.35 92.77 -23.29
C SER DA 156 18.93 91.61 -24.07
N GLN DA 157 20.27 91.53 -24.15
CA GLN DA 157 20.90 90.37 -24.76
C GLN DA 157 21.79 89.59 -23.82
N LEU DA 158 22.29 90.21 -22.76
CA LEU DA 158 23.05 89.49 -21.74
C LEU DA 158 22.15 88.96 -20.63
N GLU DA 159 20.87 89.33 -20.64
CA GLU DA 159 19.91 88.74 -19.74
C GLU DA 159 19.23 87.54 -20.35
N ILE DA 160 18.79 87.65 -21.60
CA ILE DA 160 18.18 86.52 -22.27
C ILE DA 160 19.17 85.37 -22.41
N GLN DA 161 20.46 85.68 -22.55
CA GLN DA 161 21.53 84.71 -22.38
C GLN DA 161 21.28 83.83 -21.18
N GLN DA 162 21.24 84.43 -20.00
CA GLN DA 162 21.17 83.67 -18.75
C GLN DA 162 19.80 83.06 -18.51
N MET DA 163 18.72 83.78 -18.83
CA MET DA 163 17.39 83.20 -18.68
C MET DA 163 17.22 81.98 -19.56
N SER DA 164 17.63 82.06 -20.83
CA SER DA 164 17.51 80.92 -21.72
C SER DA 164 18.41 79.78 -21.30
N ASN DA 165 19.63 80.06 -20.83
CA ASN DA 165 20.47 78.95 -20.39
C ASN DA 165 19.88 78.28 -19.15
N THR DA 166 19.52 79.05 -18.13
CA THR DA 166 19.02 78.46 -16.89
C THR DA 166 17.73 77.69 -17.12
N LEU DA 167 16.83 78.21 -17.95
CA LEU DA 167 15.52 77.60 -18.06
C LEU DA 167 15.61 76.23 -18.73
N ASN DA 168 16.47 76.10 -19.74
CA ASN DA 168 16.83 74.80 -20.28
C ASN DA 168 17.52 73.92 -19.26
N LEU DA 169 18.48 74.50 -18.53
CA LEU DA 169 19.29 73.74 -17.60
C LEU DA 169 18.45 73.18 -16.47
N LEU DA 170 17.24 73.69 -16.30
CA LEU DA 170 16.32 73.30 -15.25
C LEU DA 170 15.22 72.36 -15.73
N THR DA 171 14.74 72.55 -16.97
CA THR DA 171 13.91 71.54 -17.62
C THR DA 171 14.65 70.20 -17.68
N SER DA 172 15.90 70.23 -18.16
CA SER DA 172 16.65 69.00 -18.32
C SER DA 172 17.11 68.40 -17.00
N ALA DA 173 16.94 69.11 -15.89
CA ALA DA 173 17.21 68.55 -14.58
C ALA DA 173 15.97 67.99 -13.91
N ARG DA 174 14.82 68.54 -14.25
CA ARG DA 174 13.55 68.06 -13.73
C ARG DA 174 13.29 66.69 -14.34
N SER DA 175 13.60 66.58 -15.63
CA SER DA 175 13.42 65.35 -16.41
C SER DA 175 14.28 64.20 -15.93
N ASP DA 176 15.53 64.49 -15.57
CA ASP DA 176 16.44 63.47 -15.10
C ASP DA 176 15.84 62.86 -13.84
N MET DA 177 15.25 63.72 -13.02
CA MET DA 177 14.62 63.29 -11.79
C MET DA 177 13.44 62.35 -12.07
N GLN DA 178 12.68 62.65 -13.12
CA GLN DA 178 11.52 61.82 -13.45
C GLN DA 178 11.96 60.44 -13.96
N SER DA 179 12.98 60.39 -14.81
CA SER DA 179 13.47 59.10 -15.29
C SER DA 179 14.01 58.25 -14.15
N LEU DA 180 14.77 58.84 -13.24
CA LEU DA 180 15.28 58.09 -12.09
C LEU DA 180 14.15 57.60 -11.20
N GLN DA 181 13.13 58.42 -10.98
CA GLN DA 181 11.98 58.01 -10.19
C GLN DA 181 11.29 56.81 -10.81
N TYR DA 182 11.21 56.77 -12.13
CA TYR DA 182 10.64 55.60 -12.79
C TYR DA 182 11.53 54.38 -12.62
N ARG DA 183 12.82 54.51 -12.90
CA ARG DA 183 13.68 53.33 -12.88
C ARG DA 183 13.92 52.79 -11.49
N THR DA 184 13.73 53.59 -10.44
CA THR DA 184 13.92 53.08 -9.08
C THR DA 184 12.78 52.15 -8.67
N ILE DA 185 11.55 52.47 -9.06
CA ILE DA 185 10.40 51.68 -8.64
C ILE DA 185 10.17 50.48 -9.54
N SER DA 186 10.74 50.48 -10.74
CA SER DA 186 10.58 49.36 -11.65
C SER DA 186 11.29 48.11 -11.15
N GLY DA 187 12.25 48.25 -10.24
CA GLY DA 187 13.04 47.14 -9.75
C GLY DA 187 12.45 46.39 -8.59
N ILE DA 188 11.22 46.71 -8.17
CA ILE DA 188 10.54 46.02 -7.08
C ILE DA 188 9.58 45.00 -7.68
N SER DA 189 9.85 43.73 -7.45
CA SER DA 189 9.03 42.64 -7.98
C SER DA 189 8.17 42.08 -6.85
N LEU DA 190 6.86 42.05 -7.07
CA LEU DA 190 5.90 41.63 -6.05
C LEU DA 190 5.73 40.11 -6.09
N GLY DA 191 5.83 39.48 -4.93
CA GLY DA 191 5.62 38.05 -4.85
C GLY DA 191 6.68 37.19 -5.47
N LYS DA 192 7.90 37.68 -5.57
CA LYS DA 192 8.99 36.89 -6.16
C LYS DA 192 10.25 36.98 -5.29
N SER EA 19 -47.28 -105.78 8.56
CA SER EA 19 -46.33 -106.05 9.63
C SER EA 19 -47.02 -106.73 10.81
N MET EA 20 -48.35 -106.74 10.78
CA MET EA 20 -49.15 -107.36 11.81
C MET EA 20 -50.13 -108.36 11.20
N ALA EA 21 -50.94 -108.96 12.06
CA ALA EA 21 -51.84 -110.03 11.63
C ALA EA 21 -53.04 -109.49 10.86
N TYR EA 22 -53.76 -108.53 11.43
CA TYR EA 22 -55.01 -108.06 10.87
C TYR EA 22 -54.78 -106.76 10.12
N ASP EA 23 -55.26 -106.70 8.89
CA ASP EA 23 -55.09 -105.54 8.02
C ASP EA 23 -56.29 -104.61 8.12
N LEU EA 24 -56.35 -103.85 9.22
CA LEU EA 24 -57.48 -102.97 9.51
C LEU EA 24 -57.60 -101.82 8.53
N GLY EA 25 -56.74 -101.74 7.52
CA GLY EA 25 -56.80 -100.64 6.58
C GLY EA 25 -57.91 -100.74 5.57
N SER EA 26 -58.48 -101.94 5.39
CA SER EA 26 -59.56 -102.15 4.44
C SER EA 26 -60.89 -102.46 5.09
N MET EA 27 -60.90 -103.11 6.25
CA MET EA 27 -62.14 -103.49 6.91
C MET EA 27 -62.95 -102.27 7.30
N SER EA 28 -64.26 -102.33 7.04
CA SER EA 28 -65.14 -101.23 7.39
C SER EA 28 -65.32 -101.16 8.90
N LYS EA 29 -66.15 -100.25 9.36
CA LYS EA 29 -66.32 -100.10 10.81
C LYS EA 29 -67.09 -101.26 11.41
N ASP EA 30 -68.15 -101.70 10.73
CA ASP EA 30 -68.96 -102.79 11.27
C ASP EA 30 -68.27 -104.14 11.17
N ASP EA 31 -67.14 -104.21 10.48
CA ASP EA 31 -66.29 -105.39 10.54
C ASP EA 31 -65.18 -105.25 11.57
N VAL EA 32 -64.68 -104.03 11.77
CA VAL EA 32 -63.70 -103.81 12.83
C VAL EA 32 -64.32 -104.08 14.20
N ILE EA 33 -65.57 -103.65 14.39
CA ILE EA 33 -66.22 -103.89 15.68
C ILE EA 33 -66.40 -105.37 15.94
N ASP EA 34 -66.83 -106.13 14.92
CA ASP EA 34 -66.98 -107.58 15.10
C ASP EA 34 -65.63 -108.26 15.31
N LEU EA 35 -64.58 -107.75 14.67
CA LEU EA 35 -63.25 -108.26 14.92
C LEU EA 35 -62.83 -108.02 16.36
N PHE EA 36 -63.01 -106.80 16.86
CA PHE EA 36 -62.65 -106.50 18.24
C PHE EA 36 -63.48 -107.27 19.23
N ASN EA 37 -64.73 -107.61 18.89
CA ASN EA 37 -65.51 -108.49 19.74
C ASN EA 37 -64.97 -109.91 19.73
N LYS EA 38 -64.46 -110.38 18.59
CA LYS EA 38 -63.82 -111.70 18.58
C LYS EA 38 -62.62 -111.75 19.50
N LEU EA 39 -61.79 -110.70 19.49
CA LEU EA 39 -60.70 -110.58 20.45
C LEU EA 39 -61.27 -110.14 21.79
N GLY EA 40 -60.41 -109.79 22.73
CA GLY EA 40 -60.85 -109.34 24.03
C GLY EA 40 -61.18 -107.87 24.04
N VAL EA 41 -61.10 -107.28 25.23
CA VAL EA 41 -61.19 -105.84 25.38
C VAL EA 41 -59.81 -105.20 25.51
N PHE EA 42 -58.84 -105.89 26.10
CA PHE EA 42 -57.48 -105.38 26.20
C PHE EA 42 -56.69 -105.55 24.91
N GLN EA 43 -56.91 -106.64 24.19
CA GLN EA 43 -56.18 -106.79 22.94
C GLN EA 43 -56.82 -106.04 21.78
N ALA EA 44 -58.09 -105.66 21.88
CA ALA EA 44 -58.59 -104.65 20.96
C ALA EA 44 -57.81 -103.35 21.13
N ALA EA 45 -57.57 -102.96 22.38
CA ALA EA 45 -56.76 -101.77 22.64
C ALA EA 45 -55.35 -101.94 22.12
N ILE EA 46 -54.76 -103.12 22.29
CA ILE EA 46 -53.40 -103.29 21.79
C ILE EA 46 -53.34 -103.24 20.26
N LEU EA 47 -54.30 -103.85 19.54
CA LEU EA 47 -54.31 -103.64 18.09
C LEU EA 47 -54.52 -102.20 17.71
N MET EA 48 -55.43 -101.50 18.37
CA MET EA 48 -55.69 -100.11 18.00
C MET EA 48 -54.43 -99.28 18.17
N PHE EA 49 -53.71 -99.48 19.28
CA PHE EA 49 -52.48 -98.74 19.49
C PHE EA 49 -51.36 -99.19 18.55
N ALA EA 50 -51.31 -100.48 18.20
CA ALA EA 50 -50.26 -100.93 17.29
C ALA EA 50 -50.48 -100.39 15.89
N TYR EA 51 -51.73 -100.35 15.43
CA TYR EA 51 -51.99 -99.77 14.12
C TYR EA 51 -51.76 -98.27 14.11
N MET EA 52 -52.13 -97.56 15.19
CA MET EA 52 -51.81 -96.14 15.25
C MET EA 52 -50.31 -95.92 15.24
N TYR EA 53 -49.55 -96.78 15.92
CA TYR EA 53 -48.09 -96.67 15.88
C TYR EA 53 -47.54 -96.93 14.49
N GLN EA 54 -48.09 -97.91 13.77
CA GLN EA 54 -47.63 -98.12 12.40
C GLN EA 54 -47.91 -96.93 11.52
N ALA EA 55 -49.11 -96.35 11.63
CA ALA EA 55 -49.43 -95.19 10.80
C ALA EA 55 -48.50 -94.02 11.10
N GLN EA 56 -48.25 -93.75 12.38
CA GLN EA 56 -47.37 -92.65 12.75
C GLN EA 56 -45.93 -92.92 12.31
N SER EA 57 -45.45 -94.15 12.47
CA SER EA 57 -44.08 -94.43 12.04
C SER EA 57 -43.95 -94.35 10.54
N ASP EA 58 -44.98 -94.74 9.78
CA ASP EA 58 -44.91 -94.59 8.33
C ASP EA 58 -44.86 -93.13 7.93
N LEU EA 59 -45.67 -92.28 8.54
CA LEU EA 59 -45.56 -90.85 8.26
C LEU EA 59 -44.16 -90.35 8.54
N SER EA 60 -43.62 -90.64 9.73
CA SER EA 60 -42.32 -90.09 10.10
C SER EA 60 -41.22 -90.62 9.20
N ILE EA 61 -41.24 -91.90 8.84
CA ILE EA 61 -40.17 -92.43 8.00
C ILE EA 61 -40.29 -91.90 6.58
N ALA EA 62 -41.50 -91.76 6.04
CA ALA EA 62 -41.62 -91.10 4.75
C ALA EA 62 -41.18 -89.65 4.79
N LYS EA 63 -41.21 -89.02 5.98
CA LYS EA 63 -40.59 -87.71 6.13
C LYS EA 63 -39.08 -87.78 6.15
N PHE EA 64 -38.52 -88.79 6.81
CA PHE EA 64 -37.07 -88.91 6.94
C PHE EA 64 -36.39 -89.26 5.64
N ALA EA 65 -37.13 -89.81 4.67
CA ALA EA 65 -36.55 -90.12 3.38
C ALA EA 65 -36.65 -88.97 2.39
N ASP EA 66 -37.28 -87.86 2.78
CA ASP EA 66 -37.24 -86.61 2.01
C ASP EA 66 -36.09 -85.72 2.43
N MET EA 67 -35.34 -86.10 3.46
CA MET EA 67 -34.16 -85.36 3.87
C MET EA 67 -32.87 -86.04 3.46
N ASN EA 68 -32.87 -87.38 3.40
CA ASN EA 68 -31.78 -88.06 2.73
C ASN EA 68 -31.68 -87.69 1.26
N GLU EA 69 -32.76 -87.21 0.64
CA GLU EA 69 -32.62 -86.65 -0.70
C GLU EA 69 -31.69 -85.44 -0.69
N ALA EA 70 -31.88 -84.54 0.28
CA ALA EA 70 -31.03 -83.36 0.36
C ALA EA 70 -29.58 -83.74 0.66
N SER EA 71 -29.37 -84.68 1.60
CA SER EA 71 -28.00 -85.05 1.89
C SER EA 71 -27.35 -85.81 0.73
N LYS EA 72 -28.11 -86.62 0.00
CA LYS EA 72 -27.56 -87.28 -1.18
C LYS EA 72 -27.15 -86.27 -2.24
N GLU EA 73 -27.99 -85.27 -2.48
CA GLU EA 73 -27.61 -84.23 -3.43
C GLU EA 73 -26.36 -83.51 -2.99
N SER EA 74 -26.24 -83.22 -1.69
CA SER EA 74 -25.05 -82.52 -1.21
C SER EA 74 -23.79 -83.36 -1.41
N THR EA 75 -23.85 -84.65 -1.09
CA THR EA 75 -22.64 -85.45 -1.24
C THR EA 75 -22.25 -85.65 -2.70
N THR EA 76 -23.23 -85.85 -3.61
CA THR EA 76 -22.86 -85.97 -5.02
C THR EA 76 -22.28 -84.65 -5.56
N ALA EA 77 -22.87 -83.52 -5.19
CA ALA EA 77 -22.33 -82.25 -5.64
C ALA EA 77 -20.91 -82.03 -5.11
N GLN EA 78 -20.66 -82.39 -3.85
CA GLN EA 78 -19.32 -82.25 -3.31
C GLN EA 78 -18.33 -83.15 -4.03
N LYS EA 79 -18.73 -84.38 -4.37
CA LYS EA 79 -17.83 -85.25 -5.12
C LYS EA 79 -17.48 -84.67 -6.49
N MET EA 80 -18.48 -84.13 -7.20
CA MET EA 80 -18.21 -83.52 -8.49
C MET EA 80 -17.28 -82.31 -8.34
N ALA EA 81 -17.53 -81.46 -7.34
CA ALA EA 81 -16.66 -80.31 -7.14
C ALA EA 81 -15.24 -80.73 -6.82
N ASN EA 82 -15.06 -81.81 -6.06
CA ASN EA 82 -13.72 -82.30 -5.79
C ASN EA 82 -13.04 -82.87 -7.03
N LEU EA 83 -13.79 -83.48 -7.95
CA LEU EA 83 -13.18 -83.89 -9.22
C LEU EA 83 -12.72 -82.68 -10.01
N VAL EA 84 -13.51 -81.61 -10.04
CA VAL EA 84 -13.09 -80.42 -10.76
C VAL EA 84 -11.87 -79.77 -10.09
N ASP EA 85 -11.79 -79.81 -8.75
CA ASP EA 85 -10.58 -79.34 -8.08
C ASP EA 85 -9.37 -80.20 -8.42
N ALA EA 86 -9.52 -81.52 -8.45
CA ALA EA 86 -8.42 -82.36 -8.88
C ALA EA 86 -7.96 -82.03 -10.29
N LYS EA 87 -8.90 -81.69 -11.18
CA LYS EA 87 -8.54 -81.25 -12.52
C LYS EA 87 -7.82 -79.90 -12.55
N ILE EA 88 -8.24 -78.95 -11.73
CA ILE EA 88 -7.55 -77.65 -11.69
C ILE EA 88 -6.13 -77.79 -11.17
N ALA EA 89 -5.90 -78.69 -10.22
CA ALA EA 89 -4.57 -78.84 -9.61
C ALA EA 89 -3.53 -79.36 -10.57
N ASP EA 90 -3.86 -79.53 -11.85
CA ASP EA 90 -2.91 -79.89 -12.89
C ASP EA 90 -2.83 -78.86 -14.00
N VAL EA 91 -3.73 -77.89 -14.03
CA VAL EA 91 -3.70 -76.85 -15.05
C VAL EA 91 -3.22 -75.57 -14.38
N GLN EA 92 -3.25 -75.56 -13.04
CA GLN EA 92 -2.60 -74.48 -12.31
C GLN EA 92 -1.08 -74.69 -12.28
N SER EA 93 -0.64 -75.92 -12.15
CA SER EA 93 0.78 -76.26 -12.19
C SER EA 93 1.30 -76.38 -13.62
N SER EA 94 0.50 -76.01 -14.61
CA SER EA 94 0.90 -76.12 -16.00
C SER EA 94 1.86 -74.99 -16.36
N SER EA 95 3.02 -75.36 -16.93
CA SER EA 95 4.04 -74.38 -17.26
C SER EA 95 3.56 -73.43 -18.35
N ASP EA 96 2.68 -73.90 -19.23
CA ASP EA 96 2.23 -73.12 -20.38
C ASP EA 96 1.17 -72.12 -19.91
N LYS EA 97 0.46 -71.51 -20.86
CA LYS EA 97 -0.74 -70.76 -20.52
C LYS EA 97 -1.79 -71.70 -19.97
N ASN EA 98 -2.55 -71.24 -18.98
CA ASN EA 98 -3.47 -72.13 -18.26
C ASN EA 98 -4.79 -72.31 -19.00
N ALA EA 99 -4.73 -72.66 -20.28
CA ALA EA 99 -5.93 -73.12 -21.00
C ALA EA 99 -5.58 -74.40 -21.71
N LYS EA 100 -5.56 -75.50 -20.96
CA LYS EA 100 -5.55 -76.87 -21.47
C LYS EA 100 -6.22 -77.70 -20.38
N ALA EA 101 -7.53 -77.87 -20.49
CA ALA EA 101 -8.27 -78.52 -19.42
C ALA EA 101 -9.63 -78.96 -19.93
N GLN EA 102 -10.08 -80.10 -19.42
CA GLN EA 102 -11.41 -80.61 -19.66
C GLN EA 102 -11.92 -81.26 -18.38
N LEU EA 103 -13.21 -81.18 -18.18
CA LEU EA 103 -13.78 -81.85 -17.02
C LEU EA 103 -13.70 -83.35 -17.20
N PRO EA 104 -13.53 -84.12 -16.12
CA PRO EA 104 -13.55 -85.58 -16.25
C PRO EA 104 -14.93 -86.06 -16.67
N ASP EA 105 -14.95 -87.18 -17.38
CA ASP EA 105 -16.12 -87.57 -18.17
C ASP EA 105 -17.37 -87.74 -17.31
N GLU EA 106 -17.21 -87.96 -16.01
CA GLU EA 106 -18.37 -88.10 -15.14
C GLU EA 106 -18.99 -86.75 -14.77
N VAL EA 107 -18.18 -85.70 -14.66
CA VAL EA 107 -18.73 -84.39 -14.35
C VAL EA 107 -19.57 -83.87 -15.52
N ILE EA 108 -19.18 -84.17 -16.75
CA ILE EA 108 -19.98 -83.75 -17.90
C ILE EA 108 -21.37 -84.37 -17.82
N SER EA 109 -21.46 -85.66 -17.53
CA SER EA 109 -22.76 -86.28 -17.37
C SER EA 109 -23.49 -85.76 -16.14
N TYR EA 110 -22.77 -85.27 -15.13
CA TYR EA 110 -23.46 -84.62 -14.01
C TYR EA 110 -24.16 -83.34 -14.45
N ILE EA 111 -23.43 -82.44 -15.11
CA ILE EA 111 -24.08 -81.19 -15.56
C ILE EA 111 -25.17 -81.46 -16.60
N ASN EA 112 -24.89 -82.30 -17.60
CA ASN EA 112 -25.83 -82.49 -18.68
C ASN EA 112 -27.10 -83.23 -18.28
N ASP EA 113 -27.14 -83.83 -17.10
CA ASP EA 113 -28.34 -84.54 -16.67
C ASP EA 113 -29.44 -83.54 -16.38
N PRO EA 114 -30.71 -83.84 -16.69
CA PRO EA 114 -31.77 -82.82 -16.58
C PRO EA 114 -32.30 -82.57 -15.19
N ARG EA 115 -32.17 -83.52 -14.25
CA ARG EA 115 -32.84 -83.42 -12.97
C ARG EA 115 -32.03 -82.67 -11.92
N ASN EA 116 -31.13 -81.78 -12.34
CA ASN EA 116 -30.29 -81.05 -11.41
C ASN EA 116 -30.38 -79.54 -11.51
N ASP EA 117 -30.76 -78.99 -12.66
CA ASP EA 117 -30.86 -77.55 -12.88
C ASP EA 117 -29.57 -76.85 -12.45
N ILE EA 118 -28.50 -77.18 -13.17
CA ILE EA 118 -27.13 -76.85 -12.76
C ILE EA 118 -26.49 -75.92 -13.79
N THR EA 119 -27.28 -74.99 -14.34
CA THR EA 119 -26.74 -73.96 -15.22
C THR EA 119 -25.52 -73.28 -14.61
N ILE EA 120 -24.36 -73.39 -15.26
CA ILE EA 120 -23.08 -73.05 -14.65
C ILE EA 120 -22.36 -71.93 -15.40
N SER EA 121 -21.99 -72.17 -16.65
CA SER EA 121 -20.97 -71.36 -17.30
C SER EA 121 -21.54 -70.23 -18.14
N GLY EA 122 -22.55 -70.52 -18.95
CA GLY EA 122 -22.94 -69.57 -19.97
C GLY EA 122 -21.93 -69.45 -21.08
N ILE EA 123 -21.10 -70.48 -21.28
CA ILE EA 123 -20.04 -70.45 -22.27
C ILE EA 123 -20.21 -71.65 -23.19
N ASP EA 124 -19.70 -71.52 -24.41
CA ASP EA 124 -19.95 -72.48 -25.46
C ASP EA 124 -19.06 -73.72 -25.32
N ASN EA 125 -19.61 -74.85 -25.76
CA ASN EA 125 -18.83 -76.04 -26.11
C ASN EA 125 -17.97 -76.51 -24.93
N ILE EA 126 -18.66 -76.97 -23.89
CA ILE EA 126 -17.98 -77.75 -22.87
C ILE EA 126 -17.39 -79.00 -23.53
N ASN EA 127 -16.38 -79.57 -22.88
CA ASN EA 127 -15.46 -80.63 -23.31
C ASN EA 127 -14.35 -80.11 -24.22
N ALA EA 128 -14.44 -78.88 -24.73
CA ALA EA 128 -13.33 -78.32 -25.50
C ALA EA 128 -13.51 -76.81 -25.59
N GLN EA 129 -12.80 -76.05 -24.75
CA GLN EA 129 -12.15 -76.51 -23.53
C GLN EA 129 -12.20 -75.27 -22.64
N LEU EA 130 -12.08 -75.41 -21.32
CA LEU EA 130 -12.32 -74.27 -20.43
C LEU EA 130 -11.10 -74.04 -19.53
N GLY EA 131 -10.08 -73.38 -20.08
CA GLY EA 131 -9.07 -72.66 -19.34
C GLY EA 131 -8.56 -73.28 -18.06
N ALA EA 132 -8.19 -72.42 -17.10
CA ALA EA 132 -8.07 -72.81 -15.70
C ALA EA 132 -8.58 -71.72 -14.75
N GLY EA 133 -9.00 -70.57 -15.26
CA GLY EA 133 -9.49 -69.50 -14.42
C GLY EA 133 -10.98 -69.33 -14.58
N ASP EA 134 -11.52 -69.95 -15.61
CA ASP EA 134 -12.96 -70.07 -15.77
C ASP EA 134 -13.48 -71.45 -15.34
N LEU EA 135 -12.58 -72.39 -15.07
CA LEU EA 135 -12.96 -73.64 -14.42
C LEU EA 135 -13.31 -73.41 -12.96
N GLN EA 136 -12.83 -72.31 -12.38
CA GLN EA 136 -13.23 -71.93 -11.04
C GLN EA 136 -14.71 -71.61 -10.98
N THR EA 137 -15.26 -71.05 -12.06
CA THR EA 137 -16.71 -70.80 -12.10
C THR EA 137 -17.48 -72.10 -12.06
N VAL EA 138 -17.04 -73.11 -12.80
CA VAL EA 138 -17.71 -74.42 -12.76
C VAL EA 138 -17.64 -75.02 -11.37
N LYS EA 139 -16.45 -74.97 -10.75
CA LYS EA 139 -16.32 -75.53 -9.41
C LYS EA 139 -17.20 -74.80 -8.42
N ALA EA 140 -17.26 -73.48 -8.49
CA ALA EA 140 -18.13 -72.72 -7.59
C ALA EA 140 -19.60 -72.98 -7.83
N ALA EA 141 -20.04 -73.07 -9.08
CA ALA EA 141 -21.44 -73.33 -9.35
C ALA EA 141 -21.86 -74.76 -9.05
N ILE EA 142 -20.91 -75.70 -9.01
CA ILE EA 142 -21.25 -77.06 -8.57
C ILE EA 142 -21.27 -77.14 -7.06
N SER EA 143 -20.26 -76.59 -6.39
CA SER EA 143 -20.19 -76.65 -4.94
C SER EA 143 -21.03 -75.57 -4.26
N ALA EA 144 -21.82 -74.82 -5.01
CA ALA EA 144 -22.82 -73.96 -4.38
C ALA EA 144 -24.16 -74.62 -4.23
N LYS EA 145 -24.42 -75.71 -4.96
CA LYS EA 145 -25.63 -76.48 -4.81
C LYS EA 145 -25.44 -77.60 -3.78
N ALA EA 146 -24.24 -77.73 -3.24
CA ALA EA 146 -23.98 -78.66 -2.15
C ALA EA 146 -24.31 -78.08 -0.78
N ASN EA 147 -24.66 -76.80 -0.71
CA ASN EA 147 -24.90 -76.12 0.56
C ASN EA 147 -26.38 -76.05 0.88
N ASN EA 148 -27.04 -77.20 0.96
CA ASN EA 148 -28.49 -77.25 1.16
C ASN EA 148 -28.88 -78.10 2.36
N LEU EA 149 -28.12 -78.03 3.46
CA LEU EA 149 -28.49 -78.76 4.67
C LEU EA 149 -29.07 -77.85 5.73
N THR EA 150 -29.33 -76.59 5.43
CA THR EA 150 -30.04 -75.73 6.37
C THR EA 150 -31.48 -75.45 5.95
N THR EA 151 -31.78 -75.53 4.65
CA THR EA 151 -33.16 -75.41 4.24
C THR EA 151 -33.98 -76.62 4.67
N THR EA 152 -33.33 -77.76 4.95
CA THR EA 152 -34.02 -78.96 5.43
C THR EA 152 -33.88 -79.15 6.92
N VAL EA 153 -33.26 -78.21 7.63
CA VAL EA 153 -33.32 -78.14 9.08
C VAL EA 153 -34.24 -77.03 9.54
N ASN EA 154 -34.35 -75.96 8.76
CA ASN EA 154 -35.34 -74.93 9.08
C ASN EA 154 -36.75 -75.41 8.83
N ASN EA 155 -36.95 -76.23 7.79
CA ASN EA 155 -38.27 -76.67 7.38
C ASN EA 155 -38.79 -77.85 8.19
N SER EA 156 -37.94 -78.54 8.95
CA SER EA 156 -38.30 -79.83 9.52
C SER EA 156 -37.85 -79.93 10.98
N GLN EA 157 -38.13 -78.92 11.78
CA GLN EA 157 -37.85 -79.01 13.20
C GLN EA 157 -39.07 -78.88 14.08
N LEU EA 158 -40.15 -78.26 13.59
CA LEU EA 158 -41.41 -78.23 14.33
C LEU EA 158 -42.30 -79.40 13.97
N GLU EA 159 -41.92 -80.20 12.98
CA GLU EA 159 -42.61 -81.44 12.70
C GLU EA 159 -42.01 -82.60 13.44
N ILE EA 160 -40.68 -82.71 13.42
CA ILE EA 160 -40.02 -83.78 14.18
C ILE EA 160 -40.29 -83.63 15.67
N GLN EA 161 -40.45 -82.41 16.16
CA GLN EA 161 -41.01 -82.14 17.47
C GLN EA 161 -42.21 -83.03 17.74
N GLN EA 162 -43.25 -82.87 16.93
CA GLN EA 162 -44.52 -83.54 17.19
C GLN EA 162 -44.48 -85.03 16.87
N MET EA 163 -43.80 -85.42 15.79
CA MET EA 163 -43.67 -86.84 15.48
C MET EA 163 -42.94 -87.58 16.60
N SER EA 164 -41.82 -87.04 17.07
CA SER EA 164 -41.08 -87.67 18.14
C SER EA 164 -41.87 -87.68 19.45
N ASN EA 165 -42.59 -86.61 19.76
CA ASN EA 165 -43.37 -86.65 20.99
C ASN EA 165 -44.50 -87.68 20.91
N THR EA 166 -45.28 -87.65 19.83
CA THR EA 166 -46.41 -88.57 19.71
C THR EA 166 -45.97 -90.02 19.69
N LEU EA 167 -44.87 -90.32 18.99
CA LEU EA 167 -44.50 -91.71 18.78
C LEU EA 167 -44.06 -92.35 20.11
N ASN EA 168 -43.33 -91.60 20.94
CA ASN EA 168 -43.06 -92.01 22.31
C ASN EA 168 -44.33 -92.11 23.12
N LEU EA 169 -45.20 -91.11 23.00
CA LEU EA 169 -46.41 -91.03 23.82
C LEU EA 169 -47.34 -92.19 23.52
N LEU EA 170 -47.13 -92.87 22.42
CA LEU EA 170 -47.94 -93.98 21.96
C LEU EA 170 -47.31 -95.34 22.23
N THR EA 171 -45.98 -95.44 22.13
CA THR EA 171 -45.28 -96.61 22.65
C THR EA 171 -45.57 -96.80 24.14
N SER EA 172 -45.43 -95.73 24.91
CA SER EA 172 -45.63 -95.82 26.35
C SER EA 172 -47.09 -95.99 26.75
N ALA EA 173 -48.03 -95.86 25.81
CA ALA EA 173 -49.42 -96.16 26.07
C ALA EA 173 -49.81 -97.56 25.67
N ARG EA 174 -49.12 -98.11 24.68
CA ARG EA 174 -49.34 -99.48 24.25
C ARG EA 174 -48.87 -100.41 25.36
N SER EA 175 -47.73 -100.05 25.94
CA SER EA 175 -47.09 -100.80 27.02
C SER EA 175 -47.92 -100.86 28.29
N ASP EA 176 -48.55 -99.75 28.64
CA ASP EA 176 -49.36 -99.68 29.84
C ASP EA 176 -50.50 -100.69 29.69
N MET EA 177 -51.02 -100.77 28.47
CA MET EA 177 -52.09 -101.70 28.16
C MET EA 177 -51.63 -103.14 28.35
N GLN EA 178 -50.39 -103.43 27.95
CA GLN EA 178 -49.88 -104.81 28.07
C GLN EA 178 -49.68 -105.19 29.54
N SER EA 179 -49.14 -104.29 30.34
CA SER EA 179 -48.96 -104.59 31.76
C SER EA 179 -50.30 -104.81 32.46
N LEU EA 180 -51.30 -103.98 32.15
CA LEU EA 180 -52.63 -104.17 32.74
C LEU EA 180 -53.25 -105.49 32.30
N GLN EA 181 -53.09 -105.84 31.03
CA GLN EA 181 -53.61 -107.12 30.54
C GLN EA 181 -52.99 -108.29 31.28
N TYR EA 182 -51.70 -108.19 31.60
CA TYR EA 182 -51.07 -109.25 32.40
C TYR EA 182 -51.63 -109.28 33.80
N ARG EA 183 -51.68 -108.13 34.48
CA ARG EA 183 -52.06 -108.13 35.89
C ARG EA 183 -53.53 -108.46 36.09
N THR EA 184 -54.38 -108.28 35.09
CA THR EA 184 -55.79 -108.63 35.25
C THR EA 184 -56.01 -110.13 35.29
N ILE EA 185 -55.28 -110.87 34.45
CA ILE EA 185 -55.49 -112.31 34.35
C ILE EA 185 -54.71 -113.07 35.40
N SER EA 186 -53.71 -112.44 36.01
CA SER EA 186 -52.94 -113.12 37.06
C SER EA 186 -53.76 -113.35 38.33
N GLY EA 187 -54.86 -112.63 38.50
CA GLY EA 187 -55.68 -112.71 39.69
C GLY EA 187 -56.74 -113.80 39.67
N ILE EA 188 -56.78 -114.63 38.64
CA ILE EA 188 -57.73 -115.73 38.56
C ILE EA 188 -57.03 -117.01 38.99
N SER EA 189 -57.49 -117.58 40.10
CA SER EA 189 -56.91 -118.80 40.65
C SER EA 189 -57.84 -119.97 40.36
N LEU EA 190 -57.29 -121.00 39.73
CA LEU EA 190 -58.07 -122.14 39.28
C LEU EA 190 -58.19 -123.16 40.40
N GLY EA 191 -59.41 -123.62 40.68
CA GLY EA 191 -59.61 -124.64 41.68
C GLY EA 191 -59.41 -124.22 43.11
N LYS EA 192 -59.55 -122.93 43.40
CA LYS EA 192 -59.38 -122.45 44.78
C LYS EA 192 -60.51 -121.52 45.17
N SER FA 19 -17.63 -93.60 7.17
CA SER FA 19 -17.42 -93.39 8.60
C SER FA 19 -18.51 -94.05 9.42
N MET FA 20 -19.57 -94.46 8.75
CA MET FA 20 -20.70 -95.12 9.38
C MET FA 20 -20.99 -96.45 8.69
N ALA FA 21 -22.04 -97.12 9.17
CA ALA FA 21 -22.35 -98.47 8.70
C ALA FA 21 -22.98 -98.45 7.32
N TYR FA 22 -24.05 -97.67 7.14
CA TYR FA 22 -24.83 -97.71 5.92
C TYR FA 22 -24.45 -96.54 5.03
N ASP FA 23 -24.16 -96.83 3.76
CA ASP FA 23 -23.73 -95.82 2.79
C ASP FA 23 -24.93 -95.29 2.00
N LEU FA 24 -25.71 -94.43 2.64
CA LEU FA 24 -26.93 -93.90 2.06
C LEU FA 24 -26.68 -93.01 0.84
N GLY FA 25 -25.43 -92.83 0.43
CA GLY FA 25 -25.13 -91.97 -0.70
C GLY FA 25 -25.46 -92.58 -2.04
N SER FA 26 -25.63 -93.89 -2.11
CA SER FA 26 -25.94 -94.59 -3.35
C SER FA 26 -27.35 -95.16 -3.39
N MET FA 27 -27.88 -95.60 -2.25
CA MET FA 27 -29.19 -96.22 -2.22
C MET FA 27 -30.28 -95.25 -2.67
N SER FA 28 -31.18 -95.74 -3.51
CA SER FA 28 -32.28 -94.93 -3.99
C SER FA 28 -33.27 -94.68 -2.86
N LYS FA 29 -34.37 -93.98 -3.17
CA LYS FA 29 -35.33 -93.66 -2.13
C LYS FA 29 -36.10 -94.89 -1.67
N ASP FA 30 -36.52 -95.73 -2.62
CA ASP FA 30 -37.29 -96.91 -2.25
C ASP FA 30 -36.45 -97.98 -1.58
N ASP FA 31 -35.13 -97.83 -1.57
CA ASP FA 31 -34.27 -98.66 -0.74
C ASP FA 31 -33.97 -98.03 0.60
N VAL FA 32 -33.87 -96.70 0.65
CA VAL FA 32 -33.71 -96.04 1.94
C VAL FA 32 -34.94 -96.24 2.81
N ILE FA 33 -36.13 -96.20 2.22
CA ILE FA 33 -37.33 -96.40 3.03
C ILE FA 33 -37.37 -97.80 3.59
N ASP FA 34 -37.03 -98.81 2.79
CA ASP FA 34 -37.01 -100.18 3.30
C ASP FA 34 -35.92 -100.38 4.33
N LEU FA 35 -34.78 -99.70 4.18
CA LEU FA 35 -33.76 -99.73 5.21
C LEU FA 35 -34.27 -99.14 6.51
N PHE FA 36 -34.90 -97.97 6.46
CA PHE FA 36 -35.42 -97.34 7.67
C PHE FA 36 -36.52 -98.17 8.30
N ASN FA 37 -37.27 -98.92 7.51
CA ASN FA 37 -38.25 -99.84 8.08
C ASN FA 37 -37.57 -101.02 8.76
N LYS FA 38 -36.43 -101.49 8.23
CA LYS FA 38 -35.70 -102.53 8.93
C LYS FA 38 -35.22 -102.05 10.29
N LEU FA 39 -34.71 -100.83 10.38
CA LEU FA 39 -34.37 -100.23 11.67
C LEU FA 39 -35.66 -99.76 12.34
N GLY FA 40 -35.54 -99.03 13.43
CA GLY FA 40 -36.69 -98.53 14.14
C GLY FA 40 -37.21 -97.24 13.54
N VAL FA 41 -37.91 -96.47 14.36
CA VAL FA 41 -38.30 -95.12 14.02
C VAL FA 41 -37.36 -94.08 14.61
N PHE FA 42 -36.77 -94.34 15.78
CA PHE FA 42 -35.81 -93.43 16.39
C PHE FA 42 -34.43 -93.56 15.77
N GLN FA 43 -34.02 -94.77 15.40
CA GLN FA 43 -32.71 -94.91 14.79
C GLN FA 43 -32.71 -94.58 13.31
N ALA FA 44 -33.86 -94.59 12.64
CA ALA FA 44 -33.93 -93.94 11.34
C ALA FA 44 -33.61 -92.47 11.47
N ALA FA 45 -34.17 -91.81 12.50
CA ALA FA 45 -33.85 -90.41 12.75
C ALA FA 45 -32.39 -90.22 13.08
N ILE FA 46 -31.80 -91.13 13.85
CA ILE FA 46 -30.39 -90.97 14.18
C ILE FA 46 -29.51 -91.15 12.95
N LEU FA 47 -29.78 -92.13 12.07
CA LEU FA 47 -29.01 -92.17 10.82
C LEU FA 47 -29.22 -90.94 9.96
N MET FA 48 -30.45 -90.45 9.85
CA MET FA 48 -30.67 -89.29 9.00
C MET FA 48 -29.88 -88.09 9.51
N PHE FA 49 -29.87 -87.88 10.83
CA PHE FA 49 -29.10 -86.78 11.39
C PHE FA 49 -27.60 -87.02 11.32
N ALA FA 50 -27.15 -88.26 11.44
CA ALA FA 50 -25.72 -88.53 11.35
C ALA FA 50 -25.21 -88.31 9.94
N TYR FA 51 -25.98 -88.73 8.93
CA TYR FA 51 -25.56 -88.48 7.56
C TYR FA 51 -25.62 -87.00 7.21
N MET FA 52 -26.63 -86.27 7.70
CA MET FA 52 -26.64 -84.83 7.48
C MET FA 52 -25.44 -84.17 8.16
N TYR FA 53 -25.06 -84.63 9.34
CA TYR FA 53 -23.88 -84.10 10.01
C TYR FA 53 -22.61 -84.40 9.21
N GLN FA 54 -22.49 -85.60 8.65
CA GLN FA 54 -21.31 -85.88 7.83
C GLN FA 54 -21.26 -84.99 6.60
N ALA FA 55 -22.40 -84.79 5.93
CA ALA FA 55 -22.38 -83.94 4.74
C ALA FA 55 -22.00 -82.51 5.10
N GLN FA 56 -22.55 -81.97 6.19
CA GLN FA 56 -22.21 -80.61 6.59
C GLN FA 56 -20.75 -80.51 7.02
N SER FA 57 -20.24 -81.49 7.76
CA SER FA 57 -18.86 -81.41 8.18
C SER FA 57 -17.92 -81.53 6.99
N ASP FA 58 -18.27 -82.33 5.99
CA ASP FA 58 -17.43 -82.41 4.80
C ASP FA 58 -17.41 -81.10 4.05
N LEU FA 59 -18.56 -80.43 3.90
CA LEU FA 59 -18.55 -79.11 3.29
C LEU FA 59 -17.64 -78.16 4.06
N SER FA 60 -17.82 -78.09 5.38
CA SER FA 60 -17.07 -77.12 6.15
C SER FA 60 -15.57 -77.42 6.13
N ILE FA 61 -15.17 -78.69 6.22
CA ILE FA 61 -13.75 -79.00 6.22
C ILE FA 61 -13.14 -78.76 4.84
N ALA FA 62 -13.86 -79.08 3.76
CA ALA FA 62 -13.34 -78.73 2.45
C ALA FA 62 -13.25 -77.22 2.27
N LYS FA 63 -14.03 -76.45 3.03
CA LYS FA 63 -13.84 -75.00 3.07
C LYS FA 63 -12.61 -74.61 3.86
N PHE FA 64 -12.35 -75.28 4.98
CA PHE FA 64 -11.22 -74.93 5.83
C PHE FA 64 -9.88 -75.27 5.21
N ALA FA 65 -9.85 -76.15 4.22
CA ALA FA 65 -8.61 -76.50 3.55
C ALA FA 65 -8.33 -75.60 2.34
N ASP FA 66 -9.25 -74.68 2.02
CA ASP FA 66 -8.99 -73.63 1.04
C ASP FA 66 -8.43 -72.38 1.68
N MET FA 67 -8.34 -72.33 3.01
CA MET FA 67 -7.72 -71.21 3.70
C MET FA 67 -6.33 -71.54 4.21
N ASN FA 68 -6.08 -72.80 4.57
CA ASN FA 68 -4.71 -73.22 4.76
C ASN FA 68 -3.87 -73.08 3.50
N GLU FA 69 -4.49 -73.05 2.32
CA GLU FA 69 -3.72 -72.70 1.13
C GLU FA 69 -3.17 -71.28 1.23
N ALA FA 70 -4.00 -70.34 1.65
CA ALA FA 70 -3.56 -68.96 1.80
C ALA FA 70 -2.50 -68.83 2.87
N SER FA 71 -2.69 -69.49 4.01
CA SER FA 71 -1.66 -69.38 5.06
C SER FA 71 -0.37 -70.09 4.66
N LYS FA 72 -0.44 -71.20 3.91
CA LYS FA 72 0.77 -71.85 3.43
C LYS FA 72 1.53 -70.95 2.47
N GLU FA 73 0.81 -70.29 1.55
CA GLU FA 73 1.48 -69.36 0.65
C GLU FA 73 2.13 -68.23 1.42
N SER FA 74 1.46 -67.71 2.44
CA SER FA 74 2.04 -66.62 3.23
C SER FA 74 3.31 -67.06 3.94
N THR FA 75 3.31 -68.24 4.55
CA THR FA 75 4.51 -68.65 5.26
C THR FA 75 5.67 -68.94 4.32
N THR FA 76 5.41 -69.57 3.16
CA THR FA 76 6.52 -69.81 2.24
C THR FA 76 7.07 -68.49 1.69
N ALA FA 77 6.19 -67.54 1.36
CA ALA FA 77 6.67 -66.26 0.88
C ALA FA 77 7.50 -65.54 1.93
N GLN FA 78 7.06 -65.60 3.20
CA GLN FA 78 7.84 -64.97 4.26
C GLN FA 78 9.19 -65.63 4.44
N LYS FA 79 9.26 -66.96 4.32
CA LYS FA 79 10.55 -67.63 4.43
C LYS FA 79 11.49 -67.20 3.31
N MET FA 80 10.98 -67.11 2.08
CA MET FA 80 11.83 -66.66 0.98
C MET FA 80 12.30 -65.23 1.19
N ALA FA 81 11.40 -64.34 1.62
CA ALA FA 81 11.80 -62.97 1.87
C ALA FA 81 12.86 -62.88 2.96
N ASN FA 82 12.75 -63.72 3.99
CA ASN FA 82 13.78 -63.73 5.02
C ASN FA 82 15.12 -64.26 4.52
N LEU FA 83 15.11 -65.21 3.59
CA LEU FA 83 16.38 -65.62 2.98
C LEU FA 83 17.01 -64.47 2.20
N VAL FA 84 16.19 -63.71 1.46
CA VAL FA 84 16.73 -62.58 0.73
C VAL FA 84 17.25 -61.50 1.67
N ASP FA 85 16.58 -61.28 2.82
CA ASP FA 85 17.12 -60.37 3.82
C ASP FA 85 18.44 -60.86 4.41
N ALA FA 86 18.55 -62.16 4.70
CA ALA FA 86 19.83 -62.68 5.15
C ALA FA 86 20.94 -62.46 4.12
N LYS FA 87 20.60 -62.56 2.84
CA LYS FA 87 21.56 -62.27 1.79
C LYS FA 87 21.95 -60.80 1.72
N ILE FA 88 20.99 -59.89 1.90
CA ILE FA 88 21.30 -58.46 1.87
C ILE FA 88 22.20 -58.07 3.05
N ALA FA 89 22.01 -58.70 4.21
CA ALA FA 89 22.78 -58.33 5.40
C ALA FA 89 24.25 -58.67 5.29
N ASP FA 90 24.71 -59.13 4.13
CA ASP FA 90 26.12 -59.35 3.87
C ASP FA 90 26.64 -58.54 2.70
N VAL FA 91 25.77 -57.91 1.93
CA VAL FA 91 26.18 -57.08 0.80
C VAL FA 91 25.98 -55.62 1.20
N GLN FA 92 25.22 -55.40 2.26
CA GLN FA 92 25.17 -54.08 2.87
C GLN FA 92 26.41 -53.80 3.69
N SER FA 93 26.92 -54.82 4.41
CA SER FA 93 28.14 -54.70 5.17
C SER FA 93 29.38 -54.90 4.30
N SER FA 94 29.22 -54.95 2.99
CA SER FA 94 30.33 -55.16 2.08
C SER FA 94 31.13 -53.87 1.93
N SER FA 95 32.44 -53.96 2.16
CA SER FA 95 33.29 -52.78 2.09
C SER FA 95 33.35 -52.21 0.67
N ASP FA 96 33.22 -53.06 -0.33
CA ASP FA 96 33.35 -52.66 -1.73
C ASP FA 96 32.07 -51.96 -2.17
N LYS FA 97 31.91 -51.76 -3.49
CA LYS FA 97 30.62 -51.36 -4.03
C LYS FA 97 29.62 -52.48 -3.81
N ASN FA 98 28.37 -52.10 -3.52
CA ASN FA 98 27.38 -53.10 -3.12
C ASN FA 98 26.74 -53.79 -4.32
N ALA FA 99 27.55 -54.31 -5.24
CA ALA FA 99 27.06 -55.22 -6.27
C ALA FA 99 27.95 -56.45 -6.30
N LYS FA 100 27.73 -57.34 -5.33
CA LYS FA 100 28.25 -58.72 -5.35
C LYS FA 100 27.24 -59.51 -4.53
N ALA FA 101 26.26 -60.09 -5.22
CA ALA FA 101 25.16 -60.74 -4.52
C ALA FA 101 24.41 -61.65 -5.48
N GLN FA 102 23.95 -62.78 -4.94
CA GLN FA 102 23.09 -63.69 -5.64
C GLN FA 102 22.08 -64.25 -4.66
N LEU FA 103 20.89 -64.54 -5.15
CA LEU FA 103 19.90 -65.14 -4.29
C LEU FA 103 20.31 -66.58 -3.94
N PRO FA 104 19.98 -67.05 -2.75
CA PRO FA 104 20.28 -68.46 -2.43
C PRO FA 104 19.46 -69.40 -3.31
N ASP FA 105 20.04 -70.58 -3.55
CA ASP FA 105 19.58 -71.42 -4.66
C ASP FA 105 18.12 -71.81 -4.54
N GLU FA 106 17.55 -71.76 -3.32
CA GLU FA 106 16.15 -72.11 -3.15
C GLU FA 106 15.21 -70.96 -3.57
N VAL FA 107 15.64 -69.72 -3.38
CA VAL FA 107 14.80 -68.59 -3.80
C VAL FA 107 14.68 -68.56 -5.32
N ILE FA 108 15.75 -68.92 -6.05
CA ILE FA 108 15.65 -68.96 -7.51
C ILE FA 108 14.58 -69.94 -7.94
N SER FA 109 14.57 -71.13 -7.36
CA SER FA 109 13.52 -72.09 -7.69
C SER FA 109 12.15 -71.62 -7.20
N TYR FA 110 12.09 -70.77 -6.17
CA TYR FA 110 10.80 -70.20 -5.79
C TYR FA 110 10.27 -69.27 -6.88
N ILE FA 111 11.08 -68.31 -7.34
CA ILE FA 111 10.59 -67.41 -8.40
C ILE FA 111 10.33 -68.17 -9.69
N ASN FA 112 11.25 -69.04 -10.12
CA ASN FA 112 11.12 -69.68 -11.42
C ASN FA 112 9.98 -70.69 -11.50
N ASP FA 113 9.40 -71.08 -10.38
CA ASP FA 113 8.30 -72.03 -10.40
C ASP FA 113 7.06 -71.38 -11.01
N PRO FA 114 6.26 -72.10 -11.80
CA PRO FA 114 5.18 -71.44 -12.54
C PRO FA 114 3.92 -71.14 -11.74
N ARG FA 115 3.67 -71.83 -10.64
CA ARG FA 115 2.38 -71.74 -9.96
C ARG FA 115 2.33 -70.62 -8.92
N ASN FA 116 3.15 -69.58 -9.08
CA ASN FA 116 3.20 -68.49 -8.13
C ASN FA 116 2.93 -67.11 -8.72
N ASP FA 117 3.17 -66.90 -10.01
CA ASP FA 117 2.97 -65.60 -10.66
C ASP FA 117 3.67 -64.50 -9.88
N ILE FA 118 4.99 -64.59 -9.84
CA ILE FA 118 5.83 -63.81 -8.94
C ILE FA 118 6.77 -62.90 -9.74
N THR FA 119 6.28 -62.36 -10.85
CA THR FA 119 7.03 -61.37 -11.62
C THR FA 119 7.57 -60.27 -10.71
N ILE FA 120 8.89 -60.12 -10.64
CA ILE FA 120 9.55 -59.32 -9.61
C ILE FA 120 10.35 -58.17 -10.21
N SER FA 121 11.40 -58.49 -10.97
CA SER FA 121 12.46 -57.52 -11.23
C SER FA 121 12.27 -56.77 -12.54
N GLY FA 122 11.96 -57.49 -13.61
CA GLY FA 122 12.04 -56.88 -14.93
C GLY FA 122 13.47 -56.63 -15.37
N ILE FA 123 14.41 -57.39 -14.81
CA ILE FA 123 15.83 -57.20 -15.10
C ILE FA 123 16.40 -58.52 -15.57
N ASP FA 124 17.47 -58.45 -16.35
CA ASP FA 124 18.02 -59.60 -17.05
C ASP FA 124 18.86 -60.47 -16.12
N ASN FA 125 18.85 -61.77 -16.41
CA ASN FA 125 19.88 -62.70 -15.95
C ASN FA 125 20.00 -62.69 -14.41
N ILE FA 126 18.94 -63.17 -13.77
CA ILE FA 126 19.05 -63.52 -12.37
C ILE FA 126 20.11 -64.62 -12.24
N ASN FA 127 20.65 -64.76 -11.04
CA ASN FA 127 21.82 -65.54 -10.62
C ASN FA 127 23.14 -64.86 -10.97
N ALA FA 128 23.15 -63.82 -11.80
CA ALA FA 128 24.39 -63.09 -12.04
C ALA FA 128 24.05 -61.72 -12.66
N GLN FA 129 24.04 -60.67 -11.85
CA GLN FA 129 23.96 -60.69 -10.39
C GLN FA 129 23.22 -59.40 -10.07
N LEU FA 130 22.60 -59.29 -8.90
CA LEU FA 130 21.73 -58.15 -8.62
C LEU FA 130 22.18 -57.41 -7.36
N GLY FA 131 23.20 -56.59 -7.51
CA GLY FA 131 23.49 -55.48 -6.61
C GLY FA 131 23.30 -55.69 -5.13
N ALA FA 132 22.93 -54.62 -4.42
CA ALA FA 132 22.31 -54.72 -3.11
C ALA FA 132 21.19 -53.70 -2.91
N GLY FA 133 20.94 -52.83 -3.88
CA GLY FA 133 19.91 -51.83 -3.76
C GLY FA 133 18.74 -52.14 -4.67
N ASP FA 134 18.98 -53.07 -5.61
CA ASP FA 134 17.91 -53.65 -6.41
C ASP FA 134 17.48 -55.02 -5.90
N LEU FA 135 18.22 -55.59 -4.95
CA LEU FA 135 17.76 -56.77 -4.23
C LEU FA 135 16.61 -56.42 -3.29
N GLN FA 136 16.51 -55.15 -2.90
CA GLN FA 136 15.37 -54.69 -2.13
C GLN FA 136 14.07 -54.84 -2.91
N THR FA 137 14.13 -54.65 -4.23
CA THR FA 137 12.94 -54.86 -5.06
C THR FA 137 12.50 -56.31 -5.02
N VAL FA 138 13.45 -57.25 -5.08
CA VAL FA 138 13.10 -58.67 -5.00
C VAL FA 138 12.49 -58.99 -3.65
N LYS FA 139 13.10 -58.49 -2.58
CA LYS FA 139 12.55 -58.75 -1.24
C LYS FA 139 11.15 -58.17 -1.10
N ALA FA 140 10.93 -56.96 -1.59
CA ALA FA 140 9.60 -56.35 -1.51
C ALA FA 140 8.57 -57.09 -2.35
N ALA FA 141 8.93 -57.51 -3.55
CA ALA FA 141 7.98 -58.21 -4.40
C ALA FA 141 7.72 -59.65 -3.93
N ILE FA 142 8.61 -60.23 -3.15
CA ILE FA 142 8.33 -61.54 -2.54
C ILE FA 142 7.48 -61.37 -1.29
N SER FA 143 7.84 -60.44 -0.42
CA SER FA 143 7.10 -60.24 0.82
C SER FA 143 5.86 -59.38 0.63
N ALA FA 144 5.50 -59.03 -0.60
CA ALA FA 144 4.21 -58.41 -0.84
C ALA FA 144 3.13 -59.43 -1.19
N LYS FA 145 3.51 -60.64 -1.58
CA LYS FA 145 2.56 -61.71 -1.81
C LYS FA 145 2.33 -62.53 -0.55
N ALA FA 146 3.03 -62.21 0.53
CA ALA FA 146 2.79 -62.82 1.82
C ALA FA 146 1.67 -62.15 2.59
N ASN FA 147 1.13 -61.05 2.09
CA ASN FA 147 0.12 -60.27 2.81
C ASN FA 147 -1.29 -60.60 2.32
N ASN FA 148 -1.67 -61.88 2.40
CA ASN FA 148 -2.95 -62.32 1.86
C ASN FA 148 -3.80 -63.04 2.90
N LEU FA 149 -3.80 -62.58 4.15
CA LEU FA 149 -4.65 -63.16 5.17
C LEU FA 149 -5.87 -62.32 5.49
N THR FA 150 -6.13 -61.26 4.72
CA THR FA 150 -7.37 -60.52 4.88
C THR FA 150 -8.34 -60.76 3.75
N THR FA 151 -7.87 -61.13 2.56
CA THR FA 151 -8.78 -61.52 1.51
C THR FA 151 -9.48 -62.83 1.81
N THR FA 152 -8.93 -63.65 2.70
CA THR FA 152 -9.54 -64.90 3.11
C THR FA 152 -10.23 -64.80 4.46
N VAL FA 153 -10.28 -63.62 5.06
CA VAL FA 153 -11.14 -63.34 6.19
C VAL FA 153 -12.34 -62.48 5.78
N ASN FA 154 -12.17 -61.65 4.76
CA ASN FA 154 -13.31 -60.93 4.23
C ASN FA 154 -14.25 -61.86 3.47
N ASN FA 155 -13.70 -62.85 2.77
CA ASN FA 155 -14.47 -63.74 1.92
C ASN FA 155 -15.15 -64.86 2.67
N SER FA 156 -14.76 -65.13 3.92
CA SER FA 156 -15.16 -66.35 4.59
C SER FA 156 -15.58 -66.07 6.04
N GLN FA 157 -16.44 -65.08 6.24
CA GLN FA 157 -16.98 -64.84 7.57
C GLN FA 157 -18.49 -64.95 7.63
N LEU FA 158 -19.19 -64.78 6.52
CA LEU FA 158 -20.63 -65.00 6.48
C LEU FA 158 -20.97 -66.43 6.11
N GLU FA 159 -19.98 -67.23 5.72
CA GLU FA 159 -20.18 -68.66 5.53
C GLU FA 159 -19.90 -69.44 6.79
N ILE FA 160 -18.79 -69.15 7.48
CA ILE FA 160 -18.50 -69.82 8.72
C ILE FA 160 -19.57 -69.53 9.76
N GLN FA 161 -20.18 -68.35 9.71
CA GLN FA 161 -21.41 -68.05 10.43
C GLN FA 161 -22.38 -69.21 10.31
N GLN FA 162 -22.81 -69.51 9.09
CA GLN FA 162 -23.88 -70.48 8.88
C GLN FA 162 -23.42 -71.91 9.09
N MET FA 163 -22.20 -72.25 8.66
CA MET FA 163 -21.68 -73.59 8.91
C MET FA 163 -21.60 -73.89 10.39
N SER FA 164 -21.03 -72.95 11.17
CA SER FA 164 -20.92 -73.15 12.60
C SER FA 164 -22.29 -73.18 13.28
N ASN FA 165 -23.24 -72.35 12.86
CA ASN FA 165 -24.54 -72.43 13.48
C ASN FA 165 -25.23 -73.74 13.17
N THR FA 166 -25.28 -74.14 11.89
CA THR FA 166 -25.98 -75.37 11.51
C THR FA 166 -25.37 -76.59 12.16
N LEU FA 167 -24.03 -76.65 12.22
CA LEU FA 167 -23.39 -77.87 12.66
C LEU FA 167 -23.66 -78.13 14.14
N ASN FA 168 -23.65 -77.07 14.95
CA ASN FA 168 -24.13 -77.15 16.32
C ASN FA 168 -25.60 -77.50 16.39
N LEU FA 169 -26.41 -76.84 15.56
CA LEU FA 169 -27.85 -77.00 15.60
C LEU FA 169 -28.26 -78.42 15.25
N LEU FA 170 -27.35 -79.18 14.65
CA LEU FA 170 -27.58 -80.54 14.21
C LEU FA 170 -26.99 -81.58 15.16
N THR FA 171 -25.84 -81.29 15.76
CA THR FA 171 -25.37 -82.09 16.89
C THR FA 171 -26.39 -82.10 18.01
N SER FA 172 -26.89 -80.94 18.39
CA SER FA 172 -27.84 -80.85 19.50
C SER FA 172 -29.21 -81.38 19.15
N ALA FA 173 -29.47 -81.70 17.88
CA ALA FA 173 -30.72 -82.35 17.50
C ALA FA 173 -30.57 -83.85 17.40
N ARG FA 174 -29.37 -84.33 17.10
CA ARG FA 174 -29.08 -85.75 17.05
C ARG FA 174 -29.16 -86.30 18.46
N SER FA 175 -28.62 -85.53 19.39
CA SER FA 175 -28.57 -85.87 20.81
C SER FA 175 -29.94 -85.96 21.46
N ASP FA 176 -30.84 -85.04 21.09
CA ASP FA 176 -32.18 -85.04 21.65
C ASP FA 176 -32.84 -86.34 21.27
N MET FA 177 -32.58 -86.79 20.04
CA MET FA 177 -33.12 -88.03 19.54
C MET FA 177 -32.61 -89.21 20.35
N GLN FA 178 -31.34 -89.18 20.73
CA GLN FA 178 -30.77 -90.28 21.50
C GLN FA 178 -31.34 -90.36 22.91
N SER FA 179 -31.51 -89.20 23.56
CA SER FA 179 -32.11 -89.21 24.89
C SER FA 179 -33.55 -89.72 24.86
N LEU FA 180 -34.33 -89.28 23.88
CA LEU FA 180 -35.70 -89.77 23.75
C LEU FA 180 -35.74 -91.27 23.49
N GLN FA 181 -34.85 -91.76 22.63
CA GLN FA 181 -34.78 -93.19 22.36
C GLN FA 181 -34.50 -93.97 23.62
N TYR FA 182 -33.64 -93.44 24.48
CA TYR FA 182 -33.40 -94.12 25.76
C TYR FA 182 -34.63 -94.09 26.65
N ARG FA 183 -35.24 -92.91 26.83
CA ARG FA 183 -36.33 -92.81 27.79
C ARG FA 183 -37.59 -93.52 27.33
N THR FA 184 -37.75 -93.78 26.04
CA THR FA 184 -38.93 -94.49 25.57
C THR FA 184 -38.87 -95.97 25.94
N ILE FA 185 -37.70 -96.59 25.85
CA ILE FA 185 -37.58 -98.02 26.09
C ILE FA 185 -37.40 -98.32 27.57
N SER FA 186 -37.02 -97.34 28.38
CA SER FA 186 -36.88 -97.56 29.81
C SER FA 186 -38.21 -97.82 30.50
N GLY FA 187 -39.32 -97.45 29.88
CA GLY FA 187 -40.63 -97.59 30.47
C GLY FA 187 -41.31 -98.92 30.26
N ILE FA 188 -40.63 -99.88 29.66
CA ILE FA 188 -41.18 -101.22 29.44
C ILE FA 188 -40.63 -102.14 30.52
N SER FA 189 -41.52 -102.63 31.37
CA SER FA 189 -41.17 -103.51 32.48
C SER FA 189 -41.56 -104.94 32.13
N LEU FA 190 -40.59 -105.85 32.20
CA LEU FA 190 -40.79 -107.23 31.79
C LEU FA 190 -41.34 -108.03 32.97
N GLY FA 191 -42.41 -108.79 32.71
CA GLY FA 191 -42.96 -109.66 33.74
C GLY FA 191 -43.66 -108.95 34.88
N LYS FA 192 -44.15 -107.74 34.66
CA LYS FA 192 -44.86 -107.02 35.72
C LYS FA 192 -46.16 -106.42 35.20
N SER GA 19 5.26 -73.41 17.06
CA SER GA 19 4.61 -72.91 18.27
C SER GA 19 3.36 -73.73 18.58
N MET GA 20 2.94 -74.55 17.63
CA MET GA 20 1.79 -75.41 17.80
C MET GA 20 2.15 -76.86 17.48
N ALA GA 21 1.15 -77.73 17.57
CA ALA GA 21 1.37 -79.16 17.43
C ALA GA 21 1.63 -79.56 15.98
N TYR GA 22 0.73 -79.19 15.08
CA TYR GA 22 0.77 -79.66 13.70
C TYR GA 22 1.39 -78.58 12.82
N ASP GA 23 2.37 -78.97 12.02
CA ASP GA 23 3.10 -78.05 11.14
C ASP GA 23 2.48 -78.06 9.74
N LEU GA 24 1.35 -77.38 9.62
CA LEU GA 24 0.59 -77.34 8.37
C LEU GA 24 1.32 -76.63 7.24
N GLY GA 25 2.54 -76.15 7.47
CA GLY GA 25 3.25 -75.44 6.43
C GLY GA 25 3.85 -76.33 5.36
N SER GA 26 3.96 -77.62 5.62
CA SER GA 26 4.51 -78.57 4.67
C SER GA 26 3.49 -79.54 4.11
N MET GA 27 2.49 -79.92 4.90
CA MET GA 27 1.50 -80.90 4.47
C MET GA 27 0.71 -80.39 3.27
N SER GA 28 0.52 -81.26 2.29
CA SER GA 28 -0.23 -80.91 1.11
C SER GA 28 -1.71 -80.79 1.46
N LYS GA 29 -2.55 -80.53 0.46
CA LYS GA 29 -3.97 -80.33 0.74
C LYS GA 29 -4.65 -81.65 1.09
N ASP GA 30 -4.33 -82.72 0.37
CA ASP GA 30 -4.96 -84.00 0.63
C ASP GA 30 -4.47 -84.64 1.92
N ASP GA 31 -3.43 -84.11 2.55
CA ASP GA 31 -3.05 -84.49 3.89
C ASP GA 31 -3.65 -83.59 4.94
N VAL GA 32 -3.82 -82.30 4.64
CA VAL GA 32 -4.51 -81.41 5.56
C VAL GA 32 -5.97 -81.84 5.74
N ILE GA 33 -6.62 -82.26 4.65
CA ILE GA 33 -8.02 -82.68 4.77
C ILE GA 33 -8.12 -83.92 5.63
N ASP GA 34 -7.23 -84.89 5.45
CA ASP GA 34 -7.27 -86.09 6.29
C ASP GA 34 -6.93 -85.78 7.73
N LEU GA 35 -6.03 -84.82 7.95
CA LEU GA 35 -5.75 -84.36 9.31
C LEU GA 35 -7.00 -83.76 9.96
N PHE GA 36 -7.67 -82.86 9.25
CA PHE GA 36 -8.87 -82.23 9.78
C PHE GA 36 -9.99 -83.24 10.00
N ASN GA 37 -10.03 -84.30 9.20
CA ASN GA 37 -10.99 -85.38 9.47
C ASN GA 37 -10.62 -86.16 10.71
N LYS GA 38 -9.34 -86.33 10.99
CA LYS GA 38 -8.95 -86.98 12.24
C LYS GA 38 -9.39 -86.17 13.44
N LEU GA 39 -9.23 -84.85 13.39
CA LEU GA 39 -9.77 -83.97 14.42
C LEU GA 39 -11.27 -83.82 14.20
N GLY GA 40 -11.90 -82.91 14.92
CA GLY GA 40 -13.32 -82.68 14.78
C GLY GA 40 -13.62 -81.72 13.65
N VAL GA 41 -14.77 -81.07 13.74
CA VAL GA 41 -15.13 -79.98 12.85
C VAL GA 41 -14.86 -78.62 13.49
N PHE GA 42 -14.98 -78.51 14.81
CA PHE GA 42 -14.69 -77.26 15.51
C PHE GA 42 -13.20 -77.06 15.73
N GLN GA 43 -12.47 -78.13 16.00
CA GLN GA 43 -11.04 -77.96 16.19
C GLN GA 43 -10.27 -77.89 14.88
N ALA GA 44 -10.84 -78.36 13.77
CA ALA GA 44 -10.27 -77.98 12.49
C ALA GA 44 -10.33 -76.48 12.31
N ALA GA 45 -11.46 -75.87 12.67
CA ALA GA 45 -11.58 -74.43 12.61
C ALA GA 45 -10.60 -73.74 13.54
N ILE GA 46 -10.41 -74.29 14.74
CA ILE GA 46 -9.46 -73.65 15.66
C ILE GA 46 -8.03 -73.76 15.15
N LEU GA 47 -7.60 -74.90 14.59
CA LEU GA 47 -6.27 -74.92 13.97
C LEU GA 47 -6.17 -73.96 12.79
N MET GA 48 -7.19 -73.89 11.95
CA MET GA 48 -7.09 -73.01 10.79
C MET GA 48 -6.93 -71.56 11.24
N PHE GA 49 -7.69 -71.15 12.26
CA PHE GA 49 -7.56 -69.79 12.76
C PHE GA 49 -6.26 -69.58 13.51
N ALA GA 50 -5.76 -70.58 14.21
CA ALA GA 50 -4.50 -70.41 14.94
C ALA GA 50 -3.33 -70.29 13.97
N TYR GA 51 -3.32 -71.08 12.90
CA TYR GA 51 -2.26 -70.93 11.91
C TYR GA 51 -2.36 -69.62 11.15
N MET GA 52 -3.58 -69.17 10.83
CA MET GA 52 -3.70 -67.85 10.21
C MET GA 52 -3.22 -66.75 11.15
N TYR GA 53 -3.49 -66.88 12.45
CA TYR GA 53 -2.98 -65.92 13.42
C TYR GA 53 -1.46 -65.95 13.48
N GLN GA 54 -0.85 -67.13 13.45
CA GLN GA 54 0.61 -67.18 13.44
C GLN GA 54 1.19 -66.52 12.20
N ALA GA 55 0.61 -66.78 11.03
CA ALA GA 55 1.13 -66.17 9.82
C ALA GA 55 1.02 -64.66 9.88
N GLN GA 56 -0.13 -64.14 10.32
CA GLN GA 56 -0.30 -62.70 10.41
C GLN GA 56 0.63 -62.08 11.45
N SER GA 57 0.79 -62.73 12.60
CA SER GA 57 1.68 -62.18 13.60
C SER GA 57 3.13 -62.19 13.14
N ASP GA 58 3.53 -63.21 12.38
CA ASP GA 58 4.88 -63.23 11.86
C ASP GA 58 5.10 -62.11 10.86
N LEU GA 59 4.14 -61.86 9.96
CA LEU GA 59 4.27 -60.71 9.07
C LEU GA 59 4.43 -59.42 9.87
N SER GA 60 3.54 -59.20 10.84
CA SER GA 60 3.55 -57.93 11.55
C SER GA 60 4.83 -57.76 12.36
N ILE GA 61 5.30 -58.82 13.01
CA ILE GA 61 6.52 -58.68 13.80
C ILE GA 61 7.74 -58.50 12.91
N ALA GA 62 7.82 -59.19 11.78
CA ALA GA 62 8.91 -58.91 10.85
C ALA GA 62 8.84 -57.50 10.30
N LYS GA 63 7.64 -56.89 10.30
CA LYS GA 63 7.55 -55.47 9.98
C LYS GA 63 8.05 -54.60 11.13
N PHE GA 64 7.74 -54.97 12.37
CA PHE GA 64 8.12 -54.16 13.52
C PHE GA 64 9.62 -54.18 13.78
N ALA GA 65 10.33 -55.15 13.25
CA ALA GA 65 11.79 -55.20 13.42
C ALA GA 65 12.53 -54.48 12.30
N ASP GA 66 11.82 -53.94 11.31
CA ASP GA 66 12.39 -53.04 10.33
C ASP GA 66 12.28 -51.58 10.74
N MET GA 67 11.61 -51.30 11.86
CA MET GA 67 11.54 -49.95 12.39
C MET GA 67 12.44 -49.76 13.59
N ASN GA 68 12.66 -50.80 14.39
CA ASN GA 68 13.74 -50.76 15.36
C ASN GA 68 15.10 -50.56 14.70
N GLU GA 69 15.25 -50.92 13.42
CA GLU GA 69 16.48 -50.56 12.74
C GLU GA 69 16.63 -49.05 12.66
N ALA GA 70 15.56 -48.34 12.30
CA ALA GA 70 15.61 -46.89 12.23
C ALA GA 70 15.87 -46.27 13.59
N SER GA 71 15.18 -46.76 14.63
CA SER GA 71 15.42 -46.17 15.94
C SER GA 71 16.82 -46.51 16.48
N LYS GA 72 17.35 -47.70 16.17
CA LYS GA 72 18.71 -48.02 16.57
C LYS GA 72 19.71 -47.11 15.89
N GLU GA 73 19.53 -46.85 14.59
CA GLU GA 73 20.41 -45.93 13.90
C GLU GA 73 20.34 -44.53 14.52
N SER GA 74 19.13 -44.09 14.87
CA SER GA 74 19.00 -42.76 15.45
C SER GA 74 19.70 -42.67 16.80
N THR GA 75 19.56 -43.68 17.65
CA THR GA 75 20.20 -43.58 18.96
C THR GA 75 21.72 -43.67 18.85
N THR GA 76 22.27 -44.53 17.97
CA THR GA 76 23.72 -44.56 17.83
C THR GA 76 24.25 -43.25 17.26
N ALA GA 77 23.57 -42.67 16.27
CA ALA GA 77 24.01 -41.40 15.73
C ALA GA 77 23.97 -40.31 16.79
N GLN GA 78 22.93 -40.28 17.61
CA GLN GA 78 22.86 -39.30 18.67
C GLN GA 78 23.98 -39.47 19.69
N LYS GA 79 24.32 -40.71 20.03
CA LYS GA 79 25.42 -40.94 20.95
C LYS GA 79 26.74 -40.43 20.39
N MET GA 80 26.99 -40.71 19.10
CA MET GA 80 28.23 -40.21 18.48
C MET GA 80 28.26 -38.69 18.46
N ALA GA 81 27.14 -38.05 18.11
CA ALA GA 81 27.08 -36.60 18.09
C ALA GA 81 27.33 -36.02 19.47
N ASN GA 82 26.81 -36.67 20.52
CA ASN GA 82 27.07 -36.20 21.87
C ASN GA 82 28.53 -36.37 22.28
N LEU GA 83 29.20 -37.42 21.80
CA LEU GA 83 30.64 -37.52 22.06
C LEU GA 83 31.40 -36.38 21.38
N VAL GA 84 31.02 -36.04 20.16
CA VAL GA 84 31.68 -34.92 19.47
C VAL GA 84 31.39 -33.59 20.19
N ASP GA 85 30.18 -33.42 20.72
CA ASP GA 85 29.90 -32.23 21.53
C ASP GA 85 30.73 -32.20 22.80
N ALA GA 86 30.88 -33.33 23.50
CA ALA GA 86 31.76 -33.37 24.65
C ALA GA 86 33.19 -32.99 24.29
N LYS GA 87 33.64 -33.40 23.11
CA LYS GA 87 34.97 -33.00 22.64
C LYS GA 87 35.08 -31.51 22.33
N ILE GA 88 34.05 -30.92 21.73
CA ILE GA 88 34.09 -29.48 21.44
C ILE GA 88 34.09 -28.66 22.72
N ALA GA 89 33.39 -29.11 23.76
CA ALA GA 89 33.30 -28.34 25.00
C ALA GA 89 34.61 -28.23 25.75
N ASP GA 90 35.70 -28.71 25.17
CA ASP GA 90 37.04 -28.54 25.72
C ASP GA 90 37.98 -27.82 24.77
N VAL GA 91 37.59 -27.61 23.52
CA VAL GA 91 38.42 -26.89 22.57
C VAL GA 91 37.79 -25.52 22.35
N GLN GA 92 36.54 -25.37 22.78
CA GLN GA 92 35.94 -24.04 22.84
C GLN GA 92 36.44 -23.27 24.05
N SER GA 93 36.63 -23.95 25.18
CA SER GA 93 37.19 -23.36 26.37
C SER GA 93 38.71 -23.30 26.35
N SER GA 94 39.32 -23.61 25.20
CA SER GA 94 40.77 -23.63 25.08
C SER GA 94 41.29 -22.20 24.97
N SER GA 95 42.24 -21.85 25.82
CA SER GA 95 42.78 -20.49 25.84
C SER GA 95 43.52 -20.16 24.54
N ASP GA 96 44.11 -21.17 23.91
CA ASP GA 96 44.93 -20.98 22.72
C ASP GA 96 44.02 -20.79 21.51
N LYS GA 97 44.59 -20.86 20.31
CA LYS GA 97 43.77 -20.96 19.11
C LYS GA 97 43.02 -22.29 19.12
N ASN GA 98 41.78 -22.26 18.63
CA ASN GA 98 40.91 -23.43 18.77
C ASN GA 98 41.18 -24.47 17.68
N ALA GA 99 42.43 -24.86 17.49
CA ALA GA 99 42.75 -26.03 16.67
C ALA GA 99 43.70 -26.91 17.47
N LYS GA 100 43.14 -27.67 18.41
CA LYS GA 100 43.79 -28.80 19.08
C LYS GA 100 42.64 -29.73 19.47
N ALA GA 101 42.33 -30.68 18.60
CA ALA GA 101 41.16 -31.51 18.82
C ALA GA 101 41.23 -32.74 17.94
N GLN GA 102 40.75 -33.85 18.50
CA GLN GA 102 40.58 -35.10 17.76
C GLN GA 102 39.30 -35.76 18.24
N LEU GA 103 38.66 -36.47 17.34
CA LEU GA 103 37.47 -37.20 17.73
C LEU GA 103 37.86 -38.36 18.64
N PRO GA 104 37.01 -38.71 19.61
CA PRO GA 104 37.29 -39.88 20.43
C PRO GA 104 37.28 -41.16 19.60
N ASP GA 105 38.09 -42.13 20.03
CA ASP GA 105 38.46 -43.24 19.17
C ASP GA 105 37.26 -44.03 18.66
N GLU GA 106 36.13 -43.96 19.35
CA GLU GA 106 34.94 -44.68 18.89
C GLU GA 106 34.23 -43.96 17.76
N VAL GA 107 34.26 -42.63 17.74
CA VAL GA 107 33.62 -41.90 16.64
C VAL GA 107 34.37 -42.14 15.33
N ILE GA 108 35.70 -42.28 15.38
CA ILE GA 108 36.43 -42.58 14.16
C ILE GA 108 35.97 -43.91 13.57
N SER GA 109 35.83 -44.93 14.39
CA SER GA 109 35.31 -46.20 13.89
C SER GA 109 33.85 -46.10 13.48
N TYR GA 110 33.10 -45.15 14.03
CA TYR GA 110 31.74 -44.93 13.53
C TYR GA 110 31.76 -44.41 12.09
N ILE GA 111 32.51 -43.34 11.83
CA ILE GA 111 32.55 -42.81 10.46
C ILE GA 111 33.19 -43.81 9.49
N ASN GA 112 34.31 -44.42 9.86
CA ASN GA 112 35.04 -45.27 8.94
C ASN GA 112 34.33 -46.57 8.62
N ASP GA 113 33.28 -46.93 9.35
CA ASP GA 113 32.57 -48.16 9.08
C ASP GA 113 31.79 -48.02 7.78
N PRO GA 114 31.70 -49.07 6.95
CA PRO GA 114 31.12 -48.91 5.61
C PRO GA 114 29.59 -48.88 5.55
N ARG GA 115 28.89 -49.42 6.54
CA ARG GA 115 27.45 -49.62 6.43
C ARG GA 115 26.66 -48.41 6.90
N ASN GA 116 27.24 -47.21 6.87
CA ASN GA 116 26.56 -46.01 7.34
C ASN GA 116 26.44 -44.91 6.32
N ASP GA 117 27.32 -44.84 5.31
CA ASP GA 117 27.30 -43.79 4.30
C ASP GA 117 27.25 -42.41 4.94
N ILE GA 118 28.33 -42.10 5.66
CA ILE GA 118 28.37 -40.96 6.57
C ILE GA 118 29.44 -39.95 6.11
N THR GA 119 29.57 -39.77 4.80
CA THR GA 119 30.44 -38.74 4.25
C THR GA 119 30.19 -37.40 4.92
N ILE GA 120 31.20 -36.84 5.60
CA ILE GA 120 31.04 -35.72 6.52
C ILE GA 120 31.84 -34.50 6.09
N SER GA 121 33.16 -34.61 6.08
CA SER GA 121 34.02 -33.42 6.10
C SER GA 121 34.45 -32.98 4.71
N GLY GA 122 34.91 -33.93 3.89
CA GLY GA 122 35.62 -33.55 2.68
C GLY GA 122 36.97 -32.96 2.96
N ILE GA 123 37.56 -33.29 4.11
CA ILE GA 123 38.84 -32.72 4.51
C ILE GA 123 39.80 -33.88 4.81
N ASP GA 124 41.09 -33.60 4.68
CA ASP GA 124 42.12 -34.63 4.73
C ASP GA 124 42.43 -35.04 6.16
N ASN GA 125 42.80 -36.31 6.32
CA ASN GA 125 43.53 -36.81 7.49
C ASN GA 125 42.78 -36.51 8.79
N ILE GA 126 41.63 -37.17 8.93
CA ILE GA 126 41.01 -37.25 10.23
C ILE GA 126 41.98 -37.93 11.20
N ASN GA 127 41.78 -37.70 12.49
CA ASN GA 127 42.62 -38.02 13.65
C ASN GA 127 43.78 -37.04 13.82
N ALA GA 128 44.08 -36.18 12.83
CA ALA GA 128 45.10 -35.15 13.02
C ALA GA 128 44.93 -34.09 11.93
N GLN GA 129 44.30 -32.97 12.28
CA GLN GA 129 43.43 -32.78 13.43
C GLN GA 129 42.43 -31.74 12.94
N LEU GA 130 41.26 -31.63 13.55
CA LEU GA 130 40.20 -30.77 13.00
C LEU GA 130 39.76 -29.74 14.03
N GLY GA 131 40.53 -28.67 14.17
CA GLY GA 131 40.08 -27.40 14.71
C GLY GA 131 39.14 -27.42 15.89
N ALA GA 132 38.27 -26.41 15.96
CA ALA GA 132 37.04 -26.48 16.74
C ALA GA 132 35.86 -25.83 16.05
N GLY GA 133 36.05 -25.25 14.87
CA GLY GA 133 34.97 -24.61 14.16
C GLY GA 133 34.58 -25.41 12.93
N ASP GA 134 35.45 -26.35 12.56
CA ASP GA 134 35.13 -27.34 11.56
C ASP GA 134 34.72 -28.68 12.17
N LEU GA 135 34.88 -28.83 13.48
CA LEU GA 135 34.31 -29.96 14.19
C LEU GA 135 32.79 -29.83 14.30
N GLN GA 136 32.28 -28.61 14.17
CA GLN GA 136 30.85 -28.40 14.11
C GLN GA 136 30.25 -29.05 12.87
N THR GA 137 31.00 -29.08 11.77
CA THR GA 137 30.52 -29.77 10.57
C THR GA 137 30.39 -31.27 10.82
N VAL GA 138 31.35 -31.86 11.51
CA VAL GA 138 31.26 -33.29 11.83
C VAL GA 138 30.06 -33.55 12.73
N LYS GA 139 29.88 -32.72 13.76
CA LYS GA 139 28.74 -32.91 14.65
C LYS GA 139 27.41 -32.77 13.90
N ALA GA 140 27.30 -31.78 13.03
CA ALA GA 140 26.08 -31.61 12.26
C ALA GA 140 25.83 -32.73 11.28
N ALA GA 141 26.86 -33.23 10.60
CA ALA GA 141 26.67 -34.32 9.65
C ALA GA 141 26.44 -35.65 10.34
N ILE GA 142 26.84 -35.81 11.60
CA ILE GA 142 26.48 -37.02 12.34
C ILE GA 142 25.06 -36.92 12.88
N SER GA 143 24.72 -35.80 13.50
CA SER GA 143 23.39 -35.63 14.07
C SER GA 143 22.35 -35.23 13.05
N ALA GA 144 22.68 -35.20 11.77
CA ALA GA 144 21.66 -35.06 10.75
C ALA GA 144 21.14 -36.40 10.24
N LYS GA 145 21.87 -37.48 10.47
CA LYS GA 145 21.41 -38.82 10.13
C LYS GA 145 20.65 -39.46 11.29
N ALA GA 146 20.57 -38.75 12.42
CA ALA GA 146 19.76 -39.19 13.55
C ALA GA 146 18.30 -38.78 13.41
N ASN GA 147 17.95 -37.99 12.41
CA ASN GA 147 16.61 -37.46 12.26
C ASN GA 147 15.79 -38.27 11.26
N ASN GA 148 15.64 -39.56 11.52
CA ASN GA 148 14.98 -40.46 10.59
C ASN GA 148 13.83 -41.23 11.23
N LEU GA 149 13.06 -40.58 12.10
CA LEU GA 149 11.88 -41.23 12.69
C LEU GA 149 10.58 -40.75 12.08
N THR GA 150 10.62 -39.95 11.02
CA THR GA 150 9.40 -39.61 10.32
C THR GA 150 9.27 -40.32 8.97
N THR GA 151 10.39 -40.71 8.36
CA THR GA 151 10.30 -41.53 7.16
C THR GA 151 9.77 -42.92 7.46
N THR GA 152 9.86 -43.38 8.71
CA THR GA 152 9.33 -44.67 9.11
C THR GA 152 8.01 -44.57 9.84
N VAL GA 153 7.44 -43.37 9.96
CA VAL GA 153 6.06 -43.19 10.36
C VAL GA 153 5.18 -42.81 9.17
N ASN GA 154 5.75 -42.14 8.17
CA ASN GA 154 4.99 -41.90 6.95
C ASN GA 154 4.81 -43.18 6.15
N ASN GA 155 5.80 -44.06 6.16
CA ASN GA 155 5.79 -45.27 5.35
C ASN GA 155 5.01 -46.41 5.97
N SER GA 156 4.68 -46.34 7.25
CA SER GA 156 4.18 -47.49 7.98
C SER GA 156 3.00 -47.12 8.86
N GLN GA 157 2.02 -46.42 8.31
CA GLN GA 157 0.80 -46.14 9.05
C GLN GA 157 -0.45 -46.69 8.38
N LEU GA 158 -0.44 -46.93 7.08
CA LEU GA 158 -1.54 -47.58 6.40
C LEU GA 158 -1.38 -49.09 6.36
N GLU GA 159 -0.23 -49.60 6.78
CA GLU GA 159 -0.05 -51.03 6.95
C GLU GA 159 -0.39 -51.48 8.35
N ILE GA 160 0.09 -50.75 9.37
CA ILE GA 160 -0.26 -51.09 10.73
C ILE GA 160 -1.75 -50.96 10.96
N GLN GA 161 -2.42 -50.05 10.27
CA GLN GA 161 -3.87 -50.03 10.15
C GLN GA 161 -4.41 -51.43 9.93
N GLN GA 162 -4.03 -52.04 8.80
CA GLN GA 162 -4.62 -53.31 8.40
C GLN GA 162 -4.13 -54.48 9.22
N MET GA 163 -2.84 -54.50 9.58
CA MET GA 163 -2.33 -55.57 10.43
C MET GA 163 -3.03 -55.57 11.78
N SER GA 164 -3.16 -54.40 12.42
CA SER GA 164 -3.84 -54.33 13.70
C SER GA 164 -5.31 -54.66 13.58
N ASN GA 165 -5.99 -54.22 12.52
CA ASN GA 165 -7.40 -54.60 12.41
C ASN GA 165 -7.56 -56.09 12.20
N THR GA 166 -6.83 -56.68 11.26
CA THR GA 166 -6.98 -58.10 10.97
C THR GA 166 -6.64 -58.97 12.17
N LEU GA 167 -5.58 -58.62 12.89
CA LEU GA 167 -5.09 -59.49 13.95
C LEU GA 167 -6.10 -59.58 15.09
N ASN GA 168 -6.70 -58.44 15.45
CA ASN GA 168 -7.85 -58.44 16.34
C ASN GA 168 -9.03 -59.20 15.77
N LEU GA 169 -9.34 -58.97 14.50
CA LEU GA 169 -10.51 -59.54 13.86
C LEU GA 169 -10.41 -61.05 13.80
N LEU GA 170 -9.21 -61.58 14.00
CA LEU GA 170 -8.93 -63.01 13.93
C LEU GA 170 -8.80 -63.65 15.31
N THR GA 171 -8.24 -62.93 16.29
CA THR GA 171 -8.35 -63.35 17.69
C THR GA 171 -9.81 -63.51 18.10
N SER GA 172 -10.62 -62.49 17.80
CA SER GA 172 -12.02 -62.52 18.21
C SER GA 172 -12.86 -63.50 17.41
N ALA GA 173 -12.31 -64.08 16.34
CA ALA GA 173 -13.00 -65.13 15.61
C ALA GA 173 -12.58 -66.52 16.05
N ARG GA 174 -11.36 -66.63 16.55
CA ARG GA 174 -10.85 -67.90 17.07
C ARG GA 174 -11.62 -68.21 18.36
N SER GA 175 -11.82 -67.16 19.15
CA SER GA 175 -12.52 -67.23 20.43
C SER GA 175 -13.98 -67.64 20.30
N ASP GA 176 -14.66 -67.11 19.29
CA ASP GA 176 -16.06 -67.41 19.08
C ASP GA 176 -16.17 -68.91 18.84
N MET GA 177 -15.20 -69.43 18.09
CA MET GA 177 -15.16 -70.86 17.79
C MET GA 177 -14.99 -71.69 19.06
N GLN GA 178 -14.18 -71.21 20.00
CA GLN GA 178 -13.95 -71.94 21.24
C GLN GA 178 -15.20 -71.95 22.12
N SER GA 179 -15.88 -70.82 22.22
CA SER GA 179 -17.11 -70.79 23.01
C SER GA 179 -18.18 -71.70 22.42
N LEU GA 180 -18.34 -71.69 21.10
CA LEU GA 180 -19.30 -72.58 20.47
C LEU GA 180 -18.94 -74.04 20.68
N GLN GA 181 -17.66 -74.38 20.57
CA GLN GA 181 -17.22 -75.75 20.81
C GLN GA 181 -17.56 -76.19 22.22
N TYR GA 182 -17.43 -75.29 23.20
CA TYR GA 182 -17.83 -75.65 24.56
C TYR GA 182 -19.33 -75.85 24.66
N ARG GA 183 -20.12 -74.89 24.15
CA ARG GA 183 -21.56 -74.97 24.36
C ARG GA 183 -22.21 -76.10 23.58
N THR GA 184 -21.58 -76.59 22.52
CA THR GA 184 -22.17 -77.71 21.77
C THR GA 184 -22.08 -79.02 22.54
N ILE GA 185 -20.96 -79.25 23.24
CA ILE GA 185 -20.76 -80.51 23.93
C ILE GA 185 -21.39 -80.50 25.32
N SER GA 186 -21.71 -79.33 25.86
CA SER GA 186 -22.34 -79.27 27.17
C SER GA 186 -23.76 -79.80 27.15
N GLY GA 187 -24.39 -79.89 25.99
CA GLY GA 187 -25.76 -80.32 25.86
C GLY GA 187 -25.98 -81.81 25.76
N ILE GA 188 -24.93 -82.61 25.88
CA ILE GA 188 -25.03 -84.07 25.85
C ILE GA 188 -25.04 -84.59 27.27
N SER GA 189 -26.15 -85.18 27.67
CA SER GA 189 -26.33 -85.72 29.02
C SER GA 189 -26.22 -87.24 28.97
N LEU GA 190 -25.31 -87.79 29.78
CA LEU GA 190 -25.03 -89.21 29.75
C LEU GA 190 -26.00 -89.94 30.68
N GLY GA 191 -26.59 -91.01 30.18
CA GLY GA 191 -27.47 -91.83 31.00
C GLY GA 191 -28.78 -91.19 31.38
N LYS GA 192 -29.27 -90.24 30.58
CA LYS GA 192 -30.55 -89.60 30.89
C LYS GA 192 -31.42 -89.53 29.64
N SER HA 19 15.05 -45.87 30.37
CA SER HA 19 13.78 -45.41 30.88
C SER HA 19 12.72 -46.50 30.77
N MET HA 20 13.04 -47.56 30.04
CA MET HA 20 12.15 -48.69 29.85
C MET HA 20 12.86 -49.98 30.22
N ALA HA 21 12.15 -51.09 30.05
CA ALA HA 21 12.65 -52.40 30.49
C ALA HA 21 13.73 -52.93 29.56
N TYR HA 22 13.43 -52.99 28.27
CA TYR HA 22 14.32 -53.65 27.31
C TYR HA 22 15.13 -52.59 26.56
N ASP HA 23 16.44 -52.80 26.52
CA ASP HA 23 17.37 -51.86 25.88
C ASP HA 23 17.65 -52.27 24.44
N LEU HA 24 16.68 -52.00 23.57
CA LEU HA 24 16.75 -52.41 22.17
C LEU HA 24 17.85 -51.70 21.40
N GLY HA 25 18.64 -50.84 22.04
CA GLY HA 25 19.68 -50.13 21.33
C GLY HA 25 20.91 -50.95 21.02
N SER HA 26 21.07 -52.09 21.69
CA SER HA 26 22.21 -52.96 21.47
C SER HA 26 21.85 -54.28 20.80
N MET HA 27 20.66 -54.82 21.07
CA MET HA 27 20.27 -56.10 20.52
C MET HA 27 20.20 -56.06 19.00
N SER HA 28 20.75 -57.11 18.38
CA SER HA 28 20.72 -57.20 16.93
C SER HA 28 19.31 -57.47 16.44
N LYS HA 29 19.15 -57.64 15.14
CA LYS HA 29 17.81 -57.85 14.60
C LYS HA 29 17.28 -59.23 14.95
N ASP HA 30 18.12 -60.26 14.85
CA ASP HA 30 17.67 -61.61 15.14
C ASP HA 30 17.46 -61.86 16.63
N ASP HA 31 17.87 -60.92 17.48
CA ASP HA 31 17.48 -60.95 18.89
C ASP HA 31 16.26 -60.11 19.17
N VAL HA 32 16.07 -59.02 18.45
CA VAL HA 32 14.85 -58.24 18.60
C VAL HA 32 13.65 -59.05 18.13
N ILE HA 33 13.78 -59.81 17.05
CA ILE HA 33 12.66 -60.62 16.58
C ILE HA 33 12.28 -61.68 17.61
N ASP HA 34 13.28 -62.35 18.20
CA ASP HA 34 12.99 -63.35 19.22
C ASP HA 34 12.40 -62.71 20.47
N LEU HA 35 12.85 -61.50 20.81
CA LEU HA 35 12.24 -60.78 21.92
C LEU HA 35 10.77 -60.48 21.64
N PHE HA 36 10.47 -59.95 20.46
CA PHE HA 36 9.09 -59.64 20.11
C PHE HA 36 8.23 -60.89 20.04
N ASN HA 37 8.81 -62.03 19.69
CA ASN HA 37 8.06 -63.28 19.75
C ASN HA 37 7.79 -63.70 21.18
N LYS HA 38 8.73 -63.43 22.11
CA LYS HA 38 8.45 -63.73 23.50
C LYS HA 38 7.29 -62.90 24.02
N LEU HA 39 7.22 -61.62 23.67
CA LEU HA 39 6.06 -60.79 23.97
C LEU HA 39 4.94 -61.14 23.00
N GLY HA 40 3.88 -60.36 23.01
CA GLY HA 40 2.76 -60.60 22.10
C GLY HA 40 2.99 -59.98 20.75
N VAL HA 41 1.88 -59.71 20.05
CA VAL HA 41 1.92 -58.93 18.83
C VAL HA 41 1.55 -57.48 19.07
N PHE HA 42 0.69 -57.19 20.04
CA PHE HA 42 0.33 -55.82 20.39
C PHE HA 42 1.39 -55.14 21.24
N GLN HA 43 2.02 -55.88 22.16
CA GLN HA 43 3.04 -55.25 22.96
C GLN HA 43 4.39 -55.16 22.26
N ALA HA 44 4.62 -55.96 21.22
CA ALA HA 44 5.74 -55.65 20.34
C ALA HA 44 5.54 -54.27 19.70
N ALA HA 45 4.30 -53.99 19.25
CA ALA HA 45 4.01 -52.68 18.71
C ALA HA 45 4.17 -51.60 19.75
N ILE HA 46 3.76 -51.85 20.99
CA ILE HA 46 3.90 -50.81 22.00
C ILE HA 46 5.37 -50.56 22.33
N LEU HA 47 6.22 -51.60 22.43
CA LEU HA 47 7.65 -51.31 22.59
C LEU HA 47 8.23 -50.57 21.40
N MET HA 48 7.86 -50.95 20.18
CA MET HA 48 8.43 -50.28 19.02
C MET HA 48 8.07 -48.80 19.03
N PHE HA 49 6.82 -48.48 19.36
CA PHE HA 49 6.42 -47.08 19.42
C PHE HA 49 7.03 -46.37 20.61
N ALA HA 50 7.21 -47.04 21.74
CA ALA HA 50 7.81 -46.38 22.90
C ALA HA 50 9.27 -46.07 22.66
N TYR HA 51 10.01 -46.97 22.02
CA TYR HA 51 11.40 -46.69 21.69
C TYR HA 51 11.51 -45.61 20.63
N MET HA 52 10.64 -45.60 19.63
CA MET HA 52 10.65 -44.50 18.67
C MET HA 52 10.35 -43.18 19.35
N TYR HA 53 9.42 -43.17 20.30
CA TYR HA 53 9.13 -41.94 21.05
C TYR HA 53 10.33 -41.50 21.87
N GLN HA 54 11.05 -42.43 22.51
CA GLN HA 54 12.25 -42.03 23.24
C GLN HA 54 13.30 -41.44 22.32
N ALA HA 55 13.52 -42.06 21.16
CA ALA HA 55 14.52 -41.52 20.24
C ALA HA 55 14.15 -40.12 19.77
N GLN HA 56 12.88 -39.92 19.41
CA GLN HA 56 12.45 -38.60 18.95
C GLN HA 56 12.52 -37.57 20.07
N SER HA 57 12.13 -37.95 21.30
CA SER HA 57 12.19 -36.98 22.39
C SER HA 57 13.64 -36.64 22.73
N ASP HA 58 14.55 -37.59 22.62
CA ASP HA 58 15.95 -37.29 22.87
C ASP HA 58 16.50 -36.33 21.82
N LEU HA 59 16.18 -36.53 20.54
CA LEU HA 59 16.57 -35.56 19.54
C LEU HA 59 16.05 -34.18 19.87
N SER HA 60 14.75 -34.08 20.14
CA SER HA 60 14.15 -32.77 20.35
C SER HA 60 14.72 -32.08 21.59
N ILE HA 61 14.92 -32.82 22.69
CA ILE HA 61 15.44 -32.20 23.90
C ILE HA 61 16.90 -31.80 23.72
N ALA HA 62 17.70 -32.61 23.04
CA ALA HA 62 19.06 -32.17 22.74
C ALA HA 62 19.07 -30.96 21.82
N LYS HA 63 18.00 -30.75 21.06
CA LYS HA 63 17.86 -29.50 20.31
C LYS HA 63 17.48 -28.34 21.23
N PHE HA 64 16.61 -28.58 22.21
CA PHE HA 64 16.14 -27.52 23.08
C PHE HA 64 17.22 -27.04 24.04
N ALA HA 65 18.26 -27.81 24.27
CA ALA HA 65 19.36 -27.40 25.13
C ALA HA 65 20.46 -26.67 24.37
N ASP HA 66 20.34 -26.55 23.06
CA ASP HA 66 21.21 -25.69 22.26
C ASP HA 66 20.64 -24.29 22.11
N MET HA 67 19.43 -24.05 22.60
CA MET HA 67 18.85 -22.71 22.59
C MET HA 67 18.88 -22.05 23.96
N ASN HA 68 18.79 -22.84 25.02
CA ASN HA 68 19.12 -22.30 26.33
C ASN HA 68 20.56 -21.83 26.41
N GLU HA 69 21.46 -22.32 25.56
CA GLU HA 69 22.78 -21.72 25.50
C GLU HA 69 22.70 -20.27 25.06
N ALA HA 70 21.90 -19.99 24.01
CA ALA HA 70 21.75 -18.63 23.54
C ALA HA 70 21.09 -17.74 24.59
N SER HA 71 20.04 -18.24 25.25
CA SER HA 71 19.40 -17.41 26.26
C SER HA 71 20.29 -17.21 27.49
N LYS HA 72 21.09 -18.21 27.87
CA LYS HA 72 22.03 -18.04 28.96
C LYS HA 72 23.07 -16.98 28.63
N GLU HA 73 23.61 -17.01 27.41
CA GLU HA 73 24.55 -15.98 27.00
C GLU HA 73 23.92 -14.61 27.05
N SER HA 74 22.67 -14.49 26.58
CA SER HA 74 22.02 -13.19 26.60
C SER HA 74 21.83 -12.68 28.02
N THR HA 75 21.39 -13.53 28.95
CA THR HA 75 21.18 -13.02 30.30
C THR HA 75 22.49 -12.67 31.00
N THR HA 76 23.56 -13.45 30.80
CA THR HA 76 24.82 -13.06 31.42
C THR HA 76 25.36 -11.76 30.82
N ALA HA 77 25.25 -11.58 29.51
CA ALA HA 77 25.71 -10.34 28.90
C ALA HA 77 24.90 -9.16 29.41
N GLN HA 78 23.59 -9.32 29.56
CA GLN HA 78 22.78 -8.23 30.09
C GLN HA 78 23.16 -7.90 31.52
N LYS HA 79 23.44 -8.91 32.35
CA LYS HA 79 23.87 -8.63 33.71
C LYS HA 79 25.17 -7.84 33.75
N MET HA 80 26.14 -8.24 32.92
CA MET HA 80 27.40 -7.49 32.87
C MET HA 80 27.18 -6.06 32.40
N ALA HA 81 26.37 -5.87 31.36
CA ALA HA 81 26.09 -4.51 30.89
C ALA HA 81 25.42 -3.67 31.97
N ASN HA 82 24.53 -4.27 32.76
CA ASN HA 82 23.91 -3.53 33.84
C ASN HA 82 24.89 -3.18 34.95
N LEU HA 83 25.88 -4.04 35.21
CA LEU HA 83 26.93 -3.65 36.17
C LEU HA 83 27.73 -2.46 35.64
N VAL HA 84 28.05 -2.45 34.35
CA VAL HA 84 28.78 -1.31 33.79
C VAL HA 84 27.92 -0.05 33.83
N ASP HA 85 26.61 -0.16 33.60
CA ASP HA 85 25.74 1.00 33.77
C ASP HA 85 25.70 1.49 35.21
N ALA HA 86 25.62 0.59 36.18
CA ALA HA 86 25.69 1.01 37.57
C ALA HA 86 26.99 1.74 37.87
N LYS HA 87 28.10 1.31 37.27
CA LYS HA 87 29.37 2.01 37.42
C LYS HA 87 29.38 3.38 36.77
N ILE HA 88 28.77 3.52 35.59
CA ILE HA 88 28.73 4.83 34.93
C ILE HA 88 27.88 5.82 35.73
N ALA HA 89 26.81 5.36 36.37
CA ALA HA 89 25.91 6.25 37.10
C ALA HA 89 26.54 6.88 38.33
N ASP HA 90 27.85 6.67 38.54
CA ASP HA 90 28.59 7.33 39.60
C ASP HA 90 29.76 8.14 39.08
N VAL HA 91 30.11 8.01 37.80
CA VAL HA 91 31.20 8.78 37.21
C VAL HA 91 30.57 9.83 36.31
N GLN HA 92 29.29 9.66 36.00
CA GLN HA 92 28.55 10.74 35.35
C GLN HA 92 28.16 11.81 36.36
N SER HA 93 27.79 11.41 37.57
CA SER HA 93 27.48 12.35 38.64
C SER HA 93 28.73 12.85 39.36
N SER HA 94 29.91 12.55 38.82
CA SER HA 94 31.15 12.97 39.45
C SER HA 94 31.40 14.45 39.18
N SER HA 95 31.65 15.21 40.25
CA SER HA 95 31.85 16.65 40.11
C SER HA 95 33.11 16.96 39.33
N ASP HA 96 34.12 16.09 39.40
CA ASP HA 96 35.41 16.33 38.78
C ASP HA 96 35.32 16.04 37.29
N LYS HA 97 36.46 15.95 36.62
CA LYS HA 97 36.48 15.41 35.26
C LYS HA 97 36.08 13.94 35.29
N ASN HA 98 35.35 13.50 34.28
CA ASN HA 98 34.76 12.15 34.31
C ASN HA 98 35.75 11.09 33.87
N ALA HA 99 36.95 11.07 34.46
CA ALA HA 99 37.86 9.94 34.30
C ALA HA 99 38.33 9.53 35.69
N LYS HA 100 37.48 8.80 36.40
CA LYS HA 100 37.83 8.05 37.62
C LYS HA 100 36.83 6.90 37.66
N ALA HA 101 37.21 5.76 37.07
CA ALA HA 101 36.28 4.67 36.93
C ALA HA 101 37.03 3.39 36.62
N GLN HA 102 36.51 2.29 37.16
CA GLN HA 102 36.99 0.95 36.87
C GLN HA 102 35.80 0.01 36.81
N LEU HA 103 35.90 -0.99 35.98
CA LEU HA 103 34.84 -1.97 35.94
C LEU HA 103 34.83 -2.79 37.22
N PRO HA 104 33.66 -3.24 37.68
CA PRO HA 104 33.63 -4.10 38.86
C PRO HA 104 34.29 -5.44 38.55
N ASP HA 105 34.87 -6.04 39.60
CA ASP HA 105 35.85 -7.11 39.42
C ASP HA 105 35.29 -8.30 38.65
N GLU HA 106 33.97 -8.46 38.62
CA GLU HA 106 33.38 -9.58 37.89
C GLU HA 106 33.31 -9.31 36.39
N VAL HA 107 33.12 -8.05 35.99
CA VAL HA 107 33.10 -7.74 34.57
C VAL HA 107 34.47 -7.95 33.93
N ILE HA 108 35.55 -7.68 34.67
CA ILE HA 108 36.89 -7.93 34.14
C ILE HA 108 37.06 -9.41 33.82
N SER HA 109 36.66 -10.28 34.75
CA SER HA 109 36.72 -11.70 34.47
C SER HA 109 35.75 -12.12 33.37
N TYR HA 110 34.67 -11.38 33.16
CA TYR HA 110 33.81 -11.67 32.01
C TYR HA 110 34.53 -11.41 30.70
N ILE HA 111 35.11 -10.22 30.53
CA ILE HA 111 35.82 -9.93 29.28
C ILE HA 111 37.05 -10.84 29.10
N ASN HA 112 37.85 -10.99 30.15
CA ASN HA 112 39.11 -11.73 30.01
C ASN HA 112 38.93 -13.22 29.78
N ASP HA 113 37.73 -13.75 29.97
CA ASP HA 113 37.50 -15.18 29.78
C ASP HA 113 37.57 -15.50 28.29
N PRO HA 114 38.13 -16.64 27.89
CA PRO HA 114 38.38 -16.88 26.45
C PRO HA 114 37.17 -17.32 25.65
N ARG HA 115 36.14 -17.89 26.27
CA ARG HA 115 35.06 -18.53 25.52
C ARG HA 115 33.94 -17.55 25.15
N ASN HA 116 34.24 -16.25 25.04
CA ASN HA 116 33.22 -15.26 24.73
C ASN HA 116 33.51 -14.43 23.50
N ASP HA 117 34.78 -14.27 23.10
CA ASP HA 117 35.16 -13.45 21.95
C ASP HA 117 34.53 -12.06 22.03
N ILE HA 118 34.95 -11.33 23.05
CA ILE HA 118 34.28 -10.10 23.47
C ILE HA 118 35.24 -8.90 23.33
N THR HA 119 36.05 -8.92 22.27
CA THR HA 119 36.89 -7.77 21.94
C THR HA 119 36.09 -6.47 21.96
N ILE HA 120 36.45 -5.54 22.84
CA ILE HA 120 35.60 -4.38 23.17
C ILE HA 120 36.29 -3.06 22.84
N SER HA 121 37.40 -2.76 23.53
CA SER HA 121 37.88 -1.39 23.60
C SER HA 121 38.94 -1.06 22.56
N GLY HA 122 39.93 -1.94 22.41
CA GLY HA 122 41.10 -1.58 21.65
C GLY HA 122 41.96 -0.56 22.37
N ILE HA 123 41.86 -0.50 23.70
CA ILE HA 123 42.57 0.49 24.50
C ILE HA 123 43.38 -0.26 25.56
N ASP HA 124 44.46 0.37 26.02
CA ASP HA 124 45.43 -0.28 26.87
C ASP HA 124 44.96 -0.33 28.32
N ASN HA 125 45.38 -1.39 29.02
CA ASN HA 125 45.41 -1.44 30.47
C ASN HA 125 44.02 -1.17 31.07
N ILE HA 126 43.13 -2.13 30.82
CA ILE HA 126 41.89 -2.17 31.60
C ILE HA 126 42.26 -2.36 33.07
N ASN HA 127 41.35 -1.99 33.96
CA ASN HA 127 41.44 -1.84 35.41
C ASN HA 127 42.12 -0.54 35.82
N ALA HA 128 42.78 0.18 34.91
CA ALA HA 128 43.33 1.49 35.26
C ALA HA 128 43.62 2.27 33.97
N GLN HA 129 42.73 3.18 33.60
CA GLN HA 129 41.35 3.28 34.05
C GLN HA 129 40.64 3.87 32.84
N LEU HA 130 39.31 3.72 32.72
CA LEU HA 130 38.63 4.11 31.49
C LEU HA 130 37.51 5.10 31.79
N GLY HA 131 37.89 6.38 31.97
CA GLY HA 131 37.02 7.52 31.80
C GLY HA 131 35.59 7.40 32.30
N ALA HA 132 34.68 8.10 31.62
CA ALA HA 132 33.25 7.79 31.68
C ALA HA 132 32.57 7.92 30.33
N GLY HA 133 33.28 8.34 29.28
CA GLY HA 133 32.69 8.50 27.97
C GLY HA 133 33.20 7.43 27.03
N ASP HA 134 34.27 6.75 27.44
CA ASP HA 134 34.73 5.55 26.76
C ASP HA 134 34.28 4.28 27.46
N LEU HA 135 33.70 4.39 28.66
CA LEU HA 135 33.03 3.27 29.29
C LEU HA 135 31.72 2.95 28.59
N GLN HA 136 31.17 3.92 27.86
CA GLN HA 136 30.00 3.67 27.03
C GLN HA 136 30.31 2.68 25.93
N THR HA 137 31.54 2.70 25.41
CA THR HA 137 31.94 1.72 24.42
C THR HA 137 31.94 0.30 25.00
N VAL HA 138 32.44 0.15 26.22
CA VAL HA 138 32.41 -1.16 26.86
C VAL HA 138 30.98 -1.63 27.08
N LYS HA 139 30.12 -0.73 27.58
CA LYS HA 139 28.74 -1.11 27.80
C LYS HA 139 28.05 -1.51 26.49
N ALA HA 140 28.28 -0.76 25.42
CA ALA HA 140 27.69 -1.09 24.14
C ALA HA 140 28.22 -2.39 23.56
N ALA HA 141 29.52 -2.64 23.66
CA ALA HA 141 30.08 -3.88 23.13
C ALA HA 141 29.73 -5.10 23.98
N ILE HA 142 29.37 -4.91 25.24
CA ILE HA 142 28.87 -6.04 26.04
C ILE HA 142 27.40 -6.29 25.75
N SER HA 143 26.59 -5.24 25.75
CA SER HA 143 25.16 -5.39 25.50
C SER HA 143 24.81 -5.49 24.02
N ALA HA 144 25.80 -5.58 23.13
CA ALA HA 144 25.51 -5.93 21.76
C ALA HA 144 25.60 -7.42 21.49
N LYS HA 145 26.25 -8.18 22.38
CA LYS HA 145 26.28 -9.64 22.27
C LYS HA 145 25.13 -10.26 23.03
N ALA HA 146 24.32 -9.45 23.70
CA ALA HA 146 23.10 -9.93 24.35
C ALA HA 146 21.92 -10.00 23.39
N ASN HA 147 22.06 -9.53 22.16
CA ASN HA 147 20.96 -9.46 21.21
C ASN HA 147 20.99 -10.63 20.24
N ASN HA 148 20.95 -11.85 20.77
CA ASN HA 148 21.07 -13.05 19.95
C ASN HA 148 19.90 -14.01 20.13
N LEU HA 149 18.68 -13.50 20.26
CA LEU HA 149 17.51 -14.37 20.36
C LEU HA 149 16.71 -14.41 19.08
N THR HA 150 17.20 -13.84 17.99
CA THR HA 150 16.54 -14.00 16.71
C THR HA 150 17.31 -14.92 15.77
N THR HA 151 18.62 -15.05 15.94
CA THR HA 151 19.35 -16.03 15.17
C THR HA 151 18.98 -17.45 15.56
N THR HA 152 18.43 -17.65 16.77
CA THR HA 152 18.00 -18.97 17.23
C THR HA 152 16.50 -19.15 17.13
N VAL HA 153 15.78 -18.19 16.58
CA VAL HA 153 14.40 -18.36 16.17
C VAL HA 153 14.29 -18.48 14.66
N ASN HA 154 15.19 -17.84 13.91
CA ASN HA 154 15.20 -18.04 12.48
C ASN HA 154 15.72 -19.43 12.13
N ASN HA 155 16.68 -19.95 12.89
CA ASN HA 155 17.32 -21.21 12.59
C ASN HA 155 16.53 -22.43 13.05
N SER HA 156 15.53 -22.25 13.90
CA SER HA 156 14.92 -23.36 14.60
C SER HA 156 13.40 -23.24 14.61
N GLN HA 157 12.79 -22.96 13.47
CA GLN HA 157 11.35 -22.96 13.39
C GLN HA 157 10.79 -23.96 12.40
N LEU HA 158 11.57 -24.39 11.40
CA LEU HA 158 11.15 -25.44 10.50
C LEU HA 158 11.56 -26.81 11.01
N GLU HA 159 12.35 -26.88 12.08
CA GLU HA 159 12.64 -28.14 12.74
C GLU HA 159 11.66 -28.43 13.84
N ILE HA 160 11.36 -27.45 14.69
CA ILE HA 160 10.37 -27.64 15.73
C ILE HA 160 9.01 -27.95 15.14
N GLN HA 161 8.70 -27.40 13.96
CA GLN HA 161 7.59 -27.84 13.15
C GLN HA 161 7.50 -29.36 13.12
N GLN HA 162 8.54 -30.00 12.58
CA GLN HA 162 8.49 -31.44 12.34
C GLN HA 162 8.64 -32.25 13.62
N MET HA 163 9.49 -31.82 14.55
CA MET HA 163 9.59 -32.53 15.81
C MET HA 163 8.27 -32.52 16.57
N SER HA 164 7.62 -31.36 16.66
CA SER HA 164 6.35 -31.28 17.35
C SER HA 164 5.26 -32.07 16.62
N ASN HA 165 5.23 -32.03 15.30
CA ASN HA 165 4.22 -32.83 14.62
C ASN HA 165 4.44 -34.32 14.82
N THR HA 166 5.67 -34.80 14.59
CA THR HA 166 5.94 -36.24 14.71
C THR HA 166 5.70 -36.74 16.12
N LEU HA 167 6.09 -35.97 17.13
CA LEU HA 167 6.06 -36.48 18.49
C LEU HA 167 4.61 -36.68 18.95
N ASN HA 168 3.73 -35.74 18.59
CA ASN HA 168 2.29 -35.93 18.76
C ASN HA 168 1.78 -37.10 17.93
N LEU HA 169 2.20 -37.18 16.68
CA LEU HA 169 1.70 -38.19 15.76
C LEU HA 169 2.06 -39.58 16.22
N LEU HA 170 3.02 -39.68 17.13
CA LEU HA 170 3.52 -40.95 17.64
C LEU HA 170 2.97 -41.28 19.03
N THR HA 171 2.76 -40.28 19.88
CA THR HA 171 1.95 -40.48 21.09
C THR HA 171 0.56 -41.00 20.75
N SER HA 172 -0.10 -40.34 19.79
CA SER HA 172 -1.46 -40.73 19.44
C SER HA 172 -1.53 -42.03 18.67
N ALA HA 173 -0.40 -42.59 18.24
CA ALA HA 173 -0.37 -43.90 17.63
C ALA HA 173 -0.04 -45.00 18.61
N ARG HA 174 0.70 -44.66 19.67
CA ARG HA 174 1.03 -45.61 20.71
C ARG HA 174 -0.27 -45.92 21.48
N SER HA 175 -1.05 -44.86 21.71
CA SER HA 175 -2.32 -44.94 22.43
C SER HA 175 -3.36 -45.78 21.73
N ASP HA 176 -3.43 -45.66 20.41
CA ASP HA 176 -4.41 -46.41 19.62
C ASP HA 176 -4.12 -47.88 19.83
N MET HA 177 -2.82 -48.21 19.87
CA MET HA 177 -2.38 -49.58 20.07
C MET HA 177 -2.83 -50.09 21.43
N GLN HA 178 -2.76 -49.24 22.46
CA GLN HA 178 -3.14 -49.66 23.81
C GLN HA 178 -4.65 -49.91 23.90
N SER HA 179 -5.45 -49.04 23.30
CA SER HA 179 -6.89 -49.25 23.33
C SER HA 179 -7.28 -50.53 22.60
N LEU HA 180 -6.68 -50.78 21.43
CA LEU HA 180 -6.97 -52.03 20.72
C LEU HA 180 -6.54 -53.25 21.52
N GLN HA 181 -5.38 -53.19 22.16
CA GLN HA 181 -4.92 -54.29 22.99
C GLN HA 181 -5.92 -54.59 24.10
N TYR HA 182 -6.51 -53.55 24.68
CA TYR HA 182 -7.54 -53.77 25.70
C TYR HA 182 -8.78 -54.40 25.10
N ARG HA 183 -9.30 -53.83 24.01
CA ARG HA 183 -10.56 -54.31 23.48
C ARG HA 183 -10.47 -55.69 22.87
N THR HA 184 -9.29 -56.14 22.47
CA THR HA 184 -9.16 -57.48 21.91
C THR HA 184 -9.32 -58.56 22.98
N ILE HA 185 -8.75 -58.33 24.16
CA ILE HA 185 -8.76 -59.35 25.21
C ILE HA 185 -10.04 -59.30 26.03
N SER HA 186 -10.80 -58.20 25.96
CA SER HA 186 -12.04 -58.12 26.69
C SER HA 186 -13.11 -59.06 26.13
N GLY HA 187 -12.96 -59.52 24.90
CA GLY HA 187 -13.94 -60.37 24.24
C GLY HA 187 -13.80 -61.84 24.50
N ILE HA 188 -12.88 -62.26 25.38
CA ILE HA 188 -12.70 -63.66 25.72
C ILE HA 188 -13.42 -63.92 27.05
N SER HA 189 -14.45 -64.76 26.99
CA SER HA 189 -15.25 -65.09 28.16
C SER HA 189 -14.88 -66.48 28.64
N LEU HA 190 -14.50 -66.60 29.90
CA LEU HA 190 -14.02 -67.84 30.47
C LEU HA 190 -15.20 -68.67 30.96
N GLY HA 191 -15.23 -69.95 30.59
CA GLY HA 191 -16.27 -70.84 31.07
C GLY HA 191 -17.65 -70.59 30.53
N LYS HA 192 -17.76 -69.97 29.35
CA LYS HA 192 -19.08 -69.72 28.77
C LYS HA 192 -19.11 -70.11 27.30
N SER IA 19 11.06 -14.95 37.79
CA SER IA 19 9.65 -14.81 37.44
C SER IA 19 9.03 -16.18 37.15
N MET IA 20 9.88 -17.20 37.02
CA MET IA 20 9.44 -18.56 36.77
C MET IA 20 10.03 -19.50 37.81
N ALA IA 21 9.73 -20.79 37.66
CA ALA IA 21 10.10 -21.79 38.65
C ALA IA 21 11.59 -22.12 38.58
N TYR IA 22 12.08 -22.47 37.40
CA TYR IA 22 13.44 -22.97 37.25
C TYR IA 22 14.34 -21.86 36.73
N ASP IA 23 15.47 -21.66 37.40
CA ASP IA 23 16.42 -20.60 37.07
C ASP IA 23 17.52 -21.14 36.14
N LEU IA 24 17.17 -21.33 34.87
CA LEU IA 24 18.07 -21.91 33.89
C LEU IA 24 19.29 -21.04 33.59
N GLY IA 25 19.42 -19.88 34.25
CA GLY IA 25 20.55 -19.01 33.98
C GLY IA 25 21.85 -19.47 34.57
N SER IA 26 21.82 -20.38 35.54
CA SER IA 26 23.01 -20.91 36.18
C SER IA 26 23.30 -22.35 35.85
N MET IA 27 22.27 -23.17 35.64
CA MET IA 27 22.47 -24.60 35.39
C MET IA 27 23.25 -24.82 34.11
N SER IA 28 24.21 -25.73 34.17
CA SER IA 28 25.01 -26.06 33.01
C SER IA 28 24.17 -26.83 32.00
N LYS IA 29 24.79 -27.25 30.90
CA LYS IA 29 24.03 -27.93 29.86
C LYS IA 29 23.64 -29.33 30.30
N ASP IA 30 24.55 -30.06 30.94
CA ASP IA 30 24.24 -31.42 31.36
C ASP IA 30 23.29 -31.47 32.54
N ASP IA 31 22.99 -30.34 33.16
CA ASP IA 31 21.91 -30.25 34.13
C ASP IA 31 20.61 -29.79 33.51
N VAL IA 32 20.67 -28.92 32.49
CA VAL IA 32 19.48 -28.54 31.78
C VAL IA 32 18.87 -29.74 31.05
N ILE IA 33 19.72 -30.60 30.47
CA ILE IA 33 19.19 -31.76 29.77
C ILE IA 33 18.49 -32.70 30.74
N ASP IA 34 19.09 -32.93 31.91
CA ASP IA 34 18.45 -33.80 32.90
C ASP IA 34 17.18 -33.17 33.44
N LEU IA 35 17.16 -31.85 33.58
CA LEU IA 35 15.92 -31.17 33.96
C LEU IA 35 14.83 -31.38 32.92
N PHE IA 36 15.15 -31.17 31.64
CA PHE IA 36 14.17 -31.35 30.59
C PHE IA 36 13.72 -32.79 30.48
N ASN IA 37 14.58 -33.75 30.82
CA ASN IA 37 14.13 -35.13 30.88
C ASN IA 37 13.19 -35.38 32.04
N LYS IA 38 13.40 -34.71 33.18
CA LYS IA 38 12.44 -34.83 34.26
C LYS IA 38 11.06 -34.32 33.86
N LEU IA 39 11.00 -33.20 33.16
CA LEU IA 39 9.75 -32.72 32.58
C LEU IA 39 9.44 -33.55 31.34
N GLY IA 40 8.43 -33.13 30.59
CA GLY IA 40 8.06 -33.83 29.37
C GLY IA 40 8.90 -33.40 28.19
N VAL IA 41 8.33 -33.59 27.00
CA VAL IA 41 8.91 -33.05 25.79
C VAL IA 41 8.24 -31.75 25.36
N PHE IA 42 6.95 -31.58 25.65
CA PHE IA 42 6.23 -30.35 25.34
C PHE IA 42 6.51 -29.26 26.35
N GLN IA 43 6.64 -29.62 27.63
CA GLN IA 43 6.92 -28.58 28.61
C GLN IA 43 8.40 -28.21 28.68
N ALA IA 44 9.30 -29.05 28.18
CA ALA IA 44 10.65 -28.56 27.91
C ALA IA 44 10.60 -27.44 26.88
N ALA IA 45 9.81 -27.62 25.84
CA ALA IA 45 9.65 -26.57 24.84
C ALA IA 45 9.02 -25.33 25.45
N ILE IA 46 8.04 -25.50 26.34
CA ILE IA 46 7.42 -24.30 26.92
C ILE IA 46 8.40 -23.58 27.85
N LEU IA 47 9.20 -24.28 28.66
CA LEU IA 47 10.23 -23.55 29.40
C LEU IA 47 11.24 -22.87 28.50
N MET IA 48 11.69 -23.54 27.44
CA MET IA 48 12.68 -22.93 26.57
C MET IA 48 12.14 -21.64 25.96
N PHE IA 49 10.89 -21.67 25.51
CA PHE IA 49 10.29 -20.47 24.94
C PHE IA 49 10.01 -19.41 26.00
N ALA IA 50 9.64 -19.81 27.22
CA ALA IA 50 9.37 -18.82 28.26
C ALA IA 50 10.65 -18.13 28.69
N TYR IA 51 11.76 -18.86 28.81
CA TYR IA 51 13.02 -18.22 29.15
C TYR IA 51 13.52 -17.35 28.01
N MET IA 52 13.36 -17.77 26.75
CA MET IA 52 13.73 -16.88 25.65
C MET IA 52 12.89 -15.63 25.66
N TYR IA 53 11.60 -15.74 25.98
CA TYR IA 53 10.75 -14.56 26.08
C TYR IA 53 11.20 -13.64 27.22
N GLN IA 54 11.59 -14.20 28.37
CA GLN IA 54 12.08 -13.34 29.44
C GLN IA 54 13.36 -12.62 29.03
N ALA IA 55 14.28 -13.32 28.37
CA ALA IA 55 15.52 -12.67 27.96
C ALA IA 55 15.25 -11.54 26.97
N GLN IA 56 14.38 -11.79 25.98
CA GLN IA 56 14.06 -10.76 25.01
C GLN IA 56 13.32 -9.58 25.66
N SER IA 57 12.39 -9.85 26.55
CA SER IA 57 11.68 -8.76 27.19
C SER IA 57 12.60 -7.94 28.08
N ASP IA 58 13.57 -8.58 28.74
CA ASP IA 58 14.52 -7.83 29.54
C ASP IA 58 15.38 -6.93 28.67
N LEU IA 59 15.87 -7.44 27.53
CA LEU IA 59 16.59 -6.57 26.61
C LEU IA 59 15.75 -5.37 26.21
N SER IA 60 14.52 -5.62 25.76
CA SER IA 60 13.70 -4.53 25.24
C SER IA 60 13.35 -3.52 26.33
N ILE IA 61 13.05 -3.97 27.55
CA ILE IA 61 12.69 -3.04 28.61
C ILE IA 61 13.91 -2.25 29.06
N ALA IA 62 15.08 -2.88 29.14
CA ALA IA 62 16.28 -2.11 29.45
C ALA IA 62 16.61 -1.12 28.34
N LYS IA 63 16.12 -1.36 27.11
CA LYS IA 63 16.21 -0.35 26.07
C LYS IA 63 15.20 0.77 26.29
N PHE IA 64 13.98 0.44 26.72
CA PHE IA 64 12.94 1.44 26.88
C PHE IA 64 13.21 2.38 28.05
N ALA IA 65 14.06 2.00 28.99
CA ALA IA 65 14.40 2.85 30.11
C ALA IA 65 15.60 3.74 29.82
N ASP IA 66 16.22 3.60 28.64
CA ASP IA 66 17.22 4.56 28.17
C ASP IA 66 16.62 5.67 27.34
N MET IA 67 15.31 5.62 27.08
CA MET IA 67 14.63 6.70 26.38
C MET IA 67 13.79 7.54 27.32
N ASN IA 68 13.25 6.95 28.38
CA ASN IA 68 12.70 7.77 29.45
C ASN IA 68 13.75 8.66 30.08
N GLU IA 69 15.03 8.33 29.98
CA GLU IA 69 16.05 9.28 30.40
C GLU IA 69 15.99 10.55 29.56
N ALA IA 70 15.87 10.40 28.24
CA ALA IA 70 15.78 11.56 27.37
C ALA IA 70 14.51 12.36 27.64
N SER IA 71 13.38 11.69 27.80
CA SER IA 71 12.15 12.44 28.07
C SER IA 71 12.16 13.09 29.45
N LYS IA 72 12.78 12.45 30.45
CA LYS IA 72 12.91 13.08 31.76
C LYS IA 72 13.76 14.34 31.68
N GLU IA 73 14.88 14.27 30.96
CA GLU IA 73 15.71 15.45 30.79
C GLU IA 73 14.94 16.56 30.09
N SER IA 74 14.15 16.22 29.07
CA SER IA 74 13.39 17.25 28.37
C SER IA 74 12.37 17.90 29.28
N THR IA 75 11.64 17.12 30.08
CA THR IA 75 10.64 17.75 30.93
C THR IA 75 11.26 18.59 32.04
N THR IA 76 12.36 18.15 32.64
CA THR IA 76 13.00 19.00 33.66
C THR IA 76 13.54 20.28 33.05
N ALA IA 77 14.17 20.20 31.86
CA ALA IA 77 14.66 21.41 31.23
C ALA IA 77 13.53 22.37 30.88
N GLN IA 78 12.40 21.84 30.41
CA GLN IA 78 11.26 22.70 30.11
C GLN IA 78 10.72 23.36 31.36
N LYS IA 79 10.66 22.63 32.48
CA LYS IA 79 10.21 23.24 33.72
C LYS IA 79 11.12 24.38 34.16
N MET IA 80 12.44 24.17 34.08
CA MET IA 80 13.37 25.24 34.44
C MET IA 80 13.21 26.45 33.52
N ALA IA 81 13.09 26.21 32.22
CA ALA IA 81 12.90 27.32 31.29
C ALA IA 81 11.62 28.08 31.58
N ASN IA 82 10.55 27.38 31.96
CA ASN IA 82 9.32 28.07 32.32
C ASN IA 82 9.45 28.87 33.61
N LEU IA 83 10.25 28.40 34.57
CA LEU IA 83 10.51 29.24 35.74
C LEU IA 83 11.26 30.52 35.36
N VAL IA 84 12.23 30.41 34.46
CA VAL IA 84 12.95 31.60 34.03
C VAL IA 84 12.02 32.55 33.25
N ASP IA 85 11.10 32.01 32.46
CA ASP IA 85 10.10 32.87 31.81
C ASP IA 85 9.19 33.55 32.82
N ALA IA 86 8.74 32.83 33.85
CA ALA IA 86 7.95 33.47 34.89
C ALA IA 86 8.73 34.60 35.57
N LYS IA 87 10.03 34.43 35.74
CA LYS IA 87 10.87 35.49 36.29
C LYS IA 87 11.01 36.69 35.35
N ILE IA 88 11.15 36.44 34.04
CA ILE IA 88 11.26 37.56 33.09
C ILE IA 88 9.96 38.36 33.03
N ALA IA 89 8.82 37.70 33.16
CA ALA IA 89 7.52 38.39 33.05
C ALA IA 89 7.25 39.37 34.17
N ASP IA 90 8.24 39.59 35.05
CA ASP IA 90 8.14 40.62 36.08
C ASP IA 90 9.26 41.64 36.00
N VAL IA 91 10.27 41.42 35.17
CA VAL IA 91 11.35 42.38 34.99
C VAL IA 91 11.17 43.04 33.63
N GLN IA 92 10.33 42.43 32.80
CA GLN IA 92 9.91 43.12 31.58
C GLN IA 92 8.85 44.17 31.88
N SER IA 93 7.94 43.88 32.82
CA SER IA 93 6.94 44.84 33.25
C SER IA 93 7.48 45.80 34.30
N SER IA 94 8.78 45.79 34.54
CA SER IA 94 9.38 46.66 35.54
C SER IA 94 9.49 48.08 35.00
N SER IA 95 8.97 49.04 35.77
CA SER IA 95 8.98 50.43 35.33
C SER IA 95 10.38 50.98 35.22
N ASP IA 96 11.31 50.48 36.04
CA ASP IA 96 12.67 51.00 36.10
C ASP IA 96 13.47 50.45 34.92
N LYS IA 97 14.79 50.61 34.96
CA LYS IA 97 15.65 49.88 34.03
C LYS IA 97 15.54 48.39 34.30
N ASN IA 98 15.58 47.59 33.24
CA ASN IA 98 15.31 46.16 33.37
C ASN IA 98 16.54 45.38 33.83
N ALA IA 99 17.19 45.82 34.90
CA ALA IA 99 18.21 45.01 35.57
C ALA IA 99 17.90 44.98 37.06
N LYS IA 100 16.92 44.16 37.43
CA LYS IA 100 16.65 43.75 38.81
C LYS IA 100 16.01 42.38 38.70
N ALA IA 101 16.84 41.33 38.76
CA ALA IA 101 16.33 39.99 38.51
C ALA IA 101 17.33 38.97 39.01
N GLN IA 102 16.79 37.87 39.53
CA GLN IA 102 17.57 36.71 39.92
C GLN IA 102 16.78 35.47 39.57
N LEU IA 103 17.49 34.41 39.24
CA LEU IA 103 16.82 33.16 38.97
C LEU IA 103 16.23 32.59 40.27
N PRO IA 104 15.10 31.90 40.20
CA PRO IA 104 14.57 31.26 41.40
C PRO IA 104 15.50 30.16 41.87
N ASP IA 105 15.48 29.94 43.19
CA ASP IA 105 16.56 29.21 43.85
C ASP IA 105 16.73 27.80 43.31
N GLU IA 106 15.68 27.23 42.68
CA GLU IA 106 15.80 25.89 42.12
C GLU IA 106 16.53 25.88 40.78
N VAL IA 107 16.40 26.94 39.98
CA VAL IA 107 17.11 27.00 38.72
C VAL IA 107 18.62 27.10 38.95
N ILE IA 108 19.04 27.82 40.00
CA ILE IA 108 20.47 27.89 40.30
C ILE IA 108 21.03 26.50 40.57
N SER IA 109 20.34 25.72 41.39
CA SER IA 109 20.79 24.35 41.61
C SER IA 109 20.67 23.49 40.36
N TYR IA 110 19.77 23.82 39.44
CA TYR IA 110 19.76 23.11 38.16
C TYR IA 110 21.04 23.36 37.37
N ILE IA 111 21.41 24.63 37.16
CA ILE IA 111 22.64 24.90 36.40
C ILE IA 111 23.88 24.39 37.14
N ASN IA 112 23.98 24.65 38.44
CA ASN IA 112 25.21 24.33 39.16
C ASN IA 112 25.42 22.83 39.35
N ASP IA 113 24.43 22.00 39.07
CA ASP IA 113 24.60 20.56 39.21
C ASP IA 113 25.53 20.04 38.12
N PRO IA 114 26.40 19.07 38.42
CA PRO IA 114 27.44 18.69 37.44
C PRO IA 114 26.97 17.78 36.32
N ARG IA 115 25.89 17.03 36.49
CA ARG IA 115 25.52 15.99 35.53
C ARG IA 115 24.65 16.50 34.39
N ASN IA 116 24.74 17.79 34.06
CA ASN IA 116 23.91 18.37 33.02
C ASN IA 116 24.70 19.05 31.90
N ASP IA 117 25.93 19.52 32.15
CA ASP IA 117 26.74 20.21 31.15
C ASP IA 117 25.95 21.34 30.49
N ILE IA 118 25.60 22.32 31.32
CA ILE IA 118 24.63 23.35 30.96
C ILE IA 118 25.28 24.72 30.95
N THR IA 119 26.53 24.79 30.49
CA THR IA 119 27.21 26.07 30.29
C THR IA 119 26.34 27.05 29.52
N ILE IA 120 25.98 28.18 30.14
CA ILE IA 120 24.93 29.06 29.64
C ILE IA 120 25.45 30.46 29.33
N SER IA 121 25.91 31.18 30.34
CA SER IA 121 26.04 32.63 30.23
C SER IA 121 27.43 33.09 29.81
N GLY IA 122 28.46 32.53 30.43
CA GLY IA 122 29.78 33.11 30.29
C GLY IA 122 29.91 34.44 31.01
N ILE IA 123 29.08 34.67 32.02
CA ILE IA 123 29.06 35.95 32.73
C ILE IA 123 29.25 35.66 34.22
N ASP IA 124 29.77 36.66 34.92
CA ASP IA 124 30.20 36.47 36.31
C ASP IA 124 29.02 36.52 37.27
N ASN IA 125 29.15 35.77 38.36
CA ASN IA 125 28.37 35.97 39.59
C ASN IA 125 26.87 35.89 39.31
N ILE IA 126 26.43 34.69 38.94
CA ILE IA 126 25.01 34.40 38.98
C ILE IA 126 24.52 34.58 40.42
N ASN IA 127 23.22 34.79 40.57
CA ASN IA 127 22.47 35.19 41.76
C ASN IA 127 22.59 36.68 42.05
N ALA IA 128 23.50 37.42 41.42
CA ALA IA 128 23.54 38.87 41.59
C ALA IA 128 24.36 39.47 40.44
N GLN IA 129 23.69 40.00 39.42
CA GLN IA 129 22.30 39.76 39.08
C GLN IA 129 22.29 39.91 37.56
N LEU IA 130 21.31 39.34 36.86
CA LEU IA 130 21.36 39.30 35.39
C LEU IA 130 20.12 39.95 34.79
N GLY IA 131 20.11 41.28 34.75
CA GLY IA 131 19.31 42.07 33.83
C GLY IA 131 17.89 41.61 33.57
N ALA IA 132 17.41 41.87 32.35
CA ALA IA 132 16.27 41.17 31.79
C ALA IA 132 16.44 40.87 30.31
N GLY IA 133 17.52 41.31 29.68
CA GLY IA 133 17.74 41.06 28.28
C GLY IA 133 18.86 40.06 28.07
N ASP IA 134 19.61 39.81 29.14
CA ASP IA 134 20.57 38.71 29.17
C ASP IA 134 20.02 37.49 29.91
N LEU IA 135 18.87 37.62 30.57
CA LEU IA 135 18.15 36.47 31.08
C LEU IA 135 17.54 35.66 29.96
N GLN IA 136 17.32 36.29 28.80
CA GLN IA 136 16.87 35.56 27.62
C GLN IA 136 17.91 34.55 27.18
N THR IA 137 19.20 34.86 27.36
CA THR IA 137 20.23 33.89 27.03
C THR IA 137 20.14 32.65 27.93
N VAL IA 138 19.90 32.85 29.22
CA VAL IA 138 19.74 31.72 30.13
C VAL IA 138 18.53 30.89 29.74
N LYS IA 139 17.40 31.55 29.45
CA LYS IA 139 16.21 30.81 29.05
C LYS IA 139 16.45 30.02 27.77
N ALA IA 140 17.10 30.62 26.78
CA ALA IA 140 17.38 29.92 25.54
C ALA IA 140 18.36 28.77 25.72
N ALA IA 141 19.40 28.94 26.52
CA ALA IA 141 20.35 27.87 26.75
C ALA IA 141 19.81 26.75 27.62
N ILE IA 142 18.77 27.02 28.43
CA ILE IA 142 18.12 25.94 29.16
C ILE IA 142 17.12 25.22 28.27
N SER IA 143 16.28 25.96 27.55
CA SER IA 143 15.28 25.35 26.70
C SER IA 143 15.83 24.90 25.35
N ALA IA 144 17.14 24.98 25.14
CA ALA IA 144 17.73 24.34 23.98
C ALA IA 144 18.20 22.92 24.25
N LYS IA 145 18.36 22.54 25.51
CA LYS IA 145 18.68 21.17 25.88
C LYS IA 145 17.43 20.35 26.12
N ALA IA 146 16.26 20.98 26.03
CA ALA IA 146 14.99 20.27 26.09
C ALA IA 146 14.58 19.69 24.75
N ASN IA 147 15.30 19.98 23.68
CA ASN IA 147 14.91 19.56 22.34
C ASN IA 147 15.67 18.30 21.90
N ASN IA 148 15.54 17.23 22.68
CA ASN IA 148 16.30 16.01 22.44
C ASN IA 148 15.40 14.78 22.30
N LEU IA 149 14.24 14.92 21.65
CA LEU IA 149 13.38 13.77 21.41
C LEU IA 149 13.45 13.28 19.97
N THR IA 150 14.35 13.79 19.16
CA THR IA 150 14.55 13.23 17.83
C THR IA 150 15.86 12.45 17.72
N THR IA 151 16.85 12.75 18.55
CA THR IA 151 18.04 11.92 18.57
C THR IA 151 17.75 10.54 19.15
N THR IA 152 16.67 10.38 19.92
CA THR IA 152 16.29 9.10 20.47
C THR IA 152 15.15 8.44 19.70
N VAL IA 153 14.70 9.06 18.61
CA VAL IA 153 13.84 8.39 17.64
C VAL IA 153 14.61 8.01 16.39
N ASN IA 154 15.64 8.77 16.03
CA ASN IA 154 16.49 8.35 14.94
C ASN IA 154 17.33 7.14 15.31
N ASN IA 155 17.78 7.06 16.56
CA ASN IA 155 18.68 6.02 17.01
C ASN IA 155 17.97 4.72 17.37
N SER IA 156 16.66 4.72 17.51
CA SER IA 156 15.95 3.60 18.11
C SER IA 156 14.69 3.26 17.35
N GLN IA 157 14.78 3.16 16.02
CA GLN IA 157 13.64 2.71 15.23
C GLN IA 157 13.91 1.44 14.45
N LEU IA 158 15.16 1.11 14.16
CA LEU IA 158 15.50 -0.15 13.53
C LEU IA 158 15.79 -1.24 14.56
N GLU IA 159 15.84 -0.88 15.84
CA GLU IA 159 15.93 -1.86 16.89
C GLU IA 159 14.56 -2.26 17.41
N ILE IA 160 13.68 -1.29 17.65
CA ILE IA 160 12.33 -1.61 18.07
C ILE IA 160 11.60 -2.40 17.01
N GLN IA 161 11.91 -2.17 15.73
CA GLN IA 161 11.52 -3.05 14.64
C GLN IA 161 11.73 -4.50 15.03
N GLN IA 162 12.97 -4.88 15.30
CA GLN IA 162 13.31 -6.28 15.51
C GLN IA 162 12.86 -6.80 16.86
N MET IA 163 12.95 -5.99 17.91
CA MET IA 163 12.46 -6.42 19.21
C MET IA 163 10.97 -6.69 19.18
N SER IA 164 10.19 -5.78 18.59
CA SER IA 164 8.76 -5.98 18.48
C SER IA 164 8.40 -7.16 17.60
N ASN IA 165 9.11 -7.35 16.49
CA ASN IA 165 8.80 -8.51 15.67
C ASN IA 165 9.11 -9.81 16.39
N THR IA 166 10.32 -9.94 16.96
CA THR IA 166 10.72 -11.17 17.62
C THR IA 166 9.81 -11.50 18.81
N LEU IA 167 9.45 -10.49 19.59
CA LEU IA 167 8.75 -10.75 20.84
C LEU IA 167 7.35 -11.30 20.55
N ASN IA 168 6.68 -10.75 19.54
CA ASN IA 168 5.43 -11.34 19.03
C ASN IA 168 5.67 -12.72 18.46
N LEU IA 169 6.73 -12.88 17.66
CA LEU IA 169 7.00 -14.12 16.96
C LEU IA 169 7.27 -15.25 17.93
N LEU IA 170 7.56 -14.91 19.18
CA LEU IA 170 7.89 -15.86 20.23
C LEU IA 170 6.73 -16.12 21.18
N THR IA 171 5.92 -15.10 21.47
CA THR IA 171 4.64 -15.34 22.13
C THR IA 171 3.77 -16.30 21.32
N SER IA 172 3.66 -16.04 20.01
CA SER IA 172 2.80 -16.87 19.17
C SER IA 172 3.38 -18.24 18.89
N ALA IA 173 4.64 -18.48 19.27
CA ALA IA 173 5.22 -19.81 19.17
C ALA IA 173 5.12 -20.59 20.47
N ARG IA 174 5.09 -19.88 21.59
CA ARG IA 174 4.92 -20.49 22.89
C ARG IA 174 3.51 -21.06 22.98
N SER IA 175 2.56 -20.26 22.46
CA SER IA 175 1.14 -20.60 22.45
C SER IA 175 0.82 -21.82 21.59
N ASP IA 176 1.47 -21.94 20.46
CA ASP IA 176 1.23 -23.06 19.56
C ASP IA 176 1.61 -24.33 20.31
N MET IA 177 2.69 -24.24 21.08
CA MET IA 177 3.16 -25.36 21.87
C MET IA 177 2.14 -25.76 22.92
N GLN IA 178 1.49 -24.77 23.53
CA GLN IA 178 0.49 -25.07 24.57
C GLN IA 178 -0.74 -25.73 23.98
N SER IA 179 -1.22 -25.24 22.83
CA SER IA 179 -2.38 -25.88 22.20
C SER IA 179 -2.08 -27.32 21.80
N LEU IA 180 -0.90 -27.57 21.22
CA LEU IA 180 -0.53 -28.93 20.86
C LEU IA 180 -0.42 -29.82 22.08
N GLN IA 181 0.15 -29.32 23.17
CA GLN IA 181 0.25 -30.08 24.41
C GLN IA 181 -1.12 -30.48 24.91
N TYR IA 182 -2.10 -29.58 24.79
CA TYR IA 182 -3.46 -29.94 25.17
C TYR IA 182 -4.04 -31.00 24.26
N ARG IA 183 -3.94 -30.80 22.95
CA ARG IA 183 -4.62 -31.72 22.02
C ARG IA 183 -3.98 -33.09 21.99
N THR IA 184 -2.71 -33.22 22.38
CA THR IA 184 -2.07 -34.53 22.39
C THR IA 184 -2.60 -35.41 23.51
N ILE IA 185 -2.84 -34.83 24.68
CA ILE IA 185 -3.26 -35.62 25.83
C ILE IA 185 -4.77 -35.83 25.85
N SER IA 186 -5.52 -35.04 25.10
CA SER IA 186 -6.97 -35.22 25.04
C SER IA 186 -7.36 -36.52 24.35
N GLY IA 187 -6.48 -37.11 23.56
CA GLY IA 187 -6.78 -38.30 22.79
C GLY IA 187 -6.56 -39.61 23.52
N ILE IA 188 -6.23 -39.57 24.81
CA ILE IA 188 -6.05 -40.79 25.60
C ILE IA 188 -7.32 -41.03 26.40
N SER IA 189 -8.00 -42.14 26.10
CA SER IA 189 -9.24 -42.50 26.75
C SER IA 189 -8.97 -43.63 27.75
N LEU IA 190 -9.35 -43.41 29.01
CA LEU IA 190 -9.06 -44.34 30.08
C LEU IA 190 -10.16 -45.40 30.15
N GLY IA 191 -9.77 -46.66 30.19
CA GLY IA 191 -10.72 -47.74 30.35
C GLY IA 191 -11.59 -48.00 29.14
N LYS IA 192 -11.14 -47.66 27.94
CA LYS IA 192 -11.92 -47.90 26.74
C LYS IA 192 -11.07 -48.52 25.65
N SER JA 19 -1.47 14.12 32.53
CA SER JA 19 -2.44 13.75 31.51
C SER JA 19 -2.56 12.24 31.38
N MET JA 20 -1.63 11.53 32.01
CA MET JA 20 -1.62 10.08 32.00
C MET JA 20 -1.56 9.55 33.42
N ALA JA 21 -1.51 8.21 33.52
CA ALA JA 21 -1.58 7.55 34.83
C ALA JA 21 -0.29 7.68 35.60
N TYR JA 22 0.84 7.30 35.00
CA TYR JA 22 2.10 7.22 35.69
C TYR JA 22 2.95 8.45 35.38
N ASP JA 23 3.46 9.09 36.43
CA ASP JA 23 4.24 10.32 36.31
C ASP JA 23 5.74 9.99 36.25
N LEU JA 24 6.19 9.50 35.10
CA LEU JA 24 7.57 9.07 34.93
C LEU JA 24 8.58 10.21 35.02
N GLY JA 25 8.13 11.44 35.28
CA GLY JA 25 9.06 12.56 35.36
C GLY JA 25 9.86 12.62 36.63
N SER JA 26 9.44 11.91 37.67
CA SER JA 26 10.14 11.89 38.94
C SER JA 26 10.81 10.56 39.25
N MET JA 27 10.22 9.45 38.82
CA MET JA 27 10.75 8.13 39.13
C MET JA 27 12.15 7.95 38.55
N SER JA 28 13.05 7.39 39.35
CA SER JA 28 14.40 7.14 38.90
C SER JA 28 14.41 6.00 37.88
N LYS JA 29 15.59 5.61 37.42
CA LYS JA 29 15.66 4.57 36.41
C LYS JA 29 15.33 3.20 37.00
N ASP JA 30 15.83 2.90 38.19
CA ASP JA 30 15.58 1.60 38.79
C ASP JA 30 14.16 1.45 39.29
N ASP JA 31 13.38 2.53 39.31
CA ASP JA 31 11.95 2.45 39.54
C ASP JA 31 11.16 2.39 38.25
N VAL JA 32 11.64 3.05 37.19
CA VAL JA 32 10.99 2.92 35.90
C VAL JA 32 11.10 1.50 35.37
N ILE JA 33 12.26 0.86 35.57
CA ILE JA 33 12.41 -0.51 35.09
C ILE JA 33 11.46 -1.45 35.82
N ASP JA 34 11.33 -1.30 37.14
CA ASP JA 34 10.40 -2.14 37.89
C ASP JA 34 8.96 -1.85 37.51
N LEU JA 35 8.65 -0.60 37.21
CA LEU JA 35 7.32 -0.26 36.70
C LEU JA 35 7.04 -0.96 35.39
N PHE JA 36 7.98 -0.88 34.44
CA PHE JA 36 7.80 -1.52 33.14
C PHE JA 36 7.73 -3.03 33.26
N ASN JA 37 8.39 -3.61 34.26
CA ASN JA 37 8.24 -5.03 34.50
C ASN JA 37 6.86 -5.36 35.06
N LYS JA 38 6.29 -4.47 35.88
CA LYS JA 38 4.92 -4.70 36.33
C LYS JA 38 3.94 -4.71 35.17
N LEU JA 39 4.09 -3.79 34.23
CA LEU JA 39 3.31 -3.81 32.99
C LEU JA 39 3.89 -4.89 32.08
N GLY JA 40 3.42 -4.93 30.84
CA GLY JA 40 3.91 -5.89 29.87
C GLY JA 40 5.17 -5.42 29.20
N VAL JA 41 5.42 -5.97 28.01
CA VAL JA 41 6.47 -5.48 27.14
C VAL JA 41 5.94 -4.54 26.07
N PHE JA 42 4.70 -4.73 25.62
CA PHE JA 42 4.09 -3.83 24.63
C PHE JA 42 3.57 -2.55 25.27
N GLN JA 43 3.02 -2.65 26.48
CA GLN JA 43 2.54 -1.43 27.12
C GLN JA 43 3.64 -0.62 27.79
N ALA JA 44 4.79 -1.22 28.08
CA ALA JA 44 5.94 -0.39 28.38
C ALA JA 44 6.30 0.48 27.19
N ALA JA 45 6.27 -0.11 25.99
CA ALA JA 45 6.52 0.68 24.79
C ALA JA 45 5.46 1.74 24.59
N ILE JA 46 4.19 1.43 24.88
CA ILE JA 46 3.17 2.46 24.70
C ILE JA 46 3.33 3.60 25.71
N LEU JA 47 3.65 3.32 26.98
CA LEU JA 47 3.95 4.43 27.89
C LEU JA 47 5.17 5.22 27.44
N MET JA 48 6.23 4.55 27.00
CA MET JA 48 7.43 5.29 26.61
C MET JA 48 7.10 6.24 25.46
N PHE JA 49 6.34 5.76 24.47
CA PHE JA 49 5.97 6.61 23.35
C PHE JA 49 4.97 7.69 23.76
N ALA JA 50 4.06 7.40 24.68
CA ALA JA 50 3.11 8.42 25.10
C ALA JA 50 3.79 9.53 25.87
N TYR JA 51 4.75 9.19 26.73
CA TYR JA 51 5.49 10.24 27.45
C TYR JA 51 6.38 11.03 26.51
N MET JA 52 7.02 10.37 25.54
CA MET JA 52 7.78 11.13 24.56
C MET JA 52 6.88 12.06 23.75
N TYR JA 53 5.66 11.62 23.41
CA TYR JA 53 4.72 12.49 22.73
C TYR JA 53 4.31 13.67 23.59
N GLN JA 54 4.08 13.45 24.89
CA GLN JA 54 3.75 14.58 25.75
C GLN JA 54 4.89 15.57 25.84
N ALA JA 55 6.13 15.09 25.97
CA ALA JA 55 7.26 16.02 26.05
C ALA JA 55 7.40 16.82 24.77
N GLN JA 56 7.27 16.17 23.61
CA GLN JA 56 7.39 16.88 22.35
C GLN JA 56 6.24 17.87 22.15
N SER JA 57 5.01 17.48 22.51
CA SER JA 57 3.90 18.39 22.35
C SER JA 57 4.02 19.58 23.28
N ASP JA 58 4.56 19.38 24.49
CA ASP JA 58 4.76 20.51 25.38
C ASP JA 58 5.80 21.48 24.84
N LEU JA 59 6.91 20.96 24.29
CA LEU JA 59 7.87 21.85 23.64
C LEU JA 59 7.20 22.66 22.54
N SER JA 60 6.50 21.97 21.64
CA SER JA 60 5.93 22.66 20.49
C SER JA 60 4.88 23.68 20.90
N ILE JA 61 4.03 23.35 21.87
CA ILE JA 61 2.99 24.31 22.27
C ILE JA 61 3.61 25.49 23.02
N ALA JA 62 4.61 25.26 23.85
CA ALA JA 62 5.29 26.41 24.46
C ALA JA 62 6.00 27.25 23.41
N LYS JA 63 6.34 26.67 22.25
CA LYS JA 63 6.82 27.49 21.14
C LYS JA 63 5.69 28.26 20.48
N PHE JA 64 4.52 27.66 20.33
CA PHE JA 64 3.40 28.31 19.65
C PHE JA 64 2.82 29.45 20.45
N ALA JA 65 3.06 29.50 21.76
CA ALA JA 65 2.57 30.60 22.57
C ALA JA 65 3.56 31.75 22.66
N ASP JA 66 4.74 31.62 22.06
CA ASP JA 66 5.66 32.73 21.88
C ASP JA 66 5.44 33.47 20.57
N MET JA 67 4.54 32.98 19.72
CA MET JA 67 4.18 33.66 18.49
C MET JA 67 2.84 34.36 18.57
N ASN JA 68 1.91 33.82 19.36
CA ASN JA 68 0.73 34.58 19.72
C ASN JA 68 1.09 35.85 20.49
N GLU JA 69 2.25 35.91 21.13
CA GLU JA 69 2.69 37.19 21.70
C GLU JA 69 2.89 38.21 20.60
N ALA JA 70 3.55 37.83 19.51
CA ALA JA 70 3.77 38.75 18.40
C ALA JA 70 2.45 39.15 17.75
N SER JA 71 1.55 38.20 17.53
CA SER JA 71 0.28 38.59 16.91
C SER JA 71 -0.59 39.43 17.85
N LYS JA 72 -0.54 39.17 19.16
CA LYS JA 72 -1.26 40.02 20.10
C LYS JA 72 -0.73 41.44 20.08
N GLU JA 73 0.60 41.59 20.07
CA GLU JA 73 1.17 42.93 19.99
C GLU JA 73 0.74 43.64 18.70
N SER JA 74 0.73 42.91 17.59
CA SER JA 74 0.33 43.52 16.33
C SER JA 74 -1.13 43.98 16.37
N THR JA 75 -2.02 43.16 16.89
CA THR JA 75 -3.42 43.57 16.90
C THR JA 75 -3.67 44.74 17.84
N THR JA 76 -3.03 44.76 19.02
CA THR JA 76 -3.22 45.91 19.90
C THR JA 76 -2.66 47.19 19.30
N ALA JA 77 -1.48 47.10 18.66
CA ALA JA 77 -0.91 48.28 18.03
C ALA JA 77 -1.81 48.78 16.90
N GLN JA 78 -2.38 47.87 16.11
CA GLN JA 78 -3.28 48.28 15.04
C GLN JA 78 -4.53 48.94 15.61
N LYS JA 79 -5.08 48.43 16.71
CA LYS JA 79 -6.24 49.06 17.31
C LYS JA 79 -5.93 50.48 17.78
N MET JA 80 -4.78 50.67 18.42
CA MET JA 80 -4.40 52.01 18.86
C MET JA 80 -4.22 52.95 17.66
N ALA JA 81 -3.56 52.48 16.61
CA ALA JA 81 -3.38 53.31 15.43
C ALA JA 81 -4.70 53.68 14.80
N ASN JA 82 -5.67 52.77 14.80
CA ASN JA 82 -6.98 53.10 14.27
C ASN JA 82 -7.73 54.10 15.14
N LEU JA 83 -7.53 54.07 16.47
CA LEU JA 83 -8.11 55.12 17.30
C LEU JA 83 -7.50 56.48 16.97
N VAL JA 84 -6.19 56.53 16.75
CA VAL JA 84 -5.56 57.79 16.40
C VAL JA 84 -6.04 58.27 15.02
N ASP JA 85 -6.27 57.35 14.08
CA ASP JA 85 -6.86 57.75 12.80
C ASP JA 85 -8.28 58.28 12.96
N ALA JA 86 -9.10 57.64 13.79
CA ALA JA 86 -10.43 58.18 14.06
C ALA JA 86 -10.35 59.57 14.65
N LYS JA 87 -9.36 59.84 15.50
CA LYS JA 87 -9.16 61.19 16.03
C LYS JA 87 -8.72 62.20 14.98
N ILE JA 88 -7.85 61.80 14.06
CA ILE JA 88 -7.41 62.72 13.00
C ILE JA 88 -8.57 63.08 12.07
N ALA JA 89 -9.46 62.12 11.81
CA ALA JA 89 -10.57 62.36 10.87
C ALA JA 89 -11.57 63.38 11.36
N ASP JA 90 -11.31 64.03 12.49
CA ASP JA 90 -12.12 65.13 12.97
C ASP JA 90 -11.34 66.43 13.15
N VAL JA 91 -10.01 66.39 13.04
CA VAL JA 91 -9.19 67.58 13.15
C VAL JA 91 -8.69 67.92 11.75
N GLN JA 92 -8.82 66.97 10.83
CA GLN JA 92 -8.60 67.28 9.42
C GLN JA 92 -9.80 68.00 8.83
N SER JA 93 -11.01 67.61 9.23
CA SER JA 93 -12.23 68.28 8.80
C SER JA 93 -12.53 69.51 9.64
N SER JA 94 -11.59 69.94 10.48
CA SER JA 94 -11.81 71.10 11.33
C SER JA 94 -11.66 72.38 10.52
N SER JA 95 -12.67 73.25 10.60
CA SER JA 95 -12.65 74.48 9.81
C SER JA 95 -11.53 75.42 10.26
N ASP JA 96 -11.15 75.36 11.53
CA ASP JA 96 -10.16 76.25 12.11
C ASP JA 96 -8.77 75.79 11.70
N LYS JA 97 -7.74 76.35 12.35
CA LYS JA 97 -6.40 75.78 12.23
C LYS JA 97 -6.39 74.38 12.85
N ASN JA 98 -5.64 73.47 12.24
CA ASN JA 98 -5.69 72.07 12.64
C ASN JA 98 -4.82 71.78 13.86
N ALA JA 99 -4.96 72.57 14.93
CA ALA JA 99 -4.36 72.22 16.22
C ALA JA 99 -5.45 72.35 17.28
N LYS JA 100 -6.32 71.34 17.35
CA LYS JA 100 -7.23 71.10 18.48
C LYS JA 100 -7.46 69.60 18.48
N ALA JA 101 -6.65 68.88 19.24
CA ALA JA 101 -6.69 67.43 19.20
C ALA JA 101 -5.99 66.85 20.41
N GLN JA 102 -6.54 65.74 20.89
CA GLN JA 102 -5.92 64.96 21.94
C GLN JA 102 -6.17 63.48 21.65
N LEU JA 103 -5.23 62.66 22.04
CA LEU JA 103 -5.43 61.23 21.86
C LEU JA 103 -6.53 60.74 22.80
N PRO JA 104 -7.30 59.73 22.39
CA PRO JA 104 -8.29 59.17 23.30
C PRO JA 104 -7.61 58.49 24.49
N ASP JA 105 -8.32 58.50 25.62
CA ASP JA 105 -7.69 58.23 26.90
C ASP JA 105 -7.01 56.87 26.97
N GLU JA 106 -7.41 55.93 26.11
CA GLU JA 106 -6.80 54.61 26.12
C GLU JA 106 -5.45 54.61 25.40
N VAL JA 107 -5.30 55.43 24.36
CA VAL JA 107 -4.02 55.50 23.67
C VAL JA 107 -2.94 56.09 24.56
N ILE JA 108 -3.30 57.06 25.42
CA ILE JA 108 -2.31 57.60 26.35
C ILE JA 108 -1.78 56.52 27.26
N SER JA 109 -2.66 55.70 27.82
CA SER JA 109 -2.20 54.59 28.64
C SER JA 109 -1.46 53.54 27.82
N TYR JA 110 -1.71 53.44 26.52
CA TYR JA 110 -0.90 52.55 25.69
C TYR JA 110 0.54 53.04 25.60
N ILE JA 111 0.74 54.31 25.24
CA ILE JA 111 2.12 54.82 25.14
C ILE JA 111 2.80 54.84 26.51
N ASN JA 112 2.12 55.33 27.55
CA ASN JA 112 2.77 55.51 28.84
C ASN JA 112 3.10 54.19 29.54
N ASP JA 113 2.58 53.08 29.08
CA ASP JA 113 2.87 51.80 29.71
C ASP JA 113 4.32 51.42 29.44
N PRO JA 114 5.03 50.81 30.41
CA PRO JA 114 6.48 50.61 30.24
C PRO JA 114 6.87 49.43 29.36
N ARG JA 115 6.02 48.42 29.19
CA ARG JA 115 6.43 47.19 28.55
C ARG JA 115 6.27 47.22 27.03
N ASN JA 116 6.31 48.40 26.42
CA ASN JA 116 6.13 48.52 24.98
C ASN JA 116 7.28 49.21 24.26
N ASP JA 117 8.05 50.06 24.93
CA ASP JA 117 9.15 50.80 24.30
C ASP JA 117 8.68 51.51 23.04
N ILE JA 118 7.78 52.46 23.24
CA ILE JA 118 7.02 53.07 22.16
C ILE JA 118 7.33 54.57 22.07
N THR JA 119 8.60 54.93 22.29
CA THR JA 119 9.05 56.31 22.08
C THR JA 119 8.59 56.85 20.72
N ILE JA 120 7.78 57.89 20.72
CA ILE JA 120 7.04 58.31 19.52
C ILE JA 120 7.41 59.74 19.10
N SER JA 121 7.11 60.72 19.94
CA SER JA 121 7.03 62.11 19.48
C SER JA 121 8.32 62.88 19.68
N GLY JA 122 8.90 62.78 20.87
CA GLY JA 122 9.97 63.70 21.23
C GLY JA 122 9.46 65.10 21.48
N ILE JA 123 8.18 65.23 21.81
CA ILE JA 123 7.55 66.54 22.01
C ILE JA 123 6.93 66.57 23.40
N ASP JA 124 6.79 67.78 23.94
CA ASP JA 124 6.41 67.97 25.32
C ASP JA 124 4.90 67.80 25.51
N ASN JA 125 4.52 67.32 26.69
CA ASN JA 125 3.18 67.47 27.24
C ASN JA 125 2.12 66.90 26.30
N ILE JA 126 2.17 65.57 26.14
CA ILE JA 126 1.03 64.88 25.57
C ILE JA 126 -0.19 65.13 26.45
N ASN JA 127 -1.37 64.96 25.85
CA ASN JA 127 -2.71 65.30 26.34
C ASN JA 127 -3.02 66.78 26.18
N ALA JA 128 -2.04 67.65 25.89
CA ALA JA 128 -2.35 69.06 25.61
C ALA JA 128 -1.15 69.69 24.90
N GLN JA 129 -1.21 69.81 23.57
CA GLN JA 129 -2.11 69.10 22.68
C GLN JA 129 -1.31 69.00 21.40
N LEU JA 130 -1.62 68.06 20.51
CA LEU JA 130 -0.75 67.79 19.35
C LEU JA 130 -1.54 67.92 18.05
N GLY JA 131 -1.74 69.18 17.62
CA GLY JA 131 -2.02 69.52 16.23
C GLY JA 131 -2.96 68.61 15.45
N ALA JA 132 -2.71 68.51 14.15
CA ALA JA 132 -3.21 67.42 13.33
C ALA JA 132 -2.20 66.95 12.30
N GLY JA 133 -1.04 67.58 12.20
CA GLY JA 133 -0.03 67.20 11.23
C GLY JA 133 1.15 66.56 11.92
N ASP JA 134 1.21 66.72 13.24
CA ASP JA 134 2.16 65.98 14.07
C ASP JA 134 1.51 64.79 14.77
N LEU JA 135 0.18 64.68 14.69
CA LEU JA 135 -0.50 63.46 15.10
C LEU JA 135 -0.25 62.32 14.12
N GLN JA 136 0.12 62.66 12.89
CA GLN JA 136 0.53 61.66 11.92
C GLN JA 136 1.79 60.94 12.38
N THR JA 137 2.69 61.66 13.07
CA THR JA 137 3.88 61.00 13.61
C THR JA 137 3.51 59.97 14.66
N VAL JA 138 2.56 60.29 15.54
CA VAL JA 138 2.12 59.33 16.54
C VAL JA 138 1.48 58.12 15.87
N LYS JA 139 0.61 58.35 14.88
CA LYS JA 139 -0.01 57.23 14.20
C LYS JA 139 1.02 56.35 13.50
N ALA JA 140 2.01 56.96 12.84
CA ALA JA 140 3.05 56.19 12.18
C ALA JA 140 3.92 55.42 13.15
N ALA JA 141 4.30 56.02 14.27
CA ALA JA 141 5.14 55.33 15.25
C ALA JA 141 4.39 54.27 16.03
N ILE JA 142 3.05 54.34 16.09
CA ILE JA 142 2.29 53.24 16.69
C ILE JA 142 2.08 52.12 15.69
N SER JA 143 1.69 52.44 14.47
CA SER JA 143 1.45 51.43 13.46
C SER JA 143 2.72 50.96 12.77
N ALA JA 144 3.89 51.39 13.22
CA ALA JA 144 5.13 50.78 12.76
C ALA JA 144 5.60 49.63 13.63
N LYS JA 145 5.09 49.53 14.86
CA LYS JA 145 5.38 48.41 15.73
C LYS JA 145 4.35 47.30 15.55
N ALA JA 146 3.35 47.51 14.71
CA ALA JA 146 2.40 46.47 14.35
C ALA JA 146 2.89 45.59 13.22
N ASN JA 147 4.03 45.91 12.62
CA ASN JA 147 4.53 45.18 11.46
C ASN JA 147 5.59 44.15 11.86
N ASN JA 148 5.23 43.23 12.76
CA ASN JA 148 6.20 42.28 13.30
C ASN JA 148 5.75 40.83 13.11
N LEU JA 149 5.14 40.50 11.97
CA LEU JA 149 4.78 39.12 11.70
C LEU JA 149 5.70 38.44 10.71
N THR JA 150 6.81 39.07 10.33
CA THR JA 150 7.80 38.39 9.53
C THR JA 150 9.05 38.03 10.31
N THR JA 151 9.35 38.75 11.39
CA THR JA 151 10.45 38.33 12.25
C THR JA 151 10.12 37.04 12.98
N THR JA 152 8.85 36.70 13.12
CA THR JA 152 8.43 35.46 13.78
C THR JA 152 8.03 34.38 12.78
N VAL JA 153 8.18 34.64 11.49
CA VAL JA 153 8.13 33.61 10.46
C VAL JA 153 9.51 33.27 9.94
N ASN JA 154 10.42 34.24 9.94
CA ASN JA 154 11.80 33.91 9.58
C ASN JA 154 12.47 33.10 10.68
N ASN JA 155 12.15 33.37 11.94
CA ASN JA 155 12.81 32.73 13.06
C ASN JA 155 12.26 31.35 13.40
N SER JA 156 11.10 30.99 12.87
CA SER JA 156 10.39 29.82 13.35
C SER JA 156 9.84 28.99 12.19
N GLN JA 157 10.67 28.70 11.18
CA GLN JA 157 10.26 27.81 10.12
C GLN JA 157 11.12 26.57 9.99
N LEU JA 158 12.36 26.59 10.48
CA LEU JA 158 13.18 25.41 10.51
C LEU JA 158 13.03 24.64 11.82
N GLU JA 159 12.30 25.20 12.78
CA GLU JA 159 11.94 24.47 13.98
C GLU JA 159 10.62 23.77 13.83
N ILE JA 160 9.61 24.46 13.31
CA ILE JA 160 8.32 23.82 13.09
C ILE JA 160 8.45 22.68 12.08
N GLN JA 161 9.37 22.79 11.14
CA GLN JA 161 9.81 21.66 10.32
C GLN JA 161 9.99 20.42 11.18
N GLN JA 162 10.93 20.49 12.13
CA GLN JA 162 11.32 19.31 12.88
C GLN JA 162 10.28 18.91 13.92
N MET JA 163 9.65 19.87 14.58
CA MET JA 163 8.58 19.53 15.53
C MET JA 163 7.43 18.82 14.83
N SER JA 164 6.98 19.34 13.69
CA SER JA 164 5.91 18.71 12.96
C SER JA 164 6.31 17.35 12.43
N ASN JA 165 7.54 17.19 11.92
CA ASN JA 165 7.93 15.87 11.45
C ASN JA 165 8.00 14.87 12.59
N THR JA 166 8.68 15.21 13.69
CA THR JA 166 8.84 14.27 14.79
C THR JA 166 7.51 13.89 15.41
N LEU JA 167 6.60 14.85 15.56
CA LEU JA 167 5.39 14.60 16.31
C LEU JA 167 4.49 13.61 15.56
N ASN JA 168 4.41 13.76 14.23
CA ASN JA 168 3.79 12.75 13.38
C ASN JA 168 4.53 11.43 13.44
N LEU JA 169 5.86 11.47 13.36
CA LEU JA 169 6.67 10.27 13.30
C LEU JA 169 6.55 9.46 14.57
N LEU JA 170 6.03 10.07 15.63
CA LEU JA 170 5.87 9.45 16.93
C LEU JA 170 4.45 9.01 17.21
N THR JA 171 3.44 9.77 16.74
CA THR JA 171 2.08 9.26 16.71
C THR JA 171 1.99 7.96 15.91
N SER JA 172 2.57 7.96 14.71
CA SER JA 172 2.48 6.79 13.85
C SER JA 172 3.34 5.63 14.32
N ALA JA 173 4.19 5.84 15.33
CA ALA JA 173 4.95 4.75 15.94
C ALA JA 173 4.28 4.21 17.18
N ARG JA 174 3.50 5.04 17.86
CA ARG JA 174 2.74 4.63 19.03
C ARG JA 174 1.63 3.69 18.57
N SER JA 175 1.03 4.06 17.44
CA SER JA 175 -0.07 3.32 16.82
C SER JA 175 0.34 1.93 16.34
N ASP JA 176 1.53 1.83 15.76
CA ASP JA 176 2.02 0.55 15.26
C ASP JA 176 2.12 -0.39 16.44
N MET JA 177 2.56 0.14 17.57
CA MET JA 177 2.69 -0.63 18.78
C MET JA 177 1.33 -1.15 19.26
N GLN JA 178 0.30 -0.32 19.14
CA GLN JA 178 -1.03 -0.73 19.58
C GLN JA 178 -1.62 -1.83 18.68
N SER JA 179 -1.44 -1.71 17.36
CA SER JA 179 -1.92 -2.75 16.47
C SER JA 179 -1.22 -4.07 16.72
N LEU JA 180 0.10 -4.05 16.91
CA LEU JA 180 0.84 -5.28 17.22
C LEU JA 180 0.39 -5.88 18.54
N GLN JA 181 0.17 -5.05 19.55
CA GLN JA 181 -0.31 -5.54 20.83
C GLN JA 181 -1.65 -6.25 20.69
N TYR JA 182 -2.52 -5.72 19.83
CA TYR JA 182 -3.78 -6.41 19.58
C TYR JA 182 -3.57 -7.73 18.87
N ARG JA 183 -2.80 -7.73 17.78
CA ARG JA 183 -2.68 -8.94 16.98
C ARG JA 183 -1.91 -10.04 17.68
N THR JA 184 -1.08 -9.71 18.66
CA THR JA 184 -0.33 -10.76 19.38
C THR JA 184 -1.25 -11.56 20.29
N ILE JA 185 -2.19 -10.90 20.96
CA ILE JA 185 -3.05 -11.58 21.92
C ILE JA 185 -4.25 -12.23 21.26
N SER JA 186 -4.57 -11.84 20.04
CA SER JA 186 -5.69 -12.46 19.33
C SER JA 186 -5.42 -13.90 18.96
N GLY JA 187 -4.16 -14.32 18.92
CA GLY JA 187 -3.77 -15.65 18.52
C GLY JA 187 -3.78 -16.69 19.60
N ILE JA 188 -4.24 -16.36 20.81
CA ILE JA 188 -4.33 -17.30 21.91
C ILE JA 188 -5.76 -17.79 22.00
N SER JA 189 -5.96 -19.08 21.76
CA SER JA 189 -7.28 -19.69 21.79
C SER JA 189 -7.44 -20.51 23.06
N LEU JA 190 -8.47 -20.21 23.83
CA LEU JA 190 -8.68 -20.83 25.14
C LEU JA 190 -9.44 -22.14 24.96
N GLY JA 191 -8.93 -23.21 25.58
CA GLY JA 191 -9.62 -24.48 25.56
C GLY JA 191 -9.61 -25.19 24.23
N LYS JA 192 -8.64 -24.91 23.37
CA LYS JA 192 -8.57 -25.58 22.08
C LYS JA 192 -7.16 -26.08 21.79
N SER KA 19 -13.58 36.78 13.30
CA SER KA 19 -13.73 35.97 12.10
C SER KA 19 -13.50 34.49 12.38
N MET KA 20 -12.98 34.20 13.57
CA MET KA 20 -12.73 32.84 14.01
C MET KA 20 -13.38 32.58 15.36
N ALA KA 21 -13.17 31.37 15.87
CA ALA KA 21 -13.84 30.94 17.09
C ALA KA 21 -13.24 31.58 18.33
N TYR KA 22 -11.93 31.46 18.50
CA TYR KA 22 -11.28 31.89 19.72
C TYR KA 22 -10.62 33.24 19.52
N ASP KA 23 -10.89 34.17 20.43
CA ASP KA 23 -10.38 35.54 20.35
C ASP KA 23 -9.09 35.68 21.15
N LEU KA 24 -8.00 35.17 20.58
CA LEU KA 24 -6.70 35.16 21.24
C LEU KA 24 -6.12 36.54 21.48
N GLY KA 25 -6.83 37.60 21.10
CA GLY KA 25 -6.31 38.94 21.28
C GLY KA 25 -6.37 39.46 22.70
N SER KA 26 -7.18 38.83 23.55
CA SER KA 26 -7.31 39.23 24.95
C SER KA 26 -6.72 38.23 25.92
N MET KA 27 -6.77 36.94 25.62
CA MET KA 27 -6.29 35.92 26.54
C MET KA 27 -4.80 36.08 26.79
N SER KA 28 -4.42 35.95 28.06
CA SER KA 28 -3.03 36.05 28.45
C SER KA 28 -2.27 34.82 27.97
N LYS KA 29 -0.99 34.74 28.30
CA LYS KA 29 -0.19 33.62 27.81
C LYS KA 29 -0.56 32.33 28.54
N ASP KA 30 -0.76 32.39 29.85
CA ASP KA 30 -1.08 31.19 30.61
C ASP KA 30 -2.50 30.71 30.36
N ASP KA 31 -3.33 31.48 29.67
CA ASP KA 31 -4.61 31.01 29.16
C ASP KA 31 -4.52 30.50 27.74
N VAL KA 32 -3.65 31.09 26.92
CA VAL KA 32 -3.43 30.57 25.57
C VAL KA 32 -2.81 29.19 25.63
N ILE KA 33 -1.88 28.96 26.56
CA ILE KA 33 -1.26 27.65 26.66
C ILE KA 33 -2.29 26.60 27.07
N ASP KA 34 -3.14 26.92 28.03
CA ASP KA 34 -4.18 25.96 28.44
C ASP KA 34 -5.19 25.74 27.33
N LEU KA 35 -5.49 26.77 26.55
CA LEU KA 35 -6.34 26.60 25.38
C LEU KA 35 -5.72 25.64 24.37
N PHE KA 36 -4.45 25.86 24.04
CA PHE KA 36 -3.76 24.99 23.10
C PHE KA 36 -3.64 23.58 23.62
N ASN KA 37 -3.55 23.39 24.93
CA ASN KA 37 -3.58 22.05 25.48
C ASN KA 37 -4.96 21.41 25.35
N LYS KA 38 -6.03 22.20 25.46
CA LYS KA 38 -7.36 21.65 25.23
C LYS KA 38 -7.50 21.15 23.80
N LEU KA 39 -7.01 21.91 22.83
CA LEU KA 39 -6.95 21.45 21.44
C LEU KA 39 -5.80 20.46 21.30
N GLY KA 40 -5.49 20.09 20.07
CA GLY KA 40 -4.39 19.17 19.82
C GLY KA 40 -3.07 19.88 19.76
N VAL KA 41 -2.12 19.25 19.07
CA VAL KA 41 -0.85 19.88 18.74
C VAL KA 41 -0.84 20.43 17.32
N PHE KA 42 -1.57 19.82 16.39
CA PHE KA 42 -1.67 20.30 15.02
C PHE KA 42 -2.66 21.45 14.90
N GLN KA 43 -3.76 21.41 15.64
CA GLN KA 43 -4.71 22.50 15.55
C GLN KA 43 -4.32 23.70 16.40
N ALA KA 44 -3.45 23.52 17.39
CA ALA KA 44 -2.81 24.70 17.96
C ALA KA 44 -2.01 25.43 16.90
N ALA KA 45 -1.27 24.69 16.08
CA ALA KA 45 -0.53 25.30 14.99
C ALA KA 45 -1.47 25.96 13.98
N ILE KA 46 -2.59 25.33 13.68
CA ILE KA 46 -3.50 25.95 12.72
C ILE KA 46 -4.13 27.23 13.29
N LEU KA 47 -4.52 27.26 14.57
CA LEU KA 47 -4.97 28.55 15.11
C LEU KA 47 -3.85 29.59 15.12
N MET KA 48 -2.64 29.22 15.49
CA MET KA 48 -1.57 30.20 15.53
C MET KA 48 -1.35 30.80 14.15
N PHE KA 49 -1.34 29.96 13.11
CA PHE KA 49 -1.17 30.47 11.76
C PHE KA 49 -2.38 31.25 11.26
N ALA KA 50 -3.59 30.86 11.66
CA ALA KA 50 -4.76 31.58 11.23
C ALA KA 50 -4.83 32.97 11.86
N TYR KA 51 -4.46 33.08 13.14
CA TYR KA 51 -4.44 34.39 13.77
C TYR KA 51 -3.33 35.26 13.21
N MET KA 52 -2.15 34.67 12.93
CA MET KA 52 -1.11 35.46 12.27
C MET KA 52 -1.55 35.93 10.90
N TYR KA 53 -2.27 35.09 10.16
CA TYR KA 53 -2.80 35.51 8.87
C TYR KA 53 -3.82 36.63 9.01
N GLN KA 54 -4.69 36.57 10.02
CA GLN KA 54 -5.63 37.67 10.22
C GLN KA 54 -4.91 38.97 10.56
N ALA KA 55 -3.90 38.91 11.42
CA ALA KA 55 -3.18 40.13 11.77
C ALA KA 55 -2.48 40.73 10.54
N GLN KA 56 -1.82 39.88 9.74
CA GLN KA 56 -1.15 40.39 8.55
C GLN KA 56 -2.15 40.94 7.53
N SER KA 57 -3.28 40.25 7.33
CA SER KA 57 -4.25 40.76 6.37
C SER KA 57 -4.86 42.06 6.83
N ASP KA 58 -5.07 42.22 8.14
CA ASP KA 58 -5.58 43.49 8.63
C ASP KA 58 -4.60 44.62 8.42
N LEU KA 59 -3.30 44.39 8.67
CA LEU KA 59 -2.31 45.41 8.35
C LEU KA 59 -2.37 45.78 6.88
N SER KA 60 -2.34 44.78 6.00
CA SER KA 60 -2.26 45.06 4.58
C SER KA 60 -3.52 45.77 4.08
N ILE KA 61 -4.70 45.37 4.55
CA ILE KA 61 -5.92 46.02 4.09
C ILE KA 61 -6.04 47.42 4.64
N ALA KA 62 -5.65 47.66 5.88
CA ALA KA 62 -5.62 49.03 6.37
C ALA KA 62 -4.59 49.87 5.62
N LYS KA 63 -3.59 49.25 5.01
CA LYS KA 63 -2.70 49.97 4.09
C LYS KA 63 -3.39 50.25 2.76
N PHE KA 64 -4.16 49.30 2.24
CA PHE KA 64 -4.80 49.47 0.94
C PHE KA 64 -5.91 50.50 0.96
N ALA KA 65 -6.45 50.83 2.13
CA ALA KA 65 -7.48 51.84 2.22
C ALA KA 65 -6.92 53.24 2.44
N ASP KA 66 -5.60 53.37 2.56
CA ASP KA 66 -4.93 54.67 2.55
C ASP KA 66 -4.50 55.08 1.15
N MET KA 67 -4.69 54.21 0.16
CA MET KA 67 -4.40 54.54 -1.23
C MET KA 67 -5.67 54.80 -2.03
N ASN KA 68 -6.76 54.14 -1.69
CA ASN KA 68 -8.05 54.56 -2.22
C ASN KA 68 -8.40 55.98 -1.80
N GLU KA 69 -7.82 56.49 -0.71
CA GLU KA 69 -7.99 57.91 -0.42
C GLU KA 69 -7.39 58.77 -1.52
N ALA KA 70 -6.17 58.43 -1.97
CA ALA KA 70 -5.54 59.18 -3.04
C ALA KA 70 -6.32 59.06 -4.34
N SER KA 71 -6.76 57.85 -4.69
CA SER KA 71 -7.53 57.73 -5.93
C SER KA 71 -8.89 58.41 -5.85
N LYS KA 72 -9.53 58.40 -4.68
CA LYS KA 72 -10.78 59.13 -4.53
C LYS KA 72 -10.58 60.62 -4.71
N GLU KA 73 -9.53 61.17 -4.10
CA GLU KA 73 -9.23 62.58 -4.30
C GLU KA 73 -8.99 62.89 -5.76
N SER KA 74 -8.26 62.03 -6.45
CA SER KA 74 -7.98 62.28 -7.87
C SER KA 74 -9.25 62.28 -8.69
N THR KA 75 -10.15 61.32 -8.46
CA THR KA 75 -11.36 61.29 -9.29
C THR KA 75 -12.29 62.46 -8.98
N THR KA 76 -12.42 62.87 -7.70
CA THR KA 76 -13.27 64.03 -7.43
C THR KA 76 -12.67 65.31 -8.03
N ALA KA 77 -11.34 65.47 -7.94
CA ALA KA 77 -10.73 66.65 -8.54
C ALA KA 77 -10.91 66.66 -10.04
N GLN KA 78 -10.78 65.51 -10.69
CA GLN KA 78 -11.00 65.46 -12.13
C GLN KA 78 -12.43 65.78 -12.50
N LYS KA 79 -13.41 65.31 -11.72
CA LYS KA 79 -14.80 65.66 -11.99
C LYS KA 79 -15.04 67.15 -11.88
N MET KA 80 -14.49 67.78 -10.84
CA MET KA 80 -14.65 69.23 -10.71
C MET KA 80 -13.99 69.97 -11.87
N ALA KA 81 -12.79 69.56 -12.26
CA ALA KA 81 -12.12 70.21 -13.38
C ALA KA 81 -12.92 70.06 -14.66
N ASN KA 82 -13.55 68.90 -14.87
CA ASN KA 82 -14.38 68.73 -16.05
C ASN KA 82 -15.64 69.58 -16.01
N LEU KA 83 -16.21 69.83 -14.83
CA LEU KA 83 -17.32 70.78 -14.75
C LEU KA 83 -16.87 72.18 -15.12
N VAL KA 84 -15.69 72.59 -14.66
CA VAL KA 84 -15.18 73.91 -15.03
C VAL KA 84 -14.90 73.99 -16.52
N ASP KA 85 -14.40 72.91 -17.14
CA ASP KA 85 -14.23 72.89 -18.58
C ASP KA 85 -15.57 72.99 -19.31
N ALA KA 86 -16.59 72.27 -18.85
CA ALA KA 86 -17.92 72.42 -19.46
C ALA KA 86 -18.42 73.85 -19.36
N LYS KA 87 -18.12 74.54 -18.26
CA LYS KA 87 -18.48 75.94 -18.12
C LYS KA 87 -17.71 76.85 -19.07
N ILE KA 88 -16.41 76.60 -19.27
CA ILE KA 88 -15.63 77.43 -20.19
C ILE KA 88 -16.10 77.25 -21.63
N ALA KA 89 -16.53 76.05 -22.00
CA ALA KA 89 -16.94 75.79 -23.38
C ALA KA 89 -18.21 76.51 -23.79
N ASP KA 90 -18.73 77.40 -22.94
CA ASP KA 90 -19.85 78.26 -23.27
C ASP KA 90 -19.52 79.73 -23.13
N VAL KA 91 -18.37 80.08 -22.55
CA VAL KA 91 -17.96 81.47 -22.42
C VAL KA 91 -16.83 81.72 -23.41
N GLN KA 92 -16.26 80.63 -23.94
CA GLN KA 92 -15.35 80.77 -25.07
C GLN KA 92 -16.13 80.98 -26.37
N SER KA 93 -17.27 80.31 -26.52
CA SER KA 93 -18.13 80.50 -27.67
C SER KA 93 -19.05 81.70 -27.52
N SER KA 94 -18.82 82.53 -26.50
CA SER KA 94 -19.67 83.70 -26.25
C SER KA 94 -19.30 84.80 -27.23
N SER KA 95 -20.31 85.33 -27.93
CA SER KA 95 -20.07 86.36 -28.93
C SER KA 95 -19.56 87.65 -28.29
N ASP KA 96 -19.95 87.91 -27.04
CA ASP KA 96 -19.62 89.16 -26.36
C ASP KA 96 -18.18 89.08 -25.86
N LYS KA 97 -17.79 90.01 -25.00
CA LYS KA 97 -16.54 89.85 -24.25
C LYS KA 97 -16.65 88.66 -23.33
N ASN KA 98 -15.54 87.94 -23.17
CA ASN KA 98 -15.58 86.66 -22.44
C ASN KA 98 -15.49 86.86 -20.93
N ALA KA 99 -16.34 87.73 -20.37
CA ALA KA 99 -16.51 87.79 -18.92
C ALA KA 99 -18.01 87.76 -18.62
N LYS KA 100 -18.58 86.56 -18.69
CA LYS KA 100 -19.91 86.24 -18.16
C LYS KA 100 -19.86 84.76 -17.82
N ALA KA 101 -19.50 84.45 -16.58
CA ALA KA 101 -19.26 83.08 -16.21
C ALA KA 101 -19.27 82.94 -14.70
N GLN KA 102 -19.80 81.81 -14.23
CA GLN KA 102 -19.75 81.43 -12.84
C GLN KA 102 -19.54 79.92 -12.76
N LEU KA 103 -18.86 79.50 -11.72
CA LEU KA 103 -18.69 78.07 -11.53
C LEU KA 103 -20.01 77.43 -11.16
N PRO KA 104 -20.25 76.18 -11.58
CA PRO KA 104 -21.47 75.50 -11.16
C PRO KA 104 -21.47 75.26 -9.66
N ASP KA 105 -22.69 75.24 -9.09
CA ASP KA 105 -22.84 75.39 -7.64
C ASP KA 105 -22.10 74.33 -6.85
N GLU KA 106 -21.79 73.18 -7.46
CA GLU KA 106 -21.07 72.13 -6.76
C GLU KA 106 -19.58 72.42 -6.68
N VAL KA 107 -19.01 73.07 -7.70
CA VAL KA 107 -17.58 73.40 -7.64
C VAL KA 107 -17.31 74.44 -6.56
N ILE KA 108 -18.23 75.37 -6.33
CA ILE KA 108 -18.04 76.34 -5.26
C ILE KA 108 -17.93 75.63 -3.91
N SER KA 109 -18.83 74.68 -3.65
CA SER KA 109 -18.72 73.92 -2.43
C SER KA 109 -17.49 73.02 -2.40
N TYR KA 110 -16.96 72.63 -3.56
CA TYR KA 110 -15.70 71.91 -3.56
C TYR KA 110 -14.55 72.79 -3.08
N ILE KA 111 -14.39 73.99 -3.65
CA ILE KA 111 -13.30 74.87 -3.20
C ILE KA 111 -13.51 75.32 -1.76
N ASN KA 112 -14.72 75.74 -1.39
CA ASN KA 112 -14.94 76.31 -0.07
C ASN KA 112 -14.85 75.30 1.06
N ASP KA 113 -14.83 74.01 0.76
CA ASP KA 113 -14.73 73.00 1.80
C ASP KA 113 -13.34 73.04 2.42
N PRO KA 114 -13.19 72.85 3.73
CA PRO KA 114 -11.89 73.06 4.38
C PRO KA 114 -10.89 71.93 4.22
N ARG KA 115 -11.32 70.70 3.95
CA ARG KA 115 -10.42 69.56 4.01
C ARG KA 115 -9.71 69.30 2.69
N ASN KA 116 -9.53 70.31 1.84
CA ASN KA 116 -8.90 70.14 0.55
C ASN KA 116 -7.67 71.02 0.32
N ASP KA 117 -7.56 72.17 0.99
CA ASP KA 117 -6.43 73.09 0.82
C ASP KA 117 -6.23 73.41 -0.66
N ILE KA 118 -7.24 74.07 -1.23
CA ILE KA 118 -7.37 74.22 -2.68
C ILE KA 118 -7.30 75.71 -3.05
N THR KA 119 -6.46 76.47 -2.36
CA THR KA 119 -6.20 77.86 -2.71
C THR KA 119 -5.91 78.01 -4.21
N ILE KA 120 -6.74 78.75 -4.93
CA ILE KA 120 -6.75 78.73 -6.39
C ILE KA 120 -6.45 80.10 -6.99
N SER KA 121 -7.32 81.07 -6.75
CA SER KA 121 -7.36 82.28 -7.58
C SER KA 121 -6.55 83.43 -7.00
N GLY KA 122 -6.72 83.70 -5.72
CA GLY KA 122 -6.21 84.94 -5.17
C GLY KA 122 -7.00 86.15 -5.65
N ILE KA 123 -8.25 85.95 -6.04
CA ILE KA 123 -9.08 87.01 -6.59
C ILE KA 123 -10.37 87.08 -5.78
N ASP KA 124 -10.98 88.25 -5.77
CA ASP KA 124 -12.09 88.53 -4.89
C ASP KA 124 -13.40 87.97 -5.43
N ASN KA 125 -14.28 87.59 -4.51
CA ASN KA 125 -15.71 87.40 -4.77
C ASN KA 125 -15.95 86.39 -5.89
N ILE KA 126 -15.60 85.15 -5.60
CA ILE KA 126 -16.09 84.06 -6.43
C ILE KA 126 -17.62 84.06 -6.39
N ASN KA 127 -18.23 83.45 -7.40
CA ASN KA 127 -19.64 83.45 -7.77
C ASN KA 127 -20.05 84.72 -8.51
N ALA KA 128 -19.24 85.78 -8.52
CA ALA KA 128 -19.56 86.96 -9.31
C ALA KA 128 -18.29 87.80 -9.49
N GLN KA 129 -17.63 87.69 -10.63
CA GLN KA 129 -17.76 86.59 -11.60
C GLN KA 129 -16.36 86.53 -12.21
N LEU KA 130 -15.97 85.41 -12.81
CA LEU KA 130 -14.58 85.24 -13.25
C LEU KA 130 -14.51 84.91 -14.74
N GLY KA 131 -14.64 85.95 -15.57
CA GLY KA 131 -14.16 85.97 -16.94
C GLY KA 131 -14.33 84.71 -17.76
N ALA KA 132 -13.39 84.48 -18.68
CA ALA KA 132 -13.16 83.16 -19.26
C ALA KA 132 -11.69 82.85 -19.45
N GLY KA 133 -10.79 83.79 -19.15
CA GLY KA 133 -9.38 83.57 -19.32
C GLY KA 133 -8.68 83.44 -17.99
N ASP KA 134 -9.39 83.83 -16.93
CA ASP KA 134 -8.97 83.55 -15.56
C ASP KA 134 -9.68 82.36 -14.96
N LEU KA 135 -10.70 81.83 -15.64
CA LEU KA 135 -11.29 80.55 -15.27
C LEU KA 135 -10.35 79.41 -15.61
N GLN KA 136 -9.42 79.64 -16.53
CA GLN KA 136 -8.38 78.66 -16.82
C GLN KA 136 -7.49 78.44 -15.61
N THR KA 137 -7.25 79.49 -14.81
CA THR KA 137 -6.48 79.33 -13.59
C THR KA 137 -7.20 78.42 -12.61
N VAL KA 138 -8.51 78.58 -12.46
CA VAL KA 138 -9.26 77.70 -11.57
C VAL KA 138 -9.21 76.26 -12.07
N LYS KA 139 -9.41 76.05 -13.37
CA LYS KA 139 -9.34 74.70 -13.90
C LYS KA 139 -7.98 74.08 -13.69
N ALA KA 140 -6.91 74.83 -13.93
CA ALA KA 140 -5.56 74.31 -13.72
C ALA KA 140 -5.26 74.02 -12.26
N ALA KA 141 -5.68 74.88 -11.34
CA ALA KA 141 -5.42 74.66 -9.93
C ALA KA 141 -6.29 73.55 -9.34
N ILE KA 142 -7.42 73.23 -9.97
CA ILE KA 142 -8.20 72.07 -9.52
C ILE KA 142 -7.63 70.79 -10.11
N SER KA 143 -7.32 70.77 -11.40
CA SER KA 143 -6.78 69.58 -12.04
C SER KA 143 -5.29 69.40 -11.83
N ALA KA 144 -4.66 70.24 -11.00
CA ALA KA 144 -3.30 69.97 -10.59
C ALA KA 144 -3.22 69.17 -9.30
N LYS KA 145 -4.29 69.13 -8.52
CA LYS KA 145 -4.35 68.30 -7.33
C LYS KA 145 -4.90 66.92 -7.65
N ALA KA 146 -5.28 66.69 -8.90
CA ALA KA 146 -5.68 65.36 -9.35
C ALA KA 146 -4.51 64.49 -9.75
N ASN KA 147 -3.30 65.03 -9.77
CA ASN KA 147 -2.12 64.31 -10.25
C ASN KA 147 -1.31 63.74 -9.09
N ASN KA 148 -1.95 62.92 -8.26
CA ASN KA 148 -1.31 62.39 -7.06
C ASN KA 148 -1.33 60.87 -7.00
N LEU KA 149 -1.13 60.20 -8.13
CA LEU KA 149 -1.06 58.74 -8.12
C LEU KA 149 0.36 58.22 -8.26
N THR KA 150 1.37 59.09 -8.20
CA THR KA 150 2.74 58.62 -8.16
C THR KA 150 3.38 58.79 -6.80
N THR KA 151 2.91 59.73 -5.99
CA THR KA 151 3.39 59.80 -4.61
C THR KA 151 2.93 58.61 -3.79
N THR KA 152 1.87 57.93 -4.21
CA THR KA 152 1.38 56.74 -3.51
C THR KA 152 1.79 55.45 -4.19
N VAL KA 153 2.59 55.53 -5.25
CA VAL KA 153 3.28 54.38 -5.80
C VAL KA 153 4.76 54.39 -5.44
N ASN KA 154 5.34 55.58 -5.28
CA ASN KA 154 6.71 55.63 -4.80
C ASN KA 154 6.78 55.25 -3.32
N ASN KA 155 5.79 55.61 -2.54
CA ASN KA 155 5.79 55.40 -1.10
C ASN KA 155 5.39 53.99 -0.69
N SER KA 156 4.80 53.21 -1.58
CA SER KA 156 4.15 51.96 -1.20
C SER KA 156 4.49 50.84 -2.16
N GLN KA 157 5.76 50.66 -2.48
CA GLN KA 157 6.16 49.52 -3.29
C GLN KA 157 7.14 48.60 -2.58
N LEU KA 158 7.88 49.08 -1.58
CA LEU KA 158 8.73 48.22 -0.79
C LEU KA 158 8.00 47.67 0.43
N GLU KA 159 6.79 48.12 0.69
CA GLU KA 159 5.95 47.53 1.71
C GLU KA 159 5.06 46.45 1.14
N ILE KA 160 4.42 46.69 0.01
CA ILE KA 160 3.61 45.67 -0.63
C ILE KA 160 4.45 44.48 -1.03
N GLN KA 161 5.71 44.70 -1.38
CA GLN KA 161 6.71 43.65 -1.49
C GLN KA 161 6.60 42.68 -0.32
N GLN KA 162 6.82 43.18 0.90
CA GLN KA 162 6.91 42.31 2.06
C GLN KA 162 5.55 41.79 2.51
N MET KA 163 4.51 42.61 2.44
CA MET KA 163 3.18 42.12 2.79
C MET KA 163 2.74 40.99 1.87
N SER KA 164 2.92 41.16 0.56
CA SER KA 164 2.55 40.12 -0.38
C SER KA 164 3.41 38.88 -0.21
N ASN KA 165 4.71 39.03 0.03
CA ASN KA 165 5.50 37.83 0.24
C ASN KA 165 5.10 37.09 1.51
N THR KA 166 5.00 37.79 2.63
CA THR KA 166 4.66 37.14 3.90
C THR KA 166 3.29 36.48 3.86
N LEU KA 167 2.32 37.14 3.25
CA LEU KA 167 0.95 36.65 3.33
C LEU KA 167 0.80 35.33 2.57
N ASN KA 168 1.45 35.23 1.40
CA ASN KA 168 1.59 33.96 0.70
C ASN KA 168 2.37 32.95 1.52
N LEU KA 169 3.49 33.38 2.10
CA LEU KA 169 4.39 32.49 2.81
C LEU KA 169 3.72 31.89 4.04
N LEU KA 170 2.61 32.48 4.45
CA LEU KA 170 1.87 32.06 5.63
C LEU KA 170 0.61 31.25 5.29
N THR KA 171 -0.06 31.60 4.17
CA THR KA 171 -1.08 30.70 3.63
C THR KA 171 -0.49 29.33 3.32
N SER KA 172 0.64 29.30 2.63
CA SER KA 172 1.25 28.03 2.24
C SER KA 172 1.88 27.29 3.40
N ALA KA 173 1.98 27.90 4.58
CA ALA KA 173 2.43 27.21 5.77
C ALA KA 173 1.28 26.70 6.61
N ARG KA 174 0.13 27.36 6.53
CA ARG KA 174 -1.06 26.93 7.23
C ARG KA 174 -1.55 25.63 6.59
N SER KA 175 -1.48 25.62 5.26
CA SER KA 175 -1.89 24.49 4.44
C SER KA 175 -1.07 23.23 4.67
N ASP KA 176 0.24 23.41 4.81
CA ASP KA 176 1.13 22.28 5.03
C ASP KA 176 0.71 21.61 6.33
N MET KA 177 0.35 22.42 7.30
CA MET KA 177 -0.09 21.94 8.60
C MET KA 177 -1.37 21.12 8.47
N GLN KA 178 -2.29 21.56 7.61
CA GLN KA 178 -3.54 20.84 7.43
C GLN KA 178 -3.34 19.49 6.74
N SER KA 179 -2.48 19.45 5.73
CA SER KA 179 -2.21 18.18 5.07
C SER KA 179 -1.55 17.18 6.02
N LEU KA 180 -0.59 17.64 6.82
CA LEU KA 180 0.05 16.76 7.79
C LEU KA 180 -0.95 16.27 8.84
N GLN KA 181 -1.84 17.15 9.30
CA GLN KA 181 -2.85 16.75 10.26
C GLN KA 181 -3.74 15.66 9.69
N TYR KA 182 -4.07 15.75 8.40
CA TYR KA 182 -4.85 14.68 7.78
C TYR KA 182 -4.05 13.39 7.70
N ARG KA 183 -2.82 13.45 7.20
CA ARG KA 183 -2.08 12.22 6.96
C ARG KA 183 -1.65 11.53 8.25
N THR KA 184 -1.59 12.25 9.37
CA THR KA 184 -1.21 11.61 10.63
C THR KA 184 -2.32 10.72 11.16
N ILE KA 185 -3.57 11.17 11.04
CA ILE KA 185 -4.69 10.43 11.61
C ILE KA 185 -5.18 9.35 10.67
N SER KA 186 -4.84 9.42 9.39
CA SER KA 186 -5.26 8.38 8.46
C SER KA 186 -4.58 7.05 8.71
N GLY KA 187 -3.47 7.03 9.45
CA GLY KA 187 -2.71 5.83 9.70
C GLY KA 187 -3.15 5.02 10.89
N ILE KA 188 -4.24 5.40 11.55
CA ILE KA 188 -4.77 4.66 12.69
C ILE KA 188 -5.92 3.79 12.20
N SER KA 189 -5.73 2.48 12.29
CA SER KA 189 -6.72 1.51 11.84
C SER KA 189 -7.41 0.90 13.06
N LEU KA 190 -8.74 0.99 13.09
CA LEU KA 190 -9.53 0.56 14.23
C LEU KA 190 -9.83 -0.93 14.10
N GLY KA 191 -9.59 -1.67 15.18
CA GLY KA 191 -9.91 -3.08 15.20
C GLY KA 191 -9.06 -3.97 14.34
N LYS KA 192 -7.83 -3.55 14.04
CA LYS KA 192 -6.95 -4.37 13.21
C LYS KA 192 -5.56 -4.46 13.83
N SER LA 19 -16.50 51.24 -15.18
CA SER LA 19 -15.82 50.24 -16.01
C SER LA 19 -15.56 48.97 -15.21
N MET LA 20 -15.74 49.04 -13.90
CA MET LA 20 -15.55 47.92 -13.01
C MET LA 20 -16.79 47.70 -12.15
N ALA LA 21 -16.70 46.71 -11.27
CA ALA LA 21 -17.86 46.30 -10.48
C ALA LA 21 -18.17 47.28 -9.36
N TYR LA 22 -17.17 47.60 -8.54
CA TYR LA 22 -17.38 48.39 -7.34
C TYR LA 22 -16.96 49.84 -7.60
N ASP LA 23 -17.84 50.78 -7.26
CA ASP LA 23 -17.61 52.20 -7.49
C ASP LA 23 -17.03 52.85 -6.24
N LEU LA 24 -15.74 52.62 -6.01
CA LEU LA 24 -15.05 53.10 -4.82
C LEU LA 24 -14.94 54.61 -4.77
N GLY LA 25 -15.49 55.33 -5.75
CA GLY LA 25 -15.38 56.78 -5.74
C GLY LA 25 -16.30 57.47 -4.77
N SER LA 26 -17.32 56.78 -4.28
CA SER LA 26 -18.27 57.35 -3.33
C SER LA 26 -18.18 56.75 -1.94
N MET LA 27 -17.83 55.47 -1.83
CA MET LA 27 -17.79 54.81 -0.54
C MET LA 27 -16.74 55.43 0.36
N SER LA 28 -17.13 55.64 1.62
CA SER LA 28 -16.22 56.22 2.60
C SER LA 28 -15.12 55.21 2.95
N LYS LA 29 -14.25 55.59 3.88
CA LYS LA 29 -13.15 54.70 4.22
C LYS LA 29 -13.63 53.49 5.01
N ASP LA 30 -14.54 53.70 5.97
CA ASP LA 30 -15.02 52.59 6.78
C ASP LA 30 -15.95 51.67 6.02
N ASP LA 31 -16.37 52.04 4.82
CA ASP LA 31 -17.06 51.13 3.92
C ASP LA 31 -16.11 50.44 2.95
N VAL LA 32 -15.05 51.13 2.53
CA VAL LA 32 -14.04 50.48 1.71
C VAL LA 32 -13.33 49.39 2.48
N ILE LA 33 -13.05 49.61 3.76
CA ILE LA 33 -12.39 48.58 4.54
C ILE LA 33 -13.27 47.35 4.68
N ASP LA 34 -14.57 47.54 4.95
CA ASP LA 34 -15.47 46.40 5.05
C ASP LA 34 -15.64 45.70 3.71
N LEU LA 35 -15.63 46.46 2.62
CA LEU LA 35 -15.63 45.85 1.30
C LEU LA 35 -14.42 44.98 1.08
N PHE LA 36 -13.23 45.50 1.37
CA PHE LA 36 -12.01 44.74 1.20
C PHE LA 36 -11.95 43.53 2.11
N ASN LA 37 -12.58 43.59 3.28
CA ASN LA 37 -12.69 42.41 4.12
C ASN LA 37 -13.63 41.38 3.52
N LYS LA 38 -14.70 41.82 2.85
CA LYS LA 38 -15.56 40.87 2.16
C LYS LA 38 -14.79 40.12 1.07
N LEU LA 39 -13.98 40.83 0.29
CA LEU LA 39 -13.09 40.19 -0.66
C LEU LA 39 -11.91 39.59 0.08
N GLY LA 40 -10.91 39.13 -0.64
CA GLY LA 40 -9.73 38.55 -0.03
C GLY LA 40 -8.72 39.61 0.36
N VAL LA 41 -7.46 39.20 0.46
CA VAL LA 41 -6.36 40.11 0.62
C VAL LA 41 -5.66 40.41 -0.69
N PHE LA 42 -5.62 39.45 -1.63
CA PHE LA 42 -5.03 39.66 -2.94
C PHE LA 42 -5.96 40.42 -3.87
N GLN LA 43 -7.26 40.16 -3.80
CA GLN LA 43 -8.16 40.89 -4.67
C GLN LA 43 -8.51 42.27 -4.14
N ALA LA 44 -8.33 42.54 -2.86
CA ALA LA 44 -8.32 43.92 -2.42
C ALA LA 44 -7.20 44.68 -3.12
N ALA LA 45 -6.01 44.08 -3.19
CA ALA LA 45 -4.91 44.69 -3.90
C ALA LA 45 -5.22 44.86 -5.38
N ILE LA 46 -5.86 43.88 -6.00
CA ILE LA 46 -6.17 44.03 -7.41
C ILE LA 46 -7.21 45.14 -7.65
N LEU LA 47 -8.25 45.26 -6.81
CA LEU LA 47 -9.13 46.42 -6.98
C LEU LA 47 -8.40 47.73 -6.74
N MET LA 48 -7.55 47.81 -5.72
CA MET LA 48 -6.87 49.07 -5.45
C MET LA 48 -6.02 49.48 -6.65
N PHE LA 49 -5.30 48.52 -7.23
CA PHE LA 49 -4.49 48.83 -8.40
C PHE LA 49 -5.33 49.11 -9.64
N ALA LA 50 -6.47 48.45 -9.80
CA ALA LA 50 -7.31 48.70 -10.95
C ALA LA 50 -7.94 50.08 -10.88
N TYR LA 51 -8.38 50.50 -9.70
CA TYR LA 51 -8.93 51.85 -9.57
C TYR LA 51 -7.84 52.90 -9.73
N MET LA 52 -6.63 52.67 -9.20
CA MET LA 52 -5.56 53.62 -9.45
C MET LA 52 -5.23 53.70 -10.94
N TYR LA 53 -5.27 52.57 -11.65
CA TYR LA 53 -5.05 52.60 -13.08
C TYR LA 53 -6.15 53.37 -13.81
N GLN LA 54 -7.41 53.21 -13.40
CA GLN LA 54 -8.46 53.99 -14.03
C GLN LA 54 -8.28 55.48 -13.79
N ALA LA 55 -7.92 55.87 -12.57
CA ALA LA 55 -7.73 57.29 -12.30
C ALA LA 55 -6.59 57.87 -13.13
N GLN LA 56 -5.48 57.14 -13.21
CA GLN LA 56 -4.34 57.62 -14.00
C GLN LA 56 -4.67 57.67 -15.49
N SER LA 57 -5.37 56.65 -16.00
CA SER LA 57 -5.70 56.68 -17.41
C SER LA 57 -6.68 57.79 -17.73
N ASP LA 58 -7.61 58.10 -16.82
CA ASP LA 58 -8.52 59.21 -17.05
C ASP LA 58 -7.77 60.53 -17.08
N LEU LA 59 -6.83 60.75 -16.16
CA LEU LA 59 -6.01 61.96 -16.25
C LEU LA 59 -5.30 62.04 -17.58
N SER LA 60 -4.62 60.97 -17.98
CA SER LA 60 -3.81 61.04 -19.19
C SER LA 60 -4.68 61.23 -20.42
N ILE LA 61 -5.83 60.57 -20.51
CA ILE LA 61 -6.68 60.73 -21.69
C ILE LA 61 -7.31 62.12 -21.72
N ALA LA 62 -7.72 62.66 -20.58
CA ALA LA 62 -8.20 64.03 -20.58
C ALA LA 62 -7.09 65.01 -20.94
N LYS LA 63 -5.83 64.62 -20.75
CA LYS LA 63 -4.72 65.42 -21.28
C LYS LA 63 -4.58 65.27 -22.79
N PHE LA 64 -4.76 64.05 -23.31
CA PHE LA 64 -4.58 63.81 -24.74
C PHE LA 64 -5.67 64.43 -25.58
N ALA LA 65 -6.82 64.77 -24.99
CA ALA LA 65 -7.88 65.43 -25.73
C ALA LA 65 -7.77 66.95 -25.70
N ASP LA 66 -6.79 67.49 -24.98
CA ASP LA 66 -6.45 68.91 -25.06
C ASP LA 66 -5.40 69.19 -26.12
N MET LA 67 -4.85 68.16 -26.75
CA MET LA 67 -3.90 68.33 -27.83
C MET LA 67 -4.52 68.07 -29.20
N ASN LA 68 -5.51 67.17 -29.26
CA ASN LA 68 -6.33 67.09 -30.45
C ASN LA 68 -7.08 68.39 -30.71
N GLU LA 69 -7.30 69.22 -29.70
CA GLU LA 69 -7.84 70.55 -29.97
C GLU LA 69 -6.87 71.36 -30.84
N ALA LA 70 -5.58 71.33 -30.49
CA ALA LA 70 -4.59 72.05 -31.27
C ALA LA 70 -4.48 71.49 -32.68
N SER LA 71 -4.46 70.17 -32.82
CA SER LA 71 -4.35 69.61 -34.18
C SER LA 71 -5.63 69.86 -34.98
N LYS LA 72 -6.80 69.84 -34.35
CA LYS LA 72 -8.03 70.17 -35.06
C LYS LA 72 -8.01 71.61 -35.56
N GLU LA 73 -7.58 72.54 -34.71
CA GLU LA 73 -7.46 73.92 -35.16
C GLU LA 73 -6.50 74.05 -36.31
N SER LA 74 -5.37 73.34 -36.26
CA SER LA 74 -4.41 73.44 -37.35
C SER LA 74 -4.99 72.92 -38.65
N THR LA 75 -5.68 71.78 -38.62
CA THR LA 75 -6.21 71.25 -39.88
C THR LA 75 -7.33 72.13 -40.44
N THR LA 76 -8.21 72.67 -39.60
CA THR LA 76 -9.24 73.55 -40.13
C THR LA 76 -8.64 74.83 -40.72
N ALA LA 77 -7.64 75.41 -40.04
CA ALA LA 77 -7.00 76.60 -40.56
C ALA LA 77 -6.32 76.31 -41.89
N GLN LA 78 -5.65 75.16 -42.01
CA GLN LA 78 -5.02 74.80 -43.27
C GLN LA 78 -6.05 74.62 -44.38
N LYS LA 79 -7.19 74.02 -44.08
CA LYS LA 79 -8.23 73.86 -45.10
C LYS LA 79 -8.73 75.22 -45.58
N MET LA 80 -8.97 76.15 -44.65
CA MET LA 80 -9.41 77.49 -45.05
C MET LA 80 -8.36 78.19 -45.91
N ALA LA 81 -7.09 78.11 -45.50
CA ALA LA 81 -6.02 78.73 -46.28
C ALA LA 81 -5.94 78.13 -47.67
N ASN LA 82 -6.15 76.83 -47.81
CA ASN LA 82 -6.14 76.23 -49.13
C ASN LA 82 -7.33 76.65 -49.97
N LEU LA 83 -8.49 76.89 -49.37
CA LEU LA 83 -9.60 77.47 -50.13
C LEU LA 83 -9.25 78.87 -50.64
N VAL LA 84 -8.62 79.68 -49.80
CA VAL LA 84 -8.22 81.01 -50.25
C VAL LA 84 -7.17 80.94 -51.36
N ASP LA 85 -6.25 79.97 -51.28
CA ASP LA 85 -5.30 79.76 -52.38
C ASP LA 85 -6.00 79.33 -53.67
N ALA LA 86 -6.97 78.42 -53.57
CA ALA LA 86 -7.74 78.07 -54.76
C ALA LA 86 -8.44 79.27 -55.37
N LYS LA 87 -8.92 80.19 -54.53
CA LYS LA 87 -9.52 81.42 -55.03
C LYS LA 87 -8.51 82.35 -55.68
N ILE LA 88 -7.30 82.48 -55.12
CA ILE LA 88 -6.29 83.34 -55.74
C ILE LA 88 -5.86 82.79 -57.09
N ALA LA 89 -5.80 81.48 -57.24
CA ALA LA 89 -5.32 80.88 -58.50
C ALA LA 89 -6.25 81.12 -59.67
N ASP LA 90 -7.29 81.93 -59.50
CA ASP LA 90 -8.16 82.34 -60.58
C ASP LA 90 -8.22 83.85 -60.76
N VAL LA 91 -7.66 84.61 -59.82
CA VAL LA 91 -7.63 86.06 -59.93
C VAL LA 91 -6.21 86.48 -60.26
N GLN LA 92 -5.27 85.55 -60.07
CA GLN LA 92 -3.92 85.76 -60.59
C GLN LA 92 -3.86 85.51 -62.09
N SER LA 93 -4.60 84.52 -62.58
CA SER LA 93 -4.69 84.25 -64.00
C SER LA 93 -5.72 85.13 -64.69
N SER LA 94 -6.25 86.14 -64.00
CA SER LA 94 -7.26 87.01 -64.57
C SER LA 94 -6.61 88.01 -65.51
N SER LA 95 -7.12 88.08 -66.73
CA SER LA 95 -6.54 88.96 -67.75
C SER LA 95 -6.70 90.43 -67.36
N ASP LA 96 -7.75 90.76 -66.63
CA ASP LA 96 -8.06 92.14 -66.27
C ASP LA 96 -7.16 92.59 -65.12
N LYS LA 97 -7.48 93.72 -64.51
CA LYS LA 97 -6.85 94.08 -63.25
C LYS LA 97 -7.25 93.07 -62.18
N ASN LA 98 -6.32 92.75 -61.29
CA ASN LA 98 -6.55 91.66 -60.34
C ASN LA 98 -7.34 92.11 -59.11
N ALA LA 99 -8.49 92.77 -59.33
CA ALA LA 99 -9.44 93.01 -58.26
C ALA LA 99 -10.82 92.58 -58.76
N LYS LA 100 -11.05 91.26 -58.73
CA LYS LA 100 -12.38 90.65 -58.86
C LYS LA 100 -12.28 89.33 -58.11
N ALA LA 101 -12.62 89.35 -56.83
CA ALA LA 101 -12.41 88.18 -55.99
C ALA LA 101 -13.24 88.30 -54.72
N GLN LA 102 -13.74 87.16 -54.27
CA GLN LA 102 -14.42 87.04 -53.00
C GLN LA 102 -14.03 85.71 -52.37
N LEU LA 103 -13.98 85.68 -51.07
CA LEU LA 103 -13.71 84.43 -50.40
C LEU LA 103 -14.89 83.48 -50.56
N PRO LA 104 -14.64 82.17 -50.63
CA PRO LA 104 -15.76 81.23 -50.69
C PRO LA 104 -16.55 81.25 -49.40
N ASP LA 105 -17.85 80.95 -49.52
CA ASP LA 105 -18.81 81.29 -48.47
C ASP LA 105 -18.47 80.64 -47.13
N GLU LA 106 -17.69 79.56 -47.14
CA GLU LA 106 -17.32 78.91 -45.89
C GLU LA 106 -16.19 79.65 -45.18
N VAL LA 107 -15.27 80.26 -45.91
CA VAL LA 107 -14.20 81.01 -45.28
C VAL LA 107 -14.75 82.24 -44.56
N ILE LA 108 -15.78 82.88 -45.12
CA ILE LA 108 -16.40 84.02 -44.44
C ILE LA 108 -16.93 83.60 -43.07
N SER LA 109 -17.65 82.48 -43.01
CA SER LA 109 -18.11 82.00 -41.73
C SER LA 109 -16.97 81.54 -40.83
N TYR LA 110 -15.84 81.14 -41.40
CA TYR LA 110 -14.68 80.85 -40.56
C TYR LA 110 -14.17 82.11 -39.86
N ILE LA 111 -13.91 83.18 -40.62
CA ILE LA 111 -13.43 84.41 -39.97
C ILE LA 111 -14.47 85.00 -39.02
N ASN LA 112 -15.73 85.09 -39.46
CA ASN LA 112 -16.74 85.78 -38.67
C ASN LA 112 -17.12 85.04 -37.40
N ASP LA 113 -16.72 83.79 -37.24
CA ASP LA 113 -17.06 83.04 -36.03
C ASP LA 113 -16.28 83.60 -34.85
N PRO LA 114 -16.87 83.67 -33.65
CA PRO LA 114 -16.20 84.38 -32.54
C PRO LA 114 -15.10 83.59 -31.84
N ARG LA 115 -15.09 82.26 -31.90
CA ARG LA 115 -14.20 81.47 -31.06
C ARG LA 115 -12.85 81.22 -31.72
N ASN LA 116 -12.41 82.10 -32.62
CA ASN LA 116 -11.14 81.91 -33.32
C ASN LA 116 -10.16 83.07 -33.15
N ASP LA 117 -10.63 84.29 -32.89
CA ASP LA 117 -9.78 85.47 -32.76
C ASP LA 117 -8.84 85.59 -33.97
N ILE LA 118 -9.45 85.80 -35.12
CA ILE LA 118 -8.78 85.69 -36.41
C ILE LA 118 -8.77 87.04 -37.13
N THR LA 119 -8.59 88.12 -36.38
CA THR LA 119 -8.41 89.45 -36.97
C THR LA 119 -7.36 89.43 -38.07
N ILE LA 120 -7.77 89.75 -39.30
CA ILE LA 120 -6.95 89.50 -40.49
C ILE LA 120 -6.60 90.78 -41.23
N SER LA 121 -7.61 91.47 -41.77
CA SER LA 121 -7.38 92.44 -42.82
C SER LA 121 -7.23 93.87 -42.30
N GLY LA 122 -8.13 94.29 -41.42
CA GLY LA 122 -8.23 95.70 -41.11
C GLY LA 122 -8.81 96.51 -42.24
N ILE LA 123 -9.57 95.87 -43.12
CA ILE LA 123 -10.12 96.53 -44.29
C ILE LA 123 -11.62 96.34 -44.30
N ASP LA 124 -12.33 97.26 -44.95
CA ASP LA 124 -13.78 97.34 -44.86
C ASP LA 124 -14.44 96.31 -45.78
N ASN LA 125 -15.61 95.84 -45.35
CA ASN LA 125 -16.59 95.20 -46.21
C ASN LA 125 -16.01 94.00 -46.95
N ILE LA 126 -15.68 92.97 -46.16
CA ILE LA 126 -15.43 91.67 -46.74
C ILE LA 126 -16.70 91.22 -47.47
N ASN LA 127 -16.53 90.29 -48.42
CA ASN LA 127 -17.47 89.80 -49.41
C ASN LA 127 -17.61 90.75 -50.61
N ALA LA 128 -17.12 91.99 -50.52
CA ALA LA 128 -17.13 92.87 -51.69
C ALA LA 128 -16.15 94.01 -51.46
N GLN LA 129 -14.95 93.92 -52.04
CA GLN LA 129 -14.34 92.70 -52.55
C GLN LA 129 -12.85 92.97 -52.33
N LEU LA 130 -12.00 91.93 -52.29
CA LEU LA 130 -10.61 92.13 -51.91
C LEU LA 130 -9.67 91.60 -52.99
N GLY LA 131 -9.48 92.39 -54.05
CA GLY LA 131 -8.32 92.33 -54.92
C GLY LA 131 -7.80 90.96 -55.31
N ALA LA 132 -6.49 90.88 -55.52
CA ALA LA 132 -5.77 89.62 -55.48
C ALA LA 132 -4.40 89.75 -54.82
N GLY LA 133 -3.99 90.94 -54.42
CA GLY LA 133 -2.70 91.14 -53.78
C GLY LA 133 -2.87 91.45 -52.31
N ASP LA 134 -4.10 91.77 -51.92
CA ASP LA 134 -4.47 91.87 -50.51
C ASP LA 134 -5.18 90.62 -50.02
N LEU LA 135 -5.55 89.70 -50.92
CA LEU LA 135 -6.02 88.38 -50.53
C LEU LA 135 -4.87 87.54 -49.99
N GLN LA 136 -3.64 87.89 -50.35
CA GLN LA 136 -2.48 87.24 -49.76
C GLN LA 136 -2.39 87.50 -48.27
N THR LA 137 -2.82 88.69 -47.84
CA THR LA 137 -2.84 88.97 -46.40
C THR LA 137 -3.81 88.06 -45.68
N VAL LA 138 -4.99 87.83 -46.26
CA VAL LA 138 -5.96 86.93 -45.65
C VAL LA 138 -5.40 85.52 -45.59
N LYS LA 139 -4.80 85.04 -46.69
CA LYS LA 139 -4.23 83.70 -46.68
C LYS LA 139 -3.12 83.57 -45.64
N ALA LA 140 -2.25 84.57 -45.53
CA ALA LA 140 -1.18 84.52 -44.54
C ALA LA 140 -1.71 84.57 -43.11
N ALA LA 141 -2.70 85.41 -42.84
CA ALA LA 141 -3.24 85.49 -41.49
C ALA LA 141 -4.08 84.29 -41.11
N ILE LA 142 -4.60 83.54 -42.08
CA ILE LA 142 -5.29 82.29 -41.76
C ILE LA 142 -4.28 81.17 -41.56
N SER LA 143 -3.32 81.04 -42.46
CA SER LA 143 -2.33 79.98 -42.35
C SER LA 143 -1.20 80.30 -41.38
N ALA LA 144 -1.28 81.41 -40.65
CA ALA LA 144 -0.35 81.63 -39.57
C ALA LA 144 -0.88 81.13 -38.23
N LYS LA 145 -2.18 80.88 -38.11
CA LYS LA 145 -2.76 80.27 -36.93
C LYS LA 145 -2.79 78.76 -37.04
N ALA LA 146 -2.37 78.22 -38.18
CA ALA LA 146 -2.23 76.79 -38.35
C ALA LA 146 -0.90 76.26 -37.83
N ASN LA 147 0.01 77.13 -37.42
CA ASN LA 147 1.35 76.73 -37.00
C ASN LA 147 1.46 76.63 -35.48
N ASN LA 148 0.62 75.80 -34.87
CA ASN LA 148 0.55 75.69 -33.42
C ASN LA 148 0.76 74.27 -32.93
N LEU LA 149 1.66 73.52 -33.54
CA LEU LA 149 1.96 72.17 -33.06
C LEU LA 149 3.28 72.09 -32.31
N THR LA 150 3.92 73.22 -32.03
CA THR LA 150 5.10 73.19 -31.18
C THR LA 150 4.83 73.76 -29.80
N THR LA 151 3.84 74.64 -29.66
CA THR LA 151 3.46 75.09 -28.33
C THR LA 151 2.82 73.97 -27.52
N THR LA 152 2.30 72.93 -28.18
CA THR LA 152 1.72 71.79 -27.50
C THR LA 152 2.64 70.58 -27.46
N VAL LA 153 3.87 70.72 -27.95
CA VAL LA 153 4.92 69.76 -27.71
C VAL LA 153 5.92 70.28 -26.69
N ASN LA 154 6.11 71.59 -26.63
CA ASN LA 154 6.95 72.15 -25.57
C ASN LA 154 6.26 72.05 -24.22
N ASN LA 155 4.94 72.21 -24.18
CA ASN LA 155 4.19 72.24 -22.94
C ASN LA 155 3.86 70.87 -22.38
N SER LA 156 4.01 69.82 -23.17
CA SER LA 156 3.47 68.52 -22.80
C SER LA 156 4.47 67.40 -23.08
N GLN LA 157 5.71 67.56 -22.65
CA GLN LA 157 6.68 66.49 -22.77
C GLN LA 157 7.23 66.03 -21.44
N LEU LA 158 7.21 66.86 -20.41
CA LEU LA 158 7.60 66.44 -19.07
C LEU LA 158 6.43 65.91 -18.27
N GLU LA 159 5.22 66.01 -18.81
CA GLU LA 159 4.06 65.37 -18.21
C GLU LA 159 3.84 63.98 -18.78
N ILE LA 160 3.90 63.84 -20.10
CA ILE LA 160 3.76 62.54 -20.71
C ILE LA 160 4.87 61.60 -20.26
N GLN LA 161 6.05 62.13 -19.99
CA GLN LA 161 7.11 61.42 -19.27
C GLN LA 161 6.52 60.67 -18.08
N GLN LA 162 5.95 61.41 -17.13
CA GLN LA 162 5.52 60.81 -15.88
C GLN LA 162 4.25 59.99 -16.02
N MET LA 163 3.29 60.43 -16.84
CA MET LA 163 2.10 59.63 -17.08
C MET LA 163 2.44 58.28 -17.69
N SER LA 164 3.28 58.28 -18.73
CA SER LA 164 3.68 57.04 -19.36
C SER LA 164 4.50 56.16 -18.43
N ASN LA 165 5.39 56.73 -17.62
CA ASN LA 165 6.13 55.88 -16.70
C ASN LA 165 5.21 55.27 -15.65
N THR LA 166 4.38 56.08 -14.99
CA THR LA 166 3.52 55.58 -13.92
C THR LA 166 2.54 54.54 -14.44
N LEU LA 167 1.98 54.76 -15.62
CA LEU LA 167 0.90 53.90 -16.08
C LEU LA 167 1.42 52.49 -16.39
N ASN LA 168 2.61 52.40 -16.98
CA ASN LA 168 3.32 51.14 -17.10
C ASN LA 168 3.68 50.56 -15.74
N LEU LA 169 4.19 51.39 -14.84
CA LEU LA 169 4.68 50.94 -13.55
C LEU LA 169 3.55 50.38 -12.71
N LEU LA 170 2.31 50.67 -13.09
CA LEU LA 170 1.13 50.24 -12.38
C LEU LA 170 0.43 49.05 -13.04
N THR LA 171 0.44 48.98 -14.38
CA THR LA 171 0.08 47.75 -15.07
C THR LA 171 0.95 46.58 -14.60
N SER LA 172 2.26 46.79 -14.60
CA SER LA 172 3.18 45.73 -14.23
C SER LA 172 3.17 45.40 -12.75
N ALA LA 173 2.50 46.21 -11.93
CA ALA LA 173 2.31 45.88 -10.53
C ALA LA 173 1.00 45.18 -10.25
N ARG LA 174 -0.01 45.45 -11.08
CA ARG LA 174 -1.30 44.80 -10.97
C ARG LA 174 -1.11 43.33 -11.34
N SER LA 175 -0.32 43.12 -12.39
CA SER LA 175 -0.02 41.79 -12.93
C SER LA 175 0.74 40.90 -11.96
N ASP LA 176 1.69 41.49 -11.24
CA ASP LA 176 2.49 40.73 -10.28
C ASP LA 176 1.53 40.18 -9.24
N MET LA 177 0.56 41.00 -8.86
CA MET LA 177 -0.44 40.62 -7.87
C MET LA 177 -1.27 39.44 -8.37
N GLN LA 178 -1.61 39.45 -9.67
CA GLN LA 178 -2.42 38.36 -10.21
C GLN LA 178 -1.65 37.04 -10.26
N SER LA 179 -0.37 37.09 -10.66
CA SER LA 179 0.43 35.88 -10.67
C SER LA 179 0.60 35.29 -9.27
N LEU LA 180 0.86 36.15 -8.28
CA LEU LA 180 0.98 35.67 -6.90
C LEU LA 180 -0.33 35.08 -6.40
N GLN LA 181 -1.45 35.72 -6.72
CA GLN LA 181 -2.75 35.19 -6.33
C GLN LA 181 -2.98 33.80 -6.91
N TYR LA 182 -2.54 33.58 -8.14
CA TYR LA 182 -2.65 32.24 -8.71
C TYR LA 182 -1.75 31.25 -8.00
N ARG LA 183 -0.47 31.60 -7.82
CA ARG LA 183 0.47 30.63 -7.26
C ARG LA 183 0.21 30.32 -5.80
N THR LA 184 -0.46 31.20 -5.07
CA THR LA 184 -0.76 30.92 -3.67
C THR LA 184 -1.82 29.84 -3.51
N ILE LA 185 -2.84 29.86 -4.36
CA ILE LA 185 -3.95 28.92 -4.23
C ILE LA 185 -3.65 27.59 -4.92
N SER LA 186 -2.67 27.56 -5.82
CA SER LA 186 -2.31 26.31 -6.47
C SER LA 186 -1.69 25.31 -5.52
N GLY LA 187 -1.18 25.75 -4.38
CA GLY LA 187 -0.50 24.89 -3.43
C GLY LA 187 -1.40 24.19 -2.43
N ILE LA 188 -2.71 24.32 -2.55
CA ILE LA 188 -3.65 23.66 -1.66
C ILE LA 188 -4.17 22.41 -2.36
N SER LA 189 -3.85 21.24 -1.80
CA SER LA 189 -4.25 19.96 -2.36
C SER LA 189 -5.39 19.38 -1.53
N LEU LA 190 -6.50 19.07 -2.20
CA LEU LA 190 -7.70 18.61 -1.52
C LEU LA 190 -7.63 17.10 -1.32
N GLY LA 191 -7.91 16.65 -0.11
CA GLY LA 191 -7.96 15.23 0.17
C GLY LA 191 -6.63 14.53 0.15
N LYS LA 192 -5.53 15.23 0.40
CA LYS LA 192 -4.22 14.60 0.41
C LYS LA 192 -3.41 15.04 1.62
N SER MA 19 -5.44 59.30 -44.21
CA SER MA 19 -4.27 58.43 -44.24
C SER MA 19 -4.27 57.44 -43.07
N MET MA 20 -5.18 57.69 -42.12
CA MET MA 20 -5.32 56.83 -40.96
C MET MA 20 -6.77 56.39 -40.81
N ALA MA 21 -7.03 55.62 -39.75
CA ALA MA 21 -8.34 55.02 -39.56
C ALA MA 21 -9.38 56.03 -39.10
N TYR MA 22 -9.07 56.76 -38.03
CA TYR MA 22 -10.05 57.64 -37.40
C TYR MA 22 -9.80 59.08 -37.83
N ASP MA 23 -10.87 59.75 -38.28
CA ASP MA 23 -10.78 61.11 -38.78
C ASP MA 23 -11.12 62.11 -37.67
N LEU MA 24 -10.15 62.31 -36.77
CA LEU MA 24 -10.34 63.17 -35.61
C LEU MA 24 -10.53 64.63 -35.96
N GLY MA 25 -10.54 64.98 -37.24
CA GLY MA 25 -10.70 66.38 -37.62
C GLY MA 25 -12.11 66.91 -37.49
N SER MA 26 -13.09 66.03 -37.40
CA SER MA 26 -14.50 66.43 -37.27
C SER MA 26 -15.09 66.12 -35.90
N MET MA 27 -14.66 65.04 -35.25
CA MET MA 27 -15.23 64.64 -33.98
C MET MA 27 -14.98 65.70 -32.92
N SER MA 28 -16.03 65.99 -32.14
CA SER MA 28 -15.93 66.96 -31.08
C SER MA 28 -15.07 66.41 -29.95
N LYS MA 29 -14.94 67.17 -28.86
CA LYS MA 29 -14.08 66.72 -27.77
C LYS MA 29 -14.71 65.57 -27.00
N ASP MA 30 -16.02 65.66 -26.75
CA ASP MA 30 -16.68 64.60 -25.98
C ASP MA 30 -16.86 63.32 -26.78
N ASP MA 31 -16.60 63.35 -28.09
CA ASP MA 31 -16.50 62.13 -28.88
C ASP MA 31 -15.08 61.63 -28.99
N VAL MA 32 -14.10 62.52 -29.01
CA VAL MA 32 -12.70 62.09 -29.00
C VAL MA 32 -12.38 61.40 -27.68
N ILE MA 33 -12.90 61.90 -26.56
CA ILE MA 33 -12.63 61.26 -25.29
C ILE MA 33 -13.21 59.86 -25.25
N ASP MA 34 -14.45 59.70 -25.73
CA ASP MA 34 -15.06 58.37 -25.74
C ASP MA 34 -14.34 57.44 -26.71
N LEU MA 35 -13.84 57.98 -27.82
CA LEU MA 35 -13.01 57.19 -28.72
C LEU MA 35 -11.75 56.70 -28.04
N PHE MA 36 -11.03 57.60 -27.37
CA PHE MA 36 -9.81 57.22 -26.67
C PHE MA 36 -10.07 56.25 -25.54
N ASN MA 37 -11.24 56.32 -24.92
CA ASN MA 37 -11.61 55.32 -23.93
C ASN MA 37 -11.87 53.96 -24.57
N LYS MA 38 -12.44 53.94 -25.78
CA LYS MA 38 -12.60 52.67 -26.48
C LYS MA 38 -11.25 52.02 -26.77
N LEU MA 39 -10.27 52.80 -27.21
CA LEU MA 39 -8.90 52.32 -27.36
C LEU MA 39 -8.26 52.24 -25.98
N GLY MA 40 -6.97 51.99 -25.94
CA GLY MA 40 -6.25 51.90 -24.68
C GLY MA 40 -5.83 53.27 -24.18
N VAL MA 41 -4.78 53.28 -23.36
CA VAL MA 41 -4.13 54.50 -22.96
C VAL MA 41 -2.87 54.77 -23.77
N PHE MA 42 -2.17 53.74 -24.22
CA PHE MA 42 -0.99 53.90 -25.05
C PHE MA 42 -1.35 54.17 -26.51
N GLN MA 43 -2.41 53.55 -27.02
CA GLN MA 43 -2.78 53.81 -28.39
C GLN MA 43 -3.59 55.09 -28.55
N ALA MA 44 -4.20 55.61 -27.50
CA ALA MA 44 -4.66 56.98 -27.55
C ALA MA 44 -3.49 57.92 -27.79
N ALA MA 45 -2.38 57.70 -27.08
CA ALA MA 45 -1.19 58.49 -27.30
C ALA MA 45 -0.65 58.33 -28.71
N ILE MA 46 -0.67 57.10 -29.24
CA ILE MA 46 -0.17 56.92 -30.59
C ILE MA 46 -1.06 57.60 -31.63
N LEU MA 47 -2.38 57.55 -31.50
CA LEU MA 47 -3.20 58.34 -32.41
C LEU MA 47 -2.97 59.84 -32.25
N MET MA 48 -2.84 60.33 -31.03
CA MET MA 48 -2.65 61.77 -30.85
C MET MA 48 -1.37 62.21 -31.53
N PHE MA 49 -0.29 61.43 -31.36
CA PHE MA 49 0.97 61.78 -32.01
C PHE MA 49 0.92 61.59 -33.52
N ALA MA 50 0.20 60.58 -34.00
CA ALA MA 50 0.11 60.39 -35.45
C ALA MA 50 -0.67 61.51 -36.12
N TYR MA 51 -1.76 61.96 -35.50
CA TYR MA 51 -2.49 63.08 -36.06
C TYR MA 51 -1.70 64.37 -35.98
N MET MA 52 -0.97 64.60 -34.88
CA MET MA 52 -0.12 65.78 -34.83
C MET MA 52 0.97 65.72 -35.91
N TYR MA 53 1.52 64.53 -36.16
CA TYR MA 53 2.49 64.38 -37.24
C TYR MA 53 1.87 64.65 -38.60
N GLN MA 54 0.66 64.19 -38.84
CA GLN MA 54 0.01 64.51 -40.12
C GLN MA 54 -0.23 66.00 -40.27
N ALA MA 55 -0.68 66.68 -39.23
CA ALA MA 55 -0.91 68.11 -39.34
C ALA MA 55 0.38 68.85 -39.62
N GLN MA 56 1.46 68.50 -38.92
CA GLN MA 56 2.74 69.16 -39.14
C GLN MA 56 3.29 68.86 -40.53
N SER MA 57 3.18 67.62 -40.99
CA SER MA 57 3.69 67.31 -42.31
C SER MA 57 2.88 68.00 -43.40
N ASP MA 58 1.57 68.16 -43.20
CA ASP MA 58 0.78 68.90 -44.18
C ASP MA 58 1.18 70.36 -44.24
N LEU MA 59 1.40 70.99 -43.08
CA LEU MA 59 1.91 72.36 -43.11
C LEU MA 59 3.22 72.45 -43.87
N SER MA 60 4.18 71.58 -43.53
CA SER MA 60 5.49 71.68 -44.14
C SER MA 60 5.44 71.41 -45.64
N ILE MA 61 4.66 70.42 -46.07
CA ILE MA 61 4.60 70.13 -47.50
C ILE MA 61 3.87 71.23 -48.26
N ALA MA 62 2.81 71.79 -47.69
CA ALA MA 62 2.20 72.95 -48.35
C ALA MA 62 3.14 74.14 -48.38
N LYS MA 63 4.12 74.20 -47.49
CA LYS MA 63 5.18 75.19 -47.62
C LYS MA 63 6.16 74.84 -48.73
N PHE MA 64 6.50 73.56 -48.87
CA PHE MA 64 7.49 73.15 -49.88
C PHE MA 64 6.96 73.27 -51.29
N ALA MA 65 5.65 73.34 -51.48
CA ALA MA 65 5.09 73.51 -52.81
C ALA MA 65 4.91 74.99 -53.18
N ASP MA 66 5.22 75.91 -52.28
CA ASP MA 66 5.30 77.33 -52.60
C ASP MA 66 6.70 77.74 -53.02
N MET MA 67 7.66 76.84 -52.96
CA MET MA 67 9.01 77.11 -53.43
C MET MA 67 9.31 76.45 -54.77
N ASN MA 68 8.69 75.29 -55.03
CA ASN MA 68 8.70 74.78 -56.39
C ASN MA 68 8.02 75.73 -57.36
N GLU MA 69 7.13 76.60 -56.89
CA GLU MA 69 6.62 77.64 -57.78
C GLU MA 69 7.76 78.55 -58.25
N ALA MA 70 8.63 78.97 -57.33
CA ALA MA 70 9.74 79.83 -57.69
C ALA MA 70 10.71 79.11 -58.61
N SER MA 71 11.03 77.85 -58.32
CA SER MA 71 11.95 77.14 -59.20
C SER MA 71 11.33 76.84 -60.57
N LYS MA 72 10.02 76.58 -60.62
CA LYS MA 72 9.37 76.40 -61.91
C LYS MA 72 9.42 77.68 -62.74
N GLU MA 73 9.15 78.82 -62.12
CA GLU MA 73 9.25 80.09 -62.83
C GLU MA 73 10.67 80.31 -63.35
N SER MA 74 11.67 79.99 -62.53
CA SER MA 74 13.04 80.20 -62.97
C SER MA 74 13.39 79.31 -64.16
N THR MA 75 12.99 78.04 -64.13
CA THR MA 75 13.35 77.19 -65.26
C THR MA 75 12.60 77.58 -66.54
N THR MA 76 11.32 77.95 -66.45
CA THR MA 76 10.64 78.38 -67.67
C THR MA 76 11.24 79.68 -68.22
N ALA MA 77 11.57 80.63 -67.35
CA ALA MA 77 12.19 81.85 -67.83
C ALA MA 77 13.53 81.57 -68.48
N GLN MA 78 14.34 80.68 -67.90
CA GLN MA 78 15.61 80.33 -68.51
C GLN MA 78 15.42 79.66 -69.86
N LYS MA 79 14.43 78.80 -70.01
CA LYS MA 79 14.17 78.18 -71.31
C LYS MA 79 13.80 79.22 -72.36
N MET MA 80 12.94 80.17 -71.99
CA MET MA 80 12.58 81.23 -72.94
C MET MA 80 13.79 82.07 -73.32
N ALA MA 81 14.62 82.44 -72.35
CA ALA MA 81 15.81 83.21 -72.64
C ALA MA 81 16.75 82.46 -73.56
N ASN MA 82 16.87 81.15 -73.37
CA ASN MA 82 17.72 80.36 -74.26
C ASN MA 82 17.15 80.27 -75.67
N LEU MA 83 15.82 80.25 -75.82
CA LEU MA 83 15.26 80.32 -77.17
C LEU MA 83 15.59 81.65 -77.83
N VAL MA 84 15.50 82.75 -77.08
CA VAL MA 84 15.85 84.05 -77.65
C VAL MA 84 17.34 84.11 -78.00
N ASP MA 85 18.20 83.50 -77.20
CA ASP MA 85 19.61 83.41 -77.56
C ASP MA 85 19.84 82.59 -78.82
N ALA MA 86 19.15 81.46 -78.96
CA ALA MA 86 19.24 80.69 -80.20
C ALA MA 86 18.81 81.51 -81.40
N LYS MA 87 17.80 82.36 -81.23
CA LYS MA 87 17.38 83.26 -82.31
C LYS MA 87 18.41 84.34 -82.62
N ILE MA 88 19.06 84.91 -81.61
CA ILE MA 88 20.09 85.92 -81.86
C ILE MA 88 21.29 85.33 -82.60
N ALA MA 89 21.64 84.08 -82.29
CA ALA MA 89 22.82 83.46 -82.89
C ALA MA 89 22.69 83.22 -84.39
N ASP MA 90 21.60 83.68 -85.00
CA ASP MA 90 21.43 83.63 -86.44
C ASP MA 90 21.23 85.00 -87.06
N VAL MA 91 21.03 86.04 -86.25
CA VAL MA 91 20.87 87.39 -86.76
C VAL MA 91 22.16 88.16 -86.45
N GLN MA 92 22.96 87.60 -85.55
CA GLN MA 92 24.31 88.13 -85.37
C GLN MA 92 25.23 87.67 -86.50
N SER MA 93 25.08 86.44 -86.95
CA SER MA 93 25.84 85.92 -88.08
C SER MA 93 25.24 86.32 -89.42
N SER MA 94 24.25 87.21 -89.42
CA SER MA 94 23.61 87.65 -90.64
C SER MA 94 24.49 88.62 -91.39
N SER MA 95 24.75 88.33 -92.67
CA SER MA 95 25.62 89.17 -93.47
C SER MA 95 25.05 90.57 -93.67
N ASP MA 96 23.73 90.68 -93.69
CA ASP MA 96 23.05 91.94 -93.98
C ASP MA 96 23.07 92.82 -92.73
N LYS MA 97 22.27 93.89 -92.73
CA LYS MA 97 22.03 94.62 -91.49
C LYS MA 97 21.27 93.72 -90.52
N ASN MA 98 21.59 93.84 -89.24
CA ASN MA 98 21.06 92.92 -88.24
C ASN MA 98 19.66 93.30 -87.79
N ALA MA 99 18.73 93.53 -88.72
CA ALA MA 99 17.31 93.64 -88.39
C ALA MA 99 16.55 92.73 -89.35
N LYS MA 100 16.56 91.44 -89.05
CA LYS MA 100 15.66 90.44 -89.62
C LYS MA 100 15.54 89.35 -88.56
N ALA MA 101 14.55 89.48 -87.70
CA ALA MA 101 14.44 88.59 -86.57
C ALA MA 101 13.04 88.66 -85.97
N GLN MA 102 12.57 87.50 -85.51
CA GLN MA 102 11.34 87.39 -84.77
C GLN MA 102 11.52 86.36 -83.67
N LEU MA 103 10.83 86.56 -82.58
CA LEU MA 103 10.90 85.57 -81.50
C LEU MA 103 10.18 84.30 -81.94
N PRO MA 104 10.64 83.14 -81.50
CA PRO MA 104 9.93 81.90 -81.82
C PRO MA 104 8.55 81.88 -81.16
N ASP MA 105 7.61 81.19 -81.81
CA ASP MA 105 6.19 81.40 -81.53
C ASP MA 105 5.84 81.11 -80.07
N GLU MA 106 6.65 80.32 -79.37
CA GLU MA 106 6.37 80.03 -77.97
C GLU MA 106 6.76 81.18 -77.05
N VAL MA 107 7.83 81.92 -77.38
CA VAL MA 107 8.21 83.05 -76.56
C VAL MA 107 7.17 84.15 -76.62
N ILE MA 108 6.53 84.35 -77.77
CA ILE MA 108 5.46 85.35 -77.86
C ILE MA 108 4.34 85.02 -76.89
N SER MA 109 3.90 83.76 -76.86
CA SER MA 109 2.90 83.37 -75.90
C SER MA 109 3.40 83.43 -74.47
N TYR MA 110 4.71 83.31 -74.25
CA TYR MA 110 5.23 83.52 -72.90
C TYR MA 110 5.05 84.97 -72.45
N ILE MA 111 5.50 85.93 -73.27
CA ILE MA 111 5.34 87.34 -72.87
C ILE MA 111 3.85 87.73 -72.80
N ASN MA 112 3.06 87.35 -73.81
CA ASN MA 112 1.68 87.83 -73.87
C ASN MA 112 0.78 87.23 -72.79
N ASP MA 113 1.23 86.20 -72.09
CA ASP MA 113 0.41 85.59 -71.05
C ASP MA 113 0.30 86.54 -69.87
N PRO MA 114 -0.85 86.64 -69.20
CA PRO MA 114 -1.04 87.68 -68.18
C PRO MA 114 -0.41 87.40 -66.82
N ARG MA 115 -0.16 86.14 -66.48
CA ARG MA 115 0.24 85.79 -65.12
C ARG MA 115 1.74 85.87 -64.90
N ASN MA 116 2.46 86.68 -65.68
CA ASN MA 116 3.91 86.78 -65.56
C ASN MA 116 4.43 88.18 -65.30
N ASP MA 117 3.69 89.23 -65.68
CA ASP MA 117 4.12 90.61 -65.51
C ASP MA 117 5.54 90.82 -66.06
N ILE MA 118 5.65 90.65 -67.37
CA ILE MA 118 6.93 90.53 -68.06
C ILE MA 118 7.11 91.68 -69.04
N THR MA 119 6.65 92.87 -68.67
CA THR MA 119 6.90 94.08 -69.45
C THR MA 119 8.37 94.20 -69.83
N ILE MA 120 8.68 94.18 -71.14
CA ILE MA 120 10.05 93.99 -71.62
C ILE MA 120 10.53 95.18 -72.44
N SER MA 121 9.90 95.43 -73.58
CA SER MA 121 10.51 96.26 -74.63
C SER MA 121 10.11 97.72 -74.56
N GLY MA 122 8.81 97.98 -74.40
CA GLY MA 122 8.32 99.33 -74.62
C GLY MA 122 8.36 99.73 -76.07
N ILE MA 123 8.32 98.76 -76.98
CA ILE MA 123 8.43 99.02 -78.41
C ILE MA 123 7.23 98.38 -79.10
N ASP MA 124 6.86 98.93 -80.25
CA ASP MA 124 5.62 98.57 -80.93
C ASP MA 124 5.76 97.27 -81.69
N ASN MA 125 4.64 96.53 -81.77
CA ASN MA 125 4.43 95.50 -82.77
C ASN MA 125 5.53 94.43 -82.72
N ILE MA 126 5.52 93.69 -81.60
CA ILE MA 126 6.26 92.44 -81.57
C ILE MA 126 5.71 91.52 -82.65
N ASN MA 127 6.53 90.54 -83.06
CA ASN MA 127 6.41 89.64 -84.19
C ASN MA 127 6.79 90.29 -85.52
N ALA MA 128 6.94 91.62 -85.58
CA ALA MA 128 7.43 92.25 -86.81
C ALA MA 128 7.92 93.66 -86.47
N GLN MA 129 9.23 93.84 -86.31
CA GLN MA 129 10.21 92.81 -86.07
C GLN MA 129 11.26 93.54 -85.25
N LEU MA 130 12.10 92.83 -84.47
CA LEU MA 130 12.99 93.49 -83.52
C LEU MA 130 14.44 93.11 -83.79
N GLY MA 131 15.05 93.74 -84.80
CA GLY MA 131 16.49 93.89 -84.92
C GLY MA 131 17.35 92.70 -84.56
N ALA MA 132 18.56 92.98 -84.06
CA ALA MA 132 19.33 92.03 -83.28
C ALA MA 132 20.06 92.67 -82.11
N GLY MA 133 19.97 93.98 -81.94
CA GLY MA 133 20.62 94.65 -80.85
C GLY MA 133 19.63 95.13 -79.82
N ASP MA 134 18.35 95.13 -80.21
CA ASP MA 134 17.26 95.33 -79.27
C ASP MA 134 16.60 94.03 -78.85
N LEU MA 135 16.96 92.91 -79.50
CA LEU MA 135 16.58 91.60 -79.00
C LEU MA 135 17.34 91.24 -77.74
N GLN MA 136 18.50 91.88 -77.53
CA GLN MA 136 19.23 91.71 -76.29
C GLN MA 136 18.43 92.23 -75.10
N THR MA 137 17.64 93.29 -75.31
CA THR MA 137 16.78 93.78 -74.24
C THR MA 137 15.73 92.75 -73.86
N VAL MA 138 15.13 92.08 -74.85
CA VAL MA 138 14.15 91.04 -74.56
C VAL MA 138 14.82 89.89 -73.81
N LYS MA 139 15.98 89.46 -74.26
CA LYS MA 139 16.67 88.36 -73.57
C LYS MA 139 17.02 88.74 -72.14
N ALA MA 140 17.51 89.96 -71.91
CA ALA MA 140 17.83 90.40 -70.57
C ALA MA 140 16.61 90.53 -69.68
N ALA MA 141 15.50 91.06 -70.20
CA ALA MA 141 14.29 91.19 -69.39
C ALA MA 141 13.59 89.87 -69.13
N ILE MA 142 13.83 88.85 -69.96
CA ILE MA 142 13.31 87.52 -69.66
C ILE MA 142 14.20 86.80 -68.66
N SER MA 143 15.51 86.83 -68.87
CA SER MA 143 16.43 86.15 -67.98
C SER MA 143 16.76 86.95 -66.74
N ALA MA 144 16.11 88.09 -66.51
CA ALA MA 144 16.22 88.75 -65.23
C ALA MA 144 15.13 88.34 -64.24
N LYS MA 145 14.05 87.74 -64.73
CA LYS MA 145 13.02 87.19 -63.86
C LYS MA 145 13.31 85.73 -63.52
N ALA MA 146 14.37 85.16 -64.07
CA ALA MA 146 14.82 83.83 -63.71
C ALA MA 146 15.70 83.83 -62.47
N ASN MA 147 16.06 84.99 -61.95
CA ASN MA 147 16.99 85.08 -60.82
C ASN MA 147 16.25 85.28 -59.51
N ASN MA 148 15.37 84.34 -59.18
CA ASN MA 148 14.53 84.46 -57.99
C ASN MA 148 14.65 83.26 -57.05
N LEU MA 149 15.86 82.73 -56.88
CA LEU MA 149 16.06 81.63 -55.94
C LEU MA 149 16.73 82.07 -54.65
N THR MA 150 16.91 83.38 -54.44
CA THR MA 150 17.39 83.85 -53.16
C THR MA 150 16.32 84.53 -52.33
N THR MA 151 15.28 85.08 -52.97
CA THR MA 151 14.16 85.59 -52.21
C THR MA 151 13.38 84.48 -51.54
N THR MA 152 13.49 83.25 -52.02
CA THR MA 152 12.83 82.10 -51.40
C THR MA 152 13.76 81.25 -50.56
N VAL MA 153 15.00 81.68 -50.39
CA VAL MA 153 15.90 81.13 -49.38
C VAL MA 153 16.06 82.09 -48.21
N ASN MA 154 15.95 83.39 -48.46
CA ASN MA 154 15.95 84.34 -47.35
C ASN MA 154 14.66 84.26 -46.56
N ASN MA 155 13.54 84.02 -47.24
CA ASN MA 155 12.23 84.03 -46.61
C ASN MA 155 11.89 82.73 -45.90
N SER MA 156 12.61 81.65 -46.14
CA SER MA 156 12.19 80.33 -45.72
C SER MA 156 13.33 79.53 -45.13
N GLN MA 157 14.09 80.14 -44.21
CA GLN MA 157 15.12 79.40 -43.50
C GLN MA 157 14.91 79.36 -42.00
N LEU MA 158 14.17 80.30 -41.43
CA LEU MA 158 13.82 80.24 -40.01
C LEU MA 158 12.51 79.50 -39.79
N GLU MA 159 11.80 79.16 -40.86
CA GLU MA 159 10.64 78.29 -40.75
C GLU MA 159 11.00 76.84 -40.91
N ILE MA 160 11.81 76.51 -41.91
CA ILE MA 160 12.25 75.13 -42.08
C ILE MA 160 13.06 74.67 -40.89
N GLN MA 161 13.79 75.58 -40.23
CA GLN MA 161 14.36 75.35 -38.91
C GLN MA 161 13.35 74.65 -38.01
N GLN MA 162 12.23 75.32 -37.73
CA GLN MA 162 11.28 74.84 -36.75
C GLN MA 162 10.47 73.66 -37.26
N MET MA 163 10.07 73.65 -38.52
CA MET MA 163 9.36 72.50 -39.07
C MET MA 163 10.21 71.24 -38.99
N SER MA 164 11.47 71.33 -39.41
CA SER MA 164 12.35 70.18 -39.36
C SER MA 164 12.64 69.75 -37.93
N ASN MA 165 12.82 70.69 -37.01
CA ASN MA 165 13.05 70.26 -35.63
C ASN MA 165 11.83 69.59 -35.04
N THR MA 166 10.65 70.20 -35.17
CA THR MA 166 9.44 69.64 -34.58
C THR MA 166 9.10 68.28 -35.17
N LEU MA 167 9.26 68.12 -36.48
CA LEU MA 167 8.78 66.91 -37.13
C LEU MA 167 9.61 65.70 -36.68
N ASN MA 168 10.92 65.89 -36.55
CA ASN MA 168 11.78 64.89 -35.92
C ASN MA 168 11.41 64.68 -34.47
N LEU MA 169 11.20 65.77 -33.73
CA LEU MA 169 10.94 65.70 -32.30
C LEU MA 169 9.65 64.97 -32.00
N LEU MA 170 8.81 64.80 -33.01
CA LEU MA 170 7.52 64.15 -32.90
C LEU MA 170 7.51 62.72 -33.42
N THR MA 171 8.28 62.44 -34.48
CA THR MA 171 8.56 61.06 -34.85
C THR MA 171 9.22 60.31 -33.69
N SER MA 172 10.25 60.90 -33.09
CA SER MA 172 10.97 60.23 -32.02
C SER MA 172 10.19 60.17 -30.73
N ALA MA 173 9.05 60.85 -30.63
CA ALA MA 173 8.17 60.72 -29.48
C ALA MA 173 7.07 59.72 -29.70
N ARG MA 174 6.67 59.53 -30.95
CA ARG MA 174 5.67 58.54 -31.31
C ARG MA 174 6.26 57.16 -31.08
N SER MA 175 7.53 57.03 -31.48
CA SER MA 175 8.29 55.79 -31.37
C SER MA 175 8.52 55.34 -29.93
N ASP MA 176 8.80 56.30 -29.05
CA ASP MA 176 9.03 55.98 -27.65
C ASP MA 176 7.77 55.35 -27.10
N MET MA 177 6.64 55.88 -27.52
CA MET MA 177 5.33 55.38 -27.10
C MET MA 177 5.13 53.94 -27.56
N GLN MA 178 5.57 53.63 -28.78
CA GLN MA 178 5.40 52.28 -29.31
C GLN MA 178 6.27 51.27 -28.57
N SER MA 179 7.53 51.64 -28.27
CA SER MA 179 8.39 50.73 -27.52
C SER MA 179 7.84 50.47 -26.12
N LEU MA 180 7.36 51.51 -25.44
CA LEU MA 180 6.77 51.32 -24.12
C LEU MA 180 5.53 50.45 -24.18
N GLN MA 181 4.68 50.66 -25.19
CA GLN MA 181 3.49 49.83 -25.36
C GLN MA 181 3.87 48.37 -25.51
N TYR MA 182 4.95 48.09 -26.24
CA TYR MA 182 5.39 46.71 -26.36
C TYR MA 182 5.89 46.16 -25.03
N ARG MA 183 6.78 46.91 -24.36
CA ARG MA 183 7.40 46.37 -23.14
C ARG MA 183 6.42 46.25 -21.98
N THR MA 184 5.31 46.99 -22.00
CA THR MA 184 4.35 46.86 -20.91
C THR MA 184 3.58 45.55 -20.99
N ILE MA 185 3.22 45.12 -22.20
CA ILE MA 185 2.40 43.92 -22.35
C ILE MA 185 3.24 42.66 -22.37
N SER MA 186 4.55 42.78 -22.59
CA SER MA 186 5.41 41.60 -22.59
C SER MA 186 5.55 41.00 -21.19
N GLY MA 187 5.26 41.75 -20.14
CA GLY MA 187 5.42 41.31 -18.77
C GLY MA 187 4.26 40.55 -18.19
N ILE MA 188 3.23 40.26 -18.98
CA ILE MA 188 2.08 39.48 -18.52
C ILE MA 188 2.26 38.05 -18.97
N SER MA 189 2.40 37.14 -18.01
CA SER MA 189 2.60 35.73 -18.28
C SER MA 189 1.31 34.97 -17.99
N LEU MA 190 0.83 34.23 -18.99
CA LEU MA 190 -0.45 33.55 -18.89
C LEU MA 190 -0.26 32.18 -18.25
N GLY MA 191 -1.09 31.87 -17.25
CA GLY MA 191 -1.04 30.58 -16.62
C GLY MA 191 0.17 30.31 -15.76
N LYS MA 192 0.81 31.35 -15.23
CA LYS MA 192 1.98 31.16 -14.38
C LYS MA 192 1.88 32.01 -13.13
N SER NA 19 18.36 65.49 -64.81
CA SER NA 19 19.48 65.02 -64.00
C SER NA 19 18.99 64.29 -62.75
N MET NA 20 17.69 64.38 -62.49
CA MET NA 20 17.06 63.72 -61.36
C MET NA 20 15.88 62.89 -61.83
N ALA NA 21 15.20 62.28 -60.86
CA ALA NA 21 14.12 61.34 -61.17
C ALA NA 21 12.86 62.07 -61.61
N TYR NA 22 12.39 63.01 -60.81
CA TYR NA 22 11.10 63.64 -61.05
C TYR NA 22 11.30 64.99 -61.71
N ASP NA 23 10.57 65.23 -62.79
CA ASP NA 23 10.69 66.46 -63.58
C ASP NA 23 9.64 67.47 -63.14
N LEU NA 24 9.89 68.11 -61.99
CA LEU NA 24 8.95 69.04 -61.39
C LEU NA 24 8.74 70.31 -62.21
N GLY NA 25 9.39 70.42 -63.37
CA GLY NA 25 9.24 71.62 -64.18
C GLY NA 25 7.93 71.70 -64.94
N SER NA 26 7.23 70.60 -65.08
CA SER NA 26 5.95 70.57 -65.78
C SER NA 26 4.75 70.32 -64.87
N MET NA 27 4.92 69.55 -63.81
CA MET NA 27 3.82 69.20 -62.93
C MET NA 27 3.25 70.45 -62.26
N SER NA 28 1.92 70.53 -62.24
CA SER NA 28 1.25 71.65 -61.60
C SER NA 28 1.41 71.57 -60.09
N LYS NA 29 0.80 72.51 -59.38
CA LYS NA 29 0.96 72.52 -57.92
C LYS NA 29 0.21 71.37 -57.26
N ASP NA 30 -1.02 71.10 -57.72
CA ASP NA 30 -1.81 70.04 -57.12
C ASP NA 30 -1.30 68.65 -57.48
N ASP NA 31 -0.36 68.54 -58.41
CA ASP NA 31 0.36 67.30 -58.65
C ASP NA 31 1.67 67.23 -57.88
N VAL NA 32 2.33 68.37 -57.69
CA VAL NA 32 3.53 68.39 -56.85
C VAL NA 32 3.18 68.05 -55.41
N ILE NA 33 2.04 68.55 -54.91
CA ILE NA 33 1.67 68.24 -53.54
C ILE NA 33 1.39 66.75 -53.37
N ASP NA 34 0.69 66.15 -54.33
CA ASP NA 34 0.42 64.71 -54.24
C ASP NA 34 1.70 63.90 -54.40
N LEU NA 35 2.64 64.37 -55.21
CA LEU NA 35 3.94 63.73 -55.30
C LEU NA 35 4.66 63.77 -53.97
N PHE NA 36 4.73 64.94 -53.34
CA PHE NA 36 5.40 65.08 -52.06
C PHE NA 36 4.72 64.26 -50.98
N ASN NA 37 3.40 64.08 -51.07
CA ASN NA 37 2.73 63.18 -50.14
C ASN NA 37 3.10 61.73 -50.38
N LYS NA 38 3.30 61.34 -51.65
CA LYS NA 38 3.78 59.98 -51.91
C LYS NA 38 5.14 59.74 -51.29
N LEU NA 39 6.05 60.70 -51.38
CA LEU NA 39 7.33 60.62 -50.69
C LEU NA 39 7.11 60.97 -49.23
N GLY NA 40 8.18 61.14 -48.47
CA GLY NA 40 8.07 61.48 -47.08
C GLY NA 40 7.92 62.97 -46.86
N VAL NA 41 8.30 63.43 -45.68
CA VAL NA 41 8.41 64.85 -45.39
C VAL NA 41 9.84 65.34 -45.52
N PHE NA 42 10.84 64.51 -45.23
CA PHE NA 42 12.24 64.88 -45.37
C PHE NA 42 12.71 64.80 -46.82
N GLN NA 43 12.22 63.81 -47.56
CA GLN NA 43 12.65 63.72 -48.95
C GLN NA 43 11.86 64.64 -49.88
N ALA NA 44 10.69 65.12 -49.46
CA ALA NA 44 10.12 66.26 -50.16
C ALA NA 44 11.05 67.46 -50.05
N ALA NA 45 11.60 67.70 -48.86
CA ALA NA 45 12.55 68.78 -48.69
C ALA NA 45 13.80 68.55 -49.51
N ILE NA 46 14.28 67.31 -49.58
CA ILE NA 46 15.49 67.07 -50.39
C ILE NA 46 15.22 67.28 -51.87
N LEU NA 47 14.07 66.84 -52.41
CA LEU NA 47 13.79 67.19 -53.80
C LEU NA 47 13.64 68.69 -54.00
N MET NA 48 12.97 69.39 -53.10
CA MET NA 48 12.80 70.82 -53.29
C MET NA 48 14.15 71.53 -53.33
N PHE NA 49 15.07 71.14 -52.44
CA PHE NA 49 16.39 71.75 -52.44
C PHE NA 49 17.22 71.30 -53.63
N ALA NA 50 17.06 70.07 -54.10
CA ALA NA 50 17.83 69.62 -55.25
C ALA NA 50 17.38 70.32 -56.52
N TYR NA 51 16.08 70.52 -56.68
CA TYR NA 51 15.60 71.25 -57.85
C TYR NA 51 15.98 72.72 -57.78
N MET NA 52 15.94 73.34 -56.60
CA MET NA 52 16.42 74.71 -56.49
C MET NA 52 17.90 74.80 -56.81
N TYR NA 53 18.69 73.82 -56.38
CA TYR NA 53 20.10 73.80 -56.73
C TYR NA 53 20.31 73.65 -58.23
N GLN NA 54 19.53 72.80 -58.90
CA GLN NA 54 19.67 72.69 -60.35
C GLN NA 54 19.32 74.00 -61.04
N ALA NA 55 18.24 74.66 -60.62
CA ALA NA 55 17.88 75.92 -61.25
C ALA NA 55 18.98 76.97 -61.07
N GLN NA 56 19.52 77.08 -59.85
CA GLN NA 56 20.58 78.06 -59.60
C GLN NA 56 21.84 77.71 -60.37
N SER NA 57 22.22 76.43 -60.43
CA SER NA 57 23.42 76.08 -61.16
C SER NA 57 23.24 76.31 -62.65
N ASP NA 58 22.04 76.09 -63.19
CA ASP NA 58 21.82 76.39 -64.60
C ASP NA 58 21.93 77.88 -64.88
N LEU NA 59 21.36 78.72 -64.02
CA LEU NA 59 21.57 80.16 -64.20
C LEU NA 59 23.05 80.51 -64.21
N SER NA 60 23.78 80.04 -63.19
CA SER NA 60 25.17 80.44 -63.07
C SER NA 60 26.01 79.92 -64.23
N ILE NA 61 25.78 78.69 -64.68
CA ILE NA 61 26.57 78.16 -65.79
C ILE NA 61 26.22 78.85 -67.09
N ALA NA 62 24.95 79.15 -67.33
CA ALA NA 62 24.62 79.94 -68.51
C ALA NA 62 25.21 81.34 -68.44
N LYS NA 63 25.51 81.84 -67.23
CA LYS NA 63 26.27 83.07 -67.10
C LYS NA 63 27.74 82.86 -67.42
N PHE NA 64 28.31 81.74 -66.99
CA PHE NA 64 29.74 81.49 -67.20
C PHE NA 64 30.08 81.21 -68.65
N ALA NA 65 29.11 80.85 -69.47
CA ALA NA 65 29.36 80.63 -70.89
C ALA NA 65 29.17 81.88 -71.72
N ASP NA 66 28.77 83.00 -71.11
CA ASP NA 66 28.78 84.30 -71.76
C ASP NA 66 30.09 85.04 -71.54
N MET NA 67 31.00 84.50 -70.73
CA MET NA 67 32.31 85.08 -70.53
C MET NA 67 33.39 84.34 -71.27
N ASN NA 68 33.24 83.02 -71.45
CA ASN NA 68 34.08 82.32 -72.39
C ASN NA 68 33.91 82.85 -73.81
N GLU NA 69 32.78 83.48 -74.14
CA GLU NA 69 32.70 84.16 -75.43
C GLU NA 69 33.72 85.28 -75.51
N ALA NA 70 33.85 86.08 -74.45
CA ALA NA 70 34.82 87.16 -74.46
C ALA NA 70 36.24 86.63 -74.51
N SER NA 71 36.55 85.59 -73.74
CA SER NA 71 37.91 85.06 -73.78
C SER NA 71 38.21 84.38 -75.12
N LYS NA 72 37.22 83.73 -75.73
CA LYS NA 72 37.43 83.15 -77.06
C LYS NA 72 37.72 84.22 -78.10
N GLU NA 73 36.96 85.32 -78.06
CA GLU NA 73 37.23 86.42 -78.98
C GLU NA 73 38.63 86.97 -78.76
N SER NA 74 39.04 87.12 -77.50
CA SER NA 74 40.38 87.65 -77.24
C SER NA 74 41.46 86.73 -77.78
N THR NA 75 41.34 85.42 -77.57
CA THR NA 75 42.40 84.54 -78.05
C THR NA 75 42.44 84.47 -79.58
N THR NA 76 41.28 84.46 -80.25
CA THR NA 76 41.33 84.45 -81.71
C THR NA 76 41.91 85.75 -82.25
N ALA NA 77 41.55 86.90 -81.67
CA ALA NA 77 42.11 88.16 -82.12
C ALA NA 77 43.61 88.20 -81.90
N GLN NA 78 44.09 87.69 -80.76
CA GLN NA 78 45.53 87.65 -80.53
C GLN NA 78 46.24 86.75 -81.52
N LYS NA 79 45.65 85.62 -81.87
CA LYS NA 79 46.27 84.75 -82.86
C LYS NA 79 46.38 85.44 -84.22
N MET NA 80 45.31 86.13 -84.64
CA MET NA 80 45.38 86.85 -85.90
C MET NA 80 46.43 87.94 -85.87
N ALA NA 81 46.50 88.70 -84.78
CA ALA NA 81 47.50 89.75 -84.66
C ALA NA 81 48.91 89.18 -84.71
N ASN NA 82 49.13 88.01 -84.11
CA ASN NA 82 50.44 87.39 -84.18
C ASN NA 82 50.77 86.90 -85.58
N LEU NA 83 49.78 86.44 -86.36
CA LEU NA 83 50.06 86.12 -87.76
C LEU NA 83 50.48 87.36 -88.53
N VAL NA 84 49.81 88.49 -88.30
CA VAL NA 84 50.19 89.72 -88.97
C VAL NA 84 51.59 90.18 -88.55
N ASP NA 85 51.94 89.99 -87.28
CA ASP NA 85 53.31 90.29 -86.85
C ASP NA 85 54.33 89.37 -87.52
N ALA NA 86 54.04 88.07 -87.63
CA ALA NA 86 54.93 87.19 -88.36
C ALA NA 86 55.10 87.63 -89.80
N LYS NA 87 54.05 88.16 -90.43
CA LYS NA 87 54.15 88.69 -91.78
C LYS NA 87 54.99 89.96 -91.85
N ILE NA 88 54.86 90.86 -90.87
CA ILE NA 88 55.67 92.08 -90.88
C ILE NA 88 57.15 91.77 -90.70
N ALA NA 89 57.48 90.75 -89.90
CA ALA NA 89 58.88 90.43 -89.62
C ALA NA 89 59.64 89.92 -90.83
N ASP NA 90 59.02 89.92 -92.01
CA ASP NA 90 59.69 89.59 -93.26
C ASP NA 90 59.64 90.72 -94.27
N VAL NA 91 58.86 91.76 -94.02
CA VAL NA 91 58.79 92.90 -94.92
C VAL NA 91 59.53 94.06 -94.27
N GLN NA 92 59.79 93.94 -92.97
CA GLN NA 92 60.70 94.86 -92.30
C GLN NA 92 62.14 94.53 -92.63
N SER NA 93 62.48 93.25 -92.71
CA SER NA 93 63.81 92.81 -93.09
C SER NA 93 64.00 92.78 -94.61
N SER NA 94 63.05 93.33 -95.35
CA SER NA 94 63.13 93.33 -96.81
C SER NA 94 64.11 94.40 -97.27
N SER NA 95 65.07 93.99 -98.11
CA SER NA 95 66.10 94.92 -98.57
C SER NA 95 65.50 96.02 -99.44
N ASP NA 96 64.42 95.72 -100.15
CA ASP NA 96 63.82 96.65 -101.09
C ASP NA 96 62.99 97.68 -100.32
N LYS NA 97 62.17 98.44 -101.04
CA LYS NA 97 61.16 99.26 -100.38
C LYS NA 97 60.16 98.35 -99.69
N ASN NA 98 59.68 98.78 -98.52
CA ASN NA 98 58.85 97.91 -97.70
C ASN NA 98 57.39 97.92 -98.13
N ALA NA 99 57.12 97.69 -99.43
CA ALA NA 99 55.76 97.42 -99.89
C ALA NA 99 55.81 96.19 -100.78
N LYS NA 100 55.88 95.02 -100.14
CA LYS NA 100 55.63 93.72 -100.76
C LYS NA 100 55.12 92.83 -99.62
N ALA NA 101 53.81 92.79 -99.45
CA ALA NA 101 53.24 92.11 -98.29
C ALA NA 101 51.77 91.85 -98.53
N GLN NA 102 51.32 90.70 -98.03
CA GLN NA 102 49.92 90.34 -98.02
C GLN NA 102 49.63 89.59 -96.72
N LEU NA 103 48.43 89.76 -96.23
CA LEU NA 103 48.04 89.03 -95.03
C LEU NA 103 47.92 87.54 -95.36
N PRO NA 104 48.24 86.67 -94.41
CA PRO NA 104 48.03 85.24 -94.65
C PRO NA 104 46.55 84.92 -94.79
N ASP NA 105 46.26 83.88 -95.58
CA ASP NA 105 44.92 83.69 -96.11
C ASP NA 105 43.87 83.53 -95.02
N GLU NA 106 44.27 83.16 -93.80
CA GLU NA 106 43.31 83.03 -92.72
C GLU NA 106 42.93 84.38 -92.12
N VAL NA 107 43.86 85.34 -92.09
CA VAL NA 107 43.53 86.65 -91.56
C VAL NA 107 42.53 87.36 -92.46
N ILE NA 108 42.61 87.16 -93.78
CA ILE NA 108 41.63 87.77 -94.68
C ILE NA 108 40.23 87.27 -94.34
N SER NA 109 40.08 85.97 -94.17
CA SER NA 109 38.78 85.45 -93.76
C SER NA 109 38.38 85.89 -92.36
N TYR NA 110 39.34 86.21 -91.50
CA TYR NA 110 38.99 86.79 -90.20
C TYR NA 110 38.35 88.17 -90.36
N ILE NA 111 39.01 89.07 -91.10
CA ILE NA 111 38.42 90.40 -91.28
C ILE NA 111 37.12 90.34 -92.07
N ASN NA 112 37.08 89.60 -93.17
CA ASN NA 112 35.92 89.61 -94.05
C ASN NA 112 34.69 88.94 -93.43
N ASP NA 113 34.84 88.22 -92.33
CA ASP NA 113 33.69 87.57 -91.70
C ASP NA 113 32.79 88.63 -91.08
N PRO NA 114 31.46 88.47 -91.13
CA PRO NA 114 30.57 89.57 -90.71
C PRO NA 114 30.37 89.71 -89.21
N ARG NA 115 30.59 88.66 -88.42
CA ARG NA 115 30.22 88.68 -87.02
C ARG NA 115 31.31 89.24 -86.11
N ASN NA 116 32.19 90.09 -86.64
CA ASN NA 116 33.29 90.64 -85.85
C ASN NA 116 33.33 92.16 -85.81
N ASP NA 117 32.78 92.85 -86.81
CA ASP NA 117 32.80 94.32 -86.86
C ASP NA 117 34.22 94.85 -86.67
N ILE NA 118 35.07 94.51 -87.63
CA ILE NA 118 36.51 94.68 -87.53
C ILE NA 118 37.01 95.65 -88.58
N THR NA 119 36.23 96.69 -88.86
CA THR NA 119 36.68 97.77 -89.74
C THR NA 119 38.07 98.27 -89.36
N ILE NA 120 39.05 98.14 -90.26
CA ILE NA 120 40.46 98.29 -89.93
C ILE NA 120 41.12 99.42 -90.71
N SER NA 121 41.19 99.28 -92.04
CA SER NA 121 42.13 100.07 -92.83
C SER NA 121 41.52 101.33 -93.41
N GLY NA 122 40.34 101.21 -94.01
CA GLY NA 122 39.83 102.29 -94.83
C GLY NA 122 40.60 102.44 -96.12
N ILE NA 123 41.24 101.37 -96.59
CA ILE NA 123 42.07 101.41 -97.78
C ILE NA 123 41.59 100.34 -98.74
N ASP NA 124 41.84 100.55 -100.03
CA ASP NA 124 41.26 99.73 -101.08
C ASP NA 124 42.03 98.43 -101.25
N ASN NA 125 41.28 97.39 -101.64
CA ASN NA 125 41.84 96.18 -102.26
C ASN NA 125 42.87 95.52 -101.34
N ILE NA 126 42.37 95.01 -100.21
CA ILE NA 126 43.16 94.07 -99.44
C ILE NA 126 43.47 92.86 -100.32
N ASN NA 127 44.52 92.12 -99.95
CA ASN NA 127 45.20 91.05 -100.67
C ASN NA 127 46.15 91.56 -101.75
N ALA NA 128 46.09 92.85 -102.13
CA ALA NA 128 47.06 93.39 -103.08
C ALA NA 128 47.04 94.91 -102.99
N GLN NA 129 47.98 95.50 -102.26
CA GLN NA 129 48.83 94.87 -101.27
C GLN NA 129 49.10 96.01 -100.29
N LEU NA 130 49.47 95.72 -99.04
CA LEU NA 130 49.56 96.77 -98.03
C LEU NA 130 50.95 96.80 -97.40
N GLY NA 131 51.90 97.42 -98.11
CA GLY NA 131 53.11 97.97 -97.55
C GLY NA 131 53.81 97.18 -96.47
N ALA NA 132 54.47 97.89 -95.54
CA ALA NA 132 54.84 97.35 -94.25
C ALA NA 132 54.67 98.36 -93.13
N GLY NA 133 54.27 99.59 -93.42
CA GLY NA 133 54.10 100.61 -92.40
C GLY NA 133 52.63 100.93 -92.21
N ASP NA 134 51.81 100.47 -93.16
CA ASP NA 134 50.37 100.49 -93.00
C ASP NA 134 49.82 99.13 -92.59
N LEU NA 135 50.64 98.09 -92.60
CA LEU NA 135 50.28 96.81 -91.99
C LEU NA 135 50.26 96.92 -90.47
N GLN NA 136 50.98 97.90 -89.93
CA GLN NA 136 50.91 98.17 -88.50
C GLN NA 136 49.52 98.60 -88.09
N THR NA 137 48.81 99.33 -88.97
CA THR NA 137 47.43 99.70 -88.67
C THR NA 137 46.54 98.47 -88.57
N VAL NA 138 46.71 97.50 -89.47
CA VAL NA 138 45.92 96.28 -89.39
C VAL NA 138 46.23 95.52 -88.12
N LYS NA 139 47.52 95.40 -87.77
CA LYS NA 139 47.88 94.69 -86.54
C LYS NA 139 47.29 95.39 -85.32
N ALA NA 140 47.36 96.72 -85.27
CA ALA NA 140 46.81 97.44 -84.13
C ALA NA 140 45.29 97.34 -84.06
N ALA NA 141 44.60 97.42 -85.18
CA ALA NA 141 43.14 97.31 -85.16
C ALA NA 141 42.65 95.89 -84.91
N ILE NA 142 43.47 94.88 -85.16
CA ILE NA 142 43.09 93.52 -84.77
C ILE NA 142 43.39 93.27 -83.30
N SER NA 143 44.57 93.66 -82.83
CA SER NA 143 44.93 93.45 -81.44
C SER NA 143 44.38 94.51 -80.50
N ALA NA 144 43.53 95.41 -80.99
CA ALA NA 144 42.80 96.28 -80.09
C ALA NA 144 41.45 95.72 -79.70
N LYS NA 145 40.93 94.75 -80.44
CA LYS NA 145 39.69 94.06 -80.08
C LYS NA 145 39.98 92.84 -79.23
N ALA NA 146 41.25 92.54 -78.98
CA ALA NA 146 41.63 91.49 -78.06
C ALA NA 146 41.66 91.94 -76.62
N ASN NA 147 41.47 93.23 -76.35
CA ASN NA 147 41.59 93.79 -75.01
C ASN NA 147 40.22 93.95 -74.35
N ASN NA 148 39.47 92.86 -74.24
CA ASN NA 148 38.11 92.91 -73.73
C ASN NA 148 37.88 91.99 -72.54
N LEU NA 149 38.86 91.86 -71.64
CA LEU NA 149 38.68 91.06 -70.45
C LEU NA 149 38.44 91.89 -69.20
N THR NA 150 38.26 93.19 -69.34
CA THR NA 150 37.87 93.99 -68.19
C THR NA 150 36.41 94.45 -68.27
N THR NA 151 35.83 94.54 -69.46
CA THR NA 151 34.40 94.81 -69.55
C THR NA 151 33.58 93.63 -69.05
N THR NA 152 34.14 92.43 -69.00
CA THR NA 152 33.45 91.25 -68.50
C THR NA 152 33.88 90.88 -67.09
N VAL NA 153 34.74 91.69 -66.47
CA VAL NA 153 34.99 91.60 -65.04
C VAL NA 153 34.31 92.75 -64.30
N ASN NA 154 34.16 93.90 -64.94
CA ASN NA 154 33.38 94.97 -64.32
C ASN NA 154 31.90 94.63 -64.29
N ASN NA 155 31.40 93.95 -65.32
CA ASN NA 155 29.99 93.66 -65.46
C ASN NA 155 29.52 92.45 -64.67
N SER NA 156 30.43 91.63 -64.18
CA SER NA 156 30.08 90.32 -63.65
C SER NA 156 30.81 90.03 -62.35
N GLN NA 157 30.81 90.97 -61.41
CA GLN NA 157 31.38 90.71 -60.11
C GLN NA 157 30.37 90.84 -58.98
N LEU NA 158 29.30 91.60 -59.16
CA LEU NA 158 28.24 91.67 -58.17
C LEU NA 158 27.17 90.61 -58.41
N GLU NA 159 27.24 89.90 -59.52
CA GLU NA 159 26.38 88.76 -59.74
C GLU NA 159 27.00 87.48 -59.26
N ILE NA 160 28.28 87.25 -59.57
CA ILE NA 160 28.96 86.07 -59.09
C ILE NA 160 29.03 86.06 -57.57
N GLN NA 161 29.11 87.25 -56.96
CA GLN NA 161 28.87 87.42 -55.53
C GLN NA 161 27.66 86.61 -55.07
N GLN NA 162 26.50 86.94 -55.61
CA GLN NA 162 25.25 86.36 -55.14
C GLN NA 162 25.06 84.92 -55.59
N MET NA 163 25.45 84.58 -56.82
CA MET NA 163 25.36 83.20 -57.26
C MET NA 163 26.23 82.29 -56.40
N SER NA 164 27.47 82.69 -56.15
CA SER NA 164 28.35 81.88 -55.32
C SER NA 164 27.86 81.80 -53.89
N ASN NA 165 27.35 82.89 -53.32
CA ASN NA 165 26.84 82.78 -51.96
C ASN NA 165 25.62 81.87 -51.89
N THR NA 166 24.63 82.07 -52.77
CA THR NA 166 23.41 81.27 -52.71
C THR NA 166 23.69 79.80 -52.94
N LEU NA 167 24.57 79.48 -53.89
CA LEU NA 167 24.74 78.10 -54.29
C LEU NA 167 25.37 77.29 -53.16
N ASN NA 168 26.34 77.88 -52.46
CA ASN NA 168 26.85 77.30 -51.21
C ASN NA 168 25.78 77.22 -50.15
N LEU NA 169 25.01 78.30 -49.99
CA LEU NA 169 24.02 78.40 -48.92
C LEU NA 169 22.93 77.36 -49.09
N LEU NA 170 22.83 76.79 -50.28
CA LEU NA 170 21.81 75.81 -50.63
C LEU NA 170 22.34 74.38 -50.63
N THR NA 171 23.61 74.18 -51.03
CA THR NA 171 24.28 72.90 -50.78
C THR NA 171 24.29 72.59 -49.29
N SER NA 172 24.69 73.55 -48.47
CA SER NA 172 24.80 73.32 -47.04
C SER NA 172 23.45 73.24 -46.34
N ALA NA 173 22.35 73.54 -47.04
CA ALA NA 173 21.03 73.34 -46.50
C ALA NA 173 20.41 72.03 -46.92
N ARG NA 174 20.82 71.53 -48.08
CA ARG NA 174 20.35 70.24 -48.57
C ARG NA 174 20.95 69.16 -47.67
N SER NA 175 22.22 69.35 -47.33
CA SER NA 175 22.99 68.43 -46.49
C SER NA 175 22.45 68.32 -45.08
N ASP NA 176 22.02 69.45 -44.51
CA ASP NA 176 21.50 69.45 -43.15
C ASP NA 176 20.27 68.57 -43.14
N MET NA 177 19.49 68.65 -44.21
CA MET NA 177 18.28 67.86 -44.35
C MET NA 177 18.61 66.37 -44.40
N GLN NA 178 19.69 66.02 -45.08
CA GLN NA 178 20.08 64.61 -45.19
C GLN NA 178 20.54 64.04 -43.85
N SER NA 179 21.33 64.82 -43.10
CA SER NA 179 21.76 64.34 -41.79
C SER NA 179 20.59 64.16 -40.83
N LEU NA 180 19.65 65.11 -40.84
CA LEU NA 180 18.46 64.97 -39.99
C LEU NA 180 17.63 63.76 -40.40
N GLN NA 181 17.47 63.53 -41.70
CA GLN NA 181 16.73 62.38 -42.17
C GLN NA 181 17.36 61.09 -41.68
N TYR NA 182 18.69 61.03 -41.64
CA TYR NA 182 19.35 59.85 -41.11
C TYR NA 182 19.11 59.71 -39.61
N ARG NA 183 19.33 60.79 -38.85
CA ARG NA 183 19.25 60.67 -37.40
C ARG NA 183 17.84 60.44 -36.90
N THR NA 184 16.81 60.80 -37.68
CA THR NA 184 15.45 60.56 -37.23
C THR NA 184 15.08 59.09 -37.27
N ILE NA 185 15.53 58.38 -38.31
CA ILE NA 185 15.14 56.99 -38.49
C ILE NA 185 16.05 56.06 -37.70
N SER NA 186 17.23 56.52 -37.27
CA SER NA 186 18.11 55.68 -36.49
C SER NA 186 17.56 55.39 -35.09
N GLY NA 187 16.61 56.17 -34.62
CA GLY NA 187 16.06 56.04 -33.29
C GLY NA 187 14.91 55.05 -33.16
N ILE NA 188 14.55 54.34 -34.23
CA ILE NA 188 13.50 53.34 -34.19
C ILE NA 188 14.13 51.97 -34.04
N SER NA 189 13.86 51.32 -32.90
CA SER NA 189 14.41 50.01 -32.60
C SER NA 189 13.32 48.96 -32.78
N LEU NA 190 13.61 47.96 -33.61
CA LEU NA 190 12.63 46.94 -33.96
C LEU NA 190 12.66 45.82 -32.93
N GLY NA 191 11.47 45.45 -32.43
CA GLY NA 191 11.38 44.34 -31.50
C GLY NA 191 11.93 44.59 -30.13
N LYS NA 192 11.98 45.85 -29.69
CA LYS NA 192 12.49 46.16 -28.36
C LYS NA 192 11.58 47.14 -27.65
N SER OA 19 -16.17 -115.69 28.56
CA SER OA 19 -16.55 -115.26 29.90
C SER OA 19 -17.78 -116.01 30.39
N MET OA 20 -18.43 -116.71 29.47
CA MET OA 20 -19.62 -117.49 29.78
C MET OA 20 -19.43 -118.93 29.30
N ALA OA 21 -20.50 -119.73 29.50
CA ALA OA 21 -20.42 -121.16 29.22
C ALA OA 21 -20.46 -121.44 27.73
N TYR OA 22 -21.46 -120.93 27.03
CA TYR OA 22 -21.71 -121.27 25.64
C TYR OA 22 -21.17 -120.17 24.75
N ASP OA 23 -20.39 -120.56 23.74
CA ASP OA 23 -19.75 -119.63 22.82
C ASP OA 23 -20.61 -119.46 21.56
N LEU OA 24 -21.69 -118.69 21.70
CA LEU OA 24 -22.65 -118.50 20.62
C LEU OA 24 -22.07 -117.73 19.43
N GLY OA 25 -20.79 -117.37 19.47
CA GLY OA 25 -20.20 -116.63 18.36
C GLY OA 25 -19.90 -117.45 17.14
N SER OA 26 -19.85 -118.77 17.29
CA SER OA 26 -19.56 -119.67 16.17
C SER OA 26 -20.75 -120.51 15.75
N MET OA 27 -21.63 -120.89 16.68
CA MET OA 27 -22.76 -121.75 16.36
C MET OA 27 -23.70 -121.08 15.38
N SER OA 28 -24.13 -121.85 14.38
CA SER OA 28 -25.06 -121.34 13.39
C SER OA 28 -26.44 -121.14 14.02
N LYS OA 29 -27.41 -120.73 13.21
CA LYS OA 29 -28.73 -120.46 13.76
C LYS OA 29 -29.45 -121.75 14.13
N ASP OA 30 -29.36 -122.78 13.29
CA ASP OA 30 -30.04 -124.03 13.57
C ASP OA 30 -29.39 -124.82 14.69
N ASP OA 31 -28.21 -124.41 15.16
CA ASP OA 31 -27.63 -124.94 16.38
C ASP OA 31 -27.95 -124.09 17.59
N VAL OA 32 -28.07 -122.77 17.41
CA VAL OA 32 -28.50 -121.92 18.52
C VAL OA 32 -29.92 -122.25 18.92
N ILE OA 33 -30.80 -122.52 17.95
CA ILE OA 33 -32.18 -122.85 18.28
C ILE OA 33 -32.25 -124.15 19.07
N ASP OA 34 -31.49 -125.16 18.64
CA ASP OA 34 -31.48 -126.43 19.38
C ASP OA 34 -30.86 -126.27 20.76
N LEU OA 35 -29.85 -125.40 20.89
CA LEU OA 35 -29.31 -125.09 22.20
C LEU OA 35 -30.36 -124.46 23.10
N PHE OA 36 -31.07 -123.45 22.61
CA PHE OA 36 -32.09 -122.80 23.39
C PHE OA 36 -33.24 -123.73 23.74
N ASN OA 37 -33.51 -124.71 22.88
CA ASN OA 37 -34.50 -125.73 23.25
C ASN OA 37 -33.98 -126.65 24.34
N LYS OA 38 -32.68 -126.94 24.36
CA LYS OA 38 -32.14 -127.72 25.47
C LYS OA 38 -32.29 -126.99 26.78
N LEU OA 39 -32.03 -125.69 26.81
CA LEU OA 39 -32.30 -124.86 27.98
C LEU OA 39 -33.79 -124.58 28.05
N GLY OA 40 -34.20 -123.70 28.94
CA GLY OA 40 -35.59 -123.35 29.07
C GLY OA 40 -36.01 -122.28 28.09
N VAL OA 41 -37.07 -121.56 28.45
CA VAL OA 41 -37.47 -120.37 27.73
C VAL OA 41 -36.98 -119.09 28.40
N PHE OA 42 -36.86 -119.08 29.73
CA PHE OA 42 -36.34 -117.94 30.45
C PHE OA 42 -34.82 -117.86 30.41
N GLN OA 43 -34.15 -119.00 30.45
CA GLN OA 43 -32.69 -118.96 30.39
C GLN OA 43 -32.17 -118.83 28.97
N ALA OA 44 -32.96 -119.15 27.95
CA ALA OA 44 -32.61 -118.71 26.62
C ALA OA 44 -32.57 -117.19 26.56
N ALA OA 45 -33.55 -116.53 27.17
CA ALA OA 45 -33.55 -115.09 27.24
C ALA OA 45 -32.37 -114.56 28.02
N ILE OA 46 -32.01 -115.23 29.12
CA ILE OA 46 -30.87 -114.74 29.89
C ILE OA 46 -29.56 -114.91 29.12
N LEU OA 47 -29.35 -116.02 28.40
CA LEU OA 47 -28.16 -116.09 27.55
C LEU OA 47 -28.18 -115.04 26.45
N MET OA 48 -29.32 -114.82 25.82
CA MET OA 48 -29.36 -113.85 24.73
C MET OA 48 -28.99 -112.46 25.25
N PHE OA 49 -29.53 -112.08 26.41
CA PHE OA 49 -29.18 -110.79 26.98
C PHE OA 49 -27.76 -110.74 27.49
N ALA OA 50 -27.22 -111.84 28.02
CA ALA OA 50 -25.84 -111.82 28.49
C ALA OA 50 -24.86 -111.70 27.35
N TYR OA 51 -25.12 -112.38 26.23
CA TYR OA 51 -24.24 -112.23 25.08
C TYR OA 51 -24.37 -110.85 24.46
N MET OA 52 -25.57 -110.29 24.39
CA MET OA 52 -25.69 -108.92 23.91
C MET OA 52 -24.95 -107.95 24.82
N TYR OA 53 -25.00 -108.17 26.14
CA TYR OA 53 -24.24 -107.33 27.06
C TYR OA 53 -22.74 -107.48 26.85
N GLN OA 54 -22.25 -108.69 26.61
CA GLN OA 54 -20.83 -108.84 26.34
C GLN OA 54 -20.42 -108.13 25.05
N ALA OA 55 -21.22 -108.25 24.00
CA ALA OA 55 -20.87 -107.56 22.75
C ALA OA 55 -20.84 -106.05 22.94
N GLN OA 56 -21.85 -105.50 23.63
CA GLN OA 56 -21.88 -104.06 23.85
C GLN OA 56 -20.72 -103.60 24.75
N SER OA 57 -20.41 -104.37 25.80
CA SER OA 57 -19.31 -103.97 26.66
C SER OA 57 -17.98 -104.05 25.93
N ASP OA 58 -17.81 -105.03 25.05
CA ASP OA 58 -16.57 -105.09 24.28
C ASP OA 58 -16.44 -103.90 23.34
N LEU OA 59 -17.52 -103.52 22.67
CA LEU OA 59 -17.46 -102.30 21.85
C LEU OA 59 -17.05 -101.10 22.70
N SER OA 60 -17.73 -100.89 23.82
CA SER OA 60 -17.48 -99.71 24.61
C SER OA 60 -16.06 -99.70 25.18
N ILE OA 61 -15.56 -100.84 25.65
CA ILE OA 61 -14.21 -100.86 26.22
C ILE OA 61 -13.16 -100.70 25.14
N ALA OA 62 -13.36 -101.29 23.96
CA ALA OA 62 -12.43 -101.01 22.87
C ALA OA 62 -12.49 -99.56 22.44
N LYS OA 63 -13.59 -98.86 22.71
CA LYS OA 63 -13.62 -97.40 22.52
C LYS OA 63 -12.85 -96.69 23.62
N PHE OA 64 -12.96 -97.14 24.87
CA PHE OA 64 -12.31 -96.46 25.98
C PHE OA 64 -10.81 -96.62 25.96
N ALA OA 65 -10.27 -97.59 25.23
CA ALA OA 65 -8.83 -97.76 25.13
C ALA OA 65 -8.25 -97.00 23.95
N ASP OA 66 -9.07 -96.33 23.15
CA ASP OA 66 -8.60 -95.38 22.14
C ASP OA 66 -8.51 -93.97 22.68
N MET OA 67 -8.93 -93.74 23.92
CA MET OA 67 -8.80 -92.44 24.55
C MET OA 67 -7.67 -92.41 25.57
N ASN OA 68 -7.41 -93.54 26.24
CA ASN OA 68 -6.18 -93.65 26.99
C ASN OA 68 -4.95 -93.51 26.11
N GLU OA 69 -5.06 -93.76 24.80
CA GLU OA 69 -3.95 -93.43 23.92
C GLU OA 69 -3.67 -91.92 23.93
N ALA OA 70 -4.73 -91.13 23.83
CA ALA OA 70 -4.56 -89.68 23.86
C ALA OA 70 -4.01 -89.19 25.19
N SER OA 71 -4.54 -89.72 26.30
CA SER OA 71 -4.03 -89.28 27.59
C SER OA 71 -2.59 -89.76 27.83
N LYS OA 72 -2.23 -90.95 27.35
CA LYS OA 72 -0.85 -91.41 27.45
C LYS OA 72 0.09 -90.50 26.68
N GLU OA 73 -0.30 -90.13 25.46
CA GLU OA 73 0.52 -89.21 24.69
C GLU OA 73 0.68 -87.89 25.40
N SER OA 74 -0.40 -87.38 26.00
CA SER OA 74 -0.31 -86.11 26.70
C SER OA 74 0.63 -86.19 27.90
N THR OA 75 0.55 -87.25 28.68
CA THR OA 75 1.43 -87.32 29.84
C THR OA 75 2.89 -87.51 29.46
N THR OA 76 3.19 -88.31 28.43
CA THR OA 76 4.58 -88.44 28.02
C THR OA 76 5.12 -87.13 27.46
N ALA OA 77 4.32 -86.42 26.67
CA ALA OA 77 4.78 -85.14 26.14
C ALA OA 77 5.02 -84.15 27.27
N GLN OA 78 4.15 -84.12 28.27
CA GLN OA 78 4.36 -83.21 29.40
C GLN OA 78 5.62 -83.57 30.17
N LYS OA 79 5.90 -84.86 30.35
CA LYS OA 79 7.13 -85.25 31.04
C LYS OA 79 8.36 -84.79 30.27
N MET OA 80 8.36 -84.96 28.95
CA MET OA 80 9.49 -84.51 28.15
C MET OA 80 9.66 -82.98 28.24
N ALA OA 81 8.55 -82.25 28.13
CA ALA OA 81 8.62 -80.80 28.24
C ALA OA 81 9.16 -80.37 29.60
N ASN OA 82 8.79 -81.06 30.66
CA ASN OA 82 9.32 -80.73 31.98
C ASN OA 82 10.81 -81.05 32.10
N LEU OA 83 11.29 -82.10 31.43
CA LEU OA 83 12.74 -82.32 31.40
C LEU OA 83 13.46 -81.18 30.69
N VAL OA 84 12.90 -80.71 29.57
CA VAL OA 84 13.52 -79.59 28.87
C VAL OA 84 13.47 -78.31 29.72
N ASP OA 85 12.40 -78.10 30.48
CA ASP OA 85 12.38 -76.97 31.41
C ASP OA 85 13.43 -77.11 32.51
N ALA OA 86 13.59 -78.31 33.08
CA ALA OA 86 14.65 -78.51 34.05
C ALA OA 86 16.02 -78.20 33.46
N LYS OA 87 16.23 -78.54 32.18
CA LYS OA 87 17.48 -78.20 31.51
C LYS OA 87 17.66 -76.70 31.30
N ILE OA 88 16.59 -75.98 30.94
CA ILE OA 88 16.70 -74.53 30.75
C ILE OA 88 17.01 -73.83 32.07
N ALA OA 89 16.48 -74.32 33.18
CA ALA OA 89 16.67 -73.67 34.48
C ALA OA 89 18.09 -73.71 34.97
N ASP OA 90 19.02 -74.22 34.16
CA ASP OA 90 20.44 -74.19 34.47
C ASP OA 90 21.26 -73.46 33.43
N VAL OA 91 20.68 -73.11 32.29
CA VAL OA 91 21.37 -72.36 31.24
C VAL OA 91 20.85 -70.95 31.25
N GLN OA 92 19.70 -70.74 31.91
CA GLN OA 92 19.25 -69.38 32.19
C GLN OA 92 20.03 -68.77 33.34
N SER OA 93 20.35 -69.55 34.35
CA SER OA 93 21.16 -69.10 35.47
C SER OA 93 22.65 -69.16 35.16
N SER OA 94 23.02 -69.42 33.90
CA SER OA 94 24.42 -69.52 33.52
C SER OA 94 25.03 -68.13 33.42
N SER OA 95 26.15 -67.93 34.11
CA SER OA 95 26.80 -66.62 34.12
C SER OA 95 27.32 -66.23 32.73
N ASP OA 96 27.70 -67.22 31.93
CA ASP OA 96 28.30 -66.98 30.63
C ASP OA 96 27.21 -66.62 29.62
N LYS OA 97 27.56 -66.62 28.34
CA LYS OA 97 26.53 -66.56 27.30
C LYS OA 97 25.67 -67.82 27.36
N ASN OA 98 24.37 -67.67 27.11
CA ASN OA 98 23.45 -68.78 27.31
C ASN OA 98 23.42 -69.73 26.13
N ALA OA 99 24.59 -70.20 25.68
CA ALA OA 99 24.65 -71.32 24.73
C ALA OA 99 25.64 -72.33 25.27
N LYS OA 100 25.19 -73.12 26.25
CA LYS OA 100 25.85 -74.35 26.69
C LYS OA 100 24.72 -75.23 27.22
N ALA OA 101 24.18 -76.07 26.36
CA ALA OA 101 22.99 -76.83 26.73
C ALA OA 101 22.80 -77.98 25.77
N GLN OA 102 22.32 -79.10 26.32
CA GLN OA 102 21.93 -80.25 25.54
C GLN OA 102 20.70 -80.86 26.19
N LEU OA 103 19.85 -81.44 25.38
CA LEU OA 103 18.69 -82.11 25.92
C LEU OA 103 19.12 -83.38 26.67
N PRO OA 104 18.43 -83.75 27.73
CA PRO OA 104 18.76 -85.01 28.41
C PRO OA 104 18.48 -86.20 27.50
N ASP OA 105 19.27 -87.27 27.71
CA ASP OA 105 19.38 -88.31 26.70
C ASP OA 105 18.05 -88.97 26.37
N GLU OA 106 17.06 -88.88 27.27
CA GLU OA 106 15.76 -89.47 26.99
C GLU OA 106 14.92 -88.61 26.05
N VAL OA 107 15.06 -87.28 26.13
CA VAL OA 107 14.31 -86.42 25.22
C VAL OA 107 14.78 -86.60 23.79
N ILE OA 108 16.08 -86.83 23.57
CA ILE OA 108 16.56 -87.08 22.22
C ILE OA 108 15.88 -88.31 21.62
N SER OA 109 15.81 -89.38 22.39
CA SER OA 109 15.10 -90.56 21.91
C SER OA 109 13.61 -90.32 21.77
N TYR OA 110 13.04 -89.37 22.52
CA TYR OA 110 11.64 -89.02 22.30
C TYR OA 110 11.45 -88.38 20.93
N ILE OA 111 12.23 -87.34 20.61
CA ILE OA 111 12.07 -86.70 19.30
C ILE OA 111 12.44 -87.65 18.16
N ASN OA 112 13.56 -88.37 18.27
CA ASN OA 112 14.03 -89.19 17.16
C ASN OA 112 13.16 -90.40 16.88
N ASP OA 113 12.24 -90.74 17.77
CA ASP OA 113 11.38 -91.90 17.54
C ASP OA 113 10.39 -91.58 16.42
N PRO OA 114 10.07 -92.55 15.56
CA PRO OA 114 9.28 -92.21 14.36
C PRO OA 114 7.78 -92.07 14.59
N ARG OA 115 7.22 -92.66 15.64
CA ARG OA 115 5.77 -92.73 15.78
C ARG OA 115 5.17 -91.51 16.49
N ASN OA 116 5.85 -90.36 16.43
CA ASN OA 116 5.37 -89.16 17.11
C ASN OA 116 5.17 -87.96 16.21
N ASP OA 117 5.86 -87.88 15.08
CA ASP OA 117 5.75 -86.74 14.15
C ASP OA 117 5.94 -85.42 14.89
N ILE OA 118 7.14 -85.25 15.43
CA ILE OA 118 7.45 -84.20 16.40
C ILE OA 118 8.50 -83.25 15.82
N THR OA 119 8.41 -82.96 14.53
CA THR OA 119 9.25 -81.95 13.90
C THR OA 119 9.26 -80.65 14.70
N ILE OA 120 10.41 -80.24 15.21
CA ILE OA 120 10.51 -79.20 16.24
C ILE OA 120 11.32 -78.00 15.76
N SER OA 121 12.61 -78.20 15.50
CA SER OA 121 13.55 -77.09 15.43
C SER OA 121 13.78 -76.56 14.03
N GLY OA 122 14.00 -77.46 13.08
CA GLY OA 122 14.50 -77.03 11.79
C GLY OA 122 15.94 -76.57 11.85
N ILE OA 123 16.69 -77.04 12.85
CA ILE OA 123 18.06 -76.61 13.04
C ILE OA 123 18.96 -77.85 13.08
N ASP OA 124 20.22 -77.66 12.73
CA ASP OA 124 21.14 -78.76 12.52
C ASP OA 124 21.67 -79.31 13.83
N ASN OA 125 21.95 -80.62 13.83
CA ASN OA 125 22.83 -81.27 14.79
C ASN OA 125 22.35 -81.03 16.23
N ILE OA 126 21.20 -81.62 16.54
CA ILE OA 126 20.81 -81.76 17.93
C ILE OA 126 21.88 -82.60 18.63
N ASN OA 127 21.93 -82.47 19.96
CA ASN OA 127 22.93 -82.94 20.90
C ASN OA 127 24.18 -82.07 20.93
N ALA OA 128 24.38 -81.16 19.97
CA ALA OA 128 25.51 -80.23 20.04
C ALA OA 128 25.24 -79.06 19.10
N GLN OA 129 24.78 -77.94 19.62
CA GLN OA 129 24.15 -77.78 20.93
C GLN OA 129 23.18 -76.63 20.71
N LEU OA 130 22.14 -76.49 21.54
CA LEU OA 130 21.09 -75.52 21.25
C LEU OA 130 20.92 -74.55 22.43
N GLY OA 131 21.80 -73.56 22.50
CA GLY OA 131 21.57 -72.31 23.20
C GLY OA 131 20.84 -72.36 24.53
N ALA OA 132 20.09 -71.30 24.83
CA ALA OA 132 19.03 -71.35 25.82
C ALA OA 132 17.81 -70.56 25.41
N GLY OA 133 17.83 -69.88 24.26
CA GLY OA 133 16.70 -69.11 23.82
C GLY OA 133 16.03 -69.77 22.62
N ASP OA 134 16.73 -70.74 22.04
CA ASP OA 134 16.15 -71.61 21.03
C ASP OA 134 15.75 -72.96 21.60
N LEU OA 135 16.13 -73.24 22.86
CA LEU OA 135 15.59 -74.39 23.57
C LEU OA 135 14.13 -74.16 23.97
N GLN OA 136 13.72 -72.90 24.03
CA GLN OA 136 12.32 -72.58 24.24
C GLN OA 136 11.46 -73.08 23.10
N THR OA 137 11.99 -73.06 21.87
CA THR OA 137 11.26 -73.60 20.74
C THR OA 137 11.03 -75.10 20.90
N VAL OA 138 12.05 -75.83 21.35
CA VAL OA 138 11.89 -77.26 21.58
C VAL OA 138 10.85 -77.51 22.66
N LYS OA 139 10.93 -76.77 23.77
CA LYS OA 139 9.95 -76.95 24.83
C LYS OA 139 8.54 -76.66 24.36
N ALA OA 140 8.36 -75.58 23.60
CA ALA OA 140 7.03 -75.25 23.08
C ALA OA 140 6.51 -76.27 22.09
N ALA OA 141 7.36 -76.77 21.19
CA ALA OA 141 6.92 -77.76 20.23
C ALA OA 141 6.69 -79.13 20.83
N ILE OA 142 7.28 -79.43 21.99
CA ILE OA 142 6.97 -80.66 22.69
C ILE OA 142 5.68 -80.52 23.50
N SER OA 143 5.56 -79.42 24.24
CA SER OA 143 4.37 -79.22 25.07
C SER OA 143 3.20 -78.65 24.29
N ALA OA 144 3.30 -78.54 22.97
CA ALA OA 144 2.13 -78.23 22.16
C ALA OA 144 1.42 -79.47 21.66
N LYS OA 145 2.08 -80.63 21.67
CA LYS OA 145 1.44 -81.89 21.32
C LYS OA 145 0.86 -82.57 22.56
N ALA OA 146 1.04 -81.97 23.73
CA ALA OA 146 0.40 -82.44 24.95
C ALA OA 146 -1.01 -81.92 25.12
N ASN OA 147 -1.46 -81.02 24.26
CA ASN OA 147 -2.76 -80.37 24.40
C ASN OA 147 -3.81 -81.03 23.51
N ASN OA 148 -4.01 -82.33 23.70
CA ASN OA 148 -4.92 -83.10 22.84
C ASN OA 148 -6.00 -83.83 23.62
N LEU OA 149 -6.55 -83.20 24.67
CA LEU OA 149 -7.63 -83.82 25.42
C LEU OA 149 -8.98 -83.19 25.10
N THR OA 150 -9.07 -82.32 24.11
CA THR OA 150 -10.36 -81.83 23.67
C THR OA 150 -10.78 -82.40 22.33
N THR OA 151 -9.84 -82.82 21.49
CA THR OA 151 -10.21 -83.52 20.27
C THR OA 151 -10.80 -84.88 20.56
N THR OA 152 -10.52 -85.45 21.74
CA THR OA 152 -11.08 -86.74 22.13
C THR OA 152 -12.24 -86.60 23.10
N VAL OA 153 -12.67 -85.39 23.39
CA VAL OA 153 -13.93 -85.13 24.07
C VAL OA 153 -14.98 -84.60 23.09
N ASN OA 154 -14.54 -83.88 22.06
CA ASN OA 154 -15.48 -83.48 21.03
C ASN OA 154 -15.92 -84.67 20.19
N ASN OA 155 -15.01 -85.61 19.93
CA ASN OA 155 -15.28 -86.74 19.06
C ASN OA 155 -16.03 -87.87 19.72
N SER OA 156 -16.12 -87.89 21.04
CA SER OA 156 -16.58 -89.06 21.77
C SER OA 156 -17.55 -88.70 22.87
N GLN OA 157 -18.55 -87.87 22.56
CA GLN OA 157 -19.59 -87.58 23.54
C GLN OA 157 -20.98 -87.97 23.08
N LEU OA 158 -21.22 -88.08 21.77
CA LEU OA 158 -22.48 -88.60 21.28
C LEU OA 158 -22.45 -90.10 21.09
N GLU OA 159 -21.30 -90.73 21.25
CA GLU OA 159 -21.22 -92.18 21.27
C GLU OA 159 -21.34 -92.72 22.68
N ILE OA 160 -20.62 -92.14 23.64
CA ILE OA 160 -20.75 -92.56 25.02
C ILE OA 160 -22.16 -92.35 25.53
N GLN OA 161 -22.86 -91.33 25.04
CA GLN OA 161 -24.31 -91.19 25.19
C GLN OA 161 -25.00 -92.52 24.97
N GLN OA 162 -24.88 -93.07 23.76
CA GLN OA 162 -25.63 -94.24 23.37
C GLN OA 162 -25.10 -95.52 24.00
N MET OA 163 -23.79 -95.67 24.11
CA MET OA 163 -23.24 -96.84 24.79
C MET OA 163 -23.68 -96.90 26.24
N SER OA 164 -23.59 -95.79 26.97
CA SER OA 164 -24.02 -95.77 28.35
C SER OA 164 -25.52 -95.99 28.49
N ASN OA 165 -26.32 -95.41 27.61
CA ASN OA 165 -27.76 -95.67 27.72
C ASN OA 165 -28.09 -97.13 27.44
N THR OA 166 -27.59 -97.69 26.34
CA THR OA 166 -27.92 -99.06 25.97
C THR OA 166 -27.43 -100.05 27.03
N LEU OA 167 -26.24 -99.84 27.57
CA LEU OA 167 -25.65 -100.85 28.44
C LEU OA 167 -26.44 -100.96 29.75
N ASN OA 168 -26.87 -99.82 30.29
CA ASN OA 168 -27.83 -99.80 31.38
C ASN OA 168 -29.16 -100.42 30.98
N LEU OA 169 -29.67 -100.06 29.82
CA LEU OA 169 -30.97 -100.49 29.36
C LEU OA 169 -31.02 -101.99 29.17
N LEU OA 170 -29.86 -102.63 29.11
CA LEU OA 170 -29.73 -104.05 28.88
C LEU OA 170 -29.41 -104.82 30.16
N THR OA 171 -28.62 -104.23 31.07
CA THR OA 171 -28.52 -104.77 32.43
C THR OA 171 -29.88 -104.85 33.09
N SER OA 172 -30.65 -103.75 33.03
CA SER OA 172 -31.95 -103.72 33.68
C SER OA 172 -33.00 -104.56 32.98
N ALA OA 173 -32.71 -105.08 31.79
CA ALA OA 173 -33.60 -106.01 31.12
C ALA OA 173 -33.24 -107.46 31.38
N ARG OA 174 -31.96 -107.71 31.62
CA ARG OA 174 -31.48 -109.05 31.95
C ARG OA 174 -32.03 -109.42 33.33
N SER OA 175 -31.99 -108.42 34.22
CA SER OA 175 -32.46 -108.56 35.60
C SER OA 175 -33.95 -108.84 35.73
N ASP OA 176 -34.74 -108.18 34.88
CA ASP OA 176 -36.18 -108.36 34.92
C ASP OA 176 -36.46 -109.82 34.59
N MET OA 177 -35.69 -110.35 33.64
CA MET OA 177 -35.83 -111.73 33.24
C MET OA 177 -35.52 -112.68 34.39
N GLN OA 178 -34.50 -112.35 35.19
CA GLN OA 178 -34.13 -113.21 36.31
C GLN OA 178 -35.19 -113.21 37.41
N SER OA 179 -35.74 -112.04 37.72
CA SER OA 179 -36.80 -111.99 38.72
C SER OA 179 -38.03 -112.76 38.28
N LEU OA 180 -38.43 -112.62 37.00
CA LEU OA 180 -39.56 -113.39 36.50
C LEU OA 180 -39.30 -114.88 36.54
N GLN OA 181 -38.09 -115.30 36.18
CA GLN OA 181 -37.73 -116.71 36.22
C GLN OA 181 -37.86 -117.25 37.64
N TYR OA 182 -37.48 -116.46 38.64
CA TYR OA 182 -37.66 -116.90 40.01
C TYR OA 182 -39.13 -117.00 40.38
N ARG OA 183 -39.91 -115.95 40.10
CA ARG OA 183 -41.30 -115.94 40.55
C ARG OA 183 -42.17 -116.94 39.83
N THR OA 184 -41.78 -117.39 38.64
CA THR OA 184 -42.59 -118.38 37.93
C THR OA 184 -42.49 -119.75 38.58
N ILE OA 185 -41.28 -120.13 39.04
CA ILE OA 185 -41.07 -121.46 39.58
C ILE OA 185 -41.45 -121.54 41.06
N SER OA 186 -41.54 -120.39 41.73
CA SER OA 186 -41.93 -120.40 43.14
C SER OA 186 -43.38 -120.82 43.34
N GLY OA 187 -44.21 -120.76 42.32
CA GLY OA 187 -45.62 -121.08 42.42
C GLY OA 187 -45.97 -122.54 42.24
N ILE OA 188 -44.99 -123.42 42.12
CA ILE OA 188 -45.23 -124.85 41.99
C ILE OA 188 -45.03 -125.50 43.35
N SER OA 189 -46.10 -126.04 43.90
CA SER OA 189 -46.08 -126.67 45.21
C SER OA 189 -46.11 -128.19 45.03
N LEU OA 190 -45.13 -128.87 45.62
CA LEU OA 190 -44.96 -130.31 45.44
C LEU OA 190 -45.81 -131.05 46.47
N GLY OA 191 -46.59 -132.02 46.02
CA GLY OA 191 -47.37 -132.83 46.92
C GLY OA 191 -48.54 -132.14 47.58
N LYS OA 192 -49.08 -131.10 46.96
CA LYS OA 192 -50.22 -130.40 47.54
C LYS OA 192 -51.29 -130.14 46.48
N SER PA 19 -1.79 -90.25 41.81
CA SER PA 19 -2.92 -89.75 42.59
C SER PA 19 -4.07 -90.74 42.60
N MET PA 20 -3.97 -91.75 41.75
CA MET PA 20 -4.98 -92.80 41.64
C MET PA 20 -4.33 -94.17 41.77
N ALA PA 21 -5.16 -95.20 41.65
CA ALA PA 21 -4.72 -96.56 41.89
C ALA PA 21 -3.88 -97.09 40.74
N TYR PA 22 -4.39 -97.02 39.52
CA TYR PA 22 -3.75 -97.65 38.37
C TYR PA 22 -3.00 -96.59 37.58
N ASP PA 23 -1.74 -96.89 37.26
CA ASP PA 23 -0.86 -95.97 36.54
C ASP PA 23 -0.89 -96.27 35.05
N LEU PA 24 -1.97 -95.85 34.39
CA LEU PA 24 -2.19 -96.14 32.98
C LEU PA 24 -1.19 -95.44 32.07
N GLY PA 25 -0.22 -94.70 32.62
CA GLY PA 25 0.74 -94.01 31.79
C GLY PA 25 1.81 -94.90 31.19
N SER PA 26 1.99 -96.10 31.72
CA SER PA 26 2.99 -97.03 31.23
C SER PA 26 2.40 -98.25 30.55
N MET PA 27 1.23 -98.72 30.99
CA MET PA 27 0.64 -99.92 30.44
C MET PA 27 0.30 -99.74 28.96
N SER PA 28 0.63 -100.75 28.17
CA SER PA 28 0.34 -100.72 26.74
C SER PA 28 -1.16 -100.83 26.52
N LYS PA 29 -1.57 -100.88 25.25
CA LYS PA 29 -3.00 -100.94 24.96
C LYS PA 29 -3.58 -102.31 25.30
N ASP PA 30 -2.86 -103.37 24.97
CA ASP PA 30 -3.37 -104.71 25.24
C ASP PA 30 -3.33 -105.08 26.71
N ASP PA 31 -2.70 -104.27 27.54
CA ASP PA 31 -2.82 -104.38 28.99
C ASP PA 31 -3.90 -103.49 29.56
N VAL PA 32 -4.11 -102.31 28.97
CA VAL PA 32 -5.21 -101.47 29.39
C VAL PA 32 -6.55 -102.15 29.11
N ILE PA 33 -6.67 -102.82 27.97
CA ILE PA 33 -7.93 -103.49 27.66
C ILE PA 33 -8.20 -104.60 28.66
N ASP PA 34 -7.19 -105.40 29.00
CA ASP PA 34 -7.38 -106.47 29.98
C ASP PA 34 -7.66 -105.90 31.36
N LEU PA 35 -7.06 -104.76 31.70
CA LEU PA 35 -7.39 -104.09 32.94
C LEU PA 35 -8.85 -103.67 32.97
N PHE PA 36 -9.32 -103.02 31.91
CA PHE PA 36 -10.70 -102.58 31.85
C PHE PA 36 -11.67 -103.75 31.84
N ASN PA 37 -11.26 -104.90 31.31
CA ASN PA 37 -12.10 -106.08 31.42
C ASN PA 37 -12.14 -106.61 32.84
N LYS PA 38 -11.04 -106.49 33.58
CA LYS PA 38 -11.08 -106.89 34.99
C LYS PA 38 -12.06 -106.02 35.77
N LEU PA 39 -12.08 -104.72 35.53
CA LEU PA 39 -13.09 -103.84 36.11
C LEU PA 39 -14.39 -104.03 35.34
N GLY PA 40 -15.36 -103.17 35.60
CA GLY PA 40 -16.63 -103.24 34.91
C GLY PA 40 -16.60 -102.51 33.58
N VAL PA 41 -17.77 -102.10 33.13
CA VAL PA 41 -17.90 -101.22 31.99
C VAL PA 41 -18.09 -99.77 32.39
N PHE PA 42 -18.73 -99.51 33.53
CA PHE PA 42 -18.89 -98.15 34.04
C PHE PA 42 -17.65 -97.63 34.73
N GLN PA 43 -16.93 -98.49 35.44
CA GLN PA 43 -15.72 -98.03 36.10
C GLN PA 43 -14.53 -97.97 35.17
N ALA PA 44 -14.55 -98.68 34.03
CA ALA PA 44 -13.60 -98.37 32.99
C ALA PA 44 -13.79 -96.94 32.52
N ALA PA 45 -15.03 -96.53 32.32
CA ALA PA 45 -15.31 -95.15 31.94
C ALA PA 45 -14.88 -94.18 33.01
N ILE PA 46 -15.08 -94.51 34.29
CA ILE PA 46 -14.66 -93.58 35.33
C ILE PA 46 -13.14 -93.48 35.40
N LEU PA 47 -12.38 -94.58 35.27
CA LEU PA 47 -10.93 -94.41 35.17
C LEU PA 47 -10.51 -93.62 33.95
N MET PA 48 -11.12 -93.86 32.80
CA MET PA 48 -10.71 -93.13 31.61
C MET PA 48 -10.93 -91.64 31.79
N PHE PA 49 -12.07 -91.26 32.36
CA PHE PA 49 -12.33 -89.84 32.61
C PHE PA 49 -11.46 -89.27 33.71
N ALA PA 50 -11.13 -90.07 34.74
CA ALA PA 50 -10.28 -89.55 35.80
C ALA PA 50 -8.86 -89.33 35.32
N TYR PA 51 -8.34 -90.23 34.49
CA TYR PA 51 -7.01 -90.02 33.94
C TYR PA 51 -6.98 -88.85 32.96
N MET PA 52 -8.03 -88.70 32.14
CA MET PA 52 -8.08 -87.53 31.27
C MET PA 52 -8.15 -86.25 32.09
N TYR PA 53 -8.88 -86.25 33.21
CA TYR PA 53 -8.92 -85.09 34.09
C TYR PA 53 -7.55 -84.80 34.70
N GLN PA 54 -6.82 -85.83 35.12
CA GLN PA 54 -5.48 -85.59 35.64
C GLN PA 54 -4.56 -85.00 34.58
N ALA PA 55 -4.61 -85.52 33.36
CA ALA PA 55 -3.74 -84.99 32.31
C ALA PA 55 -4.08 -83.53 32.03
N GLN PA 56 -5.36 -83.20 31.93
CA GLN PA 56 -5.75 -81.82 31.67
C GLN PA 56 -5.38 -80.90 32.82
N SER PA 57 -5.59 -81.35 34.06
CA SER PA 57 -5.24 -80.50 35.19
C SER PA 57 -3.74 -80.30 35.28
N ASP PA 58 -2.94 -81.30 34.94
CA ASP PA 58 -1.50 -81.12 34.94
C ASP PA 58 -1.06 -80.11 33.88
N LEU PA 59 -1.64 -80.19 32.68
CA LEU PA 59 -1.33 -79.16 31.69
C LEU PA 59 -1.67 -77.77 32.22
N SER PA 60 -2.89 -77.60 32.74
CA SER PA 60 -3.31 -76.28 33.15
C SER PA 60 -2.48 -75.75 34.31
N ILE PA 61 -2.15 -76.60 35.28
CA ILE PA 61 -1.36 -76.13 36.42
C ILE PA 61 0.07 -75.82 36.01
N ALA PA 62 0.66 -76.62 35.13
CA ALA PA 62 1.98 -76.26 34.62
C ALA PA 62 1.94 -74.98 33.80
N LYS PA 63 0.77 -74.61 33.26
CA LYS PA 63 0.61 -73.30 32.67
C LYS PA 63 0.50 -72.20 33.73
N PHE PA 64 -0.20 -72.46 34.82
CA PHE PA 64 -0.41 -71.45 35.84
C PHE PA 64 0.86 -71.14 36.62
N ALA PA 65 1.86 -72.01 36.59
CA ALA PA 65 3.13 -71.75 37.27
C ALA PA 65 4.13 -71.05 36.37
N ASP PA 66 3.78 -70.80 35.11
CA ASP PA 66 4.57 -69.94 34.23
C ASP PA 66 4.12 -68.49 34.29
N MET PA 67 3.04 -68.20 35.01
CA MET PA 67 2.58 -66.84 35.21
C MET PA 67 2.92 -66.31 36.59
N ASN PA 68 2.96 -67.18 37.60
CA ASN PA 68 3.56 -66.79 38.87
C ASN PA 68 5.03 -66.42 38.71
N GLU PA 69 5.71 -66.91 37.66
CA GLU PA 69 7.05 -66.40 37.41
C GLU PA 69 7.01 -64.91 37.10
N ALA PA 70 6.08 -64.49 36.25
CA ALA PA 70 5.96 -63.07 35.92
C ALA PA 70 5.58 -62.25 37.14
N SER PA 71 4.62 -62.72 37.93
CA SER PA 71 4.26 -61.94 39.11
C SER PA 71 5.37 -61.93 40.16
N LYS PA 72 6.13 -63.01 40.30
CA LYS PA 72 7.26 -63.00 41.21
C LYS PA 72 8.32 -61.99 40.78
N GLU PA 73 8.62 -61.96 39.47
CA GLU PA 73 9.57 -60.96 38.98
C GLU PA 73 9.07 -59.55 39.24
N SER PA 74 7.78 -59.31 39.03
CA SER PA 74 7.25 -57.97 39.27
C SER PA 74 7.37 -57.57 40.73
N THR PA 75 7.04 -58.48 41.66
CA THR PA 75 7.11 -58.08 43.07
C THR PA 75 8.55 -57.87 43.52
N THR PA 76 9.50 -58.71 43.08
CA THR PA 76 10.89 -58.48 43.47
C THR PA 76 11.41 -57.17 42.89
N ALA PA 77 11.10 -56.88 41.63
CA ALA PA 77 11.54 -55.62 41.04
C ALA PA 77 10.95 -54.43 41.78
N GLN PA 78 9.67 -54.51 42.16
CA GLN PA 78 9.07 -53.42 42.91
C GLN PA 78 9.72 -53.24 44.28
N LYS PA 79 10.07 -54.34 44.95
CA LYS PA 79 10.75 -54.21 46.24
C LYS PA 79 12.10 -53.54 46.08
N MET PA 80 12.87 -53.92 45.06
CA MET PA 80 14.16 -53.27 44.83
C MET PA 80 14.00 -51.79 44.52
N ALA PA 81 13.02 -51.44 43.67
CA ALA PA 81 12.79 -50.04 43.36
C ALA PA 81 12.40 -49.25 44.60
N ASN PA 82 11.61 -49.85 45.49
CA ASN PA 82 11.27 -49.16 46.73
C ASN PA 82 12.46 -48.99 47.66
N LEU PA 83 13.40 -49.94 47.66
CA LEU PA 83 14.63 -49.71 48.44
C LEU PA 83 15.42 -48.54 47.86
N VAL PA 84 15.50 -48.45 46.54
CA VAL PA 84 16.22 -47.32 45.93
C VAL PA 84 15.51 -46.00 46.23
N ASP PA 85 14.17 -46.00 46.24
CA ASP PA 85 13.45 -44.79 46.66
C ASP PA 85 13.71 -44.43 48.11
N ALA PA 86 13.74 -45.41 49.01
CA ALA PA 86 14.08 -45.12 50.39
C ALA PA 86 15.48 -44.53 50.49
N LYS PA 87 16.42 -44.98 49.67
CA LYS PA 87 17.76 -44.39 49.63
C LYS PA 87 17.77 -42.97 49.10
N ILE PA 88 16.97 -42.67 48.06
CA ILE PA 88 16.93 -41.30 47.53
C ILE PA 88 16.33 -40.33 48.54
N ALA PA 89 15.36 -40.78 49.33
CA ALA PA 89 14.68 -39.89 50.28
C ALA PA 89 15.58 -39.43 51.41
N ASP PA 90 16.87 -39.75 51.36
CA ASP PA 90 17.85 -39.25 52.31
C ASP PA 90 18.98 -38.48 51.64
N VAL PA 91 19.08 -38.52 50.31
CA VAL PA 91 20.11 -37.78 49.60
C VAL PA 91 19.44 -36.60 48.91
N GLN PA 92 18.10 -36.65 48.82
CA GLN PA 92 17.35 -35.47 48.41
C GLN PA 92 17.25 -34.47 49.55
N SER PA 93 17.07 -34.94 50.78
CA SER PA 93 17.04 -34.09 51.94
C SER PA 93 18.44 -33.74 52.45
N SER PA 94 19.47 -34.08 51.69
CA SER PA 94 20.85 -33.82 52.10
C SER PA 94 21.17 -32.34 51.91
N SER PA 95 21.67 -31.70 52.96
CA SER PA 95 21.97 -30.27 52.90
C SER PA 95 23.10 -29.98 51.91
N ASP PA 96 24.01 -30.92 51.73
CA ASP PA 96 25.19 -30.72 50.90
C ASP PA 96 24.81 -30.88 49.44
N LYS PA 97 25.79 -30.99 48.55
CA LYS PA 97 25.52 -31.41 47.19
C LYS PA 97 25.01 -32.84 47.19
N ASN PA 98 24.07 -33.13 46.30
CA ASN PA 98 23.38 -34.42 46.33
C ASN PA 98 24.18 -35.52 45.64
N ALA PA 99 25.45 -35.67 46.00
CA ALA PA 99 26.22 -36.86 45.59
C ALA PA 99 26.89 -37.42 46.83
N LYS PA 100 26.12 -38.15 47.64
CA LYS PA 100 26.61 -39.02 48.69
C LYS PA 100 25.54 -40.11 48.84
N ALA PA 101 25.71 -41.20 48.11
CA ALA PA 101 24.66 -42.22 48.06
C ALA PA 101 25.24 -43.51 47.53
N GLN PA 102 24.73 -44.61 48.08
CA GLN PA 102 25.03 -45.95 47.59
C GLN PA 102 23.76 -46.79 47.69
N LEU PA 103 23.63 -47.71 46.78
CA LEU PA 103 22.49 -48.62 46.86
C LEU PA 103 22.64 -49.54 48.06
N PRO PA 104 21.55 -49.93 48.69
CA PRO PA 104 21.64 -50.90 49.78
C PRO PA 104 22.12 -52.25 49.27
N ASP PA 105 22.82 -52.99 50.14
CA ASP PA 105 23.65 -54.10 49.70
C ASP PA 105 22.86 -55.18 48.96
N GLU PA 106 21.54 -55.24 49.17
CA GLU PA 106 20.73 -56.23 48.47
C GLU PA 106 20.42 -55.83 47.04
N VAL PA 107 20.28 -54.53 46.77
CA VAL PA 107 20.03 -54.09 45.41
C VAL PA 107 21.24 -54.35 44.52
N ILE PA 108 22.45 -54.21 45.07
CA ILE PA 108 23.65 -54.51 44.28
C ILE PA 108 23.62 -55.97 43.82
N SER PA 109 23.32 -56.89 44.73
CA SER PA 109 23.20 -58.28 44.34
C SER PA 109 22.02 -58.53 43.41
N TYR PA 110 20.99 -57.69 43.47
CA TYR PA 110 19.91 -57.81 42.49
C TYR PA 110 20.41 -57.49 41.08
N ILE PA 111 21.06 -56.33 40.89
CA ILE PA 111 21.55 -55.99 39.55
C ILE PA 111 22.65 -56.96 39.09
N ASN PA 112 23.60 -57.28 39.95
CA ASN PA 112 24.74 -58.08 39.53
C ASN PA 112 24.39 -59.53 39.24
N ASP PA 113 23.21 -59.99 39.61
CA ASP PA 113 22.81 -61.37 39.35
C ASP PA 113 22.59 -61.55 37.85
N PRO PA 114 22.97 -62.70 37.26
CA PRO PA 114 22.93 -62.83 35.80
C PRO PA 114 21.56 -63.11 35.20
N ARG PA 115 20.62 -63.65 35.96
CA ARG PA 115 19.37 -64.14 35.38
C ARG PA 115 18.29 -63.05 35.30
N ASN PA 116 18.68 -61.78 35.24
CA ASN PA 116 17.72 -60.69 35.20
C ASN PA 116 17.85 -59.77 33.99
N ASP PA 117 19.03 -59.66 33.39
CA ASP PA 117 19.27 -58.78 32.24
C ASP PA 117 18.79 -57.36 32.54
N ILE PA 118 19.46 -56.76 33.53
CA ILE PA 118 18.99 -55.52 34.15
C ILE PA 118 20.00 -54.40 33.92
N THR PA 119 20.60 -54.37 32.73
CA THR PA 119 21.47 -53.27 32.33
C THR PA 119 20.80 -51.91 32.59
N ILE PA 120 21.40 -51.09 33.46
CA ILE PA 120 20.74 -49.92 34.03
C ILE PA 120 21.47 -48.63 33.69
N SER PA 121 22.69 -48.47 34.17
CA SER PA 121 23.31 -47.15 34.26
C SER PA 121 24.19 -46.81 33.06
N GLY PA 122 25.05 -47.74 32.67
CA GLY PA 122 26.10 -47.39 31.74
C GLY PA 122 27.16 -46.52 32.36
N ILE PA 123 27.30 -46.57 33.68
CA ILE PA 123 28.24 -45.72 34.39
C ILE PA 123 29.15 -46.61 35.23
N ASP PA 124 30.34 -46.10 35.52
CA ASP PA 124 31.40 -46.90 36.13
C ASP PA 124 31.19 -47.05 37.64
N ASN PA 125 31.63 -48.19 38.16
CA ASN PA 125 31.91 -48.37 39.58
C ASN PA 125 30.69 -48.06 40.45
N ILE PA 126 29.68 -48.91 40.29
CA ILE PA 126 28.61 -48.95 41.28
C ILE PA 126 29.22 -49.29 42.64
N ASN PA 127 28.51 -48.93 43.71
CA ASN PA 127 28.88 -48.92 45.12
C ASN PA 127 29.74 -47.72 45.50
N ALA PA 128 30.27 -46.96 44.54
CA ALA PA 128 31.00 -45.74 44.88
C ALA PA 128 31.12 -44.88 43.62
N GLN PA 129 30.26 -43.87 43.48
CA GLN PA 129 28.99 -43.71 44.19
C GLN PA 129 28.14 -42.95 43.18
N LEU PA 130 26.81 -43.00 43.30
CA LEU PA 130 25.94 -42.45 42.25
C LEU PA 130 25.00 -41.40 42.83
N GLY PA 131 25.51 -40.19 43.03
CA GLY PA 131 24.72 -38.97 43.12
C GLY PA 131 23.41 -39.03 43.86
N ALA PA 132 22.45 -38.21 43.41
CA ALA PA 132 21.04 -38.41 43.71
C ALA PA 132 20.14 -38.10 42.53
N GLY PA 133 20.68 -37.65 41.40
CA GLY PA 133 19.89 -37.34 40.23
C GLY PA 133 20.12 -38.35 39.14
N ASP PA 134 21.18 -39.14 39.29
CA ASP PA 134 21.40 -40.31 38.45
C ASP PA 134 20.98 -41.60 39.13
N LEU PA 135 20.65 -41.55 40.42
CA LEU PA 135 19.99 -42.67 41.08
C LEU PA 135 18.55 -42.83 40.61
N GLN PA 136 17.97 -41.76 40.08
CA GLN PA 136 16.65 -41.86 39.46
C GLN PA 136 16.68 -42.76 38.24
N THR PA 137 17.79 -42.78 37.52
CA THR PA 137 17.91 -43.70 36.39
C THR PA 137 17.88 -45.15 36.85
N VAL PA 138 18.58 -45.46 37.94
CA VAL PA 138 18.56 -46.81 38.48
C VAL PA 138 17.16 -47.19 38.93
N LYS PA 139 16.48 -46.28 39.65
CA LYS PA 139 15.12 -46.58 40.09
C LYS PA 139 14.19 -46.81 38.91
N ALA PA 140 14.29 -45.97 37.87
CA ALA PA 140 13.44 -46.15 36.69
C ALA PA 140 13.74 -47.43 35.94
N ALA PA 141 15.02 -47.78 35.78
CA ALA PA 141 15.36 -49.00 35.07
C ALA PA 141 15.06 -50.26 35.86
N ILE PA 142 14.95 -50.18 37.19
CA ILE PA 142 14.51 -51.32 37.97
C ILE PA 142 13.00 -51.43 37.95
N SER PA 143 12.29 -50.33 38.17
CA SER PA 143 10.84 -50.35 38.19
C SER PA 143 10.22 -50.30 36.80
N ALA PA 144 11.01 -50.38 35.74
CA ALA PA 144 10.45 -50.58 34.42
C ALA PA 144 10.36 -52.04 34.02
N LYS PA 145 11.09 -52.92 34.71
CA LYS PA 145 10.97 -54.36 34.49
C LYS PA 145 9.92 -54.98 35.41
N ALA PA 146 9.32 -54.16 36.28
CA ALA PA 146 8.21 -54.61 37.09
C ALA PA 146 6.87 -54.51 36.38
N ASN PA 147 6.83 -53.94 35.19
CA ASN PA 147 5.58 -53.70 34.46
C ASN PA 147 5.33 -54.79 33.42
N ASN PA 148 5.27 -56.05 33.85
CA ASN PA 148 5.15 -57.17 32.94
C ASN PA 148 3.95 -58.06 33.26
N LEU PA 149 2.82 -57.46 33.65
CA LEU PA 149 1.62 -58.25 33.91
C LEU PA 149 0.60 -58.12 32.79
N THR PA 150 0.94 -57.49 31.68
CA THR PA 150 0.04 -57.49 30.53
C THR PA 150 0.54 -58.37 29.41
N THR PA 151 1.84 -58.61 29.32
CA THR PA 151 2.34 -59.58 28.35
C THR PA 151 1.92 -61.00 28.70
N THR PA 152 1.59 -61.25 29.97
CA THR PA 152 1.13 -62.57 30.40
C THR PA 152 -0.37 -62.64 30.57
N VAL PA 153 -1.10 -61.57 30.24
CA VAL PA 153 -2.54 -61.61 30.08
C VAL PA 153 -2.93 -61.58 28.61
N ASN PA 154 -2.13 -60.95 27.76
CA ASN PA 154 -2.38 -61.02 26.34
C ASN PA 154 -2.07 -62.41 25.79
N ASN PA 155 -1.04 -63.06 26.32
CA ASN PA 155 -0.57 -64.34 25.81
C ASN PA 155 -1.38 -65.52 26.32
N SER PA 156 -2.18 -65.35 27.36
CA SER PA 156 -2.76 -66.48 28.07
C SER PA 156 -4.24 -66.25 28.38
N GLN PA 157 -5.01 -65.82 27.39
CA GLN PA 157 -6.45 -65.70 27.58
C GLN PA 157 -7.26 -66.57 26.64
N LEU PA 158 -6.70 -66.96 25.49
CA LEU PA 158 -7.37 -67.90 24.61
C LEU PA 158 -7.00 -69.34 24.92
N GLU PA 159 -6.04 -69.54 25.82
CA GLU PA 159 -5.75 -70.88 26.32
C GLU PA 159 -6.54 -71.20 27.57
N ILE PA 160 -6.59 -70.27 28.51
CA ILE PA 160 -7.39 -70.50 29.71
C ILE PA 160 -8.86 -70.64 29.36
N GLN PA 161 -9.32 -69.98 28.31
CA GLN PA 161 -10.60 -70.25 27.68
C GLN PA 161 -10.82 -71.75 27.56
N GLN PA 162 -9.96 -72.41 26.79
CA GLN PA 162 -10.17 -73.82 26.45
C GLN PA 162 -9.88 -74.75 27.61
N MET PA 163 -8.84 -74.46 28.40
CA MET PA 163 -8.57 -75.29 29.57
C MET PA 163 -9.73 -75.26 30.55
N SER PA 164 -10.25 -74.07 30.86
CA SER PA 164 -11.37 -73.95 31.77
C SER PA 164 -12.62 -74.58 31.21
N ASN PA 165 -12.89 -74.43 29.91
CA ASN PA 165 -14.08 -75.09 29.38
C ASN PA 165 -13.96 -76.61 29.42
N THR PA 166 -12.84 -77.15 28.93
CA THR PA 166 -12.68 -78.61 28.89
C THR PA 166 -12.71 -79.22 30.29
N LEU PA 167 -12.07 -78.57 31.25
CA LEU PA 167 -11.91 -79.19 32.56
C LEU PA 167 -13.26 -79.32 33.26
N ASN PA 168 -14.10 -78.30 33.14
CA ASN PA 168 -15.50 -78.40 33.56
C ASN PA 168 -16.26 -79.45 32.77
N LEU PA 169 -16.08 -79.45 31.45
CA LEU PA 169 -16.82 -80.33 30.56
C LEU PA 169 -16.50 -81.78 30.84
N LEU PA 170 -15.41 -82.03 31.54
CA LEU PA 170 -14.94 -83.37 31.86
C LEU PA 170 -15.27 -83.79 33.29
N THR PA 171 -15.23 -82.85 34.25
CA THR PA 171 -15.81 -83.11 35.57
C THR PA 171 -17.28 -83.49 35.45
N SER PA 172 -18.05 -82.70 34.69
CA SER PA 172 -19.48 -82.95 34.57
C SER PA 172 -19.80 -84.17 33.73
N ALA PA 173 -18.81 -84.77 33.06
CA ALA PA 173 -19.02 -86.02 32.35
C ALA PA 173 -18.62 -87.22 33.17
N ARG PA 174 -17.68 -87.03 34.10
CA ARG PA 174 -17.26 -88.09 35.00
C ARG PA 174 -18.40 -88.38 35.96
N SER PA 175 -19.03 -87.30 36.41
CA SER PA 175 -20.15 -87.34 37.35
C SER PA 175 -21.39 -88.03 36.79
N ASP PA 176 -21.68 -87.78 35.52
CA ASP PA 176 -22.84 -88.39 34.88
C ASP PA 176 -22.64 -89.89 34.91
N MET PA 177 -21.41 -90.31 34.68
CA MET PA 177 -21.06 -91.72 34.69
C MET PA 177 -21.29 -92.33 36.08
N GLN PA 178 -20.96 -91.58 37.13
CA GLN PA 178 -21.14 -92.09 38.49
C GLN PA 178 -22.61 -92.23 38.85
N SER PA 179 -23.43 -91.25 38.48
CA SER PA 179 -24.86 -91.36 38.76
C SER PA 179 -25.50 -92.54 38.01
N LEU PA 180 -25.13 -92.73 36.75
CA LEU PA 180 -25.65 -93.88 36.00
C LEU PA 180 -25.20 -95.19 36.61
N GLN PA 181 -23.95 -95.28 37.03
CA GLN PA 181 -23.45 -96.48 37.68
C GLN PA 181 -24.24 -96.80 38.94
N TYR PA 182 -24.62 -95.78 39.69
CA TYR PA 182 -25.46 -96.02 40.86
C TYR PA 182 -26.85 -96.50 40.46
N ARG PA 183 -27.50 -95.80 39.53
CA ARG PA 183 -28.88 -96.13 39.21
C ARG PA 183 -29.02 -97.46 38.49
N THR PA 184 -27.98 -97.95 37.85
CA THR PA 184 -28.07 -99.24 37.17
C THR PA 184 -28.12 -100.39 38.17
N ILE PA 185 -27.34 -100.32 39.24
CA ILE PA 185 -27.25 -101.42 40.19
C ILE PA 185 -28.36 -101.35 41.23
N SER PA 186 -29.01 -100.20 41.39
CA SER PA 186 -30.10 -100.10 42.35
C SER PA 186 -31.32 -100.90 41.92
N GLY PA 187 -31.44 -101.26 40.65
CA GLY PA 187 -32.58 -101.96 40.13
C GLY PA 187 -32.54 -103.47 40.25
N ILE PA 188 -31.52 -104.03 40.90
CA ILE PA 188 -31.40 -105.46 41.11
C ILE PA 188 -31.89 -105.79 42.51
N SER PA 189 -32.99 -106.53 42.59
CA SER PA 189 -33.59 -106.91 43.86
C SER PA 189 -33.26 -108.37 44.16
N LEU PA 190 -32.68 -108.62 45.33
CA LEU PA 190 -32.22 -109.95 45.69
C LEU PA 190 -33.36 -110.73 46.34
N GLY PA 191 -33.57 -111.96 45.87
CA GLY PA 191 -34.58 -112.81 46.47
C GLY PA 191 -36.00 -112.40 46.22
N LYS PA 192 -36.27 -111.68 45.13
CA LYS PA 192 -37.65 -111.28 44.82
C LYS PA 192 -37.97 -111.54 43.36
N SER QA 19 -1.68 -59.86 52.10
CA SER QA 19 -3.11 -59.61 52.02
C SER QA 19 -3.89 -60.88 51.76
N MET QA 20 -3.17 -61.95 51.41
CA MET QA 20 -3.76 -63.24 51.14
C MET QA 20 -3.07 -64.32 51.98
N ALA QA 21 -3.51 -65.56 51.78
CA ALA QA 21 -3.06 -66.66 52.61
C ALA QA 21 -1.64 -67.09 52.25
N TYR QA 22 -1.40 -67.38 50.98
CA TYR QA 22 -0.14 -67.96 50.55
C TYR QA 22 0.75 -66.88 49.95
N ASP QA 23 2.00 -66.82 50.41
CA ASP QA 23 2.95 -65.81 49.98
C ASP QA 23 3.82 -66.34 48.84
N LEU QA 24 3.23 -66.39 47.64
CA LEU QA 24 3.89 -66.95 46.47
C LEU QA 24 5.10 -66.14 46.02
N GLY QA 25 5.46 -65.07 46.72
CA GLY QA 25 6.59 -64.26 46.31
C GLY QA 25 7.94 -64.86 46.63
N SER QA 26 7.98 -65.85 47.51
CA SER QA 26 9.22 -66.50 47.88
C SER QA 26 9.33 -67.94 47.40
N MET QA 27 8.22 -68.66 47.32
CA MET QA 27 8.23 -70.06 46.94
C MET QA 27 8.75 -70.22 45.52
N SER QA 28 9.62 -71.21 45.34
CA SER QA 28 10.18 -71.50 44.02
C SER QA 28 9.10 -72.10 43.12
N LYS QA 29 9.48 -72.47 41.91
CA LYS QA 29 8.48 -73.01 40.98
C LYS QA 29 8.05 -74.41 41.39
N ASP QA 30 9.00 -75.25 41.79
CA ASP QA 30 8.66 -76.62 42.16
C ASP QA 30 7.92 -76.71 43.48
N ASP QA 31 7.84 -75.61 44.23
CA ASP QA 31 6.97 -75.53 45.39
C ASP QA 31 5.62 -74.92 45.04
N VAL QA 32 5.58 -73.98 44.10
CA VAL QA 32 4.31 -73.45 43.65
C VAL QA 32 3.49 -74.53 42.96
N ILE QA 33 4.14 -75.39 42.18
CA ILE QA 33 3.40 -76.45 41.50
C ILE QA 33 2.80 -77.42 42.52
N ASP QA 34 3.57 -77.80 43.53
CA ASP QA 34 3.04 -78.70 44.55
C ASP QA 34 1.95 -78.03 45.37
N LEU QA 35 2.07 -76.73 45.60
CA LEU QA 35 0.98 -75.99 46.25
C LEU QA 35 -0.29 -76.04 45.42
N PHE QA 36 -0.19 -75.74 44.13
CA PHE QA 36 -1.35 -75.76 43.26
C PHE QA 36 -1.94 -77.15 43.14
N ASN QA 37 -1.12 -78.18 43.24
CA ASN QA 37 -1.66 -79.53 43.28
C ASN QA 37 -2.40 -79.81 44.57
N LYS QA 38 -1.94 -79.25 45.69
CA LYS QA 38 -2.69 -79.40 46.93
C LYS QA 38 -4.07 -78.76 46.83
N LEU QA 39 -4.16 -77.58 46.23
CA LEU QA 39 -5.44 -76.97 45.94
C LEU QA 39 -6.05 -77.66 44.72
N GLY QA 40 -7.13 -77.10 44.19
CA GLY QA 40 -7.77 -77.67 43.03
C GLY QA 40 -7.13 -77.19 41.74
N VAL QA 41 -7.90 -77.23 40.67
CA VAL QA 41 -7.51 -76.63 39.41
C VAL QA 41 -8.12 -75.26 39.21
N PHE QA 42 -9.33 -75.02 39.74
CA PHE QA 42 -9.97 -73.71 39.65
C PHE QA 42 -9.42 -72.74 40.69
N GLN QA 43 -9.10 -73.21 41.88
CA GLN QA 43 -8.55 -72.30 42.86
C GLN QA 43 -7.07 -72.04 42.69
N ALA QA 44 -6.35 -72.90 41.97
CA ALA QA 44 -5.04 -72.49 41.50
C ALA QA 44 -5.17 -71.28 40.58
N ALA QA 45 -6.14 -71.31 39.68
CA ALA QA 45 -6.38 -70.16 38.82
C ALA QA 45 -6.79 -68.94 39.63
N ILE QA 46 -7.60 -69.11 40.66
CA ILE QA 46 -7.99 -67.94 41.44
C ILE QA 46 -6.81 -67.37 42.22
N LEU QA 47 -5.94 -68.19 42.80
CA LEU QA 47 -4.74 -67.61 43.40
C LEU QA 47 -3.85 -66.94 42.38
N MET QA 48 -3.66 -67.54 41.21
CA MET QA 48 -2.78 -66.92 40.23
C MET QA 48 -3.31 -65.55 39.82
N PHE QA 49 -4.62 -65.45 39.60
CA PHE QA 49 -5.20 -64.16 39.25
C PHE QA 49 -5.20 -63.18 40.42
N ALA QA 50 -5.38 -63.66 41.65
CA ALA QA 50 -5.36 -62.74 42.79
C ALA QA 50 -3.98 -62.18 43.03
N TYR QA 51 -2.94 -63.01 42.88
CA TYR QA 51 -1.59 -62.50 43.02
C TYR QA 51 -1.21 -61.56 41.88
N MET QA 52 -1.63 -61.86 40.66
CA MET QA 52 -1.39 -60.91 39.57
C MET QA 52 -2.11 -59.60 39.83
N TYR QA 53 -3.33 -59.65 40.37
CA TYR QA 53 -4.03 -58.43 40.71
C TYR QA 53 -3.31 -57.64 41.80
N GLN QA 54 -2.78 -58.32 42.82
CA GLN QA 54 -2.02 -57.60 43.84
C GLN QA 54 -0.78 -56.94 43.25
N ALA QA 55 -0.05 -57.65 42.39
CA ALA QA 55 1.15 -57.05 41.81
C ALA QA 55 0.79 -55.83 40.97
N GLN QA 56 -0.25 -55.92 40.16
CA GLN QA 56 -0.65 -54.78 39.33
C GLN QA 56 -1.15 -53.62 40.18
N SER QA 57 -1.93 -53.91 41.23
CA SER QA 57 -2.41 -52.83 42.06
C SER QA 57 -1.28 -52.16 42.82
N ASP QA 58 -0.28 -52.93 43.23
CA ASP QA 58 0.87 -52.31 43.90
C ASP QA 58 1.65 -51.41 42.95
N LEU QA 59 1.86 -51.84 41.71
CA LEU QA 59 2.49 -50.95 40.74
C LEU QA 59 1.70 -49.66 40.60
N SER QA 60 0.39 -49.78 40.36
CA SER QA 60 -0.40 -48.60 40.08
C SER QA 60 -0.46 -47.67 41.29
N ILE QA 61 -0.59 -48.20 42.50
CA ILE QA 61 -0.67 -47.34 43.67
C ILE QA 61 0.68 -46.69 43.95
N ALA QA 62 1.78 -47.41 43.77
CA ALA QA 62 3.07 -46.75 43.90
C ALA QA 62 3.28 -45.69 42.83
N LYS QA 63 2.57 -45.79 41.70
CA LYS QA 63 2.56 -44.69 40.73
C LYS QA 63 1.70 -43.53 41.21
N PHE QA 64 0.56 -43.81 41.84
CA PHE QA 64 -0.35 -42.75 42.27
C PHE QA 64 0.20 -41.95 43.44
N ALA QA 65 1.18 -42.48 44.17
CA ALA QA 65 1.79 -41.74 45.26
C ALA QA 65 2.99 -40.92 44.82
N ASP QA 66 3.38 -41.00 43.55
CA ASP QA 66 4.36 -40.09 42.97
C ASP QA 66 3.71 -38.86 42.36
N MET QA 67 2.38 -38.80 42.33
CA MET QA 67 1.68 -37.62 41.85
C MET QA 67 1.09 -36.79 42.99
N ASN QA 68 0.71 -37.44 44.08
CA ASN QA 68 0.43 -36.68 45.29
C ASN QA 68 1.65 -35.93 45.79
N GLU QA 69 2.87 -36.34 45.42
CA GLU QA 69 4.03 -35.50 45.72
C GLU QA 69 3.92 -34.17 45.00
N ALA QA 70 3.55 -34.19 43.72
CA ALA QA 70 3.41 -32.95 42.97
C ALA QA 70 2.29 -32.08 43.52
N SER QA 71 1.14 -32.69 43.84
CA SER QA 71 0.06 -31.88 44.38
C SER QA 71 0.37 -31.35 45.78
N LYS QA 72 1.10 -32.12 46.60
CA LYS QA 72 1.51 -31.62 47.91
C LYS QA 72 2.45 -30.43 47.76
N GLU QA 73 3.42 -30.52 46.85
CA GLU QA 73 4.29 -29.38 46.61
C GLU QA 73 3.51 -28.16 46.16
N SER QA 74 2.53 -28.36 45.28
CA SER QA 74 1.75 -27.23 44.81
C SER QA 74 0.97 -26.58 45.94
N THR QA 75 0.33 -27.37 46.79
CA THR QA 75 -0.45 -26.75 47.86
C THR QA 75 0.43 -26.04 48.88
N THR QA 76 1.58 -26.63 49.24
CA THR QA 76 2.46 -25.92 50.18
C THR QA 76 3.00 -24.62 49.58
N ALA QA 77 3.39 -24.65 48.31
CA ALA QA 77 3.86 -23.43 47.67
C ALA QA 77 2.77 -22.36 47.62
N GLN QA 78 1.54 -22.77 47.32
CA GLN QA 78 0.45 -21.80 47.31
C GLN QA 78 0.20 -21.21 48.69
N LYS QA 79 0.28 -22.03 49.73
CA LYS QA 79 0.10 -21.51 51.08
C LYS QA 79 1.18 -20.48 51.43
N MET QA 80 2.44 -20.78 51.08
CA MET QA 80 3.51 -19.82 51.35
C MET QA 80 3.29 -18.51 50.57
N ALA QA 81 2.92 -18.62 49.29
CA ALA QA 81 2.68 -17.43 48.50
C ALA QA 81 1.53 -16.61 49.07
N ASN QA 82 0.49 -17.25 49.60
CA ASN QA 82 -0.58 -16.51 50.22
C ASN QA 82 -0.16 -15.85 51.53
N LEU QA 83 0.75 -16.45 52.28
CA LEU QA 83 1.29 -15.75 53.45
C LEU QA 83 2.06 -14.49 53.03
N VAL QA 84 2.85 -14.60 51.96
CA VAL QA 84 3.58 -13.42 51.48
C VAL QA 84 2.62 -12.35 50.96
N ASP QA 85 1.52 -12.75 50.32
CA ASP QA 85 0.50 -11.76 49.94
C ASP QA 85 -0.15 -11.11 51.15
N ALA QA 86 -0.47 -11.88 52.18
CA ALA QA 86 -1.00 -11.27 53.39
C ALA QA 86 -0.02 -10.28 53.99
N LYS QA 87 1.27 -10.55 53.91
CA LYS QA 87 2.27 -9.61 54.37
C LYS QA 87 2.36 -8.35 53.51
N ILE QA 88 2.24 -8.48 52.19
CA ILE QA 88 2.27 -7.30 51.32
C ILE QA 88 1.07 -6.40 51.56
N ALA QA 89 -0.09 -6.99 51.85
CA ALA QA 89 -1.32 -6.21 52.02
C ALA QA 89 -1.29 -5.31 53.25
N ASP QA 90 -0.16 -5.23 53.95
CA ASP QA 90 0.02 -4.30 55.05
C ASP QA 90 1.19 -3.35 54.84
N VAL QA 91 2.01 -3.58 53.82
CA VAL QA 91 3.12 -2.69 53.51
C VAL QA 91 2.76 -1.90 52.27
N GLN QA 92 1.73 -2.36 51.56
CA GLN QA 92 1.16 -1.55 50.49
C GLN QA 92 0.28 -0.45 51.06
N SER QA 93 -0.47 -0.75 52.13
CA SER QA 93 -1.29 0.23 52.82
C SER QA 93 -0.49 1.06 53.81
N SER QA 94 0.83 0.93 53.80
CA SER QA 94 1.68 1.66 54.74
C SER QA 94 1.81 3.11 54.29
N SER QA 95 1.52 4.04 55.20
CA SER QA 95 1.56 5.46 54.88
C SER QA 95 2.98 5.92 54.55
N ASP QA 96 3.98 5.28 55.14
CA ASP QA 96 5.37 5.69 54.99
C ASP QA 96 5.90 5.18 53.65
N LYS QA 97 7.21 5.24 53.46
CA LYS QA 97 7.82 4.54 52.33
C LYS QA 97 7.64 3.04 52.51
N ASN QA 98 7.41 2.33 51.40
CA ASN QA 98 7.05 0.92 51.48
C ASN QA 98 8.27 0.02 51.63
N ALA QA 99 9.13 0.31 52.61
CA ALA QA 99 10.18 -0.63 53.01
C ALA QA 99 10.14 -0.75 54.53
N LYS QA 100 9.17 -1.54 55.01
CA LYS QA 100 9.12 -2.05 56.39
C LYS QA 100 8.36 -3.36 56.30
N ALA QA 101 9.09 -4.45 56.12
CA ALA QA 101 8.43 -5.73 55.87
C ALA QA 101 9.41 -6.87 56.10
N GLN QA 102 8.88 -7.96 56.62
CA GLN QA 102 9.61 -9.20 56.78
C GLN QA 102 8.66 -10.35 56.49
N LEU QA 103 9.20 -11.42 55.96
CA LEU QA 103 8.39 -12.59 55.72
C LEU QA 103 7.99 -13.23 57.06
N PRO QA 104 6.81 -13.82 57.15
CA PRO QA 104 6.45 -14.53 58.38
C PRO QA 104 7.35 -15.73 58.60
N ASP QA 105 7.56 -16.06 59.88
CA ASP QA 105 8.66 -16.94 60.27
C ASP QA 105 8.60 -18.31 59.60
N GLU QA 106 7.42 -18.73 59.13
CA GLU QA 106 7.31 -20.02 58.47
C GLU QA 106 7.80 -19.96 57.02
N VAL QA 107 7.61 -18.83 56.34
CA VAL QA 107 8.09 -18.71 54.97
C VAL QA 107 9.62 -18.74 54.93
N ILE QA 108 10.29 -18.15 55.93
CA ILE QA 108 11.74 -18.21 55.97
C ILE QA 108 12.22 -19.65 56.03
N SER QA 109 11.62 -20.46 56.90
CA SER QA 109 11.97 -21.86 56.94
C SER QA 109 11.56 -22.61 55.67
N TYR QA 110 10.55 -22.13 54.95
CA TYR QA 110 10.25 -22.73 53.65
C TYR QA 110 11.37 -22.50 52.65
N ILE QA 111 11.81 -21.25 52.48
CA ILE QA 111 12.91 -21.00 51.53
C ILE QA 111 14.21 -21.65 51.98
N ASN QA 112 14.57 -21.52 53.26
CA ASN QA 112 15.87 -21.99 53.72
C ASN QA 112 15.99 -23.51 53.74
N ASP QA 113 14.89 -24.24 53.60
CA ASP QA 113 14.94 -25.70 53.61
C ASP QA 113 15.62 -26.19 52.33
N PRO QA 114 16.44 -27.23 52.38
CA PRO QA 114 17.26 -27.60 51.21
C PRO QA 114 16.52 -28.38 50.13
N ARG QA 115 15.42 -29.05 50.43
CA ARG QA 115 14.80 -29.98 49.50
C ARG QA 115 13.80 -29.31 48.57
N ASN QA 116 13.93 -28.00 48.33
CA ASN QA 116 12.98 -27.28 47.49
C ASN QA 116 13.61 -26.56 46.30
N ASP QA 117 14.90 -26.21 46.36
CA ASP QA 117 15.59 -25.49 45.28
C ASP QA 117 14.79 -24.25 44.87
N ILE QA 118 14.68 -23.32 45.81
CA ILE QA 118 13.75 -22.20 45.71
C ILE QA 118 14.52 -20.89 45.68
N THR QA 119 15.66 -20.87 45.01
CA THR QA 119 16.41 -19.63 44.79
C THR QA 119 15.50 -18.52 44.27
N ILE QA 120 15.36 -17.43 45.02
CA ILE QA 120 14.31 -16.44 44.80
C ILE QA 120 14.88 -15.06 44.49
N SER QA 121 15.59 -14.46 45.45
CA SER QA 121 15.82 -13.02 45.43
C SER QA 121 17.15 -12.63 44.78
N GLY QA 122 18.22 -13.31 45.17
CA GLY QA 122 19.54 -12.81 44.83
C GLY QA 122 19.91 -11.57 45.59
N ILE QA 123 19.30 -11.36 46.76
CA ILE QA 123 19.52 -10.16 47.56
C ILE QA 123 19.95 -10.58 48.95
N ASP QA 124 20.66 -9.70 49.63
CA ASP QA 124 21.32 -10.03 50.89
C ASP QA 124 20.34 -9.99 52.05
N ASN QA 125 20.60 -10.85 53.05
CA ASN QA 125 20.07 -10.70 54.40
C ASN QA 125 18.53 -10.64 54.40
N ILE QA 126 17.94 -11.77 54.03
CA ILE QA 126 16.52 -11.96 54.32
C ILE QA 126 16.32 -11.88 55.83
N ASN QA 127 15.09 -11.58 56.24
CA ASN QA 127 14.61 -11.24 57.57
C ASN QA 127 14.90 -9.78 57.94
N ALA QA 128 15.74 -9.07 57.20
CA ALA QA 128 15.94 -7.65 57.46
C ALA QA 128 16.59 -7.00 56.24
N GLN QA 129 15.80 -6.33 55.41
CA GLN QA 129 14.36 -6.45 55.30
C GLN QA 129 14.10 -6.16 53.83
N LEU QA 130 12.95 -6.59 53.29
CA LEU QA 130 12.74 -6.51 51.83
C LEU QA 130 11.47 -5.72 51.53
N GLY QA 131 11.57 -4.39 51.57
CA GLY QA 131 10.69 -3.47 50.89
C GLY QA 131 9.21 -3.80 50.86
N ALA QA 132 8.55 -3.40 49.78
CA ALA QA 132 7.27 -3.97 49.38
C ALA QA 132 7.14 -4.15 47.88
N GLY QA 133 8.14 -3.73 47.10
CA GLY QA 133 8.08 -3.87 45.66
C GLY QA 133 9.04 -4.92 45.18
N ASP QA 134 9.95 -5.33 46.07
CA ASP QA 134 10.80 -6.50 45.85
C ASP QA 134 10.29 -7.73 46.58
N LEU QA 135 9.29 -7.57 47.45
CA LEU QA 135 8.58 -8.71 48.00
C LEU QA 135 7.70 -9.37 46.95
N GLN QA 136 7.34 -8.62 45.91
CA GLN QA 136 6.62 -9.21 44.77
C GLN QA 136 7.47 -10.26 44.07
N THR QA 137 8.79 -10.05 44.03
CA THR QA 137 9.66 -11.06 43.45
C THR QA 137 9.63 -12.36 44.25
N VAL QA 138 9.64 -12.26 45.59
CA VAL QA 138 9.55 -13.45 46.41
C VAL QA 138 8.22 -14.16 46.19
N LYS QA 139 7.12 -13.39 46.17
CA LYS QA 139 5.82 -14.01 45.95
C LYS QA 139 5.75 -14.70 44.59
N ALA QA 140 6.27 -14.06 43.55
CA ALA QA 140 6.27 -14.66 42.22
C ALA QA 140 7.15 -15.90 42.14
N ALA QA 141 8.33 -15.88 42.75
CA ALA QA 141 9.20 -17.03 42.71
C ALA QA 141 8.73 -18.18 43.58
N ILE QA 142 7.89 -17.91 44.58
CA ILE QA 142 7.28 -19.00 45.34
C ILE QA 142 6.07 -19.56 44.61
N SER QA 143 5.20 -18.70 44.10
CA SER QA 143 4.01 -19.17 43.41
C SER QA 143 4.27 -19.53 41.95
N ALA QA 144 5.52 -19.53 41.51
CA ALA QA 144 5.84 -20.10 40.21
C ALA QA 144 6.22 -21.57 40.29
N LYS QA 145 6.57 -22.07 41.48
CA LYS QA 145 6.84 -23.48 41.66
C LYS QA 145 5.57 -24.22 42.08
N ALA QA 146 4.47 -23.51 42.25
CA ALA QA 146 3.18 -24.13 42.49
C ALA QA 146 2.48 -24.56 41.21
N ASN QA 147 3.02 -24.23 40.05
CA ASN QA 147 2.36 -24.50 38.78
C ASN QA 147 2.92 -25.76 38.13
N ASN QA 148 2.83 -26.89 38.84
CA ASN QA 148 3.43 -28.14 38.36
C ASN QA 148 2.42 -29.28 38.30
N LEU QA 149 1.18 -29.00 37.89
CA LEU QA 149 0.20 -30.06 37.72
C LEU QA 149 -0.04 -30.43 36.28
N THR QA 150 0.75 -29.91 35.34
CA THR QA 150 0.66 -30.36 33.97
C THR QA 150 1.84 -31.23 33.56
N THR QA 151 2.99 -31.07 34.21
CA THR QA 151 4.09 -31.99 33.95
C THR QA 151 3.79 -33.39 34.46
N THR QA 152 2.86 -33.53 35.41
CA THR QA 152 2.46 -34.84 35.92
C THR QA 152 1.15 -35.32 35.34
N VAL QA 153 0.58 -34.59 34.39
CA VAL QA 153 -0.50 -35.10 33.56
C VAL QA 153 -0.01 -35.42 32.15
N ASN QA 154 1.01 -34.72 31.68
CA ASN QA 154 1.61 -35.10 30.41
C ASN QA 154 2.40 -36.39 30.54
N ASN QA 155 3.05 -36.61 31.67
CA ASN QA 155 3.92 -37.75 31.87
C ASN QA 155 3.19 -39.03 32.25
N SER QA 156 1.92 -38.93 32.64
CA SER QA 156 1.24 -40.06 33.27
C SER QA 156 -0.17 -40.23 32.72
N GLN QA 157 -0.32 -40.23 31.40
CA GLN QA 157 -1.62 -40.52 30.81
C GLN QA 157 -1.61 -41.73 29.90
N LEU QA 158 -0.46 -42.12 29.36
CA LEU QA 158 -0.36 -43.35 28.59
C LEU QA 158 0.01 -44.54 29.47
N GLU QA 159 0.33 -44.30 30.74
CA GLU QA 159 0.51 -45.38 31.69
C GLU QA 159 -0.78 -45.72 32.41
N ILE QA 160 -1.50 -44.71 32.88
CA ILE QA 160 -2.77 -44.96 33.52
C ILE QA 160 -3.75 -45.60 32.56
N GLN QA 161 -3.65 -45.28 31.26
CA GLN QA 161 -4.31 -46.04 30.20
C GLN QA 161 -4.17 -47.54 30.45
N GLN QA 162 -2.93 -48.02 30.44
CA GLN QA 162 -2.68 -49.46 30.49
C GLN QA 162 -2.94 -50.05 31.86
N MET QA 163 -2.58 -49.35 32.93
CA MET QA 163 -2.86 -49.85 34.27
C MET QA 163 -4.36 -50.00 34.48
N SER QA 164 -5.15 -48.99 34.12
CA SER QA 164 -6.59 -49.08 34.27
C SER QA 164 -7.20 -50.15 33.38
N ASN QA 165 -6.72 -50.30 32.14
CA ASN QA 165 -7.27 -51.35 31.31
C ASN QA 165 -6.95 -52.73 31.87
N THR QA 166 -5.68 -53.00 32.19
CA THR QA 166 -5.28 -54.31 32.68
C THR QA 166 -5.98 -54.68 33.98
N LEU QA 167 -6.11 -53.71 34.89
CA LEU QA 167 -6.60 -54.04 36.22
C LEU QA 167 -8.07 -54.45 36.17
N ASN QA 168 -8.86 -53.77 35.34
CA ASN QA 168 -10.21 -54.21 35.02
C ASN QA 168 -10.21 -55.56 34.32
N LEU QA 169 -9.33 -55.71 33.33
CA LEU QA 169 -9.30 -56.91 32.50
C LEU QA 169 -8.95 -58.13 33.32
N LEU QA 170 -8.42 -57.93 34.51
CA LEU QA 170 -7.99 -58.99 35.41
C LEU QA 170 -8.98 -59.24 36.54
N THR QA 171 -9.64 -58.20 37.05
CA THR QA 171 -10.80 -58.40 37.91
C THR QA 171 -11.87 -59.23 37.20
N SER QA 172 -12.20 -58.84 35.97
CA SER QA 172 -13.26 -59.52 35.24
C SER QA 172 -12.86 -60.91 34.75
N ALA QA 173 -11.57 -61.27 34.88
CA ALA QA 173 -11.14 -62.63 34.58
C ALA QA 173 -11.08 -63.51 35.81
N ARG QA 174 -10.85 -62.89 36.97
CA ARG QA 174 -10.83 -63.62 38.23
C ARG QA 174 -12.26 -64.08 38.53
N SER QA 175 -13.20 -63.17 38.26
CA SER QA 175 -14.62 -63.40 38.48
C SER QA 175 -15.20 -64.52 37.62
N ASP QA 176 -14.78 -64.59 36.36
CA ASP QA 176 -15.26 -65.60 35.46
C ASP QA 176 -14.87 -66.95 36.04
N MET QA 177 -13.67 -67.00 36.58
CA MET QA 177 -13.16 -68.23 37.19
C MET QA 177 -14.02 -68.64 38.39
N GLN QA 178 -14.46 -67.66 39.18
CA GLN QA 178 -15.27 -67.98 40.35
C GLN QA 178 -16.65 -68.50 39.96
N SER QA 179 -17.28 -67.89 38.95
CA SER QA 179 -18.58 -68.38 38.50
C SER QA 179 -18.48 -69.79 37.95
N LEU QA 180 -17.46 -70.07 37.14
CA LEU QA 180 -17.27 -71.42 36.63
C LEU QA 180 -17.03 -72.42 37.74
N GLN QA 181 -16.22 -72.06 38.74
CA GLN QA 181 -15.98 -72.94 39.87
C GLN QA 181 -17.27 -73.28 40.59
N TYR QA 182 -18.17 -72.30 40.71
CA TYR QA 182 -19.47 -72.59 41.32
C TYR QA 182 -20.29 -73.53 40.45
N ARG QA 183 -20.41 -73.21 39.16
CA ARG QA 183 -21.32 -73.99 38.31
C ARG QA 183 -20.81 -75.41 38.05
N THR QA 184 -19.51 -75.65 38.20
CA THR QA 184 -19.01 -77.01 37.99
C THR QA 184 -19.41 -77.95 39.12
N ILE QA 185 -19.38 -77.45 40.36
CA ILE QA 185 -19.65 -78.30 41.51
C ILE QA 185 -21.15 -78.41 41.79
N SER QA 186 -21.95 -77.50 41.25
CA SER QA 186 -23.39 -77.58 41.46
C SER QA 186 -24.02 -78.77 40.75
N GLY QA 187 -23.35 -79.35 39.76
CA GLY QA 187 -23.87 -80.44 38.99
C GLY QA 187 -23.65 -81.82 39.56
N ILE QA 188 -23.09 -81.93 40.76
CA ILE QA 188 -22.87 -83.21 41.42
C ILE QA 188 -24.00 -83.44 42.42
N SER QA 189 -24.81 -84.45 42.17
CA SER QA 189 -25.95 -84.79 43.02
C SER QA 189 -25.61 -86.01 43.85
N LEU QA 190 -25.73 -85.88 45.17
CA LEU QA 190 -25.34 -86.93 46.10
C LEU QA 190 -26.50 -87.90 46.30
N GLY QA 191 -26.21 -89.20 46.18
CA GLY QA 191 -27.22 -90.20 46.42
C GLY QA 191 -28.31 -90.29 45.38
N LYS QA 192 -28.05 -89.88 44.15
CA LYS QA 192 -29.06 -89.95 43.10
C LYS QA 192 -28.47 -90.54 41.82
N SER RA 19 -12.36 -29.58 51.39
CA SER RA 19 -13.52 -29.78 50.53
C SER RA 19 -13.79 -31.27 50.32
N MET RA 20 -12.84 -32.10 50.71
CA MET RA 20 -12.95 -33.54 50.59
C MET RA 20 -12.69 -34.20 51.94
N ALA RA 21 -12.72 -35.53 51.94
CA ALA RA 21 -12.62 -36.30 53.18
C ALA RA 21 -11.21 -36.33 53.71
N TYR RA 22 -10.24 -36.73 52.88
CA TYR RA 22 -8.89 -36.98 53.33
C TYR RA 22 -8.01 -35.78 52.96
N ASP RA 23 -7.26 -35.27 53.94
CA ASP RA 23 -6.41 -34.10 53.76
C ASP RA 23 -4.99 -34.53 53.43
N LEU RA 24 -4.79 -34.94 52.17
CA LEU RA 24 -3.51 -35.46 51.71
C LEU RA 24 -2.40 -34.41 51.70
N GLY RA 25 -2.68 -33.18 52.13
CA GLY RA 25 -1.67 -32.14 52.11
C GLY RA 25 -0.64 -32.25 53.22
N SER RA 26 -0.94 -33.01 54.26
CA SER RA 26 -0.03 -33.20 55.38
C SER RA 26 0.57 -34.59 55.47
N MET RA 27 -0.19 -35.62 55.07
CA MET RA 27 0.28 -36.99 55.19
C MET RA 27 1.52 -37.22 54.34
N SER RA 28 2.49 -37.91 54.92
CA SER RA 28 3.73 -38.22 54.22
C SER RA 28 3.45 -39.27 53.14
N LYS RA 29 4.50 -39.70 52.45
CA LYS RA 29 4.30 -40.65 51.36
C LYS RA 29 3.96 -42.03 51.90
N ASP RA 30 4.64 -42.47 52.94
CA ASP RA 30 4.38 -43.80 53.50
C ASP RA 30 3.05 -43.89 54.24
N ASP RA 31 2.40 -42.76 54.48
CA ASP RA 31 1.02 -42.76 54.95
C ASP RA 31 0.01 -42.65 53.83
N VAL RA 32 0.36 -41.94 52.75
CA VAL RA 32 -0.52 -41.90 51.59
C VAL RA 32 -0.62 -43.28 50.95
N ILE RA 33 0.49 -44.02 50.89
CA ILE RA 33 0.44 -45.35 50.29
C ILE RA 33 -0.45 -46.28 51.11
N ASP RA 34 -0.33 -46.23 52.44
CA ASP RA 34 -1.18 -47.07 53.29
C ASP RA 34 -2.64 -46.64 53.20
N LEU RA 35 -2.89 -45.34 53.05
CA LEU RA 35 -4.25 -44.87 52.83
C LEU RA 35 -4.82 -45.43 51.54
N PHE RA 36 -4.06 -45.33 50.44
CA PHE RA 36 -4.52 -45.84 49.16
C PHE RA 36 -4.70 -47.35 49.18
N ASN RA 37 -3.92 -48.06 49.99
CA ASN RA 37 -4.15 -49.49 50.16
C ASN RA 37 -5.44 -49.76 50.93
N LYS RA 38 -5.77 -48.91 51.90
CA LYS RA 38 -7.05 -49.08 52.59
C LYS RA 38 -8.23 -48.91 51.62
N LEU RA 39 -8.16 -47.93 50.74
CA LEU RA 39 -9.15 -47.78 49.67
C LEU RA 39 -8.84 -48.81 48.59
N GLY RA 40 -9.51 -48.70 47.45
CA GLY RA 40 -9.29 -49.62 46.36
C GLY RA 40 -8.13 -49.20 45.49
N VAL RA 41 -8.15 -49.65 44.24
CA VAL RA 41 -7.24 -49.17 43.23
C VAL RA 41 -7.86 -48.10 42.35
N PHE RA 42 -9.16 -48.15 42.11
CA PHE RA 42 -9.86 -47.14 41.34
C PHE RA 42 -10.15 -45.89 42.14
N GLN RA 43 -10.48 -46.04 43.42
CA GLN RA 43 -10.73 -44.85 44.22
C GLN RA 43 -9.46 -44.19 44.74
N ALA RA 44 -8.34 -44.90 44.77
CA ALA RA 44 -7.07 -44.18 44.91
C ALA RA 44 -6.87 -43.24 43.73
N ALA RA 45 -7.16 -43.71 42.53
CA ALA RA 45 -7.07 -42.84 41.36
C ALA RA 45 -8.04 -41.69 41.45
N ILE RA 46 -9.26 -41.94 41.93
CA ILE RA 46 -10.20 -40.82 42.02
C ILE RA 46 -9.77 -39.79 43.06
N LEU RA 47 -9.25 -40.22 44.22
CA LEU RA 47 -8.70 -39.20 45.13
C LEU RA 47 -7.52 -38.47 44.53
N MET RA 48 -6.62 -39.16 43.86
CA MET RA 48 -5.46 -38.48 43.31
C MET RA 48 -5.88 -37.42 42.30
N PHE RA 49 -6.85 -37.76 41.44
CA PHE RA 49 -7.33 -36.78 40.48
C PHE RA 49 -8.15 -35.67 41.13
N ALA RA 50 -8.91 -35.98 42.19
CA ALA RA 50 -9.68 -34.93 42.85
C ALA RA 50 -8.77 -33.95 43.56
N TYR RA 51 -7.71 -34.43 44.21
CA TYR RA 51 -6.78 -33.51 44.85
C TYR RA 51 -5.99 -32.70 43.82
N MET RA 52 -5.59 -33.32 42.69
CA MET RA 52 -4.95 -32.53 41.66
C MET RA 52 -5.90 -31.47 41.10
N TYR RA 53 -7.19 -31.80 40.96
CA TYR RA 53 -8.15 -30.80 40.52
C TYR RA 53 -8.30 -29.68 41.52
N GLN RA 54 -8.31 -29.98 42.82
CA GLN RA 54 -8.40 -28.92 43.81
C GLN RA 54 -7.17 -28.02 43.75
N ALA RA 55 -5.98 -28.60 43.63
CA ALA RA 55 -4.78 -27.77 43.57
C ALA RA 55 -4.79 -26.86 42.34
N GLN RA 56 -5.18 -27.41 41.19
CA GLN RA 56 -5.23 -26.59 39.97
C GLN RA 56 -6.31 -25.51 40.06
N SER RA 57 -7.48 -25.84 40.61
CA SER RA 57 -8.52 -24.84 40.72
C SER RA 57 -8.13 -23.75 41.70
N ASP RA 58 -7.41 -24.09 42.77
CA ASP RA 58 -6.95 -23.07 43.70
C ASP RA 58 -5.95 -22.14 43.04
N LEU RA 59 -5.00 -22.67 42.27
CA LEU RA 59 -4.10 -21.80 41.52
C LEU RA 59 -4.87 -20.86 40.62
N SER RA 60 -5.79 -21.41 39.82
CA SER RA 60 -6.48 -20.59 38.84
C SER RA 60 -7.35 -19.53 39.50
N ILE RA 61 -8.04 -19.88 40.59
CA ILE RA 61 -8.90 -18.89 41.24
C ILE RA 61 -8.07 -17.83 41.95
N ALA RA 62 -6.95 -18.20 42.57
CA ALA RA 62 -6.08 -17.17 43.12
C ALA RA 62 -5.49 -16.29 42.02
N LYS RA 63 -5.42 -16.78 40.78
CA LYS RA 63 -5.08 -15.92 39.66
C LYS RA 63 -6.23 -15.01 39.28
N PHE RA 64 -7.47 -15.51 39.30
CA PHE RA 64 -8.61 -14.73 38.88
C PHE RA 64 -8.95 -13.61 39.86
N ALA RA 65 -8.48 -13.69 41.10
CA ALA RA 65 -8.72 -12.63 42.07
C ALA RA 65 -7.63 -11.57 42.05
N ASP RA 66 -6.60 -11.74 41.24
CA ASP RA 66 -5.62 -10.68 40.97
C ASP RA 66 -6.01 -9.82 39.79
N MET RA 67 -7.08 -10.17 39.09
CA MET RA 67 -7.58 -9.36 37.98
C MET RA 67 -8.83 -8.58 38.38
N ASN RA 68 -9.65 -9.12 39.27
CA ASN RA 68 -10.67 -8.29 39.90
C ASN RA 68 -10.08 -7.13 40.67
N GLU RA 69 -8.82 -7.21 41.10
CA GLU RA 69 -8.19 -6.03 41.66
C GLU RA 69 -8.09 -4.91 40.63
N ALA RA 70 -7.67 -5.26 39.41
CA ALA RA 70 -7.57 -4.27 38.35
C ALA RA 70 -8.93 -3.70 37.98
N SER RA 71 -9.94 -4.56 37.86
CA SER RA 71 -11.26 -4.05 37.51
C SER RA 71 -11.87 -3.23 38.65
N LYS RA 72 -11.62 -3.60 39.90
CA LYS RA 72 -12.09 -2.79 41.02
C LYS RA 72 -11.45 -1.41 41.02
N GLU RA 73 -10.14 -1.35 40.78
CA GLU RA 73 -9.48 -0.05 40.68
C GLU RA 73 -10.06 0.78 39.55
N SER RA 74 -10.33 0.15 38.40
CA SER RA 74 -10.90 0.91 37.29
C SER RA 74 -12.27 1.46 37.62
N THR RA 75 -13.13 0.67 38.24
CA THR RA 75 -14.47 1.18 38.53
C THR RA 75 -14.44 2.28 39.59
N THR RA 76 -13.61 2.14 40.63
CA THR RA 76 -13.54 3.23 41.62
C THR RA 76 -12.98 4.51 41.00
N ALA RA 77 -11.95 4.39 40.17
CA ALA RA 77 -11.40 5.57 39.52
C ALA RA 77 -12.43 6.24 38.62
N GLN RA 78 -13.21 5.44 37.88
CA GLN RA 78 -14.25 6.01 37.04
C GLN RA 78 -15.32 6.71 37.86
N LYS RA 79 -15.70 6.13 39.00
CA LYS RA 79 -16.68 6.81 39.85
C LYS RA 79 -16.17 8.15 40.36
N MET RA 80 -14.92 8.19 40.79
CA MET RA 80 -14.34 9.47 41.25
C MET RA 80 -14.30 10.49 40.11
N ALA RA 81 -13.87 10.06 38.92
CA ALA RA 81 -13.83 10.98 37.79
C ALA RA 81 -15.21 11.51 37.45
N ASN RA 82 -16.24 10.66 37.55
CA ASN RA 82 -17.59 11.13 37.30
C ASN RA 82 -18.09 12.11 38.37
N LEU RA 83 -17.66 11.94 39.63
CA LEU RA 83 -17.99 12.95 40.63
C LEU RA 83 -17.33 14.29 40.28
N VAL RA 84 -16.08 14.26 39.84
CA VAL RA 84 -15.42 15.51 39.46
C VAL RA 84 -16.09 16.14 38.24
N ASP RA 85 -16.55 15.33 37.28
CA ASP RA 85 -17.33 15.87 36.17
C ASP RA 85 -18.64 16.48 36.63
N ALA RA 86 -19.36 15.84 37.55
CA ALA RA 86 -20.56 16.45 38.10
C ALA RA 86 -20.27 17.79 38.76
N LYS RA 87 -19.13 17.90 39.42
CA LYS RA 87 -18.72 19.17 40.01
C LYS RA 87 -18.38 20.23 38.97
N ILE RA 88 -17.72 19.86 37.87
CA ILE RA 88 -17.40 20.83 36.83
C ILE RA 88 -18.67 21.35 36.16
N ALA RA 89 -19.67 20.50 35.98
CA ALA RA 89 -20.90 20.89 35.28
C ALA RA 89 -21.71 21.93 36.02
N ASP RA 90 -21.19 22.46 37.14
CA ASP RA 90 -21.82 23.57 37.84
C ASP RA 90 -20.90 24.78 37.96
N VAL RA 91 -19.63 24.66 37.60
CA VAL RA 91 -18.70 25.78 37.65
C VAL RA 91 -18.43 26.20 36.22
N GLN RA 92 -18.79 25.35 35.27
CA GLN RA 92 -18.80 25.76 33.87
C GLN RA 92 -20.03 26.62 33.56
N SER RA 93 -21.17 26.28 34.15
CA SER RA 93 -22.38 27.07 34.00
C SER RA 93 -22.42 28.25 34.96
N SER RA 94 -21.32 28.53 35.65
CA SER RA 94 -21.28 29.62 36.60
C SER RA 94 -21.16 30.95 35.87
N SER RA 95 -22.07 31.89 36.19
CA SER RA 95 -22.08 33.18 35.51
C SER RA 95 -20.82 33.98 35.81
N ASP RA 96 -20.23 33.78 36.99
CA ASP RA 96 -19.09 34.56 37.43
C ASP RA 96 -17.82 34.03 36.75
N LYS RA 97 -16.65 34.45 37.23
CA LYS RA 97 -15.41 33.80 36.83
C LYS RA 97 -15.41 32.36 37.33
N ASN RA 98 -14.86 31.45 36.54
CA ASN RA 98 -14.97 30.02 36.85
C ASN RA 98 -13.92 29.57 37.85
N ALA RA 99 -13.80 30.27 38.98
CA ALA RA 99 -13.01 29.77 40.11
C ALA RA 99 -13.88 29.88 41.36
N LYS RA 100 -14.81 28.94 41.52
CA LYS RA 100 -15.52 28.67 42.77
C LYS RA 100 -15.88 27.20 42.71
N ALA RA 101 -15.01 26.35 43.26
CA ALA RA 101 -15.19 24.93 43.11
C ALA RA 101 -14.34 24.19 44.12
N GLN RA 102 -14.89 23.08 44.63
CA GLN RA 102 -14.17 22.17 45.48
C GLN RA 102 -14.58 20.75 45.13
N LEU RA 103 -13.67 19.82 45.29
CA LEU RA 103 -14.02 18.44 45.05
C LEU RA 103 -14.97 17.95 46.13
N PRO RA 104 -15.88 17.05 45.80
CA PRO RA 104 -16.75 16.48 46.83
C PRO RA 104 -15.94 15.65 47.83
N ASP RA 105 -16.44 15.61 49.06
CA ASP RA 105 -15.61 15.19 50.19
C ASP RA 105 -15.05 13.78 50.03
N GLU RA 106 -15.68 12.95 49.19
CA GLU RA 106 -15.19 11.59 49.00
C GLU RA 106 -13.99 11.56 48.04
N VAL RA 107 -13.96 12.45 47.05
CA VAL RA 107 -12.82 12.48 46.15
C VAL RA 107 -11.55 12.92 46.87
N ILE RA 108 -11.67 13.83 47.84
CA ILE RA 108 -10.49 14.23 48.61
C ILE RA 108 -9.90 13.02 49.33
N SER RA 109 -10.74 12.22 49.98
CA SER RA 109 -10.24 11.02 50.62
C SER RA 109 -9.74 10.00 49.60
N TYR RA 110 -10.24 10.02 48.37
CA TYR RA 110 -9.66 9.16 47.34
C TYR RA 110 -8.23 9.55 47.02
N ILE RA 111 -7.98 10.83 46.72
CA ILE RA 111 -6.61 11.24 46.42
C ILE RA 111 -5.69 11.09 47.64
N ASN RA 112 -6.13 11.54 48.80
CA ASN RA 112 -5.25 11.55 49.97
C ASN RA 112 -4.92 10.17 50.51
N ASP RA 113 -5.61 9.13 50.07
CA ASP RA 113 -5.33 7.78 50.55
C ASP RA 113 -3.98 7.32 49.99
N PRO RA 114 -3.16 6.59 50.75
CA PRO RA 114 -1.80 6.30 50.31
C PRO RA 114 -1.66 5.17 49.29
N ARG RA 115 -2.62 4.25 49.21
CA ARG RA 115 -2.44 3.05 48.41
C ARG RA 115 -2.86 3.22 46.96
N ASN RA 116 -2.82 4.45 46.44
CA ASN RA 116 -3.25 4.71 45.07
C ASN RA 116 -2.19 5.36 44.20
N ASP RA 117 -1.24 6.10 44.77
CA ASP RA 117 -0.20 6.80 44.02
C ASP RA 117 -0.82 7.66 42.92
N ILE RA 118 -1.58 8.65 43.35
CA ILE RA 118 -2.47 9.40 42.47
C ILE RA 118 -2.05 10.88 42.43
N THR RA 119 -0.74 11.13 42.44
CA THR RA 119 -0.22 12.48 42.26
C THR RA 119 -0.86 13.16 41.05
N ILE RA 120 -1.57 14.26 41.27
CA ILE RA 120 -2.46 14.85 40.26
C ILE RA 120 -2.05 16.26 39.87
N SER RA 121 -2.11 17.20 40.82
CA SER RA 121 -2.15 18.61 40.49
C SER RA 121 -0.77 19.27 40.51
N GLY RA 122 0.00 19.03 41.56
CA GLY RA 122 1.18 19.83 41.79
C GLY RA 122 0.85 21.24 42.22
N ILE RA 123 -0.34 21.44 42.80
CA ILE RA 123 -0.81 22.76 43.19
C ILE RA 123 -1.17 22.72 44.67
N ASP RA 124 -1.11 23.88 45.31
CA ASP RA 124 -1.22 23.97 46.76
C ASP RA 124 -2.68 23.92 47.21
N ASN RA 125 -2.88 23.34 48.40
CA ASN RA 125 -4.09 23.54 49.19
C ASN RA 125 -5.35 23.14 48.42
N ILE RA 126 -5.44 21.84 48.16
CA ILE RA 126 -6.71 21.27 47.75
C ILE RA 126 -7.74 21.53 48.86
N ASN RA 127 -9.02 21.50 48.49
CA ASN RA 127 -10.21 21.91 49.23
C ASN RA 127 -10.42 23.41 49.24
N ALA RA 128 -9.44 24.23 48.84
CA ALA RA 128 -9.65 25.66 48.72
C ALA RA 128 -8.55 26.27 47.85
N GLN RA 129 -8.84 26.51 46.57
CA GLN RA 129 -9.94 25.94 45.81
C GLN RA 129 -9.38 25.89 44.40
N LEU RA 130 -9.93 25.06 43.51
CA LEU RA 130 -9.31 24.84 42.20
C LEU RA 130 -10.30 25.14 41.09
N GLY RA 131 -10.46 26.43 40.78
CA GLY RA 131 -10.95 26.91 39.50
C GLY RA 131 -12.08 26.15 38.84
N ALA RA 132 -12.08 26.16 37.51
CA ALA RA 132 -12.82 25.16 36.72
C ALA RA 132 -12.05 24.71 35.49
N GLY RA 133 -10.87 25.28 35.22
CA GLY RA 133 -10.09 24.89 34.07
C GLY RA 133 -8.86 24.11 34.48
N ASP RA 134 -8.55 24.16 35.78
CA ASP RA 134 -7.55 23.28 36.36
C ASP RA 134 -8.17 22.09 37.07
N LEU RA 135 -9.49 22.08 37.24
CA LEU RA 135 -10.19 20.88 37.68
C LEU RA 135 -10.21 19.82 36.58
N GLN RA 136 -10.04 20.24 35.34
CA GLN RA 136 -9.90 19.29 34.24
C GLN RA 136 -8.65 18.46 34.40
N THR RA 137 -7.58 19.03 34.97
CA THR RA 137 -6.38 18.26 35.24
C THR RA 137 -6.64 17.17 36.26
N VAL RA 138 -7.39 17.47 37.32
CA VAL RA 138 -7.73 16.47 38.30
C VAL RA 138 -8.58 15.37 37.68
N LYS RA 139 -9.58 15.74 36.89
CA LYS RA 139 -10.41 14.73 36.25
C LYS RA 139 -9.60 13.84 35.32
N ALA RA 140 -8.70 14.43 34.54
CA ALA RA 140 -7.86 13.64 33.64
C ALA RA 140 -6.89 12.74 34.38
N ALA RA 141 -6.27 13.22 35.45
CA ALA RA 141 -5.34 12.39 36.20
C ALA RA 141 -6.04 11.31 37.02
N ILE RA 142 -7.32 11.48 37.34
CA ILE RA 142 -8.06 10.39 37.99
C ILE RA 142 -8.54 9.38 36.97
N SER RA 143 -9.11 9.84 35.86
CA SER RA 143 -9.62 8.93 34.83
C SER RA 143 -8.53 8.43 33.89
N ALA RA 144 -7.27 8.73 34.15
CA ALA RA 144 -6.19 8.08 33.43
C ALA RA 144 -5.69 6.83 34.12
N LYS RA 145 -5.97 6.66 35.42
CA LYS RA 145 -5.62 5.45 36.13
C LYS RA 145 -6.76 4.43 36.06
N ALA RA 146 -7.88 4.80 35.44
CA ALA RA 146 -8.96 3.86 35.18
C ALA RA 146 -8.75 3.05 33.93
N ASN RA 147 -7.71 3.33 33.15
CA ASN RA 147 -7.49 2.67 31.87
C ASN RA 147 -6.47 1.54 31.99
N ASN RA 148 -6.74 0.58 32.87
CA ASN RA 148 -5.78 -0.50 33.15
C ASN RA 148 -6.38 -1.88 32.95
N LEU RA 149 -7.20 -2.06 31.92
CA LEU RA 149 -7.74 -3.38 31.62
C LEU RA 149 -7.07 -4.04 30.43
N THR RA 150 -5.99 -3.47 29.90
CA THR RA 150 -5.22 -4.15 28.88
C THR RA 150 -3.88 -4.66 29.39
N THR RA 151 -3.33 -4.07 30.45
CA THR RA 151 -2.14 -4.63 31.06
C THR RA 151 -2.44 -5.95 31.75
N THR RA 152 -3.71 -6.22 32.10
CA THR RA 152 -4.11 -7.48 32.72
C THR RA 152 -4.76 -8.43 31.74
N VAL RA 153 -4.82 -8.08 30.46
CA VAL RA 153 -5.16 -9.00 29.40
C VAL RA 153 -3.92 -9.39 28.61
N ASN RA 154 -2.93 -8.50 28.51
CA ASN RA 154 -1.67 -8.89 27.89
C ASN RA 154 -0.89 -9.84 28.77
N ASN RA 155 -0.96 -9.66 30.08
CA ASN RA 155 -0.17 -10.44 31.03
C ASN RA 155 -0.78 -11.79 31.36
N SER RA 156 -2.03 -12.03 31.02
CA SER RA 156 -2.76 -13.18 31.53
C SER RA 156 -3.57 -13.87 30.44
N GLN RA 157 -2.95 -14.12 29.28
CA GLN RA 157 -3.62 -14.89 28.25
C GLN RA 157 -2.91 -16.16 27.89
N LEU RA 158 -1.61 -16.28 28.13
CA LEU RA 158 -0.89 -17.52 27.93
C LEU RA 158 -0.88 -18.38 29.18
N GLU RA 159 -1.37 -17.86 30.30
CA GLU RA 159 -1.58 -18.66 31.49
C GLU RA 159 -2.97 -19.24 31.53
N ILE RA 160 -3.99 -18.45 31.26
CA ILE RA 160 -5.34 -18.97 31.23
C ILE RA 160 -5.49 -20.02 30.14
N GLN RA 161 -4.75 -19.90 29.05
CA GLN RA 161 -4.56 -20.98 28.09
C GLN RA 161 -4.34 -22.31 28.80
N GLN RA 162 -3.25 -22.39 29.56
CA GLN RA 162 -2.83 -23.65 30.15
C GLN RA 162 -3.70 -24.06 31.34
N MET RA 163 -4.12 -23.12 32.17
CA MET RA 163 -5.03 -23.46 33.26
C MET RA 163 -6.34 -24.02 32.74
N SER RA 164 -6.94 -23.37 31.75
CA SER RA 164 -8.18 -23.86 31.18
C SER RA 164 -8.00 -25.20 30.48
N ASN RA 165 -6.89 -25.39 29.75
CA ASN RA 165 -6.71 -26.70 29.12
C ASN RA 165 -6.52 -27.79 30.16
N THR RA 166 -5.64 -27.60 31.12
CA THR RA 166 -5.37 -28.64 32.12
C THR RA 166 -6.60 -28.98 32.94
N LEU RA 167 -7.37 -27.97 33.32
CA LEU RA 167 -8.46 -28.20 34.26
C LEU RA 167 -9.56 -29.05 33.62
N ASN RA 168 -9.85 -28.78 32.34
CA ASN RA 168 -10.70 -29.66 31.55
C ASN RA 168 -10.08 -31.03 31.38
N LEU RA 169 -8.79 -31.08 31.06
CA LEU RA 169 -8.10 -32.33 30.77
C LEU RA 169 -8.08 -33.24 31.97
N LEU RA 170 -8.34 -32.68 33.14
CA LEU RA 170 -8.31 -33.41 34.41
C LEU RA 170 -9.72 -33.77 34.91
N THR RA 171 -10.70 -32.90 34.69
CA THR RA 171 -12.09 -33.30 34.87
C THR RA 171 -12.43 -34.51 34.01
N SER RA 172 -12.08 -34.45 32.72
CA SER RA 172 -12.41 -35.53 31.82
C SER RA 172 -11.59 -36.79 32.04
N ALA RA 173 -10.56 -36.73 32.89
CA ALA RA 173 -9.81 -37.91 33.27
C ALA RA 173 -10.30 -38.51 34.57
N ARG RA 174 -10.87 -37.69 35.44
CA ARG RA 174 -11.43 -38.15 36.69
C ARG RA 174 -12.69 -38.96 36.37
N SER RA 175 -13.45 -38.44 35.41
CA SER RA 175 -14.70 -39.06 34.94
C SER RA 175 -14.50 -40.42 34.30
N ASP RA 176 -13.44 -40.56 33.51
CA ASP RA 176 -13.16 -41.81 32.83
C ASP RA 176 -12.95 -42.87 33.90
N MET RA 177 -12.26 -42.47 34.97
CA MET RA 177 -11.99 -43.35 36.09
C MET RA 177 -13.28 -43.80 36.76
N GLN RA 178 -14.24 -42.90 36.89
CA GLN RA 178 -15.51 -43.24 37.53
C GLN RA 178 -16.32 -44.21 36.68
N SER RA 179 -16.37 -44.00 35.36
CA SER RA 179 -17.10 -44.92 34.50
C SER RA 179 -16.48 -46.31 34.53
N LEU RA 180 -15.15 -46.40 34.47
CA LEU RA 180 -14.49 -47.69 34.55
C LEU RA 180 -14.74 -48.38 35.88
N GLN RA 181 -14.71 -47.62 36.97
CA GLN RA 181 -14.99 -48.19 38.29
C GLN RA 181 -16.39 -48.78 38.33
N TYR RA 182 -17.35 -48.12 37.69
CA TYR RA 182 -18.70 -48.69 37.64
C TYR RA 182 -18.73 -49.96 36.79
N ARG RA 183 -18.16 -49.92 35.59
CA ARG RA 183 -18.29 -51.05 34.69
C ARG RA 183 -17.51 -52.27 35.15
N THR RA 184 -16.49 -52.09 36.00
CA THR RA 184 -15.74 -53.24 36.49
C THR RA 184 -16.53 -54.04 37.49
N ILE RA 185 -17.28 -53.39 38.37
CA ILE RA 185 -18.01 -54.08 39.42
C ILE RA 185 -19.36 -54.59 38.94
N SER RA 186 -19.86 -54.06 37.82
CA SER RA 186 -21.14 -54.54 37.30
C SER RA 186 -21.06 -55.97 36.77
N GLY RA 187 -19.86 -56.47 36.48
CA GLY RA 187 -19.68 -57.78 35.92
C GLY RA 187 -19.59 -58.91 36.91
N ILE RA 188 -19.79 -58.65 38.20
CA ILE RA 188 -19.77 -59.67 39.23
C ILE RA 188 -21.20 -60.07 39.55
N SER RA 189 -21.56 -61.31 39.25
CA SER RA 189 -22.89 -61.82 39.47
C SER RA 189 -22.88 -62.73 40.69
N LEU RA 190 -23.74 -62.43 41.66
CA LEU RA 190 -23.76 -63.14 42.93
C LEU RA 190 -24.66 -64.37 42.81
N GLY RA 191 -24.14 -65.52 43.25
CA GLY RA 191 -24.93 -66.74 43.25
C GLY RA 191 -25.23 -67.33 41.90
N LYS RA 192 -24.39 -67.06 40.89
CA LYS RA 192 -24.62 -67.61 39.56
C LYS RA 192 -23.33 -68.18 39.00
N SER SA 19 -25.66 -4.53 36.45
CA SER SA 19 -26.10 -5.22 35.25
C SER SA 19 -25.95 -6.72 35.37
N MET SA 20 -25.25 -7.16 36.42
CA MET SA 20 -25.04 -8.56 36.70
C MET SA 20 -25.46 -8.89 38.13
N ALA SA 21 -25.28 -10.16 38.50
CA ALA SA 21 -25.76 -10.65 39.79
C ALA SA 21 -24.90 -10.16 40.94
N TYR SA 22 -23.59 -10.39 40.85
CA TYR SA 22 -22.68 -10.12 41.97
C TYR SA 22 -21.97 -8.80 41.75
N ASP SA 23 -21.99 -7.94 42.76
CA ASP SA 23 -21.38 -6.61 42.68
C ASP SA 23 -19.96 -6.63 43.24
N LEU SA 24 -19.03 -7.17 42.44
CA LEU SA 24 -17.65 -7.34 42.85
C LEU SA 24 -16.92 -6.02 43.08
N GLY SA 25 -17.59 -4.88 42.92
CA GLY SA 25 -16.92 -3.61 43.09
C GLY SA 25 -16.69 -3.22 44.53
N SER SA 26 -17.37 -3.86 45.47
CA SER SA 26 -17.23 -3.58 46.89
C SER SA 26 -16.56 -4.69 47.67
N MET SA 27 -16.78 -5.94 47.28
CA MET SA 27 -16.24 -7.08 48.02
C MET SA 27 -14.72 -7.06 48.01
N SER SA 28 -14.13 -7.31 49.18
CA SER SA 28 -12.69 -7.35 49.30
C SER SA 28 -12.13 -8.59 48.59
N LYS SA 29 -10.83 -8.78 48.67
CA LYS SA 29 -10.23 -9.92 47.98
C LYS SA 29 -10.57 -11.24 48.66
N ASP SA 30 -10.53 -11.28 49.98
CA ASP SA 30 -10.82 -12.50 50.70
C ASP SA 30 -12.30 -12.87 50.68
N ASP SA 31 -13.16 -11.98 50.21
CA ASP SA 31 -14.54 -12.31 49.92
C ASP SA 31 -14.75 -12.70 48.47
N VAL SA 32 -14.00 -12.10 47.55
CA VAL SA 32 -14.08 -12.51 46.16
C VAL SA 32 -13.57 -13.94 46.00
N ILE SA 33 -12.51 -14.30 46.72
CA ILE SA 33 -12.01 -15.68 46.60
C ILE SA 33 -13.03 -16.67 47.11
N ASP SA 34 -13.67 -16.38 48.25
CA ASP SA 34 -14.70 -17.29 48.75
C ASP SA 34 -15.91 -17.34 47.84
N LEU SA 35 -16.25 -16.22 47.21
CA LEU SA 35 -17.31 -16.23 46.22
C LEU SA 35 -16.96 -17.13 45.04
N PHE SA 36 -15.76 -16.98 44.50
CA PHE SA 36 -15.34 -17.81 43.37
C PHE SA 36 -15.24 -19.27 43.76
N ASN SA 37 -14.94 -19.58 45.01
CA ASN SA 37 -14.99 -20.96 45.46
C ASN SA 37 -16.41 -21.48 45.54
N LYS SA 38 -17.38 -20.63 45.91
CA LYS SA 38 -18.76 -21.06 45.88
C LYS SA 38 -19.21 -21.41 44.47
N LEU SA 39 -18.83 -20.61 43.48
CA LEU SA 39 -19.06 -20.95 42.08
C LEU SA 39 -18.04 -22.00 41.66
N GLY SA 40 -17.99 -22.29 40.37
CA GLY SA 40 -17.04 -23.26 39.86
C GLY SA 40 -15.69 -22.65 39.60
N VAL SA 41 -14.94 -23.28 38.70
CA VAL SA 41 -13.71 -22.72 38.19
C VAL SA 41 -13.90 -22.04 36.84
N PHE SA 42 -14.82 -22.52 36.02
CA PHE SA 42 -15.12 -21.91 34.74
C PHE SA 42 -16.03 -20.68 34.87
N GLN SA 43 -16.97 -20.72 35.80
CA GLN SA 43 -17.82 -19.56 35.98
C GLN SA 43 -17.19 -18.47 36.82
N ALA SA 44 -16.17 -18.78 37.62
CA ALA SA 44 -15.34 -17.72 38.14
C ALA SA 44 -14.67 -16.95 37.01
N ALA SA 45 -14.16 -17.68 36.02
CA ALA SA 45 -13.58 -17.03 34.86
C ALA SA 45 -14.62 -16.22 34.10
N ILE SA 46 -15.84 -16.74 33.96
CA ILE SA 46 -16.84 -15.97 33.23
C ILE SA 46 -17.24 -14.71 33.99
N LEU SA 47 -17.40 -14.75 35.33
CA LEU SA 47 -17.62 -13.49 36.03
C LEU SA 47 -16.44 -12.53 35.92
N MET SA 48 -15.22 -13.03 36.01
CA MET SA 48 -14.07 -12.12 35.94
C MET SA 48 -14.04 -11.43 34.58
N PHE SA 49 -14.30 -12.17 33.51
CA PHE SA 49 -14.32 -11.55 32.19
C PHE SA 49 -15.52 -10.65 31.99
N ALA SA 50 -16.68 -10.99 32.57
CA ALA SA 50 -17.84 -10.14 32.41
C ALA SA 50 -17.68 -8.82 33.15
N TYR SA 51 -17.09 -8.85 34.34
CA TYR SA 51 -16.83 -7.60 35.05
C TYR SA 51 -15.76 -6.78 34.36
N MET SA 52 -14.71 -7.42 33.83
CA MET SA 52 -13.74 -6.64 33.05
C MET SA 52 -14.38 -6.03 31.82
N TYR SA 53 -15.29 -6.75 31.16
CA TYR SA 53 -16.01 -6.18 30.03
C TYR SA 53 -16.87 -5.00 30.44
N GLN SA 54 -17.56 -5.09 31.58
CA GLN SA 54 -18.34 -3.94 32.03
C GLN SA 54 -17.46 -2.74 32.32
N ALA SA 55 -16.32 -2.94 32.98
CA ALA SA 55 -15.45 -1.82 33.27
C ALA SA 55 -14.93 -1.17 32.00
N GLN SA 56 -14.52 -1.98 31.02
CA GLN SA 56 -14.02 -1.42 29.77
C GLN SA 56 -15.12 -0.72 28.98
N SER SA 57 -16.33 -1.29 28.95
CA SER SA 57 -17.40 -0.64 28.23
C SER SA 57 -17.81 0.66 28.89
N ASP SA 58 -17.77 0.72 30.22
CA ASP SA 58 -18.07 1.97 30.90
C ASP SA 58 -17.04 3.04 30.58
N LEU SA 59 -15.76 2.69 30.58
CA LEU SA 59 -14.75 3.66 30.16
C LEU SA 59 -15.04 4.17 28.76
N SER SA 60 -15.24 3.25 27.82
CA SER SA 60 -15.40 3.65 26.43
C SER SA 60 -16.66 4.49 26.22
N ILE SA 61 -17.77 4.13 26.88
CA ILE SA 61 -18.99 4.90 26.69
C ILE SA 61 -18.89 6.27 27.35
N ALA SA 62 -18.26 6.36 28.52
CA ALA SA 62 -18.02 7.68 29.09
C ALA SA 62 -17.08 8.51 28.22
N LYS SA 63 -16.26 7.86 27.40
CA LYS SA 63 -15.49 8.60 26.40
C LYS SA 63 -16.37 9.05 25.24
N PHE SA 64 -17.30 8.20 24.80
CA PHE SA 64 -18.14 8.53 23.65
C PHE SA 64 -19.15 9.63 23.96
N ALA SA 65 -19.44 9.89 25.22
CA ALA SA 65 -20.34 10.97 25.58
C ALA SA 65 -19.63 12.30 25.79
N ASP SA 66 -18.30 12.32 25.68
CA ASP SA 66 -17.54 13.56 25.63
C ASP SA 66 -17.34 14.07 24.21
N MET SA 67 -17.77 13.30 23.21
CA MET SA 67 -17.71 13.73 21.83
C MET SA 67 -19.06 14.16 21.29
N ASN SA 68 -20.13 13.55 21.78
CA ASN SA 68 -21.46 14.11 21.54
C ASN SA 68 -21.60 15.51 22.11
N GLU SA 69 -20.80 15.88 23.12
CA GLU SA 69 -20.78 17.27 23.54
C GLU SA 69 -20.32 18.18 22.40
N ALA SA 70 -19.24 17.79 21.72
CA ALA SA 70 -18.74 18.58 20.60
C ALA SA 70 -19.74 18.64 19.47
N SER SA 71 -20.35 17.50 19.12
CA SER SA 71 -21.32 17.54 18.03
C SER SA 71 -22.58 18.31 18.42
N LYS SA 72 -23.01 18.25 19.68
CA LYS SA 72 -24.15 19.04 20.11
C LYS SA 72 -23.85 20.54 20.02
N GLU SA 73 -22.66 20.94 20.44
CA GLU SA 73 -22.29 22.35 20.30
C GLU SA 73 -22.28 22.77 18.84
N SER SA 74 -21.76 21.91 17.96
CA SER SA 74 -21.73 22.27 16.55
C SER SA 74 -23.11 22.43 15.97
N THR SA 75 -24.04 21.52 16.30
CA THR SA 75 -25.37 21.66 15.72
C THR SA 75 -26.12 22.86 16.27
N THR SA 76 -25.99 23.16 17.57
CA THR SA 76 -26.66 24.36 18.09
C THR SA 76 -26.08 25.62 17.48
N ALA SA 77 -24.75 25.69 17.34
CA ALA SA 77 -24.15 26.87 16.73
C ALA SA 77 -24.60 27.03 15.29
N GLN SA 78 -24.69 25.93 14.54
CA GLN SA 78 -25.16 26.01 13.16
C GLN SA 78 -26.60 26.48 13.09
N LYS SA 79 -27.45 26.01 14.01
CA LYS SA 79 -28.84 26.47 14.01
C LYS SA 79 -28.93 27.97 14.28
N MET SA 80 -28.15 28.48 15.24
CA MET SA 80 -28.15 29.91 15.51
C MET SA 80 -27.65 30.70 14.31
N ALA SA 81 -26.58 30.24 13.68
CA ALA SA 81 -26.07 30.93 12.50
C ALA SA 81 -27.09 30.94 11.37
N ASN SA 82 -27.84 29.87 11.20
CA ASN SA 82 -28.89 29.87 10.19
C ASN SA 82 -30.04 30.80 10.53
N LEU SA 83 -30.36 30.98 11.81
CA LEU SA 83 -31.36 31.99 12.16
C LEU SA 83 -30.86 33.39 11.81
N VAL SA 84 -29.58 33.67 12.08
CA VAL SA 84 -29.04 34.98 11.72
C VAL SA 84 -29.01 35.17 10.20
N ASP SA 85 -28.74 34.11 9.44
CA ASP SA 85 -28.84 34.21 7.99
C ASP SA 85 -30.26 34.47 7.52
N ALA SA 86 -31.25 33.79 8.11
CA ALA SA 86 -32.63 34.08 7.78
C ALA SA 86 -32.98 35.53 8.07
N LYS SA 87 -32.44 36.10 9.14
CA LYS SA 87 -32.65 37.51 9.45
C LYS SA 87 -31.97 38.44 8.44
N ILE SA 88 -30.75 38.11 7.98
CA ILE SA 88 -30.08 38.96 7.00
C ILE SA 88 -30.82 38.95 5.67
N ALA SA 89 -31.42 37.82 5.29
CA ALA SA 89 -32.09 37.70 3.99
C ALA SA 89 -33.33 38.56 3.88
N ASP SA 90 -33.61 39.39 4.88
CA ASP SA 90 -34.70 40.36 4.83
C ASP SA 90 -34.22 41.79 5.01
N VAL SA 91 -32.97 42.00 5.39
CA VAL SA 91 -32.42 43.34 5.55
C VAL SA 91 -31.47 43.60 4.38
N GLN SA 92 -31.10 42.52 3.68
CA GLN SA 92 -30.40 42.69 2.42
C GLN SA 92 -31.36 43.07 1.30
N SER SA 93 -32.56 42.51 1.32
CA SER SA 93 -33.61 42.85 0.37
C SER SA 93 -34.37 44.10 0.77
N SER SA 94 -33.90 44.82 1.79
CA SER SA 94 -34.58 46.01 2.26
C SER SA 94 -34.30 47.17 1.33
N SER SA 95 -35.36 47.82 0.87
CA SER SA 95 -35.22 48.93 -0.08
C SER SA 95 -34.49 50.11 0.54
N ASP SA 96 -34.63 50.30 1.85
CA ASP SA 96 -34.07 51.44 2.55
C ASP SA 96 -32.57 51.21 2.78
N LYS SA 97 -31.96 52.04 3.62
CA LYS SA 97 -30.62 51.74 4.10
C LYS SA 97 -30.66 50.47 4.95
N ASN SA 98 -29.62 49.65 4.84
CA ASN SA 98 -29.64 48.33 5.46
C ASN SA 98 -29.26 48.39 6.94
N ALA SA 99 -29.91 49.26 7.72
CA ALA SA 99 -29.82 49.20 9.17
C ALA SA 99 -31.24 49.26 9.73
N LYS SA 100 -31.92 48.12 9.68
CA LYS SA 100 -33.15 47.85 10.42
C LYS SA 100 -33.17 46.34 10.64
N ALA SA 101 -32.62 45.91 11.77
CA ALA SA 101 -32.45 44.48 11.99
C ALA SA 101 -32.19 44.21 13.46
N GLN SA 102 -32.73 43.09 13.93
CA GLN SA 102 -32.47 42.59 15.26
C GLN SA 102 -32.38 41.07 15.18
N LEU SA 103 -31.57 40.50 16.04
CA LEU SA 103 -31.49 39.06 16.09
C LEU SA 103 -32.79 38.48 16.65
N PRO SA 104 -33.20 37.31 16.20
CA PRO SA 104 -34.38 36.67 16.79
C PRO SA 104 -34.13 36.30 18.24
N ASP SA 105 -35.21 36.32 19.03
CA ASP SA 105 -35.09 36.35 20.48
C ASP SA 105 -34.32 35.17 21.04
N GLU SA 106 -34.23 34.07 20.30
CA GLU SA 106 -33.49 32.90 20.78
C GLU SA 106 -31.98 33.08 20.61
N VAL SA 107 -31.55 33.77 19.56
CA VAL SA 107 -30.12 34.00 19.36
C VAL SA 107 -29.56 34.90 20.45
N ILE SA 108 -30.35 35.89 20.91
CA ILE SA 108 -29.88 36.74 22.00
C ILE SA 108 -29.60 35.90 23.24
N SER SA 109 -30.52 35.00 23.60
CA SER SA 109 -30.26 34.13 24.73
C SER SA 109 -29.12 33.15 24.45
N TYR SA 110 -28.85 32.83 23.19
CA TYR SA 110 -27.67 32.02 22.90
C TYR SA 110 -26.38 32.77 23.23
N ILE SA 111 -26.22 34.00 22.72
CA ILE SA 111 -25.00 34.75 23.03
C ILE SA 111 -24.91 35.08 24.52
N ASN SA 112 -26.00 35.56 25.13
CA ASN SA 112 -25.93 36.03 26.50
C ASN SA 112 -25.72 34.91 27.53
N ASP SA 113 -25.86 33.66 27.13
CA ASP SA 113 -25.67 32.55 28.06
C ASP SA 113 -24.19 32.43 28.41
N PRO SA 114 -23.83 32.12 29.66
CA PRO SA 114 -22.42 32.18 30.07
C PRO SA 114 -21.56 31.01 29.64
N ARG SA 115 -22.14 29.84 29.37
CA ARG SA 115 -21.36 28.63 29.18
C ARG SA 115 -20.92 28.43 27.73
N ASN SA 116 -20.80 29.51 26.95
CA ASN SA 116 -20.43 29.41 25.55
C ASN SA 116 -19.19 30.21 25.15
N ASP SA 117 -18.86 31.27 25.88
CA ASP SA 117 -17.72 32.13 25.57
C ASP SA 117 -17.74 32.56 24.10
N ILE SA 118 -18.77 33.34 23.78
CA ILE SA 118 -19.15 33.63 22.40
C ILE SA 118 -19.02 35.13 22.13
N THR SA 119 -18.01 35.77 22.72
CA THR SA 119 -17.70 37.17 22.42
C THR SA 119 -17.65 37.42 20.91
N ILE SA 120 -18.54 38.28 20.41
CA ILE SA 120 -18.81 38.39 18.98
C ILE SA 120 -18.50 39.78 18.44
N SER SA 121 -19.24 40.79 18.90
CA SER SA 121 -19.31 42.06 18.18
C SER SA 121 -18.32 43.10 18.68
N GLY SA 122 -18.22 43.27 20.00
CA GLY SA 122 -17.52 44.42 20.53
C GLY SA 122 -18.27 45.71 20.30
N ILE SA 123 -19.58 45.63 20.12
CA ILE SA 123 -20.40 46.80 19.82
C ILE SA 123 -21.52 46.90 20.86
N ASP SA 124 -22.01 48.10 21.07
CA ASP SA 124 -22.92 48.39 22.16
C ASP SA 124 -24.35 47.97 21.83
N ASN SA 125 -25.07 47.56 22.87
CA ASN SA 125 -26.54 47.52 22.86
C ASN SA 125 -27.07 46.63 21.73
N ILE SA 126 -26.78 45.34 21.86
CA ILE SA 126 -27.50 44.36 21.07
C ILE SA 126 -29.00 44.48 21.39
N ASN SA 127 -29.82 44.00 20.46
CA ASN SA 127 -31.28 44.13 20.35
C ASN SA 127 -31.70 45.49 19.80
N ALA SA 128 -30.81 46.49 19.72
CA ALA SA 128 -31.17 47.76 19.09
C ALA SA 128 -29.89 48.51 18.74
N GLN SA 129 -29.45 48.45 17.49
CA GLN SA 129 -29.84 47.46 16.49
C GLN SA 129 -28.58 47.35 15.63
N LEU SA 130 -28.41 46.26 14.88
CA LEU SA 130 -27.14 46.03 14.19
C LEU SA 130 -27.37 45.84 12.69
N GLY SA 131 -27.55 46.95 11.98
CA GLY SA 131 -27.31 47.04 10.54
C GLY SA 131 -27.75 45.88 9.68
N ALA SA 132 -27.01 45.67 8.58
CA ALA SA 132 -27.00 44.39 7.88
C ALA SA 132 -25.61 44.00 7.39
N GLY SA 133 -24.61 44.84 7.59
CA GLY SA 133 -23.26 44.52 7.14
C GLY SA 133 -22.36 44.24 8.32
N ASP SA 134 -22.83 44.58 9.52
CA ASP SA 134 -22.21 44.15 10.75
C ASP SA 134 -22.90 42.96 11.39
N LEU SA 135 -24.07 42.57 10.88
CA LEU SA 135 -24.69 41.31 11.24
C LEU SA 135 -23.92 40.14 10.66
N GLN SA 136 -23.16 40.38 9.60
CA GLN SA 136 -22.27 39.36 9.06
C GLN SA 136 -21.21 38.97 10.06
N THR SA 137 -20.75 39.93 10.87
CA THR SA 137 -19.78 39.60 11.92
C THR SA 137 -20.39 38.66 12.95
N VAL SA 138 -21.63 38.90 13.35
CA VAL SA 138 -22.30 38.01 14.29
C VAL SA 138 -22.45 36.62 13.69
N LYS SA 139 -22.89 36.55 12.44
CA LYS SA 139 -23.05 35.23 11.80
C LYS SA 139 -21.72 34.50 11.71
N ALA SA 140 -20.65 35.20 11.34
CA ALA SA 140 -19.34 34.56 11.25
C ALA SA 140 -18.81 34.12 12.61
N ALA SA 141 -18.98 34.93 13.65
CA ALA SA 141 -18.50 34.55 14.97
C ALA SA 141 -19.35 33.47 15.62
N ILE SA 142 -20.59 33.28 15.19
CA ILE SA 142 -21.37 32.15 15.68
C ILE SA 142 -21.02 30.89 14.91
N SER SA 143 -20.96 30.97 13.59
CA SER SA 143 -20.65 29.80 12.78
C SER SA 143 -19.16 29.50 12.70
N ALA SA 144 -18.33 30.21 13.44
CA ALA SA 144 -16.94 29.81 13.58
C ALA SA 144 -16.69 28.90 14.77
N LYS SA 145 -17.62 28.87 15.74
CA LYS SA 145 -17.54 27.94 16.86
C LYS SA 145 -18.26 26.64 16.54
N ALA SA 146 -18.88 26.54 15.36
CA ALA SA 146 -19.47 25.29 14.90
C ALA SA 146 -18.46 24.38 14.23
N ASN SA 147 -17.23 24.83 14.01
CA ASN SA 147 -16.23 24.07 13.29
C ASN SA 147 -15.27 23.35 14.23
N ASN SA 148 -15.82 22.50 15.09
CA ASN SA 148 -15.02 21.83 16.11
C ASN SA 148 -15.17 20.31 16.07
N LEU SA 149 -15.23 19.73 14.88
CA LEU SA 149 -15.29 18.27 14.76
C LEU SA 149 -13.97 17.66 14.33
N THR SA 150 -12.90 18.45 14.26
CA THR SA 150 -11.59 17.88 14.01
C THR SA 150 -10.70 17.87 15.24
N THR SA 151 -10.93 18.78 16.19
CA THR SA 151 -10.21 18.69 17.45
C THR SA 151 -10.62 17.47 18.26
N THR SA 152 -11.79 16.90 18.00
CA THR SA 152 -12.26 15.70 18.69
C THR SA 152 -12.09 14.45 17.84
N VAL SA 153 -11.49 14.56 16.67
CA VAL SA 153 -11.01 13.41 15.91
C VAL SA 153 -9.50 13.29 15.99
N ASN SA 154 -8.80 14.41 16.13
CA ASN SA 154 -7.36 14.33 16.36
C ASN SA 154 -7.05 13.81 17.76
N ASN SA 155 -7.87 14.17 18.74
CA ASN SA 155 -7.62 13.83 20.13
C ASN SA 155 -8.06 12.43 20.51
N SER SA 156 -8.87 11.77 19.68
CA SER SA 156 -9.55 10.56 20.09
C SER SA 156 -9.49 9.49 19.00
N GLN SA 157 -8.31 9.25 18.44
CA GLN SA 157 -8.16 8.16 17.49
C GLN SA 157 -7.15 7.11 17.93
N LEU SA 158 -6.21 7.44 18.80
CA LEU SA 158 -5.31 6.46 19.37
C LEU SA 158 -5.85 5.85 20.64
N GLU SA 159 -6.96 6.38 21.16
CA GLU SA 159 -7.65 5.77 22.27
C GLU SA 159 -8.71 4.80 21.80
N ILE SA 160 -9.53 5.19 20.83
CA ILE SA 160 -10.52 4.29 20.29
C ILE SA 160 -9.87 3.08 19.65
N GLN SA 161 -8.68 3.24 19.09
CA GLN SA 161 -7.81 2.12 18.72
C GLN SA 161 -7.81 1.07 19.81
N GLN SA 162 -7.33 1.44 20.99
CA GLN SA 162 -7.10 0.47 22.06
C GLN SA 162 -8.40 0.01 22.71
N MET SA 163 -9.36 0.91 22.90
CA MET SA 163 -10.65 0.49 23.45
C MET SA 163 -11.34 -0.51 22.55
N SER SA 164 -11.38 -0.25 21.25
CA SER SA 164 -12.00 -1.17 20.31
C SER SA 164 -11.24 -2.49 20.23
N ASN SA 165 -9.90 -2.45 20.25
CA ASN SA 165 -9.20 -3.72 20.20
C ASN SA 165 -9.43 -4.53 21.47
N THR SA 166 -9.28 -3.93 22.65
CA THR SA 166 -9.43 -4.67 23.90
C THR SA 166 -10.83 -5.22 24.06
N LEU SA 167 -11.84 -4.44 23.70
CA LEU SA 167 -13.21 -4.84 23.99
C LEU SA 167 -13.61 -6.06 23.17
N ASN SA 168 -13.19 -6.11 21.91
CA ASN SA 168 -13.30 -7.32 21.10
C ASN SA 168 -12.47 -8.45 21.68
N LEU SA 169 -11.23 -8.15 22.07
CA LEU SA 169 -10.30 -9.16 22.54
C LEU SA 169 -10.79 -9.82 23.82
N LEU SA 170 -11.75 -9.19 24.48
CA LEU SA 170 -12.32 -9.66 25.73
C LEU SA 170 -13.67 -10.33 25.56
N THR SA 171 -14.49 -9.85 24.63
CA THR SA 171 -15.67 -10.62 24.21
C THR SA 171 -15.27 -12.00 23.71
N SER SA 172 -14.27 -12.05 22.82
CA SER SA 172 -13.86 -13.31 22.23
C SER SA 172 -13.11 -14.21 23.20
N ALA SA 173 -12.74 -13.70 24.37
CA ALA SA 173 -12.15 -14.53 25.41
C ALA SA 173 -13.17 -15.04 26.41
N ARG SA 174 -14.25 -14.28 26.59
CA ARG SA 174 -15.33 -14.68 27.48
C ARG SA 174 -16.03 -15.89 26.84
N SER SA 175 -16.21 -15.78 25.52
CA SER SA 175 -16.87 -16.81 24.71
C SER SA 175 -16.13 -18.14 24.69
N ASP SA 176 -14.81 -18.07 24.60
CA ASP SA 176 -14.00 -19.27 24.57
C ASP SA 176 -14.23 -20.03 25.86
N MET SA 177 -14.34 -19.27 26.95
CA MET SA 177 -14.58 -19.84 28.27
C MET SA 177 -15.93 -20.55 28.30
N GLN SA 178 -16.94 -19.96 27.66
CA GLN SA 178 -18.28 -20.57 27.67
C GLN SA 178 -18.31 -21.86 26.86
N SER SA 179 -17.65 -21.88 25.70
CA SER SA 179 -17.62 -23.12 24.91
C SER SA 179 -16.88 -24.23 25.66
N LEU SA 180 -15.76 -23.91 26.29
CA LEU SA 180 -15.04 -24.92 27.08
C LEU SA 180 -15.88 -25.42 28.24
N GLN SA 181 -16.58 -24.53 28.92
CA GLN SA 181 -17.45 -24.94 30.03
C GLN SA 181 -18.51 -25.91 29.55
N TYR SA 182 -19.06 -25.68 28.36
CA TYR SA 182 -20.02 -26.62 27.80
C TYR SA 182 -19.37 -27.97 27.49
N ARG SA 183 -18.25 -27.95 26.77
CA ARG SA 183 -17.67 -29.21 26.31
C ARG SA 183 -17.09 -30.03 27.45
N THR SA 184 -16.74 -29.42 28.58
CA THR SA 184 -16.21 -30.19 29.70
C THR SA 184 -17.29 -31.04 30.36
N ILE SA 185 -18.50 -30.49 30.50
CA ILE SA 185 -19.56 -31.19 31.22
C ILE SA 185 -20.31 -32.15 30.31
N SER SA 186 -20.19 -32.00 29.00
CA SER SA 186 -20.86 -32.92 28.08
C SER SA 186 -20.27 -34.31 28.11
N GLY SA 187 -19.05 -34.47 28.61
CA GLY SA 187 -18.35 -35.74 28.64
C GLY SA 187 -18.65 -36.62 29.84
N ILE SA 188 -19.57 -36.22 30.71
CA ILE SA 188 -19.96 -37.02 31.86
C ILE SA 188 -21.23 -37.76 31.54
N SER SA 189 -21.15 -39.09 31.50
CA SER SA 189 -22.28 -39.94 31.17
C SER SA 189 -22.81 -40.59 32.44
N LEU SA 190 -24.09 -40.42 32.72
CA LEU SA 190 -24.70 -40.88 33.95
C LEU SA 190 -25.15 -42.33 33.78
N GLY SA 191 -24.78 -43.19 34.74
CA GLY SA 191 -25.22 -44.56 34.72
C GLY SA 191 -24.61 -45.42 33.63
N LYS SA 192 -23.42 -45.08 33.15
CA LYS SA 192 -22.78 -45.87 32.12
C LYS SA 192 -21.31 -46.12 32.46
N SER TA 19 -32.34 12.56 10.15
CA SER TA 19 -31.91 11.59 9.14
C SER TA 19 -31.61 10.24 9.77
N MET TA 20 -31.56 10.22 11.11
CA MET TA 20 -31.31 9.01 11.86
C MET TA 20 -32.39 8.80 12.91
N ALA TA 21 -32.23 7.74 13.69
CA ALA TA 21 -33.26 7.34 14.64
C ALA TA 21 -33.28 8.24 15.86
N TYR TA 22 -32.14 8.41 16.52
CA TYR TA 22 -32.06 9.11 17.78
C TYR TA 22 -31.56 10.53 17.56
N ASP TA 23 -32.28 11.50 18.12
CA ASP TA 23 -31.97 12.92 17.95
C ASP TA 23 -31.12 13.41 19.12
N LEU TA 24 -29.84 13.07 19.08
CA LEU TA 24 -28.91 13.39 20.17
C LEU TA 24 -28.66 14.88 20.32
N GLY TA 25 -29.30 15.72 19.51
CA GLY TA 25 -29.08 17.15 19.60
C GLY TA 25 -29.75 17.83 20.78
N SER TA 26 -30.72 17.16 21.38
CA SER TA 26 -31.43 17.71 22.54
C SER TA 26 -31.14 16.99 23.84
N MET TA 27 -30.90 15.68 23.79
CA MET TA 27 -30.68 14.90 25.00
C MET TA 27 -29.44 15.38 25.73
N SER TA 28 -29.56 15.51 27.05
CA SER TA 28 -28.45 15.92 27.89
C SER TA 28 -27.41 14.82 27.95
N LYS TA 29 -26.35 15.04 28.72
CA LYS TA 29 -25.29 14.04 28.79
C LYS TA 29 -25.73 12.81 29.57
N ASP TA 30 -26.43 13.00 30.69
CA ASP TA 30 -26.86 11.87 31.49
C ASP TA 30 -27.99 11.09 30.86
N ASP TA 31 -28.57 11.59 29.78
CA ASP TA 31 -29.49 10.80 28.96
C ASP TA 31 -28.79 10.15 27.79
N VAL TA 32 -27.77 10.79 27.23
CA VAL TA 32 -26.98 10.15 26.18
C VAL TA 32 -26.25 8.94 26.73
N ILE TA 33 -25.73 9.03 27.96
CA ILE TA 33 -25.02 7.87 28.52
C ILE TA 33 -25.97 6.71 28.73
N ASP TA 34 -27.18 6.97 29.24
CA ASP TA 34 -28.14 5.90 29.43
C ASP TA 34 -28.61 5.34 28.10
N LEU TA 35 -28.73 6.18 27.08
CA LEU TA 35 -29.03 5.69 25.75
C LEU TA 35 -27.95 4.76 25.23
N PHE TA 36 -26.69 5.17 25.34
CA PHE TA 36 -25.59 4.33 24.89
C PHE TA 36 -25.48 3.05 25.68
N ASN TA 37 -25.87 3.06 26.94
CA ASN TA 37 -25.93 1.82 27.70
C ASN TA 37 -27.06 0.92 27.22
N LYS TA 38 -28.18 1.48 26.79
CA LYS TA 38 -29.23 0.66 26.20
C LYS TA 38 -28.75 -0.04 24.94
N LEU TA 39 -28.02 0.67 24.09
CA LEU TA 39 -27.38 0.05 22.93
C LEU TA 39 -26.14 -0.69 23.40
N GLY TA 40 -25.33 -1.15 22.48
CA GLY TA 40 -24.11 -1.87 22.82
C GLY TA 40 -22.96 -0.92 23.09
N VAL TA 41 -21.75 -1.44 22.92
CA VAL TA 41 -20.55 -0.62 22.94
C VAL TA 41 -20.07 -0.26 21.54
N PHE TA 42 -20.29 -1.13 20.56
CA PHE TA 42 -19.93 -0.85 19.18
C PHE TA 42 -20.93 0.04 18.49
N GLN TA 43 -22.22 -0.12 18.78
CA GLN TA 43 -23.20 0.75 18.15
C GLN TA 43 -23.33 2.10 18.83
N ALA TA 44 -22.89 2.24 20.07
CA ALA TA 44 -22.69 3.58 20.59
C ALA TA 44 -21.64 4.30 19.77
N ALA TA 45 -20.56 3.63 19.43
CA ALA TA 45 -19.54 4.23 18.57
C ALA TA 45 -20.09 4.54 17.20
N ILE TA 46 -20.93 3.67 16.65
CA ILE TA 46 -21.47 3.97 15.32
C ILE TA 46 -22.42 5.16 15.36
N LEU TA 47 -23.29 5.29 16.39
CA LEU TA 47 -24.07 6.52 16.48
C LEU TA 47 -23.21 7.75 16.67
N MET TA 48 -22.18 7.67 17.51
CA MET TA 48 -21.35 8.85 17.74
C MET TA 48 -20.70 9.30 16.45
N PHE TA 49 -20.19 8.34 15.66
CA PHE TA 49 -19.56 8.70 14.38
C PHE TA 49 -20.59 9.15 13.36
N ALA TA 50 -21.80 8.58 13.36
CA ALA TA 50 -22.80 9.01 12.40
C ALA TA 50 -23.29 10.42 12.69
N TYR TA 51 -23.46 10.76 13.96
CA TYR TA 51 -23.86 12.12 14.29
C TYR TA 51 -22.74 13.11 14.01
N MET TA 52 -21.48 12.74 14.29
CA MET TA 52 -20.40 13.63 13.91
C MET TA 52 -20.33 13.82 12.40
N TYR TA 53 -20.58 12.76 11.63
CA TYR TA 53 -20.63 12.89 10.18
C TYR TA 53 -21.76 13.80 9.73
N GLN TA 54 -22.93 13.70 10.36
CA GLN TA 54 -24.02 14.61 9.98
C GLN TA 54 -23.66 16.06 10.29
N ALA TA 55 -23.07 16.31 11.46
CA ALA TA 55 -22.70 17.68 11.79
C ALA TA 55 -21.69 18.24 10.81
N GLN TA 56 -20.66 17.45 10.47
CA GLN TA 56 -19.65 17.91 9.52
C GLN TA 56 -20.23 18.12 8.13
N SER TA 57 -21.10 17.21 7.68
CA SER TA 57 -21.69 17.37 6.36
C SER TA 57 -22.60 18.58 6.31
N ASP TA 58 -23.31 18.87 7.40
CA ASP TA 58 -24.15 20.06 7.42
C ASP TA 58 -23.31 21.33 7.35
N LEU TA 59 -22.20 21.40 8.09
CA LEU TA 59 -21.31 22.54 7.95
C LEU TA 59 -20.85 22.69 6.51
N SER TA 60 -20.34 21.62 5.92
CA SER TA 60 -19.76 21.72 4.59
C SER TA 60 -20.81 22.10 3.55
N ILE TA 61 -22.01 21.53 3.63
CA ILE TA 61 -23.04 21.86 2.65
C ILE TA 61 -23.55 23.28 2.83
N ALA TA 62 -23.70 23.74 4.07
CA ALA TA 62 -24.05 25.14 4.25
C ALA TA 62 -22.94 26.07 3.77
N LYS TA 63 -21.70 25.58 3.69
CA LYS TA 63 -20.64 26.33 3.03
C LYS TA 63 -20.79 26.30 1.52
N PHE TA 64 -21.16 25.16 0.95
CA PHE TA 64 -21.26 25.02 -0.50
C PHE TA 64 -22.43 25.80 -1.08
N ALA TA 65 -23.41 26.17 -0.27
CA ALA TA 65 -24.53 26.97 -0.75
C ALA TA 65 -24.28 28.47 -0.62
N ASP TA 66 -23.14 28.88 -0.06
CA ASP TA 66 -22.70 30.26 -0.10
C ASP TA 66 -21.84 30.56 -1.30
N MET TA 67 -21.51 29.55 -2.10
CA MET TA 67 -20.75 29.75 -3.33
C MET TA 67 -21.63 29.65 -4.56
N ASN TA 68 -22.68 28.83 -4.51
CA ASN TA 68 -23.71 28.92 -5.54
C ASN TA 68 -24.37 30.29 -5.55
N GLU TA 69 -24.34 31.04 -4.46
CA GLU TA 69 -24.79 32.42 -4.53
C GLU TA 69 -23.93 33.23 -5.50
N ALA TA 70 -22.61 33.07 -5.39
CA ALA TA 70 -21.72 33.79 -6.29
C ALA TA 70 -21.90 33.36 -7.74
N SER TA 71 -22.02 32.05 -7.98
CA SER TA 71 -22.21 31.61 -9.36
C SER TA 71 -23.58 32.02 -9.90
N LYS TA 72 -24.63 32.03 -9.06
CA LYS TA 72 -25.92 32.51 -9.52
C LYS TA 72 -25.88 33.98 -9.90
N GLU TA 73 -25.21 34.80 -9.08
CA GLU TA 73 -25.06 36.21 -9.43
C GLU TA 73 -24.31 36.37 -10.74
N SER TA 74 -23.26 35.58 -10.94
CA SER TA 74 -22.50 35.70 -12.19
C SER TA 74 -23.34 35.32 -13.40
N THR TA 75 -24.12 34.25 -13.32
CA THR TA 75 -24.91 33.88 -14.49
C THR TA 75 -26.02 34.88 -14.77
N THR TA 76 -26.69 35.41 -13.74
CA THR TA 76 -27.72 36.41 -14.01
C THR TA 76 -27.12 37.68 -14.60
N ALA TA 77 -25.98 38.12 -14.07
CA ALA TA 77 -25.34 39.31 -14.63
C ALA TA 77 -24.93 39.09 -16.08
N GLN TA 78 -24.41 37.90 -16.39
CA GLN TA 78 -24.03 37.62 -17.77
C GLN TA 78 -25.26 37.61 -18.69
N LYS TA 79 -26.37 37.06 -18.22
CA LYS TA 79 -27.59 37.08 -19.04
C LYS TA 79 -28.05 38.51 -19.32
N MET TA 80 -28.03 39.36 -18.30
CA MET TA 80 -28.42 40.76 -18.51
C MET TA 80 -27.48 41.46 -19.49
N ALA TA 81 -26.17 41.24 -19.33
CA ALA TA 81 -25.22 41.85 -20.24
C ALA TA 81 -25.44 41.38 -21.67
N ASN TA 82 -25.77 40.11 -21.86
CA ASN TA 82 -26.05 39.62 -23.20
C ASN TA 82 -27.34 40.21 -23.78
N LEU TA 83 -28.34 40.49 -22.94
CA LEU TA 83 -29.52 41.20 -23.46
C LEU TA 83 -29.14 42.60 -23.91
N VAL TA 84 -28.30 43.29 -23.15
CA VAL TA 84 -27.88 44.63 -23.56
C VAL TA 84 -27.04 44.58 -24.85
N ASP TA 85 -26.22 43.54 -25.01
CA ASP TA 85 -25.50 43.36 -26.28
C ASP TA 85 -26.45 43.10 -27.45
N ALA TA 86 -27.47 42.27 -27.25
CA ALA TA 86 -28.46 42.07 -28.30
C ALA TA 86 -29.15 43.37 -28.66
N LYS TA 87 -29.40 44.24 -27.69
CA LYS TA 87 -29.97 45.56 -27.97
C LYS TA 87 -29.02 46.47 -28.74
N ILE TA 88 -27.72 46.45 -28.41
CA ILE TA 88 -26.76 47.29 -29.13
C ILE TA 88 -26.63 46.84 -30.58
N ALA TA 89 -26.71 45.53 -30.84
CA ALA TA 89 -26.51 45.01 -32.19
C ALA TA 89 -27.61 45.42 -33.16
N ASP TA 90 -28.53 46.28 -32.73
CA ASP TA 90 -29.54 46.86 -33.60
C ASP TA 90 -29.50 48.38 -33.65
N VAL TA 91 -28.71 49.02 -32.79
CA VAL TA 91 -28.58 50.47 -32.78
C VAL TA 91 -27.21 50.80 -33.33
N GLN TA 92 -26.34 49.80 -33.40
CA GLN TA 92 -25.08 49.94 -34.14
C GLN TA 92 -25.32 49.84 -35.64
N SER TA 93 -26.21 48.95 -36.06
CA SER TA 93 -26.58 48.80 -37.46
C SER TA 93 -27.63 49.81 -37.88
N SER TA 94 -27.94 50.79 -37.02
CA SER TA 94 -28.96 51.78 -37.33
C SER TA 94 -28.40 52.81 -38.30
N SER TA 95 -29.12 53.02 -39.41
CA SER TA 95 -28.65 53.96 -40.44
C SER TA 95 -28.61 55.38 -39.93
N ASP TA 96 -29.48 55.73 -38.98
CA ASP TA 96 -29.60 57.09 -38.48
C ASP TA 96 -28.47 57.36 -37.49
N LYS TA 97 -28.58 58.46 -36.74
CA LYS TA 97 -27.71 58.65 -35.59
C LYS TA 97 -27.99 57.59 -34.55
N ASN TA 98 -26.95 57.13 -33.87
CA ASN TA 98 -27.10 55.97 -32.98
C ASN TA 98 -27.62 56.38 -31.60
N ALA TA 99 -28.72 57.14 -31.55
CA ALA TA 99 -29.45 57.35 -30.31
C ALA TA 99 -30.93 57.06 -30.57
N LYS TA 100 -31.26 55.77 -30.60
CA LYS TA 100 -32.64 55.27 -30.53
C LYS TA 100 -32.52 53.89 -29.91
N ALA TA 101 -32.63 53.82 -28.58
CA ALA TA 101 -32.38 52.57 -27.89
C ALA TA 101 -32.94 52.64 -26.48
N GLN TA 102 -33.46 51.49 -26.04
CA GLN TA 102 -33.91 51.31 -24.67
C GLN TA 102 -33.54 49.90 -24.23
N LEU TA 103 -33.26 49.76 -22.95
CA LEU TA 103 -32.98 48.44 -22.44
C LEU TA 103 -34.26 47.59 -22.45
N PRO TA 104 -34.14 46.29 -22.67
CA PRO TA 104 -35.32 45.44 -22.59
C PRO TA 104 -35.87 45.40 -21.17
N ASP TA 105 -37.18 45.21 -21.07
CA ASP TA 105 -37.91 45.52 -19.84
C ASP TA 105 -37.39 44.73 -18.65
N GLU TA 106 -36.73 43.60 -18.87
CA GLU TA 106 -36.19 42.82 -17.76
C GLU TA 106 -34.90 43.40 -17.21
N VAL TA 107 -34.08 44.01 -18.07
CA VAL TA 107 -32.86 44.63 -17.59
C VAL TA 107 -33.15 45.83 -16.69
N ILE TA 108 -34.21 46.58 -17.00
CA ILE TA 108 -34.58 47.70 -16.13
C ILE TA 108 -34.90 47.21 -14.73
N SER TA 109 -35.69 46.14 -14.63
CA SER TA 109 -35.96 45.57 -13.31
C SER TA 109 -34.73 44.96 -12.68
N TYR TA 110 -33.74 44.54 -13.47
CA TYR TA 110 -32.49 44.08 -12.88
C TYR TA 110 -31.76 45.24 -12.20
N ILE TA 111 -31.55 46.35 -12.91
CA ILE TA 111 -30.85 47.48 -12.27
C ILE TA 111 -31.65 48.06 -11.12
N ASN TA 112 -32.95 48.27 -11.30
CA ASN TA 112 -33.74 48.97 -10.29
C ASN TA 112 -33.96 48.14 -9.02
N ASP TA 113 -33.65 46.87 -9.04
CA ASP TA 113 -33.82 46.03 -7.86
C ASP TA 113 -32.80 46.43 -6.80
N PRO TA 114 -33.14 46.43 -5.51
CA PRO TA 114 -32.23 46.99 -4.50
C PRO TA 114 -31.11 46.08 -4.07
N ARG TA 115 -31.22 44.76 -4.22
CA ARG TA 115 -30.29 43.83 -3.63
C ARG TA 115 -29.08 43.54 -4.53
N ASN TA 116 -28.74 44.46 -5.44
CA ASN TA 116 -27.64 44.24 -6.36
C ASN TA 116 -26.55 45.31 -6.30
N ASP TA 117 -26.85 46.53 -5.87
CA ASP TA 117 -25.89 47.63 -5.81
C ASP TA 117 -25.17 47.79 -7.15
N ILE TA 118 -25.96 48.15 -8.17
CA ILE TA 118 -25.54 48.09 -9.56
C ILE TA 118 -25.55 49.50 -10.16
N THR TA 119 -25.14 50.50 -9.37
CA THR TA 119 -24.96 51.86 -9.89
C THR TA 119 -24.13 51.87 -11.16
N ILE TA 120 -24.71 52.32 -12.28
CA ILE TA 120 -24.15 52.11 -13.61
C ILE TA 120 -23.84 53.42 -14.31
N SER TA 121 -24.85 54.23 -14.59
CA SER TA 121 -24.73 55.28 -15.61
C SER TA 121 -24.36 56.63 -15.01
N GLY TA 122 -25.05 57.03 -13.95
CA GLY TA 122 -24.96 58.42 -13.52
C GLY TA 122 -25.66 59.36 -14.46
N ILE TA 123 -26.62 58.86 -15.23
CA ILE TA 123 -27.31 59.66 -16.24
C ILE TA 123 -28.81 59.59 -15.98
N ASP TA 124 -29.53 60.61 -16.41
CA ASP TA 124 -30.93 60.78 -16.05
C ASP TA 124 -31.84 59.89 -16.90
N ASN TA 125 -32.94 59.47 -16.30
CA ASN TA 125 -34.12 58.98 -17.02
C ASN TA 125 -33.77 57.81 -17.94
N ILE TA 126 -33.41 56.69 -17.29
CA ILE TA 126 -33.38 55.43 -18.01
C ILE TA 126 -34.80 55.14 -18.52
N ASN TA 127 -34.88 54.29 -19.54
CA ASN TA 127 -36.02 53.96 -20.40
C ASN TA 127 -36.28 55.01 -21.46
N ALA TA 128 -35.68 56.21 -21.39
CA ALA TA 128 -35.83 57.19 -22.46
C ALA TA 128 -34.72 58.23 -22.33
N GLN TA 129 -33.65 58.10 -23.12
CA GLN TA 129 -33.25 56.90 -23.83
C GLN TA 129 -31.73 57.03 -23.87
N LEU TA 130 -30.99 55.94 -24.06
CA LEU TA 130 -29.53 55.99 -23.93
C LEU TA 130 -28.86 55.49 -25.20
N GLY TA 131 -28.79 56.37 -26.22
CA GLY TA 131 -27.82 56.30 -27.30
C GLY TA 131 -27.49 54.93 -27.87
N ALA TA 132 -26.25 54.78 -28.32
CA ALA TA 132 -25.65 53.47 -28.51
C ALA TA 132 -24.18 53.44 -28.11
N GLY TA 133 -23.61 54.56 -27.69
CA GLY TA 133 -22.21 54.61 -27.30
C GLY TA 133 -22.09 54.80 -25.81
N ASP TA 134 -23.19 55.16 -25.18
CA ASP TA 134 -23.29 55.17 -23.72
C ASP TA 134 -24.02 53.93 -23.19
N LEU TA 135 -24.61 53.14 -24.07
CA LEU TA 135 -25.12 51.83 -23.70
C LEU TA 135 -23.98 50.85 -23.44
N GLN TA 136 -22.80 51.13 -24.00
CA GLN TA 136 -21.61 50.36 -23.70
C GLN TA 136 -21.23 50.48 -22.23
N THR TA 137 -21.47 51.65 -21.64
CA THR TA 137 -21.22 51.80 -20.21
C THR TA 137 -22.12 50.90 -19.38
N VAL TA 138 -23.40 50.82 -19.75
CA VAL TA 138 -24.32 49.94 -19.04
C VAL TA 138 -23.88 48.48 -19.18
N LYS TA 139 -23.53 48.08 -20.41
CA LYS TA 139 -23.09 46.70 -20.61
C LYS TA 139 -21.83 46.40 -19.81
N ALA TA 140 -20.86 47.31 -19.78
CA ALA TA 140 -19.65 47.10 -19.01
C ALA TA 140 -19.90 47.06 -17.52
N ALA TA 141 -20.76 47.94 -17.00
CA ALA TA 141 -21.04 47.95 -15.57
C ALA TA 141 -21.90 46.78 -15.13
N ILE TA 142 -22.65 46.16 -16.04
CA ILE TA 142 -23.38 44.94 -15.69
C ILE TA 142 -22.45 43.73 -15.77
N SER TA 143 -21.67 43.62 -16.84
CA SER TA 143 -20.78 42.47 -16.98
C SER TA 143 -19.47 42.63 -16.23
N ALA TA 144 -19.32 43.67 -15.42
CA ALA TA 144 -18.20 43.73 -14.50
C ALA TA 144 -18.52 43.15 -13.13
N LYS TA 145 -19.80 43.00 -12.80
CA LYS TA 145 -20.21 42.33 -11.57
C LYS TA 145 -20.40 40.84 -11.79
N ALA TA 146 -20.23 40.37 -13.02
CA ALA TA 146 -20.24 38.95 -13.32
C ALA TA 146 -18.90 38.28 -13.09
N ASN TA 147 -17.86 39.05 -12.79
CA ASN TA 147 -16.51 38.52 -12.67
C ASN TA 147 -16.14 38.27 -11.21
N ASN TA 148 -16.92 37.45 -10.51
CA ASN TA 148 -16.74 37.23 -9.08
C ASN TA 148 -16.57 35.75 -8.74
N LEU TA 149 -15.87 34.99 -9.57
CA LEU TA 149 -15.60 33.59 -9.25
C LEU TA 149 -14.19 33.36 -8.78
N THR TA 150 -13.40 34.40 -8.53
CA THR TA 150 -12.11 34.22 -7.91
C THR TA 150 -12.07 34.68 -6.47
N THR TA 151 -12.94 35.61 -6.08
CA THR TA 151 -13.03 35.96 -4.67
C THR TA 151 -13.61 34.83 -3.85
N THR TA 152 -14.34 33.89 -4.47
CA THR TA 152 -14.89 32.73 -3.78
C THR TA 152 -14.08 31.47 -4.01
N VAL TA 153 -12.95 31.56 -4.70
CA VAL TA 153 -11.96 30.51 -4.73
C VAL TA 153 -10.75 30.87 -3.88
N ASN TA 154 -10.44 32.15 -3.76
CA ASN TA 154 -9.38 32.55 -2.84
C ASN TA 154 -9.82 32.38 -1.39
N ASN TA 155 -11.09 32.63 -1.10
CA ASN TA 155 -11.61 32.62 0.26
C ASN TA 155 -11.95 31.22 0.77
N SER TA 156 -12.04 30.24 -0.11
CA SER TA 156 -12.61 28.95 0.25
C SER TA 156 -11.78 27.79 -0.29
N GLN TA 157 -10.48 27.83 -0.08
CA GLN TA 157 -9.64 26.70 -0.45
C GLN TA 157 -8.90 26.08 0.72
N LEU TA 158 -8.67 26.83 1.79
CA LEU TA 158 -8.09 26.26 3.00
C LEU TA 158 -9.14 25.74 3.95
N GLU TA 159 -10.41 25.99 3.67
CA GLU TA 159 -11.49 25.37 4.42
C GLU TA 159 -11.94 24.06 3.80
N ILE TA 160 -12.12 24.04 2.48
CA ILE TA 160 -12.48 22.81 1.82
C ILE TA 160 -11.39 21.75 1.98
N GLN TA 161 -10.13 22.18 2.07
CA GLN TA 161 -9.04 21.34 2.53
C GLN TA 161 -9.47 20.52 3.74
N GLN TA 162 -9.80 21.21 4.83
CA GLN TA 162 -10.05 20.54 6.10
C GLN TA 162 -11.39 19.82 6.13
N MET TA 163 -12.43 20.41 5.54
CA MET TA 163 -13.71 19.71 5.47
C MET TA 163 -13.61 18.40 4.70
N SER TA 164 -12.96 18.43 3.53
CA SER TA 164 -12.80 17.22 2.75
C SER TA 164 -11.91 16.21 3.45
N ASN TA 165 -10.84 16.65 4.11
CA ASN TA 165 -10.02 15.66 4.82
C ASN TA 165 -10.79 15.03 5.98
N THR TA 166 -11.42 15.84 6.82
CA THR TA 166 -12.12 15.31 7.99
C THR TA 166 -13.26 14.39 7.59
N LEU TA 167 -14.00 14.75 6.56
CA LEU TA 167 -15.22 14.02 6.24
C LEU TA 167 -14.88 12.61 5.75
N ASN TA 168 -13.83 12.49 4.94
CA ASN TA 168 -13.26 11.19 4.59
C ASN TA 168 -12.72 10.48 5.82
N LEU TA 169 -11.99 11.19 6.66
CA LEU TA 169 -11.32 10.60 7.81
C LEU TA 169 -12.32 10.04 8.80
N LEU TA 170 -13.58 10.44 8.67
CA LEU TA 170 -14.66 10.04 9.56
C LEU TA 170 -15.56 8.97 8.95
N THR TA 171 -15.79 9.03 7.64
CA THR TA 171 -16.38 7.88 6.95
C THR TA 171 -15.55 6.62 7.14
N SER TA 172 -14.24 6.73 6.93
CA SER TA 172 -13.36 5.57 7.03
C SER TA 172 -13.14 5.12 8.47
N ALA TA 173 -13.59 5.89 9.46
CA ALA TA 173 -13.54 5.46 10.84
C ALA TA 173 -14.84 4.85 11.30
N ARG TA 174 -15.95 5.25 10.69
CA ARG TA 174 -17.26 4.69 10.99
C ARG TA 174 -17.27 3.25 10.49
N SER TA 175 -16.70 3.07 9.29
CA SER TA 175 -16.61 1.78 8.61
C SER TA 175 -15.77 0.76 9.36
N ASP TA 176 -14.66 1.21 9.93
CA ASP TA 176 -13.78 0.31 10.67
C ASP TA 176 -14.58 -0.26 11.83
N MET TA 177 -15.39 0.60 12.43
CA MET TA 177 -16.22 0.21 13.55
C MET TA 177 -17.23 -0.86 13.13
N GLN TA 178 -17.79 -0.72 11.94
CA GLN TA 178 -18.78 -1.69 11.46
C GLN TA 178 -18.15 -3.05 11.18
N SER TA 179 -16.96 -3.06 10.56
CA SER TA 179 -16.29 -4.33 10.30
C SER TA 179 -15.92 -5.04 11.61
N LEU TA 180 -15.41 -4.29 12.60
CA LEU TA 180 -15.10 -4.89 13.88
C LEU TA 180 -16.34 -5.43 14.57
N GLN TA 181 -17.45 -4.69 14.51
CA GLN TA 181 -18.70 -5.16 15.10
C GLN TA 181 -19.13 -6.47 14.47
N TYR TA 182 -18.94 -6.62 13.17
CA TYR TA 182 -19.28 -7.89 12.53
C TYR TA 182 -18.35 -9.00 12.99
N ARG TA 183 -17.04 -8.76 12.96
CA ARG TA 183 -16.10 -9.84 13.25
C ARG TA 183 -16.12 -10.26 14.71
N THR TA 184 -16.58 -9.39 15.62
CA THR TA 184 -16.64 -9.78 17.03
C THR TA 184 -17.74 -10.79 17.29
N ILE TA 185 -18.90 -10.62 16.64
CA ILE TA 185 -20.04 -11.48 16.91
C ILE TA 185 -19.99 -12.76 16.09
N SER TA 186 -19.18 -12.80 15.02
CA SER TA 186 -19.06 -14.00 14.22
C SER TA 186 -18.36 -15.13 14.97
N GLY TA 187 -17.63 -14.83 16.02
CA GLY TA 187 -16.87 -15.81 16.76
C GLY TA 187 -17.63 -16.53 17.87
N ILE TA 188 -18.93 -16.29 18.00
CA ILE TA 188 -19.75 -16.97 18.99
C ILE TA 188 -20.50 -18.11 18.31
N SER TA 189 -20.18 -19.33 18.72
CA SER TA 189 -20.78 -20.53 18.14
C SER TA 189 -21.80 -21.10 19.13
N LEU TA 190 -23.03 -21.26 18.66
CA LEU TA 190 -24.13 -21.69 19.51
C LEU TA 190 -24.17 -23.22 19.58
N GLY TA 191 -24.26 -23.74 20.79
CA GLY TA 191 -24.38 -25.18 20.96
C GLY TA 191 -23.14 -25.98 20.65
N LYS TA 192 -21.96 -25.38 20.74
CA LYS TA 192 -20.72 -26.10 20.46
C LYS TA 192 -19.69 -25.83 21.53
N SER UA 19 -25.97 22.33 -19.75
CA SER UA 19 -24.90 21.38 -20.06
C SER UA 19 -24.79 20.31 -18.99
N MET UA 20 -25.48 20.52 -17.88
CA MET UA 20 -25.49 19.58 -16.77
C MET UA 20 -26.93 19.23 -16.39
N ALA UA 21 -27.06 18.40 -15.36
CA ALA UA 21 -28.36 17.87 -14.97
C ALA UA 21 -29.20 18.92 -14.26
N TYR UA 22 -28.66 19.53 -13.20
CA TYR UA 22 -29.42 20.41 -12.35
C TYR UA 22 -29.13 21.85 -12.72
N ASP UA 23 -30.19 22.64 -12.90
CA ASP UA 23 -30.08 24.04 -13.31
C ASP UA 23 -30.12 24.95 -12.09
N LEU UA 24 -29.00 25.00 -11.37
CA LEU UA 24 -28.89 25.77 -10.13
C LEU UA 24 -29.02 27.27 -10.33
N GLY UA 25 -29.23 27.73 -11.57
CA GLY UA 25 -29.34 29.16 -11.80
C GLY UA 25 -30.64 29.78 -11.39
N SER UA 26 -31.68 28.97 -11.16
CA SER UA 26 -32.98 29.45 -10.76
C SER UA 26 -33.34 29.07 -9.33
N MET UA 27 -32.90 27.91 -8.85
CA MET UA 27 -33.27 27.44 -7.53
C MET UA 27 -32.75 28.39 -6.46
N SER UA 28 -33.61 28.68 -5.48
CA SER UA 28 -33.24 29.55 -4.38
C SER UA 28 -32.24 28.83 -3.47
N LYS UA 29 -31.85 29.49 -2.38
CA LYS UA 29 -30.85 28.87 -1.51
C LYS UA 29 -31.45 27.72 -0.71
N ASP UA 30 -32.67 27.87 -0.22
CA ASP UA 30 -33.28 26.81 0.58
C ASP UA 30 -33.71 25.62 -0.27
N ASP UA 31 -33.67 25.74 -1.59
CA ASP UA 31 -33.83 24.59 -2.48
C ASP UA 31 -32.49 24.00 -2.89
N VAL UA 32 -31.46 24.82 -3.02
CA VAL UA 32 -30.14 24.29 -3.30
C VAL UA 32 -29.64 23.45 -2.12
N ILE UA 33 -29.91 23.89 -0.90
CA ILE UA 33 -29.46 23.13 0.26
C ILE UA 33 -30.16 21.78 0.30
N ASP UA 34 -31.47 21.74 0.05
CA ASP UA 34 -32.18 20.47 0.06
C ASP UA 34 -31.73 19.58 -1.09
N LEU UA 35 -31.39 20.18 -2.24
CA LEU UA 35 -30.82 19.41 -3.33
C LEU UA 35 -29.50 18.77 -2.93
N PHE UA 36 -28.60 19.56 -2.34
CA PHE UA 36 -27.31 19.04 -1.92
C PHE UA 36 -27.45 17.99 -0.82
N ASN UA 37 -28.49 18.09 0.01
CA ASN UA 37 -28.75 17.02 0.96
C ASN UA 37 -29.24 15.76 0.28
N LYS UA 38 -30.01 15.89 -0.79
CA LYS UA 38 -30.41 14.69 -1.54
C LYS UA 38 -29.20 13.98 -2.12
N LEU UA 39 -28.24 14.73 -2.68
CA LEU UA 39 -26.97 14.15 -3.11
C LEU UA 39 -26.10 13.90 -1.89
N GLY UA 40 -24.85 13.56 -2.11
CA GLY UA 40 -23.93 13.33 -1.01
C GLY UA 40 -23.30 14.60 -0.50
N VAL UA 41 -22.13 14.45 0.11
CA VAL UA 41 -21.31 15.59 0.48
C VAL UA 41 -20.20 15.84 -0.53
N PHE UA 42 -19.69 14.80 -1.18
CA PHE UA 42 -18.66 14.95 -2.20
C PHE UA 42 -19.26 15.37 -3.54
N GLN UA 43 -20.44 14.87 -3.89
CA GLN UA 43 -21.02 15.29 -5.14
C GLN UA 43 -21.74 16.63 -5.07
N ALA UA 44 -22.09 17.10 -3.87
CA ALA UA 44 -22.44 18.50 -3.76
C ALA UA 44 -21.25 19.36 -4.12
N ALA UA 45 -20.06 19.00 -3.65
CA ALA UA 45 -18.86 19.74 -4.03
C ALA UA 45 -18.60 19.64 -5.52
N ILE UA 46 -18.82 18.47 -6.13
CA ILE UA 46 -18.57 18.38 -7.56
C ILE UA 46 -19.58 19.22 -8.35
N LEU UA 47 -20.87 19.24 -7.99
CA LEU UA 47 -21.76 20.18 -8.67
C LEU UA 47 -21.37 21.63 -8.45
N MET UA 48 -20.99 22.00 -7.24
CA MET UA 48 -20.64 23.40 -7.00
C MET UA 48 -19.46 23.80 -7.86
N PHE UA 49 -18.44 22.94 -7.96
CA PHE UA 49 -17.30 23.26 -8.80
C PHE UA 49 -17.63 23.19 -10.28
N ALA UA 50 -18.52 22.30 -10.70
CA ALA UA 50 -18.87 22.23 -12.12
C ALA UA 50 -19.66 23.46 -12.54
N TYR UA 51 -20.57 23.93 -11.70
CA TYR UA 51 -21.29 25.15 -12.04
C TYR UA 51 -20.40 26.38 -12.00
N MET UA 52 -19.46 26.45 -11.05
CA MET UA 52 -18.51 27.56 -11.07
C MET UA 52 -17.65 27.50 -12.33
N TYR UA 53 -17.26 26.31 -12.77
CA TYR UA 53 -16.51 26.18 -14.01
C TYR UA 53 -17.34 26.62 -15.21
N GLN UA 54 -18.62 26.28 -15.26
CA GLN UA 54 -19.44 26.74 -16.37
C GLN UA 54 -19.57 28.25 -16.37
N ALA UA 55 -19.78 28.87 -15.21
CA ALA UA 55 -19.89 30.32 -15.17
C ALA UA 55 -18.61 30.99 -15.64
N GLN UA 56 -17.46 30.51 -15.17
CA GLN UA 56 -16.18 31.09 -15.57
C GLN UA 56 -15.91 30.87 -17.06
N SER UA 57 -16.22 29.69 -17.58
CA SER UA 57 -15.99 29.45 -18.99
C SER UA 57 -16.91 30.30 -19.85
N ASP UA 58 -18.15 30.53 -19.41
CA ASP UA 58 -19.03 31.41 -20.17
C ASP UA 58 -18.52 32.84 -20.19
N LEU UA 59 -18.04 33.35 -19.05
CA LEU UA 59 -17.43 34.68 -19.07
C LEU UA 59 -16.27 34.73 -20.06
N SER UA 60 -15.35 33.77 -19.96
CA SER UA 60 -14.16 33.83 -20.80
C SER UA 60 -14.50 33.69 -22.28
N ILE UA 61 -15.43 32.81 -22.63
CA ILE UA 61 -15.77 32.65 -24.04
C ILE UA 61 -16.52 33.86 -24.57
N ALA UA 62 -17.42 34.45 -23.78
CA ALA UA 62 -18.03 35.70 -24.22
C ALA UA 62 -17.01 36.81 -24.34
N LYS UA 63 -15.88 36.72 -23.64
CA LYS UA 63 -14.77 37.65 -23.88
C LYS UA 63 -14.04 37.33 -25.18
N PHE UA 64 -13.85 36.05 -25.49
CA PHE UA 64 -13.09 35.66 -26.67
C PHE UA 64 -13.85 35.94 -27.96
N ALA UA 65 -15.17 36.11 -27.90
CA ALA UA 65 -15.94 36.44 -29.09
C ALA UA 65 -16.06 37.94 -29.31
N ASP UA 66 -15.51 38.76 -28.41
CA ASP UA 66 -15.37 40.19 -28.64
C ASP UA 66 -14.03 40.54 -29.28
N MET UA 67 -13.15 39.57 -29.46
CA MET UA 67 -11.89 39.78 -30.15
C MET UA 67 -11.90 39.23 -31.56
N ASN UA 68 -12.64 38.14 -31.79
CA ASN UA 68 -12.94 37.75 -33.16
C ASN UA 68 -13.68 38.83 -33.92
N GLU UA 69 -14.40 39.72 -33.23
CA GLU UA 69 -14.96 40.87 -33.94
C GLU UA 69 -13.85 41.73 -34.54
N ALA UA 70 -12.81 42.01 -33.76
CA ALA UA 70 -11.69 42.80 -34.26
C ALA UA 70 -10.97 42.10 -35.40
N SER UA 71 -10.72 40.80 -35.26
CA SER UA 71 -10.03 40.11 -36.35
C SER UA 71 -10.92 39.99 -37.59
N LYS UA 72 -12.23 39.82 -37.44
CA LYS UA 72 -13.12 39.80 -38.59
C LYS UA 72 -13.11 41.14 -39.31
N GLU UA 73 -13.15 42.24 -38.56
CA GLU UA 73 -13.07 43.55 -39.19
C GLU UA 73 -11.76 43.71 -39.94
N SER UA 74 -10.66 43.26 -39.35
CA SER UA 74 -9.38 43.40 -40.02
C SER UA 74 -9.32 42.61 -41.32
N THR UA 75 -9.82 41.37 -41.31
CA THR UA 75 -9.75 40.59 -42.54
C THR UA 75 -10.67 41.14 -43.63
N THR UA 76 -11.87 41.60 -43.27
CA THR UA 76 -12.73 42.19 -44.31
C THR UA 76 -12.13 43.47 -44.87
N ALA UA 77 -11.55 44.32 -44.01
CA ALA UA 77 -10.92 45.53 -44.50
C ALA UA 77 -9.75 45.22 -45.40
N GLN UA 78 -8.94 44.21 -45.06
CA GLN UA 78 -7.83 43.83 -45.92
C GLN UA 78 -8.31 43.31 -47.26
N LYS UA 79 -9.39 42.53 -47.28
CA LYS UA 79 -9.92 42.05 -48.55
C LYS UA 79 -10.38 43.21 -49.43
N MET UA 80 -11.08 44.18 -48.84
CA MET UA 80 -11.52 45.34 -49.64
C MET UA 80 -10.32 46.12 -50.17
N ALA UA 81 -9.31 46.34 -49.32
CA ALA UA 81 -8.12 47.06 -49.79
C ALA UA 81 -7.42 46.32 -50.91
N ASN UA 82 -7.38 44.98 -50.85
CA ASN UA 82 -6.79 44.22 -51.94
C ASN UA 82 -7.61 44.30 -53.22
N LEU UA 83 -8.94 44.38 -53.13
CA LEU UA 83 -9.72 44.62 -54.34
C LEU UA 83 -9.40 45.97 -54.96
N VAL UA 84 -9.25 47.00 -54.12
CA VAL UA 84 -8.90 48.32 -54.65
C VAL UA 84 -7.50 48.31 -55.25
N ASP UA 85 -6.56 47.56 -54.67
CA ASP UA 85 -5.24 47.40 -55.30
C ASP UA 85 -5.33 46.68 -56.64
N ALA UA 86 -6.12 45.62 -56.73
CA ALA UA 86 -6.32 44.96 -58.02
C ALA UA 86 -6.89 45.92 -59.06
N LYS UA 87 -7.78 46.82 -58.64
CA LYS UA 87 -8.30 47.83 -59.54
C LYS UA 87 -7.25 48.86 -59.97
N ILE UA 88 -6.38 49.28 -59.05
CA ILE UA 88 -5.34 50.24 -59.42
C ILE UA 88 -4.34 49.63 -60.40
N ALA UA 89 -4.05 48.34 -60.26
CA ALA UA 89 -3.05 47.69 -61.11
C ALA UA 89 -3.47 47.58 -62.56
N ASP UA 90 -4.61 48.19 -62.94
CA ASP UA 90 -5.04 48.28 -64.32
C ASP UA 90 -5.22 49.71 -64.79
N VAL UA 91 -5.19 50.68 -63.89
CA VAL UA 91 -5.30 52.08 -64.26
C VAL UA 91 -3.94 52.73 -64.13
N GLN UA 92 -3.03 52.03 -63.44
CA GLN UA 92 -1.62 52.44 -63.48
C GLN UA 92 -0.97 52.02 -64.78
N SER UA 93 -1.30 50.84 -65.30
CA SER UA 93 -0.81 50.37 -66.58
C SER UA 93 -1.60 50.93 -67.75
N SER UA 94 -2.49 51.89 -67.50
CA SER UA 94 -3.31 52.47 -68.54
C SER UA 94 -2.47 53.44 -69.38
N SER UA 95 -2.49 53.25 -70.69
CA SER UA 95 -1.69 54.10 -71.58
C SER UA 95 -2.17 55.54 -71.57
N ASP UA 96 -3.46 55.75 -71.34
CA ASP UA 96 -4.06 57.07 -71.40
C ASP UA 96 -3.75 57.83 -70.11
N LYS UA 97 -4.43 58.95 -69.88
CA LYS UA 97 -4.39 59.58 -68.58
C LYS UA 97 -5.04 58.66 -67.55
N ASN UA 98 -4.48 58.65 -66.34
CA ASN UA 98 -4.91 57.68 -65.33
C ASN UA 98 -6.16 58.13 -64.60
N ALA UA 99 -7.21 58.50 -65.33
CA ALA UA 99 -8.54 58.68 -64.74
C ALA UA 99 -9.54 57.93 -65.60
N LYS UA 100 -9.59 56.61 -65.40
CA LYS UA 100 -10.67 55.74 -65.88
C LYS UA 100 -10.69 54.57 -64.89
N ALA UA 101 -11.50 54.69 -63.86
CA ALA UA 101 -11.48 53.71 -62.78
C ALA UA 101 -12.73 53.82 -61.94
N GLN UA 102 -13.21 52.68 -61.48
CA GLN UA 102 -14.31 52.59 -60.54
C GLN UA 102 -14.01 51.45 -59.58
N LEU UA 103 -14.47 51.61 -58.36
CA LEU UA 103 -14.31 50.54 -57.40
C LEU UA 103 -15.20 49.35 -57.79
N PRO UA 104 -14.77 48.13 -57.51
CA PRO UA 104 -15.64 46.97 -57.78
C PRO UA 104 -16.87 47.01 -56.89
N ASP UA 105 -17.96 46.46 -57.40
CA ASP UA 105 -19.28 46.72 -56.85
C ASP UA 105 -19.40 46.34 -55.38
N GLU UA 106 -18.55 45.43 -54.90
CA GLU UA 106 -18.60 45.04 -53.50
C GLU UA 106 -17.95 46.07 -52.58
N VAL UA 107 -16.91 46.76 -53.06
CA VAL UA 107 -16.28 47.78 -52.23
C VAL UA 107 -17.21 48.96 -52.02
N ILE UA 108 -18.03 49.30 -53.02
CA ILE UA 108 -19.01 50.38 -52.83
C ILE UA 108 -19.96 50.05 -51.70
N SER UA 109 -20.49 48.83 -51.69
CA SER UA 109 -21.35 48.43 -50.58
C SER UA 109 -20.59 48.32 -49.26
N TYR UA 110 -19.28 48.10 -49.30
CA TYR UA 110 -18.51 48.14 -48.07
C TYR UA 110 -18.48 49.55 -47.49
N ILE UA 111 -18.10 50.55 -48.29
CA ILE UA 111 -18.07 51.93 -47.78
C ILE UA 111 -19.47 52.41 -47.40
N ASN UA 112 -20.46 52.20 -48.26
CA ASN UA 112 -21.78 52.77 -48.04
C ASN UA 112 -22.52 52.15 -46.86
N ASP UA 113 -22.05 51.03 -46.34
CA ASP UA 113 -22.72 50.39 -45.21
C ASP UA 113 -22.53 51.24 -43.96
N PRO UA 114 -23.54 51.35 -43.08
CA PRO UA 114 -23.44 52.31 -41.97
C PRO UA 114 -22.62 51.86 -40.78
N ARG UA 115 -22.41 50.57 -40.58
CA ARG UA 115 -21.82 50.08 -39.34
C ARG UA 115 -20.29 50.02 -39.40
N ASN UA 116 -19.66 50.84 -40.24
CA ASN UA 116 -18.21 50.82 -40.39
C ASN UA 116 -17.53 52.16 -40.12
N ASP UA 117 -18.23 53.28 -40.29
CA ASP UA 117 -17.65 54.62 -40.09
C ASP UA 117 -16.35 54.77 -40.87
N ILE UA 118 -16.49 54.70 -42.20
CA ILE UA 118 -15.37 54.55 -43.12
C ILE UA 118 -15.26 55.77 -44.03
N THR UA 119 -15.54 56.96 -43.49
CA THR UA 119 -15.33 58.21 -44.22
C THR UA 119 -13.94 58.26 -44.86
N ILE UA 120 -13.87 58.33 -46.19
CA ILE UA 120 -12.65 58.08 -46.93
C ILE UA 120 -12.21 59.30 -47.74
N SER UA 121 -13.02 59.70 -48.72
CA SER UA 121 -12.53 60.57 -49.80
C SER UA 121 -12.79 62.04 -49.54
N GLY UA 122 -14.01 62.38 -49.14
CA GLY UA 122 -14.40 63.77 -49.16
C GLY UA 122 -14.60 64.30 -50.55
N ILE UA 123 -14.87 63.42 -51.51
CA ILE UA 123 -15.01 63.80 -52.92
C ILE UA 123 -16.37 63.32 -53.42
N ASP UA 124 -16.87 63.98 -54.43
CA ASP UA 124 -18.24 63.78 -54.90
C ASP UA 124 -18.35 62.54 -55.77
N ASN UA 125 -19.53 61.90 -55.69
CA ASN UA 125 -20.01 60.97 -56.72
C ASN UA 125 -19.02 59.82 -56.94
N ILE UA 126 -18.88 59.00 -55.91
CA ILE UA 126 -18.26 57.70 -56.08
C ILE UA 126 -19.08 56.91 -57.12
N ASN UA 127 -18.44 55.93 -57.74
CA ASN UA 127 -18.84 55.14 -58.90
C ASN UA 127 -18.64 55.87 -60.22
N ALA UA 128 -18.39 57.18 -60.22
CA ALA UA 128 -18.07 57.89 -61.45
C ALA UA 128 -17.41 59.22 -61.11
N GLN UA 129 -16.09 59.29 -61.19
CA GLN UA 129 -15.16 58.17 -61.21
C GLN UA 129 -13.92 58.75 -60.54
N LEU UA 130 -13.03 57.91 -59.99
CA LEU UA 130 -11.93 58.43 -59.17
C LEU UA 130 -10.58 57.95 -59.73
N GLY UA 131 -10.12 58.63 -60.79
CA GLY UA 131 -8.71 58.68 -61.16
C GLY UA 131 -7.91 57.41 -61.06
N ALA UA 132 -6.61 57.56 -60.77
CA ALA UA 132 -5.80 56.49 -60.23
C ALA UA 132 -4.82 56.97 -59.16
N GLY UA 133 -4.77 58.27 -58.88
CA GLY UA 133 -3.86 58.79 -57.88
C GLY UA 133 -4.62 59.24 -56.66
N ASP UA 134 -5.93 59.37 -56.80
CA ASP UA 134 -6.83 59.57 -55.66
C ASP UA 134 -7.50 58.28 -55.22
N LEU UA 135 -7.37 57.21 -56.00
CA LEU UA 135 -7.77 55.88 -55.55
C LEU UA 135 -6.82 55.36 -54.48
N GLN UA 136 -5.60 55.89 -54.44
CA GLN UA 136 -4.67 55.57 -53.36
C GLN UA 136 -5.20 56.04 -52.03
N THR UA 137 -5.92 57.16 -52.01
CA THR UA 137 -6.53 57.62 -50.76
C THR UA 137 -7.58 56.63 -50.27
N VAL UA 138 -8.41 56.11 -51.18
CA VAL UA 138 -9.40 55.11 -50.79
C VAL UA 138 -8.72 53.85 -50.25
N LYS UA 139 -7.69 53.38 -50.95
CA LYS UA 139 -6.98 52.19 -50.48
C LYS UA 139 -6.36 52.41 -49.12
N ALA UA 140 -5.74 53.57 -48.90
CA ALA UA 140 -5.15 53.86 -47.60
C ALA UA 140 -6.18 53.99 -46.50
N ALA UA 141 -7.30 54.65 -46.76
CA ALA UA 141 -8.32 54.80 -45.74
C ALA UA 141 -9.09 53.52 -45.45
N ILE UA 142 -9.08 52.56 -46.38
CA ILE UA 142 -9.67 51.25 -46.09
C ILE UA 142 -8.67 50.38 -45.33
N SER UA 143 -7.42 50.33 -45.77
CA SER UA 143 -6.42 49.51 -45.12
C SER UA 143 -5.81 50.17 -43.90
N ALA UA 144 -6.31 51.32 -43.48
CA ALA UA 144 -5.92 51.88 -42.20
C ALA UA 144 -6.84 51.46 -41.07
N LYS UA 145 -8.04 50.97 -41.37
CA LYS UA 145 -8.94 50.42 -40.38
C LYS UA 145 -8.73 48.93 -40.20
N ALA UA 146 -7.83 48.34 -40.99
CA ALA UA 146 -7.45 46.95 -40.81
C ALA UA 146 -6.36 46.77 -39.76
N ASN UA 147 -5.81 47.85 -39.22
CA ASN UA 147 -4.69 47.78 -38.29
C ASN UA 147 -5.16 47.90 -36.84
N ASN UA 148 -6.05 47.01 -36.42
CA ASN UA 148 -6.66 47.09 -35.09
C ASN UA 148 -6.48 45.81 -34.29
N LEU UA 149 -5.31 45.17 -34.39
CA LEU UA 149 -5.04 43.98 -33.58
C LEU UA 149 -4.11 44.27 -32.42
N THR UA 150 -3.79 45.53 -32.14
CA THR UA 150 -3.04 45.85 -30.94
C THR UA 150 -3.89 46.53 -29.89
N THR UA 151 -4.97 47.20 -30.28
CA THR UA 151 -5.89 47.73 -29.29
C THR UA 151 -6.63 46.63 -28.56
N THR UA 152 -6.71 45.42 -29.14
CA THR UA 152 -7.35 44.29 -28.51
C THR UA 152 -6.36 43.30 -27.91
N VAL UA 153 -5.08 43.62 -27.94
CA VAL UA 153 -4.07 42.92 -27.16
C VAL UA 153 -3.62 43.76 -25.98
N ASN UA 154 -3.65 45.09 -26.11
CA ASN UA 154 -3.37 45.93 -24.95
C ASN UA 154 -4.51 45.87 -23.94
N ASN UA 155 -5.75 45.78 -24.41
CA ASN UA 155 -6.91 45.82 -23.56
C ASN UA 155 -7.24 44.49 -22.89
N SER UA 156 -6.66 43.39 -23.35
CA SER UA 156 -7.12 42.07 -22.96
C SER UA 156 -5.96 41.15 -22.64
N GLN UA 157 -5.01 41.61 -21.83
CA GLN UA 157 -3.93 40.75 -21.38
C GLN UA 157 -3.88 40.58 -19.88
N LEU UA 158 -4.42 41.52 -19.11
CA LEU UA 158 -4.52 41.36 -17.67
C LEU UA 158 -5.82 40.71 -17.26
N GLU UA 159 -6.74 40.51 -18.20
CA GLU UA 159 -7.94 39.73 -17.93
C GLU UA 159 -7.74 38.26 -18.27
N ILE UA 160 -7.15 37.97 -19.43
CA ILE UA 160 -6.86 36.59 -19.77
C ILE UA 160 -5.90 35.96 -18.79
N GLN UA 161 -5.00 36.75 -18.22
CA GLN UA 161 -4.22 36.37 -17.04
C GLN UA 161 -5.10 35.67 -16.02
N GLN UA 162 -6.10 36.39 -15.50
CA GLN UA 162 -6.89 35.89 -14.39
C GLN UA 162 -7.89 34.83 -14.82
N MET UA 163 -8.50 34.95 -15.99
CA MET UA 163 -9.39 33.92 -16.47
C MET UA 163 -8.66 32.59 -16.66
N SER UA 164 -7.49 32.63 -17.30
CA SER UA 164 -6.72 31.41 -17.48
C SER UA 164 -6.21 30.84 -16.17
N ASN UA 165 -5.79 31.68 -15.23
CA ASN UA 165 -5.36 31.12 -13.96
C ASN UA 165 -6.52 30.48 -13.20
N THR UA 166 -7.63 31.19 -13.07
CA THR UA 166 -8.77 30.67 -12.31
C THR UA 166 -9.32 29.40 -12.92
N LEU UA 167 -9.42 29.34 -14.24
CA LEU UA 167 -10.11 28.24 -14.88
C LEU UA 167 -9.32 26.94 -14.69
N ASN UA 168 -7.99 27.01 -14.80
CA ASN UA 168 -7.13 25.90 -14.40
C ASN UA 168 -7.25 25.59 -12.92
N LEU UA 169 -7.24 26.63 -12.08
CA LEU UA 169 -7.24 26.45 -10.64
C LEU UA 169 -8.51 25.79 -10.17
N LEU UA 170 -9.53 25.77 -11.01
CA LEU UA 170 -10.83 25.22 -10.70
C LEU UA 170 -11.05 23.83 -11.32
N THR UA 171 -10.52 23.59 -12.52
CA THR UA 171 -10.42 22.22 -13.04
C THR UA 171 -9.65 21.33 -12.08
N SER UA 172 -8.47 21.80 -11.64
CA SER UA 172 -7.63 20.99 -10.78
C SER UA 172 -8.17 20.87 -9.36
N ALA UA 173 -9.21 21.62 -9.01
CA ALA UA 173 -9.87 21.46 -7.73
C ALA UA 173 -11.09 20.55 -7.81
N ARG UA 174 -11.72 20.51 -8.98
CA ARG UA 174 -12.85 19.63 -9.22
C ARG UA 174 -12.34 18.19 -9.21
N SER UA 175 -11.20 18.01 -9.84
CA SER UA 175 -10.53 16.71 -9.96
C SER UA 175 -10.09 16.11 -8.63
N ASP UA 176 -9.58 16.97 -7.75
CA ASP UA 176 -9.12 16.52 -6.44
C ASP UA 176 -10.32 15.93 -5.72
N MET UA 177 -11.46 16.58 -5.89
CA MET UA 177 -12.70 16.14 -5.27
C MET UA 177 -13.11 14.77 -5.79
N GLN UA 178 -12.92 14.54 -7.08
CA GLN UA 178 -13.31 13.25 -7.66
C GLN UA 178 -12.40 12.12 -7.18
N SER UA 179 -11.09 12.37 -7.10
CA SER UA 179 -10.19 11.34 -6.59
C SER UA 179 -10.50 11.00 -5.13
N LEU UA 180 -10.75 12.01 -4.30
CA LEU UA 180 -11.12 11.74 -2.91
C LEU UA 180 -12.43 10.97 -2.80
N GLN UA 181 -13.42 11.33 -3.62
CA GLN UA 181 -14.68 10.61 -3.62
C GLN UA 181 -14.48 9.14 -3.96
N TYR UA 182 -13.57 8.85 -4.89
CA TYR UA 182 -13.28 7.45 -5.19
C TYR UA 182 -12.59 6.77 -4.01
N ARG UA 183 -11.54 7.38 -3.46
CA ARG UA 183 -10.77 6.69 -2.43
C ARG UA 183 -11.53 6.54 -1.13
N THR UA 184 -12.54 7.35 -0.88
CA THR UA 184 -13.32 7.20 0.36
C THR UA 184 -14.19 5.97 0.32
N ILE UA 185 -14.81 5.67 -0.82
CA ILE UA 185 -15.74 4.56 -0.92
C ILE UA 185 -15.02 3.24 -1.17
N SER UA 186 -13.77 3.28 -1.63
CA SER UA 186 -13.03 2.05 -1.86
C SER UA 186 -12.69 1.32 -0.57
N GLY UA 187 -12.73 2.00 0.57
CA GLY UA 187 -12.36 1.43 1.84
C GLY UA 187 -13.46 0.70 2.57
N ILE UA 188 -14.64 0.55 1.97
CA ILE UA 188 -15.76 -0.16 2.57
C ILE UA 188 -15.78 -1.57 2.00
N SER UA 189 -15.55 -2.56 2.85
CA SER UA 189 -15.53 -3.96 2.44
C SER UA 189 -16.80 -4.64 2.91
N LEU UA 190 -17.52 -5.25 1.97
CA LEU UA 190 -18.82 -5.85 2.23
C LEU UA 190 -18.64 -7.27 2.73
N GLY UA 191 -19.30 -7.61 3.84
CA GLY UA 191 -19.25 -8.96 4.36
C GLY UA 191 -17.94 -9.39 4.96
N LYS UA 192 -17.13 -8.44 5.43
CA LYS UA 192 -15.85 -8.80 6.04
C LYS UA 192 -15.64 -8.06 7.34
N SER VA 19 -5.77 28.56 -43.88
CA SER VA 19 -4.58 27.95 -43.33
C SER VA 19 -4.91 27.14 -42.08
N MET VA 20 -6.12 27.31 -41.57
CA MET VA 20 -6.59 26.60 -40.40
C MET VA 20 -7.91 25.90 -40.70
N ALA VA 21 -8.45 25.26 -39.66
CA ALA VA 21 -9.64 24.43 -39.84
C ALA VA 21 -10.90 25.27 -39.98
N TYR VA 22 -11.14 26.19 -39.05
CA TYR VA 22 -12.38 26.92 -38.99
C TYR VA 22 -12.18 28.32 -39.58
N ASP VA 23 -13.06 28.70 -40.49
CA ASP VA 23 -12.99 29.98 -41.19
C ASP VA 23 -13.85 31.02 -40.48
N LEU VA 24 -13.35 31.53 -39.37
CA LEU VA 24 -14.08 32.48 -38.53
C LEU VA 24 -14.32 33.81 -39.21
N GLY VA 25 -13.89 33.99 -40.46
CA GLY VA 25 -14.07 35.26 -41.14
C GLY VA 25 -15.47 35.51 -41.63
N SER VA 26 -16.29 34.47 -41.72
CA SER VA 26 -17.66 34.60 -42.17
C SER VA 26 -18.69 34.36 -41.08
N MET VA 27 -18.41 33.48 -40.12
CA MET VA 27 -19.37 33.14 -39.08
C MET VA 27 -19.70 34.36 -38.23
N SER VA 28 -20.98 34.53 -37.96
CA SER VA 28 -21.44 35.64 -37.13
C SER VA 28 -21.01 35.42 -35.68
N LYS VA 29 -21.40 36.34 -34.80
CA LYS VA 29 -20.99 36.21 -33.40
C LYS VA 29 -21.71 35.07 -32.71
N ASP VA 30 -23.01 34.92 -32.95
CA ASP VA 30 -23.77 33.87 -32.29
C ASP VA 30 -23.46 32.49 -32.84
N ASP VA 31 -22.71 32.39 -33.93
CA ASP VA 31 -22.16 31.13 -34.39
C ASP VA 31 -20.75 30.90 -33.88
N VAL VA 32 -19.96 31.96 -33.73
CA VAL VA 32 -18.64 31.82 -33.13
C VAL VA 32 -18.76 31.38 -31.68
N ILE VA 33 -19.73 31.91 -30.95
CA ILE VA 33 -19.88 31.51 -29.55
C ILE VA 33 -20.26 30.04 -29.45
N ASP VA 34 -21.17 29.57 -30.30
CA ASP VA 34 -21.54 28.16 -30.27
C ASP VA 34 -20.38 27.28 -30.72
N LEU VA 35 -19.57 27.75 -31.65
CA LEU VA 35 -18.37 27.03 -32.04
C LEU VA 35 -17.41 26.90 -30.86
N PHE VA 36 -17.14 28.00 -30.18
CA PHE VA 36 -16.24 27.97 -29.03
C PHE VA 36 -16.79 27.12 -27.89
N ASN VA 37 -18.11 27.04 -27.76
CA ASN VA 37 -18.68 26.11 -26.79
C ASN VA 37 -18.49 24.66 -27.20
N LYS VA 38 -18.54 24.37 -28.51
CA LYS VA 38 -18.25 23.02 -28.95
C LYS VA 38 -16.83 22.62 -28.61
N LEU VA 39 -15.87 23.52 -28.81
CA LEU VA 39 -14.49 23.29 -28.37
C LEU VA 39 -14.43 23.52 -26.86
N GLY VA 40 -13.22 23.54 -26.31
CA GLY VA 40 -13.04 23.77 -24.90
C GLY VA 40 -13.03 25.24 -24.56
N VAL VA 41 -12.39 25.56 -23.43
CA VAL VA 41 -12.12 26.94 -23.07
C VAL VA 41 -10.70 27.34 -23.42
N PHE VA 42 -9.74 26.41 -23.38
CA PHE VA 42 -8.37 26.70 -23.76
C PHE VA 42 -8.17 26.70 -25.26
N GLN VA 43 -8.86 25.82 -25.98
CA GLN VA 43 -8.70 25.82 -27.42
C GLN VA 43 -9.55 26.88 -28.11
N ALA VA 44 -10.58 27.41 -27.45
CA ALA VA 44 -11.17 28.65 -27.95
C ALA VA 44 -10.14 29.75 -27.92
N ALA VA 45 -9.37 29.84 -26.85
CA ALA VA 45 -8.30 30.83 -26.78
C ALA VA 45 -7.24 30.58 -27.82
N ILE VA 46 -6.90 29.33 -28.08
CA ILE VA 46 -5.88 29.08 -29.10
C ILE VA 46 -6.39 29.43 -30.50
N LEU VA 47 -7.65 29.12 -30.85
CA LEU VA 47 -8.15 29.62 -32.13
C LEU VA 47 -8.20 31.13 -32.19
N MET VA 48 -8.63 31.80 -31.12
CA MET VA 48 -8.70 33.25 -31.18
C MET VA 48 -7.33 33.85 -31.41
N PHE VA 49 -6.30 33.32 -30.73
CA PHE VA 49 -4.96 33.83 -30.94
C PHE VA 49 -4.39 33.44 -32.29
N ALA VA 50 -4.73 32.26 -32.81
CA ALA VA 50 -4.22 31.86 -34.12
C ALA VA 50 -4.83 32.70 -35.23
N TYR VA 51 -6.13 33.02 -35.13
CA TYR VA 51 -6.73 33.88 -36.13
C TYR VA 51 -6.21 35.31 -36.03
N MET VA 52 -6.00 35.82 -34.81
CA MET VA 52 -5.39 37.14 -34.69
C MET VA 52 -3.99 37.15 -35.27
N TYR VA 53 -3.22 36.07 -35.08
CA TYR VA 53 -1.91 35.98 -35.68
C TYR VA 53 -1.98 35.95 -37.20
N GLN VA 54 -2.94 35.22 -37.77
CA GLN VA 54 -3.07 35.23 -39.23
C GLN VA 54 -3.42 36.62 -39.74
N ALA VA 55 -4.34 37.31 -39.08
CA ALA VA 55 -4.69 38.66 -39.54
C ALA VA 55 -3.50 39.60 -39.49
N GLN VA 56 -2.75 39.56 -38.39
CA GLN VA 56 -1.58 40.43 -38.27
C GLN VA 56 -0.50 40.07 -39.28
N SER VA 57 -0.26 38.77 -39.50
CA SER VA 57 0.75 38.40 -40.47
C SER VA 57 0.34 38.78 -41.88
N ASP VA 58 -0.94 38.69 -42.20
CA ASP VA 58 -1.39 39.13 -43.51
C ASP VA 58 -1.21 40.61 -43.71
N LEU VA 59 -1.53 41.43 -42.69
CA LEU VA 59 -1.24 42.86 -42.81
C LEU VA 59 0.24 43.08 -43.06
N SER VA 60 1.09 42.49 -42.24
CA SER VA 60 2.52 42.77 -42.34
C SER VA 60 3.09 42.30 -43.68
N ILE VA 61 2.67 41.13 -44.16
CA ILE VA 61 3.21 40.64 -45.43
C ILE VA 61 2.69 41.47 -46.60
N ALA VA 62 1.43 41.88 -46.57
CA ALA VA 62 0.96 42.79 -47.61
C ALA VA 62 1.67 44.13 -47.55
N LYS VA 63 2.23 44.50 -46.38
CA LYS VA 63 3.11 45.66 -46.30
C LYS VA 63 4.48 45.37 -46.90
N PHE VA 64 5.02 44.18 -46.67
CA PHE VA 64 6.35 43.85 -47.15
C PHE VA 64 6.40 43.68 -48.66
N ALA VA 65 5.27 43.46 -49.31
CA ALA VA 65 5.25 43.35 -50.76
C ALA VA 65 5.03 44.68 -51.46
N ASP VA 66 4.84 45.76 -50.70
CA ASP VA 66 4.85 47.11 -51.24
C ASP VA 66 6.23 47.73 -51.21
N MET VA 67 7.21 47.05 -50.63
CA MET VA 67 8.58 47.52 -50.62
C MET VA 67 9.45 46.77 -51.62
N ASN VA 68 9.16 45.49 -51.86
CA ASN VA 68 9.75 44.81 -52.99
C ASN VA 68 9.37 45.47 -54.31
N GLU VA 69 8.27 46.22 -54.37
CA GLU VA 69 8.02 47.01 -55.57
C GLU VA 69 9.10 48.06 -55.77
N ALA VA 70 9.48 48.75 -54.69
CA ALA VA 70 10.53 49.75 -54.79
C ALA VA 70 11.87 49.12 -55.15
N SER VA 71 12.21 48.00 -54.52
CA SER VA 71 13.50 47.39 -54.86
C SER VA 71 13.49 46.80 -56.27
N LYS VA 72 12.35 46.27 -56.75
CA LYS VA 72 12.28 45.80 -58.12
C LYS VA 72 12.47 46.94 -59.10
N GLU VA 73 11.83 48.08 -58.85
CA GLU VA 73 12.03 49.23 -59.72
C GLU VA 73 13.48 49.66 -59.73
N SER VA 74 14.14 49.67 -58.56
CA SER VA 74 15.53 50.07 -58.51
C SER VA 74 16.42 49.13 -59.30
N THR VA 75 16.22 47.82 -59.17
CA THR VA 75 17.09 46.92 -59.91
C THR VA 75 16.85 46.98 -61.41
N THR VA 76 15.60 47.11 -61.86
CA THR VA 76 15.38 47.23 -63.31
C THR VA 76 15.97 48.53 -63.85
N ALA VA 77 15.81 49.64 -63.12
CA ALA VA 77 16.41 50.88 -63.57
C ALA VA 77 17.92 50.79 -63.64
N GLN VA 78 18.54 50.16 -62.65
CA GLN VA 78 19.99 49.99 -62.68
C GLN VA 78 20.43 49.14 -63.86
N LYS VA 79 19.68 48.08 -64.17
CA LYS VA 79 20.04 47.26 -65.33
C LYS VA 79 19.97 48.06 -66.63
N MET VA 80 18.92 48.85 -66.78
CA MET VA 80 18.82 49.68 -67.99
C MET VA 80 19.95 50.70 -68.06
N ALA VA 81 20.27 51.35 -66.95
CA ALA VA 81 21.38 52.30 -66.95
C ALA VA 81 22.69 51.63 -67.30
N ASN VA 82 22.91 50.40 -66.83
CA ASN VA 82 24.13 49.70 -67.19
C ASN VA 82 24.16 49.31 -68.66
N LEU VA 83 23.02 49.00 -69.27
CA LEU VA 83 23.00 48.78 -70.72
C LEU VA 83 23.39 50.06 -71.47
N VAL VA 84 22.87 51.21 -71.02
CA VAL VA 84 23.24 52.46 -71.67
C VAL VA 84 24.72 52.78 -71.48
N ASP VA 85 25.28 52.45 -70.30
CA ASP VA 85 26.72 52.60 -70.13
C ASP VA 85 27.52 51.68 -71.03
N ALA VA 86 27.09 50.42 -71.18
CA ALA VA 86 27.77 49.54 -72.13
C ALA VA 86 27.71 50.10 -73.55
N LYS VA 87 26.62 50.74 -73.92
CA LYS VA 87 26.53 51.39 -75.22
C LYS VA 87 27.45 52.59 -75.36
N ILE VA 88 27.58 53.42 -74.31
CA ILE VA 88 28.47 54.58 -74.38
C ILE VA 88 29.92 54.13 -74.50
N ALA VA 89 30.30 53.04 -73.85
CA ALA VA 89 31.70 52.58 -73.86
C ALA VA 89 32.18 52.13 -75.22
N ASP VA 90 31.37 52.29 -76.26
CA ASP VA 90 31.77 52.02 -77.63
C ASP VA 90 31.64 53.23 -78.53
N VAL VA 91 31.01 54.30 -78.07
CA VAL VA 91 30.88 55.53 -78.86
C VAL VA 91 31.82 56.56 -78.26
N GLN VA 92 32.30 56.30 -77.05
CA GLN VA 92 33.39 57.09 -76.51
C GLN VA 92 34.73 56.69 -77.11
N SER VA 93 34.93 55.39 -77.34
CA SER VA 93 36.12 54.90 -77.99
C SER VA 93 36.03 54.99 -79.51
N SER VA 94 35.02 55.67 -80.04
CA SER VA 94 34.84 55.79 -81.48
C SER VA 94 35.81 56.82 -82.03
N SER VA 95 36.57 56.43 -83.06
CA SER VA 95 37.57 57.31 -83.64
C SER VA 95 36.93 58.52 -84.30
N ASP VA 96 35.71 58.37 -84.81
CA ASP VA 96 35.03 59.42 -85.56
C ASP VA 96 34.46 60.44 -84.58
N LYS VA 97 33.59 61.32 -85.08
CA LYS VA 97 32.79 62.15 -84.18
C LYS VA 97 31.84 61.26 -83.38
N ASN VA 98 31.62 61.61 -82.12
CA ASN VA 98 30.88 60.73 -81.23
C ASN VA 98 29.37 60.88 -81.37
N ALA VA 99 28.87 60.80 -82.61
CA ALA VA 99 27.42 60.67 -82.84
C ALA VA 99 27.21 59.52 -83.81
N LYS VA 100 27.28 58.29 -83.27
CA LYS VA 100 26.81 57.07 -83.93
C LYS VA 100 26.44 56.13 -82.79
N ALA VA 101 25.18 56.17 -82.38
CA ALA VA 101 24.77 55.42 -81.20
C ALA VA 101 23.26 55.29 -81.17
N GLN VA 102 22.81 54.14 -80.69
CA GLN VA 102 21.40 53.88 -80.44
C GLN VA 102 21.29 53.06 -79.17
N LEU VA 103 20.21 53.27 -78.45
CA LEU VA 103 20.00 52.46 -77.26
C LEU VA 103 19.68 51.02 -77.67
N PRO VA 104 20.09 50.04 -76.87
CA PRO VA 104 19.71 48.65 -77.17
C PRO VA 104 18.21 48.47 -77.05
N ASP VA 105 17.70 47.52 -77.86
CA ASP VA 105 16.26 47.47 -78.14
C ASP VA 105 15.42 47.31 -76.88
N GLU VA 106 16.00 46.80 -75.79
CA GLU VA 106 15.24 46.64 -74.56
C GLU VA 106 15.09 47.96 -73.81
N VAL VA 107 16.09 48.83 -73.87
CA VAL VA 107 15.97 50.12 -73.20
C VAL VA 107 14.89 50.98 -73.85
N ILE VA 108 14.73 50.90 -75.17
CA ILE VA 108 13.65 51.65 -75.82
C ILE VA 108 12.30 51.22 -75.27
N SER VA 109 12.07 49.92 -75.16
CA SER VA 109 10.82 49.47 -74.56
C SER VA 109 10.72 49.81 -73.09
N TYR VA 110 11.85 49.98 -72.39
CA TYR VA 110 11.78 50.47 -71.02
C TYR VA 110 11.25 51.90 -70.96
N ILE VA 111 11.84 52.82 -71.73
CA ILE VA 111 11.35 54.19 -71.70
C ILE VA 111 9.92 54.30 -72.24
N ASN VA 112 9.63 53.65 -73.37
CA ASN VA 112 8.34 53.83 -74.01
C ASN VA 112 7.17 53.20 -73.24
N ASP VA 113 7.45 52.38 -72.23
CA ASP VA 113 6.39 51.76 -71.46
C ASP VA 113 5.70 52.82 -70.60
N PRO VA 114 4.38 52.77 -70.42
CA PRO VA 114 3.67 53.88 -69.76
C PRO VA 114 3.77 53.90 -68.25
N ARG VA 115 4.03 52.78 -67.59
CA ARG VA 115 3.91 52.70 -66.14
C ARG VA 115 5.19 53.10 -65.41
N ASN VA 116 6.04 53.93 -66.03
CA ASN VA 116 7.30 54.32 -65.43
C ASN VA 116 7.48 55.82 -65.27
N ASP VA 117 6.83 56.64 -66.09
CA ASP VA 117 6.96 58.10 -66.05
C ASP VA 117 8.44 58.51 -66.08
N ILE VA 118 9.06 58.19 -67.21
CA ILE VA 118 10.52 58.24 -67.35
C ILE VA 118 10.91 59.27 -68.42
N THR VA 119 10.19 60.39 -68.47
CA THR VA 119 10.56 61.51 -69.34
C THR VA 119 12.03 61.86 -69.18
N ILE VA 120 12.81 61.73 -70.25
CA ILE VA 120 14.27 61.76 -70.17
C ILE VA 120 14.87 62.91 -70.99
N SER VA 121 14.70 62.88 -72.31
CA SER VA 121 15.54 63.66 -73.20
C SER VA 121 14.96 65.01 -73.57
N GLY VA 122 13.68 65.03 -73.94
CA GLY VA 122 13.14 66.21 -74.57
C GLY VA 122 13.67 66.42 -75.97
N ILE VA 123 14.12 65.35 -76.62
CA ILE VA 123 14.73 65.44 -77.94
C ILE VA 123 13.99 64.49 -78.87
N ASP VA 124 14.03 64.81 -80.16
CA ASP VA 124 13.21 64.12 -81.15
C ASP VA 124 13.80 62.78 -81.54
N ASN VA 125 12.91 61.84 -81.88
CA ASN VA 125 13.25 60.66 -82.66
C ASN VA 125 14.36 59.84 -82.01
N ILE VA 126 14.03 59.27 -80.85
CA ILE VA 126 14.86 58.21 -80.31
C ILE VA 126 14.90 57.06 -81.32
N ASN VA 127 15.93 56.23 -81.21
CA ASN VA 127 16.38 55.17 -82.12
C ASN VA 127 17.15 55.71 -83.31
N ALA VA 128 17.14 57.02 -83.57
CA ALA VA 128 17.97 57.57 -84.64
C ALA VA 128 18.09 59.08 -84.44
N GLN VA 129 19.20 59.54 -83.87
CA GLN VA 129 20.15 58.76 -83.08
C GLN VA 129 20.69 59.78 -82.10
N LEU VA 130 21.26 59.36 -80.96
CA LEU VA 130 21.62 60.31 -79.91
C LEU VA 130 23.10 60.18 -79.55
N GLY VA 131 23.94 60.78 -80.37
CA GLY VA 131 25.29 61.20 -80.00
C GLY VA 131 26.10 60.26 -79.13
N ALA VA 132 26.98 60.84 -78.31
CA ALA VA 132 27.51 60.16 -77.13
C ALA VA 132 27.64 61.08 -75.93
N GLY VA 133 27.31 62.36 -76.06
CA GLY VA 133 27.40 63.30 -74.96
C GLY VA 133 26.02 63.69 -74.47
N ASP VA 134 25.02 63.38 -75.28
CA ASP VA 134 23.62 63.49 -74.86
C ASP VA 134 23.04 62.15 -74.45
N LEU VA 135 23.76 61.05 -74.69
CA LEU VA 135 23.40 59.76 -74.12
C LEU VA 135 23.67 59.73 -72.63
N GLN VA 136 24.56 60.61 -72.15
CA GLN VA 136 24.76 60.76 -70.71
C GLN VA 136 23.51 61.25 -70.02
N THR VA 137 22.73 62.09 -70.70
CA THR VA 137 21.46 62.54 -70.13
C THR VA 137 20.49 61.38 -69.95
N VAL VA 138 20.42 60.49 -70.94
CA VAL VA 138 19.55 59.32 -70.82
C VAL VA 138 20.02 58.43 -69.68
N LYS VA 139 21.33 58.18 -69.59
CA LYS VA 139 21.83 57.35 -68.50
C LYS VA 139 21.54 57.97 -67.14
N ALA VA 140 21.73 59.28 -67.00
CA ALA VA 140 21.45 59.95 -65.74
C ALA VA 140 19.97 59.94 -65.38
N ALA VA 141 19.10 60.17 -66.36
CA ALA VA 141 17.67 60.17 -66.08
C ALA VA 141 17.11 58.78 -65.84
N ILE VA 142 17.78 57.73 -66.31
CA ILE VA 142 17.37 56.37 -65.96
C ILE VA 142 17.89 55.98 -64.59
N SER VA 143 19.17 56.24 -64.31
CA SER VA 143 19.75 55.88 -63.05
C SER VA 143 19.47 56.89 -61.94
N ALA VA 144 18.63 57.88 -62.19
CA ALA VA 144 18.14 58.73 -61.12
C ALA VA 144 16.84 58.24 -60.52
N LYS VA 145 16.11 57.37 -61.23
CA LYS VA 145 14.91 56.75 -60.70
C LYS VA 145 15.23 55.44 -60.00
N ALA VA 146 16.50 55.03 -60.01
CA ALA VA 146 16.95 53.87 -59.26
C ALA VA 146 17.27 54.19 -57.81
N ASN VA 147 17.24 55.46 -57.43
CA ASN VA 147 17.65 55.89 -56.10
C ASN VA 147 16.44 56.10 -55.19
N ASN VA 148 15.63 55.05 -55.02
CA ASN VA 148 14.39 55.17 -54.26
C ASN VA 148 14.30 54.15 -53.14
N LEU VA 149 15.41 53.88 -52.44
CA LEU VA 149 15.38 52.99 -51.29
C LEU VA 149 15.44 53.72 -49.96
N THR VA 150 15.34 55.04 -49.96
CA THR VA 150 15.22 55.77 -48.71
C THR VA 150 13.84 56.33 -48.48
N THR VA 151 13.06 56.56 -49.53
CA THR VA 151 11.67 56.94 -49.34
C THR VA 151 10.85 55.80 -48.78
N THR VA 152 11.31 54.55 -48.94
CA THR VA 152 10.62 53.39 -48.40
C THR VA 152 11.26 52.86 -47.12
N VAL VA 153 12.27 53.55 -46.62
CA VAL VA 153 12.77 53.32 -45.27
C VAL VA 153 12.34 54.44 -44.33
N ASN VA 154 12.16 55.65 -44.85
CA ASN VA 154 11.61 56.71 -44.02
C ASN VA 154 10.13 56.48 -43.74
N ASN VA 155 9.41 55.94 -44.71
CA ASN VA 155 7.97 55.77 -44.61
C ASN VA 155 7.56 54.53 -43.83
N SER VA 156 8.45 53.60 -43.58
CA SER VA 156 8.09 52.28 -43.09
C SER VA 156 9.01 51.82 -41.97
N GLN VA 157 9.26 52.68 -40.99
CA GLN VA 157 10.03 52.26 -39.83
C GLN VA 157 9.26 52.37 -38.52
N LEU VA 158 8.24 53.21 -38.45
CA LEU VA 158 7.38 53.27 -37.28
C LEU VA 158 6.20 52.32 -37.39
N GLU VA 159 6.01 51.71 -38.54
CA GLU VA 159 5.03 50.65 -38.69
C GLU VA 159 5.61 49.29 -38.43
N ILE VA 160 6.78 48.99 -38.99
CA ILE VA 160 7.44 47.73 -38.72
C ILE VA 160 7.78 47.60 -37.26
N GLN VA 161 8.06 48.71 -36.57
CA GLN VA 161 8.11 48.77 -35.12
C GLN VA 161 6.93 48.01 -34.51
N GLN VA 162 5.72 48.47 -34.81
CA GLN VA 162 4.53 47.94 -34.15
C GLN VA 162 4.14 46.57 -34.66
N MET VA 163 4.27 46.32 -35.96
CA MET VA 163 3.98 44.98 -36.48
C MET VA 163 4.90 43.94 -35.88
N SER VA 164 6.21 44.22 -35.82
CA SER VA 164 7.14 43.28 -35.23
C SER VA 164 6.91 43.11 -33.75
N ASN VA 165 6.61 44.19 -33.01
CA ASN VA 165 6.34 43.99 -31.60
C ASN VA 165 5.08 43.17 -31.36
N THR VA 166 3.97 43.52 -32.02
CA THR VA 166 2.71 42.81 -31.80
C THR VA 166 2.81 41.34 -32.20
N LEU VA 167 3.48 41.06 -33.30
CA LEU VA 167 3.46 39.70 -33.82
C LEU VA 167 4.21 38.74 -32.90
N ASN VA 168 5.33 39.20 -32.35
CA ASN VA 168 6.00 38.48 -31.26
C ASN VA 168 5.13 38.39 -30.02
N LEU VA 169 4.50 39.51 -29.65
CA LEU VA 169 3.73 39.58 -28.41
C LEU VA 169 2.54 38.65 -28.46
N LEU VA 170 2.18 38.18 -29.65
CA LEU VA 170 1.04 37.32 -29.88
C LEU VA 170 1.44 35.85 -30.08
N THR VA 171 2.58 35.60 -30.72
CA THR VA 171 3.17 34.26 -30.68
C THR VA 171 3.42 33.81 -29.25
N SER VA 172 4.05 34.67 -28.46
CA SER VA 172 4.39 34.30 -27.09
C SER VA 172 3.19 34.26 -26.16
N ALA VA 173 2.02 34.71 -26.62
CA ALA VA 173 0.79 34.56 -25.86
C ALA VA 173 -0.01 33.34 -26.25
N ARG VA 174 0.14 32.91 -27.50
CA ARG VA 174 -0.51 31.71 -27.99
C ARG VA 174 0.14 30.51 -27.30
N SER VA 175 1.46 30.58 -27.18
CA SER VA 175 2.29 29.55 -26.57
C SER VA 175 2.00 29.34 -25.09
N ASP VA 176 1.78 30.43 -24.37
CA ASP VA 176 1.51 30.36 -22.95
C ASP VA 176 0.22 29.57 -22.77
N MET VA 177 -0.73 29.82 -23.68
CA MET VA 177 -2.00 29.12 -23.66
C MET VA 177 -1.81 27.63 -23.86
N GLN VA 178 -0.90 27.25 -24.76
CA GLN VA 178 -0.67 25.84 -25.04
C GLN VA 178 -0.03 25.12 -23.85
N SER VA 179 0.96 25.77 -23.21
CA SER VA 179 1.57 25.15 -22.03
C SER VA 179 0.56 24.98 -20.90
N LEU VA 180 -0.27 25.98 -20.66
CA LEU VA 180 -1.29 25.85 -19.62
C LEU VA 180 -2.29 24.75 -19.95
N GLN VA 181 -2.70 24.66 -21.21
CA GLN VA 181 -3.61 23.60 -21.63
C GLN VA 181 -3.02 22.22 -21.36
N TYR VA 182 -1.71 22.06 -21.58
CA TYR VA 182 -1.07 20.80 -21.26
C TYR VA 182 -1.06 20.55 -19.75
N ARG VA 183 -0.61 21.53 -18.97
CA ARG VA 183 -0.44 21.30 -17.54
C ARG VA 183 -1.75 21.13 -16.81
N THR VA 184 -2.86 21.62 -17.35
CA THR VA 184 -4.14 21.46 -16.69
C THR VA 184 -4.64 20.02 -16.77
N ILE VA 185 -4.45 19.38 -17.92
CA ILE VA 185 -4.98 18.03 -18.12
C ILE VA 185 -4.03 16.97 -17.59
N SER VA 186 -2.77 17.31 -17.35
CA SER VA 186 -1.83 16.34 -16.80
C SER VA 186 -2.15 15.97 -15.36
N GLY VA 187 -2.92 16.77 -14.66
CA GLY VA 187 -3.24 16.56 -13.26
C GLY VA 187 -4.43 15.67 -12.99
N ILE VA 188 -5.03 15.07 -14.03
CA ILE VA 188 -6.15 14.15 -13.87
C ILE VA 188 -5.61 12.73 -13.94
N SER VA 189 -5.74 12.01 -12.83
CA SER VA 189 -5.26 10.64 -12.73
C SER VA 189 -6.45 9.69 -12.78
N LEU VA 190 -6.40 8.74 -13.72
CA LEU VA 190 -7.52 7.84 -13.96
C LEU VA 190 -7.40 6.63 -13.03
N GLY VA 191 -8.51 6.30 -12.36
CA GLY VA 191 -8.53 5.13 -11.51
C GLY VA 191 -7.72 5.22 -10.24
N LYS VA 192 -7.48 6.43 -9.74
CA LYS VA 192 -6.72 6.58 -8.51
C LYS VA 192 -7.40 7.55 -7.56
N SER WA 19 23.08 36.60 -55.42
CA SER WA 19 23.83 36.47 -54.19
C SER WA 19 23.01 35.83 -53.09
N MET WA 20 21.71 35.70 -53.33
CA MET WA 20 20.79 35.09 -52.39
C MET WA 20 20.00 33.98 -53.08
N ALA WA 21 19.09 33.38 -52.31
CA ALA WA 21 18.35 32.21 -52.80
C ALA WA 21 17.27 32.60 -53.80
N TYR WA 22 16.40 33.53 -53.42
CA TYR WA 22 15.23 33.86 -54.21
C TYR WA 22 15.49 35.12 -55.02
N ASP WA 23 15.22 35.07 -56.31
CA ASP WA 23 15.46 36.19 -57.22
C ASP WA 23 14.19 37.02 -57.39
N LEU WA 24 13.90 37.84 -56.38
CA LEU WA 24 12.68 38.63 -56.35
C LEU WA 24 12.64 39.72 -57.43
N GLY WA 25 13.66 39.80 -58.28
CA GLY WA 25 13.68 40.83 -59.30
C GLY WA 25 12.76 40.56 -60.47
N SER WA 26 12.32 39.32 -60.64
CA SER WA 26 11.43 38.95 -61.73
C SER WA 26 10.02 38.60 -61.27
N MET WA 27 9.86 38.01 -60.10
CA MET WA 27 8.57 37.58 -59.61
C MET WA 27 7.63 38.76 -59.46
N SER WA 28 6.39 38.58 -59.92
CA SER WA 28 5.38 39.62 -59.80
C SER WA 28 4.96 39.77 -58.35
N LYS WA 29 4.00 40.65 -58.09
CA LYS WA 29 3.59 40.88 -56.72
C LYS WA 29 2.79 39.70 -56.17
N ASP WA 30 1.90 39.14 -56.96
CA ASP WA 30 1.08 38.02 -56.48
C ASP WA 30 1.87 36.73 -56.36
N ASP WA 31 3.10 36.70 -56.86
CA ASP WA 31 4.01 35.60 -56.57
C ASP WA 31 4.92 35.90 -55.39
N VAL WA 32 5.30 37.16 -55.20
CA VAL WA 32 6.07 37.52 -54.01
C VAL WA 32 5.24 37.30 -52.75
N ILE WA 33 3.95 37.63 -52.80
CA ILE WA 33 3.12 37.44 -51.62
C ILE WA 33 3.00 35.95 -51.27
N ASP WA 34 2.80 35.11 -52.28
CA ASP WA 34 2.72 33.67 -52.02
C ASP WA 34 4.06 33.11 -51.54
N LEU WA 35 5.16 33.66 -52.06
CA LEU WA 35 6.47 33.28 -51.54
C LEU WA 35 6.62 33.63 -50.07
N PHE WA 36 6.27 34.87 -49.71
CA PHE WA 36 6.38 35.29 -48.32
C PHE WA 36 5.45 34.52 -47.42
N ASN WA 37 4.31 34.06 -47.94
CA ASN WA 37 3.45 33.18 -47.15
C ASN WA 37 4.08 31.81 -46.96
N LYS WA 38 4.81 31.31 -47.96
CA LYS WA 38 5.52 30.05 -47.76
C LYS WA 38 6.56 30.16 -46.65
N LEU WA 39 7.31 31.26 -46.62
CA LEU WA 39 8.21 31.53 -45.51
C LEU WA 39 7.39 32.01 -44.32
N GLY WA 40 8.06 32.49 -43.29
CA GLY WA 40 7.38 32.99 -42.11
C GLY WA 40 6.95 34.43 -42.27
N VAL WA 41 6.79 35.10 -41.13
CA VAL WA 41 6.59 36.54 -41.11
C VAL WA 41 7.87 37.30 -40.81
N PHE WA 42 8.78 36.71 -40.03
CA PHE WA 42 10.06 37.33 -39.73
C PHE WA 42 11.06 37.15 -40.87
N GLN WA 43 11.05 36.00 -41.53
CA GLN WA 43 11.98 35.82 -42.63
C GLN WA 43 11.50 36.45 -43.93
N ALA WA 44 10.20 36.73 -44.07
CA ALA WA 44 9.79 37.63 -45.13
C ALA WA 44 10.44 39.00 -44.94
N ALA WA 45 10.45 39.49 -43.69
CA ALA WA 45 11.11 40.75 -43.41
C ALA WA 45 12.60 40.67 -43.67
N ILE WA 46 13.23 39.55 -43.32
CA ILE WA 46 14.67 39.45 -43.58
C ILE WA 46 14.98 39.40 -45.08
N LEU WA 47 14.19 38.68 -45.89
CA LEU WA 47 14.42 38.79 -47.33
C LEU WA 47 14.16 40.19 -47.86
N MET WA 48 13.11 40.85 -47.41
CA MET WA 48 12.83 42.19 -47.92
C MET WA 48 13.99 43.12 -47.61
N PHE WA 49 14.52 43.05 -46.39
CA PHE WA 49 15.66 43.90 -46.05
C PHE WA 49 16.94 43.48 -46.75
N ALA WA 50 17.14 42.19 -46.99
CA ALA WA 50 18.34 41.76 -47.68
C ALA WA 50 18.33 42.18 -49.14
N TYR WA 51 17.18 42.10 -49.80
CA TYR WA 51 17.10 42.56 -51.17
C TYR WA 51 17.22 44.07 -51.27
N MET WA 52 16.62 44.83 -50.32
CA MET WA 52 16.84 46.26 -50.31
C MET WA 52 18.31 46.61 -50.09
N TYR WA 53 18.99 45.85 -49.23
CA TYR WA 53 20.43 46.07 -49.05
C TYR WA 53 21.21 45.78 -50.31
N GLN WA 54 20.87 44.71 -51.03
CA GLN WA 54 21.56 44.44 -52.29
C GLN WA 54 21.34 45.55 -53.30
N ALA WA 55 20.11 46.04 -53.42
CA ALA WA 55 19.86 47.10 -54.39
C ALA WA 55 20.64 48.36 -54.03
N GLN WA 56 20.65 48.74 -52.74
CA GLN WA 56 21.38 49.93 -52.33
C GLN WA 56 22.89 49.74 -52.51
N SER WA 57 23.42 48.57 -52.18
CA SER WA 57 24.85 48.36 -52.35
C SER WA 57 25.24 48.36 -53.82
N ASP WA 58 24.38 47.84 -54.70
CA ASP WA 58 24.68 47.90 -56.12
C ASP WA 58 24.69 49.33 -56.63
N LEU WA 59 23.73 50.16 -56.21
CA LEU WA 59 23.79 51.56 -56.59
C LEU WA 59 25.09 52.20 -56.13
N SER WA 60 25.44 52.03 -54.85
CA SER WA 60 26.60 52.70 -54.32
C SER WA 60 27.89 52.21 -54.98
N ILE WA 61 28.02 50.91 -55.23
CA ILE WA 61 29.24 50.42 -55.86
C ILE WA 61 29.33 50.83 -57.31
N ALA WA 62 28.21 50.86 -58.05
CA ALA WA 62 28.27 51.40 -59.40
C ALA WA 62 28.59 52.89 -59.39
N LYS WA 63 28.33 53.58 -58.28
CA LYS WA 63 28.81 54.96 -58.13
C LYS WA 63 30.31 55.00 -57.86
N PHE WA 64 30.82 54.08 -57.03
CA PHE WA 64 32.22 54.09 -56.66
C PHE WA 64 33.13 53.70 -57.82
N ALA WA 65 32.62 53.05 -58.84
CA ALA WA 65 33.42 52.69 -60.01
C ALA WA 65 33.40 53.77 -61.08
N ASP WA 66 32.65 54.85 -60.88
CA ASP WA 66 32.73 56.03 -61.73
C ASP WA 66 33.74 57.05 -61.20
N MET WA 67 34.33 56.80 -60.04
CA MET WA 67 35.36 57.66 -59.50
C MET WA 67 36.75 57.04 -59.64
N ASN WA 68 36.85 55.72 -59.60
CA ASN WA 68 38.08 55.07 -60.03
C ASN WA 68 38.40 55.37 -61.48
N GLU WA 69 37.41 55.72 -62.31
CA GLU WA 69 37.74 56.20 -63.64
C GLU WA 69 38.56 57.48 -63.59
N ALA WA 70 38.15 58.41 -62.73
CA ALA WA 70 38.90 59.66 -62.59
C ALA WA 70 40.29 59.41 -62.04
N SER WA 71 40.40 58.57 -61.01
CA SER WA 71 41.74 58.32 -60.47
C SER WA 71 42.62 57.54 -61.44
N LYS WA 72 42.04 56.63 -62.24
CA LYS WA 72 42.83 55.93 -63.25
C LYS WA 72 43.34 56.90 -64.30
N GLU WA 73 42.48 57.82 -64.76
CA GLU WA 73 42.94 58.82 -65.71
C GLU WA 73 44.06 59.67 -65.12
N SER WA 74 43.94 60.05 -63.85
CA SER WA 74 44.98 60.87 -63.24
C SER WA 74 46.30 60.12 -63.17
N THR WA 75 46.29 58.85 -62.77
CA THR WA 75 47.55 58.14 -62.66
C THR WA 75 48.20 57.89 -64.02
N THR WA 76 47.40 57.56 -65.05
CA THR WA 76 48.01 57.37 -66.37
C THR WA 76 48.57 58.68 -66.91
N ALA WA 77 47.85 59.80 -66.73
CA ALA WA 77 48.38 61.08 -67.18
C ALA WA 77 49.67 61.43 -66.45
N GLN WA 78 49.73 61.18 -65.14
CA GLN WA 78 50.95 61.46 -64.40
C GLN WA 78 52.11 60.60 -64.88
N LYS WA 79 51.85 59.32 -65.19
CA LYS WA 79 52.92 58.48 -65.72
C LYS WA 79 53.45 59.00 -67.04
N MET WA 80 52.55 59.41 -67.94
CA MET WA 80 52.99 59.95 -69.22
C MET WA 80 53.80 61.23 -69.02
N ALA WA 81 53.32 62.12 -68.15
CA ALA WA 81 54.07 63.35 -67.90
C ALA WA 81 55.44 63.07 -67.32
N ASN WA 82 55.56 62.06 -66.46
CA ASN WA 82 56.88 61.70 -65.94
C ASN WA 82 57.79 61.11 -67.01
N LEU WA 83 57.24 60.37 -67.98
CA LEU WA 83 58.08 59.93 -69.09
C LEU WA 83 58.59 61.12 -69.91
N VAL WA 84 57.73 62.12 -70.14
CA VAL WA 84 58.19 63.30 -70.87
C VAL WA 84 59.23 64.08 -70.07
N ASP WA 85 59.09 64.13 -68.74
CA ASP WA 85 60.14 64.74 -67.92
C ASP WA 85 61.45 63.96 -67.99
N ALA WA 86 61.40 62.63 -67.95
CA ALA WA 86 62.61 61.85 -68.12
C ALA WA 86 63.27 62.13 -69.46
N LYS WA 87 62.48 62.35 -70.51
CA LYS WA 87 63.02 62.72 -71.81
C LYS WA 87 63.64 64.10 -71.82
N ILE WA 88 63.03 65.08 -71.15
CA ILE WA 88 63.61 66.43 -71.11
C ILE WA 88 64.93 66.43 -70.35
N ALA WA 89 65.06 65.62 -69.32
CA ALA WA 89 66.27 65.62 -68.49
C ALA WA 89 67.50 65.11 -69.22
N ASP WA 90 67.39 64.85 -70.52
CA ASP WA 90 68.52 64.50 -71.36
C ASP WA 90 68.72 65.45 -72.52
N VAL WA 91 67.77 66.34 -72.78
CA VAL WA 91 67.90 67.32 -73.85
C VAL WA 91 68.17 68.68 -73.21
N GLN WA 92 67.92 68.76 -71.91
CA GLN WA 92 68.37 69.93 -71.17
C GLN WA 92 69.86 69.86 -70.87
N SER WA 93 70.38 68.67 -70.58
CA SER WA 93 71.79 68.45 -70.37
C SER WA 93 72.55 68.27 -71.67
N SER WA 94 71.90 68.51 -72.81
CA SER WA 94 72.54 68.34 -74.10
C SER WA 94 73.47 69.51 -74.39
N SER WA 95 74.72 69.21 -74.72
CA SER WA 95 75.70 70.24 -74.97
C SER WA 95 75.36 71.08 -76.19
N ASP WA 96 74.68 70.49 -77.17
CA ASP WA 96 74.37 71.14 -78.43
C ASP WA 96 73.18 72.09 -78.22
N LYS WA 97 72.60 72.57 -79.32
CA LYS WA 97 71.32 73.25 -79.23
C LYS WA 97 70.25 72.26 -78.78
N ASN WA 98 69.31 72.73 -77.98
CA ASN WA 98 68.35 71.82 -77.34
C ASN WA 98 67.19 71.48 -78.26
N ALA WA 99 67.47 71.05 -79.50
CA ALA WA 99 66.44 70.46 -80.35
C ALA WA 99 67.00 69.16 -80.91
N LYS WA 100 66.97 68.12 -80.07
CA LYS WA 100 67.15 66.72 -80.47
C LYS WA 100 66.37 65.91 -79.44
N ALA WA 101 65.12 65.63 -79.74
CA ALA WA 101 64.24 65.00 -78.76
C ALA WA 101 63.02 64.42 -79.45
N GLN WA 102 62.58 63.29 -78.93
CA GLN WA 102 61.34 62.66 -79.34
C GLN WA 102 60.68 62.06 -78.12
N LEU WA 103 59.36 62.04 -78.12
CA LEU WA 103 58.66 61.41 -77.03
C LEU WA 103 58.86 59.89 -77.08
N PRO WA 104 58.91 59.23 -75.94
CA PRO WA 104 59.00 57.77 -75.95
C PRO WA 104 57.75 57.15 -76.55
N ASP WA 105 57.93 55.98 -77.17
CA ASP WA 105 56.94 55.45 -78.09
C ASP WA 105 55.58 55.24 -77.44
N GLU WA 106 55.53 55.13 -76.11
CA GLU WA 106 54.25 54.94 -75.43
C GLU WA 106 53.48 56.26 -75.29
N VAL WA 107 54.19 57.37 -75.12
CA VAL WA 107 53.51 58.65 -75.01
C VAL WA 107 52.84 59.03 -76.33
N ILE WA 108 53.46 58.69 -77.46
CA ILE WA 108 52.84 58.96 -78.75
C ILE WA 108 51.49 58.24 -78.85
N SER WA 109 51.46 56.97 -78.48
CA SER WA 109 50.18 56.26 -78.47
C SER WA 109 49.22 56.80 -77.42
N TYR WA 110 49.73 57.41 -76.36
CA TYR WA 110 48.82 58.07 -75.41
C TYR WA 110 48.12 59.26 -76.06
N ILE WA 111 48.87 60.18 -76.67
CA ILE WA 111 48.24 61.33 -77.30
C ILE WA 111 47.35 60.91 -78.48
N ASN WA 112 47.85 60.03 -79.35
CA ASN WA 112 47.12 59.69 -80.57
C ASN WA 112 45.86 58.88 -80.32
N ASP WA 113 45.66 58.36 -79.12
CA ASP WA 113 44.46 57.59 -78.83
C ASP WA 113 43.25 58.52 -78.79
N PRO WA 114 42.08 58.09 -79.28
CA PRO WA 114 40.96 59.03 -79.43
C PRO WA 114 40.18 59.32 -78.16
N ARG WA 115 40.23 58.46 -77.15
CA ARG WA 115 39.33 58.58 -76.00
C ARG WA 115 39.90 59.46 -74.90
N ASN WA 116 40.80 60.39 -75.23
CA ASN WA 116 41.43 61.25 -74.23
C ASN WA 116 41.24 62.73 -74.47
N ASP WA 117 41.03 63.17 -75.71
CA ASP WA 117 40.88 64.59 -76.04
C ASP WA 117 42.03 65.41 -75.47
N ILE WA 118 43.22 65.12 -75.97
CA ILE WA 118 44.47 65.59 -75.39
C ILE WA 118 45.21 66.50 -76.37
N THR WA 119 44.47 67.32 -77.11
CA THR WA 119 45.07 68.34 -77.96
C THR WA 119 46.12 69.15 -77.21
N ILE WA 120 47.37 69.09 -77.66
CA ILE WA 120 48.52 69.57 -76.89
C ILE WA 120 49.26 70.70 -77.60
N SER WA 121 49.86 70.39 -78.75
CA SER WA 121 50.92 71.24 -79.29
C SER WA 121 50.42 72.28 -80.29
N GLY WA 122 49.59 71.85 -81.22
CA GLY WA 122 49.30 72.69 -82.37
C GLY WA 122 50.48 72.82 -83.31
N ILE WA 123 51.38 71.85 -83.29
CA ILE WA 123 52.60 71.90 -84.09
C ILE WA 123 52.67 70.64 -84.93
N ASP WA 124 53.36 70.73 -86.05
CA ASP WA 124 53.36 69.67 -87.07
C ASP WA 124 54.29 68.54 -86.69
N ASN WA 125 53.90 67.34 -87.12
CA ASN WA 125 54.81 66.19 -87.24
C ASN WA 125 55.49 65.87 -85.90
N ILE WA 126 54.67 65.42 -84.96
CA ILE WA 126 55.21 64.76 -83.78
C ILE WA 126 56.00 63.53 -84.24
N ASN WA 127 56.92 63.08 -83.39
CA ASN WA 127 57.96 62.07 -83.59
C ASN WA 127 59.17 62.62 -84.34
N ALA WA 128 59.09 63.80 -84.96
CA ALA WA 128 60.27 64.39 -85.58
C ALA WA 128 60.01 65.88 -85.81
N GLN WA 129 60.52 66.74 -84.93
CA GLN WA 129 60.98 66.42 -83.58
C GLN WA 129 60.70 67.71 -82.81
N LEU WA 130 60.60 67.67 -81.49
CA LEU WA 130 60.15 68.84 -80.74
C LEU WA 130 61.17 69.22 -79.68
N GLY WA 131 62.23 69.91 -80.11
CA GLY WA 131 63.05 70.77 -79.26
C GLY WA 131 63.38 70.28 -77.87
N ALA WA 132 63.53 71.23 -76.94
CA ALA WA 132 63.43 70.94 -75.51
C ALA WA 132 62.71 72.04 -74.74
N GLY WA 133 62.30 73.12 -75.40
CA GLY WA 133 61.61 74.20 -74.73
C GLY WA 133 60.15 74.24 -75.14
N ASP WA 134 59.83 73.51 -76.21
CA ASP WA 134 58.45 73.26 -76.59
C ASP WA 134 57.97 71.89 -76.14
N LEU WA 135 58.87 71.04 -75.65
CA LEU WA 135 58.47 69.81 -74.97
C LEU WA 135 57.86 70.11 -73.61
N GLN WA 136 58.17 71.27 -73.05
CA GLN WA 136 57.52 71.70 -71.82
C GLN WA 136 56.03 71.91 -72.04
N THR WA 137 55.63 72.35 -73.23
CA THR WA 137 54.21 72.49 -73.52
C THR WA 137 53.52 71.12 -73.50
N VAL WA 138 54.15 70.10 -74.08
CA VAL WA 138 53.57 68.76 -74.05
C VAL WA 138 53.46 68.26 -72.63
N LYS WA 139 54.52 68.44 -71.84
CA LYS WA 139 54.47 67.98 -70.45
C LYS WA 139 53.37 68.70 -69.67
N ALA WA 140 53.24 70.02 -69.85
CA ALA WA 140 52.19 70.76 -69.16
C ALA WA 140 50.79 70.36 -69.61
N ALA WA 141 50.58 70.15 -70.90
CA ALA WA 141 49.26 69.77 -71.38
C ALA WA 141 48.90 68.33 -71.05
N ILE WA 142 49.89 67.48 -70.78
CA ILE WA 142 49.58 66.13 -70.30
C ILE WA 142 49.31 66.14 -68.80
N SER WA 143 50.15 66.82 -68.03
CA SER WA 143 49.99 66.85 -66.58
C SER WA 143 48.97 67.90 -66.14
N ALA WA 144 48.27 68.55 -67.05
CA ALA WA 144 47.13 69.37 -66.67
C ALA WA 144 45.82 68.60 -66.69
N LYS WA 145 45.76 67.45 -67.37
CA LYS WA 145 44.59 66.59 -67.33
C LYS WA 145 44.68 65.57 -66.22
N ALA WA 146 45.79 65.57 -65.48
CA ALA WA 146 45.92 64.74 -64.30
C ALA WA 146 45.33 65.38 -63.05
N ASN WA 147 44.89 66.62 -63.13
CA ASN WA 147 44.40 67.37 -61.97
C ASN WA 147 42.88 67.34 -61.89
N ASN WA 148 42.30 66.14 -61.84
CA ASN WA 148 40.85 66.00 -61.88
C ASN WA 148 40.31 65.20 -60.69
N LEU WA 149 40.88 65.39 -59.50
CA LEU WA 149 40.36 64.72 -58.31
C LEU WA 149 39.55 65.65 -57.42
N THR WA 150 39.26 66.87 -57.86
CA THR WA 150 38.34 67.71 -57.12
C THR WA 150 36.99 67.85 -57.79
N THR WA 151 36.91 67.67 -59.10
CA THR WA 151 35.61 67.64 -59.74
C THR WA 151 34.81 66.40 -59.36
N THR WA 152 35.47 65.35 -58.88
CA THR WA 152 34.81 64.14 -58.43
C THR WA 152 34.71 64.05 -56.93
N VAL WA 153 35.14 65.08 -56.20
CA VAL WA 153 34.83 65.24 -54.80
C VAL WA 153 33.77 66.31 -54.58
N ASN WA 154 33.72 67.32 -55.45
CA ASN WA 154 32.64 68.28 -55.37
C ASN WA 154 31.31 67.66 -55.81
N ASN WA 155 31.35 66.77 -56.79
CA ASN WA 155 30.15 66.19 -57.38
C ASN WA 155 29.58 65.03 -56.57
N SER WA 156 30.34 64.47 -55.65
CA SER WA 156 29.98 63.20 -55.03
C SER WA 156 30.19 63.23 -53.53
N GLN WA 157 29.70 64.26 -52.86
CA GLN WA 157 29.75 64.29 -51.41
C GLN WA 157 28.39 64.37 -50.75
N LEU WA 158 27.37 64.87 -51.46
CA LEU WA 158 26.00 64.85 -50.94
C LEU WA 158 25.26 63.60 -51.33
N GLU WA 159 25.85 62.77 -52.19
CA GLU WA 159 25.31 61.46 -52.48
C GLU WA 159 25.87 60.40 -51.56
N ILE WA 160 27.18 60.39 -51.35
CA ILE WA 160 27.77 59.44 -50.43
C ILE WA 160 27.25 59.65 -49.01
N GLN WA 161 26.92 60.89 -48.65
CA GLN WA 161 26.14 61.19 -47.47
C GLN WA 161 24.97 60.23 -47.34
N GLN WA 162 24.07 60.25 -48.31
CA GLN WA 162 22.82 59.51 -48.20
C GLN WA 162 23.02 58.01 -48.39
N MET WA 163 23.89 57.61 -49.32
CA MET WA 163 24.18 56.18 -49.49
C MET WA 163 24.75 55.58 -48.22
N SER WA 164 25.74 56.24 -47.62
CA SER WA 164 26.33 55.74 -46.39
C SER WA 164 25.34 55.74 -45.24
N ASN WA 165 24.51 56.78 -45.12
CA ASN WA 165 23.54 56.75 -44.04
C ASN WA 165 22.51 55.63 -44.23
N THR WA 166 21.92 55.52 -45.41
CA THR WA 166 20.89 54.51 -45.65
C THR WA 166 21.44 53.11 -45.48
N LEU WA 167 22.65 52.86 -45.96
CA LEU WA 167 23.15 51.49 -46.00
C LEU WA 167 23.39 50.97 -44.58
N ASN WA 168 23.92 51.82 -43.71
CA ASN WA 168 23.99 51.53 -42.28
C ASN WA 168 22.61 51.39 -41.67
N LEU WA 169 21.71 52.30 -42.02
CA LEU WA 169 20.38 52.34 -41.42
C LEU WA 169 19.58 51.10 -41.76
N LEU WA 170 20.03 50.36 -42.76
CA LEU WA 170 19.37 49.16 -43.26
C LEU WA 170 20.05 47.88 -42.78
N THR WA 171 21.38 47.87 -42.66
CA THR WA 171 22.06 46.80 -41.94
C THR WA 171 21.54 46.69 -40.51
N SER WA 172 21.47 47.82 -39.81
CA SER WA 172 21.05 47.80 -38.42
C SER WA 172 19.56 47.54 -38.25
N ALA WA 173 18.78 47.54 -39.33
CA ALA WA 173 17.39 47.15 -39.28
C ALA WA 173 17.16 45.69 -39.63
N ARG WA 174 18.05 45.14 -40.44
CA ARG WA 174 17.99 43.73 -40.80
C ARG WA 174 18.33 42.92 -39.56
N SER WA 175 19.34 43.40 -38.83
CA SER WA 175 19.83 42.77 -37.61
C SER WA 175 18.81 42.73 -36.48
N ASP WA 176 18.05 43.82 -36.34
CA ASP WA 176 17.05 43.90 -35.29
C ASP WA 176 16.03 42.79 -35.55
N MET WA 177 15.73 42.59 -36.82
CA MET WA 177 14.79 41.55 -37.23
C MET WA 177 15.31 40.18 -36.86
N GLN WA 178 16.62 39.95 -37.02
CA GLN WA 178 17.19 38.63 -36.72
C GLN WA 178 17.17 38.37 -35.21
N SER WA 179 17.50 39.37 -34.40
CA SER WA 179 17.46 39.17 -32.95
C SER WA 179 16.04 38.88 -32.47
N LEU WA 180 15.05 39.61 -32.99
CA LEU WA 180 13.66 39.35 -32.62
C LEU WA 180 13.22 37.97 -33.05
N GLN WA 181 13.61 37.54 -34.24
CA GLN WA 181 13.27 36.20 -34.71
C GLN WA 181 13.83 35.14 -33.79
N TYR WA 182 15.04 35.35 -33.27
CA TYR WA 182 15.59 34.41 -32.31
C TYR WA 182 14.82 34.42 -31.01
N ARG WA 183 14.58 35.61 -30.44
CA ARG WA 183 13.96 35.67 -29.12
C ARG WA 183 12.51 35.24 -29.13
N THR WA 184 11.83 35.28 -30.27
CA THR WA 184 10.43 34.85 -30.31
C THR WA 184 10.32 33.33 -30.20
N ILE WA 185 11.23 32.60 -30.84
CA ILE WA 185 11.13 31.14 -30.87
C ILE WA 185 11.77 30.51 -29.63
N SER WA 186 12.61 31.25 -28.93
CA SER WA 186 13.23 30.71 -27.72
C SER WA 186 12.24 30.51 -26.59
N GLY WA 187 11.08 31.14 -26.65
CA GLY WA 187 10.09 31.07 -25.61
C GLY WA 187 9.12 29.91 -25.71
N ILE WA 188 9.30 29.01 -26.66
CA ILE WA 188 8.46 27.83 -26.82
C ILE WA 188 9.15 26.64 -26.18
N SER WA 189 8.56 26.11 -25.12
CA SER WA 189 9.12 24.98 -24.39
C SER WA 189 8.34 23.73 -24.73
N LEU WA 190 9.05 22.70 -25.19
CA LEU WA 190 8.44 21.47 -25.67
C LEU WA 190 8.21 20.53 -24.49
N GLY WA 191 6.99 19.99 -24.39
CA GLY WA 191 6.69 19.01 -23.35
C GLY WA 191 6.64 19.56 -21.96
N LYS WA 192 6.35 20.84 -21.78
CA LYS WA 192 6.26 21.42 -20.44
C LYS WA 192 5.01 22.28 -20.31
N SER XA 19 51.64 50.99 -52.94
CA SER XA 19 51.59 51.31 -51.51
C SER XA 19 50.42 50.63 -50.83
N MET XA 20 49.52 50.08 -51.64
CA MET XA 20 48.35 49.37 -51.15
C MET XA 20 48.26 47.98 -51.77
N ALA XA 21 47.20 47.27 -51.41
CA ALA XA 21 47.06 45.87 -51.82
C ALA XA 21 46.67 45.75 -53.28
N TYR XA 22 45.61 46.42 -53.69
CA TYR XA 22 45.04 46.24 -55.02
C TYR XA 22 45.49 47.39 -55.92
N ASP XA 23 46.00 47.04 -57.10
CA ASP XA 23 46.52 48.02 -58.06
C ASP XA 23 45.44 48.39 -59.08
N LEU XA 24 44.49 49.22 -58.64
CA LEU XA 24 43.36 49.62 -59.46
C LEU XA 24 43.74 50.44 -60.68
N GLY XA 25 45.04 50.70 -60.89
CA GLY XA 25 45.45 51.50 -62.02
C GLY XA 25 45.39 50.78 -63.36
N SER XA 26 45.33 49.45 -63.33
CA SER XA 26 45.28 48.66 -64.56
C SER XA 26 43.94 47.98 -64.78
N MET XA 27 43.26 47.57 -63.72
CA MET XA 27 42.00 46.84 -63.84
C MET XA 27 40.95 47.70 -64.53
N SER XA 28 40.23 47.07 -65.47
CA SER XA 28 39.17 47.77 -66.18
C SER XA 28 37.99 48.02 -65.26
N LYS XA 29 36.92 48.60 -65.79
CA LYS XA 29 35.78 48.91 -64.94
C LYS XA 29 35.02 47.66 -64.52
N ASP XA 30 34.83 46.73 -65.46
CA ASP XA 30 34.09 45.51 -65.13
C ASP XA 30 34.88 44.55 -64.25
N ASP XA 31 36.16 44.82 -64.04
CA ASP XA 31 36.93 44.11 -63.02
C ASP XA 31 36.96 44.85 -61.70
N VAL XA 32 36.95 46.18 -61.73
CA VAL XA 32 36.86 46.95 -60.50
C VAL XA 32 35.52 46.70 -59.82
N ILE XA 33 34.44 46.60 -60.59
CA ILE XA 33 33.14 46.36 -59.99
C ILE XA 33 33.09 45.00 -59.32
N ASP XA 34 33.63 43.98 -59.98
CA ASP XA 34 33.66 42.64 -59.37
C ASP XA 34 34.58 42.60 -58.16
N LEU XA 35 35.67 43.36 -58.18
CA LEU XA 35 36.52 43.49 -57.01
C LEU XA 35 35.76 44.11 -55.84
N PHE XA 36 35.07 45.22 -56.09
CA PHE XA 36 34.31 45.87 -55.03
C PHE XA 36 33.17 45.02 -54.53
N ASN XA 37 32.62 44.15 -55.37
CA ASN XA 37 31.63 43.19 -54.90
C ASN XA 37 32.26 42.13 -54.02
N LYS XA 38 33.49 41.71 -54.32
CA LYS XA 38 34.18 40.78 -53.43
C LYS XA 38 34.39 41.38 -52.04
N LEU XA 39 34.79 42.64 -51.98
CA LEU XA 39 34.86 43.36 -50.71
C LEU XA 39 33.46 43.75 -50.29
N GLY XA 40 33.35 44.57 -49.25
CA GLY XA 40 32.05 45.03 -48.78
C GLY XA 40 31.56 46.22 -49.55
N VAL XA 41 30.68 46.99 -48.92
CA VAL XA 41 30.27 48.28 -49.42
C VAL XA 41 31.02 49.43 -48.77
N PHE XA 42 31.42 49.28 -47.51
CA PHE XA 42 32.20 50.30 -46.83
C PHE XA 42 33.67 50.25 -47.19
N GLN XA 43 34.22 49.06 -47.39
CA GLN XA 43 35.62 48.99 -47.78
C GLN XA 43 35.84 49.22 -49.27
N ALA XA 44 34.82 49.07 -50.10
CA ALA XA 44 34.93 49.63 -51.45
C ALA XA 44 35.12 51.14 -51.37
N ALA XA 45 34.35 51.80 -50.51
CA ALA XA 45 34.53 53.23 -50.33
C ALA XA 45 35.90 53.56 -49.77
N ILE XA 46 36.42 52.75 -48.85
CA ILE XA 46 37.74 53.06 -48.31
C ILE XA 46 38.83 52.87 -49.36
N LEU XA 47 38.77 51.81 -50.20
CA LEU XA 47 39.73 51.75 -51.30
C LEU XA 47 39.59 52.90 -52.27
N MET XA 48 38.37 53.28 -52.63
CA MET XA 48 38.20 54.37 -53.58
C MET XA 48 38.82 55.65 -53.04
N PHE XA 49 38.59 55.94 -51.76
CA PHE XA 49 39.18 57.13 -51.17
C PHE XA 49 40.68 57.02 -50.98
N ALA XA 50 41.19 55.81 -50.69
CA ALA XA 50 42.63 55.67 -50.53
C ALA XA 50 43.36 55.83 -51.85
N TYR XA 51 42.80 55.29 -52.93
CA TYR XA 51 43.42 55.48 -54.23
C TYR XA 51 43.33 56.92 -54.70
N MET XA 52 42.19 57.59 -54.45
CA MET XA 52 42.12 59.01 -54.76
C MET XA 52 43.14 59.82 -53.97
N TYR XA 53 43.35 59.46 -52.70
CA TYR XA 53 44.37 60.13 -51.91
C TYR XA 53 45.76 59.88 -52.45
N GLN XA 54 46.06 58.66 -52.89
CA GLN XA 54 47.37 58.41 -53.49
C GLN XA 54 47.56 59.22 -54.76
N ALA XA 55 46.55 59.30 -55.62
CA ALA XA 55 46.70 60.06 -56.84
C ALA XA 55 46.93 61.54 -56.54
N GLN XA 56 46.16 62.10 -55.61
CA GLN XA 56 46.34 63.50 -55.26
C GLN XA 56 47.70 63.76 -54.61
N SER XA 57 48.14 62.87 -53.73
CA SER XA 57 49.44 63.08 -53.09
C SER XA 57 50.56 62.96 -54.10
N ASP XA 58 50.44 62.07 -55.08
CA ASP XA 58 51.47 61.99 -56.11
C ASP XA 58 51.52 63.24 -56.95
N LEU XA 59 50.37 63.80 -57.33
CA LEU XA 59 50.39 65.09 -58.03
C LEU XA 59 51.09 66.15 -57.21
N SER XA 60 50.70 66.29 -55.94
CA SER XA 60 51.24 67.36 -55.13
C SER XA 60 52.73 67.19 -54.89
N ILE XA 61 53.19 65.96 -54.64
CA ILE XA 61 54.61 65.76 -54.39
C ILE XA 61 55.43 65.95 -55.66
N ALA XA 62 54.92 65.51 -56.81
CA ALA XA 62 55.62 65.82 -58.04
C ALA XA 62 55.64 67.32 -58.33
N LYS XA 63 54.70 68.07 -57.77
CA LYS XA 63 54.78 69.53 -57.82
C LYS XA 63 55.84 70.07 -56.86
N PHE XA 64 55.95 69.49 -55.66
CA PHE XA 64 56.89 69.99 -54.67
C PHE XA 64 58.34 69.71 -55.05
N ALA XA 65 58.59 68.77 -55.94
CA ALA XA 65 59.95 68.49 -56.38
C ALA XA 65 60.35 69.33 -57.59
N ASP XA 66 59.46 70.14 -58.12
CA ASP XA 66 59.79 71.14 -59.12
C ASP XA 66 60.15 72.48 -58.51
N MET XA 67 60.03 72.62 -57.19
CA MET XA 67 60.43 73.83 -56.49
C MET XA 67 61.74 73.64 -55.74
N ASN XA 68 62.02 72.44 -55.26
CA ASN XA 68 63.36 72.13 -54.80
C ASN XA 68 64.38 72.27 -55.92
N GLU XA 69 63.98 72.17 -57.19
CA GLU XA 69 64.90 72.50 -58.26
C GLU XA 69 65.32 73.95 -58.19
N ALA XA 70 64.36 74.86 -57.98
CA ALA XA 70 64.69 76.27 -57.86
C ALA XA 70 65.56 76.55 -56.65
N SER XA 71 65.22 75.96 -55.51
CA SER XA 71 66.05 76.21 -54.32
C SER XA 71 67.44 75.58 -54.45
N LYS XA 72 67.56 74.43 -55.10
CA LYS XA 72 68.88 73.85 -55.34
C LYS XA 72 69.72 74.74 -56.23
N GLU XA 73 69.13 75.28 -57.30
CA GLU XA 73 69.87 76.20 -58.15
C GLU XA 73 70.31 77.43 -57.37
N SER XA 74 69.43 77.96 -56.52
CA SER XA 74 69.81 79.14 -55.74
C SER XA 74 70.97 78.85 -54.81
N THR XA 75 70.94 77.71 -54.11
CA THR XA 75 72.04 77.46 -53.18
C THR XA 75 73.35 77.18 -53.90
N THR XA 76 73.33 76.46 -55.03
CA THR XA 76 74.59 76.26 -55.74
C THR XA 76 75.14 77.58 -56.30
N ALA XA 77 74.26 78.43 -56.84
CA ALA XA 77 74.73 79.72 -57.33
C ALA XA 77 75.31 80.56 -56.21
N GLN XA 78 74.68 80.56 -55.04
CA GLN XA 78 75.22 81.31 -53.91
C GLN XA 78 76.57 80.77 -53.47
N LYS XA 79 76.74 79.45 -53.47
CA LYS XA 79 78.04 78.89 -53.11
C LYS XA 79 79.13 79.32 -54.08
N MET XA 80 78.83 79.29 -55.39
CA MET XA 80 79.81 79.73 -56.37
C MET XA 80 80.14 81.21 -56.20
N ALA XA 81 79.13 82.04 -55.98
CA ALA XA 81 79.38 83.46 -55.78
C ALA XA 81 80.23 83.71 -54.55
N ASN XA 82 80.02 82.93 -53.49
CA ASN XA 82 80.86 83.08 -52.30
C ASN XA 82 82.29 82.62 -52.54
N LEU XA 83 82.51 81.61 -53.38
CA LEU XA 83 83.89 81.26 -53.75
C LEU XA 83 84.56 82.41 -54.51
N VAL XA 84 83.82 83.05 -55.42
CA VAL XA 84 84.40 84.18 -56.14
C VAL XA 84 84.67 85.35 -55.21
N ASP XA 85 83.82 85.58 -54.21
CA ASP XA 85 84.11 86.60 -53.21
C ASP XA 85 85.34 86.26 -52.38
N ALA XA 86 85.50 84.99 -51.97
CA ALA XA 86 86.72 84.60 -51.28
C ALA XA 86 87.95 84.84 -52.13
N LYS XA 87 87.85 84.64 -53.44
CA LYS XA 87 88.96 84.93 -54.34
C LYS XA 87 89.25 86.42 -54.46
N ILE XA 88 88.21 87.27 -54.51
CA ILE XA 88 88.43 88.71 -54.60
C ILE XA 88 89.08 89.24 -53.33
N ALA XA 89 88.75 88.68 -52.17
CA ALA XA 89 89.28 89.18 -50.89
C ALA XA 89 90.77 88.96 -50.74
N ASP XA 90 91.45 88.46 -51.77
CA ASP XA 90 92.89 88.34 -51.79
C ASP XA 90 93.54 89.10 -52.92
N VAL XA 91 92.77 89.62 -53.87
CA VAL XA 91 93.31 90.40 -54.98
C VAL XA 91 92.94 91.86 -54.72
N GLN XA 92 92.00 92.08 -53.81
CA GLN XA 92 91.75 93.44 -53.32
C GLN XA 92 92.83 93.87 -52.33
N SER XA 93 93.27 92.94 -51.49
CA SER XA 93 94.34 93.21 -50.55
C SER XA 93 95.72 93.05 -51.17
N SER XA 94 95.78 92.90 -52.50
CA SER XA 94 97.05 92.72 -53.19
C SER XA 94 97.77 94.05 -53.31
N SER XA 95 99.03 94.08 -52.87
CA SER XA 95 99.80 95.33 -52.90
C SER XA 95 100.05 95.81 -54.32
N ASP XA 96 100.15 94.89 -55.26
CA ASP XA 96 100.48 95.21 -56.64
C ASP XA 96 99.25 95.77 -57.35
N LYS XA 97 99.30 95.87 -58.68
CA LYS XA 97 98.09 96.13 -59.44
C LYS XA 97 97.14 94.95 -59.31
N ASN XA 98 95.85 95.23 -59.26
CA ASN XA 98 94.86 94.20 -58.94
C ASN XA 98 94.49 93.38 -60.17
N ALA XA 99 95.47 92.87 -60.90
CA ALA XA 99 95.21 91.86 -61.94
C ALA XA 99 96.19 90.71 -61.71
N LYS XA 100 95.87 89.86 -60.74
CA LYS XA 100 96.48 88.54 -60.55
C LYS XA 100 95.40 87.70 -59.86
N ALA XA 101 94.59 87.01 -60.65
CA ALA XA 101 93.44 86.32 -60.08
C ALA XA 101 92.92 85.30 -61.08
N GLN XA 102 92.46 84.17 -60.53
CA GLN XA 102 91.79 83.15 -61.30
C GLN XA 102 90.67 82.58 -60.45
N LEU XA 103 89.61 82.17 -61.11
CA LEU XA 103 88.53 81.55 -60.36
C LEU XA 103 88.98 80.17 -59.85
N PRO XA 104 88.48 79.75 -58.70
CA PRO XA 104 88.81 78.40 -58.21
C PRO XA 104 88.22 77.34 -59.14
N ASP XA 105 88.91 76.21 -59.21
CA ASP XA 105 88.70 75.26 -60.29
C ASP XA 105 87.26 74.76 -60.38
N GLU XA 106 86.51 74.83 -59.28
CA GLU XA 106 85.11 74.40 -59.31
C GLU XA 106 84.20 75.42 -59.96
N VAL XA 107 84.49 76.71 -59.81
CA VAL XA 107 83.67 77.73 -60.44
C VAL XA 107 83.80 77.66 -61.96
N ILE XA 108 84.99 77.35 -62.48
CA ILE XA 108 85.15 77.20 -63.92
C ILE XA 108 84.23 76.10 -64.45
N SER XA 109 84.20 74.96 -63.78
CA SER XA 109 83.28 73.91 -64.20
C SER XA 109 81.83 74.29 -63.98
N TYR XA 110 81.54 75.19 -63.04
CA TYR XA 110 80.18 75.69 -62.92
C TYR XA 110 79.76 76.49 -64.15
N ILE XA 111 80.57 77.48 -64.55
CA ILE XA 111 80.21 78.27 -65.73
C ILE XA 111 80.22 77.42 -66.99
N ASN XA 112 81.25 76.60 -67.19
CA ASN XA 112 81.38 75.88 -68.46
C ASN XA 112 80.35 74.77 -68.63
N ASP XA 113 79.61 74.41 -67.59
CA ASP XA 113 78.60 73.37 -67.72
C ASP XA 113 77.44 73.88 -68.56
N PRO XA 114 76.84 73.04 -69.42
CA PRO XA 114 75.84 73.57 -70.38
C PRO XA 114 74.46 73.82 -69.81
N ARG XA 115 74.07 73.18 -68.71
CA ARG XA 115 72.69 73.22 -68.26
C ARG XA 115 72.39 74.39 -67.34
N ASN XA 116 73.16 75.48 -67.44
CA ASN XA 116 72.96 76.63 -66.58
C ASN XA 116 72.70 77.94 -67.31
N ASP XA 117 73.14 78.09 -68.56
CA ASP XA 117 72.97 79.31 -69.34
C ASP XA 117 73.45 80.53 -68.54
N ILE XA 118 74.76 80.53 -68.28
CA ILE XA 118 75.36 81.44 -67.31
C ILE XA 118 76.37 82.36 -68.02
N THR XA 119 76.03 82.79 -69.24
CA THR XA 119 76.83 83.78 -69.95
C THR XA 119 77.13 84.99 -69.06
N ILE XA 120 78.42 85.25 -68.79
CA ILE XA 120 78.83 86.16 -67.73
C ILE XA 120 79.65 87.33 -68.27
N SER XA 121 80.83 87.05 -68.83
CA SER XA 121 81.84 88.07 -68.99
C SER XA 121 81.82 88.73 -70.37
N GLY XA 122 81.74 87.92 -71.42
CA GLY XA 122 82.01 88.44 -72.75
C GLY XA 122 83.46 88.76 -72.97
N ILE XA 123 84.35 88.13 -72.21
CA ILE XA 123 85.78 88.41 -72.28
C ILE XA 123 86.52 87.11 -72.55
N ASP XA 124 87.69 87.22 -73.14
CA ASP XA 124 88.42 86.07 -73.65
C ASP XA 124 89.16 85.34 -72.55
N ASN XA 125 89.29 84.02 -72.72
CA ASN XA 125 90.28 83.21 -72.03
C ASN XA 125 90.15 83.33 -70.50
N ILE XA 126 89.03 82.81 -70.01
CA ILE XA 126 88.93 82.56 -68.58
C ILE XA 126 90.02 81.56 -68.19
N ASN XA 127 90.37 81.54 -66.91
CA ASN XA 127 91.50 80.89 -66.25
C ASN XA 127 92.81 81.64 -66.43
N ALA XA 128 92.90 82.63 -67.33
CA ALA XA 128 94.10 83.45 -67.43
C ALA XA 128 93.76 84.73 -68.19
N GLN XA 129 93.55 85.82 -67.48
CA GLN XA 129 93.23 85.89 -66.07
C GLN XA 129 92.37 87.14 -65.97
N LEU XA 130 91.56 87.28 -64.92
CA LEU XA 130 90.57 88.37 -64.88
C LEU XA 130 90.75 89.21 -63.62
N GLY XA 131 91.73 90.11 -63.66
CA GLY XA 131 91.79 91.30 -62.82
C GLY XA 131 91.37 91.16 -61.37
N ALA XA 132 90.81 92.24 -60.83
CA ALA XA 132 89.99 92.18 -59.63
C ALA XA 132 88.80 93.12 -59.69
N GLY XA 133 88.65 93.91 -60.76
CA GLY XA 133 87.54 94.81 -60.88
C GLY XA 133 86.57 94.35 -61.94
N ASP XA 134 87.02 93.39 -62.75
CA ASP XA 134 86.14 92.68 -63.67
C ASP XA 134 85.73 91.32 -63.13
N LEU XA 135 86.33 90.88 -62.03
CA LEU XA 135 85.84 89.70 -61.31
C LEU XA 135 84.54 90.02 -60.59
N GLN XA 136 84.28 91.30 -60.32
CA GLN XA 136 83.00 91.72 -59.78
C GLN XA 136 81.87 91.42 -60.75
N THR XA 137 82.13 91.52 -62.06
CA THR XA 137 81.12 91.16 -63.04
C THR XA 137 80.77 89.69 -62.97
N VAL XA 138 81.78 88.82 -62.80
CA VAL XA 138 81.52 87.40 -62.67
C VAL XA 138 80.71 87.11 -61.41
N LYS XA 139 81.10 87.74 -60.29
CA LYS XA 139 80.36 87.52 -59.05
C LYS XA 139 78.92 87.99 -59.18
N ALA XA 140 78.70 89.15 -59.79
CA ALA XA 140 77.33 89.64 -59.97
C ALA XA 140 76.52 88.78 -60.91
N ALA XA 141 77.09 88.31 -62.00
CA ALA XA 141 76.35 87.47 -62.93
C ALA XA 141 76.11 86.06 -62.41
N ILE XA 142 76.90 85.60 -61.44
CA ILE XA 142 76.60 84.32 -60.80
C ILE XA 142 75.55 84.50 -59.72
N SER XA 143 75.70 85.51 -58.87
CA SER XA 143 74.75 85.73 -57.79
C SER XA 143 73.50 86.48 -58.24
N ALA XA 144 73.33 86.73 -59.53
CA ALA XA 144 72.06 87.21 -60.02
C ALA XA 144 71.13 86.10 -60.47
N LYS XA 145 71.65 84.89 -60.70
CA LYS XA 145 70.82 83.73 -60.99
C LYS XA 145 70.44 82.99 -59.73
N ALA XA 146 70.93 83.43 -58.58
CA ALA XA 146 70.52 82.89 -57.30
C ALA XA 146 69.24 83.51 -56.78
N ASN XA 147 68.72 84.53 -57.44
CA ASN XA 147 67.56 85.27 -56.95
C ASN XA 147 66.28 84.80 -57.63
N ASN XA 148 65.98 83.51 -57.52
CA ASN XA 148 64.84 82.93 -58.22
C ASN XA 148 63.87 82.21 -57.29
N LEU XA 149 63.63 82.76 -56.09
CA LEU XA 149 62.67 82.17 -55.18
C LEU XA 149 61.36 82.93 -55.13
N THR XA 150 61.15 83.92 -56.01
CA THR XA 150 59.86 84.56 -56.11
C THR XA 150 59.10 84.17 -57.36
N THR XA 151 59.80 83.77 -58.42
CA THR XA 151 59.11 83.24 -59.58
C THR XA 151 58.45 81.90 -59.28
N THR XA 152 58.90 81.19 -58.25
CA THR XA 152 58.31 79.92 -57.85
C THR XA 152 57.40 80.05 -56.65
N VAL XA 153 57.18 81.26 -56.16
CA VAL XA 153 56.12 81.55 -55.21
C VAL XA 153 54.96 82.27 -55.88
N ASN XA 154 55.23 83.05 -56.91
CA ASN XA 154 54.14 83.64 -57.67
C ASN XA 154 53.42 82.60 -58.50
N ASN XA 155 54.14 81.61 -59.03
CA ASN XA 155 53.58 80.61 -59.92
C ASN XA 155 52.87 79.48 -59.20
N SER XA 156 53.06 79.32 -57.90
CA SER XA 156 52.64 78.13 -57.19
C SER XA 156 51.96 78.46 -55.87
N GLN XA 157 51.02 79.40 -55.87
CA GLN XA 157 50.25 79.68 -54.68
C GLN XA 157 48.76 79.45 -54.85
N LEU XA 158 48.24 79.49 -56.07
CA LEU XA 158 46.85 79.15 -56.32
C LEU XA 158 46.68 77.68 -56.64
N GLU XA 159 47.77 76.94 -56.79
CA GLU XA 159 47.70 75.49 -56.90
C GLU XA 159 47.82 74.81 -55.56
N ILE XA 160 48.78 75.24 -54.73
CA ILE XA 160 48.91 74.67 -53.40
C ILE XA 160 47.66 74.95 -52.58
N GLN XA 161 46.99 76.07 -52.81
CA GLN XA 161 45.64 76.32 -52.33
C GLN XA 161 44.77 75.08 -52.50
N GLN XA 162 44.57 74.67 -53.76
CA GLN XA 162 43.63 73.60 -54.06
C GLN XA 162 44.14 72.23 -53.68
N MET XA 163 45.44 71.96 -53.88
CA MET XA 163 45.98 70.68 -53.45
C MET XA 163 45.85 70.49 -51.94
N SER XA 164 46.21 71.51 -51.16
CA SER XA 164 46.09 71.42 -49.72
C SER XA 164 44.65 71.32 -49.27
N ASN XA 165 43.73 72.06 -49.89
CA ASN XA 165 42.34 71.92 -49.49
C ASN XA 165 41.80 70.52 -49.82
N THR XA 166 41.99 70.04 -51.04
CA THR XA 166 41.45 68.75 -51.44
C THR XA 166 42.04 67.62 -50.60
N LEU XA 167 43.33 67.67 -50.32
CA LEU XA 167 43.99 66.53 -49.70
C LEU XA 167 43.49 66.36 -48.26
N ASN XA 168 43.29 67.46 -47.54
CA ASN XA 168 42.61 67.43 -46.26
C ASN XA 168 41.16 66.98 -46.41
N LEU XA 169 40.47 67.51 -47.41
CA LEU XA 169 39.05 67.24 -47.59
C LEU XA 169 38.80 65.77 -47.89
N LEU XA 170 39.85 65.05 -48.27
CA LEU XA 170 39.77 63.65 -48.64
C LEU XA 170 40.28 62.73 -47.52
N THR XA 171 41.29 63.15 -46.77
CA THR XA 171 41.62 62.46 -45.52
C THR XA 171 40.43 62.43 -44.59
N SER XA 172 39.79 63.59 -44.38
CA SER XA 172 38.67 63.66 -43.46
C SER XA 172 37.40 63.00 -43.98
N ALA XA 173 37.38 62.59 -45.24
CA ALA XA 173 36.28 61.81 -45.77
C ALA XA 173 36.54 60.32 -45.73
N ARG XA 174 37.80 59.93 -45.78
CA ARG XA 174 38.19 58.53 -45.69
C ARG XA 174 37.91 58.07 -44.26
N SER XA 175 38.24 58.95 -43.32
CA SER XA 175 38.07 58.71 -41.89
C SER XA 175 36.61 58.55 -41.46
N ASP XA 176 35.74 59.36 -42.04
CA ASP XA 176 34.33 59.30 -41.71
C ASP XA 176 33.83 57.91 -42.09
N MET XA 177 34.32 57.42 -43.22
CA MET XA 177 33.95 56.11 -43.71
C MET XA 177 34.40 55.02 -42.73
N GLN XA 178 35.59 55.18 -42.16
CA GLN XA 178 36.09 54.17 -41.22
C GLN XA 178 35.30 54.15 -39.92
N SER XA 179 34.95 55.33 -39.39
CA SER XA 179 34.14 55.36 -38.19
C SER XA 179 32.77 54.74 -38.41
N LEU XA 180 32.13 55.05 -39.54
CA LEU XA 180 30.83 54.45 -39.85
C LEU XA 180 30.94 52.94 -40.00
N GLN XA 181 32.00 52.45 -40.66
CA GLN XA 181 32.20 51.02 -40.81
C GLN XA 181 32.32 50.35 -39.45
N TYR XA 182 32.98 51.00 -38.50
CA TYR XA 182 33.06 50.43 -37.16
C TYR XA 182 31.70 50.42 -36.48
N ARG XA 183 30.99 51.55 -36.50
CA ARG XA 183 29.75 51.63 -35.74
C ARG XA 183 28.64 50.79 -36.34
N THR XA 184 28.71 50.44 -37.62
CA THR XA 184 27.68 49.60 -38.21
C THR XA 184 27.76 48.17 -37.72
N ILE XA 185 28.99 47.64 -37.58
CA ILE XA 185 29.16 46.25 -37.20
C ILE XA 185 29.11 46.05 -35.70
N SER XA 186 29.28 47.12 -34.92
CA SER XA 186 29.20 47.00 -33.48
C SER XA 186 27.79 46.68 -32.98
N GLY XA 187 26.77 46.92 -33.80
CA GLY XA 187 25.39 46.72 -33.41
C GLY XA 187 24.85 45.33 -33.63
N ILE XA 188 25.68 44.37 -34.04
CA ILE XA 188 25.28 42.99 -34.24
C ILE XA 188 25.69 42.20 -33.01
N SER XA 189 24.70 41.69 -32.28
CA SER XA 189 24.94 40.92 -31.07
C SER XA 189 24.71 39.44 -31.36
N LEU XA 190 25.71 38.62 -31.08
CA LEU XA 190 25.67 37.20 -31.40
C LEU XA 190 25.00 36.43 -30.28
N GLY XA 191 24.03 35.58 -30.63
CA GLY XA 191 23.38 34.74 -29.65
C GLY XA 191 22.46 35.46 -28.69
N LYS XA 192 21.92 36.60 -29.08
CA LYS XA 192 21.01 37.34 -28.21
C LYS XA 192 19.78 37.79 -28.97
#